data_6S6Y
#
_entry.id   6S6Y
#
_cell.length_a   84.974
_cell.length_b   130.322
_cell.length_c   172.689
_cell.angle_alpha   84.970
_cell.angle_beta   75.910
_cell.angle_gamma   82.090
#
_symmetry.space_group_name_H-M   'P 1'
#
loop_
_entity.id
_entity.type
_entity.pdbx_description
1 polymer 'Formylmethanofuran dehydrogenase subunit A'
2 polymer 'Tungsten-containing formylmethanofuran dehydrogenase, subunit B'
3 polymer 'Formylmethanofuran dehydrogenase subunit C'
4 polymer 'Formylmethanofuran--tetrahydromethanopterin formyltransferase'
5 non-polymer 'FORMIC ACID'
6 non-polymer N-[4,5,7-TRICARBOXYHEPTANOYL]-L-GAMMA-GLUTAMYL-N-{2-[4-({5-[(FORMYLAMINO)METHYL]-3-FURYL}METHOXY)PHENYL]ETHYL}-D-GLUTAMINE
7 non-polymer GLYCEROL
8 non-polymer 'ZINC ION'
9 non-polymer 'CALCIUM ION'
10 non-polymer 'POTASSIUM ION'
11 non-polymer 'CHLORIDE ION'
12 non-polymer 'D-GLUTAMIC ACID'
13 non-polymer 'AMINO GROUP'
14 non-polymer 'GLUTAMIC ACID'
15 non-polymer 'BETA-L-ASPARTIC ACID'
16 non-polymer '(2~{S})-3-[4-[[5-(aminomethyl)furan-3-yl]methoxy]phenyl]-2-(methylamino)propanoic acid'
17 non-polymer 1,2-ETHANEDIOL
18 non-polymer 'SODIUM ION'
#
loop_
_entity_poly.entity_id
_entity_poly.type
_entity_poly.pdbx_seq_one_letter_code
_entity_poly.pdbx_strand_id
1 'polypeptide(L)'
;MLTRIHGGRVVDPTAGRDAVGDVWIEDGRVVAPSERAPDQTIDATGCVVMAGGVEVHSHIAGGNVVMSRLLLPDLYVSES
APNGHPFAHAGGSGSWIGANYARMGYTTAVEPALPPSNALATHLELADIPLLDRGGLAVLGNDDHLLQLLRDGEGKQAVR
DLVQQTLAHSRGLGV(KCX)CINAGGASAFKDGVLKLSLDDEIPCYGLSTRKIMSALLDAVEEIGVPHPLHVHCNNLGLP
GADDSLVATLEAAEGRRIHFAHAQFYAYGVVDPENPMTGGFRSAAERINAAMEAHPNATYDVGQVVFGQTVTISLDILRQ
FGGRKGAKPKKWVISAGDAEGGGVVPFLYRPRGPVSSLQWAIGLELMLLSSNPERTILTTDHPNGGVFTEYPRIIHLLMD
AEERAKEIATLPAIVGERSGLPKIEREYSFSEIAQLTRSGPAKLLGLTDRGHLREGAKADVAIYRDDTDRTAMFSRAKLV
LKDGQPIVEDGEVVAWFSGKTLSLNVEADAGMEKRAESYLQDRFGAGLDTFAVPDAAFPENTGTFEDVACRA
;
A,E,I,M
2 'polypeptide(L)'
;AAWVKGGAADVDAAVEAAADLLAASRVPVLAGLSAEVSALRAAYRLAETLGASLDPVSGPSVYAELGALSAGGAMSTTRA
ETIGRADVILIVGNRPWDGELIAEIAAAAPSRGRAAGAERALLSLGGPQNGAIRHVAYAADAGGLTISLGHLRAFAKGHL
AGEAAFADLAKRLFAAQYGVIVYDPEEVGELGAEMLQGLIRDLNESTRFFALTLADPFQGRAAVQLSAWTTGQAPRVGFG
RHQPEHDSWRFDSARQIAAGEADAALWLASLPAPRPAWLGSLPTIAIVGEGSQEAAGETAEVVITVGVPGQSVGGALWND
RRGVIAYAEASDPAKTPAETETAAGVLTRIRDRLIEKGVSC
;
B,F,J,N
3 'polypeptide(L)'
;STLRLRGDLPERVDLLNITPLALSGLSETEAGKLAIGTSRRGLTLGDVFEIRLDGSDSLVIEGGSARLDRVGAALSQGSI
RVEGDVGQRLGEGMAAGTLTVTGSAGPYAGTGATGGTITIEGDAGDHAGGAVYAAKAGLDGATLVIKGAAGDHLGDRMRR
GMILAGSAGAFAASRMIAGTIVVSGALGDHPGYGMRRGTLIAGSHGTLLPTFVETGTPDLVFVRLLAQSLKHLGAAQANL
LSGTLRRYSGDLATLGKGELFVPAHGSAWSHPQFEK
;
C,G,K,O
4 'polypeptide(L)'
;SDFTLNGIKVEDTFAEAFDVAGTAIIVTNDTPKWAMIAATVMTGFATSVIGCGAEAGIDAELSPDETPDGRPGVRILLFG
FEPNGLKDQLLKRVGQCILTCPGTACFAGVEGPTKIKLGGAIRYFGDGFAVAKRLPDHEGKMRRYWRIPVMDGEFLCEDS
VRAVDGAVGGGNLLFLGRKHADTLIVAEIAVEAAKAIPGAILPFPGGIVRSGSKVGGRTKGMMASTNDAYCPTLKGRAGS
ALPPECGVVLEIVIDALTSAAVAESMRAALHAATEIGAQHGLVAVTAGNYGGNLGRHHYHLRDLLEKPAA
;
D,H,L,P
#
# COMPACT_ATOMS: atom_id res chain seq x y z
N MET A 1 76.19 18.59 57.80
CA MET A 1 76.43 19.97 57.38
C MET A 1 75.43 20.89 58.07
N LEU A 2 75.94 21.95 58.70
CA LEU A 2 75.08 22.89 59.42
C LEU A 2 74.57 23.98 58.47
N THR A 3 73.27 24.25 58.54
CA THR A 3 72.66 25.24 57.67
C THR A 3 71.75 26.12 58.51
N ARG A 4 71.76 27.43 58.21
CA ARG A 4 70.94 28.42 58.89
C ARG A 4 70.11 29.18 57.86
N ILE A 5 68.79 29.14 58.04
CA ILE A 5 67.85 29.84 57.15
C ILE A 5 67.17 30.92 57.99
N HIS A 6 67.69 32.15 57.92
CA HIS A 6 67.18 33.22 58.77
C HIS A 6 66.54 34.31 57.93
N GLY A 7 65.69 35.10 58.58
CA GLY A 7 65.04 36.23 57.96
C GLY A 7 63.61 35.97 57.50
N GLY A 8 63.23 34.71 57.34
CA GLY A 8 61.93 34.39 56.78
C GLY A 8 60.84 34.21 57.82
N ARG A 9 59.60 34.47 57.38
CA ARG A 9 58.41 34.24 58.18
C ARG A 9 58.13 32.75 58.23
N VAL A 10 58.58 32.09 59.30
CA VAL A 10 58.42 30.65 59.43
C VAL A 10 57.02 30.36 59.95
N VAL A 11 56.29 29.49 59.24
CA VAL A 11 54.90 29.15 59.58
C VAL A 11 54.82 27.67 59.91
N ASP A 12 54.57 27.37 61.18
CA ASP A 12 54.48 26.00 61.69
C ASP A 12 53.31 25.96 62.66
N PRO A 13 52.12 25.60 62.18
CA PRO A 13 50.93 25.65 63.05
C PRO A 13 50.94 24.62 64.17
N THR A 14 51.70 23.53 64.06
CA THR A 14 51.72 22.55 65.13
C THR A 14 52.39 23.09 66.39
N ALA A 15 53.34 24.01 66.21
CA ALA A 15 53.99 24.67 67.34
C ALA A 15 53.38 26.03 67.64
N GLY A 16 52.50 26.53 66.78
CA GLY A 16 51.91 27.83 66.99
C GLY A 16 52.81 28.97 66.59
N ARG A 17 53.78 28.71 65.70
CA ARG A 17 54.81 29.67 65.37
C ARG A 17 54.46 30.32 64.03
N ASP A 18 54.32 31.65 64.03
CA ASP A 18 54.00 32.43 62.84
C ASP A 18 54.78 33.73 62.89
N ALA A 19 56.08 33.63 63.12
CA ALA A 19 56.92 34.80 63.25
C ALA A 19 58.25 34.54 62.56
N VAL A 20 58.93 35.63 62.20
CA VAL A 20 60.22 35.53 61.52
C VAL A 20 61.28 34.97 62.46
N GLY A 21 62.15 34.12 61.92
CA GLY A 21 63.21 33.56 62.75
C GLY A 21 64.12 32.65 61.95
N ASP A 22 65.10 32.10 62.66
CA ASP A 22 66.09 31.19 62.11
C ASP A 22 65.52 29.78 62.06
N VAL A 23 66.01 28.97 61.12
CA VAL A 23 65.72 27.54 61.07
C VAL A 23 67.06 26.81 60.86
N TRP A 24 67.45 26.00 61.84
CA TRP A 24 68.72 25.29 61.81
C TRP A 24 68.49 23.82 61.46
N ILE A 25 69.23 23.33 60.46
CA ILE A 25 69.17 21.93 60.04
C ILE A 25 70.59 21.39 59.91
N GLU A 26 70.81 20.22 60.50
CA GLU A 26 72.10 19.53 60.48
C GLU A 26 71.86 18.08 60.09
N ASP A 27 72.62 17.59 59.12
CA ASP A 27 72.54 16.20 58.66
C ASP A 27 71.12 15.80 58.22
N GLY A 28 70.45 16.72 57.52
CA GLY A 28 69.14 16.43 56.97
C GLY A 28 67.99 16.45 57.95
N ARG A 29 68.20 16.95 59.16
CA ARG A 29 67.13 17.06 60.13
C ARG A 29 67.24 18.38 60.87
N VAL A 30 66.11 18.88 61.35
CA VAL A 30 66.05 20.16 62.04
C VAL A 30 66.63 20.01 63.44
N VAL A 31 67.55 20.90 63.80
CA VAL A 31 68.21 20.86 65.10
C VAL A 31 67.97 22.17 65.81
N ALA A 32 68.26 22.18 67.11
CA ALA A 32 68.12 23.38 67.91
C ALA A 32 69.17 24.40 67.51
N PRO A 33 68.88 25.70 67.66
CA PRO A 33 69.83 26.73 67.20
C PRO A 33 71.19 26.57 67.83
N SER A 34 72.13 26.10 67.02
CA SER A 34 73.50 25.91 67.48
C SER A 34 74.22 27.24 67.53
N GLU A 35 74.93 27.49 68.62
CA GLU A 35 75.68 28.73 68.79
C GLU A 35 77.02 28.71 68.05
N ARG A 36 77.23 27.76 67.16
CA ARG A 36 78.45 27.70 66.36
C ARG A 36 78.15 28.08 64.92
N ALA A 37 79.18 28.56 64.23
CA ALA A 37 79.03 29.10 62.89
C ALA A 37 78.57 28.02 61.92
N PRO A 38 77.55 28.28 61.11
CA PRO A 38 77.06 27.27 60.17
C PRO A 38 77.92 27.21 58.92
N ASP A 39 77.83 26.07 58.22
CA ASP A 39 78.59 25.89 57.00
C ASP A 39 78.03 26.75 55.86
N GLN A 40 76.71 26.86 55.77
CA GLN A 40 76.07 27.66 54.73
C GLN A 40 74.91 28.43 55.35
N THR A 41 74.63 29.59 54.79
CA THR A 41 73.56 30.45 55.27
C THR A 41 72.64 30.80 54.10
N ILE A 42 71.33 30.64 54.32
CA ILE A 42 70.30 30.90 53.31
C ILE A 42 69.48 32.10 53.74
N ASP A 43 69.53 33.18 52.96
CA ASP A 43 68.84 34.39 53.33
C ASP A 43 67.44 34.42 52.73
N ALA A 44 66.47 34.78 53.57
CA ALA A 44 65.08 34.96 53.17
C ALA A 44 64.73 36.40 53.47
N THR A 45 64.66 37.23 52.42
CA THR A 45 64.25 38.61 52.62
C THR A 45 62.84 38.68 53.20
N GLY A 46 61.98 37.79 52.72
CA GLY A 46 60.58 37.72 53.06
C GLY A 46 60.38 36.22 53.13
N CYS A 47 59.96 35.67 52.00
CA CYS A 47 60.09 34.24 51.75
C CYS A 47 59.51 33.39 52.89
N VAL A 48 58.17 33.34 52.93
CA VAL A 48 57.45 32.53 53.90
C VAL A 48 57.98 31.10 53.93
N VAL A 49 58.39 30.66 55.11
CA VAL A 49 59.06 29.36 55.28
C VAL A 49 58.05 28.36 55.84
N MET A 50 57.87 27.26 55.14
CA MET A 50 56.96 26.20 55.56
C MET A 50 57.68 24.87 55.48
N ALA A 51 57.04 23.84 56.05
CA ALA A 51 57.57 22.49 55.97
C ALA A 51 57.40 21.94 54.55
N GLY A 52 57.89 20.72 54.35
CA GLY A 52 57.76 20.09 53.05
C GLY A 52 56.31 19.71 52.81
N GLY A 53 55.78 20.15 51.67
CA GLY A 53 54.40 19.83 51.32
C GLY A 53 54.16 18.32 51.20
N VAL A 54 53.02 17.89 51.75
CA VAL A 54 52.61 16.48 51.74
C VAL A 54 51.29 16.36 50.97
N GLU A 55 51.28 15.48 49.96
CA GLU A 55 50.10 15.16 49.18
C GLU A 55 49.55 13.80 49.58
N VAL A 56 48.26 13.73 49.91
CA VAL A 56 47.71 12.53 50.53
C VAL A 56 46.97 11.66 49.51
N HIS A 57 46.38 12.28 48.50
CA HIS A 57 45.57 11.58 47.50
C HIS A 57 45.93 12.11 46.12
N SER A 58 46.71 11.34 45.36
CA SER A 58 47.03 11.70 43.98
C SER A 58 47.30 10.43 43.21
N HIS A 59 46.52 10.19 42.16
CA HIS A 59 46.69 9.00 41.35
C HIS A 59 47.96 9.19 40.52
N ILE A 60 49.09 8.79 41.09
CA ILE A 60 50.39 9.05 40.47
C ILE A 60 51.00 7.79 39.90
N ALA A 61 50.51 6.60 40.27
CA ALA A 61 51.05 5.36 39.73
C ALA A 61 49.97 4.30 39.71
N GLY A 62 50.19 3.27 38.91
CA GLY A 62 49.28 2.15 38.78
C GLY A 62 49.02 1.81 37.33
N GLY A 63 48.41 0.64 37.14
CA GLY A 63 48.07 0.20 35.80
C GLY A 63 47.09 1.10 35.09
N ASN A 64 46.20 1.74 35.83
CA ASN A 64 45.25 2.68 35.24
C ASN A 64 45.92 3.99 34.86
N VAL A 65 46.90 4.45 35.65
CA VAL A 65 47.60 5.68 35.29
C VAL A 65 48.39 5.47 34.00
N VAL A 66 48.84 4.24 33.74
CA VAL A 66 49.42 3.91 32.44
C VAL A 66 48.35 3.98 31.35
N MET A 67 47.19 3.38 31.63
CA MET A 67 46.10 3.37 30.66
C MET A 67 45.66 4.79 30.32
N SER A 68 45.63 5.69 31.31
CA SER A 68 45.21 7.05 31.02
C SER A 68 46.18 7.73 30.08
N ARG A 69 47.48 7.44 30.23
CA ARG A 69 48.47 8.02 29.34
C ARG A 69 48.42 7.39 27.95
N LEU A 70 47.95 6.14 27.84
CA LEU A 70 47.75 5.55 26.52
C LEU A 70 46.50 6.13 25.86
N LEU A 71 45.42 6.26 26.62
CA LEU A 71 44.17 6.75 26.05
C LEU A 71 44.29 8.21 25.63
N LEU A 72 44.98 9.03 26.43
CA LEU A 72 45.09 10.47 26.21
C LEU A 72 46.55 10.88 26.12
N PRO A 73 47.20 10.65 24.99
CA PRO A 73 48.58 11.16 24.81
C PRO A 73 48.64 12.68 24.65
N ASP A 74 47.50 13.34 24.52
CA ASP A 74 47.46 14.78 24.34
C ASP A 74 47.34 15.56 25.65
N LEU A 75 46.99 14.88 26.75
CA LEU A 75 46.60 15.55 27.99
C LEU A 75 47.62 16.59 28.45
N TYR A 76 48.87 16.17 28.64
CA TYR A 76 49.88 17.03 29.23
C TYR A 76 50.87 17.45 28.16
N VAL A 77 51.17 18.74 28.10
CA VAL A 77 52.05 19.30 27.08
C VAL A 77 53.50 19.13 27.48
N SER A 78 54.30 18.55 26.59
CA SER A 78 55.73 18.39 26.78
C SER A 78 56.45 19.45 25.99
N GLU A 79 57.08 20.39 26.68
CA GLU A 79 57.88 21.41 26.03
C GLU A 79 59.31 20.92 25.84
N SER A 80 59.98 21.48 24.83
CA SER A 80 61.38 21.15 24.61
C SER A 80 62.21 21.63 25.79
N ALA A 81 63.04 20.73 26.33
CA ALA A 81 63.82 21.02 27.53
C ALA A 81 65.28 20.68 27.27
N PRO A 82 65.96 21.46 26.44
CA PRO A 82 67.39 21.23 26.24
C PRO A 82 68.15 21.51 27.53
N ASN A 83 69.07 20.60 27.85
CA ASN A 83 69.90 20.69 29.06
C ASN A 83 69.07 20.61 30.34
N GLY A 84 67.97 19.86 30.29
CA GLY A 84 67.14 19.62 31.44
C GLY A 84 67.23 18.17 31.89
N HIS A 85 66.70 17.90 33.07
CA HIS A 85 66.80 16.55 33.61
C HIS A 85 65.95 15.59 32.78
N PRO A 86 66.40 14.35 32.59
CA PRO A 86 65.70 13.43 31.68
C PRO A 86 64.25 13.19 32.05
N PHE A 87 63.37 13.36 31.06
CA PHE A 87 61.93 13.20 31.13
C PHE A 87 61.26 14.18 32.09
N ALA A 88 62.02 15.16 32.63
CA ALA A 88 61.46 16.10 33.59
C ALA A 88 60.39 16.99 32.98
N HIS A 89 60.54 17.37 31.71
CA HIS A 89 59.55 18.19 31.03
C HIS A 89 58.67 17.39 30.08
N ALA A 90 58.83 16.06 30.06
CA ALA A 90 58.03 15.15 29.25
C ALA A 90 56.66 14.96 29.91
N GLY A 91 55.68 15.75 29.46
CA GLY A 91 54.35 15.79 30.04
C GLY A 91 53.70 14.46 30.34
N GLY A 92 53.25 14.29 31.58
CA GLY A 92 52.58 13.09 32.01
C GLY A 92 53.50 12.04 32.60
N SER A 93 54.76 12.03 32.21
CA SER A 93 55.70 11.00 32.66
C SER A 93 55.91 11.08 34.17
N GLY A 94 56.41 9.97 34.73
CA GLY A 94 56.69 9.94 36.14
C GLY A 94 57.65 11.03 36.57
N SER A 95 58.67 11.30 35.75
CA SER A 95 59.60 12.38 36.07
C SER A 95 58.90 13.73 36.00
N TRP A 96 57.95 13.88 35.09
CA TRP A 96 57.22 15.15 34.97
C TRP A 96 56.40 15.42 36.22
N ILE A 97 55.66 14.41 36.70
CA ILE A 97 54.84 14.60 37.89
C ILE A 97 55.72 14.75 39.12
N GLY A 98 56.88 14.08 39.16
CA GLY A 98 57.79 14.31 40.26
C GLY A 98 58.30 15.74 40.31
N ALA A 99 58.84 16.23 39.18
CA ALA A 99 59.46 17.55 39.16
C ALA A 99 58.45 18.66 39.45
N ASN A 100 57.23 18.54 38.93
CA ASN A 100 56.25 19.60 39.13
C ASN A 100 55.75 19.67 40.58
N TYR A 101 55.73 18.55 41.30
CA TYR A 101 55.41 18.61 42.72
C TYR A 101 56.52 19.35 43.48
N ALA A 102 57.78 19.04 43.17
CA ALA A 102 58.89 19.66 43.88
C ALA A 102 58.92 21.17 43.67
N ARG A 103 58.59 21.63 42.46
CA ARG A 103 58.57 23.06 42.20
C ARG A 103 57.59 23.79 43.12
N MET A 104 56.52 23.12 43.54
CA MET A 104 55.52 23.74 44.39
C MET A 104 55.86 23.65 45.87
N GLY A 105 56.97 23.00 46.22
CA GLY A 105 57.34 22.86 47.61
C GLY A 105 56.89 21.57 48.24
N TYR A 106 56.28 20.68 47.47
CA TYR A 106 55.84 19.39 47.99
C TYR A 106 57.00 18.40 47.92
N THR A 107 57.18 17.63 49.01
CA THR A 107 58.24 16.63 49.07
C THR A 107 57.74 15.21 49.30
N THR A 108 56.45 15.01 49.59
CA THR A 108 55.88 13.70 49.84
C THR A 108 54.53 13.57 49.15
N ALA A 109 54.34 12.48 48.40
CA ALA A 109 53.09 12.22 47.69
C ALA A 109 52.68 10.77 47.89
N VAL A 110 51.42 10.55 48.25
CA VAL A 110 50.91 9.22 48.56
C VAL A 110 49.89 8.81 47.51
N GLU A 111 50.04 7.60 46.98
CA GLU A 111 49.17 6.99 45.97
C GLU A 111 48.05 6.21 46.64
N PRO A 112 46.78 6.51 46.32
CA PRO A 112 45.66 5.90 47.05
C PRO A 112 45.17 4.56 46.52
N ALA A 113 45.56 4.15 45.32
CA ALA A 113 45.03 2.92 44.72
C ALA A 113 46.18 1.98 44.38
N LEU A 114 46.76 1.37 45.41
CA LEU A 114 47.80 0.36 45.21
C LEU A 114 47.18 -1.03 45.19
N PRO A 115 47.08 -1.68 44.04
CA PRO A 115 46.41 -2.98 43.96
C PRO A 115 47.33 -4.09 44.43
N PRO A 116 46.88 -4.94 45.35
CA PRO A 116 47.72 -6.08 45.77
C PRO A 116 48.04 -7.04 44.64
N SER A 117 47.19 -7.10 43.61
CA SER A 117 47.45 -7.97 42.47
C SER A 117 48.63 -7.44 41.64
N ASN A 118 48.56 -6.19 41.20
CA ASN A 118 49.64 -5.57 40.45
C ASN A 118 50.43 -4.59 41.32
N ALA A 119 51.11 -5.13 42.34
CA ALA A 119 51.84 -4.29 43.28
C ALA A 119 53.25 -3.96 42.81
N LEU A 120 53.98 -4.94 42.28
CA LEU A 120 55.35 -4.69 41.85
C LEU A 120 55.40 -3.63 40.76
N ALA A 121 54.55 -3.77 39.75
CA ALA A 121 54.52 -2.77 38.66
C ALA A 121 54.09 -1.40 39.17
N THR A 122 53.23 -1.35 40.19
CA THR A 122 52.88 -0.05 40.77
C THR A 122 54.06 0.53 41.54
N HIS A 123 54.84 -0.32 42.23
CA HIS A 123 55.98 0.14 43.01
C HIS A 123 57.17 0.51 42.11
N LEU A 124 57.37 -0.23 41.03
CA LEU A 124 58.39 0.16 40.05
C LEU A 124 58.06 1.52 39.47
N GLU A 125 56.78 1.81 39.29
CA GLU A 125 56.37 3.13 38.81
C GLU A 125 56.56 4.19 39.89
N LEU A 126 56.25 3.85 41.15
CA LEU A 126 56.47 4.80 42.23
C LEU A 126 57.95 5.14 42.35
N ALA A 127 58.80 4.13 42.22
CA ALA A 127 60.24 4.31 42.37
C ALA A 127 60.81 5.25 41.29
N ASP A 128 60.29 5.18 40.07
CA ASP A 128 60.80 6.06 39.02
C ASP A 128 60.48 7.53 39.23
N ILE A 129 59.47 7.86 40.04
CA ILE A 129 59.28 9.28 40.38
C ILE A 129 60.50 9.79 41.12
N PRO A 130 61.12 10.87 40.67
CA PRO A 130 62.33 11.35 41.34
C PRO A 130 62.00 12.26 42.52
N LEU A 131 63.03 12.51 43.33
CA LEU A 131 62.99 13.51 44.38
C LEU A 131 62.00 13.21 45.51
N LEU A 132 60.71 13.06 45.20
CA LEU A 132 59.75 12.92 46.29
C LEU A 132 59.86 11.55 46.97
N ASP A 133 59.52 11.54 48.26
CA ASP A 133 59.21 10.32 48.96
C ASP A 133 57.75 9.97 48.70
N ARG A 134 57.48 8.69 48.46
CA ARG A 134 56.16 8.28 48.03
C ARG A 134 55.59 7.17 48.90
N GLY A 135 54.27 6.97 48.76
CA GLY A 135 53.60 5.90 49.46
C GLY A 135 52.42 5.36 48.66
N GLY A 136 52.04 4.13 48.97
CA GLY A 136 50.92 3.47 48.33
C GLY A 136 49.95 2.88 49.34
N LEU A 137 48.66 3.09 49.12
CA LEU A 137 47.62 2.61 50.01
C LEU A 137 47.03 1.33 49.42
N ALA A 138 47.36 0.18 50.02
CA ALA A 138 46.83 -1.10 49.55
C ALA A 138 45.31 -1.08 49.58
N VAL A 139 44.69 -1.56 48.51
CA VAL A 139 43.24 -1.53 48.36
C VAL A 139 42.67 -2.90 48.69
N LEU A 140 41.73 -2.95 49.61
CA LEU A 140 41.02 -4.18 49.94
C LEU A 140 39.53 -3.88 49.92
N GLY A 141 38.73 -4.94 50.00
CA GLY A 141 37.30 -4.79 50.08
C GLY A 141 36.54 -5.17 48.84
N ASN A 142 37.19 -5.76 47.85
CA ASN A 142 36.53 -6.26 46.65
C ASN A 142 37.12 -7.56 46.12
N ASP A 143 38.09 -8.16 46.79
CA ASP A 143 38.67 -9.41 46.36
C ASP A 143 37.95 -10.60 46.98
N ASP A 144 37.85 -11.70 46.22
CA ASP A 144 37.12 -12.89 46.68
C ASP A 144 37.67 -13.41 48.00
N HIS A 145 38.97 -13.32 48.22
CA HIS A 145 39.57 -13.85 49.45
C HIS A 145 38.97 -13.22 50.69
N LEU A 146 39.00 -11.88 50.77
CA LEU A 146 38.43 -11.21 51.93
C LEU A 146 36.93 -11.42 52.02
N LEU A 147 36.25 -11.41 50.87
CA LEU A 147 34.80 -11.58 50.88
C LEU A 147 34.39 -12.98 51.32
N GLN A 148 35.18 -14.01 50.98
CA GLN A 148 34.87 -15.35 51.48
C GLN A 148 35.10 -15.43 52.98
N LEU A 149 36.12 -14.73 53.47
CA LEU A 149 36.34 -14.68 54.92
C LEU A 149 35.18 -14.00 55.61
N LEU A 150 34.66 -12.92 55.03
CA LEU A 150 33.54 -12.24 55.67
C LEU A 150 32.23 -13.02 55.49
N ARG A 151 32.05 -13.64 54.34
CA ARG A 151 30.83 -14.43 54.12
C ARG A 151 30.71 -15.56 55.15
N ASP A 152 31.83 -16.24 55.42
CA ASP A 152 31.83 -17.36 56.36
C ASP A 152 31.93 -16.90 57.82
N GLY A 153 32.31 -15.66 58.07
CA GLY A 153 32.43 -15.16 59.41
C GLY A 153 33.62 -15.76 60.15
N GLU A 154 34.81 -15.62 59.56
CA GLU A 154 36.00 -16.22 60.14
C GLU A 154 36.46 -15.53 61.42
N GLY A 155 35.89 -14.37 61.77
CA GLY A 155 36.27 -13.73 63.01
C GLY A 155 37.21 -12.56 62.79
N LYS A 156 37.30 -11.70 63.79
CA LYS A 156 38.14 -10.51 63.68
C LYS A 156 39.62 -10.87 63.61
N GLN A 157 40.02 -11.97 64.24
CA GLN A 157 41.42 -12.39 64.18
C GLN A 157 41.79 -12.84 62.78
N ALA A 158 40.97 -13.68 62.15
CA ALA A 158 41.30 -14.17 60.81
C ALA A 158 41.36 -13.03 59.80
N VAL A 159 40.43 -12.08 59.90
CA VAL A 159 40.46 -10.93 59.00
C VAL A 159 41.72 -10.12 59.26
N ARG A 160 42.12 -10.00 60.53
CA ARG A 160 43.36 -9.30 60.84
C ARG A 160 44.55 -9.97 60.16
N ASP A 161 44.59 -11.30 60.17
CA ASP A 161 45.69 -12.00 59.53
C ASP A 161 45.72 -11.74 58.03
N LEU A 162 44.56 -11.62 57.39
CA LEU A 162 44.53 -11.41 55.95
C LEU A 162 44.91 -9.98 55.58
N VAL A 163 44.37 -8.99 56.29
CA VAL A 163 44.74 -7.60 56.05
C VAL A 163 46.21 -7.35 56.38
N GLN A 164 46.76 -8.09 57.35
CA GLN A 164 48.19 -7.98 57.61
C GLN A 164 49.00 -8.56 56.46
N GLN A 165 48.64 -9.76 56.01
CA GLN A 165 49.41 -10.41 54.94
C GLN A 165 49.47 -9.58 53.67
N THR A 166 48.34 -9.00 53.26
CA THR A 166 48.32 -8.20 52.04
C THR A 166 49.13 -6.92 52.20
N LEU A 167 49.02 -6.26 53.35
CA LEU A 167 49.85 -5.07 53.60
C LEU A 167 51.32 -5.42 53.54
N ALA A 168 51.69 -6.59 54.09
CA ALA A 168 53.10 -6.98 54.13
C ALA A 168 53.61 -7.31 52.74
N HIS A 169 52.86 -8.13 52.00
CA HIS A 169 53.31 -8.58 50.69
C HIS A 169 53.31 -7.44 49.66
N SER A 170 52.27 -6.60 49.68
CA SER A 170 52.12 -5.51 48.73
C SER A 170 52.98 -4.29 49.06
N ARG A 171 53.68 -4.29 50.20
CA ARG A 171 54.57 -3.19 50.60
C ARG A 171 53.82 -1.87 50.67
N GLY A 172 52.63 -1.90 51.25
CA GLY A 172 51.81 -0.71 51.36
C GLY A 172 52.03 0.05 52.67
N LEU A 173 51.75 1.35 52.60
CA LEU A 173 51.79 2.20 53.78
C LEU A 173 50.51 2.08 54.61
N GLY A 174 49.36 2.05 53.96
CA GLY A 174 48.09 1.95 54.66
C GLY A 174 47.02 1.17 53.92
N VAL A 175 45.80 1.15 54.44
CA VAL A 175 44.73 0.43 53.78
C VAL A 175 43.68 1.37 53.16
N CYS A 177 39.83 1.42 50.70
CA CYS A 177 38.73 0.67 50.13
C CYS A 177 37.94 1.58 49.19
N ILE A 178 37.75 1.12 47.96
CA ILE A 178 37.10 1.90 46.92
C ILE A 178 35.78 1.22 46.61
N ASN A 179 34.69 1.80 47.14
CA ASN A 179 33.33 1.28 47.00
C ASN A 179 33.31 -0.20 47.35
N ALA A 180 33.36 -0.50 48.64
CA ALA A 180 33.41 -1.88 49.12
C ALA A 180 32.32 -2.71 48.47
N GLY A 181 32.70 -3.84 47.88
CA GLY A 181 31.76 -4.70 47.20
C GLY A 181 31.25 -4.17 45.88
N GLY A 182 31.58 -2.93 45.51
CA GLY A 182 31.08 -2.39 44.27
C GLY A 182 31.55 -3.16 43.06
N ALA A 183 32.80 -3.62 43.07
CA ALA A 183 33.32 -4.41 41.96
C ALA A 183 32.72 -5.81 41.96
N SER A 184 32.67 -6.46 43.13
CA SER A 184 32.07 -7.79 43.20
C SER A 184 30.57 -7.79 42.98
N ALA A 185 29.99 -6.60 42.78
CA ALA A 185 28.60 -6.45 42.37
C ALA A 185 28.46 -6.05 40.92
N PHE A 186 29.33 -5.18 40.42
CA PHE A 186 29.29 -4.82 39.01
C PHE A 186 29.51 -6.03 38.11
N LYS A 187 30.49 -6.88 38.44
CA LYS A 187 30.72 -8.09 37.66
C LYS A 187 29.51 -9.02 37.66
N ASP A 188 28.69 -8.96 38.70
CA ASP A 188 27.46 -9.74 38.77
C ASP A 188 26.24 -8.92 38.36
N GLY A 189 26.46 -7.91 37.53
CA GLY A 189 25.39 -7.17 36.88
C GLY A 189 24.71 -6.08 37.69
N VAL A 190 25.26 -5.67 38.80
CA VAL A 190 24.64 -4.62 39.60
C VAL A 190 25.09 -3.26 39.06
N LEU A 191 24.19 -2.29 39.05
CA LEU A 191 24.51 -0.96 38.55
C LEU A 191 24.57 0.13 39.62
N LYS A 192 23.77 0.04 40.67
CA LYS A 192 23.80 1.02 41.75
C LYS A 192 23.96 0.27 43.07
N LEU A 193 24.73 0.85 43.99
CA LEU A 193 24.99 0.19 45.26
C LEU A 193 25.13 1.22 46.38
N SER A 194 24.39 0.99 47.46
CA SER A 194 24.46 1.85 48.64
C SER A 194 25.07 1.08 49.80
N LEU A 195 25.48 1.82 50.83
CA LEU A 195 26.28 1.23 51.90
C LEU A 195 25.60 0.06 52.59
N ASP A 196 24.26 -0.02 52.51
CA ASP A 196 23.52 -1.10 53.14
C ASP A 196 23.01 -2.16 52.16
N ASP A 197 22.96 -1.85 50.86
CA ASP A 197 22.47 -2.82 49.89
C ASP A 197 23.30 -4.10 49.92
N GLU A 198 22.62 -5.24 49.88
CA GLU A 198 23.29 -6.53 49.84
C GLU A 198 23.92 -6.79 48.48
N ILE A 199 25.15 -7.31 48.49
CA ILE A 199 25.88 -7.63 47.26
C ILE A 199 25.74 -9.11 46.91
N PRO A 200 25.64 -9.45 45.63
CA PRO A 200 25.37 -10.84 45.24
C PRO A 200 26.52 -11.80 45.55
N CYS A 201 26.15 -13.03 45.95
CA CYS A 201 26.95 -14.24 46.13
C CYS A 201 27.69 -14.28 47.47
N TYR A 202 27.80 -13.17 48.18
CA TYR A 202 28.43 -13.17 49.49
C TYR A 202 27.49 -12.70 50.59
N GLY A 203 26.31 -12.18 50.25
CA GLY A 203 25.30 -11.78 51.21
C GLY A 203 25.77 -10.80 52.27
N LEU A 204 26.49 -9.75 51.85
CA LEU A 204 26.98 -8.78 52.81
C LEU A 204 26.86 -7.37 52.25
N SER A 205 26.74 -6.41 53.17
CA SER A 205 26.65 -5.00 52.86
C SER A 205 28.03 -4.47 52.56
N THR A 206 28.08 -3.23 52.08
CA THR A 206 29.40 -2.61 51.98
C THR A 206 29.82 -2.08 53.34
N ARG A 207 28.85 -1.74 54.20
CA ARG A 207 29.22 -1.35 55.57
C ARG A 207 29.73 -2.53 56.36
N LYS A 208 29.30 -3.74 55.99
CA LYS A 208 29.85 -4.92 56.64
C LYS A 208 31.33 -5.07 56.31
N ILE A 209 31.73 -4.75 55.08
CA ILE A 209 33.14 -4.86 54.71
C ILE A 209 33.93 -3.73 55.34
N MET A 210 33.39 -2.51 55.32
CA MET A 210 34.08 -1.38 55.92
C MET A 210 34.31 -1.59 57.41
N SER A 211 33.28 -2.01 58.14
CA SER A 211 33.45 -2.23 59.55
C SER A 211 34.51 -3.31 59.78
N ALA A 212 34.53 -4.33 58.92
CA ALA A 212 35.53 -5.38 59.06
C ALA A 212 36.93 -4.85 58.81
N LEU A 213 37.09 -4.01 57.78
CA LEU A 213 38.40 -3.39 57.58
C LEU A 213 38.70 -2.36 58.65
N LEU A 214 37.67 -1.65 59.14
CA LEU A 214 37.90 -0.70 60.21
C LEU A 214 38.43 -1.39 61.46
N ASP A 215 37.89 -2.58 61.76
CA ASP A 215 38.41 -3.36 62.88
C ASP A 215 39.86 -3.74 62.62
N ALA A 216 40.15 -4.28 61.45
CA ALA A 216 41.50 -4.73 61.14
C ALA A 216 42.51 -3.60 61.24
N VAL A 217 42.13 -2.39 60.82
CA VAL A 217 43.07 -1.27 60.82
C VAL A 217 43.41 -0.85 62.25
N GLU A 218 42.38 -0.67 63.09
CA GLU A 218 42.64 -0.32 64.48
C GLU A 218 43.45 -1.41 65.17
N GLU A 219 43.09 -2.67 64.94
CA GLU A 219 43.78 -3.78 65.59
C GLU A 219 45.25 -3.82 65.19
N ILE A 220 45.52 -3.81 63.88
CA ILE A 220 46.90 -3.91 63.42
C ILE A 220 47.69 -2.65 63.78
N GLY A 221 47.01 -1.51 63.86
CA GLY A 221 47.67 -0.29 64.31
C GLY A 221 48.30 0.53 63.21
N VAL A 222 47.65 0.62 62.05
CA VAL A 222 48.17 1.45 60.97
C VAL A 222 48.08 2.92 61.37
N PRO A 223 49.18 3.68 61.32
CA PRO A 223 49.11 5.09 61.73
C PRO A 223 48.11 5.92 60.93
N HIS A 224 47.96 5.64 59.66
CA HIS A 224 46.96 6.29 58.85
C HIS A 224 45.67 5.49 58.95
N PRO A 225 44.53 6.12 59.25
CA PRO A 225 43.29 5.33 59.38
C PRO A 225 42.82 4.74 58.06
N LEU A 226 41.60 4.23 58.02
CA LEU A 226 41.09 3.59 56.82
C LEU A 226 40.69 4.65 55.81
N HIS A 227 41.37 4.64 54.67
CA HIS A 227 41.08 5.54 53.57
C HIS A 227 39.81 5.04 52.88
N VAL A 228 38.74 5.85 52.88
CA VAL A 228 37.42 5.39 52.46
C VAL A 228 36.95 6.14 51.21
N HIS A 229 36.47 5.36 50.23
CA HIS A 229 35.81 5.84 49.01
C HIS A 229 34.34 5.42 49.11
N CYS A 230 33.46 6.38 49.37
CA CYS A 230 32.06 6.06 49.68
C CYS A 230 31.30 5.55 48.45
N ASN A 231 30.05 5.17 48.68
CA ASN A 231 29.16 4.69 47.63
C ASN A 231 28.53 5.86 46.90
N ASN A 232 28.12 5.61 45.65
CA ASN A 232 27.35 6.57 44.85
C ASN A 232 28.12 7.89 44.70
N LEU A 233 29.34 7.77 44.18
CA LEU A 233 30.16 8.95 43.97
C LEU A 233 29.51 9.84 42.91
N GLY A 234 29.47 11.15 43.19
CA GLY A 234 28.99 12.09 42.20
C GLY A 234 27.50 12.05 41.92
N LEU A 235 26.78 11.10 42.51
CA LEU A 235 25.35 10.97 42.30
C LEU A 235 24.59 11.95 43.20
N PRO A 236 23.56 12.62 42.69
CA PRO A 236 22.75 13.51 43.53
C PRO A 236 22.06 12.72 44.63
N GLY A 237 22.44 13.03 45.87
CA GLY A 237 22.01 12.25 47.02
C GLY A 237 23.15 11.55 47.73
N ALA A 238 24.39 11.74 47.28
CA ALA A 238 25.52 11.12 47.97
C ALA A 238 25.81 11.78 49.31
N ASP A 239 25.29 12.99 49.55
CA ASP A 239 25.44 13.59 50.87
C ASP A 239 24.82 12.70 51.93
N ASP A 240 23.70 12.05 51.60
CA ASP A 240 23.15 11.03 52.48
C ASP A 240 24.08 9.84 52.57
N SER A 241 24.76 9.50 51.48
CA SER A 241 25.63 8.33 51.50
C SER A 241 26.88 8.59 52.34
N LEU A 242 27.47 9.79 52.22
CA LEU A 242 28.64 10.09 53.03
C LEU A 242 28.29 10.23 54.51
N VAL A 243 27.17 10.89 54.82
CA VAL A 243 26.81 11.07 56.23
C VAL A 243 26.47 9.73 56.87
N ALA A 244 25.75 8.86 56.15
CA ALA A 244 25.42 7.55 56.72
C ALA A 244 26.65 6.65 56.84
N THR A 245 27.63 6.80 55.95
CA THR A 245 28.86 6.03 56.10
C THR A 245 29.65 6.51 57.31
N LEU A 246 29.69 7.83 57.52
CA LEU A 246 30.36 8.37 58.70
C LEU A 246 29.72 7.85 59.98
N GLU A 247 28.40 7.77 60.01
CA GLU A 247 27.68 7.24 61.16
C GLU A 247 27.82 5.73 61.31
N ALA A 248 28.21 5.03 60.24
CA ALA A 248 28.45 3.60 60.35
C ALA A 248 29.77 3.28 61.02
N ALA A 249 30.73 4.21 61.00
CA ALA A 249 32.04 3.97 61.61
C ALA A 249 31.93 3.76 63.11
N GLU A 250 30.89 4.32 63.75
CA GLU A 250 30.68 4.18 65.20
C GLU A 250 31.86 4.74 65.98
N GLY A 251 32.37 5.88 65.55
CA GLY A 251 33.42 6.58 66.25
C GLY A 251 34.83 6.13 65.96
N ARG A 252 35.02 5.10 65.13
CA ARG A 252 36.36 4.65 64.78
C ARG A 252 37.02 5.67 63.82
N ARG A 253 38.35 5.58 63.73
CA ARG A 253 39.12 6.51 62.91
C ARG A 253 39.01 6.16 61.43
N ILE A 254 38.52 7.11 60.63
CA ILE A 254 38.39 7.00 59.19
C ILE A 254 38.91 8.26 58.51
N HIS A 255 38.99 8.18 57.18
CA HIS A 255 39.36 9.33 56.35
C HIS A 255 38.62 9.23 55.02
N PHE A 256 37.79 10.22 54.71
CA PHE A 256 36.98 10.19 53.51
C PHE A 256 37.74 10.81 52.34
N ALA A 257 37.92 10.03 51.28
CA ALA A 257 38.64 10.48 50.10
C ALA A 257 37.74 11.33 49.20
N HIS A 258 38.33 12.37 48.61
CA HIS A 258 37.68 13.26 47.64
C HIS A 258 36.20 13.44 47.95
N ALA A 259 35.96 13.94 49.15
CA ALA A 259 34.60 14.10 49.64
C ALA A 259 33.79 15.12 48.87
N GLN A 260 34.44 16.00 48.09
CA GLN A 260 33.71 17.00 47.33
C GLN A 260 32.65 16.35 46.45
N PHE A 261 33.01 15.24 45.81
CA PHE A 261 32.09 14.54 44.91
C PHE A 261 30.90 13.92 45.62
N TYR A 262 30.82 14.04 46.95
CA TYR A 262 29.70 13.49 47.70
C TYR A 262 28.77 14.56 48.26
N ALA A 263 29.16 15.83 48.24
CA ALA A 263 28.32 16.90 48.77
C ALA A 263 27.35 17.42 47.70
N TYR A 264 26.55 16.50 47.17
CA TYR A 264 25.56 16.84 46.15
C TYR A 264 24.18 16.52 46.71
N GLY A 265 23.53 17.54 47.25
CA GLY A 265 22.19 17.41 47.76
C GLY A 265 21.15 17.46 46.67
N VAL A 266 19.97 16.95 46.98
CA VAL A 266 18.87 16.97 46.02
C VAL A 266 18.20 18.33 46.08
N VAL A 267 17.83 18.86 44.93
CA VAL A 267 17.16 20.16 44.90
C VAL A 267 15.68 20.01 45.18
N ASP A 268 15.06 19.05 44.54
CA ASP A 268 13.65 18.77 44.63
C ASP A 268 13.40 17.49 45.45
N PRO A 269 12.17 16.88 45.46
CA PRO A 269 12.02 15.60 46.20
C PRO A 269 12.49 14.40 45.39
N GLU A 270 13.41 14.63 44.45
CA GLU A 270 13.86 13.61 43.51
C GLU A 270 12.70 13.07 42.67
N ASN A 271 11.70 13.91 42.46
CA ASN A 271 10.65 13.65 41.49
C ASN A 271 10.87 14.31 40.13
N PRO A 272 11.81 15.30 39.95
CA PRO A 272 11.94 15.90 38.62
C PRO A 272 12.92 15.17 37.71
N MET A 273 13.17 13.89 38.00
CA MET A 273 14.12 13.07 37.24
C MET A 273 15.52 13.67 37.26
N THR A 274 15.99 13.99 38.47
CA THR A 274 17.32 14.59 38.68
C THR A 274 17.46 15.87 37.85
N GLY A 275 16.46 16.76 37.98
CA GLY A 275 16.45 18.04 37.29
C GLY A 275 17.53 19.00 37.75
N GLY A 276 18.07 18.78 38.93
CA GLY A 276 19.13 19.63 39.47
C GLY A 276 19.56 19.11 40.82
N PHE A 277 20.62 19.74 41.32
CA PHE A 277 21.21 19.37 42.61
C PHE A 277 21.86 20.60 43.23
N ARG A 278 21.80 20.67 44.55
CA ARG A 278 22.35 21.77 45.33
C ARG A 278 23.50 21.29 46.22
N SER A 279 24.28 22.25 46.69
CA SER A 279 25.43 21.97 47.53
C SER A 279 25.02 21.60 48.94
N ALA A 280 25.58 20.49 49.45
CA ALA A 280 25.35 20.04 50.80
C ALA A 280 26.59 20.17 51.67
N ALA A 281 27.49 21.10 51.31
CA ALA A 281 28.71 21.27 52.10
C ALA A 281 28.41 21.58 53.55
N GLU A 282 27.39 22.39 53.81
CA GLU A 282 27.10 22.76 55.19
C GLU A 282 26.62 21.57 56.00
N ARG A 283 25.93 20.62 55.36
CA ARG A 283 25.48 19.44 56.08
C ARG A 283 26.64 18.49 56.34
N ILE A 284 27.59 18.40 55.40
CA ILE A 284 28.77 17.55 55.62
C ILE A 284 29.67 18.18 56.67
N ASN A 285 29.94 19.48 56.57
CA ASN A 285 30.79 20.15 57.54
C ASN A 285 30.18 20.11 58.93
N ALA A 286 28.85 20.03 59.04
CA ALA A 286 28.23 19.90 60.35
C ALA A 286 28.48 18.52 60.95
N ALA A 287 28.38 17.47 60.13
CA ALA A 287 28.65 16.13 60.61
C ALA A 287 30.12 15.92 60.94
N MET A 288 31.02 16.63 60.25
CA MET A 288 32.45 16.48 60.52
C MET A 288 32.82 17.05 61.88
N GLU A 289 32.11 18.10 62.33
CA GLU A 289 32.35 18.60 63.67
C GLU A 289 31.71 17.71 64.72
N ALA A 290 30.60 17.06 64.36
CA ALA A 290 29.93 16.15 65.29
C ALA A 290 30.69 14.84 65.46
N HIS A 291 31.61 14.51 64.57
CA HIS A 291 32.43 13.30 64.70
C HIS A 291 33.90 13.68 64.72
N PRO A 292 34.53 13.75 65.90
CA PRO A 292 35.91 14.23 65.93
C PRO A 292 36.89 13.26 65.31
N ASN A 293 36.57 11.97 65.28
CA ASN A 293 37.51 11.01 64.71
C ASN A 293 37.56 11.06 63.18
N ALA A 294 36.79 11.93 62.55
CA ALA A 294 36.71 12.00 61.10
C ALA A 294 37.66 13.04 60.50
N THR A 295 38.14 12.74 59.30
CA THR A 295 38.96 13.63 58.48
C THR A 295 38.59 13.39 57.02
N TYR A 296 38.89 14.37 56.16
CA TYR A 296 38.62 14.17 54.74
C TYR A 296 39.46 15.12 53.89
N ASP A 297 39.82 14.64 52.70
CA ASP A 297 40.43 15.46 51.67
C ASP A 297 39.36 15.82 50.64
N VAL A 298 39.46 17.03 50.10
CA VAL A 298 38.39 17.64 49.33
C VAL A 298 38.25 17.04 47.93
N GLY A 299 39.26 17.20 47.10
CA GLY A 299 39.11 16.82 45.71
C GLY A 299 38.49 17.95 44.91
N GLN A 300 39.18 19.08 44.88
CA GLN A 300 38.64 20.27 44.21
C GLN A 300 38.66 20.07 42.71
N VAL A 301 37.63 20.59 42.04
CA VAL A 301 37.48 20.47 40.59
C VAL A 301 38.19 21.62 39.89
N VAL A 302 38.94 21.29 38.83
CA VAL A 302 39.66 22.26 38.02
C VAL A 302 39.00 22.33 36.65
N PHE A 303 38.63 23.53 36.23
CA PHE A 303 38.03 23.68 34.91
C PHE A 303 39.03 23.28 33.84
N GLY A 304 38.56 22.57 32.83
CA GLY A 304 39.39 22.20 31.69
C GLY A 304 39.39 20.71 31.45
N GLN A 305 40.14 20.33 30.42
CA GLN A 305 40.22 18.93 30.02
C GLN A 305 41.07 18.15 31.03
N THR A 306 40.57 16.98 31.42
CA THR A 306 41.30 16.12 32.33
C THR A 306 40.83 14.68 32.10
N VAL A 307 41.20 13.78 33.00
CA VAL A 307 40.78 12.39 32.93
C VAL A 307 40.46 11.94 34.35
N THR A 308 39.47 11.07 34.49
CA THR A 308 39.09 10.52 35.79
C THR A 308 39.54 9.07 35.86
N ILE A 309 40.47 8.79 36.76
CA ILE A 309 41.03 7.46 36.99
C ILE A 309 40.48 7.00 38.33
N SER A 310 39.71 5.91 38.34
CA SER A 310 39.14 5.44 39.60
C SER A 310 38.97 3.93 39.58
N LEU A 311 39.17 3.31 40.74
CA LEU A 311 38.91 1.89 40.85
C LEU A 311 37.45 1.56 41.12
N ASP A 312 36.57 2.57 41.14
CA ASP A 312 35.13 2.38 41.30
C ASP A 312 34.53 2.06 39.94
N ILE A 313 34.72 0.81 39.49
CA ILE A 313 34.24 0.46 38.15
C ILE A 313 32.73 0.55 38.09
N LEU A 314 32.05 0.38 39.22
CA LEU A 314 30.60 0.50 39.19
C LEU A 314 30.18 1.91 38.80
N ARG A 315 30.87 2.93 39.32
CA ARG A 315 30.47 4.30 39.02
C ARG A 315 31.06 4.79 37.70
N GLN A 316 32.27 4.36 37.36
CA GLN A 316 32.84 4.80 36.09
C GLN A 316 32.10 4.21 34.90
N PHE A 317 31.53 3.01 35.06
CA PHE A 317 30.66 2.44 34.03
C PHE A 317 29.34 3.18 34.01
N GLY A 318 28.90 3.67 35.17
CA GLY A 318 27.70 4.47 35.20
C GLY A 318 27.84 5.75 34.42
N GLY A 319 29.00 6.40 34.52
CA GLY A 319 29.21 7.62 33.79
C GLY A 319 30.05 7.50 32.53
N ARG A 320 30.16 6.30 31.96
CA ARG A 320 30.99 6.12 30.78
C ARG A 320 30.48 6.92 29.58
N LYS A 321 29.16 7.06 29.45
CA LYS A 321 28.61 7.75 28.30
C LYS A 321 28.78 9.26 28.41
N GLY A 322 29.19 9.77 29.56
CA GLY A 322 29.46 11.18 29.67
C GLY A 322 30.88 11.57 29.35
N ALA A 323 31.66 10.65 28.79
CA ALA A 323 33.07 10.91 28.56
C ALA A 323 33.25 11.95 27.45
N LYS A 324 34.22 12.84 27.65
CA LYS A 324 34.58 13.82 26.63
C LYS A 324 36.10 13.94 26.62
N PRO A 325 36.79 13.43 25.60
CA PRO A 325 36.30 12.73 24.40
C PRO A 325 35.64 11.37 24.68
N LYS A 326 34.73 10.96 23.78
CA LYS A 326 33.90 9.76 23.94
C LYS A 326 34.75 8.52 23.63
N LYS A 327 35.67 8.23 24.55
CA LYS A 327 36.40 6.97 24.56
C LYS A 327 36.76 6.63 26.00
N TRP A 328 36.67 5.34 26.36
CA TRP A 328 36.92 4.96 27.74
C TRP A 328 37.47 3.54 27.82
N VAL A 329 38.18 3.26 28.91
CA VAL A 329 38.72 1.94 29.21
C VAL A 329 38.19 1.52 30.57
N ILE A 330 37.35 0.49 30.59
CA ILE A 330 36.88 -0.14 31.83
C ILE A 330 37.48 -1.53 31.88
N SER A 331 38.10 -1.86 33.01
CA SER A 331 38.68 -3.18 33.23
C SER A 331 38.14 -3.72 34.54
N ALA A 332 37.45 -4.84 34.47
CA ALA A 332 36.93 -5.54 35.65
C ALA A 332 37.76 -6.80 35.82
N GLY A 333 38.81 -6.72 36.65
CA GLY A 333 39.71 -7.85 36.79
C GLY A 333 40.18 -8.14 38.20
N ASP A 334 40.17 -9.43 38.59
CA ASP A 334 40.79 -9.88 39.83
C ASP A 334 40.19 -9.24 41.08
N ALA A 335 40.46 -7.97 41.30
CA ALA A 335 39.90 -7.29 42.47
C ALA A 335 38.98 -6.16 42.04
N GLU A 336 39.56 -5.00 41.77
CA GLU A 336 38.78 -3.85 41.34
C GLU A 336 39.02 -3.48 39.88
N GLY A 337 40.18 -3.82 39.34
CA GLY A 337 40.47 -3.57 37.94
C GLY A 337 40.72 -2.10 37.72
N GLY A 338 39.65 -1.37 37.40
CA GLY A 338 39.77 0.05 37.20
C GLY A 338 39.01 0.55 36.00
N GLY A 339 38.67 1.84 36.02
CA GLY A 339 38.00 2.46 34.91
C GLY A 339 38.55 3.84 34.62
N VAL A 340 38.91 4.09 33.37
CA VAL A 340 39.55 5.33 32.95
C VAL A 340 38.63 5.99 31.95
N VAL A 341 38.01 7.10 32.32
CA VAL A 341 37.20 7.85 31.36
C VAL A 341 37.67 9.29 31.39
N PRO A 342 37.92 9.90 30.23
CA PRO A 342 38.33 11.30 30.17
C PRO A 342 37.14 12.20 30.42
N PHE A 343 37.38 13.30 31.11
CA PHE A 343 36.29 14.24 31.40
C PHE A 343 36.77 15.66 31.22
N LEU A 344 35.89 16.50 30.69
CA LEU A 344 36.14 17.92 30.50
C LEU A 344 35.19 18.70 31.38
N TYR A 345 35.73 19.49 32.28
CA TYR A 345 34.93 20.37 33.14
C TYR A 345 34.70 21.68 32.40
N ARG A 346 33.49 21.89 31.91
CA ARG A 346 33.18 23.04 31.07
C ARG A 346 33.51 24.34 31.80
N PRO A 347 34.22 25.27 31.15
CA PRO A 347 34.65 26.51 31.85
C PRO A 347 33.51 27.37 32.38
N ARG A 348 32.31 27.32 31.81
CA ARG A 348 31.19 28.07 32.34
C ARG A 348 30.05 27.17 32.76
N GLY A 349 30.31 25.88 32.95
CA GLY A 349 29.25 24.90 32.99
C GLY A 349 28.43 24.96 34.26
N PRO A 350 27.10 24.86 34.10
CA PRO A 350 26.23 24.88 35.28
C PRO A 350 26.54 23.75 36.22
N VAL A 351 27.02 22.61 35.71
CA VAL A 351 27.45 21.52 36.58
C VAL A 351 28.85 21.77 37.12
N SER A 352 29.78 22.20 36.25
CA SER A 352 31.16 22.36 36.67
C SER A 352 31.31 23.49 37.69
N SER A 353 30.64 24.62 37.46
CA SER A 353 30.76 25.76 38.35
C SER A 353 30.28 25.41 39.76
N LEU A 354 29.25 24.57 39.86
CA LEU A 354 28.79 24.15 41.18
C LEU A 354 29.81 23.22 41.83
N GLN A 355 30.34 22.27 41.06
CA GLN A 355 31.34 21.36 41.60
C GLN A 355 32.56 22.12 42.09
N TRP A 356 32.94 23.17 41.35
CA TRP A 356 34.06 24.01 41.75
C TRP A 356 33.71 24.81 43.01
N ALA A 357 32.46 25.25 43.14
CA ALA A 357 32.06 26.03 44.31
C ALA A 357 31.98 25.17 45.56
N ILE A 358 31.46 23.95 45.44
CA ILE A 358 31.34 23.07 46.60
C ILE A 358 32.71 22.75 47.18
N GLY A 359 33.71 22.57 46.31
CA GLY A 359 35.05 22.28 46.81
C GLY A 359 35.55 23.34 47.76
N LEU A 360 35.43 24.60 47.37
CA LEU A 360 35.88 25.68 48.24
C LEU A 360 34.99 25.79 49.47
N GLU A 361 33.67 25.75 49.26
CA GLU A 361 32.74 25.90 50.38
C GLU A 361 33.05 24.93 51.51
N LEU A 362 33.45 23.70 51.17
CA LEU A 362 33.80 22.74 52.21
C LEU A 362 35.01 23.22 53.02
N MET A 363 36.00 23.82 52.34
CA MET A 363 37.19 24.29 53.04
C MET A 363 36.95 25.58 53.81
N LEU A 364 36.15 26.50 53.25
CA LEU A 364 35.92 27.75 53.94
C LEU A 364 35.07 27.57 55.19
N LEU A 365 34.23 26.53 55.23
CA LEU A 365 33.37 26.31 56.39
C LEU A 365 34.06 25.56 57.53
N SER A 366 35.17 24.87 57.26
CA SER A 366 35.79 24.04 58.29
C SER A 366 36.35 24.89 59.42
N SER A 367 36.16 24.41 60.65
CA SER A 367 36.75 25.07 61.81
C SER A 367 38.21 24.68 61.98
N ASN A 368 38.58 23.46 61.61
CA ASN A 368 39.96 22.99 61.70
C ASN A 368 40.42 22.50 60.34
N PRO A 369 41.26 23.24 59.63
CA PRO A 369 41.74 22.77 58.32
C PRO A 369 42.62 21.54 58.39
N GLU A 370 43.06 21.14 59.59
CA GLU A 370 43.85 19.92 59.69
C GLU A 370 43.04 18.68 59.32
N ARG A 371 41.73 18.70 59.55
CA ARG A 371 40.87 17.58 59.13
C ARG A 371 40.22 17.79 57.78
N THR A 372 40.39 18.96 57.15
CA THR A 372 39.81 19.23 55.84
C THR A 372 40.92 19.42 54.81
N ILE A 373 41.72 18.37 54.56
CA ILE A 373 42.91 18.47 53.75
C ILE A 373 42.59 18.89 52.31
N LEU A 374 43.52 19.66 51.73
CA LEU A 374 43.42 20.14 50.36
C LEU A 374 43.96 19.10 49.37
N THR A 375 43.11 18.70 48.43
CA THR A 375 43.50 17.81 47.34
C THR A 375 42.77 18.22 46.07
N THR A 376 43.27 17.72 44.95
CA THR A 376 42.54 17.80 43.70
C THR A 376 42.03 16.45 43.26
N ASP A 377 42.29 15.39 44.03
CA ASP A 377 41.96 14.03 43.59
C ASP A 377 42.58 13.76 42.22
N HIS A 378 43.83 14.18 42.06
CA HIS A 378 44.50 14.22 40.78
C HIS A 378 44.45 12.85 40.08
N PRO A 379 44.00 12.78 38.83
CA PRO A 379 43.55 14.00 38.15
C PRO A 379 42.04 14.16 38.09
N ASN A 380 41.30 13.18 38.62
CA ASN A 380 39.84 13.16 38.52
C ASN A 380 39.21 14.53 38.76
N GLY A 381 39.58 15.18 39.84
CA GLY A 381 39.03 16.50 40.10
C GLY A 381 39.73 17.57 39.29
N GLY A 382 41.06 17.51 39.28
CA GLY A 382 41.86 18.47 38.52
C GLY A 382 43.32 18.12 38.64
N VAL A 383 44.12 18.85 37.86
CA VAL A 383 45.57 18.64 37.87
C VAL A 383 46.16 19.23 39.14
N PHE A 384 47.11 18.51 39.75
CA PHE A 384 47.68 18.96 41.01
C PHE A 384 48.41 20.30 40.86
N THR A 385 48.80 20.69 39.64
CA THR A 385 49.48 21.96 39.49
C THR A 385 48.60 23.15 39.86
N GLU A 386 47.31 22.95 40.05
CA GLU A 386 46.39 24.03 40.40
C GLU A 386 46.31 24.30 41.88
N TYR A 387 47.13 23.63 42.71
CA TYR A 387 47.15 23.95 44.14
C TYR A 387 47.46 25.42 44.39
N PRO A 388 48.44 26.05 43.75
CA PRO A 388 48.67 27.47 44.01
C PRO A 388 47.47 28.35 43.70
N ARG A 389 46.67 28.01 42.70
CA ARG A 389 45.47 28.79 42.42
C ARG A 389 44.45 28.65 43.53
N ILE A 390 44.24 27.43 44.01
CA ILE A 390 43.28 27.22 45.09
C ILE A 390 43.77 27.87 46.38
N ILE A 391 45.07 27.80 46.65
CA ILE A 391 45.62 28.54 47.79
C ILE A 391 45.38 30.03 47.61
N HIS A 392 45.61 30.53 46.40
CA HIS A 392 45.35 31.95 46.12
C HIS A 392 43.88 32.28 46.28
N LEU A 393 42.99 31.37 45.85
CA LEU A 393 41.56 31.63 45.97
C LEU A 393 41.08 31.55 47.41
N LEU A 394 41.70 30.70 48.24
CA LEU A 394 41.30 30.63 49.63
C LEU A 394 41.79 31.84 50.41
N MET A 395 43.04 32.25 50.14
CA MET A 395 43.66 33.33 50.87
C MET A 395 43.07 34.69 50.51
N ASP A 396 42.64 34.86 49.27
CA ASP A 396 42.23 36.16 48.75
C ASP A 396 40.74 36.14 48.41
N ALA A 397 39.96 36.97 49.11
CA ALA A 397 38.53 37.02 48.88
C ALA A 397 38.16 37.81 47.63
N GLU A 398 38.92 38.87 47.31
CA GLU A 398 38.59 39.68 46.14
C GLU A 398 38.89 38.95 44.84
N GLU A 399 39.87 38.05 44.83
CA GLU A 399 40.10 37.21 43.67
C GLU A 399 39.08 36.09 43.58
N ARG A 400 38.51 35.70 44.72
CA ARG A 400 37.45 34.69 44.71
C ARG A 400 36.18 35.25 44.09
N ALA A 401 35.81 36.50 44.41
CA ALA A 401 34.67 37.13 43.78
C ALA A 401 34.94 37.48 42.32
N LYS A 402 36.20 37.64 41.94
CA LYS A 402 36.54 37.90 40.54
C LYS A 402 36.18 36.69 39.68
N GLU A 403 36.46 35.48 40.16
CA GLU A 403 36.08 34.27 39.44
C GLU A 403 34.57 34.04 39.49
N ILE A 404 33.95 34.36 40.63
CA ILE A 404 32.52 34.17 40.78
C ILE A 404 31.74 35.07 39.84
N ALA A 405 32.30 36.24 39.52
CA ALA A 405 31.63 37.16 38.60
C ALA A 405 31.44 36.55 37.22
N THR A 406 32.36 35.69 36.78
CA THR A 406 32.25 35.08 35.46
C THR A 406 31.31 33.88 35.44
N LEU A 407 31.15 33.19 36.56
CA LEU A 407 30.34 31.98 36.60
C LEU A 407 28.85 32.32 36.57
N PRO A 408 28.01 31.38 36.12
CA PRO A 408 26.57 31.64 36.02
C PRO A 408 25.91 31.88 37.37
N ALA A 409 24.64 32.28 37.30
CA ALA A 409 23.89 32.61 38.50
C ALA A 409 23.69 31.41 39.42
N ILE A 410 23.71 30.20 38.85
CA ILE A 410 23.44 29.00 39.63
C ILE A 410 24.38 28.88 40.82
N VAL A 411 25.61 29.41 40.70
CA VAL A 411 26.58 29.28 41.78
C VAL A 411 26.04 29.89 43.07
N GLY A 412 25.55 31.12 42.99
CA GLY A 412 25.00 31.74 44.19
C GLY A 412 23.69 31.13 44.63
N GLU A 413 22.87 30.70 43.66
CA GLU A 413 21.53 30.18 43.94
C GLU A 413 21.54 28.76 44.49
N ARG A 414 22.63 28.01 44.37
CA ARG A 414 22.62 26.60 44.80
C ARG A 414 23.79 26.20 45.69
N SER A 415 24.61 27.15 46.16
CA SER A 415 25.73 26.78 47.02
C SER A 415 25.86 27.68 48.24
N GLY A 416 26.04 28.98 48.04
CA GLY A 416 26.28 29.90 49.14
C GLY A 416 27.72 30.30 49.35
N LEU A 417 28.61 29.98 48.41
CA LEU A 417 30.02 30.38 48.42
C LEU A 417 30.24 31.88 48.29
N PRO A 418 29.49 32.62 47.47
CA PRO A 418 29.68 34.08 47.44
C PRO A 418 29.28 34.75 48.74
N LYS A 419 28.40 34.11 49.52
CA LYS A 419 27.98 34.69 50.78
C LYS A 419 29.05 34.53 51.85
N ILE A 420 29.81 33.44 51.83
CA ILE A 420 30.90 33.23 52.78
C ILE A 420 32.15 33.89 52.22
N GLU A 421 32.58 34.99 52.84
CA GLU A 421 33.63 35.84 52.32
C GLU A 421 34.83 35.91 53.26
N ARG A 422 35.16 34.79 53.89
CA ARG A 422 36.29 34.73 54.82
C ARG A 422 37.56 34.29 54.10
N GLU A 423 38.69 34.88 54.52
CA GLU A 423 40.00 34.60 53.97
C GLU A 423 40.76 33.59 54.82
N TYR A 424 41.71 32.92 54.18
CA TYR A 424 42.57 31.91 54.79
C TYR A 424 43.93 32.52 55.13
N SER A 425 44.51 32.07 56.25
CA SER A 425 45.82 32.55 56.69
C SER A 425 46.90 31.55 56.28
N PHE A 426 48.16 31.96 56.46
CA PHE A 426 49.27 31.07 56.15
C PHE A 426 49.31 29.88 57.09
N SER A 427 49.05 30.10 58.39
CA SER A 427 49.01 28.99 59.32
C SER A 427 47.89 28.02 58.96
N GLU A 428 46.81 28.53 58.39
CA GLU A 428 45.71 27.64 57.99
C GLU A 428 46.00 26.98 56.65
N ILE A 429 46.75 27.65 55.78
CA ILE A 429 47.10 27.02 54.51
C ILE A 429 48.16 25.95 54.74
N ALA A 430 49.01 26.13 55.77
CA ALA A 430 49.97 25.10 56.11
C ALA A 430 49.30 23.91 56.75
N GLN A 431 48.18 24.14 57.46
CA GLN A 431 47.37 23.04 57.96
C GLN A 431 46.73 22.25 56.84
N LEU A 432 46.43 22.91 55.72
CA LEU A 432 45.82 22.26 54.58
C LEU A 432 46.84 21.38 53.86
N THR A 433 48.08 21.85 53.77
CA THR A 433 49.07 21.25 52.89
C THR A 433 50.19 20.50 53.61
N ARG A 434 50.47 20.82 54.89
CA ARG A 434 51.56 20.16 55.60
C ARG A 434 51.12 19.56 56.92
N SER A 435 50.59 20.42 57.81
CA SER A 435 50.24 19.99 59.16
C SER A 435 49.24 18.84 59.14
N GLY A 436 48.06 19.07 58.59
CA GLY A 436 47.04 18.06 58.51
C GLY A 436 47.43 16.80 57.76
N PRO A 437 47.95 16.94 56.52
CA PRO A 437 48.29 15.74 55.75
C PRO A 437 49.28 14.81 56.45
N ALA A 438 50.33 15.34 57.06
CA ALA A 438 51.29 14.44 57.70
C ALA A 438 50.70 13.82 58.95
N LYS A 439 49.96 14.61 59.72
CA LYS A 439 49.30 14.06 60.90
C LYS A 439 48.37 12.92 60.51
N LEU A 440 47.69 13.05 59.37
CA LEU A 440 46.77 12.01 58.91
C LEU A 440 47.52 10.75 58.51
N LEU A 441 48.55 10.88 57.67
CA LEU A 441 49.31 9.75 57.18
C LEU A 441 50.17 9.08 58.26
N GLY A 442 50.31 9.71 59.45
CA GLY A 442 51.10 9.15 60.52
C GLY A 442 52.59 9.46 60.45
N LEU A 443 53.03 10.23 59.47
CA LEU A 443 54.45 10.60 59.31
C LEU A 443 54.74 11.75 60.27
N THR A 444 55.14 11.38 61.49
CA THR A 444 55.34 12.37 62.56
C THR A 444 56.46 13.36 62.26
N ASP A 445 57.46 12.97 61.46
CA ASP A 445 58.63 13.77 61.25
C ASP A 445 58.57 14.62 59.97
N ARG A 446 57.37 14.84 59.44
CA ARG A 446 57.28 15.51 58.15
C ARG A 446 56.39 16.76 58.14
N GLY A 447 55.31 16.79 58.90
CA GLY A 447 54.40 17.91 58.74
C GLY A 447 54.91 19.23 59.27
N HIS A 448 55.92 19.21 60.14
CA HIS A 448 56.32 20.38 60.91
C HIS A 448 57.77 20.78 60.65
N LEU A 449 58.16 21.87 61.32
CA LEU A 449 59.52 22.41 61.27
C LEU A 449 60.17 22.50 62.65
N ARG A 450 59.53 21.96 63.69
CA ARG A 450 60.11 21.97 65.02
C ARG A 450 61.33 21.03 65.05
N GLU A 451 62.15 21.19 66.08
CA GLU A 451 63.38 20.40 66.15
C GLU A 451 63.11 18.91 66.29
N GLY A 452 63.52 18.15 65.28
CA GLY A 452 63.31 16.73 65.20
C GLY A 452 62.78 16.33 63.84
N ALA A 453 62.31 17.30 63.07
CA ALA A 453 61.67 17.05 61.80
C ALA A 453 62.70 16.69 60.74
N LYS A 454 62.22 16.01 59.69
CA LYS A 454 63.06 15.82 58.51
C LYS A 454 63.20 17.14 57.79
N ALA A 455 64.42 17.45 57.36
CA ALA A 455 64.67 18.75 56.74
C ALA A 455 64.03 18.82 55.36
N ASP A 456 62.70 18.80 55.33
CA ASP A 456 61.91 19.01 54.13
C ASP A 456 61.31 20.41 54.26
N VAL A 457 61.89 21.39 53.57
CA VAL A 457 61.55 22.80 53.74
C VAL A 457 61.13 23.40 52.41
N ALA A 458 60.11 24.26 52.43
CA ALA A 458 59.63 24.98 51.26
C ALA A 458 59.60 26.47 51.54
N ILE A 459 60.38 27.24 50.77
CA ILE A 459 60.47 28.68 50.94
C ILE A 459 59.84 29.36 49.72
N TYR A 460 58.81 30.16 49.97
CA TYR A 460 58.11 30.88 48.90
C TYR A 460 58.32 32.37 49.07
N ARG A 461 58.74 33.05 48.00
CA ARG A 461 58.96 34.49 48.02
C ARG A 461 57.62 35.22 48.03
N ASP A 462 57.43 36.12 49.00
CA ASP A 462 56.15 36.78 49.19
C ASP A 462 55.67 37.43 47.89
N ASP A 463 54.36 37.33 47.64
CA ASP A 463 53.72 38.02 46.52
C ASP A 463 52.24 38.14 46.85
N THR A 464 51.67 39.30 46.52
CA THR A 464 50.22 39.48 46.66
C THR A 464 49.48 38.45 45.81
N ASP A 465 50.00 38.18 44.62
CA ASP A 465 49.45 37.14 43.76
C ASP A 465 50.00 35.82 44.28
N ARG A 466 49.23 35.18 45.16
CA ARG A 466 49.67 33.93 45.76
C ARG A 466 49.85 32.82 44.75
N THR A 467 49.17 32.92 43.60
CA THR A 467 49.34 31.91 42.54
C THR A 467 50.79 31.84 42.09
N ALA A 468 51.42 32.99 41.83
CA ALA A 468 52.83 32.97 41.45
C ALA A 468 53.73 32.62 42.63
N MET A 469 53.34 33.04 43.84
CA MET A 469 54.15 32.80 45.02
C MET A 469 54.35 31.31 45.28
N PHE A 470 53.28 30.52 45.15
CA PHE A 470 53.35 29.10 45.43
C PHE A 470 53.61 28.26 44.19
N SER A 471 53.49 28.84 42.98
CA SER A 471 53.81 28.10 41.76
C SER A 471 55.30 27.86 41.65
N ARG A 472 56.11 28.84 42.02
CA ARG A 472 57.57 28.73 41.98
C ARG A 472 58.12 28.99 43.38
N ALA A 473 58.59 27.95 44.04
CA ALA A 473 59.12 28.09 45.40
C ALA A 473 60.57 28.58 45.32
N LYS A 474 60.91 29.56 46.17
CA LYS A 474 62.25 30.12 46.14
C LYS A 474 63.32 29.06 46.40
N LEU A 475 63.03 28.12 47.30
CA LEU A 475 63.96 27.06 47.64
C LEU A 475 63.17 25.92 48.26
N VAL A 476 63.43 24.71 47.80
CA VAL A 476 62.86 23.50 48.40
C VAL A 476 64.01 22.55 48.73
N LEU A 477 63.98 21.98 49.92
CA LEU A 477 65.03 21.11 50.43
C LEU A 477 64.47 19.73 50.68
N LYS A 478 65.17 18.70 50.19
CA LYS A 478 64.80 17.31 50.41
C LYS A 478 65.87 16.69 51.29
N ASP A 479 65.52 16.50 52.56
CA ASP A 479 66.42 15.94 53.55
C ASP A 479 67.69 16.78 53.65
N GLY A 480 67.51 18.10 53.65
CA GLY A 480 68.60 19.03 53.78
C GLY A 480 69.26 19.43 52.49
N GLN A 481 69.10 18.63 51.44
CA GLN A 481 69.71 18.95 50.17
C GLN A 481 68.76 19.79 49.32
N PRO A 482 69.24 20.85 48.67
CA PRO A 482 68.34 21.65 47.83
C PRO A 482 68.01 20.91 46.54
N ILE A 483 66.71 20.80 46.27
CA ILE A 483 66.24 20.16 45.05
C ILE A 483 65.78 21.17 44.01
N VAL A 484 65.16 22.28 44.42
CA VAL A 484 64.78 23.32 43.48
C VAL A 484 65.20 24.67 44.02
N GLU A 485 65.57 25.58 43.11
CA GLU A 485 65.99 26.93 43.47
C GLU A 485 65.31 27.92 42.54
N ASP A 486 64.61 28.90 43.12
CA ASP A 486 63.89 29.92 42.35
C ASP A 486 62.95 29.30 41.32
N GLY A 487 62.30 28.21 41.70
CA GLY A 487 61.33 27.60 40.84
C GLY A 487 61.87 26.68 39.79
N GLU A 488 63.18 26.38 39.80
CA GLU A 488 63.76 25.46 38.83
C GLU A 488 64.50 24.35 39.55
N VAL A 489 64.29 23.11 39.10
CA VAL A 489 64.89 21.95 39.74
C VAL A 489 66.39 21.92 39.47
N VAL A 490 67.18 21.74 40.54
CA VAL A 490 68.63 21.71 40.44
C VAL A 490 69.20 20.31 40.68
N ALA A 491 68.62 19.55 41.61
CA ALA A 491 69.10 18.22 41.92
C ALA A 491 68.20 17.15 41.32
N TRP A 492 68.77 15.95 41.10
CA TRP A 492 68.05 14.85 40.45
C TRP A 492 68.49 13.52 41.09
N PHE A 493 67.83 13.16 42.16
CA PHE A 493 68.04 11.87 42.82
C PHE A 493 66.70 11.21 43.12
N SER A 494 66.80 9.97 43.59
CA SER A 494 65.62 9.19 43.91
C SER A 494 65.38 9.22 45.41
N GLY A 495 64.11 9.31 45.79
CA GLY A 495 63.70 9.32 47.17
C GLY A 495 63.48 7.91 47.68
N LYS A 496 62.49 7.76 48.58
CA LYS A 496 62.18 6.48 49.17
C LYS A 496 60.67 6.31 49.33
N THR A 497 60.19 5.09 49.08
CA THR A 497 58.79 4.70 49.30
C THR A 497 58.58 4.23 50.73
N LEU A 498 57.60 4.81 51.42
CA LEU A 498 57.29 4.44 52.79
C LEU A 498 56.35 3.22 52.81
N SER A 499 56.79 2.15 53.46
CA SER A 499 55.97 0.95 53.61
C SER A 499 55.88 0.62 55.09
N LEU A 500 54.67 0.28 55.55
CA LEU A 500 54.45 -0.09 56.93
C LEU A 500 55.18 -1.38 57.25
N ASN A 501 56.02 -1.34 58.27
CA ASN A 501 56.75 -2.53 58.68
C ASN A 501 55.81 -3.43 59.44
N VAL A 502 55.41 -4.54 58.82
CA VAL A 502 54.57 -5.53 59.49
C VAL A 502 54.99 -6.91 58.98
N GLU A 503 54.85 -7.91 59.84
CA GLU A 503 55.28 -9.26 59.55
C GLU A 503 54.09 -10.10 59.11
N ALA A 504 54.25 -10.84 58.01
CA ALA A 504 53.17 -11.70 57.54
C ALA A 504 53.03 -12.95 58.40
N ASP A 505 51.79 -13.27 58.76
CA ASP A 505 51.55 -14.47 59.56
C ASP A 505 51.91 -15.70 58.75
N ALA A 506 52.84 -16.51 59.26
CA ALA A 506 53.34 -17.68 58.54
C ALA A 506 52.23 -18.71 58.28
N GLY A 507 51.35 -18.90 59.25
CA GLY A 507 50.21 -19.79 59.04
C GLY A 507 49.22 -19.23 58.05
N MET A 508 49.17 -17.91 57.89
CA MET A 508 48.33 -17.29 56.88
C MET A 508 48.99 -17.31 55.51
N GLU A 509 50.32 -17.21 55.45
CA GLU A 509 51.03 -17.24 54.17
C GLU A 509 50.90 -18.60 53.48
N LYS A 510 50.94 -19.68 54.26
CA LYS A 510 50.73 -20.99 53.66
C LYS A 510 49.28 -21.19 53.26
N ARG A 511 48.35 -20.52 53.96
CA ARG A 511 46.94 -20.61 53.63
C ARG A 511 46.60 -19.86 52.34
N ALA A 512 47.17 -18.68 52.15
CA ALA A 512 46.91 -17.94 50.92
C ALA A 512 47.54 -18.60 49.70
N GLU A 513 48.68 -19.28 49.88
CA GLU A 513 49.36 -19.91 48.76
C GLU A 513 48.49 -20.97 48.09
N SER A 514 47.82 -21.82 48.88
CA SER A 514 46.95 -22.82 48.27
C SER A 514 45.77 -22.17 47.58
N TYR A 515 45.31 -21.02 48.08
CA TYR A 515 44.19 -20.31 47.46
C TYR A 515 44.60 -19.73 46.12
N LEU A 516 45.71 -18.99 46.09
CA LEU A 516 46.18 -18.39 44.85
C LEU A 516 46.55 -19.44 43.82
N GLN A 517 47.07 -20.58 44.25
CA GLN A 517 47.44 -21.61 43.28
C GLN A 517 46.21 -22.19 42.60
N ASP A 518 45.07 -22.19 43.27
CA ASP A 518 43.85 -22.72 42.68
C ASP A 518 43.06 -21.70 41.87
N ARG A 519 43.27 -20.40 42.12
CA ARG A 519 42.55 -19.34 41.42
C ARG A 519 43.30 -18.78 40.24
N PHE A 520 44.61 -18.57 40.39
CA PHE A 520 45.45 -17.99 39.37
C PHE A 520 46.35 -19.00 38.68
N GLY A 521 46.74 -20.05 39.39
CA GLY A 521 47.75 -20.94 38.86
C GLY A 521 49.14 -20.42 39.07
N ALA A 522 49.32 -19.54 40.06
CA ALA A 522 50.60 -18.92 40.35
C ALA A 522 50.72 -18.70 41.85
N GLY A 523 51.95 -18.72 42.34
CA GLY A 523 52.21 -18.61 43.76
C GLY A 523 52.17 -17.18 44.26
N LEU A 524 52.68 -17.00 45.48
CA LEU A 524 52.76 -15.67 46.06
C LEU A 524 53.86 -14.85 45.39
N ASP A 525 54.88 -15.51 44.85
CA ASP A 525 55.99 -14.78 44.25
C ASP A 525 55.53 -13.86 43.12
N THR A 526 54.43 -14.20 42.45
CA THR A 526 53.94 -13.30 41.41
C THR A 526 53.32 -12.06 42.02
N PHE A 527 52.82 -12.16 43.25
CA PHE A 527 52.30 -11.00 43.94
C PHE A 527 53.37 -10.25 44.72
N ALA A 528 54.55 -10.84 44.88
CA ALA A 528 55.62 -10.29 45.69
C ALA A 528 56.27 -9.07 45.02
N VAL A 529 56.89 -8.24 45.85
CA VAL A 529 57.57 -7.02 45.42
C VAL A 529 59.01 -7.09 45.91
N PRO A 530 59.88 -7.87 45.27
CA PRO A 530 61.24 -8.02 45.79
C PRO A 530 62.09 -6.77 45.61
N ASP A 531 63.04 -6.59 46.53
CA ASP A 531 63.94 -5.45 46.43
C ASP A 531 64.78 -5.54 45.17
N ALA A 532 65.06 -6.76 44.70
CA ALA A 532 65.95 -6.96 43.56
C ALA A 532 65.37 -6.43 42.25
N ALA A 533 64.07 -6.17 42.17
CA ALA A 533 63.50 -5.68 40.93
C ALA A 533 63.79 -4.20 40.70
N PHE A 534 64.10 -3.47 41.75
CA PHE A 534 64.20 -2.02 41.76
C PHE A 534 65.59 -1.54 41.41
N PRO A 535 65.70 -0.30 40.92
CA PRO A 535 67.04 0.24 40.62
C PRO A 535 67.92 0.37 41.84
N GLU A 536 67.33 0.58 43.02
CA GLU A 536 68.07 0.65 44.27
C GLU A 536 67.65 -0.55 45.11
N ASN A 537 68.49 -1.59 45.12
CA ASN A 537 68.15 -2.79 45.87
C ASN A 537 68.25 -2.45 47.33
N THR A 538 67.13 -2.56 48.05
CA THR A 538 67.04 -2.27 49.47
C THR A 538 67.31 -0.81 49.80
N GLY A 539 67.49 0.04 48.79
CA GLY A 539 67.62 1.47 49.03
C GLY A 539 66.34 2.17 48.62
N THR A 540 65.37 1.38 48.18
CA THR A 540 64.11 1.93 47.70
C THR A 540 63.02 2.04 48.77
N PHE A 541 63.07 1.24 49.82
CA PHE A 541 62.01 1.25 50.81
C PHE A 541 62.53 1.72 52.16
N GLU A 542 61.66 2.42 52.89
CA GLU A 542 61.96 2.95 54.22
C GLU A 542 60.80 2.58 55.13
N ASP A 543 61.12 1.90 56.22
CA ASP A 543 60.10 1.38 57.11
C ASP A 543 59.37 2.49 57.86
N VAL A 544 58.09 2.22 58.14
CA VAL A 544 57.26 3.05 58.98
C VAL A 544 56.74 2.16 60.10
N ALA A 545 56.84 2.65 61.35
CA ALA A 545 56.46 1.88 62.51
C ALA A 545 54.99 2.10 62.82
N CYS A 546 54.32 1.03 63.25
CA CYS A 546 52.87 1.05 63.47
C CYS A 546 52.55 1.41 64.91
N ARG A 547 51.75 2.46 65.10
CA ARG A 547 51.48 3.01 66.41
C ARG A 547 50.55 2.08 67.20
N ALA A 548 50.35 2.46 68.47
CA ALA A 548 49.50 1.73 69.37
C ALA A 548 48.10 1.54 68.80
N ALA B 1 81.05 -13.43 27.90
CA ALA B 1 82.07 -13.08 26.93
C ALA B 1 81.49 -12.19 25.84
N ALA B 2 82.27 -11.21 25.38
CA ALA B 2 81.85 -10.27 24.35
C ALA B 2 82.58 -10.56 23.04
N TRP B 3 82.17 -9.86 21.99
CA TRP B 3 82.80 -10.00 20.69
C TRP B 3 82.78 -8.64 19.99
N VAL B 4 83.95 -8.19 19.52
CA VAL B 4 84.07 -6.98 18.71
C VAL B 4 84.73 -7.36 17.39
N LYS B 5 84.10 -6.96 16.29
CA LYS B 5 84.52 -7.36 14.94
C LYS B 5 84.60 -8.87 14.95
N GLY B 6 85.78 -9.45 14.76
CA GLY B 6 85.83 -10.88 14.91
C GLY B 6 86.41 -11.25 16.28
N GLY B 7 85.52 -11.28 17.28
CA GLY B 7 85.79 -11.79 18.61
C GLY B 7 86.87 -11.13 19.47
N ALA B 8 86.57 -9.99 20.10
CA ALA B 8 87.55 -9.39 21.01
C ALA B 8 87.49 -10.04 22.39
N ALA B 9 86.32 -10.50 22.81
CA ALA B 9 86.13 -11.20 24.08
C ALA B 9 86.51 -10.37 25.30
N ASP B 10 86.27 -9.06 25.26
CA ASP B 10 86.55 -8.18 26.40
C ASP B 10 85.28 -7.39 26.64
N VAL B 11 84.72 -7.53 27.84
CA VAL B 11 83.43 -6.88 28.12
C VAL B 11 83.60 -5.38 28.28
N ASP B 12 84.67 -4.94 28.93
CA ASP B 12 84.88 -3.51 29.09
C ASP B 12 85.16 -2.83 27.77
N ALA B 13 86.00 -3.45 26.93
CA ALA B 13 86.35 -2.83 25.66
C ALA B 13 85.18 -2.83 24.69
N ALA B 14 84.33 -3.86 24.73
CA ALA B 14 83.15 -3.89 23.88
C ALA B 14 82.17 -2.78 24.28
N VAL B 15 82.12 -2.43 25.56
CA VAL B 15 81.26 -1.32 25.97
C VAL B 15 81.76 -0.03 25.34
N GLU B 16 83.08 0.17 25.31
CA GLU B 16 83.60 1.36 24.67
C GLU B 16 83.35 1.33 23.17
N ALA B 17 83.45 0.14 22.56
CA ALA B 17 83.24 0.02 21.13
C ALA B 17 81.80 0.34 20.75
N ALA B 18 80.85 -0.07 21.60
CA ALA B 18 79.46 0.28 21.34
C ALA B 18 79.21 1.77 21.50
N ALA B 19 79.88 2.39 22.48
CA ALA B 19 79.71 3.83 22.70
C ALA B 19 80.28 4.65 21.56
N ASP B 20 81.43 4.24 21.02
CA ASP B 20 81.98 4.93 19.85
C ASP B 20 81.03 4.80 18.66
N LEU B 21 80.42 3.62 18.51
CA LEU B 21 79.53 3.38 17.38
C LEU B 21 78.29 4.26 17.45
N LEU B 22 77.69 4.37 18.62
CA LEU B 22 76.47 5.17 18.75
C LEU B 22 76.78 6.65 18.62
N ALA B 23 77.93 7.08 19.13
CA ALA B 23 78.28 8.50 19.07
C ALA B 23 78.53 8.94 17.64
N ALA B 24 79.01 8.03 16.80
CA ALA B 24 79.27 8.37 15.41
C ALA B 24 78.01 8.40 14.55
N SER B 25 76.93 7.77 15.00
CA SER B 25 75.70 7.71 14.20
C SER B 25 74.82 8.92 14.49
N ARG B 26 74.13 9.40 13.45
CA ARG B 26 73.19 10.49 13.62
C ARG B 26 71.78 9.98 13.89
N VAL B 27 71.39 8.87 13.26
CA VAL B 27 70.08 8.27 13.51
C VAL B 27 70.27 6.89 14.15
N PRO B 28 70.27 6.80 15.47
CA PRO B 28 70.38 5.50 16.14
C PRO B 28 69.00 4.91 16.42
N VAL B 29 68.99 3.58 16.54
CA VAL B 29 67.75 2.83 16.70
C VAL B 29 67.96 1.78 17.79
N LEU B 30 66.96 1.58 18.64
CA LEU B 30 66.99 0.57 19.70
C LEU B 30 65.90 -0.46 19.44
N ALA B 31 66.25 -1.54 18.72
CA ALA B 31 65.31 -2.58 18.40
C ALA B 31 65.34 -3.69 19.45
N GLY B 32 64.46 -4.67 19.28
CA GLY B 32 64.36 -5.79 20.20
C GLY B 32 63.54 -5.50 21.43
N LEU B 33 64.21 -5.01 22.49
CA LEU B 33 63.55 -4.66 23.75
C LEU B 33 62.86 -5.87 24.37
N SER B 34 63.47 -7.05 24.27
CA SER B 34 62.92 -8.25 24.87
C SER B 34 63.83 -8.63 26.04
N ALA B 35 63.59 -7.99 27.19
CA ALA B 35 64.40 -8.25 28.37
C ALA B 35 63.60 -7.82 29.61
N GLU B 36 64.30 -7.78 30.74
CA GLU B 36 63.71 -7.35 32.00
C GLU B 36 63.24 -5.90 31.90
N VAL B 37 62.44 -5.49 32.89
CA VAL B 37 62.08 -4.08 32.98
C VAL B 37 63.32 -3.25 33.36
N SER B 38 64.28 -3.86 34.05
CA SER B 38 65.52 -3.14 34.34
C SER B 38 66.24 -2.78 33.05
N ALA B 39 66.25 -3.69 32.08
CA ALA B 39 66.91 -3.43 30.80
C ALA B 39 66.10 -2.46 29.94
N LEU B 40 64.78 -2.62 29.92
CA LEU B 40 63.96 -1.67 29.20
C LEU B 40 64.16 -0.28 29.78
N ARG B 41 64.19 -0.20 31.11
CA ARG B 41 64.44 1.06 31.81
C ARG B 41 65.79 1.65 31.42
N ALA B 42 66.83 0.80 31.36
CA ALA B 42 68.14 1.27 30.97
C ALA B 42 68.18 1.60 29.48
N ALA B 43 67.44 0.86 28.66
CA ALA B 43 67.42 1.15 27.24
C ALA B 43 66.73 2.47 26.95
N TYR B 44 65.64 2.76 27.67
CA TYR B 44 64.97 4.03 27.46
C TYR B 44 65.80 5.20 28.01
N ARG B 45 66.52 4.99 29.11
CA ARG B 45 67.38 6.04 29.62
C ARG B 45 68.56 6.31 28.68
N LEU B 46 69.07 5.27 28.02
CA LEU B 46 70.15 5.47 27.05
C LEU B 46 69.64 6.23 25.83
N ALA B 47 68.45 5.87 25.34
CA ALA B 47 67.88 6.56 24.19
C ALA B 47 67.61 8.03 24.48
N GLU B 48 67.30 8.35 25.73
CA GLU B 48 67.12 9.76 26.09
C GLU B 48 68.43 10.52 25.95
N THR B 49 69.53 9.91 26.39
CA THR B 49 70.83 10.57 26.29
C THR B 49 71.28 10.67 24.83
N LEU B 50 71.07 9.60 24.04
CA LEU B 50 71.58 9.60 22.67
C LEU B 50 70.75 10.50 21.77
N GLY B 51 69.44 10.51 21.98
CA GLY B 51 68.51 11.09 21.03
C GLY B 51 68.10 10.04 20.02
N ALA B 52 67.84 8.82 20.48
CA ALA B 52 67.52 7.68 19.61
C ALA B 52 66.03 7.37 19.71
N SER B 53 65.60 6.46 18.84
CA SER B 53 64.24 5.93 18.86
C SER B 53 64.25 4.48 19.31
N LEU B 54 63.09 3.99 19.70
CA LEU B 54 62.96 2.63 20.18
C LEU B 54 61.83 1.92 19.44
N ASP B 55 61.95 0.60 19.34
CA ASP B 55 60.92 -0.20 18.71
C ASP B 55 61.04 -1.67 19.14
N PRO B 56 60.09 -2.14 19.94
CA PRO B 56 60.11 -3.54 20.36
C PRO B 56 59.69 -4.48 19.25
N VAL B 57 60.18 -5.72 19.33
CA VAL B 57 59.83 -6.69 18.30
C VAL B 57 58.35 -6.95 18.29
N SER B 58 57.71 -6.91 19.45
CA SER B 58 56.27 -7.07 19.53
C SER B 58 55.51 -5.88 18.98
N GLY B 59 56.24 -4.85 18.52
CA GLY B 59 55.67 -3.65 17.93
C GLY B 59 54.38 -3.83 17.17
N PRO B 60 54.39 -4.69 16.13
CA PRO B 60 53.15 -4.90 15.38
C PRO B 60 52.02 -5.45 16.23
N SER B 61 52.31 -6.38 17.14
CA SER B 61 51.26 -6.88 18.03
C SER B 61 50.85 -5.80 19.01
N VAL B 62 51.83 -5.04 19.49
CA VAL B 62 51.58 -4.00 20.49
C VAL B 62 50.70 -2.91 19.92
N TYR B 63 51.10 -2.36 18.77
CA TYR B 63 50.38 -1.23 18.18
C TYR B 63 49.10 -1.63 17.48
N ALA B 64 48.88 -2.92 17.25
CA ALA B 64 47.56 -3.32 16.79
C ALA B 64 46.53 -3.06 17.88
N GLU B 65 46.89 -3.36 19.12
CA GLU B 65 46.00 -3.13 20.25
C GLU B 65 45.98 -1.65 20.62
N LEU B 66 47.16 -1.05 20.73
CA LEU B 66 47.24 0.36 21.12
C LEU B 66 46.50 1.23 20.13
N GLY B 67 46.59 0.89 18.83
CA GLY B 67 45.93 1.68 17.82
C GLY B 67 44.42 1.65 17.97
N ALA B 68 43.87 0.50 18.38
CA ALA B 68 42.43 0.42 18.51
C ALA B 68 41.96 1.05 19.81
N LEU B 69 42.74 0.95 20.87
CA LEU B 69 42.26 1.44 22.15
C LEU B 69 42.55 2.91 22.35
N SER B 70 43.56 3.46 21.70
CA SER B 70 43.80 4.89 21.85
C SER B 70 42.71 5.74 21.20
N ALA B 71 41.94 5.16 20.28
CA ALA B 71 40.87 5.88 19.59
C ALA B 71 39.48 5.40 19.97
N GLY B 72 39.31 4.12 20.31
CA GLY B 72 38.00 3.59 20.62
C GLY B 72 37.82 3.15 22.06
N GLY B 73 38.93 3.00 22.78
CA GLY B 73 38.85 2.50 24.14
C GLY B 73 38.76 0.99 24.18
N ALA B 74 38.42 0.47 25.36
CA ALA B 74 38.38 -0.97 25.56
C ALA B 74 37.47 -1.32 26.72
N MET B 75 37.06 -2.59 26.76
CA MET B 75 36.24 -3.17 27.82
C MET B 75 36.84 -4.54 28.12
N SER B 76 37.74 -4.62 29.11
CA SER B 76 38.55 -5.82 29.27
C SER B 76 38.31 -6.50 30.61
N THR B 77 38.78 -7.75 30.67
CA THR B 77 38.74 -8.62 31.84
C THR B 77 40.09 -9.32 31.93
N THR B 78 40.27 -10.15 32.95
CA THR B 78 41.53 -10.87 33.09
C THR B 78 41.34 -12.36 32.82
N ARG B 79 42.46 -13.05 32.67
CA ARG B 79 42.42 -14.49 32.42
C ARG B 79 41.77 -15.20 33.59
N ALA B 80 42.21 -14.87 34.81
CA ALA B 80 41.71 -15.56 35.99
C ALA B 80 40.21 -15.35 36.15
N GLU B 81 39.72 -14.15 35.88
CA GLU B 81 38.29 -13.91 36.00
C GLU B 81 37.49 -14.51 34.86
N THR B 82 38.11 -14.75 33.70
CA THR B 82 37.43 -15.47 32.62
C THR B 82 37.22 -16.93 32.98
N ILE B 83 38.28 -17.59 33.46
CA ILE B 83 38.12 -18.97 33.91
C ILE B 83 37.19 -19.03 35.11
N GLY B 84 37.16 -17.98 35.92
CA GLY B 84 36.40 -18.02 37.15
C GLY B 84 34.93 -17.65 37.01
N ARG B 85 34.62 -16.70 36.14
CA ARG B 85 33.27 -16.15 36.10
C ARG B 85 32.53 -16.40 34.80
N ALA B 86 33.24 -16.45 33.67
CA ALA B 86 32.59 -16.46 32.36
C ALA B 86 31.79 -17.73 32.11
N ASP B 87 30.53 -17.55 31.70
CA ASP B 87 29.63 -18.61 31.30
C ASP B 87 29.56 -18.84 29.80
N VAL B 88 29.82 -17.82 28.99
CA VAL B 88 29.85 -17.94 27.54
C VAL B 88 31.11 -17.24 27.02
N ILE B 89 31.93 -17.99 26.27
CA ILE B 89 33.22 -17.51 25.78
C ILE B 89 33.27 -17.66 24.26
N LEU B 90 33.60 -16.57 23.58
CA LEU B 90 33.83 -16.56 22.14
C LEU B 90 35.33 -16.49 21.85
N ILE B 91 35.84 -17.47 21.11
CA ILE B 91 37.27 -17.59 20.83
C ILE B 91 37.48 -17.24 19.36
N VAL B 92 37.98 -16.03 19.12
CA VAL B 92 38.16 -15.50 17.77
C VAL B 92 39.57 -15.84 17.31
N GLY B 93 39.67 -16.54 16.20
CA GLY B 93 40.96 -16.82 15.61
C GLY B 93 41.53 -18.16 16.02
N ASN B 94 42.78 -18.38 15.58
CA ASN B 94 43.51 -19.61 15.87
C ASN B 94 44.57 -19.47 16.94
N ARG B 95 45.01 -18.25 17.23
CA ARG B 95 46.07 -18.04 18.22
C ARG B 95 45.66 -18.37 19.66
N PRO B 96 44.47 -18.04 20.13
CA PRO B 96 44.13 -18.38 21.52
C PRO B 96 44.13 -19.86 21.80
N TRP B 97 44.06 -20.70 20.77
CA TRP B 97 44.08 -22.15 20.98
C TRP B 97 45.48 -22.68 21.30
N ASP B 98 46.53 -21.89 21.04
CA ASP B 98 47.90 -22.36 21.31
C ASP B 98 48.12 -22.62 22.79
N GLY B 99 47.76 -21.66 23.64
CA GLY B 99 48.01 -21.80 25.05
C GLY B 99 47.10 -22.83 25.71
N GLU B 100 47.44 -23.16 26.95
CA GLU B 100 46.58 -24.00 27.78
C GLU B 100 45.34 -23.27 28.28
N LEU B 101 45.26 -21.95 28.10
CA LEU B 101 44.07 -21.20 28.52
C LEU B 101 42.78 -21.84 28.05
N ILE B 102 42.76 -22.33 26.82
CA ILE B 102 41.51 -22.87 26.26
C ILE B 102 41.10 -24.18 26.93
N ALA B 103 42.06 -25.00 27.36
CA ALA B 103 41.71 -26.22 28.08
C ALA B 103 41.35 -25.93 29.54
N GLU B 104 41.93 -24.89 30.12
CA GLU B 104 41.56 -24.51 31.48
C GLU B 104 40.11 -24.05 31.54
N ILE B 105 39.66 -23.33 30.52
CA ILE B 105 38.28 -22.88 30.47
C ILE B 105 37.34 -24.07 30.31
N ALA B 106 37.67 -24.97 29.38
CA ALA B 106 36.83 -26.14 29.15
C ALA B 106 36.81 -27.10 30.36
N ALA B 107 37.94 -27.20 31.08
CA ALA B 107 38.07 -28.22 32.13
C ALA B 107 37.11 -28.01 33.29
N ALA B 108 36.94 -26.78 33.73
CA ALA B 108 36.16 -26.50 34.93
C ALA B 108 35.13 -25.41 34.66
N ALA B 109 33.93 -25.59 35.20
CA ALA B 109 32.89 -24.58 35.10
C ALA B 109 33.26 -23.37 35.97
N PRO B 110 32.58 -22.22 35.79
CA PRO B 110 32.92 -21.04 36.59
C PRO B 110 32.76 -21.32 38.08
N SER B 111 33.72 -20.85 38.86
CA SER B 111 33.68 -21.08 40.29
C SER B 111 33.27 -19.84 41.07
N ARG B 112 33.24 -18.69 40.43
CA ARG B 112 32.92 -17.45 41.13
C ARG B 112 31.91 -16.66 40.32
N GLY B 113 31.27 -15.69 40.99
CA GLY B 113 30.36 -14.77 40.34
C GLY B 113 28.94 -15.27 40.23
N ARG B 114 28.12 -14.41 39.62
CA ARG B 114 26.70 -14.68 39.45
C ARG B 114 26.47 -15.98 38.68
N ALA B 115 27.29 -16.25 37.67
CA ALA B 115 27.15 -17.41 36.82
C ALA B 115 27.91 -18.61 37.35
N ALA B 116 28.41 -18.55 38.58
CA ALA B 116 29.16 -19.66 39.12
C ALA B 116 28.28 -20.90 39.12
N GLY B 117 28.88 -22.03 38.77
CA GLY B 117 28.18 -23.30 38.80
C GLY B 117 27.34 -23.61 37.58
N ALA B 118 27.33 -22.74 36.58
CA ALA B 118 26.50 -22.99 35.42
C ALA B 118 27.28 -23.73 34.33
N GLU B 119 26.52 -24.30 33.39
CA GLU B 119 27.11 -24.95 32.23
C GLU B 119 27.79 -23.91 31.35
N ARG B 120 28.98 -24.26 30.85
CA ARG B 120 29.84 -23.32 30.14
C ARG B 120 29.71 -23.51 28.63
N ALA B 121 29.48 -22.41 27.91
CA ALA B 121 29.37 -22.39 26.45
C ALA B 121 30.62 -21.82 25.80
N LEU B 122 31.22 -22.57 24.87
CA LEU B 122 32.44 -22.17 24.18
C LEU B 122 32.12 -21.99 22.70
N LEU B 123 32.20 -20.75 22.22
CA LEU B 123 31.95 -20.44 20.83
C LEU B 123 33.24 -20.00 20.17
N SER B 124 33.42 -20.38 18.90
CA SER B 124 34.66 -20.10 18.19
C SER B 124 34.38 -19.53 16.81
N LEU B 125 35.01 -18.41 16.50
CA LEU B 125 34.97 -17.77 15.18
C LEU B 125 36.33 -17.85 14.54
N GLY B 126 36.43 -18.59 13.44
CA GLY B 126 37.70 -18.76 12.79
C GLY B 126 38.59 -19.80 13.40
N GLY B 127 38.17 -20.40 14.52
CA GLY B 127 38.90 -21.49 15.11
C GLY B 127 38.63 -22.79 14.39
N PRO B 128 39.45 -23.80 14.69
CA PRO B 128 39.26 -25.10 14.05
C PRO B 128 37.91 -25.72 14.40
N GLN B 129 37.26 -26.29 13.38
CA GLN B 129 35.90 -26.82 13.53
C GLN B 129 35.86 -28.07 14.41
N ASN B 130 36.83 -28.96 14.26
CA ASN B 130 36.83 -30.22 14.99
C ASN B 130 38.05 -30.29 15.91
N GLY B 131 37.81 -30.25 17.21
CA GLY B 131 38.87 -30.28 18.18
C GLY B 131 38.58 -31.35 19.22
N ALA B 132 39.64 -31.68 19.99
CA ALA B 132 39.46 -32.54 21.16
C ALA B 132 38.57 -31.87 22.20
N ILE B 133 38.69 -30.56 22.36
CA ILE B 133 37.85 -29.80 23.28
C ILE B 133 36.53 -29.50 22.60
N ARG B 134 35.42 -29.80 23.27
CA ARG B 134 34.11 -29.64 22.69
C ARG B 134 33.73 -28.16 22.64
N HIS B 135 33.38 -27.68 21.44
CA HIS B 135 32.99 -26.29 21.26
C HIS B 135 32.04 -26.20 20.08
N VAL B 136 31.34 -25.07 20.00
CA VAL B 136 30.45 -24.75 18.89
C VAL B 136 31.18 -23.78 17.97
N ALA B 137 31.63 -24.28 16.82
CA ALA B 137 32.47 -23.52 15.91
C ALA B 137 31.62 -22.79 14.88
N TYR B 138 31.99 -21.55 14.61
CA TYR B 138 31.34 -20.76 13.57
C TYR B 138 32.36 -20.47 12.48
N ALA B 139 31.97 -20.75 11.24
CA ALA B 139 32.89 -20.59 10.13
C ALA B 139 33.20 -19.12 9.86
N ALA B 140 34.47 -18.82 9.64
CA ALA B 140 34.85 -17.47 9.28
C ALA B 140 34.38 -17.13 7.87
N ASP B 141 34.06 -15.87 7.66
CA ASP B 141 33.63 -15.44 6.33
C ASP B 141 34.81 -15.51 5.37
N ALA B 142 34.49 -15.40 4.07
CA ALA B 142 35.55 -15.47 3.07
C ALA B 142 36.56 -14.36 3.27
N GLY B 143 36.10 -13.17 3.65
CA GLY B 143 37.02 -12.05 3.78
C GLY B 143 38.10 -12.25 4.83
N GLY B 144 37.73 -12.75 5.99
CA GLY B 144 38.69 -12.96 7.05
C GLY B 144 38.03 -12.73 8.40
N LEU B 145 38.85 -12.86 9.44
CA LEU B 145 38.31 -12.63 10.78
C LEU B 145 37.82 -11.21 10.95
N THR B 146 38.58 -10.23 10.48
CA THR B 146 38.15 -8.84 10.63
C THR B 146 36.86 -8.58 9.85
N ILE B 147 36.74 -9.14 8.65
CA ILE B 147 35.52 -8.96 7.89
C ILE B 147 34.36 -9.63 8.61
N SER B 148 34.58 -10.82 9.18
CA SER B 148 33.53 -11.53 9.88
C SER B 148 33.09 -10.78 11.12
N LEU B 149 34.02 -10.12 11.82
CA LEU B 149 33.68 -9.43 13.06
C LEU B 149 32.65 -8.33 12.82
N GLY B 150 32.82 -7.55 11.74
CA GLY B 150 31.80 -6.56 11.39
C GLY B 150 30.49 -7.20 10.98
N HIS B 151 30.57 -8.32 10.25
CA HIS B 151 29.38 -9.08 9.89
C HIS B 151 28.60 -9.47 11.14
N LEU B 152 29.30 -9.99 12.16
CA LEU B 152 28.66 -10.41 13.41
C LEU B 152 28.06 -9.21 14.12
N ARG B 153 28.77 -8.08 14.16
CA ARG B 153 28.24 -6.92 14.84
C ARG B 153 26.93 -6.46 14.21
N ALA B 154 26.76 -6.70 12.91
CA ALA B 154 25.53 -6.27 12.26
C ALA B 154 24.33 -7.02 12.84
N PHE B 155 24.50 -8.31 13.12
CA PHE B 155 23.39 -9.05 13.74
C PHE B 155 23.16 -8.60 15.18
N ALA B 156 24.23 -8.34 15.92
CA ALA B 156 24.07 -7.88 17.29
C ALA B 156 23.42 -6.52 17.32
N LYS B 157 23.64 -5.69 16.30
CA LYS B 157 22.95 -4.42 16.22
C LYS B 157 21.53 -4.55 15.73
N GLY B 158 21.12 -5.74 15.28
CA GLY B 158 19.79 -5.90 14.73
C GLY B 158 19.63 -5.31 13.35
N HIS B 159 20.74 -5.11 12.64
CA HIS B 159 20.70 -4.53 11.32
C HIS B 159 20.52 -5.56 10.21
N LEU B 160 20.81 -6.83 10.48
CA LEU B 160 20.69 -7.86 9.46
C LEU B 160 19.61 -8.88 9.81
N ALA B 161 18.99 -9.43 8.75
CA ALA B 161 17.91 -10.38 8.87
C ALA B 161 18.36 -11.63 9.62
N GLY B 162 17.39 -12.37 10.14
CA GLY B 162 17.68 -13.55 10.93
C GLY B 162 17.90 -14.79 10.09
N GLU B 163 17.90 -15.92 10.79
CA GLU B 163 18.04 -17.26 10.22
C GLU B 163 19.38 -17.52 9.56
N ALA B 164 20.39 -16.72 9.86
CA ALA B 164 21.75 -16.93 9.35
C ALA B 164 22.62 -17.52 10.46
N ALA B 165 23.84 -17.88 10.08
CA ALA B 165 24.78 -18.46 11.05
C ALA B 165 25.13 -17.46 12.16
N PHE B 166 25.59 -16.25 11.79
CA PHE B 166 25.94 -15.29 12.83
C PHE B 166 24.74 -14.77 13.60
N ALA B 167 23.53 -14.97 13.07
CA ALA B 167 22.34 -14.55 13.81
C ALA B 167 22.16 -15.36 15.07
N ASP B 168 22.41 -16.67 14.98
CA ASP B 168 22.36 -17.53 16.16
C ASP B 168 23.44 -17.13 17.15
N LEU B 169 24.65 -16.83 16.66
CA LEU B 169 25.74 -16.41 17.52
C LEU B 169 25.39 -15.12 18.26
N ALA B 170 24.82 -14.15 17.55
CA ALA B 170 24.39 -12.93 18.21
C ALA B 170 23.39 -13.23 19.33
N LYS B 171 22.42 -14.12 19.06
CA LYS B 171 21.47 -14.50 20.10
C LYS B 171 22.17 -15.19 21.27
N ARG B 172 23.17 -16.01 20.99
CA ARG B 172 23.84 -16.77 22.03
C ARG B 172 24.65 -15.86 22.93
N LEU B 173 25.24 -14.81 22.36
CA LEU B 173 26.05 -13.88 23.14
C LEU B 173 25.18 -13.05 24.07
N PHE B 174 24.11 -12.45 23.52
CA PHE B 174 23.27 -11.58 24.32
C PHE B 174 22.68 -12.32 25.51
N ALA B 175 22.48 -13.63 25.38
CA ALA B 175 21.95 -14.43 26.49
C ALA B 175 23.12 -14.88 27.36
N ALA B 176 23.63 -13.93 28.14
CA ALA B 176 24.84 -14.16 28.92
C ALA B 176 24.71 -13.57 30.31
N GLN B 177 25.63 -13.96 31.17
CA GLN B 177 25.82 -13.45 32.53
C GLN B 177 27.19 -12.84 32.69
N TYR B 178 28.23 -13.50 32.17
CA TYR B 178 29.60 -12.98 32.14
C TYR B 178 30.19 -13.45 30.82
N GLY B 179 30.21 -12.56 29.84
CA GLY B 179 30.67 -12.88 28.49
C GLY B 179 32.08 -12.36 28.25
N VAL B 180 32.89 -13.20 27.63
CA VAL B 180 34.27 -12.88 27.32
C VAL B 180 34.55 -13.25 25.87
N ILE B 181 35.11 -12.32 25.11
CA ILE B 181 35.57 -12.56 23.75
C ILE B 181 37.08 -12.55 23.79
N VAL B 182 37.69 -13.70 23.56
CA VAL B 182 39.14 -13.82 23.55
C VAL B 182 39.64 -13.68 22.12
N TYR B 183 40.65 -12.84 21.93
CA TYR B 183 41.25 -12.67 20.62
C TYR B 183 42.69 -12.20 20.73
N ASP B 184 43.45 -12.44 19.67
CA ASP B 184 44.81 -11.94 19.58
C ASP B 184 44.87 -10.75 18.65
N PRO B 185 45.21 -9.55 19.16
CA PRO B 185 45.16 -8.36 18.31
C PRO B 185 46.10 -8.41 17.12
N GLU B 186 47.15 -9.22 17.19
CA GLU B 186 48.04 -9.37 16.05
C GLU B 186 47.30 -9.93 14.84
N GLU B 187 46.65 -11.09 15.02
CA GLU B 187 45.98 -11.78 13.93
C GLU B 187 44.64 -11.15 13.55
N VAL B 188 44.02 -10.37 14.44
CA VAL B 188 42.73 -9.76 14.14
C VAL B 188 42.91 -8.40 13.46
N GLY B 189 43.88 -7.62 13.90
CA GLY B 189 44.22 -6.36 13.26
C GLY B 189 43.57 -5.17 13.94
N GLU B 190 44.11 -3.98 13.64
CA GLU B 190 43.64 -2.76 14.31
C GLU B 190 42.16 -2.53 14.02
N LEU B 191 41.76 -2.67 12.76
CA LEU B 191 40.36 -2.49 12.43
C LEU B 191 39.51 -3.58 13.07
N GLY B 192 39.95 -4.83 12.99
CA GLY B 192 39.19 -5.91 13.59
C GLY B 192 39.03 -5.75 15.09
N ALA B 193 40.07 -5.25 15.76
CA ALA B 193 39.97 -5.05 17.20
C ALA B 193 39.00 -3.93 17.53
N GLU B 194 39.07 -2.81 16.79
CA GLU B 194 38.16 -1.70 17.06
C GLU B 194 36.72 -2.09 16.79
N MET B 195 36.48 -2.92 15.77
CA MET B 195 35.14 -3.44 15.56
C MET B 195 34.74 -4.37 16.70
N LEU B 196 35.64 -5.30 17.05
CA LEU B 196 35.42 -6.24 18.13
C LEU B 196 35.13 -5.54 19.45
N GLN B 197 35.90 -4.49 19.75
CA GLN B 197 35.66 -3.73 20.96
C GLN B 197 34.36 -2.96 20.90
N GLY B 198 33.92 -2.59 19.70
CA GLY B 198 32.62 -1.97 19.56
C GLY B 198 31.48 -2.96 19.76
N LEU B 199 31.64 -4.18 19.25
CA LEU B 199 30.65 -5.23 19.50
C LEU B 199 30.45 -5.47 20.98
N ILE B 200 31.53 -5.39 21.77
CA ILE B 200 31.39 -5.57 23.21
C ILE B 200 30.62 -4.41 23.84
N ARG B 201 30.86 -3.20 23.37
CA ARG B 201 30.06 -2.08 23.84
C ARG B 201 28.57 -2.27 23.53
N ASP B 202 28.25 -2.84 22.36
CA ASP B 202 26.85 -3.10 22.04
C ASP B 202 26.28 -4.19 22.93
N LEU B 203 27.10 -5.19 23.27
CA LEU B 203 26.63 -6.27 24.11
C LEU B 203 26.39 -5.82 25.55
N ASN B 204 27.18 -4.85 26.04
CA ASN B 204 26.98 -4.41 27.41
C ASN B 204 25.73 -3.57 27.60
N GLU B 205 24.94 -3.32 26.55
CA GLU B 205 23.64 -2.69 26.74
C GLU B 205 22.64 -3.63 27.42
N SER B 206 22.93 -4.93 27.44
CA SER B 206 22.04 -5.94 28.01
C SER B 206 22.69 -6.73 29.15
N THR B 207 23.89 -7.25 28.93
CA THR B 207 24.58 -8.07 29.92
C THR B 207 26.04 -7.65 29.92
N ARG B 208 26.79 -8.11 30.93
CA ARG B 208 28.19 -7.73 31.08
C ARG B 208 29.07 -8.55 30.13
N PHE B 209 29.77 -7.85 29.24
CA PHE B 209 30.71 -8.46 28.31
C PHE B 209 32.07 -7.77 28.38
N PHE B 210 33.12 -8.56 28.15
CA PHE B 210 34.49 -8.09 28.24
C PHE B 210 35.32 -8.77 27.16
N ALA B 211 36.54 -8.27 26.99
CA ALA B 211 37.50 -8.84 26.06
C ALA B 211 38.74 -9.30 26.81
N LEU B 212 39.27 -10.44 26.41
CA LEU B 212 40.55 -10.96 26.90
C LEU B 212 41.56 -10.79 25.76
N THR B 213 42.17 -9.60 25.69
CA THR B 213 43.18 -9.34 24.69
C THR B 213 44.45 -10.13 25.00
N LEU B 214 44.84 -11.00 24.08
CA LEU B 214 46.02 -11.83 24.29
C LEU B 214 47.30 -10.98 24.29
N ALA B 215 48.28 -11.42 25.07
CA ALA B 215 49.57 -10.75 25.18
C ALA B 215 50.59 -11.36 24.23
N ASP B 216 51.54 -10.51 23.78
CA ASP B 216 52.65 -10.96 22.95
C ASP B 216 53.69 -11.71 23.77
N PRO B 217 54.44 -12.60 23.18
CA PRO B 217 55.42 -13.37 23.95
C PRO B 217 56.83 -12.79 23.96
N PHE B 218 56.99 -11.50 23.68
CA PHE B 218 58.33 -10.92 23.64
C PHE B 218 58.40 -9.68 24.49
N GLN B 219 57.78 -9.72 25.66
CA GLN B 219 57.86 -8.67 26.68
C GLN B 219 57.32 -7.33 26.20
N GLY B 220 56.69 -7.29 25.03
CA GLY B 220 56.20 -6.03 24.49
C GLY B 220 55.18 -5.36 25.38
N ARG B 221 54.38 -6.15 26.10
CA ARG B 221 53.37 -5.55 26.96
C ARG B 221 54.00 -4.85 28.15
N ALA B 222 55.15 -5.35 28.62
CA ALA B 222 55.87 -4.67 29.67
C ALA B 222 56.50 -3.38 29.15
N ALA B 223 56.94 -3.40 27.89
CA ALA B 223 57.50 -2.19 27.29
C ALA B 223 56.48 -1.08 27.23
N VAL B 224 55.21 -1.42 26.96
CA VAL B 224 54.17 -0.40 26.98
C VAL B 224 54.02 0.17 28.38
N GLN B 225 53.93 -0.72 29.37
CA GLN B 225 53.76 -0.30 30.76
C GLN B 225 54.92 0.60 31.20
N LEU B 226 56.16 0.17 30.96
CA LEU B 226 57.34 0.94 31.40
C LEU B 226 57.48 2.27 30.66
N SER B 227 57.43 2.22 29.33
CA SER B 227 57.53 3.45 28.54
C SER B 227 56.45 4.44 28.94
N ALA B 228 55.26 3.93 29.26
CA ALA B 228 54.15 4.82 29.56
C ALA B 228 54.45 5.68 30.78
N TRP B 229 55.05 5.10 31.82
CA TRP B 229 55.35 5.88 33.01
C TRP B 229 56.71 6.55 32.94
N THR B 230 57.58 6.14 32.02
CA THR B 230 58.89 6.74 31.87
C THR B 230 58.89 7.93 30.93
N THR B 231 58.24 7.80 29.77
CA THR B 231 58.19 8.85 28.77
C THR B 231 56.87 9.61 28.74
N GLY B 232 55.80 9.08 29.31
CA GLY B 232 54.49 9.67 29.16
C GLY B 232 53.74 9.23 27.92
N GLN B 233 54.35 8.39 27.08
CA GLN B 233 53.76 7.90 25.84
C GLN B 233 54.10 6.43 25.65
N ALA B 234 53.41 5.82 24.67
CA ALA B 234 53.61 4.43 24.26
C ALA B 234 55.05 4.25 23.77
N PRO B 235 55.50 3.02 23.40
CA PRO B 235 56.86 2.92 22.85
C PRO B 235 56.94 3.62 21.50
N ARG B 236 57.87 3.22 20.64
CA ARG B 236 58.05 3.88 19.34
C ARG B 236 58.08 5.39 19.55
N VAL B 237 59.01 5.78 20.39
CA VAL B 237 59.22 7.15 20.82
C VAL B 237 60.66 7.54 20.45
N GLY B 238 60.84 8.81 20.09
CA GLY B 238 62.14 9.33 19.69
C GLY B 238 62.53 10.54 20.51
N PHE B 239 63.83 10.64 20.83
CA PHE B 239 64.34 11.71 21.68
C PHE B 239 65.27 12.65 20.93
N GLY B 240 65.15 12.73 19.62
CA GLY B 240 66.02 13.59 18.86
C GLY B 240 65.95 15.06 19.25
N ARG B 241 64.76 15.52 19.65
CA ARG B 241 64.58 16.93 20.03
C ARG B 241 64.45 17.13 21.54
N HIS B 242 65.11 16.27 22.34
CA HIS B 242 65.11 16.31 23.80
C HIS B 242 63.74 16.07 24.45
N GLN B 243 62.67 16.12 23.68
CA GLN B 243 61.37 15.76 24.22
C GLN B 243 60.94 14.45 23.58
N PRO B 244 60.15 13.64 24.26
CA PRO B 244 59.76 12.35 23.69
C PRO B 244 58.69 12.53 22.62
N GLU B 245 59.06 12.24 21.38
CA GLU B 245 58.14 12.30 20.25
C GLU B 245 57.60 10.90 19.99
N HIS B 246 56.29 10.74 20.02
CA HIS B 246 55.65 9.48 19.65
C HIS B 246 55.21 9.52 18.18
N ASP B 247 55.65 8.51 17.42
CA ASP B 247 55.29 8.39 16.00
C ASP B 247 55.31 6.91 15.63
N SER B 248 54.14 6.29 15.59
CA SER B 248 54.05 4.87 15.33
C SER B 248 54.61 4.51 13.96
N TRP B 249 54.51 5.43 13.00
CA TRP B 249 55.00 5.21 11.64
C TRP B 249 56.47 5.56 11.50
N ARG B 250 56.88 6.72 12.02
CA ARG B 250 58.25 7.18 11.79
C ARG B 250 59.26 6.34 12.57
N PHE B 251 58.94 6.01 13.83
CA PHE B 251 59.87 5.28 14.67
C PHE B 251 59.63 3.77 14.65
N ASP B 252 59.15 3.25 13.53
CA ASP B 252 59.05 1.82 13.29
C ASP B 252 60.38 1.35 12.74
N SER B 253 61.14 0.60 13.56
CA SER B 253 62.49 0.20 13.18
C SER B 253 62.48 -0.55 11.85
N ALA B 254 61.47 -1.37 11.61
CA ALA B 254 61.39 -2.09 10.33
C ALA B 254 61.29 -1.11 9.17
N ARG B 255 60.46 -0.07 9.33
CA ARG B 255 60.31 0.94 8.28
C ARG B 255 61.60 1.73 8.12
N GLN B 256 62.20 2.16 9.23
CA GLN B 256 63.41 2.98 9.19
C GLN B 256 64.56 2.26 8.51
N ILE B 257 64.78 0.99 8.87
CA ILE B 257 65.93 0.28 8.35
C ILE B 257 65.76 -0.05 6.87
N ALA B 258 64.55 -0.43 6.46
CA ALA B 258 64.30 -0.72 5.05
C ALA B 258 64.51 0.50 4.18
N ALA B 259 64.07 1.68 4.66
CA ALA B 259 64.29 2.92 3.92
C ALA B 259 65.76 3.33 3.90
N GLY B 260 66.53 3.01 4.92
CA GLY B 260 67.89 3.47 4.99
C GLY B 260 68.09 4.73 5.78
N GLU B 261 67.18 5.06 6.71
CA GLU B 261 67.30 6.29 7.50
C GLU B 261 68.30 6.11 8.65
N ALA B 262 68.27 4.98 9.34
CA ALA B 262 69.09 4.74 10.53
C ALA B 262 70.52 4.35 10.18
N ASP B 263 71.49 4.91 10.94
CA ASP B 263 72.90 4.56 10.74
C ASP B 263 73.28 3.30 11.51
N ALA B 264 73.03 3.31 12.82
CA ALA B 264 73.37 2.21 13.71
C ALA B 264 72.14 1.79 14.50
N ALA B 265 72.22 0.60 15.08
CA ALA B 265 71.09 0.06 15.80
C ALA B 265 71.56 -0.83 16.94
N LEU B 266 70.78 -0.87 18.01
CA LEU B 266 71.04 -1.72 19.16
C LEU B 266 69.98 -2.80 19.26
N TRP B 267 70.41 -4.05 19.42
CA TRP B 267 69.52 -5.19 19.52
C TRP B 267 69.50 -5.69 20.97
N LEU B 268 68.33 -5.65 21.61
CA LEU B 268 68.15 -6.05 23.00
C LEU B 268 67.42 -7.38 23.05
N ALA B 269 68.12 -8.44 23.43
CA ALA B 269 67.47 -9.73 23.44
C ALA B 269 68.08 -10.59 24.55
N SER B 270 67.75 -10.23 25.80
CA SER B 270 68.09 -11.08 26.94
C SER B 270 67.31 -12.38 26.89
N LEU B 271 66.09 -12.31 26.42
CA LEU B 271 65.23 -13.44 26.22
C LEU B 271 65.09 -13.72 24.73
N PRO B 272 64.85 -14.97 24.33
CA PRO B 272 64.77 -15.31 22.91
C PRO B 272 63.76 -14.46 22.16
N ALA B 273 64.19 -13.90 21.03
CA ALA B 273 63.37 -13.12 20.14
C ALA B 273 63.78 -13.44 18.72
N PRO B 274 62.88 -13.29 17.75
CA PRO B 274 63.23 -13.59 16.36
C PRO B 274 64.31 -12.63 15.84
N ARG B 275 65.33 -13.21 15.21
CA ARG B 275 66.42 -12.42 14.66
C ARG B 275 65.89 -11.49 13.56
N PRO B 276 66.29 -10.21 13.56
CA PRO B 276 65.70 -9.27 12.59
C PRO B 276 66.28 -9.36 11.19
N ALA B 277 67.35 -10.13 10.99
CA ALA B 277 67.96 -10.39 9.68
C ALA B 277 68.65 -9.17 9.06
N TRP B 278 68.50 -7.99 9.65
CA TRP B 278 69.22 -6.83 9.17
C TRP B 278 70.45 -6.51 10.01
N LEU B 279 70.81 -7.38 10.94
CA LEU B 279 71.95 -7.07 11.82
C LEU B 279 73.24 -6.87 11.03
N GLY B 280 73.41 -7.62 9.93
CA GLY B 280 74.63 -7.49 9.17
C GLY B 280 74.70 -6.26 8.29
N SER B 281 73.54 -5.70 7.91
CA SER B 281 73.53 -4.62 6.93
C SER B 281 74.10 -3.33 7.52
N LEU B 282 73.73 -2.99 8.75
CA LEU B 282 74.22 -1.76 9.38
C LEU B 282 74.96 -2.08 10.68
N PRO B 283 75.86 -1.21 11.12
CA PRO B 283 76.60 -1.46 12.36
C PRO B 283 75.67 -1.58 13.55
N THR B 284 75.70 -2.75 14.18
CA THR B 284 74.76 -3.06 15.24
C THR B 284 75.48 -3.51 16.49
N ILE B 285 74.82 -3.25 17.63
CA ILE B 285 75.28 -3.72 18.94
C ILE B 285 74.26 -4.73 19.42
N ALA B 286 74.70 -5.96 19.65
CA ALA B 286 73.81 -7.05 20.02
C ALA B 286 74.06 -7.41 21.49
N ILE B 287 73.10 -7.09 22.34
CA ILE B 287 73.11 -7.53 23.73
C ILE B 287 72.14 -8.71 23.81
N VAL B 288 72.71 -9.90 23.88
CA VAL B 288 71.93 -11.13 23.79
C VAL B 288 72.34 -12.07 24.93
N GLY B 289 71.47 -13.04 25.22
CA GLY B 289 71.71 -13.97 26.30
C GLY B 289 72.77 -15.00 26.00
N GLU B 290 73.33 -15.56 27.08
CA GLU B 290 74.44 -16.51 26.96
C GLU B 290 74.03 -17.81 26.27
N GLY B 291 72.82 -18.30 26.56
CA GLY B 291 72.39 -19.54 25.95
C GLY B 291 72.03 -19.41 24.48
N SER B 292 71.62 -18.21 24.07
CA SER B 292 71.05 -18.00 22.74
C SER B 292 72.04 -18.34 21.64
N GLN B 293 71.49 -18.58 20.44
CA GLN B 293 72.29 -18.86 19.27
C GLN B 293 72.95 -17.60 18.74
N GLU B 294 72.41 -16.43 19.08
CA GLU B 294 72.98 -15.15 18.66
C GLU B 294 74.28 -14.80 19.41
N ALA B 295 74.82 -15.74 20.21
CA ALA B 295 76.01 -15.50 21.01
C ALA B 295 77.27 -15.28 20.17
N ALA B 296 77.37 -15.91 19.00
CA ALA B 296 78.60 -15.82 18.21
C ALA B 296 78.86 -14.38 17.75
N GLY B 297 80.14 -14.06 17.59
CA GLY B 297 80.54 -12.73 17.18
C GLY B 297 80.24 -12.39 15.74
N GLU B 298 79.71 -13.33 14.96
CA GLU B 298 79.38 -13.06 13.57
C GLU B 298 78.07 -12.29 13.42
N THR B 299 77.18 -12.40 14.41
CA THR B 299 75.84 -11.81 14.26
C THR B 299 75.90 -10.29 14.15
N ALA B 300 76.69 -9.63 14.98
CA ALA B 300 76.72 -8.17 14.96
C ALA B 300 78.16 -7.67 15.13
N GLU B 301 78.34 -6.37 14.86
CA GLU B 301 79.67 -5.77 15.02
C GLU B 301 80.12 -5.86 16.47
N VAL B 302 79.25 -5.50 17.40
CA VAL B 302 79.50 -5.62 18.83
C VAL B 302 78.47 -6.58 19.41
N VAL B 303 78.96 -7.64 20.06
CA VAL B 303 78.11 -8.66 20.67
C VAL B 303 78.52 -8.79 22.13
N ILE B 304 77.58 -8.62 23.05
CA ILE B 304 77.82 -8.75 24.47
C ILE B 304 76.81 -9.73 25.03
N THR B 305 77.30 -10.81 25.64
CA THR B 305 76.45 -11.83 26.25
C THR B 305 76.08 -11.40 27.66
N VAL B 306 74.78 -11.43 27.95
CA VAL B 306 74.29 -11.06 29.27
C VAL B 306 73.55 -12.24 29.89
N GLY B 307 73.00 -12.02 31.08
CA GLY B 307 72.27 -13.07 31.78
C GLY B 307 70.82 -13.15 31.36
N VAL B 308 70.38 -14.36 31.05
CA VAL B 308 69.00 -14.64 30.67
C VAL B 308 68.11 -14.52 31.91
N PRO B 309 67.15 -13.61 31.92
CA PRO B 309 66.32 -13.43 33.12
C PRO B 309 65.32 -14.55 33.29
N GLY B 310 65.17 -15.00 34.54
CA GLY B 310 64.37 -16.15 34.86
C GLY B 310 65.10 -17.46 34.73
N GLN B 311 66.30 -17.46 34.13
CA GLN B 311 67.09 -18.68 33.99
C GLN B 311 68.43 -18.53 34.69
N SER B 312 69.31 -17.64 34.23
CA SER B 312 70.63 -17.48 34.83
C SER B 312 70.72 -16.27 35.75
N VAL B 313 69.82 -15.30 35.61
CA VAL B 313 69.80 -14.13 36.48
C VAL B 313 68.35 -13.77 36.75
N GLY B 314 68.14 -13.01 37.82
CA GLY B 314 66.80 -12.59 38.19
C GLY B 314 66.34 -11.40 37.37
N GLY B 315 65.01 -11.24 37.27
CA GLY B 315 64.45 -10.15 36.50
C GLY B 315 62.94 -10.01 36.57
N ALA B 316 62.44 -8.78 36.38
CA ALA B 316 61.00 -8.54 36.33
C ALA B 316 60.53 -8.72 34.89
N LEU B 317 59.72 -9.76 34.66
CA LEU B 317 59.24 -10.15 33.34
C LEU B 317 57.73 -10.07 33.29
N TRP B 318 57.19 -10.13 32.08
CA TRP B 318 55.75 -10.17 31.90
C TRP B 318 55.25 -11.57 32.22
N ASN B 319 54.31 -11.67 33.16
CA ASN B 319 53.71 -12.94 33.55
C ASN B 319 52.47 -13.18 32.69
N ASP B 320 52.52 -14.20 31.84
CA ASP B 320 51.40 -14.44 30.94
C ASP B 320 50.17 -14.85 31.72
N ARG B 321 50.36 -15.75 32.69
CA ARG B 321 49.24 -16.27 33.53
C ARG B 321 48.62 -15.16 34.37
N ARG B 322 49.45 -14.36 35.05
CA ARG B 322 48.96 -13.30 35.91
C ARG B 322 48.50 -12.08 35.11
N GLY B 323 49.16 -11.80 33.99
CA GLY B 323 48.85 -10.65 33.16
C GLY B 323 49.45 -9.34 33.65
N VAL B 324 50.52 -9.39 34.44
CA VAL B 324 51.15 -8.21 35.02
C VAL B 324 52.65 -8.46 35.06
N ILE B 325 53.39 -7.43 35.44
CA ILE B 325 54.83 -7.60 35.62
C ILE B 325 55.08 -8.26 36.98
N ALA B 326 55.90 -9.32 36.99
CA ALA B 326 56.23 -10.01 38.22
C ALA B 326 57.70 -10.36 38.18
N TYR B 327 58.33 -10.44 39.36
CA TYR B 327 59.75 -10.73 39.45
C TYR B 327 59.98 -12.23 39.48
N ALA B 328 60.73 -12.74 38.51
CA ALA B 328 61.04 -14.16 38.40
C ALA B 328 62.48 -14.42 38.80
N GLU B 329 62.67 -15.21 39.86
CA GLU B 329 64.01 -15.52 40.32
C GLU B 329 64.71 -16.51 39.39
N ALA B 330 66.03 -16.46 39.40
CA ALA B 330 66.85 -17.29 38.52
C ALA B 330 66.93 -18.75 38.98
N SER B 331 66.80 -19.67 38.02
CA SER B 331 66.88 -21.11 38.25
C SER B 331 68.32 -21.63 38.06
N ASP B 332 68.86 -22.25 39.10
CA ASP B 332 70.23 -22.74 39.10
C ASP B 332 71.25 -21.72 38.59
N PRO B 333 71.37 -20.55 39.23
CA PRO B 333 72.24 -19.49 38.68
C PRO B 333 73.56 -19.30 39.43
N ALA B 334 74.67 -19.35 38.71
CA ALA B 334 75.99 -19.09 39.28
C ALA B 334 76.27 -20.00 40.49
N GLU B 339 81.07 -13.31 38.25
CA GLU B 339 79.73 -12.76 38.29
C GLU B 339 79.27 -12.35 36.89
N THR B 340 78.10 -12.87 36.49
CA THR B 340 77.58 -12.60 35.16
C THR B 340 77.04 -11.19 35.05
N GLU B 341 77.04 -10.67 33.82
CA GLU B 341 76.59 -9.33 33.49
C GLU B 341 75.10 -9.35 33.12
N THR B 342 74.40 -8.25 33.45
CA THR B 342 73.00 -8.11 33.07
C THR B 342 72.85 -7.05 31.98
N ALA B 343 71.77 -7.19 31.21
CA ALA B 343 71.51 -6.24 30.12
C ALA B 343 71.30 -4.83 30.65
N ALA B 344 70.68 -4.69 31.81
CA ALA B 344 70.54 -3.37 32.41
C ALA B 344 71.89 -2.81 32.81
N GLY B 345 72.81 -3.68 33.26
CA GLY B 345 74.13 -3.22 33.66
C GLY B 345 75.00 -2.79 32.50
N VAL B 346 74.81 -3.41 31.32
CA VAL B 346 75.57 -2.99 30.15
C VAL B 346 75.05 -1.66 29.62
N LEU B 347 73.74 -1.56 29.44
CA LEU B 347 73.15 -0.34 28.90
C LEU B 347 73.43 0.87 29.78
N THR B 348 73.50 0.67 31.10
CA THR B 348 73.89 1.79 31.95
C THR B 348 75.34 2.16 31.74
N ARG B 349 76.21 1.16 31.55
CA ARG B 349 77.64 1.45 31.37
C ARG B 349 77.90 2.15 30.04
N ILE B 350 77.18 1.77 28.97
CA ILE B 350 77.33 2.47 27.71
C ILE B 350 76.80 3.89 27.82
N ARG B 351 75.71 4.08 28.56
CA ARG B 351 75.19 5.42 28.78
C ARG B 351 76.18 6.28 29.55
N ASP B 352 76.84 5.72 30.55
CA ASP B 352 77.83 6.47 31.30
C ASP B 352 79.03 6.81 30.42
N ARG B 353 79.43 5.89 29.54
CA ARG B 353 80.55 6.17 28.66
C ARG B 353 80.19 7.23 27.63
N LEU B 354 78.94 7.25 27.17
CA LEU B 354 78.53 8.29 26.23
C LEU B 354 78.44 9.64 26.91
N ILE B 355 78.01 9.66 28.18
CA ILE B 355 77.97 10.90 28.93
C ILE B 355 79.38 11.40 29.17
N GLU B 356 80.32 10.49 29.40
CA GLU B 356 81.71 10.87 29.62
C GLU B 356 82.32 11.48 28.36
N LYS B 357 81.94 10.98 27.18
CA LYS B 357 82.47 11.53 25.92
C LYS B 357 81.95 12.94 25.67
N GLY B 358 80.77 13.28 26.17
CA GLY B 358 80.23 14.61 25.94
C GLY B 358 80.91 15.70 26.73
N VAL B 359 81.48 15.38 27.90
CA VAL B 359 82.10 16.39 28.74
C VAL B 359 83.43 16.86 28.15
N SER B 360 84.29 15.92 27.78
CA SER B 360 85.60 16.27 27.21
C SER B 360 85.78 15.61 25.85
N SER C 1 58.65 33.97 -2.23
CA SER C 1 59.62 33.27 -1.39
C SER C 1 59.87 31.87 -1.93
N THR C 2 61.12 31.58 -2.26
CA THR C 2 61.51 30.30 -2.85
C THR C 2 62.62 29.66 -2.03
N LEU C 3 62.48 28.36 -1.77
CA LEU C 3 63.47 27.54 -1.07
C LEU C 3 64.04 26.52 -2.05
N ARG C 4 65.26 26.74 -2.50
CA ARG C 4 65.89 25.85 -3.49
C ARG C 4 66.61 24.73 -2.73
N LEU C 5 66.10 23.51 -2.85
CA LEU C 5 66.68 22.37 -2.15
C LEU C 5 68.09 22.10 -2.64
N ARG C 6 69.08 22.22 -1.74
CA ARG C 6 70.48 22.04 -2.14
C ARG C 6 70.78 20.61 -2.58
N GLY C 7 70.29 19.62 -1.86
CA GLY C 7 70.63 18.27 -2.22
C GLY C 7 69.79 17.25 -1.48
N ASP C 8 70.30 16.02 -1.44
CA ASP C 8 69.59 14.91 -0.80
C ASP C 8 69.56 15.08 0.71
N LEU C 9 68.46 14.69 1.32
CA LEU C 9 68.31 14.87 2.76
C LEU C 9 68.93 13.68 3.50
N PRO C 10 69.80 13.92 4.48
CA PRO C 10 70.41 12.80 5.21
C PRO C 10 69.52 12.20 6.28
N GLU C 11 68.49 12.93 6.71
CA GLU C 11 67.58 12.48 7.75
C GLU C 11 66.20 13.06 7.46
N ARG C 12 65.22 12.58 8.20
CA ARG C 12 63.86 13.08 8.04
C ARG C 12 63.80 14.53 8.56
N VAL C 13 62.91 15.31 7.98
CA VAL C 13 62.85 16.76 8.22
C VAL C 13 61.42 17.17 8.55
N ASP C 14 61.27 18.04 9.56
CA ASP C 14 59.97 18.54 10.01
C ASP C 14 59.80 19.99 9.61
N LEU C 15 58.97 20.24 8.59
CA LEU C 15 58.78 21.56 8.01
C LEU C 15 57.58 22.30 8.60
N LEU C 16 57.23 22.02 9.85
CA LEU C 16 56.11 22.71 10.50
C LEU C 16 56.49 24.16 10.79
N ASN C 17 55.49 25.04 10.70
CA ASN C 17 55.67 26.47 10.96
C ASN C 17 56.67 27.13 10.02
N ILE C 18 56.92 26.51 8.87
CA ILE C 18 57.70 27.08 7.78
C ILE C 18 56.72 27.54 6.73
N THR C 19 55.78 28.29 7.12
CA THR C 19 54.69 28.89 6.38
C THR C 19 55.06 30.31 5.96
N PRO C 20 54.57 30.76 4.80
CA PRO C 20 54.92 32.11 4.33
C PRO C 20 54.55 33.22 5.31
N LEU C 21 53.53 33.01 6.14
CA LEU C 21 53.22 33.99 7.19
C LEU C 21 54.36 34.06 8.21
N ALA C 22 54.82 32.91 8.69
CA ALA C 22 55.90 32.89 9.66
C ALA C 22 57.21 33.35 9.03
N LEU C 23 57.47 32.94 7.79
CA LEU C 23 58.70 33.34 7.11
C LEU C 23 58.77 34.84 6.87
N SER C 24 57.64 35.51 6.63
CA SER C 24 57.70 36.93 6.35
C SER C 24 58.28 37.71 7.51
N GLY C 25 57.84 37.39 8.73
CA GLY C 25 58.33 38.12 9.88
C GLY C 25 59.82 37.97 10.04
N LEU C 26 60.33 36.75 9.86
CA LEU C 26 61.74 36.49 10.03
C LEU C 26 62.58 37.18 8.96
N SER C 27 63.80 37.52 9.33
CA SER C 27 64.80 38.04 8.42
C SER C 27 65.39 36.90 7.59
N GLU C 28 65.92 37.25 6.42
CA GLU C 28 66.49 36.23 5.55
C GLU C 28 67.68 35.56 6.23
N THR C 29 68.50 36.34 6.93
CA THR C 29 69.60 35.76 7.70
C THR C 29 69.10 34.97 8.90
N GLU C 30 68.09 35.51 9.60
CA GLU C 30 67.55 34.84 10.78
C GLU C 30 66.80 33.58 10.42
N ALA C 31 66.08 33.59 9.28
CA ALA C 31 65.28 32.44 8.88
C ALA C 31 66.15 31.24 8.53
N GLY C 32 67.37 31.48 8.04
CA GLY C 32 68.26 30.39 7.70
C GLY C 32 68.65 29.52 8.88
N LYS C 33 68.72 30.11 10.07
CA LYS C 33 69.13 29.39 11.27
C LYS C 33 68.02 28.53 11.88
N LEU C 34 66.80 28.56 11.35
CA LEU C 34 65.71 27.76 11.91
C LEU C 34 65.96 26.28 11.70
N ALA C 35 66.00 25.53 12.80
CA ALA C 35 66.23 24.10 12.71
C ALA C 35 64.94 23.36 12.35
N ILE C 36 65.06 22.45 11.39
CA ILE C 36 63.99 21.57 10.96
C ILE C 36 64.35 20.11 11.04
N GLY C 37 65.55 19.78 11.54
CA GLY C 37 65.99 18.40 11.61
C GLY C 37 65.32 17.61 12.71
N THR C 38 65.14 16.30 12.45
CA THR C 38 64.62 15.40 13.46
C THR C 38 65.69 15.05 14.47
N SER C 39 66.87 14.69 13.99
CA SER C 39 67.91 14.12 14.82
C SER C 39 68.52 15.15 15.76
N ARG C 40 69.35 14.65 16.67
CA ARG C 40 70.08 15.53 17.58
C ARG C 40 71.06 16.41 16.82
N ARG C 41 71.75 15.84 15.82
CA ARG C 41 72.62 16.68 15.00
C ARG C 41 71.82 17.77 14.29
N GLY C 42 70.58 17.48 13.92
CA GLY C 42 69.69 18.49 13.37
C GLY C 42 70.13 19.01 12.02
N LEU C 43 69.29 19.88 11.49
CA LEU C 43 69.52 20.54 10.20
C LEU C 43 68.77 21.86 10.23
N THR C 44 69.40 22.92 9.77
CA THR C 44 68.73 24.21 9.68
C THR C 44 68.21 24.41 8.26
N LEU C 45 67.26 25.35 8.14
CA LEU C 45 66.69 25.67 6.84
C LEU C 45 67.78 26.06 5.85
N GLY C 46 68.84 26.72 6.32
CA GLY C 46 69.93 27.07 5.44
C GLY C 46 70.74 25.87 4.98
N ASP C 47 70.86 24.84 5.83
CA ASP C 47 71.59 23.65 5.44
C ASP C 47 70.85 22.88 4.35
N VAL C 48 69.53 22.96 4.35
CA VAL C 48 68.75 22.19 3.40
C VAL C 48 68.47 23.02 2.14
N PHE C 49 68.01 24.25 2.30
CA PHE C 49 67.58 25.04 1.16
C PHE C 49 68.40 26.31 0.99
N GLU C 50 68.37 26.80 -0.25
CA GLU C 50 68.86 28.12 -0.65
C GLU C 50 67.68 29.08 -0.51
N ILE C 51 67.68 29.87 0.55
CA ILE C 51 66.52 30.67 0.92
C ILE C 51 66.51 32.01 0.21
N ARG C 52 65.46 32.25 -0.58
CA ARG C 52 65.15 33.56 -1.13
C ARG C 52 63.81 34.00 -0.59
N LEU C 53 63.80 35.13 0.10
CA LEU C 53 62.63 35.58 0.86
C LEU C 53 62.14 36.93 0.37
N ASP C 54 60.83 37.12 0.42
CA ASP C 54 60.20 38.40 0.16
C ASP C 54 58.89 38.45 0.93
N GLY C 55 58.45 39.66 1.26
CA GLY C 55 57.26 39.80 2.08
C GLY C 55 55.98 39.43 1.37
N SER C 56 55.78 38.13 1.14
CA SER C 56 54.63 37.67 0.38
C SER C 56 54.02 36.45 1.06
N ASP C 57 52.74 36.22 0.75
CA ASP C 57 52.02 35.06 1.26
C ASP C 57 52.18 33.83 0.37
N SER C 58 53.08 33.88 -0.61
CA SER C 58 53.30 32.78 -1.52
C SER C 58 54.67 32.16 -1.27
N LEU C 59 54.72 30.84 -1.17
CA LEU C 59 55.95 30.10 -0.94
C LEU C 59 56.09 29.00 -1.98
N VAL C 60 57.30 28.84 -2.51
CA VAL C 60 57.55 27.81 -3.51
C VAL C 60 58.82 27.06 -3.11
N ILE C 61 58.69 25.77 -2.83
CA ILE C 61 59.83 24.91 -2.55
C ILE C 61 60.23 24.22 -3.85
N GLU C 62 61.38 24.59 -4.39
CA GLU C 62 61.91 23.99 -5.60
C GLU C 62 62.71 22.74 -5.24
N GLY C 63 62.15 21.57 -5.54
CA GLY C 63 62.80 20.32 -5.21
C GLY C 63 62.23 19.71 -3.94
N GLY C 64 61.97 18.41 -3.96
CA GLY C 64 61.31 17.78 -2.83
C GLY C 64 61.78 16.36 -2.64
N SER C 65 61.74 15.91 -1.38
CA SER C 65 62.13 14.56 -1.00
C SER C 65 60.99 13.92 -0.22
N ALA C 66 60.99 12.58 -0.21
CA ALA C 66 60.00 11.84 0.58
C ALA C 66 60.26 11.92 2.06
N ARG C 67 61.25 12.74 2.40
CA ARG C 67 61.65 13.00 3.78
C ARG C 67 61.24 14.39 4.23
N LEU C 68 60.22 14.98 3.62
CA LEU C 68 59.70 16.30 4.01
C LEU C 68 58.36 16.09 4.73
N ASP C 69 58.46 15.82 6.03
CA ASP C 69 57.31 15.60 6.90
C ASP C 69 56.66 16.91 7.29
N ARG C 70 55.35 16.87 7.52
CA ARG C 70 54.60 18.01 8.05
C ARG C 70 54.81 19.28 7.23
N VAL C 71 54.89 19.14 5.91
CA VAL C 71 55.10 20.29 5.04
C VAL C 71 53.77 21.02 4.84
N GLY C 72 53.77 22.31 5.18
CA GLY C 72 52.55 23.07 5.13
C GLY C 72 51.61 22.83 6.30
N ALA C 73 52.08 22.21 7.37
CA ALA C 73 51.20 21.91 8.48
C ALA C 73 50.78 23.19 9.20
N ALA C 74 49.52 23.22 9.59
CA ALA C 74 48.91 24.34 10.31
C ALA C 74 48.94 25.64 9.50
N LEU C 75 48.87 25.50 8.18
CA LEU C 75 48.92 26.66 7.29
C LEU C 75 47.59 27.42 7.35
N SER C 76 47.67 28.71 7.68
CA SER C 76 46.50 29.57 7.85
C SER C 76 46.41 30.69 6.84
N GLN C 77 47.41 30.84 5.98
CA GLN C 77 47.56 32.01 5.13
C GLN C 77 48.26 31.56 3.86
N GLY C 78 47.98 32.26 2.77
CA GLY C 78 48.78 32.09 1.58
C GLY C 78 48.77 30.69 0.99
N SER C 79 49.88 30.38 0.34
CA SER C 79 50.02 29.16 -0.44
C SER C 79 51.45 28.66 -0.38
N ILE C 80 51.58 27.35 -0.55
CA ILE C 80 52.87 26.67 -0.58
C ILE C 80 52.84 25.72 -1.78
N ARG C 81 53.81 25.86 -2.68
CA ARG C 81 53.93 25.02 -3.85
C ARG C 81 55.22 24.23 -3.74
N VAL C 82 55.11 22.91 -3.78
CA VAL C 82 56.27 22.03 -3.69
C VAL C 82 56.47 21.39 -5.04
N GLU C 83 57.51 21.81 -5.75
CA GLU C 83 57.87 21.19 -7.03
C GLU C 83 58.75 19.99 -6.72
N GLY C 84 58.07 18.89 -6.39
CA GLY C 84 58.74 17.66 -6.04
C GLY C 84 57.82 16.80 -5.19
N ASP C 85 58.39 15.73 -4.65
CA ASP C 85 57.69 14.80 -3.77
C ASP C 85 57.77 15.28 -2.33
N VAL C 86 56.84 14.78 -1.49
CA VAL C 86 56.79 15.15 -0.08
C VAL C 86 56.61 13.91 0.78
N GLY C 87 56.81 14.10 2.10
CA GLY C 87 56.69 13.06 3.09
C GLY C 87 55.33 13.02 3.77
N GLN C 88 55.31 12.45 4.97
CA GLN C 88 54.07 12.23 5.71
C GLN C 88 53.48 13.55 6.20
N ARG C 89 52.18 13.51 6.49
CA ARG C 89 51.43 14.61 7.10
C ARG C 89 51.48 15.88 6.26
N LEU C 90 51.04 15.79 5.01
CA LEU C 90 50.86 16.97 4.18
C LEU C 90 49.76 17.84 4.75
N GLY C 91 50.13 19.04 5.22
CA GLY C 91 49.19 19.99 5.75
C GLY C 91 48.42 19.49 6.94
N GLU C 92 49.13 18.91 7.92
CA GLU C 92 48.48 18.41 9.12
C GLU C 92 47.82 19.58 9.83
N GLY C 93 46.51 19.49 9.99
CA GLY C 93 45.81 20.56 10.69
C GLY C 93 45.78 21.88 9.97
N MET C 94 45.80 21.84 8.64
CA MET C 94 45.77 23.06 7.83
C MET C 94 44.48 23.83 8.06
N ALA C 95 44.61 25.11 8.41
CA ALA C 95 43.45 25.92 8.73
C ALA C 95 42.74 26.42 7.48
N ALA C 96 43.48 27.01 6.55
CA ALA C 96 42.95 27.57 5.31
C ALA C 96 44.13 27.91 4.39
N GLY C 97 43.84 28.08 3.10
CA GLY C 97 44.85 28.40 2.13
C GLY C 97 44.87 27.39 1.00
N THR C 98 46.03 27.24 0.36
CA THR C 98 46.22 26.26 -0.71
C THR C 98 47.63 25.70 -0.62
N LEU C 99 47.75 24.40 -0.91
CA LEU C 99 48.99 23.64 -0.75
C LEU C 99 49.07 22.67 -1.92
N THR C 100 49.92 22.95 -2.90
CA THR C 100 50.01 22.14 -4.11
C THR C 100 51.35 21.41 -4.15
N VAL C 101 51.32 20.13 -4.54
CA VAL C 101 52.50 19.27 -4.61
C VAL C 101 52.58 18.67 -6.01
N THR C 102 53.70 18.91 -6.68
CA THR C 102 53.91 18.37 -8.02
C THR C 102 54.05 16.86 -8.01
N GLY C 103 54.86 16.33 -7.12
CA GLY C 103 55.15 14.92 -7.05
C GLY C 103 54.16 14.16 -6.22
N SER C 104 54.62 13.03 -5.68
CA SER C 104 53.81 12.17 -4.84
C SER C 104 53.93 12.62 -3.38
N ALA C 105 53.08 12.06 -2.53
CA ALA C 105 53.01 12.42 -1.14
C ALA C 105 53.14 11.17 -0.27
N GLY C 106 53.60 11.40 0.97
CA GLY C 106 53.73 10.34 1.94
C GLY C 106 52.43 10.05 2.64
N PRO C 107 52.45 9.05 3.52
CA PRO C 107 51.23 8.67 4.23
C PRO C 107 50.75 9.76 5.16
N TYR C 108 49.45 9.67 5.46
CA TYR C 108 48.77 10.58 6.38
C TYR C 108 48.63 11.99 5.81
N ALA C 109 48.67 12.13 4.50
CA ALA C 109 48.50 13.45 3.91
C ALA C 109 47.09 13.96 4.16
N GLY C 110 46.99 15.20 4.65
CA GLY C 110 45.71 15.83 4.90
C GLY C 110 45.13 15.65 6.30
N THR C 111 45.81 14.97 7.22
CA THR C 111 45.27 14.75 8.57
C THR C 111 44.81 16.05 9.23
N GLY C 112 43.67 15.97 9.90
CA GLY C 112 43.14 17.05 10.70
C GLY C 112 43.00 18.39 9.99
N ALA C 113 43.10 18.39 8.66
CA ALA C 113 42.98 19.62 7.89
C ALA C 113 41.57 20.18 7.97
N THR C 114 41.44 21.43 8.41
CA THR C 114 40.16 22.10 8.62
C THR C 114 39.62 22.79 7.36
N GLY C 115 40.44 23.62 6.72
CA GLY C 115 40.03 24.33 5.53
C GLY C 115 41.18 24.44 4.54
N GLY C 116 40.87 25.03 3.40
CA GLY C 116 41.87 25.15 2.35
C GLY C 116 41.87 23.96 1.42
N THR C 117 42.84 23.94 0.53
CA THR C 117 42.92 22.90 -0.50
C THR C 117 44.32 22.36 -0.59
N ILE C 118 44.45 21.04 -0.41
CA ILE C 118 45.70 20.31 -0.58
C ILE C 118 45.62 19.54 -1.90
N THR C 119 46.53 19.83 -2.84
CA THR C 119 46.52 19.21 -4.15
C THR C 119 47.80 18.40 -4.34
N ILE C 120 47.67 17.12 -4.62
CA ILE C 120 48.82 16.26 -4.93
C ILE C 120 48.68 15.83 -6.37
N GLU C 121 49.50 16.40 -7.25
CA GLU C 121 49.46 16.02 -8.65
C GLU C 121 49.99 14.61 -8.88
N GLY C 122 50.76 14.08 -7.95
CA GLY C 122 51.23 12.70 -8.02
C GLY C 122 50.27 11.74 -7.33
N ASP C 123 50.85 10.71 -6.71
CA ASP C 123 50.11 9.68 -5.98
C ASP C 123 50.15 9.99 -4.48
N ALA C 124 49.08 9.63 -3.79
CA ALA C 124 49.03 9.76 -2.33
C ALA C 124 49.45 8.47 -1.64
N GLY C 125 50.03 8.62 -0.45
CA GLY C 125 50.50 7.48 0.30
C GLY C 125 49.37 6.81 1.08
N ASP C 126 49.75 5.81 1.88
CA ASP C 126 48.79 5.11 2.72
C ASP C 126 48.14 6.07 3.69
N HIS C 127 46.88 5.80 4.00
CA HIS C 127 46.13 6.61 4.98
C HIS C 127 45.98 8.06 4.53
N ALA C 128 45.97 8.30 3.22
CA ALA C 128 45.79 9.64 2.73
C ALA C 128 44.40 10.11 3.10
N GLY C 129 44.31 11.26 3.75
CA GLY C 129 43.05 11.68 4.30
C GLY C 129 42.66 10.94 5.55
N GLY C 130 43.52 10.05 6.05
CA GLY C 130 43.22 9.27 7.22
C GLY C 130 43.78 9.88 8.49
N ALA C 131 43.31 9.35 9.61
CA ALA C 131 43.70 9.81 10.93
C ALA C 131 45.01 9.14 11.32
N VAL C 132 45.85 9.89 12.03
CA VAL C 132 47.11 9.36 12.55
C VAL C 132 46.85 8.55 13.82
N TYR C 133 47.93 8.06 14.44
CA TYR C 133 47.76 7.29 15.67
C TYR C 133 47.02 8.13 16.71
N ALA C 134 46.05 7.50 17.37
CA ALA C 134 45.28 8.10 18.45
C ALA C 134 44.49 9.33 18.01
N ALA C 135 44.43 9.62 16.72
CA ALA C 135 43.74 10.82 16.24
C ALA C 135 42.22 10.67 16.34
N LYS C 136 41.57 11.78 16.73
CA LYS C 136 40.12 11.79 16.80
C LYS C 136 39.50 11.61 15.42
N ALA C 137 40.09 12.23 14.40
CA ALA C 137 39.57 12.20 13.04
C ALA C 137 40.71 12.40 12.06
N GLY C 138 40.45 12.06 10.80
CA GLY C 138 41.39 12.34 9.73
C GLY C 138 41.15 13.71 9.11
N LEU C 139 40.68 13.74 7.85
CA LEU C 139 40.30 14.99 7.22
C LEU C 139 39.11 15.61 7.94
N ASP C 140 39.21 16.90 8.26
CA ASP C 140 38.23 17.59 9.11
C ASP C 140 37.70 18.89 8.48
N GLY C 141 37.39 18.88 7.18
CA GLY C 141 36.76 20.03 6.57
C GLY C 141 37.43 20.55 5.32
N ALA C 142 38.71 20.27 5.15
CA ALA C 142 39.51 20.71 4.00
C ALA C 142 39.31 19.81 2.79
N THR C 143 39.43 20.42 1.61
CA THR C 143 39.35 19.70 0.34
C THR C 143 40.68 19.08 -0.03
N LEU C 144 40.68 17.77 -0.29
CA LEU C 144 41.89 17.03 -0.65
C LEU C 144 41.78 16.46 -2.06
N VAL C 145 42.68 16.88 -2.94
CA VAL C 145 42.64 16.48 -4.34
C VAL C 145 43.90 15.69 -4.67
N ILE C 146 43.72 14.43 -5.05
CA ILE C 146 44.81 13.56 -5.47
C ILE C 146 44.56 13.19 -6.92
N LYS C 147 45.29 13.83 -7.85
CA LYS C 147 45.14 13.51 -9.25
C LYS C 147 45.60 12.10 -9.55
N GLY C 148 46.58 11.59 -8.79
CA GLY C 148 47.08 10.25 -9.02
C GLY C 148 46.25 9.19 -8.31
N ALA C 149 46.92 8.25 -7.64
CA ALA C 149 46.25 7.12 -7.02
C ALA C 149 46.60 7.08 -5.54
N ALA C 150 45.57 6.97 -4.70
CA ALA C 150 45.74 6.86 -3.26
C ALA C 150 45.93 5.41 -2.85
N GLY C 151 46.59 5.21 -1.71
CA GLY C 151 46.85 3.89 -1.16
C GLY C 151 45.73 3.38 -0.26
N ASP C 152 46.10 2.48 0.66
CA ASP C 152 45.12 1.87 1.55
C ASP C 152 44.65 2.87 2.59
N HIS C 153 43.39 2.71 3.02
CA HIS C 153 42.77 3.51 4.08
C HIS C 153 42.65 4.99 3.68
N LEU C 154 42.19 5.22 2.47
CA LEU C 154 41.93 6.60 2.06
C LEU C 154 40.74 7.14 2.84
N GLY C 155 40.92 8.31 3.45
CA GLY C 155 39.84 8.92 4.21
C GLY C 155 39.50 8.17 5.48
N ASP C 156 40.50 7.56 6.11
CA ASP C 156 40.31 6.73 7.30
C ASP C 156 39.91 7.59 8.49
N ARG C 157 38.75 7.31 9.07
CA ARG C 157 38.21 8.11 10.18
C ARG C 157 38.08 9.58 9.80
N MET C 158 37.60 9.82 8.58
CA MET C 158 37.36 11.16 8.06
C MET C 158 36.09 11.76 8.67
N ARG C 159 36.18 13.02 9.07
CA ARG C 159 35.08 13.67 9.77
C ARG C 159 34.30 14.66 8.90
N ARG C 160 34.97 15.29 7.96
CA ARG C 160 34.38 16.41 7.23
C ARG C 160 35.20 16.62 5.96
N GLY C 161 34.67 17.42 5.05
CA GLY C 161 35.42 17.81 3.87
C GLY C 161 35.10 16.97 2.65
N MET C 162 36.08 16.94 1.75
CA MET C 162 35.93 16.25 0.47
C MET C 162 37.25 15.70 -0.02
N ILE C 163 37.23 14.48 -0.54
CA ILE C 163 38.40 13.87 -1.15
C ILE C 163 38.09 13.54 -2.60
N LEU C 164 38.96 14.01 -3.48
CA LEU C 164 38.86 13.83 -4.92
C LEU C 164 40.12 13.06 -5.31
N ALA C 165 39.99 11.75 -5.44
CA ALA C 165 41.11 10.90 -5.79
C ALA C 165 40.92 10.36 -7.21
N GLY C 166 42.04 10.09 -7.87
CA GLY C 166 41.98 9.43 -9.16
C GLY C 166 41.72 7.94 -9.00
N SER C 167 42.52 7.29 -8.15
CA SER C 167 42.40 5.87 -7.87
C SER C 167 42.62 5.67 -6.38
N ALA C 168 42.06 4.59 -5.84
CA ALA C 168 42.12 4.34 -4.39
C ALA C 168 42.44 2.88 -4.13
N GLY C 169 43.15 2.64 -3.03
CA GLY C 169 43.52 1.30 -2.60
C GLY C 169 42.48 0.67 -1.70
N ALA C 170 42.89 -0.40 -1.03
CA ALA C 170 41.99 -1.19 -0.22
C ALA C 170 41.56 -0.46 1.07
N PHE C 171 40.42 -0.92 1.61
CA PHE C 171 39.84 -0.42 2.86
C PHE C 171 39.61 1.09 2.84
N ALA C 172 39.23 1.61 1.68
CA ALA C 172 38.95 3.03 1.58
C ALA C 172 37.73 3.39 2.43
N ALA C 173 37.77 4.60 3.00
CA ALA C 173 36.66 5.14 3.80
C ALA C 173 36.38 4.31 5.05
N SER C 174 37.41 3.70 5.62
CA SER C 174 37.25 2.89 6.83
C SER C 174 37.08 3.78 8.05
N ARG C 175 36.20 3.36 8.97
CA ARG C 175 35.88 4.08 10.20
C ARG C 175 35.38 5.50 9.94
N MET C 176 34.86 5.76 8.74
CA MET C 176 34.48 7.11 8.34
C MET C 176 33.40 7.69 9.23
N ILE C 177 33.66 8.89 9.77
CA ILE C 177 32.66 9.61 10.55
C ILE C 177 31.70 10.38 9.65
N ALA C 178 32.22 11.05 8.63
CA ALA C 178 31.41 11.82 7.70
C ALA C 178 32.33 12.34 6.60
N GLY C 179 31.73 12.84 5.53
CA GLY C 179 32.49 13.48 4.47
C GLY C 179 32.05 13.01 3.10
N THR C 180 32.87 13.33 2.11
CA THR C 180 32.59 12.98 0.73
C THR C 180 33.87 12.57 0.02
N ILE C 181 33.86 11.38 -0.57
CA ILE C 181 34.98 10.86 -1.34
C ILE C 181 34.46 10.43 -2.69
N VAL C 182 35.00 11.02 -3.74
CA VAL C 182 34.67 10.65 -5.11
C VAL C 182 35.99 10.24 -5.76
N VAL C 183 36.19 8.94 -5.93
CA VAL C 183 37.36 8.48 -6.68
C VAL C 183 36.87 8.14 -8.08
N SER C 184 37.54 8.71 -9.07
CA SER C 184 37.07 8.56 -10.45
C SER C 184 37.23 7.13 -10.95
N GLY C 185 38.27 6.40 -10.52
CA GLY C 185 38.50 5.08 -11.08
C GLY C 185 38.36 3.91 -10.14
N ALA C 186 39.34 3.01 -10.15
CA ALA C 186 39.25 1.76 -9.41
C ALA C 186 39.27 2.01 -7.91
N LEU C 187 38.57 1.15 -7.17
CA LEU C 187 38.49 1.20 -5.72
C LEU C 187 38.81 -0.17 -5.17
N GLY C 188 39.68 -0.22 -4.16
CA GLY C 188 40.16 -1.48 -3.64
C GLY C 188 39.09 -2.31 -2.93
N ASP C 189 39.54 -3.46 -2.41
CA ASP C 189 38.65 -4.40 -1.73
C ASP C 189 38.21 -3.86 -0.37
N HIS C 190 37.06 -4.35 0.07
CA HIS C 190 36.50 -4.02 1.38
C HIS C 190 36.47 -2.52 1.66
N PRO C 191 35.69 -1.75 0.91
CA PRO C 191 35.61 -0.31 1.18
C PRO C 191 34.63 0.00 2.30
N GLY C 192 34.97 1.01 3.08
CA GLY C 192 34.03 1.53 4.06
C GLY C 192 33.80 0.63 5.25
N TYR C 193 34.85 -0.02 5.74
CA TYR C 193 34.70 -0.91 6.89
C TYR C 193 34.53 -0.08 8.15
N GLY C 194 33.37 -0.21 8.78
CA GLY C 194 33.11 0.58 9.95
C GLY C 194 32.57 1.96 9.65
N MET C 195 32.15 2.21 8.43
CA MET C 195 31.65 3.53 8.07
C MET C 195 30.41 3.87 8.87
N ARG C 196 30.41 5.07 9.45
CA ARG C 196 29.28 5.60 10.20
C ARG C 196 28.41 6.50 9.34
N ARG C 197 29.01 7.51 8.70
CA ARG C 197 28.33 8.40 7.78
C ARG C 197 29.30 8.71 6.66
N GLY C 198 28.77 9.34 5.61
CA GLY C 198 29.60 9.78 4.50
C GLY C 198 29.09 9.26 3.18
N THR C 199 29.71 9.76 2.12
CA THR C 199 29.35 9.41 0.74
C THR C 199 30.62 9.00 0.02
N LEU C 200 30.63 7.78 -0.50
CA LEU C 200 31.74 7.25 -1.28
C LEU C 200 31.27 6.95 -2.68
N ILE C 201 31.91 7.53 -3.68
CA ILE C 201 31.56 7.29 -5.09
C ILE C 201 32.81 6.88 -5.83
N ALA C 202 32.72 5.80 -6.60
CA ALA C 202 33.85 5.24 -7.31
C ALA C 202 33.37 4.71 -8.65
N GLY C 203 34.28 4.69 -9.62
CA GLY C 203 33.99 4.10 -10.93
C GLY C 203 33.99 2.58 -10.94
N SER C 204 35.09 1.98 -10.52
CA SER C 204 35.20 0.55 -10.31
C SER C 204 35.27 0.29 -8.82
N HIS C 205 35.00 -0.96 -8.43
CA HIS C 205 35.08 -1.32 -7.02
C HIS C 205 35.44 -2.80 -6.91
N GLY C 206 36.18 -3.13 -5.85
CA GLY C 206 36.57 -4.50 -5.57
C GLY C 206 35.45 -5.26 -4.88
N THR C 207 35.84 -6.21 -4.04
CA THR C 207 34.84 -6.99 -3.30
C THR C 207 34.24 -6.13 -2.19
N LEU C 208 32.92 -6.16 -2.06
CA LEU C 208 32.23 -5.37 -1.07
C LEU C 208 32.06 -6.13 0.24
N LEU C 209 31.80 -5.35 1.34
CA LEU C 209 31.58 -5.94 2.66
C LEU C 209 30.19 -6.55 2.80
N PRO C 210 30.09 -7.65 3.55
CA PRO C 210 28.77 -8.28 3.74
C PRO C 210 27.77 -7.40 4.45
N THR C 211 28.25 -6.43 5.21
CA THR C 211 27.42 -5.49 5.93
C THR C 211 27.01 -4.30 5.07
N PHE C 212 27.26 -4.36 3.76
CA PHE C 212 26.78 -3.35 2.84
C PHE C 212 25.68 -3.98 2.01
N VAL C 213 24.54 -3.32 1.94
CA VAL C 213 23.39 -3.80 1.18
C VAL C 213 23.13 -2.83 0.05
N GLU C 214 22.63 -3.33 -1.08
CA GLU C 214 22.32 -2.44 -2.21
C GLU C 214 20.92 -1.87 -2.07
N THR C 215 20.82 -0.56 -2.23
CA THR C 215 19.56 0.18 -2.20
C THR C 215 18.88 0.21 -3.56
N GLY C 216 19.66 0.19 -4.63
CA GLY C 216 19.11 0.29 -5.96
C GLY C 216 19.75 1.41 -6.74
N THR C 217 19.00 1.99 -7.67
CA THR C 217 19.48 3.05 -8.55
C THR C 217 18.60 4.29 -8.38
N PRO C 218 18.81 5.07 -7.32
CA PRO C 218 17.91 6.20 -7.07
C PRO C 218 18.40 7.54 -7.58
N ASP C 219 17.50 8.27 -8.23
CA ASP C 219 17.78 9.64 -8.69
C ASP C 219 17.56 10.57 -7.50
N LEU C 220 18.66 10.98 -6.87
CA LEU C 220 18.61 11.78 -5.66
C LEU C 220 19.02 13.21 -5.94
N VAL C 221 18.38 14.15 -5.22
CA VAL C 221 18.67 15.56 -5.39
C VAL C 221 20.08 15.88 -4.92
N PHE C 222 20.51 15.24 -3.83
CA PHE C 222 21.87 15.45 -3.34
C PHE C 222 22.92 15.16 -4.40
N VAL C 223 22.74 14.07 -5.17
CA VAL C 223 23.68 13.75 -6.24
C VAL C 223 23.76 14.90 -7.23
N ARG C 224 22.63 15.52 -7.54
CA ARG C 224 22.63 16.67 -8.42
C ARG C 224 23.44 17.81 -7.81
N LEU C 225 23.30 18.05 -6.51
CA LEU C 225 24.08 19.11 -5.88
C LEU C 225 25.57 18.79 -5.90
N LEU C 226 25.93 17.54 -5.57
CA LEU C 226 27.34 17.16 -5.57
C LEU C 226 27.95 17.26 -6.96
N ALA C 227 27.15 16.95 -7.99
CA ALA C 227 27.64 17.05 -9.37
C ALA C 227 27.95 18.50 -9.72
N GLN C 228 27.03 19.42 -9.45
CA GLN C 228 27.28 20.82 -9.75
C GLN C 228 28.44 21.37 -8.92
N SER C 229 28.66 20.84 -7.72
CA SER C 229 29.80 21.29 -6.93
C SER C 229 31.11 20.87 -7.57
N LEU C 230 31.15 19.65 -8.13
CA LEU C 230 32.37 19.18 -8.78
C LEU C 230 32.59 19.88 -10.12
N LYS C 231 31.51 20.16 -10.83
CA LYS C 231 31.63 20.92 -12.08
C LYS C 231 32.26 22.28 -11.83
N HIS C 232 31.86 22.94 -10.74
CA HIS C 232 32.33 24.29 -10.48
C HIS C 232 33.81 24.35 -10.10
N LEU C 233 34.33 23.29 -9.48
CA LEU C 233 35.73 23.21 -9.09
C LEU C 233 36.63 22.68 -10.18
N GLY C 234 36.07 22.26 -11.32
CA GLY C 234 36.86 21.67 -12.38
C GLY C 234 37.30 20.25 -12.09
N ALA C 235 36.48 19.47 -11.40
CA ALA C 235 36.84 18.12 -11.02
C ALA C 235 36.63 17.14 -12.17
N ALA C 236 37.62 16.28 -12.41
CA ALA C 236 37.48 15.27 -13.46
C ALA C 236 36.40 14.24 -13.12
N GLN C 237 36.15 14.00 -11.83
CA GLN C 237 35.11 13.09 -11.39
C GLN C 237 33.69 13.63 -11.52
N ALA C 238 33.53 14.86 -12.02
CA ALA C 238 32.19 15.42 -12.19
C ALA C 238 31.39 14.62 -13.22
N ASN C 239 32.07 14.03 -14.20
CA ASN C 239 31.38 13.21 -15.19
C ASN C 239 30.87 11.90 -14.61
N LEU C 240 31.43 11.43 -13.49
CA LEU C 240 30.98 10.16 -12.91
C LEU C 240 29.55 10.26 -12.38
N LEU C 241 29.12 11.45 -12.00
CA LEU C 241 27.78 11.69 -11.48
C LEU C 241 26.76 11.94 -12.58
N SER C 242 27.19 12.02 -13.84
CA SER C 242 26.25 12.31 -14.93
C SER C 242 25.23 11.19 -15.12
N GLY C 243 25.68 9.93 -15.06
CA GLY C 243 24.80 8.81 -15.28
C GLY C 243 24.14 8.27 -14.02
N THR C 244 23.25 7.30 -14.23
CA THR C 244 22.54 6.70 -13.12
C THR C 244 23.48 5.76 -12.35
N LEU C 245 23.39 5.82 -11.02
CA LEU C 245 24.31 5.14 -10.11
C LEU C 245 23.62 4.05 -9.30
N ARG C 246 24.42 3.09 -8.84
CA ARG C 246 23.98 2.01 -7.97
C ARG C 246 24.38 2.35 -6.53
N ARG C 247 23.44 2.22 -5.59
CA ARG C 247 23.63 2.68 -4.23
C ARG C 247 23.78 1.52 -3.24
N TYR C 248 24.58 1.74 -2.19
CA TYR C 248 24.77 0.81 -1.09
C TYR C 248 24.77 1.57 0.24
N SER C 249 24.11 1.01 1.26
CA SER C 249 24.05 1.68 2.56
C SER C 249 25.27 1.41 3.44
N GLY C 250 25.62 2.42 4.26
CA GLY C 250 26.86 2.42 5.03
C GLY C 250 26.96 1.22 5.95
N ASP C 251 28.21 0.93 6.35
CA ASP C 251 28.50 -0.35 7.01
C ASP C 251 27.51 -0.57 8.14
N LEU C 252 26.80 -1.70 8.08
CA LEU C 252 25.75 -1.98 9.04
C LEU C 252 26.31 -2.46 10.37
N ALA C 253 27.62 -2.70 10.43
CA ALA C 253 28.27 -3.03 11.69
C ALA C 253 28.15 -1.88 12.69
N THR C 254 28.41 -0.66 12.24
CA THR C 254 28.12 0.53 13.00
C THR C 254 26.76 1.04 12.57
N LEU C 255 26.37 2.22 13.05
CA LEU C 255 25.13 2.81 12.56
C LEU C 255 25.28 3.01 11.06
N GLY C 256 24.39 2.39 10.29
CA GLY C 256 24.53 2.37 8.86
C GLY C 256 24.03 3.62 8.21
N LYS C 257 24.69 4.76 8.43
CA LYS C 257 24.23 5.98 7.81
C LYS C 257 25.10 6.42 6.62
N GLY C 258 26.20 5.74 6.36
CA GLY C 258 27.02 6.04 5.20
C GLY C 258 26.38 5.50 3.92
N GLU C 259 27.12 5.65 2.81
CA GLU C 259 26.63 5.18 1.52
C GLU C 259 27.78 5.01 0.54
N LEU C 260 27.50 4.23 -0.53
CA LEU C 260 28.44 3.97 -1.61
C LEU C 260 27.70 4.00 -2.94
N PHE C 261 28.22 4.77 -3.90
CA PHE C 261 27.66 4.83 -5.25
C PHE C 261 28.67 4.28 -6.25
N VAL C 262 28.20 3.41 -7.14
CA VAL C 262 29.01 2.85 -8.22
C VAL C 262 28.14 2.88 -9.48
N PRO C 263 28.71 3.10 -10.67
CA PRO C 263 27.89 3.13 -11.88
C PRO C 263 27.04 1.87 -12.05
N ALA C 264 25.84 2.06 -12.62
CA ALA C 264 24.87 0.98 -12.78
C ALA C 264 25.47 -0.20 -13.54
N HIS C 265 25.94 0.04 -14.76
CA HIS C 265 26.50 -1.02 -15.59
C HIS C 265 27.72 -0.51 -16.32
N SER D 1 -5.52 70.14 -5.29
CA SER D 1 -5.63 68.93 -4.48
C SER D 1 -6.00 67.72 -5.32
N ASP D 2 -6.94 67.90 -6.24
CA ASP D 2 -7.35 66.81 -7.10
C ASP D 2 -6.23 66.44 -8.07
N PHE D 3 -6.01 65.14 -8.24
CA PHE D 3 -5.03 64.64 -9.18
C PHE D 3 -5.71 63.79 -10.24
N THR D 4 -5.23 63.90 -11.48
CA THR D 4 -5.74 63.12 -12.59
C THR D 4 -4.60 62.36 -13.26
N LEU D 5 -4.74 61.04 -13.35
CA LEU D 5 -3.78 60.19 -14.03
C LEU D 5 -4.50 59.44 -15.15
N ASN D 6 -3.98 59.55 -16.37
CA ASN D 6 -4.57 58.90 -17.56
C ASN D 6 -6.05 59.22 -17.69
N GLY D 7 -6.47 60.41 -17.25
CA GLY D 7 -7.85 60.84 -17.30
C GLY D 7 -8.74 60.32 -16.18
N ILE D 8 -8.19 59.60 -15.20
CA ILE D 8 -8.95 59.01 -14.12
C ILE D 8 -8.54 59.67 -12.82
N LYS D 9 -9.51 60.07 -12.01
CA LYS D 9 -9.23 60.77 -10.76
C LYS D 9 -8.46 59.88 -9.79
N VAL D 10 -7.44 60.46 -9.16
CA VAL D 10 -6.60 59.76 -8.19
C VAL D 10 -6.50 60.63 -6.95
N GLU D 11 -6.94 60.10 -5.81
CA GLU D 11 -6.94 60.88 -4.58
C GLU D 11 -5.52 61.17 -4.10
N ASP D 12 -5.35 62.33 -3.48
CA ASP D 12 -4.05 62.77 -2.98
C ASP D 12 -3.80 62.21 -1.58
N THR D 13 -3.81 60.87 -1.48
CA THR D 13 -3.66 60.19 -0.20
C THR D 13 -2.33 59.41 -0.20
N PHE D 14 -2.15 58.59 0.83
CA PHE D 14 -0.97 57.74 0.98
C PHE D 14 -1.40 56.37 1.51
N ALA D 15 -0.61 55.35 1.18
CA ALA D 15 -0.86 54.00 1.68
C ALA D 15 -0.01 53.77 2.91
N GLU D 16 -0.65 53.40 4.02
CA GLU D 16 0.02 53.19 5.30
C GLU D 16 0.48 51.74 5.37
N ALA D 17 1.79 51.53 5.19
CA ALA D 17 2.40 50.22 5.27
C ALA D 17 3.20 50.09 6.57
N PHE D 18 3.45 48.85 6.97
CA PHE D 18 4.11 48.56 8.24
C PHE D 18 5.39 47.76 8.00
N ASP D 19 6.28 47.81 8.97
CA ASP D 19 7.47 46.98 8.96
C ASP D 19 7.11 45.55 9.36
N VAL D 20 7.72 44.58 8.69
CA VAL D 20 7.35 43.18 8.85
C VAL D 20 8.59 42.31 8.66
N ALA D 21 8.54 41.11 9.22
CA ALA D 21 9.57 40.10 9.00
C ALA D 21 9.23 39.28 7.76
N GLY D 22 10.20 39.12 6.88
CA GLY D 22 9.97 38.43 5.62
C GLY D 22 11.10 37.46 5.32
N THR D 23 10.76 36.40 4.59
CA THR D 23 11.75 35.44 4.15
C THR D 23 11.28 34.82 2.84
N ALA D 24 12.20 34.16 2.14
CA ALA D 24 11.90 33.54 0.88
C ALA D 24 12.54 32.16 0.80
N ILE D 25 11.86 31.23 0.15
CA ILE D 25 12.37 29.88 -0.05
C ILE D 25 12.16 29.50 -1.51
N ILE D 26 13.07 28.66 -2.01
CA ILE D 26 12.99 28.12 -3.36
C ILE D 26 12.70 26.63 -3.26
N VAL D 27 11.54 26.22 -3.78
CA VAL D 27 11.10 24.83 -3.77
C VAL D 27 11.16 24.29 -5.19
N THR D 28 11.87 23.19 -5.38
CA THR D 28 12.03 22.61 -6.70
C THR D 28 11.42 21.21 -6.76
N ASN D 29 11.03 20.82 -7.96
CA ASN D 29 10.47 19.50 -8.22
C ASN D 29 11.01 19.02 -9.56
N ASP D 30 10.73 17.76 -9.89
CA ASP D 30 11.17 17.23 -11.16
C ASP D 30 10.42 17.87 -12.33
N THR D 31 9.19 18.29 -12.10
CA THR D 31 8.42 18.98 -13.12
C THR D 31 7.89 20.29 -12.57
N PRO D 32 7.66 21.28 -13.43
CA PRO D 32 7.08 22.55 -12.95
C PRO D 32 5.65 22.40 -12.46
N LYS D 33 4.95 21.38 -12.94
CA LYS D 33 3.59 21.14 -12.47
C LYS D 33 3.57 20.92 -10.96
N TRP D 34 4.36 19.96 -10.49
CA TRP D 34 4.41 19.63 -9.07
C TRP D 34 5.18 20.64 -8.25
N ALA D 35 6.04 21.44 -8.89
CA ALA D 35 6.61 22.56 -8.17
C ALA D 35 5.53 23.56 -7.82
N MET D 36 4.59 23.77 -8.74
CA MET D 36 3.50 24.70 -8.48
C MET D 36 2.51 24.14 -7.48
N ILE D 37 2.20 22.85 -7.58
CA ILE D 37 1.28 22.23 -6.63
C ILE D 37 1.81 22.41 -5.21
N ALA D 38 3.11 22.15 -5.02
CA ALA D 38 3.72 22.30 -3.70
C ALA D 38 3.59 23.72 -3.18
N ALA D 39 3.86 24.72 -4.02
CA ALA D 39 3.75 26.11 -3.58
C ALA D 39 2.31 26.52 -3.34
N THR D 40 1.39 26.06 -4.19
CA THR D 40 0.00 26.48 -4.05
C THR D 40 -0.59 26.01 -2.73
N VAL D 41 -0.23 24.80 -2.31
CA VAL D 41 -0.76 24.30 -1.04
C VAL D 41 -0.08 25.02 0.12
N MET D 42 1.15 25.50 -0.08
CA MET D 42 1.85 26.22 0.98
C MET D 42 1.32 27.65 1.14
N THR D 43 1.05 28.34 0.04
CA THR D 43 0.57 29.72 0.12
C THR D 43 -0.88 29.84 0.57
N GLY D 44 -1.69 28.79 0.43
CA GLY D 44 -3.08 28.87 0.82
C GLY D 44 -3.24 29.19 2.30
N PHE D 45 -4.41 29.74 2.63
CA PHE D 45 -4.77 30.08 4.00
C PHE D 45 -3.73 31.02 4.61
N ALA D 46 -3.35 32.03 3.85
CA ALA D 46 -2.33 32.98 4.26
C ALA D 46 -2.61 34.36 3.65
N THR D 47 -3.77 34.94 3.96
CA THR D 47 -4.11 36.23 3.39
C THR D 47 -3.79 37.41 4.30
N SER D 48 -3.73 37.20 5.62
CA SER D 48 -3.30 38.23 6.56
C SER D 48 -2.53 37.57 7.69
N VAL D 49 -1.64 38.35 8.34
CA VAL D 49 -0.89 37.81 9.46
C VAL D 49 -1.69 37.84 10.76
N ILE D 50 -2.69 38.72 10.86
CA ILE D 50 -3.41 38.84 12.11
C ILE D 50 -4.35 37.65 12.32
N GLY D 51 -5.00 37.19 11.26
CA GLY D 51 -5.94 36.08 11.35
C GLY D 51 -5.37 34.76 10.88
N CYS D 52 -4.94 34.69 9.63
CA CYS D 52 -4.14 33.55 9.19
C CYS D 52 -2.77 33.62 9.85
N GLY D 53 -2.07 32.49 9.82
CA GLY D 53 -0.74 32.43 10.42
C GLY D 53 0.20 33.50 9.90
N ALA D 54 0.31 33.63 8.58
CA ALA D 54 1.26 34.53 7.96
C ALA D 54 0.62 35.10 6.70
N GLU D 55 1.42 35.81 5.91
CA GLU D 55 1.03 36.31 4.60
C GLU D 55 2.00 35.69 3.60
N ALA D 56 1.47 34.83 2.71
CA ALA D 56 2.30 34.09 1.77
C ALA D 56 1.90 34.40 0.34
N GLY D 57 2.85 34.15 -0.57
CA GLY D 57 2.62 34.35 -1.98
C GLY D 57 3.77 33.77 -2.78
N ILE D 58 3.51 33.56 -4.07
CA ILE D 58 4.51 33.04 -4.99
C ILE D 58 5.15 34.23 -5.71
N ASP D 59 6.45 34.41 -5.54
CA ASP D 59 7.13 35.52 -6.19
C ASP D 59 7.31 35.26 -7.68
N ALA D 60 7.89 34.11 -8.02
CA ALA D 60 8.19 33.84 -9.42
C ALA D 60 8.41 32.34 -9.62
N GLU D 61 8.09 31.88 -10.82
CA GLU D 61 8.43 30.52 -11.21
C GLU D 61 9.86 30.52 -11.71
N LEU D 62 10.62 29.49 -11.34
CA LEU D 62 12.02 29.42 -11.70
C LEU D 62 12.25 28.30 -12.72
N SER D 63 13.10 28.58 -13.70
CA SER D 63 13.49 27.59 -14.69
C SER D 63 14.65 26.75 -14.12
N PRO D 64 14.98 25.63 -14.76
CA PRO D 64 16.10 24.81 -14.25
C PRO D 64 17.46 25.51 -14.25
N ASP D 65 17.58 26.69 -14.86
CA ASP D 65 18.82 27.46 -14.81
C ASP D 65 18.88 28.39 -13.60
N GLU D 66 17.75 28.99 -13.25
CA GLU D 66 17.66 29.94 -12.14
C GLU D 66 17.65 29.26 -10.78
N THR D 67 17.83 27.94 -10.73
CA THR D 67 17.69 27.20 -9.50
C THR D 67 19.01 26.58 -9.05
N PRO D 68 19.25 26.45 -7.74
CA PRO D 68 20.44 25.74 -7.26
C PRO D 68 20.34 24.24 -7.47
N ASP D 69 19.12 23.73 -7.60
CA ASP D 69 18.91 22.30 -7.76
C ASP D 69 19.30 21.86 -9.17
N GLY D 70 18.93 22.67 -10.17
CA GLY D 70 19.02 22.27 -11.55
C GLY D 70 17.73 21.74 -12.10
N ARG D 71 16.69 21.66 -11.27
CA ARG D 71 15.34 21.21 -11.53
C ARG D 71 14.37 22.40 -11.49
N PRO D 72 13.29 22.37 -12.27
CA PRO D 72 12.34 23.50 -12.29
C PRO D 72 11.78 23.77 -10.89
N GLY D 73 11.79 25.05 -10.50
CA GLY D 73 11.38 25.42 -9.15
C GLY D 73 10.43 26.58 -9.00
N VAL D 74 10.19 27.00 -7.75
CA VAL D 74 9.30 28.10 -7.42
C VAL D 74 9.90 28.90 -6.27
N ARG D 75 9.96 30.23 -6.44
CA ARG D 75 10.38 31.14 -5.39
C ARG D 75 9.14 31.67 -4.67
N ILE D 76 9.02 31.39 -3.39
CA ILE D 76 7.80 31.65 -2.65
C ILE D 76 8.11 32.41 -1.37
N LEU D 77 7.46 33.55 -1.18
CA LEU D 77 7.71 34.43 -0.04
C LEU D 77 6.70 34.19 1.08
N LEU D 78 7.12 34.53 2.29
CA LEU D 78 6.32 34.41 3.49
C LEU D 78 6.63 35.58 4.42
N PHE D 79 5.60 36.19 5.00
CA PHE D 79 5.77 37.36 5.85
C PHE D 79 5.08 37.15 7.19
N GLY D 80 5.69 37.67 8.26
CA GLY D 80 5.09 37.58 9.57
C GLY D 80 5.47 38.77 10.45
N PHE D 81 4.72 38.92 11.55
CA PHE D 81 4.91 40.04 12.47
C PHE D 81 6.31 40.00 13.10
N GLU D 82 6.60 38.94 13.83
CA GLU D 82 7.80 38.70 14.60
C GLU D 82 8.66 37.64 13.94
N PRO D 83 9.99 37.77 13.99
CA PRO D 83 10.85 36.69 13.46
C PRO D 83 10.60 35.33 14.11
N ASN D 84 10.09 35.29 15.34
CA ASN D 84 9.74 34.01 15.95
C ASN D 84 8.43 33.46 15.38
N GLY D 85 7.43 34.32 15.23
CA GLY D 85 6.19 33.89 14.60
C GLY D 85 6.40 33.49 13.15
N LEU D 86 7.32 34.19 12.46
CA LEU D 86 7.63 33.81 11.08
C LEU D 86 8.29 32.44 11.03
N LYS D 87 9.27 32.20 11.91
CA LYS D 87 9.90 30.87 11.97
C LYS D 87 8.86 29.80 12.28
N ASP D 88 7.93 30.09 13.20
CA ASP D 88 6.93 29.11 13.56
C ASP D 88 6.05 28.76 12.37
N GLN D 89 5.70 29.76 11.55
CA GLN D 89 4.81 29.52 10.43
C GLN D 89 5.52 28.80 9.29
N LEU D 90 6.77 29.16 9.03
CA LEU D 90 7.54 28.50 8.00
C LEU D 90 7.76 27.03 8.32
N LEU D 91 8.09 26.73 9.58
CA LEU D 91 8.28 25.34 10.01
C LEU D 91 7.02 24.51 9.78
N LYS D 92 5.86 25.06 10.12
CA LYS D 92 4.60 24.34 9.94
C LYS D 92 4.31 24.11 8.45
N ARG D 93 4.48 25.14 7.63
CA ARG D 93 4.08 25.08 6.22
C ARG D 93 5.05 24.25 5.40
N VAL D 94 6.35 24.46 5.58
CA VAL D 94 7.31 23.63 4.88
C VAL D 94 7.19 22.18 5.31
N GLY D 95 6.95 21.97 6.61
CA GLY D 95 6.88 20.61 7.12
C GLY D 95 5.70 19.81 6.60
N GLN D 96 4.56 20.44 6.39
CA GLN D 96 3.36 19.70 6.05
C GLN D 96 2.78 20.04 4.70
N CYS D 97 3.37 20.98 3.98
CA CYS D 97 2.95 21.26 2.63
C CYS D 97 4.04 21.05 1.59
N ILE D 98 5.31 21.15 1.98
CA ILE D 98 6.42 20.92 1.06
C ILE D 98 6.90 19.48 1.24
N LEU D 99 7.30 19.11 2.46
CA LEU D 99 7.77 17.76 2.72
C LEU D 99 6.80 16.69 2.20
N THR D 100 5.49 16.91 2.38
CA THR D 100 4.50 15.93 1.95
C THR D 100 4.40 15.82 0.42
N CYS D 101 4.63 16.91 -0.31
CA CYS D 101 4.46 16.89 -1.77
C CYS D 101 5.58 16.07 -2.42
N PRO D 102 5.24 15.14 -3.31
CA PRO D 102 6.26 14.22 -3.83
C PRO D 102 7.32 14.91 -4.66
N GLY D 103 8.53 14.40 -4.57
CA GLY D 103 9.66 14.85 -5.37
C GLY D 103 10.13 16.27 -5.14
N THR D 104 9.87 16.85 -3.97
CA THR D 104 10.21 18.24 -3.73
C THR D 104 11.56 18.40 -3.03
N ALA D 105 12.02 19.65 -2.96
CA ALA D 105 13.30 19.98 -2.33
C ALA D 105 13.30 21.46 -1.99
N CYS D 106 13.69 21.79 -0.75
CA CYS D 106 13.61 23.15 -0.22
C CYS D 106 14.98 23.78 -0.17
N PHE D 107 15.10 25.00 -0.68
CA PHE D 107 16.33 25.79 -0.62
C PHE D 107 16.00 27.19 -0.10
N ALA D 108 17.02 27.89 0.38
CA ALA D 108 16.84 29.25 0.87
C ALA D 108 16.66 30.19 -0.32
N GLY D 109 15.62 31.02 -0.26
CA GLY D 109 15.24 31.88 -1.35
C GLY D 109 15.96 33.22 -1.44
N VAL D 110 16.05 33.94 -0.33
CA VAL D 110 16.65 35.27 -0.32
C VAL D 110 17.79 35.29 0.69
N GLU D 111 18.68 36.28 0.54
CA GLU D 111 19.80 36.50 1.46
C GLU D 111 19.41 37.57 2.47
N GLY D 112 19.78 37.35 3.73
CA GLY D 112 19.43 38.26 4.80
C GLY D 112 20.32 38.13 6.02
N PRO D 113 20.18 39.07 6.97
CA PRO D 113 21.06 39.08 8.16
C PRO D 113 20.70 38.05 9.23
N THR D 114 19.43 37.87 9.54
CA THR D 114 19.03 36.93 10.58
C THR D 114 18.87 35.54 9.99
N LYS D 115 19.09 34.53 10.81
CA LYS D 115 19.06 33.14 10.40
C LYS D 115 17.80 32.46 10.93
N ILE D 116 17.21 31.59 10.10
CA ILE D 116 16.03 30.83 10.47
C ILE D 116 16.29 29.35 10.22
N LYS D 117 16.13 28.54 11.25
CA LYS D 117 16.32 27.10 11.12
C LYS D 117 15.15 26.49 10.34
N LEU D 118 15.45 25.71 9.30
CA LEU D 118 14.43 25.04 8.50
C LEU D 118 14.71 23.55 8.35
N GLY D 119 15.78 23.22 7.64
CA GLY D 119 16.14 21.82 7.48
C GLY D 119 16.55 21.16 8.78
N GLY D 120 17.20 21.90 9.67
CA GLY D 120 17.65 21.35 10.93
C GLY D 120 16.55 20.96 11.88
N ALA D 121 15.32 21.44 11.64
CA ALA D 121 14.17 21.09 12.47
C ALA D 121 13.30 20.00 11.83
N ILE D 122 13.11 20.05 10.51
CA ILE D 122 12.37 18.99 9.84
C ILE D 122 13.18 17.71 9.80
N ARG D 123 14.50 17.81 9.94
CA ARG D 123 15.36 16.62 10.01
C ARG D 123 14.90 15.63 11.06
N TYR D 124 14.23 16.10 12.11
CA TYR D 124 13.79 15.22 13.19
C TYR D 124 12.64 14.30 12.78
N PHE D 125 11.96 14.57 11.68
CA PHE D 125 10.98 13.62 11.17
C PHE D 125 11.66 12.38 10.62
N GLY D 126 12.96 12.48 10.32
CA GLY D 126 13.77 11.38 9.81
C GLY D 126 14.01 10.30 10.84
N ASP D 127 13.73 10.59 12.11
CA ASP D 127 13.82 9.58 13.17
C ASP D 127 15.26 9.08 13.30
N GLY D 128 16.22 9.99 13.18
CA GLY D 128 17.62 9.65 13.33
C GLY D 128 18.27 9.09 12.09
N PHE D 129 17.52 8.84 11.03
CA PHE D 129 18.10 8.34 9.79
C PHE D 129 18.51 9.47 8.86
N ALA D 130 18.15 10.70 9.19
CA ALA D 130 18.49 11.84 8.34
C ALA D 130 19.97 12.15 8.48
N VAL D 131 20.59 12.56 7.38
CA VAL D 131 22.00 12.92 7.37
C VAL D 131 22.15 14.35 6.84
N ALA D 132 23.24 15.01 7.25
CA ALA D 132 23.52 16.37 6.80
C ALA D 132 24.75 16.37 5.89
N LYS D 133 24.70 17.18 4.82
CA LYS D 133 25.81 17.31 3.88
C LYS D 133 26.12 18.78 3.66
N ARG D 134 27.41 19.07 3.52
CA ARG D 134 27.93 20.41 3.25
C ARG D 134 28.59 20.44 1.88
N LEU D 135 28.15 21.35 1.02
CA LEU D 135 28.63 21.46 -0.37
C LEU D 135 28.74 22.92 -0.80
N PRO D 136 29.77 23.25 -1.58
CA PRO D 136 29.88 24.61 -2.13
C PRO D 136 28.98 24.76 -3.35
N ASP D 137 28.26 25.88 -3.42
CA ASP D 137 27.30 26.10 -4.50
C ASP D 137 27.99 26.70 -5.73
N HIS D 138 27.19 27.08 -6.72
CA HIS D 138 27.72 27.61 -7.97
C HIS D 138 28.42 28.94 -7.78
N GLU D 139 28.13 29.67 -6.69
CA GLU D 139 28.81 30.92 -6.40
C GLU D 139 30.10 30.72 -5.61
N GLY D 140 30.27 29.56 -4.97
CA GLY D 140 31.45 29.28 -4.17
C GLY D 140 31.25 29.29 -2.67
N LYS D 141 30.01 29.37 -2.20
CA LYS D 141 29.70 29.42 -0.77
C LYS D 141 29.33 28.04 -0.25
N MET D 142 29.84 27.70 0.92
CA MET D 142 29.56 26.41 1.54
C MET D 142 28.16 26.42 2.15
N ARG D 143 27.30 25.53 1.69
CA ARG D 143 25.92 25.43 2.17
C ARG D 143 25.70 24.05 2.78
N ARG D 144 24.85 24.00 3.81
CA ARG D 144 24.55 22.76 4.52
C ARG D 144 23.11 22.34 4.27
N TYR D 145 22.92 21.09 3.82
CA TYR D 145 21.61 20.56 3.54
C TYR D 145 21.38 19.29 4.34
N TRP D 146 20.11 19.02 4.63
CA TRP D 146 19.70 17.82 5.34
C TRP D 146 19.01 16.87 4.37
N ARG D 147 19.17 15.58 4.61
CA ARG D 147 18.58 14.54 3.78
C ARG D 147 17.64 13.70 4.63
N ILE D 148 16.34 13.95 4.54
CA ILE D 148 15.34 13.23 5.31
C ILE D 148 14.85 12.05 4.48
N PRO D 149 14.94 10.81 4.97
CA PRO D 149 14.45 9.66 4.20
C PRO D 149 12.93 9.60 4.24
N VAL D 150 12.32 9.43 3.06
CA VAL D 150 10.88 9.35 2.91
C VAL D 150 10.55 8.26 1.89
N MET D 151 9.26 8.00 1.74
CA MET D 151 8.78 6.93 0.87
C MET D 151 9.21 7.13 -0.59
N ASP D 152 8.99 8.33 -1.15
CA ASP D 152 9.36 8.52 -2.55
C ASP D 152 10.88 8.54 -2.75
N GLY D 153 11.62 8.94 -1.73
CA GLY D 153 13.07 9.05 -1.84
C GLY D 153 13.68 9.79 -0.67
N GLU D 154 14.33 10.92 -0.96
CA GLU D 154 14.91 11.78 0.06
C GLU D 154 14.30 13.16 -0.10
N PHE D 155 13.86 13.76 1.01
CA PHE D 155 13.48 15.18 1.03
C PHE D 155 14.71 15.99 1.43
N LEU D 156 15.37 16.62 0.46
CA LEU D 156 16.54 17.43 0.71
C LEU D 156 16.10 18.84 1.06
N CYS D 157 16.58 19.35 2.19
CA CYS D 157 16.17 20.64 2.70
C CYS D 157 17.39 21.34 3.28
N GLU D 158 17.61 22.57 2.86
CA GLU D 158 18.75 23.34 3.37
C GLU D 158 18.56 23.63 4.85
N ASP D 159 19.66 23.51 5.60
CA ASP D 159 19.60 23.65 7.05
C ASP D 159 18.95 24.97 7.47
N SER D 160 19.44 26.06 6.94
CA SER D 160 19.02 27.38 7.39
C SER D 160 18.55 28.20 6.20
N VAL D 161 17.59 29.08 6.46
CA VAL D 161 17.14 30.06 5.47
C VAL D 161 17.28 31.44 6.09
N ARG D 162 17.69 32.40 5.28
CA ARG D 162 17.90 33.76 5.76
C ARG D 162 16.64 34.60 5.61
N ALA D 163 16.43 35.50 6.58
CA ALA D 163 15.30 36.42 6.60
C ALA D 163 15.80 37.84 6.39
N VAL D 164 15.29 38.51 5.36
CA VAL D 164 15.74 39.85 5.00
C VAL D 164 15.18 40.85 6.00
N ASP D 165 15.98 41.85 6.36
CA ASP D 165 15.52 42.91 7.24
C ASP D 165 14.92 44.04 6.43
N GLY D 166 13.88 44.67 6.98
CA GLY D 166 13.25 45.75 6.27
C GLY D 166 12.26 45.31 5.21
N ALA D 167 11.59 44.18 5.41
CA ALA D 167 10.51 43.78 4.53
C ALA D 167 9.25 44.54 4.91
N VAL D 168 8.55 45.09 3.92
CA VAL D 168 7.40 45.96 4.14
C VAL D 168 6.14 45.28 3.64
N GLY D 169 5.08 45.35 4.45
CA GLY D 169 3.79 44.83 4.06
C GLY D 169 2.69 45.84 4.32
N GLY D 170 1.54 45.59 3.70
CA GLY D 170 0.36 46.40 3.90
C GLY D 170 0.19 47.55 2.92
N GLY D 171 1.07 47.66 1.92
CA GLY D 171 0.94 48.69 0.92
C GLY D 171 -0.25 48.39 0.04
N ASN D 172 -1.20 49.31 -0.03
CA ASN D 172 -2.44 49.02 -0.73
C ASN D 172 -2.98 50.27 -1.41
N LEU D 173 -3.62 50.07 -2.56
CA LEU D 173 -4.40 51.11 -3.20
C LEU D 173 -5.69 50.49 -3.71
N LEU D 174 -6.80 51.15 -3.45
CA LEU D 174 -8.13 50.64 -3.75
C LEU D 174 -8.75 51.41 -4.90
N PHE D 175 -9.56 50.71 -5.68
CA PHE D 175 -10.22 51.27 -6.85
C PHE D 175 -11.72 51.42 -6.62
N LEU D 176 -12.28 52.52 -7.12
CA LEU D 176 -13.71 52.77 -7.09
C LEU D 176 -14.27 52.69 -8.50
N GLY D 177 -15.31 51.89 -8.69
CA GLY D 177 -15.84 51.66 -10.02
C GLY D 177 -17.34 51.40 -10.02
N ARG D 178 -17.94 51.54 -11.20
CA ARG D 178 -19.40 51.49 -11.29
C ARG D 178 -19.97 50.06 -11.14
N LYS D 179 -19.37 49.06 -11.79
CA LYS D 179 -19.95 47.71 -11.84
C LYS D 179 -18.94 46.63 -11.49
N HIS D 180 -19.37 45.67 -10.66
CA HIS D 180 -18.50 44.60 -10.18
C HIS D 180 -17.81 43.84 -11.31
N ALA D 181 -18.57 43.45 -12.33
CA ALA D 181 -17.99 42.61 -13.39
C ALA D 181 -16.86 43.32 -14.12
N ASP D 182 -17.09 44.58 -14.51
CA ASP D 182 -16.09 45.33 -15.23
C ASP D 182 -14.93 45.78 -14.34
N THR D 183 -15.26 46.28 -13.15
CA THR D 183 -14.23 46.79 -12.24
C THR D 183 -13.33 45.69 -11.71
N LEU D 184 -13.84 44.46 -11.64
CA LEU D 184 -12.98 43.32 -11.30
C LEU D 184 -11.87 43.17 -12.33
N ILE D 185 -12.20 43.38 -13.61
CA ILE D 185 -11.20 43.29 -14.68
C ILE D 185 -10.12 44.34 -14.50
N VAL D 186 -10.50 45.55 -14.08
CA VAL D 186 -9.52 46.59 -13.81
C VAL D 186 -8.56 46.15 -12.72
N ALA D 187 -9.10 45.60 -11.63
CA ALA D 187 -8.24 45.11 -10.56
C ALA D 187 -7.44 43.89 -10.99
N GLU D 188 -8.02 43.03 -11.83
CA GLU D 188 -7.32 41.83 -12.29
C GLU D 188 -6.06 42.21 -13.09
N ILE D 189 -6.19 43.16 -14.01
CA ILE D 189 -5.00 43.60 -14.73
C ILE D 189 -4.12 44.49 -13.86
N ALA D 190 -4.64 44.95 -12.72
CA ALA D 190 -3.81 45.67 -11.78
C ALA D 190 -2.92 44.72 -11.00
N VAL D 191 -3.45 43.57 -10.56
CA VAL D 191 -2.63 42.63 -9.82
C VAL D 191 -1.60 42.00 -10.75
N GLU D 192 -1.97 41.75 -12.01
CA GLU D 192 -1.01 41.20 -12.96
C GLU D 192 0.18 42.13 -13.14
N ALA D 193 -0.04 43.44 -13.05
CA ALA D 193 1.08 44.38 -13.13
C ALA D 193 1.94 44.32 -11.87
N ALA D 194 1.31 44.21 -10.69
CA ALA D 194 2.04 44.26 -9.44
C ALA D 194 2.85 42.98 -9.21
N LYS D 195 2.30 41.83 -9.60
CA LYS D 195 3.00 40.57 -9.40
C LYS D 195 4.39 40.58 -10.05
N ALA D 196 4.57 41.33 -11.13
CA ALA D 196 5.80 41.26 -11.91
C ALA D 196 7.02 41.76 -11.14
N ILE D 197 6.83 42.63 -10.16
CA ILE D 197 7.98 43.22 -9.44
C ILE D 197 8.65 42.14 -8.60
N PRO D 198 9.97 41.98 -8.69
CA PRO D 198 10.63 40.92 -7.93
C PRO D 198 10.58 41.22 -6.44
N GLY D 199 10.33 40.17 -5.66
CA GLY D 199 10.28 40.27 -4.22
C GLY D 199 8.97 40.78 -3.67
N ALA D 200 7.96 40.96 -4.51
CA ALA D 200 6.66 41.46 -4.08
C ALA D 200 5.57 40.46 -4.45
N ILE D 201 4.60 40.29 -3.56
CA ILE D 201 3.48 39.38 -3.75
C ILE D 201 2.19 40.06 -3.29
N LEU D 202 1.07 39.41 -3.58
CA LEU D 202 -0.25 39.88 -3.17
C LEU D 202 -0.99 38.73 -2.50
N PRO D 203 -1.11 38.73 -1.17
CA PRO D 203 -1.51 37.49 -0.47
C PRO D 203 -2.97 37.12 -0.65
N PHE D 204 -3.85 38.10 -0.84
CA PHE D 204 -5.27 37.87 -0.85
C PHE D 204 -5.70 37.07 -2.09
N PRO D 205 -6.92 36.52 -2.07
CA PRO D 205 -7.36 35.64 -3.18
C PRO D 205 -7.27 36.37 -4.52
N GLY D 206 -6.43 35.84 -5.40
CA GLY D 206 -6.19 36.53 -6.64
C GLY D 206 -5.57 37.89 -6.48
N GLY D 207 -5.04 38.22 -5.30
CA GLY D 207 -4.47 39.52 -5.05
C GLY D 207 -5.46 40.58 -4.62
N ILE D 208 -6.75 40.32 -4.75
CA ILE D 208 -7.79 41.32 -4.53
C ILE D 208 -8.49 41.06 -3.21
N VAL D 209 -8.87 42.14 -2.53
CA VAL D 209 -9.63 42.07 -1.29
C VAL D 209 -10.97 42.72 -1.53
N ARG D 210 -12.04 42.09 -1.05
CA ARG D 210 -13.35 42.72 -1.12
C ARG D 210 -13.88 43.15 0.24
N SER D 211 -13.22 42.78 1.33
CA SER D 211 -13.62 43.17 2.68
C SER D 211 -12.68 44.26 3.17
N GLY D 212 -13.21 45.48 3.33
CA GLY D 212 -12.38 46.59 3.73
C GLY D 212 -11.96 46.60 5.18
N SER D 213 -10.71 46.22 5.43
CA SER D 213 -10.19 46.15 6.79
C SER D 213 -10.04 47.57 7.37
N LYS D 214 -10.90 47.89 8.34
CA LYS D 214 -10.91 49.16 9.05
C LYS D 214 -10.41 48.97 10.48
N VAL D 215 -9.50 49.84 10.93
CA VAL D 215 -9.01 49.77 12.30
C VAL D 215 -10.09 50.32 13.24
N GLY D 216 -10.29 49.66 14.36
CA GLY D 216 -11.31 50.07 15.31
C GLY D 216 -12.68 49.48 14.96
N GLY D 217 -13.70 49.96 15.68
CA GLY D 217 -15.06 49.49 15.47
C GLY D 217 -16.07 50.25 16.30
N ARG D 218 -17.35 50.03 15.97
CA ARG D 218 -18.43 50.73 16.66
C ARG D 218 -18.63 50.25 18.10
N THR D 219 -18.53 48.95 18.37
CA THR D 219 -18.93 48.43 19.68
C THR D 219 -17.79 47.67 20.38
N LYS D 220 -17.59 47.99 21.65
CA LYS D 220 -16.69 47.31 22.60
C LYS D 220 -15.25 47.35 22.05
N GLY D 221 -14.50 46.27 22.21
CA GLY D 221 -13.13 46.18 21.77
C GLY D 221 -13.04 45.58 20.39
N MET D 222 -13.47 46.36 19.41
CA MET D 222 -13.39 45.94 18.02
C MET D 222 -11.96 46.17 17.55
N MET D 223 -11.30 45.11 17.10
CA MET D 223 -9.96 45.27 16.55
C MET D 223 -9.98 45.58 15.06
N ALA D 224 -10.90 44.93 14.32
CA ALA D 224 -11.10 45.15 12.89
C ALA D 224 -12.59 45.16 12.61
N SER D 225 -13.02 46.02 11.71
CA SER D 225 -14.41 46.05 11.27
C SER D 225 -14.42 46.45 9.80
N THR D 226 -15.57 46.25 9.17
CA THR D 226 -15.69 46.60 7.76
C THR D 226 -15.63 48.11 7.59
N ASN D 227 -15.18 48.55 6.42
CA ASN D 227 -14.98 49.96 6.14
C ASN D 227 -16.29 50.53 5.60
N ASP D 228 -17.17 50.92 6.52
CA ASP D 228 -18.50 51.39 6.13
C ASP D 228 -18.42 52.58 5.16
N ALA D 229 -17.32 53.33 5.19
CA ALA D 229 -17.20 54.48 4.28
C ALA D 229 -17.17 54.03 2.83
N TYR D 230 -16.47 52.92 2.55
CA TYR D 230 -16.33 52.40 1.19
C TYR D 230 -17.27 51.23 0.91
N CYS D 231 -18.37 51.12 1.64
CA CYS D 231 -19.38 50.09 1.37
C CYS D 231 -20.49 50.66 0.51
N PRO D 232 -20.81 50.05 -0.64
CA PRO D 232 -21.83 50.64 -1.53
C PRO D 232 -23.24 50.51 -0.99
N THR D 233 -23.49 49.54 -0.11
CA THR D 233 -24.81 49.42 0.49
C THR D 233 -25.06 50.49 1.54
N LEU D 234 -24.02 51.10 2.07
CA LEU D 234 -24.15 52.20 3.03
C LEU D 234 -23.88 53.54 2.34
N LYS D 235 -24.49 53.72 1.18
CA LYS D 235 -24.32 54.93 0.38
C LYS D 235 -25.38 55.96 0.77
N GLY D 236 -25.10 57.23 0.46
CA GLY D 236 -26.05 58.29 0.66
C GLY D 236 -26.04 58.92 2.05
N ARG D 237 -25.62 58.17 3.06
CA ARG D 237 -25.57 58.69 4.42
C ARG D 237 -24.23 59.34 4.72
N ALA D 238 -24.22 60.17 5.76
CA ALA D 238 -22.99 60.85 6.19
C ALA D 238 -21.95 59.81 6.58
N GLY D 239 -20.73 60.00 6.10
CA GLY D 239 -19.65 59.09 6.40
C GLY D 239 -19.33 58.10 5.30
N SER D 240 -19.94 58.23 4.13
CA SER D 240 -19.64 57.37 2.99
C SER D 240 -18.71 58.13 2.05
N ALA D 241 -17.50 57.61 1.87
CA ALA D 241 -16.45 58.27 1.10
C ALA D 241 -16.43 57.84 -0.37
N LEU D 242 -17.59 57.72 -1.01
CA LEU D 242 -17.62 57.37 -2.42
C LEU D 242 -18.78 58.05 -3.14
N PRO D 243 -18.58 58.46 -4.39
CA PRO D 243 -19.57 59.29 -5.08
C PRO D 243 -20.75 58.46 -5.56
N PRO D 244 -21.86 59.11 -5.97
CA PRO D 244 -23.04 58.34 -6.41
C PRO D 244 -22.80 57.49 -7.64
N GLU D 245 -21.87 57.88 -8.52
CA GLU D 245 -21.58 57.07 -9.69
C GLU D 245 -20.97 55.72 -9.31
N CYS D 246 -20.26 55.65 -8.19
CA CYS D 246 -19.59 54.42 -7.79
C CYS D 246 -20.58 53.40 -7.20
N GLY D 247 -20.34 52.12 -7.49
CA GLY D 247 -21.17 51.07 -6.95
C GLY D 247 -20.38 49.87 -6.46
N VAL D 248 -19.08 49.84 -6.76
CA VAL D 248 -18.22 48.72 -6.37
C VAL D 248 -16.84 49.27 -6.07
N VAL D 249 -16.23 48.76 -5.00
CA VAL D 249 -14.89 49.12 -4.59
C VAL D 249 -14.08 47.84 -4.38
N LEU D 250 -12.83 47.86 -4.82
CA LEU D 250 -11.94 46.71 -4.66
C LEU D 250 -10.57 47.20 -4.22
N GLU D 251 -9.97 46.48 -3.26
CA GLU D 251 -8.68 46.82 -2.66
C GLU D 251 -7.61 45.85 -3.12
N ILE D 252 -6.39 46.37 -3.26
CA ILE D 252 -5.22 45.60 -3.67
C ILE D 252 -4.13 45.78 -2.62
N VAL D 253 -3.72 44.68 -1.99
CA VAL D 253 -2.72 44.70 -0.92
C VAL D 253 -1.44 44.05 -1.43
N ILE D 254 -0.30 44.73 -1.22
CA ILE D 254 1.00 44.29 -1.70
C ILE D 254 1.95 44.15 -0.52
N ASP D 255 2.70 43.04 -0.50
CA ASP D 255 3.79 42.81 0.44
C ASP D 255 5.07 42.57 -0.34
N ALA D 256 6.21 43.04 0.18
CA ALA D 256 7.46 42.87 -0.53
C ALA D 256 8.63 42.73 0.45
N LEU D 257 9.71 42.12 -0.05
CA LEU D 257 10.91 41.94 0.76
C LEU D 257 11.65 43.27 0.96
N THR D 258 11.50 44.21 0.04
CA THR D 258 12.14 45.51 0.12
C THR D 258 11.11 46.61 -0.03
N SER D 259 11.35 47.73 0.69
CA SER D 259 10.40 48.84 0.68
C SER D 259 10.24 49.41 -0.72
N ALA D 260 11.33 49.50 -1.48
CA ALA D 260 11.25 50.04 -2.83
C ALA D 260 10.35 49.19 -3.71
N ALA D 261 10.35 47.87 -3.50
CA ALA D 261 9.49 47.00 -4.28
C ALA D 261 8.02 47.28 -4.01
N VAL D 262 7.66 47.66 -2.77
CA VAL D 262 6.28 48.01 -2.47
C VAL D 262 5.85 49.22 -3.28
N ALA D 263 6.70 50.25 -3.33
CA ALA D 263 6.37 51.44 -4.11
C ALA D 263 6.32 51.14 -5.60
N GLU D 264 7.29 50.38 -6.10
CA GLU D 264 7.28 50.06 -7.53
C GLU D 264 6.13 49.15 -7.90
N SER D 265 5.73 48.25 -7.00
CA SER D 265 4.56 47.41 -7.26
C SER D 265 3.27 48.23 -7.27
N MET D 266 3.16 49.21 -6.36
CA MET D 266 2.01 50.10 -6.36
C MET D 266 1.97 50.95 -7.62
N ARG D 267 3.11 51.52 -7.99
CA ARG D 267 3.17 52.38 -9.18
C ARG D 267 2.68 51.64 -10.41
N ALA D 268 3.17 50.42 -10.61
CA ALA D 268 2.79 49.65 -11.78
C ALA D 268 1.29 49.33 -11.76
N ALA D 269 0.74 49.06 -10.58
CA ALA D 269 -0.69 48.81 -10.48
C ALA D 269 -1.48 50.08 -10.76
N LEU D 270 -1.04 51.20 -10.17
CA LEU D 270 -1.72 52.47 -10.36
C LEU D 270 -1.81 52.85 -11.84
N HIS D 271 -0.73 52.66 -12.58
CA HIS D 271 -0.73 53.06 -13.98
C HIS D 271 -1.53 52.09 -14.85
N ALA D 272 -1.28 50.79 -14.71
CA ALA D 272 -1.98 49.80 -15.54
C ALA D 272 -3.49 49.90 -15.38
N ALA D 273 -3.96 50.16 -14.15
CA ALA D 273 -5.39 50.25 -13.92
C ALA D 273 -6.00 51.45 -14.63
N THR D 274 -5.34 52.61 -14.55
CA THR D 274 -5.90 53.83 -15.13
C THR D 274 -5.89 53.82 -16.65
N GLU D 275 -4.87 53.21 -17.26
CA GLU D 275 -4.78 53.18 -18.72
C GLU D 275 -6.03 52.56 -19.34
N ILE D 276 -6.51 51.45 -18.79
CA ILE D 276 -7.70 50.78 -19.29
C ILE D 276 -8.93 51.12 -18.44
N GLY D 277 -8.75 51.95 -17.41
CA GLY D 277 -9.81 52.15 -16.43
C GLY D 277 -11.07 52.77 -17.01
N ALA D 278 -10.91 53.77 -17.88
CA ALA D 278 -12.08 54.45 -18.44
C ALA D 278 -12.98 53.47 -19.19
N GLN D 279 -12.37 52.50 -19.88
CA GLN D 279 -13.15 51.57 -20.69
C GLN D 279 -14.11 50.75 -19.83
N HIS D 280 -13.67 50.34 -18.63
CA HIS D 280 -14.47 49.48 -17.78
C HIS D 280 -15.13 50.23 -16.61
N GLY D 281 -15.20 51.56 -16.68
CA GLY D 281 -15.92 52.33 -15.68
C GLY D 281 -15.20 52.63 -14.38
N LEU D 282 -13.87 52.56 -14.36
CA LEU D 282 -13.12 52.97 -13.17
C LEU D 282 -13.36 54.45 -12.89
N VAL D 283 -13.95 54.74 -11.73
CA VAL D 283 -14.25 56.13 -11.37
C VAL D 283 -13.01 56.82 -10.83
N ALA D 284 -12.38 56.23 -9.80
CA ALA D 284 -11.25 56.88 -9.15
C ALA D 284 -10.38 55.82 -8.48
N VAL D 285 -9.18 56.26 -8.04
CA VAL D 285 -8.23 55.42 -7.33
C VAL D 285 -7.77 56.16 -6.08
N THR D 286 -7.81 55.46 -4.93
CA THR D 286 -7.36 55.98 -3.64
C THR D 286 -6.42 54.96 -3.00
N ALA D 287 -5.85 55.32 -1.85
CA ALA D 287 -4.98 54.43 -1.07
C ALA D 287 -5.48 54.36 0.36
N GLY D 288 -5.26 53.21 0.98
CA GLY D 288 -5.69 52.99 2.35
C GLY D 288 -4.67 53.45 3.39
N ASN D 289 -5.10 54.34 4.28
CA ASN D 289 -4.27 54.80 5.39
C ASN D 289 -5.05 54.65 6.69
N TYR D 290 -4.32 54.65 7.79
CA TYR D 290 -4.90 54.46 9.11
C TYR D 290 -4.81 55.69 10.00
N GLY D 291 -4.18 56.77 9.54
CA GLY D 291 -4.03 57.97 10.33
C GLY D 291 -2.63 58.54 10.30
N GLY D 292 -1.65 57.73 9.89
CA GLY D 292 -0.28 58.16 9.74
C GLY D 292 0.64 57.73 10.86
N ASN D 293 0.11 57.54 12.07
CA ASN D 293 0.93 57.23 13.23
C ASN D 293 1.06 55.73 13.49
N LEU D 294 0.25 54.89 12.85
CA LEU D 294 0.35 53.46 13.05
C LEU D 294 1.51 52.85 12.28
N GLY D 295 1.66 53.22 11.02
CA GLY D 295 2.64 52.61 10.12
C GLY D 295 3.78 53.56 9.79
N ARG D 296 4.99 53.01 9.77
CA ARG D 296 6.19 53.81 9.51
C ARG D 296 6.26 54.28 8.06
N HIS D 297 6.01 53.37 7.10
CA HIS D 297 6.15 53.67 5.69
C HIS D 297 4.88 54.26 5.12
N HIS D 298 4.99 55.43 4.50
CA HIS D 298 3.88 56.10 3.83
C HIS D 298 4.18 56.18 2.33
N TYR D 299 3.31 55.59 1.53
CA TYR D 299 3.46 55.58 0.07
C TYR D 299 2.43 56.54 -0.52
N HIS D 300 2.84 57.79 -0.71
CA HIS D 300 1.94 58.79 -1.29
C HIS D 300 1.75 58.52 -2.78
N LEU D 301 0.50 58.62 -3.23
CA LEU D 301 0.26 58.45 -4.65
C LEU D 301 0.79 59.62 -5.46
N ARG D 302 1.12 60.74 -4.81
CA ARG D 302 1.66 61.89 -5.54
C ARG D 302 3.07 61.60 -6.01
N ASP D 303 3.80 60.71 -5.33
CA ASP D 303 5.14 60.33 -5.76
C ASP D 303 5.12 59.23 -6.82
N LEU D 304 3.99 58.57 -7.03
CA LEU D 304 3.84 57.49 -7.98
C LEU D 304 3.43 57.97 -9.37
N LEU D 305 3.56 59.27 -9.65
CA LEU D 305 3.09 59.80 -10.93
C LEU D 305 3.99 59.39 -12.09
N GLU D 306 5.30 59.28 -11.87
CA GLU D 306 6.22 59.00 -12.96
C GLU D 306 5.92 57.63 -13.59
N LYS D 307 5.94 57.60 -14.91
CA LYS D 307 5.67 56.36 -15.63
C LYS D 307 6.75 55.33 -15.32
N PRO D 308 6.41 54.04 -15.30
CA PRO D 308 7.38 52.97 -15.00
C PRO D 308 8.39 52.77 -16.13
N MET E 1 -71.88 43.43 67.59
CA MET E 1 -72.17 42.01 67.55
C MET E 1 -71.00 41.23 68.16
N LEU E 2 -71.30 40.32 69.09
CA LEU E 2 -70.27 39.57 69.79
C LEU E 2 -69.90 38.33 68.99
N THR E 3 -68.59 38.08 68.86
CA THR E 3 -68.07 36.96 68.09
C THR E 3 -66.97 36.27 68.88
N ARG E 4 -66.95 34.93 68.83
CA ARG E 4 -65.96 34.12 69.52
C ARG E 4 -65.26 33.23 68.52
N ILE E 5 -63.94 33.35 68.44
CA ILE E 5 -63.12 32.55 67.53
C ILE E 5 -62.22 31.68 68.40
N HIS E 6 -62.61 30.42 68.60
CA HIS E 6 -61.86 29.53 69.47
C HIS E 6 -61.32 28.34 68.68
N GLY E 7 -60.32 27.69 69.26
CA GLY E 7 -59.72 26.50 68.70
C GLY E 7 -58.43 26.75 67.94
N GLY E 8 -58.19 27.98 67.51
CA GLY E 8 -57.04 28.27 66.68
C GLY E 8 -55.81 28.67 67.47
N ARG E 9 -54.66 28.39 66.86
CA ARG E 9 -53.36 28.79 67.40
C ARG E 9 -53.18 30.28 67.16
N VAL E 10 -53.47 31.08 68.19
CA VAL E 10 -53.42 32.54 68.07
C VAL E 10 -51.97 32.98 68.19
N VAL E 11 -51.49 33.74 67.20
CA VAL E 11 -50.11 34.21 67.14
C VAL E 11 -50.11 35.73 67.21
N ASP E 12 -49.60 36.26 68.33
CA ASP E 12 -49.52 37.70 68.56
C ASP E 12 -48.17 37.98 69.22
N PRO E 13 -47.14 38.32 68.44
CA PRO E 13 -45.81 38.50 69.03
C PRO E 13 -45.67 39.69 69.94
N THR E 14 -46.54 40.70 69.84
CA THR E 14 -46.44 41.86 70.72
C THR E 14 -46.82 41.54 72.16
N ALA E 15 -47.71 40.55 72.36
CA ALA E 15 -48.08 40.09 73.70
C ALA E 15 -47.37 38.80 74.10
N GLY E 16 -46.65 38.15 73.18
CA GLY E 16 -46.03 36.88 73.48
C GLY E 16 -46.91 35.66 73.30
N ARG E 17 -47.93 35.72 72.46
CA ARG E 17 -48.91 34.66 72.33
C ARG E 17 -48.60 33.78 71.12
N ASP E 18 -48.40 32.49 71.36
CA ASP E 18 -48.21 31.47 70.33
C ASP E 18 -48.89 30.17 70.78
N ALA E 19 -50.11 30.29 71.29
CA ALA E 19 -50.83 29.14 71.82
C ALA E 19 -52.30 29.23 71.43
N VAL E 20 -52.96 28.08 71.45
CA VAL E 20 -54.37 28.01 71.07
C VAL E 20 -55.22 28.75 72.09
N GLY E 21 -56.23 29.47 71.60
CA GLY E 21 -57.11 30.18 72.50
C GLY E 21 -58.22 30.89 71.77
N ASP E 22 -59.07 31.53 72.56
CA ASP E 22 -60.23 32.29 72.10
C ASP E 22 -59.82 33.71 71.72
N VAL E 23 -60.55 34.30 70.78
CA VAL E 23 -60.43 35.71 70.41
C VAL E 23 -61.84 36.28 70.36
N TRP E 24 -62.15 37.22 71.25
CA TRP E 24 -63.47 37.83 71.32
C TRP E 24 -63.43 39.24 70.74
N ILE E 25 -64.35 39.54 69.82
CA ILE E 25 -64.46 40.83 69.17
C ILE E 25 -65.89 41.34 69.27
N GLU E 26 -66.05 42.58 69.73
CA GLU E 26 -67.35 43.22 69.88
C GLU E 26 -67.32 44.59 69.22
N ASP E 27 -68.33 44.88 68.42
CA ASP E 27 -68.48 46.16 67.75
C ASP E 27 -67.25 46.48 66.90
N GLY E 28 -66.72 45.47 66.23
CA GLY E 28 -65.60 45.68 65.33
C GLY E 28 -64.27 45.89 66.00
N ARG E 29 -64.16 45.61 67.30
CA ARG E 29 -62.88 45.74 68.00
C ARG E 29 -62.72 44.55 68.93
N VAL E 30 -61.46 44.19 69.21
CA VAL E 30 -61.18 43.06 70.08
C VAL E 30 -61.46 43.46 71.54
N VAL E 31 -62.23 42.63 72.24
CA VAL E 31 -62.61 42.90 73.62
C VAL E 31 -62.14 41.74 74.50
N ALA E 32 -62.18 41.96 75.80
CA ALA E 32 -61.83 40.93 76.76
C ALA E 32 -62.88 39.81 76.74
N PRO E 33 -62.48 38.57 77.06
CA PRO E 33 -63.43 37.45 77.00
C PRO E 33 -64.67 37.64 77.86
N SER E 34 -65.80 37.94 77.22
CA SER E 34 -67.06 38.12 77.92
C SER E 34 -67.67 36.78 78.30
N GLU E 35 -68.16 36.69 79.53
CA GLU E 35 -68.77 35.47 80.06
C GLU E 35 -70.22 35.27 79.59
N ARG E 36 -70.67 36.02 78.59
CA ARG E 36 -72.02 35.87 78.04
C ARG E 36 -71.96 35.23 76.66
N ALA E 37 -73.07 34.60 76.27
CA ALA E 37 -73.12 33.85 75.03
C ALA E 37 -72.93 34.78 73.83
N PRO E 38 -72.04 34.43 72.89
CA PRO E 38 -71.83 35.28 71.72
C PRO E 38 -72.88 35.05 70.64
N ASP E 39 -73.03 36.06 69.78
CA ASP E 39 -74.02 35.96 68.70
C ASP E 39 -73.60 34.93 67.66
N GLN E 40 -72.31 34.88 67.31
CA GLN E 40 -71.80 33.93 66.34
C GLN E 40 -70.47 33.39 66.83
N THR E 41 -70.19 32.13 66.48
CA THR E 41 -68.97 31.46 66.89
C THR E 41 -68.25 30.93 65.66
N ILE E 42 -66.94 31.19 65.59
CA ILE E 42 -66.12 30.76 64.47
C ILE E 42 -65.15 29.70 64.97
N ASP E 43 -65.24 28.50 64.42
CA ASP E 43 -64.38 27.41 64.82
C ASP E 43 -63.16 27.36 63.92
N ALA E 44 -61.98 27.29 64.53
CA ALA E 44 -60.72 27.13 63.80
C ALA E 44 -60.02 25.87 64.31
N THR E 45 -60.16 24.78 63.55
CA THR E 45 -59.40 23.57 63.83
C THR E 45 -57.98 23.81 63.32
N GLY E 46 -57.04 23.90 64.25
CA GLY E 46 -55.70 24.35 63.91
C GLY E 46 -55.78 25.78 63.45
N CYS E 47 -55.64 26.03 62.15
CA CYS E 47 -55.95 27.33 61.54
C CYS E 47 -55.36 28.48 62.34
N VAL E 48 -54.04 28.61 62.24
CA VAL E 48 -53.31 29.65 62.95
C VAL E 48 -53.94 31.02 62.72
N VAL E 49 -54.26 31.70 63.82
CA VAL E 49 -54.97 32.96 63.80
C VAL E 49 -53.97 34.09 64.00
N MET E 50 -53.94 35.05 63.07
CA MET E 50 -53.04 36.20 63.15
C MET E 50 -53.83 37.48 62.98
N ALA E 51 -53.15 38.61 63.24
CA ALA E 51 -53.74 39.92 63.06
C ALA E 51 -53.87 40.27 61.58
N GLY E 52 -54.44 41.43 61.31
CA GLY E 52 -54.60 41.88 59.93
C GLY E 52 -53.26 42.28 59.32
N GLY E 53 -52.96 41.71 58.16
CA GLY E 53 -51.73 42.03 57.46
C GLY E 53 -51.58 43.49 57.10
N VAL E 54 -50.40 44.05 57.33
CA VAL E 54 -50.12 45.45 57.06
C VAL E 54 -49.01 45.53 56.02
N GLU E 55 -49.28 46.22 54.92
CA GLU E 55 -48.31 46.45 53.85
C GLU E 55 -47.82 47.89 53.92
N VAL E 56 -46.49 48.06 53.94
CA VAL E 56 -45.91 49.38 54.18
C VAL E 56 -45.42 50.05 52.89
N HIS E 57 -44.98 49.25 51.90
CA HIS E 57 -44.41 49.78 50.67
C HIS E 57 -44.98 49.01 49.48
N SER E 58 -45.95 49.63 48.79
CA SER E 58 -46.54 49.00 47.61
C SER E 58 -47.09 50.10 46.70
N HIS E 59 -46.61 50.16 45.46
CA HIS E 59 -47.05 51.15 44.48
C HIS E 59 -48.42 50.76 43.96
N ILE E 60 -49.45 51.21 44.67
CA ILE E 60 -50.82 50.81 44.40
C ILE E 60 -51.65 51.92 43.77
N ALA E 61 -51.20 53.17 43.83
CA ALA E 61 -51.93 54.28 43.25
C ALA E 61 -50.95 55.36 42.81
N GLY E 62 -51.43 56.22 41.93
CA GLY E 62 -50.65 57.34 41.43
C GLY E 62 -50.71 57.44 39.91
N GLY E 63 -50.24 58.58 39.42
CA GLY E 63 -50.18 58.79 37.98
C GLY E 63 -49.25 57.82 37.29
N ASN E 64 -48.18 57.40 37.99
CA ASN E 64 -47.24 56.44 37.42
C ASN E 64 -47.83 55.04 37.35
N VAL E 65 -48.63 54.66 38.35
CA VAL E 65 -49.30 53.36 38.33
C VAL E 65 -50.32 53.29 37.21
N VAL E 66 -50.94 54.42 36.88
CA VAL E 66 -51.82 54.49 35.71
C VAL E 66 -51.01 54.29 34.43
N MET E 67 -49.86 54.96 34.34
CA MET E 67 -49.01 54.87 33.16
C MET E 67 -48.55 53.44 32.90
N SER E 68 -48.24 52.69 33.97
CA SER E 68 -47.77 51.32 33.81
C SER E 68 -48.84 50.41 33.21
N ARG E 69 -50.11 50.65 33.55
CA ARG E 69 -51.18 49.84 32.96
C ARG E 69 -51.43 50.22 31.51
N LEU E 70 -51.11 51.46 31.14
CA LEU E 70 -51.20 51.87 29.74
C LEU E 70 -50.05 51.30 28.92
N LEU E 71 -48.83 51.32 29.48
CA LEU E 71 -47.65 50.79 28.78
C LEU E 71 -47.67 49.28 28.67
N LEU E 72 -48.14 48.58 29.72
CA LEU E 72 -48.16 47.12 29.74
C LEU E 72 -49.59 46.63 30.02
N PRO E 73 -50.43 46.58 28.98
CA PRO E 73 -51.77 46.01 29.17
C PRO E 73 -51.76 44.49 29.33
N ASP E 74 -50.64 43.85 29.07
CA ASP E 74 -50.52 42.40 29.16
C ASP E 74 -50.05 41.89 30.52
N LEU E 75 -49.54 42.77 31.39
CA LEU E 75 -48.87 42.35 32.63
C LEU E 75 -49.71 41.38 33.44
N TYR E 76 -50.94 41.79 33.79
CA TYR E 76 -51.77 41.03 34.71
C TYR E 76 -52.92 40.38 33.94
N VAL E 77 -53.13 39.08 34.18
CA VAL E 77 -54.11 38.29 33.45
C VAL E 77 -55.50 38.52 34.04
N SER E 78 -56.46 38.82 33.16
CA SER E 78 -57.86 39.04 33.53
C SER E 78 -58.64 37.77 33.21
N GLU E 79 -59.08 37.05 34.24
CA GLU E 79 -59.88 35.85 34.01
C GLU E 79 -61.37 36.22 33.96
N SER E 80 -62.13 35.36 33.29
CA SER E 80 -63.58 35.55 33.26
C SER E 80 -64.13 35.44 34.67
N ALA E 81 -65.02 36.38 35.03
CA ALA E 81 -65.54 36.50 36.38
C ALA E 81 -67.06 36.46 36.36
N PRO E 82 -67.66 35.30 36.07
CA PRO E 82 -69.11 35.19 36.18
C PRO E 82 -69.50 35.23 37.65
N ASN E 83 -70.50 36.06 37.96
CA ASN E 83 -71.03 36.19 39.32
C ASN E 83 -69.95 36.63 40.30
N GLY E 84 -69.00 37.44 39.83
CA GLY E 84 -67.97 37.99 40.67
C GLY E 84 -68.16 39.48 40.87
N HIS E 85 -67.45 40.00 41.86
CA HIS E 85 -67.55 41.41 42.21
C HIS E 85 -66.93 42.25 41.09
N PRO E 86 -67.49 43.42 40.81
CA PRO E 86 -67.04 44.21 39.65
C PRO E 86 -65.55 44.52 39.70
N PHE E 87 -64.86 44.19 38.61
CA PHE E 87 -63.43 44.41 38.39
C PHE E 87 -62.52 43.66 39.37
N ALA E 88 -63.07 42.80 40.23
CA ALA E 88 -62.24 42.10 41.19
C ALA E 88 -61.28 41.13 40.51
N HIS E 89 -61.72 40.53 39.39
CA HIS E 89 -60.87 39.63 38.62
C HIS E 89 -60.29 40.31 37.39
N ALA E 90 -60.55 41.61 37.22
CA ALA E 90 -59.97 42.38 36.12
C ALA E 90 -58.53 42.73 36.48
N GLY E 91 -57.60 41.89 36.02
CA GLY E 91 -56.17 42.04 36.29
C GLY E 91 -55.62 43.44 36.15
N GLY E 92 -54.92 43.92 37.17
CA GLY E 92 -54.30 45.23 37.17
C GLY E 92 -55.15 46.34 37.77
N SER E 93 -56.46 46.21 37.71
CA SER E 93 -57.35 47.25 38.23
C SER E 93 -57.17 47.43 39.74
N GLY E 94 -57.61 48.59 40.23
CA GLY E 94 -57.58 48.82 41.67
C GLY E 94 -58.39 47.80 42.44
N SER E 95 -59.52 47.36 41.88
CA SER E 95 -60.30 46.34 42.54
C SER E 95 -59.58 45.01 42.57
N TRP E 96 -58.79 44.72 41.53
CA TRP E 96 -58.04 43.47 41.49
C TRP E 96 -57.00 43.41 42.60
N ILE E 97 -56.23 44.49 42.77
CA ILE E 97 -55.19 44.50 43.80
C ILE E 97 -55.82 44.52 45.19
N GLY E 98 -56.96 45.20 45.35
CA GLY E 98 -57.65 45.15 46.63
C GLY E 98 -58.12 43.75 46.98
N ALA E 99 -58.80 43.09 46.06
CA ALA E 99 -59.35 41.76 46.33
C ALA E 99 -58.25 40.74 46.59
N ASN E 100 -57.13 40.83 45.85
CA ASN E 100 -56.05 39.87 46.02
C ASN E 100 -55.31 40.05 47.33
N TYR E 101 -55.19 41.28 47.82
CA TYR E 101 -54.59 41.50 49.13
C TYR E 101 -55.45 40.91 50.24
N ALA E 102 -56.77 41.06 50.13
CA ALA E 102 -57.68 40.51 51.15
C ALA E 102 -57.63 38.99 51.17
N ARG E 103 -57.47 38.36 50.01
CA ARG E 103 -57.39 36.89 49.97
C ARG E 103 -56.22 36.36 50.78
N MET E 104 -55.13 37.13 50.89
CA MET E 104 -53.96 36.70 51.64
C MET E 104 -54.02 37.05 53.12
N GLY E 105 -55.08 37.72 53.57
CA GLY E 105 -55.20 38.11 54.97
C GLY E 105 -54.74 39.51 55.27
N TYR E 106 -54.33 40.29 54.26
CA TYR E 106 -53.91 41.66 54.47
C TYR E 106 -55.13 42.57 54.49
N THR E 107 -55.15 43.49 55.46
CA THR E 107 -56.25 44.44 55.59
C THR E 107 -55.82 45.89 55.49
N THR E 108 -54.51 46.18 55.44
CA THR E 108 -54.02 47.55 55.34
C THR E 108 -52.84 47.60 54.36
N ALA E 109 -52.87 48.56 53.42
CA ALA E 109 -51.82 48.72 52.43
C ALA E 109 -51.49 50.20 52.26
N VAL E 110 -50.20 50.55 52.31
CA VAL E 110 -49.76 51.94 52.28
C VAL E 110 -49.04 52.23 50.96
N GLU E 111 -49.39 53.36 50.34
CA GLU E 111 -48.76 53.82 49.11
C GLU E 111 -47.58 54.72 49.44
N PRO E 112 -46.38 54.44 48.94
CA PRO E 112 -45.19 55.20 49.38
C PRO E 112 -44.94 56.46 48.58
N ALA E 113 -45.57 56.63 47.42
CA ALA E 113 -45.29 57.75 46.52
C ALA E 113 -46.56 58.56 46.28
N LEU E 114 -46.93 59.37 47.28
CA LEU E 114 -48.06 60.27 47.14
C LEU E 114 -47.55 61.65 46.72
N PRO E 115 -47.75 62.06 45.47
CA PRO E 115 -47.21 63.35 45.03
C PRO E 115 -48.08 64.49 45.53
N PRO E 116 -47.49 65.52 46.12
CA PRO E 116 -48.29 66.67 46.55
C PRO E 116 -48.97 67.40 45.40
N SER E 117 -48.39 67.35 44.19
CA SER E 117 -49.00 67.99 43.03
C SER E 117 -50.27 67.26 42.60
N ASN E 118 -50.14 65.98 42.29
CA ASN E 118 -51.29 65.17 41.88
C ASN E 118 -51.78 64.32 43.06
N ALA E 119 -52.26 65.04 44.07
CA ALA E 119 -52.70 64.37 45.29
C ALA E 119 -54.13 63.88 45.16
N LEU E 120 -55.01 64.68 44.53
CA LEU E 120 -56.41 64.28 44.38
C LEU E 120 -56.53 63.00 43.55
N ALA E 121 -55.87 62.95 42.39
CA ALA E 121 -55.97 61.76 41.54
C ALA E 121 -55.39 60.53 42.21
N THR E 122 -54.33 60.71 43.02
CA THR E 122 -53.77 59.58 43.75
C THR E 122 -54.71 59.10 44.85
N HIS E 123 -55.39 60.04 45.53
CA HIS E 123 -56.35 59.68 46.56
C HIS E 123 -57.67 59.18 45.98
N LEU E 124 -58.11 59.74 44.84
CA LEU E 124 -59.27 59.18 44.17
C LEU E 124 -59.00 57.74 43.74
N GLU E 125 -57.76 57.46 43.36
CA GLU E 125 -57.37 56.09 43.01
C GLU E 125 -57.31 55.20 44.25
N LEU E 126 -56.77 55.73 45.36
CA LEU E 126 -56.74 54.97 46.60
C LEU E 126 -58.15 54.65 47.11
N ALA E 127 -59.06 55.62 47.01
CA ALA E 127 -60.41 55.42 47.51
C ALA E 127 -61.13 54.31 46.76
N ASP E 128 -60.90 54.22 45.45
CA ASP E 128 -61.56 53.18 44.64
C ASP E 128 -61.11 51.77 44.98
N ILE E 129 -59.94 51.61 45.60
CA ILE E 129 -59.51 50.30 46.12
C ILE E 129 -60.47 49.83 47.20
N PRO E 130 -61.11 48.68 47.06
CA PRO E 130 -62.10 48.24 48.04
C PRO E 130 -61.48 47.48 49.21
N LEU E 131 -62.30 47.31 50.25
CA LEU E 131 -62.03 46.46 51.41
C LEU E 131 -60.89 46.98 52.29
N LEU E 132 -59.70 47.14 51.74
CA LEU E 132 -58.55 47.52 52.56
C LEU E 132 -58.63 48.97 53.00
N ASP E 133 -58.05 49.25 54.16
CA ASP E 133 -57.72 50.61 54.54
C ASP E 133 -56.38 50.97 53.91
N ARG E 134 -56.27 52.19 53.41
CA ARG E 134 -55.09 52.60 52.65
C ARG E 134 -54.46 53.86 53.24
N GLY E 135 -53.24 54.15 52.80
CA GLY E 135 -52.55 55.35 53.25
C GLY E 135 -51.63 55.85 52.16
N GLY E 136 -51.27 57.13 52.25
CA GLY E 136 -50.37 57.74 51.29
C GLY E 136 -49.25 58.52 51.94
N LEU E 137 -48.02 58.32 51.46
CA LEU E 137 -46.83 58.97 52.00
C LEU E 137 -46.46 60.14 51.11
N ALA E 138 -46.72 61.36 51.60
CA ALA E 138 -46.36 62.56 50.85
C ALA E 138 -44.86 62.59 50.58
N VAL E 139 -44.50 62.90 49.34
CA VAL E 139 -43.11 62.87 48.91
C VAL E 139 -42.59 64.30 48.85
N LEU E 140 -41.47 64.54 49.53
CA LEU E 140 -40.79 65.83 49.51
C LEU E 140 -39.33 65.60 49.20
N GLY E 141 -38.61 66.70 48.95
CA GLY E 141 -37.19 66.65 48.73
C GLY E 141 -36.75 66.84 47.30
N ASN E 142 -37.66 67.19 46.39
CA ASN E 142 -37.29 67.48 45.01
C ASN E 142 -38.07 68.63 44.40
N ASP E 143 -38.96 69.27 45.16
CA ASP E 143 -39.72 70.40 44.66
C ASP E 143 -38.99 71.71 44.94
N ASP E 144 -39.11 72.66 44.00
CA ASP E 144 -38.41 73.93 44.11
C ASP E 144 -38.74 74.66 45.42
N HIS E 145 -39.97 74.52 45.91
CA HIS E 145 -40.39 75.23 47.12
C HIS E 145 -39.50 74.88 48.31
N LEU E 146 -39.38 73.60 48.63
CA LEU E 146 -38.55 73.20 49.77
C LEU E 146 -37.08 73.48 49.51
N LEU E 147 -36.61 73.27 48.28
CA LEU E 147 -35.20 73.46 47.97
C LEU E 147 -34.79 74.93 48.05
N GLN E 148 -35.67 75.84 47.67
CA GLN E 148 -35.38 77.26 47.84
C GLN E 148 -35.33 77.63 49.32
N LEU E 149 -36.19 77.00 50.12
CA LEU E 149 -36.15 77.23 51.57
C LEU E 149 -34.83 76.78 52.17
N LEU E 150 -34.31 75.63 51.71
CA LEU E 150 -33.05 75.13 52.25
C LEU E 150 -31.86 75.91 51.71
N ARG E 151 -31.93 76.33 50.44
CA ARG E 151 -30.87 77.11 49.84
C ARG E 151 -30.63 78.41 50.61
N ASP E 152 -31.71 79.08 51.03
CA ASP E 152 -31.60 80.34 51.74
C ASP E 152 -31.34 80.17 53.24
N GLY E 153 -31.60 78.99 53.80
CA GLY E 153 -31.43 78.78 55.22
C GLY E 153 -32.51 79.46 56.04
N GLU E 154 -33.78 79.14 55.72
CA GLU E 154 -34.92 79.76 56.39
C GLU E 154 -35.11 79.29 57.83
N GLY E 155 -34.41 78.24 58.26
CA GLY E 155 -34.51 77.77 59.63
C GLY E 155 -35.40 76.54 59.76
N LYS E 156 -35.22 75.82 60.87
CA LYS E 156 -35.98 74.61 61.10
C LYS E 156 -37.46 74.90 61.32
N GLN E 157 -37.79 76.07 61.85
CA GLN E 157 -39.20 76.44 62.04
C GLN E 157 -39.90 76.65 60.70
N ALA E 158 -39.25 77.38 59.78
CA ALA E 158 -39.86 77.65 58.48
C ALA E 158 -40.06 76.38 57.68
N VAL E 159 -39.10 75.45 57.73
CA VAL E 159 -39.24 74.18 57.02
C VAL E 159 -40.37 73.36 57.62
N ARG E 160 -40.52 73.38 58.94
CA ARG E 160 -41.61 72.66 59.59
C ARG E 160 -42.96 73.16 59.08
N ASP E 161 -43.10 74.48 58.90
CA ASP E 161 -44.36 75.03 58.42
C ASP E 161 -44.69 74.53 57.02
N LEU E 162 -43.67 74.36 56.18
CA LEU E 162 -43.90 73.90 54.81
C LEU E 162 -44.21 72.40 54.79
N VAL E 163 -43.47 71.60 55.57
CA VAL E 163 -43.76 70.17 55.66
C VAL E 163 -45.12 69.93 56.28
N GLN E 164 -45.55 70.81 57.19
CA GLN E 164 -46.89 70.70 57.75
C GLN E 164 -47.95 71.03 56.70
N GLN E 165 -47.74 72.12 55.96
CA GLN E 165 -48.70 72.53 54.93
C GLN E 165 -48.89 71.44 53.88
N THR E 166 -47.80 70.86 53.40
CA THR E 166 -47.92 69.84 52.35
C THR E 166 -48.59 68.57 52.87
N LEU E 167 -48.22 68.14 54.09
CA LEU E 167 -48.86 66.97 54.68
C LEU E 167 -50.36 67.19 54.85
N ALA E 168 -50.76 68.39 55.26
CA ALA E 168 -52.18 68.66 55.46
C ALA E 168 -52.91 68.73 54.13
N HIS E 169 -52.38 69.50 53.18
CA HIS E 169 -53.09 69.71 51.92
C HIS E 169 -53.18 68.42 51.11
N SER E 170 -52.12 67.62 51.09
CA SER E 170 -52.13 66.36 50.35
C SER E 170 -52.83 65.23 51.10
N ARG E 171 -53.20 65.43 52.36
CA ARG E 171 -53.89 64.42 53.17
C ARG E 171 -53.06 63.13 53.29
N GLY E 172 -51.76 63.29 53.54
CA GLY E 172 -50.85 62.17 53.62
C GLY E 172 -50.68 61.63 55.02
N LEU E 173 -50.30 60.35 55.11
CA LEU E 173 -50.05 59.73 56.42
C LEU E 173 -48.69 60.11 56.97
N GLY E 174 -47.66 60.10 56.13
CA GLY E 174 -46.32 60.41 56.57
C GLY E 174 -45.50 61.09 55.50
N VAL E 175 -44.21 61.28 55.75
CA VAL E 175 -43.34 61.94 54.80
C VAL E 175 -42.40 60.92 54.15
N CYS E 177 -39.14 60.51 50.97
CA CYS E 177 -38.21 61.19 50.09
C CYS E 177 -37.53 60.17 49.17
N ILE E 178 -37.62 60.41 47.86
CA ILE E 178 -37.11 59.50 46.85
C ILE E 178 -35.90 60.17 46.20
N ASN E 179 -34.71 59.74 46.62
CA ASN E 179 -33.43 60.26 46.14
C ASN E 179 -33.44 61.79 46.22
N ALA E 180 -33.25 62.33 47.42
CA ALA E 180 -33.29 63.77 47.64
C ALA E 180 -32.44 64.54 46.65
N GLY E 181 -33.05 65.50 45.96
CA GLY E 181 -32.37 66.31 44.97
C GLY E 181 -32.05 65.62 43.65
N GLY E 182 -32.31 64.32 43.53
CA GLY E 182 -32.00 63.61 42.30
C GLY E 182 -32.80 64.10 41.11
N ALA E 183 -34.05 64.48 41.35
CA ALA E 183 -34.88 65.00 40.26
C ALA E 183 -34.43 66.39 39.84
N SER E 184 -34.22 67.29 40.81
CA SER E 184 -33.74 68.63 40.50
C SER E 184 -32.30 68.64 40.05
N ALA E 185 -31.65 67.48 40.00
CA ALA E 185 -30.33 67.32 39.41
C ALA E 185 -30.40 66.66 38.04
N PHE E 186 -31.27 65.67 37.88
CA PHE E 186 -31.50 65.08 36.56
C PHE E 186 -31.98 66.14 35.57
N LYS E 187 -32.89 67.02 36.01
CA LYS E 187 -33.36 68.10 35.14
C LYS E 187 -32.22 69.02 34.74
N ASP E 188 -31.18 69.14 35.58
CA ASP E 188 -30.02 69.96 35.28
C ASP E 188 -28.86 69.14 34.73
N GLY E 189 -29.16 68.01 34.09
CA GLY E 189 -28.18 67.23 33.37
C GLY E 189 -27.33 66.29 34.19
N VAL E 190 -27.68 66.03 35.46
CA VAL E 190 -26.92 65.11 36.30
C VAL E 190 -27.42 63.69 36.05
N LEU E 191 -26.49 62.74 35.98
CA LEU E 191 -26.79 61.34 35.74
C LEU E 191 -26.57 60.44 36.95
N LYS E 192 -25.57 60.75 37.78
CA LYS E 192 -25.29 60.00 39.00
C LYS E 192 -25.23 60.96 40.18
N LEU E 193 -25.75 60.53 41.33
CA LEU E 193 -25.81 61.38 42.51
C LEU E 193 -25.63 60.57 43.77
N SER E 194 -24.75 61.04 44.65
CA SER E 194 -24.48 60.41 45.94
C SER E 194 -24.99 61.31 47.07
N LEU E 195 -25.07 60.73 48.27
CA LEU E 195 -25.68 61.41 49.41
C LEU E 195 -24.97 62.72 49.75
N ASP E 196 -23.71 62.87 49.38
CA ASP E 196 -23.00 64.12 49.67
C ASP E 196 -22.91 65.04 48.47
N ASP E 197 -23.05 64.52 47.25
CA ASP E 197 -22.83 65.30 46.04
C ASP E 197 -23.70 66.55 46.02
N GLU E 198 -23.09 67.67 45.64
CA GLU E 198 -23.81 68.93 45.54
C GLU E 198 -24.75 68.92 44.35
N ILE E 199 -25.97 69.39 44.56
CA ILE E 199 -26.98 69.42 43.51
C ILE E 199 -27.03 70.80 42.89
N PRO E 200 -27.12 70.91 41.55
CA PRO E 200 -27.00 72.22 40.89
C PRO E 200 -28.16 73.14 41.21
N CYS E 201 -27.85 74.44 41.31
CA CYS E 201 -28.73 75.59 41.43
C CYS E 201 -29.21 75.80 42.86
N TYR E 202 -29.01 74.85 43.76
CA TYR E 202 -29.33 75.03 45.16
C TYR E 202 -28.11 74.85 46.06
N GLY E 203 -27.01 74.33 45.52
CA GLY E 203 -25.76 74.20 46.26
C GLY E 203 -25.89 73.43 47.55
N LEU E 204 -26.59 72.30 47.53
CA LEU E 204 -26.82 71.52 48.73
C LEU E 204 -26.72 70.03 48.43
N SER E 205 -26.38 69.27 49.46
CA SER E 205 -26.27 67.82 49.39
C SER E 205 -27.66 67.20 49.51
N THR E 206 -27.72 65.89 49.24
CA THR E 206 -28.98 65.18 49.49
C THR E 206 -29.14 64.87 50.97
N ARG E 207 -28.02 64.74 51.70
CA ARG E 207 -28.10 64.60 53.15
C ARG E 207 -28.54 65.91 53.80
N LYS E 208 -28.25 67.04 53.16
CA LYS E 208 -28.74 68.32 53.66
C LYS E 208 -30.25 68.39 53.61
N ILE E 209 -30.85 67.83 52.53
CA ILE E 209 -32.30 67.80 52.45
C ILE E 209 -32.87 66.75 53.39
N MET E 210 -32.21 65.58 53.45
CA MET E 210 -32.67 64.51 54.32
C MET E 210 -32.59 64.91 55.79
N SER E 211 -31.48 65.53 56.20
CA SER E 211 -31.37 65.99 57.58
C SER E 211 -32.44 67.01 57.91
N ALA E 212 -32.77 67.89 56.95
CA ALA E 212 -33.81 68.89 57.18
C ALA E 212 -35.19 68.24 57.29
N LEU E 213 -35.47 67.23 56.46
CA LEU E 213 -36.74 66.52 56.57
C LEU E 213 -36.79 65.67 57.84
N LEU E 214 -35.64 65.12 58.27
CA LEU E 214 -35.59 64.38 59.52
C LEU E 214 -35.90 65.26 60.72
N ASP E 215 -35.42 66.50 60.71
CA ASP E 215 -35.79 67.44 61.76
C ASP E 215 -37.29 67.72 61.74
N ALA E 216 -37.82 68.04 60.56
CA ALA E 216 -39.24 68.39 60.44
C ALA E 216 -40.14 67.24 60.91
N VAL E 217 -39.78 66.00 60.57
CA VAL E 217 -40.62 64.86 60.92
C VAL E 217 -40.64 64.67 62.44
N GLU E 218 -39.47 64.72 63.08
CA GLU E 218 -39.42 64.62 64.53
C GLU E 218 -40.16 65.78 65.19
N GLU E 219 -39.99 66.99 64.65
CA GLU E 219 -40.65 68.16 65.23
C GLU E 219 -42.16 68.06 65.14
N ILE E 220 -42.70 67.78 63.95
CA ILE E 220 -44.15 67.69 63.79
C ILE E 220 -44.71 66.48 64.55
N GLY E 221 -43.94 65.41 64.66
CA GLY E 221 -44.37 64.25 65.43
C GLY E 221 -45.14 63.19 64.66
N VAL E 222 -44.73 62.91 63.42
CA VAL E 222 -45.39 61.86 62.63
C VAL E 222 -45.09 60.50 63.25
N PRO E 223 -46.10 59.68 63.54
CA PRO E 223 -45.84 58.35 64.12
C PRO E 223 -44.94 57.49 63.26
N HIS E 224 -45.03 57.64 61.94
CA HIS E 224 -44.17 56.94 60.99
C HIS E 224 -42.92 57.79 60.75
N PRO E 225 -41.72 57.22 60.89
CA PRO E 225 -40.50 58.02 60.67
C PRO E 225 -40.33 58.42 59.22
N LEU E 226 -39.15 58.94 58.87
CA LEU E 226 -38.91 59.38 57.50
C LEU E 226 -38.65 58.17 56.62
N HIS E 227 -39.55 57.94 55.66
CA HIS E 227 -39.40 56.87 54.68
C HIS E 227 -38.37 57.33 53.65
N VAL E 228 -37.24 56.64 53.58
CA VAL E 228 -36.06 57.11 52.84
C VAL E 228 -35.79 56.19 51.65
N HIS E 229 -35.58 56.80 50.49
CA HIS E 229 -35.18 56.13 49.26
C HIS E 229 -33.76 56.61 48.95
N CYS E 230 -32.77 55.75 49.19
CA CYS E 230 -31.37 56.18 49.16
C CYS E 230 -30.90 56.46 47.74
N ASN E 231 -29.66 56.94 47.65
CA ASN E 231 -29.01 57.27 46.39
C ASN E 231 -28.41 56.01 45.74
N ASN E 232 -28.31 56.06 44.41
CA ASN E 232 -27.68 54.99 43.62
C ASN E 232 -28.38 53.65 43.80
N LEU E 233 -29.69 53.64 43.50
CA LEU E 233 -30.47 52.40 43.59
C LEU E 233 -29.97 51.41 42.55
N GLY E 234 -29.77 50.16 42.99
CA GLY E 234 -29.38 49.08 42.10
C GLY E 234 -27.96 49.11 41.60
N LEU E 235 -27.20 50.18 41.88
CA LEU E 235 -25.82 50.26 41.40
C LEU E 235 -24.88 49.50 42.33
N PRO E 236 -23.90 48.75 41.77
CA PRO E 236 -22.93 48.05 42.61
C PRO E 236 -22.10 49.03 43.44
N GLY E 237 -22.26 48.96 44.75
CA GLY E 237 -21.71 49.96 45.65
C GLY E 237 -22.77 50.72 46.44
N ALA E 238 -24.05 50.36 46.30
CA ALA E 238 -25.10 51.01 47.08
C ALA E 238 -25.09 50.60 48.54
N ASP E 239 -24.43 49.49 48.89
CA ASP E 239 -24.25 49.15 50.30
C ASP E 239 -23.48 50.23 51.01
N ASP E 240 -22.60 50.89 50.27
CA ASP E 240 -21.77 52.02 50.79
C ASP E 240 -22.66 53.27 50.90
N SER E 241 -23.67 53.39 50.03
CA SER E 241 -24.56 54.55 50.08
C SER E 241 -25.61 54.43 51.17
N LEU E 242 -26.18 53.24 51.35
CA LEU E 242 -27.19 53.04 52.39
C LEU E 242 -26.59 53.20 53.76
N VAL E 243 -25.38 52.66 53.95
CA VAL E 243 -24.73 52.73 55.24
C VAL E 243 -24.36 54.15 55.61
N ALA E 244 -23.82 54.92 54.65
CA ALA E 244 -23.43 56.30 54.94
C ALA E 244 -24.65 57.18 55.15
N THR E 245 -25.79 56.82 54.54
CA THR E 245 -27.04 57.52 54.78
C THR E 245 -27.58 57.20 56.17
N LEU E 246 -27.42 55.95 56.62
CA LEU E 246 -27.82 55.58 57.98
C LEU E 246 -27.00 56.35 59.02
N GLU E 247 -25.69 56.49 58.79
CA GLU E 247 -24.85 57.25 59.70
C GLU E 247 -25.08 58.75 59.59
N ALA E 248 -25.65 59.22 58.48
CA ALA E 248 -26.00 60.63 58.33
C ALA E 248 -27.24 61.01 59.13
N ALA E 249 -28.09 60.04 59.47
CA ALA E 249 -29.29 60.34 60.26
C ALA E 249 -28.93 60.86 61.64
N GLU E 250 -27.75 60.49 62.15
CA GLU E 250 -27.26 60.92 63.47
C GLU E 250 -28.20 60.46 64.58
N GLY E 251 -28.66 59.21 64.48
CA GLY E 251 -29.48 58.61 65.50
C GLY E 251 -30.96 58.89 65.40
N ARG E 252 -31.39 59.69 64.41
CA ARG E 252 -32.80 59.99 64.27
C ARG E 252 -33.56 58.80 63.70
N ARG E 253 -34.86 58.79 63.93
CA ARG E 253 -35.71 57.69 63.50
C ARG E 253 -35.94 57.75 61.99
N ILE E 254 -35.55 56.70 61.28
CA ILE E 254 -35.69 56.58 59.83
C ILE E 254 -36.24 55.21 59.47
N HIS E 255 -36.55 55.06 58.18
CA HIS E 255 -36.96 53.77 57.62
C HIS E 255 -36.50 53.72 56.17
N PHE E 256 -35.66 52.73 55.84
CA PHE E 256 -35.13 52.60 54.49
C PHE E 256 -36.07 51.74 53.65
N ALA E 257 -36.53 52.27 52.53
CA ALA E 257 -37.41 51.53 51.63
C ALA E 257 -36.62 50.60 50.72
N HIS E 258 -37.18 49.42 50.46
CA HIS E 258 -36.64 48.40 49.56
C HIS E 258 -35.11 48.34 49.61
N ALA E 259 -34.61 48.02 50.80
CA ALA E 259 -33.16 47.99 51.03
C ALA E 259 -32.47 46.89 50.25
N GLN E 260 -33.20 45.88 49.79
CA GLN E 260 -32.57 44.79 49.04
C GLN E 260 -31.77 45.33 47.85
N PHE E 261 -32.32 46.32 47.16
CA PHE E 261 -31.66 46.92 46.01
C PHE E 261 -30.42 47.72 46.37
N TYR E 262 -30.06 47.81 47.66
CA TYR E 262 -28.85 48.52 48.05
C TYR E 262 -27.75 47.61 48.58
N ALA E 263 -28.06 46.36 48.92
CA ALA E 263 -27.07 45.43 49.46
C ALA E 263 -26.31 44.71 48.35
N TYR E 264 -25.62 45.51 47.54
CA TYR E 264 -24.85 45.03 46.40
C TYR E 264 -23.39 45.39 46.65
N GLY E 265 -22.58 44.39 47.01
CA GLY E 265 -21.18 44.65 47.29
C GLY E 265 -20.40 44.98 46.04
N VAL E 266 -19.30 45.70 46.24
CA VAL E 266 -18.46 46.19 45.13
C VAL E 266 -17.46 45.15 44.65
N VAL E 267 -17.09 44.20 45.50
CA VAL E 267 -16.11 43.15 45.24
C VAL E 267 -14.88 43.73 44.52
N ASP E 268 -14.50 43.19 43.37
CA ASP E 268 -13.30 43.68 42.71
C ASP E 268 -13.48 45.14 42.26
N PRO E 269 -12.38 45.93 42.23
CA PRO E 269 -12.47 47.34 41.84
C PRO E 269 -12.62 47.53 40.33
N GLY E 275 -17.75 44.60 36.71
CA GLY E 275 -18.13 43.40 36.01
C GLY E 275 -18.97 42.45 36.84
N GLY E 276 -18.89 42.58 38.17
CA GLY E 276 -19.65 41.73 39.06
C GLY E 276 -19.96 42.46 40.35
N PHE E 277 -20.75 41.79 41.19
CA PHE E 277 -21.13 42.33 42.49
C PHE E 277 -21.37 41.20 43.48
N ARG E 278 -21.09 41.50 44.75
CA ARG E 278 -21.17 40.58 45.87
C ARG E 278 -22.34 40.98 46.77
N SER E 279 -22.83 40.02 47.56
CA SER E 279 -23.92 40.31 48.48
C SER E 279 -23.38 41.05 49.69
N ALA E 280 -24.04 42.16 50.06
CA ALA E 280 -23.66 42.92 51.23
C ALA E 280 -24.70 42.83 52.34
N ALA E 281 -25.52 41.77 52.34
CA ALA E 281 -26.55 41.62 53.36
C ALA E 281 -25.95 41.59 54.77
N GLU E 282 -24.79 40.95 54.93
CA GLU E 282 -24.20 40.85 56.26
C GLU E 282 -23.69 42.19 56.77
N ARG E 283 -23.22 43.03 55.85
CA ARG E 283 -22.69 44.38 56.21
C ARG E 283 -23.85 45.28 56.63
N ILE E 284 -24.98 45.21 55.92
CA ILE E 284 -26.15 46.03 56.21
C ILE E 284 -26.82 45.55 57.50
N ASN E 285 -26.98 44.23 57.67
CA ASN E 285 -27.57 43.71 58.89
C ASN E 285 -26.72 44.05 60.11
N ALA E 286 -25.40 44.21 59.92
CA ALA E 286 -24.54 44.61 61.02
C ALA E 286 -24.76 46.07 61.40
N ALA E 287 -24.91 46.95 60.40
CA ALA E 287 -25.17 48.35 60.68
C ALA E 287 -26.57 48.56 61.26
N MET E 288 -27.52 47.69 60.91
CA MET E 288 -28.87 47.81 61.44
C MET E 288 -28.94 47.46 62.92
N GLU E 289 -28.09 46.57 63.40
CA GLU E 289 -28.03 46.28 64.82
C GLU E 289 -27.28 47.36 65.58
N ALA E 290 -26.30 48.01 64.94
CA ALA E 290 -25.56 49.09 65.58
C ALA E 290 -26.38 50.37 65.68
N HIS E 291 -27.46 50.51 64.91
CA HIS E 291 -28.34 51.67 64.96
C HIS E 291 -29.73 51.22 65.35
N PRO E 292 -30.12 51.35 66.62
CA PRO E 292 -31.44 50.81 67.02
C PRO E 292 -32.60 51.60 66.45
N ASN E 293 -32.40 52.88 66.14
CA ASN E 293 -33.48 53.71 65.59
C ASN E 293 -33.81 53.40 64.14
N ALA E 294 -33.07 52.49 63.51
CA ALA E 294 -33.25 52.20 62.09
C ALA E 294 -34.24 51.07 61.87
N THR E 295 -34.96 51.15 60.75
CA THR E 295 -35.87 50.12 60.29
C THR E 295 -35.80 50.08 58.76
N TYR E 296 -36.17 48.95 58.18
CA TYR E 296 -36.17 48.87 56.72
C TYR E 296 -37.08 47.77 56.24
N ASP E 297 -37.67 47.99 55.06
CA ASP E 297 -38.41 46.97 54.34
C ASP E 297 -37.54 46.44 53.21
N VAL E 298 -37.67 45.14 52.95
CA VAL E 298 -36.71 44.43 52.10
C VAL E 298 -36.87 44.77 50.63
N GLY E 299 -38.00 44.39 50.03
CA GLY E 299 -38.15 44.50 48.59
C GLY E 299 -37.60 43.29 47.87
N GLN E 300 -38.20 42.12 48.15
CA GLN E 300 -37.71 40.88 47.58
C GLN E 300 -38.02 40.79 46.08
N VAL E 301 -37.09 40.19 45.34
CA VAL E 301 -37.19 40.07 43.89
C VAL E 301 -37.94 38.78 43.55
N VAL E 302 -38.90 38.88 42.64
CA VAL E 302 -39.69 37.74 42.18
C VAL E 302 -39.37 37.46 40.73
N PHE E 303 -39.02 36.20 40.43
CA PHE E 303 -38.69 35.83 39.07
C PHE E 303 -39.88 36.01 38.14
N GLY E 304 -39.63 36.56 36.95
CA GLY E 304 -40.66 36.74 35.94
C GLY E 304 -40.78 38.18 35.48
N GLN E 305 -41.73 38.37 34.56
CA GLN E 305 -42.00 39.69 33.98
C GLN E 305 -42.72 40.59 34.97
N THR E 306 -42.27 41.83 35.07
CA THR E 306 -42.93 42.83 35.91
C THR E 306 -42.57 44.22 35.38
N VAL E 307 -42.86 45.26 36.16
CA VAL E 307 -42.55 46.64 35.79
C VAL E 307 -42.04 47.36 37.03
N THR E 308 -41.12 48.31 36.82
CA THR E 308 -40.51 49.09 37.89
C THR E 308 -41.08 50.51 37.86
N ILE E 309 -41.82 50.87 38.90
CA ILE E 309 -42.45 52.17 39.04
C ILE E 309 -41.71 52.94 40.14
N SER E 310 -41.05 54.03 39.79
CA SER E 310 -40.28 54.79 40.77
C SER E 310 -40.25 56.26 40.41
N LEU E 311 -40.30 57.12 41.44
CA LEU E 311 -40.13 58.55 41.25
C LEU E 311 -38.66 58.97 41.22
N ASP E 312 -37.74 58.00 41.29
CA ASP E 312 -36.31 58.28 41.17
C ASP E 312 -35.97 58.35 39.69
N ILE E 313 -36.31 59.48 39.08
CA ILE E 313 -36.11 59.62 37.64
C ILE E 313 -34.64 59.57 37.28
N LEU E 314 -33.76 59.92 38.23
CA LEU E 314 -32.33 59.86 37.96
C LEU E 314 -31.87 58.43 37.69
N ARG E 315 -32.38 57.47 38.46
CA ARG E 315 -31.94 56.08 38.30
C ARG E 315 -32.74 55.36 37.21
N GLN E 316 -34.04 55.68 37.08
CA GLN E 316 -34.85 55.03 36.05
C GLN E 316 -34.40 55.42 34.65
N PHE E 317 -33.85 56.63 34.49
CA PHE E 317 -33.24 57.01 33.23
C PHE E 317 -31.89 56.31 33.04
N GLY E 318 -31.17 56.06 34.13
CA GLY E 318 -29.92 55.34 34.03
C GLY E 318 -30.11 53.91 33.53
N GLY E 319 -31.14 53.23 34.02
CA GLY E 319 -31.38 51.87 33.61
C GLY E 319 -32.48 51.76 32.56
N ARG E 320 -32.73 52.86 31.85
CA ARG E 320 -33.79 52.84 30.84
C ARG E 320 -33.49 51.87 29.72
N LYS E 321 -32.22 51.73 29.34
CA LYS E 321 -31.87 50.88 28.21
C LYS E 321 -31.94 49.40 28.55
N GLY E 322 -32.04 49.05 29.84
CA GLY E 322 -32.19 47.66 30.21
C GLY E 322 -33.62 47.19 30.30
N ALA E 323 -34.57 47.98 29.80
CA ALA E 323 -35.98 47.63 29.91
C ALA E 323 -36.31 46.47 28.98
N LYS E 324 -37.15 45.55 29.48
CA LYS E 324 -37.61 44.41 28.71
C LYS E 324 -39.09 44.18 28.99
N PRO E 325 -40.00 44.46 28.05
CA PRO E 325 -39.82 44.93 26.65
C PRO E 325 -39.21 46.33 26.53
N LYS E 326 -38.56 46.60 25.39
CA LYS E 326 -37.77 47.82 25.20
C LYS E 326 -38.69 49.02 24.92
N LYS E 327 -39.33 49.49 25.97
CA LYS E 327 -40.16 50.68 25.91
C LYS E 327 -40.28 51.24 27.33
N TRP E 328 -40.20 52.57 27.46
CA TRP E 328 -40.20 53.16 28.79
C TRP E 328 -40.83 54.55 28.75
N VAL E 329 -41.39 54.96 29.88
CA VAL E 329 -42.02 56.26 30.06
C VAL E 329 -41.32 56.97 31.21
N ILE E 330 -40.58 58.02 30.90
CA ILE E 330 -39.97 58.89 31.90
C ILE E 330 -40.64 60.24 31.80
N SER E 331 -41.11 60.76 32.93
CA SER E 331 -41.73 62.08 32.99
C SER E 331 -41.05 62.88 34.09
N ALA E 332 -40.44 64.01 33.72
CA ALA E 332 -39.80 64.90 34.67
C ALA E 332 -40.69 66.14 34.82
N GLY E 333 -41.55 66.12 35.83
CA GLY E 333 -42.50 67.21 36.00
C GLY E 333 -42.68 67.71 37.42
N ASP E 334 -42.70 69.04 37.56
CA ASP E 334 -43.04 69.74 38.79
C ASP E 334 -42.07 69.41 39.93
N ALA E 335 -42.18 68.21 40.49
CA ALA E 335 -41.33 67.79 41.60
C ALA E 335 -40.45 66.64 41.15
N GLU E 336 -40.98 65.41 41.16
CA GLU E 336 -40.24 64.27 40.65
C GLU E 336 -40.83 63.64 39.41
N GLY E 337 -42.13 63.75 39.20
CA GLY E 337 -42.74 63.15 38.03
C GLY E 337 -42.89 61.66 38.15
N GLY E 338 -41.88 60.90 37.74
CA GLY E 338 -41.91 59.46 37.82
C GLY E 338 -41.34 58.81 36.58
N GLY E 339 -40.87 57.57 36.75
CA GLY E 339 -40.32 56.79 35.65
C GLY E 339 -40.78 55.34 35.69
N VAL E 340 -41.31 54.85 34.57
CA VAL E 340 -41.89 53.52 34.47
C VAL E 340 -41.11 52.76 33.40
N VAL E 341 -40.33 51.76 33.83
CA VAL E 341 -39.65 50.90 32.86
C VAL E 341 -39.98 49.45 33.19
N PRO E 342 -40.41 48.65 32.22
CA PRO E 342 -40.71 47.25 32.50
C PRO E 342 -39.44 46.45 32.63
N PHE E 343 -39.43 45.52 33.57
CA PHE E 343 -38.24 44.70 33.79
C PHE E 343 -38.63 43.25 33.97
N LEU E 344 -37.83 42.37 33.39
CA LEU E 344 -38.01 40.93 33.48
C LEU E 344 -36.85 40.34 34.26
N TYR E 345 -37.15 39.73 35.39
CA TYR E 345 -36.15 39.04 36.18
C TYR E 345 -36.02 37.62 35.64
N ARG E 346 -34.93 37.37 34.93
CA ARG E 346 -34.74 36.10 34.24
C ARG E 346 -34.83 34.95 35.25
N PRO E 347 -35.55 33.88 34.92
CA PRO E 347 -35.69 32.76 35.87
C PRO E 347 -34.37 32.11 36.25
N ARG E 348 -33.37 32.10 35.38
CA ARG E 348 -32.07 31.52 35.70
C ARG E 348 -30.96 32.56 35.67
N GLY E 349 -31.29 33.84 35.73
CA GLY E 349 -30.33 34.87 35.43
C GLY E 349 -29.33 35.05 36.56
N PRO E 350 -28.05 35.16 36.18
CA PRO E 350 -27.01 35.36 37.21
C PRO E 350 -27.21 36.63 38.02
N VAL E 351 -27.81 37.66 37.42
CA VAL E 351 -28.13 38.88 38.15
C VAL E 351 -29.40 38.71 38.96
N SER E 352 -30.42 38.08 38.38
CA SER E 352 -31.71 37.94 39.06
C SER E 352 -31.59 36.98 40.26
N SER E 353 -30.88 35.86 40.09
CA SER E 353 -30.79 34.88 41.17
C SER E 353 -30.07 35.46 42.39
N LEU E 354 -29.08 36.34 42.17
CA LEU E 354 -28.41 36.99 43.28
C LEU E 354 -29.32 37.99 43.99
N GLN E 355 -30.09 38.75 43.21
CA GLN E 355 -31.05 39.70 43.78
C GLN E 355 -32.10 38.97 44.62
N TRP E 356 -32.52 37.79 44.17
CA TRP E 356 -33.47 36.99 44.94
C TRP E 356 -32.85 36.43 46.21
N ALA E 357 -31.56 36.09 46.16
CA ALA E 357 -30.88 35.54 47.35
C ALA E 357 -30.64 36.62 48.40
N ILE E 358 -30.21 37.82 47.98
CA ILE E 358 -29.94 38.89 48.92
C ILE E 358 -31.21 39.29 49.67
N GLY E 359 -32.36 39.26 48.99
CA GLY E 359 -33.62 39.58 49.66
C GLY E 359 -33.90 38.70 50.86
N LEU E 360 -33.74 37.39 50.69
CA LEU E 360 -33.93 36.47 51.81
C LEU E 360 -32.82 36.62 52.84
N GLU E 361 -31.56 36.65 52.38
CA GLU E 361 -30.41 36.73 53.28
C GLU E 361 -30.54 37.87 54.28
N LEU E 362 -31.01 39.03 53.83
CA LEU E 362 -31.21 40.14 54.75
C LEU E 362 -32.22 39.79 55.84
N MET E 363 -33.28 39.06 55.47
CA MET E 363 -34.29 38.66 56.46
C MET E 363 -33.79 37.52 57.34
N LEU E 364 -33.05 36.57 56.76
CA LEU E 364 -32.55 35.46 57.55
C LEU E 364 -31.47 35.89 58.55
N LEU E 365 -30.76 36.98 58.26
CA LEU E 365 -29.73 37.47 59.17
C LEU E 365 -30.27 38.33 60.30
N SER E 366 -31.47 38.89 60.16
CA SER E 366 -31.96 39.85 61.12
C SER E 366 -32.19 39.21 62.48
N SER E 367 -31.81 39.94 63.53
CA SER E 367 -32.09 39.49 64.90
C SER E 367 -33.52 39.79 65.30
N ASN E 368 -34.08 40.89 64.79
CA ASN E 368 -35.45 41.28 65.09
C ASN E 368 -36.21 41.47 63.77
N PRO E 369 -37.12 40.58 63.41
CA PRO E 369 -37.86 40.77 62.14
C PRO E 369 -38.82 41.95 62.18
N GLU E 370 -39.08 42.55 63.34
CA GLU E 370 -39.93 43.74 63.36
C GLU E 370 -39.26 44.92 62.67
N ARG E 371 -37.93 44.96 62.67
CA ARG E 371 -37.23 46.02 61.96
C ARG E 371 -36.87 45.65 60.54
N THR E 372 -37.11 44.39 60.13
CA THR E 372 -36.79 43.93 58.78
C THR E 372 -38.07 43.57 58.05
N ILE E 373 -38.96 44.55 57.87
CA ILE E 373 -40.30 44.28 57.35
C ILE E 373 -40.24 43.66 55.96
N LEU E 374 -41.17 42.74 55.70
CA LEU E 374 -41.25 42.03 54.42
C LEU E 374 -42.06 42.83 53.41
N THR E 375 -41.43 43.12 52.26
CA THR E 375 -42.09 43.75 51.14
C THR E 375 -41.53 43.16 49.86
N THR E 376 -42.25 43.36 48.77
CA THR E 376 -41.74 43.06 47.44
C THR E 376 -41.43 44.31 46.64
N ASP E 377 -41.65 45.50 47.21
CA ASP E 377 -41.53 46.76 46.47
C ASP E 377 -42.44 46.72 45.24
N HIS E 378 -43.67 46.25 45.44
CA HIS E 378 -44.58 45.96 44.34
C HIS E 378 -44.76 47.18 43.44
N PRO E 379 -44.57 47.04 42.12
CA PRO E 379 -44.19 45.79 41.47
C PRO E 379 -42.70 45.73 41.09
N ASN E 380 -41.96 46.78 41.43
CA ASN E 380 -40.54 46.90 41.08
C ASN E 380 -39.76 45.61 41.33
N GLY E 381 -39.81 45.10 42.56
CA GLY E 381 -39.15 43.86 42.88
C GLY E 381 -39.95 42.65 42.41
N GLY E 382 -41.26 42.68 42.66
CA GLY E 382 -42.13 41.59 42.24
C GLY E 382 -43.57 41.90 42.59
N VAL E 383 -44.45 41.02 42.15
CA VAL E 383 -45.88 41.14 42.43
C VAL E 383 -46.16 40.72 43.86
N PHE E 384 -47.03 41.48 44.55
CA PHE E 384 -47.32 41.23 45.96
C PHE E 384 -47.95 39.86 46.21
N THR E 385 -48.53 39.22 45.19
CA THR E 385 -49.14 37.91 45.37
C THR E 385 -48.15 36.82 45.75
N GLU E 386 -46.84 37.09 45.65
CA GLU E 386 -45.80 36.13 45.99
C GLU E 386 -45.42 36.13 47.46
N TYR E 387 -46.10 36.94 48.29
CA TYR E 387 -45.83 36.89 49.72
C TYR E 387 -45.99 35.49 50.30
N PRO E 388 -47.05 34.72 49.99
CA PRO E 388 -47.12 33.36 50.53
C PRO E 388 -45.93 32.50 50.14
N ARG E 389 -45.35 32.72 48.96
CA ARG E 389 -44.18 31.95 48.57
C ARG E 389 -42.97 32.32 49.42
N ILE E 390 -42.74 33.61 49.66
CA ILE E 390 -41.59 34.04 50.45
C ILE E 390 -41.74 33.58 51.90
N ILE E 391 -42.96 33.63 52.43
CA ILE E 391 -43.20 33.07 53.75
C ILE E 391 -42.88 31.58 53.76
N HIS E 392 -43.30 30.87 52.72
CA HIS E 392 -42.98 29.44 52.62
C HIS E 392 -41.47 29.22 52.51
N LEU E 393 -40.76 30.10 51.79
CA LEU E 393 -39.31 29.93 51.66
C LEU E 393 -38.57 30.25 52.95
N LEU E 394 -39.07 31.19 53.75
CA LEU E 394 -38.42 31.49 55.02
C LEU E 394 -38.71 30.43 56.06
N MET E 395 -39.96 29.96 56.14
CA MET E 395 -40.35 29.00 57.16
C MET E 395 -39.73 27.61 56.92
N ASP E 396 -39.53 27.24 55.66
CA ASP E 396 -39.15 25.89 55.28
C ASP E 396 -37.75 25.91 54.67
N ALA E 397 -36.80 25.24 55.34
CA ALA E 397 -35.43 25.20 54.84
C ALA E 397 -35.25 24.23 53.68
N GLU E 398 -36.00 23.12 53.67
CA GLU E 398 -35.85 22.13 52.61
C GLU E 398 -36.41 22.63 51.27
N GLU E 399 -37.43 23.48 51.31
CA GLU E 399 -37.92 24.12 50.08
C GLU E 399 -37.00 25.23 49.60
N ARG E 400 -36.24 25.86 50.52
CA ARG E 400 -35.27 26.86 50.10
C ARG E 400 -34.10 26.22 49.36
N ALA E 401 -33.64 25.05 49.82
CA ALA E 401 -32.61 24.32 49.09
C ALA E 401 -33.13 23.73 47.79
N LYS E 402 -34.45 23.49 47.70
CA LYS E 402 -35.04 23.01 46.45
C LYS E 402 -34.95 24.09 45.36
N GLU E 403 -35.21 25.34 45.73
CA GLU E 403 -35.09 26.44 44.77
C GLU E 403 -33.62 26.75 44.47
N ILE E 404 -32.76 26.67 45.48
CA ILE E 404 -31.34 26.96 45.29
C ILE E 404 -30.71 25.93 44.36
N ALA E 405 -31.25 24.70 44.34
CA ALA E 405 -30.68 23.66 43.48
C ALA E 405 -30.79 24.00 42.00
N THR E 406 -31.84 24.72 41.59
CA THR E 406 -31.99 25.08 40.17
C THR E 406 -31.15 26.29 39.79
N LEU E 407 -30.86 27.18 40.74
CA LEU E 407 -30.14 28.40 40.43
C LEU E 407 -28.66 28.10 40.21
N PRO E 408 -27.97 28.96 39.44
CA PRO E 408 -26.55 28.72 39.14
C PRO E 408 -25.67 28.80 40.38
N ALA E 409 -24.40 28.44 40.19
CA ALA E 409 -23.44 28.37 41.28
C ALA E 409 -23.18 29.75 41.90
N ILE E 410 -23.38 30.82 41.13
CA ILE E 410 -23.08 32.17 41.61
C ILE E 410 -23.81 32.49 42.91
N VAL E 411 -24.99 31.89 43.12
CA VAL E 411 -25.77 32.17 44.32
C VAL E 411 -24.97 31.85 45.57
N GLY E 412 -24.37 30.66 45.63
CA GLY E 412 -23.56 30.31 46.78
C GLY E 412 -22.23 31.03 46.83
N GLU E 413 -21.62 31.26 45.66
CA GLU E 413 -20.30 31.86 45.59
C GLU E 413 -20.30 33.36 45.88
N ARG E 414 -21.46 34.02 45.81
CA ARG E 414 -21.50 35.47 45.95
C ARG E 414 -22.55 35.97 46.94
N SER E 415 -23.19 35.07 47.70
CA SER E 415 -24.17 35.54 48.69
C SER E 415 -23.97 34.87 50.04
N GLY E 416 -24.06 33.54 50.06
CA GLY E 416 -24.01 32.80 51.30
C GLY E 416 -25.36 32.37 51.84
N LEU E 417 -26.42 32.52 51.04
CA LEU E 417 -27.76 32.07 51.40
C LEU E 417 -27.86 30.55 51.55
N PRO E 418 -27.17 29.75 50.72
CA PRO E 418 -27.20 28.29 50.96
C PRO E 418 -26.52 27.88 52.26
N LYS E 419 -25.62 28.70 52.80
CA LYS E 419 -24.95 28.38 54.06
C LYS E 419 -25.82 28.66 55.27
N ILE E 420 -26.68 29.68 55.21
CA ILE E 420 -27.60 30.01 56.30
C ILE E 420 -28.86 29.17 56.13
N GLU E 421 -29.06 28.21 57.03
CA GLU E 421 -30.11 27.20 56.91
C GLU E 421 -31.09 27.27 58.07
N ARG E 422 -31.41 28.47 58.55
CA ARG E 422 -32.30 28.62 59.69
C ARG E 422 -33.74 28.83 59.22
N GLU E 423 -34.68 28.25 59.96
CA GLU E 423 -36.09 28.38 59.61
C GLU E 423 -36.72 29.52 60.41
N TYR E 424 -37.77 30.09 59.82
CA TYR E 424 -38.55 31.17 60.43
C TYR E 424 -39.82 30.61 61.06
N SER E 425 -40.21 31.18 62.19
CA SER E 425 -41.41 30.75 62.92
C SER E 425 -42.61 31.64 62.61
N PHE E 426 -43.77 31.20 63.08
CA PHE E 426 -45.00 31.98 62.89
C PHE E 426 -44.92 33.30 63.65
N SER E 427 -44.38 33.28 64.87
CA SER E 427 -44.20 34.52 65.62
C SER E 427 -43.27 35.48 64.91
N GLU E 428 -42.28 34.95 64.17
CA GLU E 428 -41.38 35.81 63.41
C GLU E 428 -41.99 36.25 62.08
N ILE E 429 -42.87 35.44 61.50
CA ILE E 429 -43.59 35.84 60.30
C ILE E 429 -44.64 36.90 60.65
N ALA E 430 -45.19 36.82 61.86
CA ALA E 430 -46.13 37.85 62.31
C ALA E 430 -45.43 39.16 62.59
N GLN E 431 -44.14 39.09 62.96
CA GLN E 431 -43.34 40.30 63.07
C GLN E 431 -43.05 40.91 61.69
N LEU E 432 -42.96 40.06 60.66
CA LEU E 432 -42.68 40.53 59.31
C LEU E 432 -43.89 41.23 58.68
N THR E 433 -45.10 40.70 58.91
CA THR E 433 -46.27 41.09 58.15
C THR E 433 -47.29 41.93 58.89
N ARG E 434 -47.33 41.89 60.23
CA ARG E 434 -48.36 42.61 60.97
C ARG E 434 -47.76 43.49 62.04
N SER E 435 -47.04 42.86 62.97
CA SER E 435 -46.49 43.55 64.14
C SER E 435 -45.54 44.66 63.73
N GLY E 436 -44.48 44.32 63.02
CA GLY E 436 -43.49 45.28 62.58
C GLY E 436 -44.02 46.40 61.71
N PRO E 437 -44.74 46.07 60.62
CA PRO E 437 -45.22 47.13 59.73
C PRO E 437 -46.13 48.14 60.42
N ALA E 438 -47.05 47.68 61.27
CA ALA E 438 -47.96 48.61 61.92
C ALA E 438 -47.25 49.44 62.99
N LYS E 439 -46.33 48.82 63.73
CA LYS E 439 -45.54 49.59 64.70
C LYS E 439 -44.74 50.69 64.01
N LEU E 440 -44.23 50.40 62.80
CA LEU E 440 -43.47 51.40 62.06
C LEU E 440 -44.37 52.54 61.60
N LEU E 441 -45.51 52.21 60.99
CA LEU E 441 -46.47 53.20 60.50
C LEU E 441 -47.19 53.97 61.60
N GLY E 442 -47.03 53.55 62.86
CA GLY E 442 -47.67 54.21 63.99
C GLY E 442 -49.10 53.81 64.26
N LEU E 443 -49.64 52.86 63.49
CA LEU E 443 -51.01 52.38 63.65
C LEU E 443 -51.04 51.42 64.81
N THR E 444 -51.24 51.97 66.02
CA THR E 444 -51.17 51.15 67.22
C THR E 444 -52.26 50.08 67.25
N ASP E 445 -53.40 50.33 66.59
CA ASP E 445 -54.57 49.45 66.71
C ASP E 445 -54.67 48.43 65.60
N ARG E 446 -53.59 48.12 64.91
CA ARG E 446 -53.73 47.20 63.77
C ARG E 446 -52.80 45.99 63.82
N GLY E 447 -51.59 46.14 64.34
CA GLY E 447 -50.62 45.06 64.23
C GLY E 447 -50.89 43.86 65.10
N HIS E 448 -51.72 44.01 66.13
CA HIS E 448 -51.87 42.99 67.16
C HIS E 448 -53.32 42.51 67.29
N LEU E 449 -53.51 41.52 68.17
CA LEU E 449 -54.82 40.95 68.46
C LEU E 449 -55.20 41.06 69.94
N ARG E 450 -54.43 41.80 70.74
CA ARG E 450 -54.77 41.97 72.14
C ARG E 450 -56.02 42.83 72.27
N GLU E 451 -56.62 42.81 73.46
CA GLU E 451 -57.86 43.55 73.68
C GLU E 451 -57.62 45.05 73.49
N GLY E 452 -58.24 45.63 72.47
CA GLY E 452 -58.08 47.04 72.16
C GLY E 452 -57.79 47.26 70.68
N ALA E 453 -57.41 46.21 69.98
CA ALA E 453 -57.07 46.28 68.57
C ALA E 453 -58.32 46.36 67.71
N LYS E 454 -58.13 46.81 66.47
CA LYS E 454 -59.21 46.73 65.49
C LYS E 454 -59.38 45.28 65.06
N ALA E 455 -60.63 44.86 64.89
CA ALA E 455 -60.94 43.47 64.57
C ALA E 455 -60.52 43.14 63.15
N ASP E 456 -59.22 43.21 62.88
CA ASP E 456 -58.64 42.81 61.60
C ASP E 456 -57.95 41.47 61.85
N VAL E 457 -58.60 40.39 61.44
CA VAL E 457 -58.17 39.03 61.76
C VAL E 457 -57.95 38.25 60.48
N ALA E 458 -56.88 37.46 60.44
CA ALA E 458 -56.57 36.59 59.32
C ALA E 458 -56.36 35.17 59.83
N ILE E 459 -57.20 34.24 59.39
CA ILE E 459 -57.16 32.84 59.80
C ILE E 459 -56.74 31.99 58.61
N TYR E 460 -55.60 31.29 58.73
CA TYR E 460 -55.06 30.44 57.67
C TYR E 460 -55.12 28.98 58.09
N ARG E 461 -55.69 28.14 57.22
CA ARG E 461 -55.82 26.72 57.52
C ARG E 461 -54.45 26.06 57.41
N ASP E 462 -54.04 25.34 58.46
CA ASP E 462 -52.71 24.76 58.53
C ASP E 462 -52.41 23.91 57.29
N ASP E 463 -51.17 24.02 56.83
CA ASP E 463 -50.71 23.20 55.71
C ASP E 463 -49.19 23.14 55.78
N THR E 464 -48.63 21.96 55.50
CA THR E 464 -47.19 21.86 55.36
C THR E 464 -46.68 22.75 54.25
N ASP E 465 -47.43 22.83 53.14
CA ASP E 465 -47.14 23.75 52.03
C ASP E 465 -47.67 25.12 52.41
N ARG E 466 -46.80 25.96 52.99
CA ARG E 466 -47.20 27.29 53.43
C ARG E 466 -47.64 28.18 52.28
N THR E 467 -47.19 27.88 51.06
CA THR E 467 -47.62 28.66 49.90
C THR E 467 -49.14 28.62 49.75
N ALA E 468 -49.72 27.43 49.82
CA ALA E 468 -51.18 27.32 49.79
C ALA E 468 -51.79 27.81 51.10
N MET E 469 -51.09 27.64 52.21
CA MET E 469 -51.62 28.04 53.51
C MET E 469 -51.90 29.53 53.56
N PHE E 470 -50.99 30.35 53.03
CA PHE E 470 -51.11 31.80 53.06
C PHE E 470 -51.69 32.40 51.79
N SER E 471 -51.81 31.63 50.70
CA SER E 471 -52.40 32.16 49.48
C SER E 471 -53.91 32.35 49.63
N ARG E 472 -54.58 31.37 50.24
CA ARG E 472 -56.03 31.40 50.44
C ARG E 472 -56.30 31.30 51.93
N ALA E 473 -56.77 32.40 52.52
CA ALA E 473 -57.05 32.43 53.96
C ALA E 473 -58.44 31.88 54.23
N LYS E 474 -58.54 31.04 55.28
CA LYS E 474 -59.81 30.44 55.65
C LYS E 474 -60.86 31.50 56.00
N LEU E 475 -60.44 32.58 56.67
CA LEU E 475 -61.35 33.64 57.04
C LEU E 475 -60.56 34.91 57.32
N VAL E 476 -60.98 36.03 56.72
CA VAL E 476 -60.42 37.35 56.97
C VAL E 476 -61.53 38.30 57.36
N LEU E 477 -61.29 39.10 58.40
CA LEU E 477 -62.28 40.01 58.96
C LEU E 477 -61.78 41.44 58.86
N LYS E 478 -62.64 42.33 58.38
CA LYS E 478 -62.35 43.76 58.30
C LYS E 478 -63.30 44.50 59.24
N ASP E 479 -62.76 44.96 60.38
CA ASP E 479 -63.55 45.65 61.41
C ASP E 479 -64.73 44.80 61.87
N GLY E 480 -64.47 43.51 62.09
CA GLY E 480 -65.46 42.60 62.60
C GLY E 480 -66.31 41.92 61.54
N GLN E 481 -66.36 42.45 60.33
CA GLN E 481 -67.15 41.90 59.26
C GLN E 481 -66.30 40.96 58.41
N PRO E 482 -66.80 39.77 58.03
CA PRO E 482 -66.01 38.86 57.19
C PRO E 482 -65.98 39.33 55.74
N ILE E 483 -64.78 39.47 55.19
CA ILE E 483 -64.60 39.91 53.81
C ILE E 483 -64.29 38.75 52.88
N VAL E 484 -63.47 37.79 53.30
CA VAL E 484 -63.17 36.63 52.47
C VAL E 484 -63.33 35.37 53.32
N GLU E 485 -63.79 34.30 52.68
CA GLU E 485 -64.03 33.02 53.33
C GLU E 485 -63.46 31.92 52.44
N ASP E 486 -62.59 31.09 53.02
CA ASP E 486 -61.94 29.99 52.30
C ASP E 486 -61.25 30.50 51.04
N GLY E 487 -60.67 31.70 51.14
CA GLY E 487 -59.90 32.26 50.05
C GLY E 487 -60.70 32.96 48.98
N GLU E 488 -62.01 33.12 49.17
CA GLU E 488 -62.86 33.78 48.19
C GLU E 488 -63.58 34.95 48.83
N VAL E 489 -63.58 36.09 48.13
CA VAL E 489 -64.13 37.33 48.68
C VAL E 489 -65.65 37.22 48.72
N VAL E 490 -66.23 37.55 49.87
CA VAL E 490 -67.67 37.49 50.07
C VAL E 490 -68.29 38.88 50.18
N ALA E 491 -67.61 39.81 50.84
CA ALA E 491 -68.09 41.17 51.04
C ALA E 491 -67.39 42.14 50.10
N TRP E 492 -68.08 43.27 49.82
CA TRP E 492 -67.57 44.24 48.84
C TRP E 492 -67.96 45.65 49.31
N PHE E 493 -67.16 46.23 50.20
CA PHE E 493 -67.38 47.59 50.63
C PHE E 493 -66.06 48.36 50.58
N SER E 494 -66.14 49.65 50.84
CA SER E 494 -65.00 50.56 50.76
C SER E 494 -64.43 50.81 52.16
N GLY E 495 -63.12 50.90 52.24
CA GLY E 495 -62.44 51.20 53.49
C GLY E 495 -62.31 52.68 53.76
N LYS E 496 -61.24 53.05 54.43
CA LYS E 496 -60.97 54.45 54.78
C LYS E 496 -59.49 54.75 54.63
N THR E 497 -59.20 55.91 54.03
CA THR E 497 -57.83 56.37 53.87
C THR E 497 -57.34 57.06 55.13
N LEU E 498 -56.21 56.60 55.65
CA LEU E 498 -55.63 57.17 56.86
C LEU E 498 -54.82 58.41 56.51
N SER E 499 -55.17 59.54 57.11
CA SER E 499 -54.44 60.80 56.93
C SER E 499 -54.11 61.38 58.30
N LEU E 500 -52.87 61.84 58.45
CA LEU E 500 -52.44 62.45 59.70
C LEU E 500 -53.17 63.77 59.92
N ASN E 501 -53.82 63.90 61.07
CA ASN E 501 -54.54 65.13 61.41
C ASN E 501 -53.54 66.21 61.81
N VAL E 502 -53.33 67.18 60.93
CA VAL E 502 -52.46 68.32 61.22
C VAL E 502 -53.06 69.55 60.56
N GLU E 503 -52.82 70.71 61.16
CA GLU E 503 -53.40 71.97 60.72
C GLU E 503 -52.37 72.75 59.92
N ALA E 504 -52.76 73.23 58.73
CA ALA E 504 -51.85 74.02 57.92
C ALA E 504 -51.71 75.42 58.49
N ASP E 505 -50.48 75.91 58.56
CA ASP E 505 -50.21 77.24 59.11
C ASP E 505 -50.83 78.31 58.23
N ALA E 506 -51.65 79.18 58.83
CA ALA E 506 -52.35 80.20 58.07
C ALA E 506 -51.38 81.17 57.40
N GLY E 507 -50.32 81.56 58.10
CA GLY E 507 -49.31 82.42 57.50
C GLY E 507 -48.50 81.72 56.42
N MET E 508 -48.40 80.39 56.50
CA MET E 508 -47.73 79.62 55.46
C MET E 508 -48.64 79.37 54.26
N GLU E 509 -49.94 79.25 54.49
CA GLU E 509 -50.87 79.01 53.40
C GLU E 509 -50.95 80.22 52.46
N LYS E 510 -50.97 81.43 53.01
CA LYS E 510 -50.99 82.62 52.18
C LYS E 510 -49.64 82.84 51.49
N ARG E 511 -48.54 82.39 52.11
CA ARG E 511 -47.23 82.52 51.51
C ARG E 511 -47.07 81.57 50.33
N ALA E 512 -47.57 80.34 50.45
CA ALA E 512 -47.50 79.38 49.36
C ALA E 512 -48.41 79.78 48.20
N GLU E 513 -49.54 80.44 48.50
CA GLU E 513 -50.48 80.84 47.46
C GLU E 513 -49.83 81.78 46.44
N SER E 514 -49.07 82.78 46.92
CA SER E 514 -48.40 83.69 46.01
C SER E 514 -47.31 82.97 45.22
N TYR E 515 -46.69 81.95 45.80
CA TYR E 515 -45.67 81.19 45.10
C TYR E 515 -46.29 80.36 43.98
N LEU E 516 -47.33 79.60 44.30
CA LEU E 516 -47.98 78.75 43.30
C LEU E 516 -48.61 79.56 42.18
N GLN E 517 -49.10 80.77 42.47
CA GLN E 517 -49.71 81.58 41.42
C GLN E 517 -48.68 82.07 40.41
N ASP E 518 -47.43 82.24 40.84
CA ASP E 518 -46.39 82.72 39.95
C ASP E 518 -45.68 81.60 39.19
N ARG E 519 -45.72 80.37 39.70
CA ARG E 519 -45.05 79.24 39.06
C ARG E 519 -45.98 78.45 38.15
N PHE E 520 -47.22 78.21 38.59
CA PHE E 520 -48.18 77.42 37.84
C PHE E 520 -49.29 78.25 37.20
N GLY E 521 -49.68 79.35 37.83
CA GLY E 521 -50.86 80.09 37.41
C GLY E 521 -52.16 79.58 37.98
N ALA E 522 -52.12 78.88 39.10
CA ALA E 522 -53.31 78.33 39.73
C ALA E 522 -53.12 78.35 41.24
N GLY E 523 -54.23 78.42 41.97
CA GLY E 523 -54.18 78.52 43.41
C GLY E 523 -53.96 77.18 44.10
N LEU E 524 -54.20 77.17 45.42
CA LEU E 524 -54.07 75.96 46.21
C LEU E 524 -55.19 74.96 45.93
N ASP E 525 -56.35 75.44 45.46
CA ASP E 525 -57.50 74.57 45.24
C ASP E 525 -57.21 73.46 44.23
N THR E 526 -56.28 73.70 43.29
CA THR E 526 -55.90 72.65 42.35
C THR E 526 -55.05 71.58 43.01
N PHE E 527 -54.33 71.92 44.08
CA PHE E 527 -53.57 70.95 44.87
C PHE E 527 -54.39 70.34 46.00
N ALA E 528 -55.54 70.92 46.33
CA ALA E 528 -56.34 70.48 47.45
C ALA E 528 -57.01 69.13 47.16
N VAL E 529 -57.39 68.46 48.25
CA VAL E 529 -58.06 67.16 48.16
C VAL E 529 -59.42 67.24 48.86
N PRO E 530 -60.43 67.84 48.24
CA PRO E 530 -61.71 68.04 48.94
C PRO E 530 -62.47 66.73 49.09
N ASP E 531 -63.27 66.66 50.16
CA ASP E 531 -64.09 65.49 50.42
C ASP E 531 -65.19 65.31 49.37
N ALA E 532 -65.66 66.41 48.77
CA ALA E 532 -66.78 66.37 47.83
C ALA E 532 -66.44 65.66 46.53
N ALA E 533 -65.16 65.48 46.22
CA ALA E 533 -64.74 64.80 45.00
C ALA E 533 -64.87 63.28 45.11
N PHE E 534 -64.95 62.74 46.32
CA PHE E 534 -64.92 61.32 46.57
C PHE E 534 -66.32 60.73 46.57
N PRO E 535 -66.46 59.43 46.30
CA PRO E 535 -67.78 58.81 46.37
C PRO E 535 -68.38 58.88 47.76
N GLU E 536 -67.56 58.91 48.79
CA GLU E 536 -68.00 59.00 50.19
C GLU E 536 -67.55 60.35 50.73
N ASN E 537 -68.48 61.30 50.83
CA ASN E 537 -68.15 62.63 51.31
C ASN E 537 -67.88 62.59 52.81
N THR E 538 -66.65 62.92 53.21
CA THR E 538 -66.20 62.92 54.59
C THR E 538 -66.21 61.52 55.22
N GLY E 539 -66.53 60.50 54.44
CA GLY E 539 -66.50 59.15 54.94
C GLY E 539 -65.33 58.36 54.38
N THR E 540 -64.49 59.02 53.58
CA THR E 540 -63.35 58.38 52.95
C THR E 540 -62.07 58.47 53.77
N PHE E 541 -61.99 59.45 54.67
CA PHE E 541 -60.78 59.68 55.45
C PHE E 541 -61.03 59.43 56.92
N GLU E 542 -59.97 58.97 57.60
CA GLU E 542 -60.01 58.69 59.03
C GLU E 542 -58.76 59.30 59.66
N ASP E 543 -58.96 60.15 60.66
CA ASP E 543 -57.86 60.90 61.25
C ASP E 543 -56.91 60.00 62.05
N VAL E 544 -55.63 60.34 62.01
CA VAL E 544 -54.59 59.67 62.80
C VAL E 544 -53.88 60.72 63.64
N ALA E 545 -53.78 60.45 64.95
CA ALA E 545 -53.15 61.39 65.87
C ALA E 545 -51.62 61.28 65.79
N CYS E 546 -50.96 62.42 65.92
CA CYS E 546 -49.51 62.51 65.80
C CYS E 546 -48.88 62.49 67.19
N ARG E 547 -47.95 61.55 67.40
CA ARG E 547 -47.34 61.32 68.71
C ARG E 547 -46.35 62.43 69.08
N ALA F 1 -84.86 69.43 34.74
CA ALA F 1 -86.01 68.90 34.03
C ALA F 1 -85.59 67.82 33.02
N ALA F 2 -86.41 66.79 32.87
CA ALA F 2 -86.14 65.68 31.95
C ALA F 2 -87.10 65.73 30.76
N TRP F 3 -86.80 64.89 29.77
CA TRP F 3 -87.64 64.78 28.57
C TRP F 3 -87.64 63.31 28.14
N VAL F 4 -88.83 62.71 28.08
CA VAL F 4 -89.02 61.35 27.56
C VAL F 4 -90.15 61.36 26.54
N LYS F 5 -89.93 60.74 25.38
CA LYS F 5 -90.91 60.72 24.28
C LYS F 5 -91.26 62.17 23.96
N GLY F 6 -92.49 62.61 24.15
CA GLY F 6 -92.72 64.02 23.89
C GLY F 6 -92.74 64.84 25.17
N GLY F 7 -91.55 65.27 25.60
CA GLY F 7 -91.40 66.21 26.69
C GLY F 7 -91.90 65.79 28.07
N ALA F 8 -91.57 64.57 28.51
CA ALA F 8 -91.96 64.12 29.85
C ALA F 8 -90.94 64.67 30.86
N ALA F 9 -91.37 65.66 31.65
CA ALA F 9 -90.47 66.38 32.56
C ALA F 9 -89.89 65.52 33.68
N ASP F 10 -90.63 64.53 34.16
CA ASP F 10 -90.23 63.82 35.38
C ASP F 10 -88.83 63.20 35.27
N VAL F 11 -87.98 63.51 36.25
CA VAL F 11 -86.60 63.00 36.28
C VAL F 11 -86.57 61.54 36.68
N ASP F 12 -87.42 61.15 37.63
CA ASP F 12 -87.46 59.75 38.06
C ASP F 12 -87.94 58.84 36.94
N ALA F 13 -88.98 59.26 36.22
CA ALA F 13 -89.50 58.44 35.13
C ALA F 13 -88.54 58.39 33.96
N ALA F 14 -87.76 59.44 33.73
CA ALA F 14 -86.75 59.42 32.69
C ALA F 14 -85.65 58.41 33.00
N VAL F 15 -85.33 58.22 34.28
CA VAL F 15 -84.37 57.20 34.66
C VAL F 15 -84.90 55.81 34.34
N GLU F 16 -86.20 55.60 34.57
CA GLU F 16 -86.83 54.32 34.24
C GLU F 16 -86.88 54.09 32.73
N ALA F 17 -87.14 55.15 31.96
CA ALA F 17 -87.19 55.03 30.52
C ALA F 17 -85.80 54.74 29.94
N ALA F 18 -84.75 55.30 30.55
CA ALA F 18 -83.38 55.01 30.12
C ALA F 18 -82.97 53.59 30.51
N ALA F 19 -83.45 53.11 31.65
CA ALA F 19 -83.15 51.73 32.06
C ALA F 19 -83.83 50.71 31.17
N ASP F 20 -85.07 50.98 30.72
CA ASP F 20 -85.76 50.10 29.79
C ASP F 20 -85.06 50.05 28.44
N LEU F 21 -84.56 51.20 27.96
CA LEU F 21 -83.90 51.26 26.66
C LEU F 21 -82.60 50.48 26.65
N LEU F 22 -81.80 50.61 27.72
CA LEU F 22 -80.52 49.90 27.80
C LEU F 22 -80.73 48.39 27.99
N ALA F 23 -81.77 48.01 28.73
CA ALA F 23 -82.03 46.59 28.95
C ALA F 23 -82.49 45.88 27.68
N ALA F 24 -83.22 46.58 26.80
CA ALA F 24 -83.72 45.97 25.57
C ALA F 24 -82.66 45.86 24.47
N SER F 25 -81.57 46.60 24.58
CA SER F 25 -80.52 46.58 23.56
C SER F 25 -79.50 45.48 23.85
N ARG F 26 -78.96 44.90 22.77
CA ARG F 26 -77.91 43.92 22.91
C ARG F 26 -76.51 44.52 22.83
N VAL F 27 -76.31 45.54 22.00
CA VAL F 27 -75.01 46.21 21.91
C VAL F 27 -75.15 47.65 22.39
N PRO F 28 -74.91 47.93 23.66
CA PRO F 28 -74.98 49.30 24.15
C PRO F 28 -73.63 50.00 24.07
N VAL F 29 -73.69 51.34 23.99
CA VAL F 29 -72.52 52.18 23.82
C VAL F 29 -72.63 53.37 24.76
N LEU F 30 -71.52 53.76 25.38
CA LEU F 30 -71.46 54.94 26.24
C LEU F 30 -70.47 55.92 25.61
N ALA F 31 -70.99 56.84 24.79
CA ALA F 31 -70.15 57.83 24.14
C ALA F 31 -70.08 59.11 24.98
N GLY F 32 -69.34 60.09 24.48
CA GLY F 32 -69.21 61.38 25.14
C GLY F 32 -68.18 61.40 26.26
N LEU F 33 -68.60 61.07 27.47
CA LEU F 33 -67.72 60.97 28.64
C LEU F 33 -66.99 62.29 28.91
N SER F 34 -67.69 63.40 28.73
CA SER F 34 -67.13 64.72 29.02
C SER F 34 -67.82 65.26 30.27
N ALA F 35 -67.33 64.84 31.43
CA ALA F 35 -67.91 65.26 32.70
C ALA F 35 -66.89 65.06 33.81
N GLU F 36 -67.37 65.13 35.05
CA GLU F 36 -66.56 64.93 36.24
C GLU F 36 -65.99 63.52 36.26
N VAL F 37 -65.02 63.31 37.14
CA VAL F 37 -64.51 61.96 37.35
C VAL F 37 -65.54 61.10 38.07
N SER F 38 -66.39 61.71 38.91
CA SER F 38 -67.45 60.95 39.55
C SER F 38 -68.44 60.42 38.52
N ALA F 39 -68.74 61.21 37.48
CA ALA F 39 -69.64 60.75 36.43
C ALA F 39 -68.97 59.70 35.55
N LEU F 40 -67.69 59.89 35.22
CA LEU F 40 -66.95 58.87 34.49
C LEU F 40 -66.92 57.57 35.29
N ARG F 41 -66.71 57.68 36.60
CA ARG F 41 -66.72 56.50 37.47
C ARG F 41 -68.06 55.79 37.44
N ALA F 42 -69.16 56.55 37.48
CA ALA F 42 -70.48 55.94 37.41
C ALA F 42 -70.77 55.39 36.01
N ALA F 43 -70.24 56.04 34.97
CA ALA F 43 -70.46 55.55 33.61
C ALA F 43 -69.74 54.22 33.39
N TYR F 44 -68.52 54.09 33.93
CA TYR F 44 -67.82 52.83 33.81
C TYR F 44 -68.46 51.76 34.68
N ARG F 45 -68.99 52.16 35.84
CA ARG F 45 -69.69 51.22 36.70
C ARG F 45 -70.99 50.74 36.06
N LEU F 46 -71.67 51.62 35.32
CA LEU F 46 -72.89 51.21 34.63
C LEU F 46 -72.57 50.26 33.47
N ALA F 47 -71.52 50.56 32.71
CA ALA F 47 -71.14 49.70 31.59
C ALA F 47 -70.72 48.31 32.05
N GLU F 48 -70.12 48.20 33.24
CA GLU F 48 -69.75 46.89 33.76
C GLU F 48 -70.99 46.04 34.04
N THR F 49 -72.01 46.64 34.63
CA THR F 49 -73.26 45.92 34.87
C THR F 49 -74.02 45.69 33.56
N LEU F 50 -73.99 46.66 32.65
CA LEU F 50 -74.75 46.57 31.41
C LEU F 50 -74.12 45.59 30.43
N GLY F 51 -72.80 45.57 30.37
CA GLY F 51 -72.11 44.89 29.29
C GLY F 51 -71.97 45.76 28.06
N ALA F 52 -71.65 47.03 28.25
CA ALA F 52 -71.57 48.03 27.18
C ALA F 52 -70.11 48.37 26.86
N SER F 53 -69.95 49.15 25.80
CA SER F 53 -68.66 49.73 25.44
C SER F 53 -68.69 51.23 25.72
N LEU F 54 -67.51 51.81 25.80
CA LEU F 54 -67.36 53.23 26.06
C LEU F 54 -66.43 53.85 25.02
N ASP F 55 -66.62 55.14 24.78
CA ASP F 55 -65.75 55.87 23.86
C ASP F 55 -65.86 57.36 24.11
N PRO F 56 -64.80 58.00 24.63
CA PRO F 56 -64.84 59.45 24.81
C PRO F 56 -64.74 60.17 23.47
N VAL F 57 -65.28 61.39 23.44
CA VAL F 57 -65.24 62.19 22.22
C VAL F 57 -63.80 62.52 21.85
N SER F 58 -62.93 62.66 22.85
CA SER F 58 -61.52 62.88 22.61
C SER F 58 -60.82 61.65 22.05
N GLY F 59 -61.56 60.55 21.84
CA GLY F 59 -61.05 59.31 21.31
C GLY F 59 -59.91 59.39 20.32
N PRO F 60 -60.11 60.08 19.19
CA PRO F 60 -59.05 60.15 18.17
C PRO F 60 -57.75 60.79 18.67
N SER F 61 -57.85 61.88 19.44
CA SER F 61 -56.66 62.53 19.99
C SER F 61 -56.04 61.69 21.10
N VAL F 62 -56.87 61.06 21.93
CA VAL F 62 -56.36 60.26 23.04
C VAL F 62 -55.57 59.09 22.49
N TYR F 63 -56.18 58.33 21.58
CA TYR F 63 -55.54 57.13 21.05
C TYR F 63 -54.44 57.44 20.04
N ALA F 64 -54.36 58.67 19.54
CA ALA F 64 -53.19 59.06 18.77
C ALA F 64 -51.95 59.11 19.66
N GLU F 65 -52.09 59.60 20.89
CA GLU F 65 -51.00 59.61 21.84
C GLU F 65 -50.81 58.23 22.47
N LEU F 66 -51.90 57.61 22.93
CA LEU F 66 -51.82 56.30 23.56
C LEU F 66 -51.24 55.25 22.61
N GLY F 67 -51.59 55.31 21.33
CA GLY F 67 -51.06 54.35 20.38
C GLY F 67 -49.54 54.40 20.24
N ALA F 68 -48.97 55.60 20.34
CA ALA F 68 -47.52 55.73 20.19
C ALA F 68 -46.79 55.38 21.48
N LEU F 69 -47.37 55.66 22.64
CA LEU F 69 -46.66 55.43 23.89
C LEU F 69 -46.83 54.02 24.43
N SER F 70 -47.92 53.32 24.10
CA SER F 70 -48.05 51.93 24.51
C SER F 70 -47.07 51.02 23.78
N ALA F 71 -46.51 51.48 22.65
CA ALA F 71 -45.54 50.71 21.88
C ALA F 71 -44.13 51.29 21.93
N GLY F 72 -43.98 52.60 22.04
CA GLY F 72 -42.69 53.25 22.02
C GLY F 72 -42.29 53.96 23.30
N GLY F 73 -43.25 54.19 24.19
CA GLY F 73 -42.95 54.91 25.41
C GLY F 73 -42.98 56.41 25.19
N ALA F 74 -42.47 57.13 26.19
CA ALA F 74 -42.53 58.60 26.15
C ALA F 74 -41.43 59.18 27.03
N MET F 75 -41.10 60.45 26.74
CA MET F 75 -40.14 61.25 27.50
C MET F 75 -40.75 62.64 27.65
N SER F 76 -41.48 62.86 28.73
CA SER F 76 -42.35 64.02 28.81
C SER F 76 -41.98 64.95 29.97
N THR F 77 -42.53 66.16 29.90
CA THR F 77 -42.39 67.18 30.94
C THR F 77 -43.75 67.84 31.14
N THR F 78 -43.81 68.80 32.05
CA THR F 78 -45.04 69.52 32.35
C THR F 78 -44.97 70.94 31.83
N ARG F 79 -46.14 71.59 31.80
CA ARG F 79 -46.22 72.97 31.32
C ARG F 79 -45.41 73.91 32.20
N ALA F 80 -45.56 73.79 33.52
CA ALA F 80 -44.88 74.71 34.44
C ALA F 80 -43.37 74.58 34.34
N GLU F 81 -42.87 73.35 34.18
CA GLU F 81 -41.44 73.16 34.07
C GLU F 81 -40.91 73.55 32.70
N THR F 82 -41.75 73.58 31.67
CA THR F 82 -41.34 74.12 30.38
C THR F 82 -41.19 75.64 30.46
N ILE F 83 -42.19 76.31 31.05
CA ILE F 83 -42.07 77.75 31.26
C ILE F 83 -40.95 78.06 32.24
N GLY F 84 -40.69 77.15 33.18
CA GLY F 84 -39.71 77.40 34.22
C GLY F 84 -38.27 77.04 33.88
N ARG F 85 -38.05 75.99 33.10
CA ARG F 85 -36.70 75.47 32.88
C ARG F 85 -36.22 75.50 31.44
N ALA F 86 -37.11 75.30 30.46
CA ALA F 86 -36.67 75.10 29.09
C ALA F 86 -36.01 76.35 28.52
N ASP F 87 -34.83 76.17 27.93
CA ASP F 87 -34.15 77.26 27.23
C ASP F 87 -34.40 77.27 25.73
N VAL F 88 -34.68 76.11 25.14
CA VAL F 88 -34.99 76.01 23.72
C VAL F 88 -36.27 75.18 23.58
N ILE F 89 -37.26 75.73 22.88
CA ILE F 89 -38.58 75.12 22.75
C ILE F 89 -38.90 74.98 21.26
N LEU F 90 -39.24 73.76 20.84
CA LEU F 90 -39.66 73.48 19.48
C LEU F 90 -41.18 73.30 19.46
N ILE F 91 -41.86 74.09 18.62
CA ILE F 91 -43.32 74.12 18.56
C ILE F 91 -43.74 73.48 17.24
N VAL F 92 -44.24 72.24 17.31
CA VAL F 92 -44.65 71.49 16.13
C VAL F 92 -46.14 71.73 15.89
N GLY F 93 -46.48 72.22 14.71
CA GLY F 93 -47.86 72.38 14.32
C GLY F 93 -48.42 73.75 14.59
N ASN F 94 -49.73 73.87 14.35
CA ASN F 94 -50.46 75.12 14.57
C ASN F 94 -51.32 75.10 15.83
N ARG F 95 -51.69 73.91 16.32
CA ARG F 95 -52.56 73.83 17.49
C ARG F 95 -51.94 74.39 18.77
N PRO F 96 -50.65 74.19 19.07
CA PRO F 96 -50.12 74.78 20.32
C PRO F 96 -50.16 76.31 20.34
N TRP F 97 -50.29 76.97 19.19
CA TRP F 97 -50.35 78.43 19.15
C TRP F 97 -51.68 78.98 19.66
N ASP F 98 -52.71 78.13 19.77
CA ASP F 98 -54.02 78.60 20.23
C ASP F 98 -53.98 79.10 21.68
N GLY F 99 -53.40 78.31 22.57
CA GLY F 99 -53.40 78.66 23.98
C GLY F 99 -52.47 79.81 24.31
N GLU F 100 -52.63 80.32 25.54
CA GLU F 100 -51.71 81.31 26.08
C GLU F 100 -50.35 80.73 26.42
N LEU F 101 -50.21 79.40 26.39
CA LEU F 101 -48.92 78.75 26.68
C LEU F 101 -47.78 79.34 25.88
N ILE F 102 -48.01 79.63 24.59
CA ILE F 102 -46.94 80.11 23.73
C ILE F 102 -46.51 81.52 24.14
N ALA F 103 -47.44 82.34 24.65
CA ALA F 103 -47.07 83.67 25.10
C ALA F 103 -46.42 83.66 26.47
N GLU F 104 -46.80 82.72 27.34
CA GLU F 104 -46.18 82.63 28.65
C GLU F 104 -44.71 82.27 28.54
N ILE F 105 -44.38 81.40 27.58
CA ILE F 105 -42.98 81.02 27.37
C ILE F 105 -42.19 82.21 26.84
N ALA F 106 -42.72 82.89 25.83
CA ALA F 106 -42.00 84.01 25.23
C ALA F 106 -41.88 85.20 26.18
N ALA F 107 -42.89 85.44 27.02
CA ALA F 107 -42.90 86.67 27.82
C ALA F 107 -41.73 86.71 28.80
N ALA F 108 -41.46 85.61 29.48
CA ALA F 108 -40.48 85.55 30.55
C ALA F 108 -39.49 84.41 30.31
N ALA F 109 -38.22 84.68 30.60
CA ALA F 109 -37.19 83.65 30.51
C ALA F 109 -37.35 82.66 31.66
N PRO F 110 -36.71 81.48 31.56
CA PRO F 110 -36.85 80.48 32.63
C PRO F 110 -36.34 80.96 33.98
N SER F 111 -37.08 80.60 35.04
CA SER F 111 -36.77 81.03 36.41
C SER F 111 -36.15 79.93 37.27
N ARG F 112 -36.12 78.68 36.81
CA ARG F 112 -35.55 77.58 37.58
C ARG F 112 -34.62 76.74 36.69
N GLY F 113 -33.77 75.96 37.34
CA GLY F 113 -32.88 75.07 36.65
C GLY F 113 -31.58 75.71 36.20
N ARG F 114 -30.76 74.86 35.55
CA ARG F 114 -29.45 75.27 35.07
C ARG F 114 -29.55 76.43 34.09
N ALA F 115 -30.51 76.39 33.17
CA ALA F 115 -30.65 77.37 32.12
C ALA F 115 -31.55 78.54 32.52
N ALA F 116 -31.94 78.63 33.78
CA ALA F 116 -32.79 79.72 34.22
C ALA F 116 -32.09 81.06 33.99
N GLY F 117 -32.85 82.03 33.49
CA GLY F 117 -32.31 83.36 33.29
C GLY F 117 -31.52 83.55 32.01
N ALA F 118 -31.41 82.52 31.17
CA ALA F 118 -30.69 82.62 29.92
C ALA F 118 -31.62 83.01 28.78
N GLU F 119 -31.02 83.44 27.67
CA GLU F 119 -31.82 83.81 26.51
C GLU F 119 -32.59 82.61 25.99
N ARG F 120 -33.84 82.84 25.62
CA ARG F 120 -34.74 81.76 25.21
C ARG F 120 -34.89 81.75 23.69
N ALA F 121 -34.66 80.57 23.10
CA ALA F 121 -34.79 80.36 21.66
C ALA F 121 -36.07 79.60 21.38
N LEU F 122 -36.89 80.15 20.49
CA LEU F 122 -38.18 79.57 20.12
C LEU F 122 -38.14 79.17 18.65
N LEU F 123 -38.22 77.89 18.38
CA LEU F 123 -38.22 77.35 17.03
C LEU F 123 -39.58 76.74 16.72
N SER F 124 -40.04 76.87 15.48
CA SER F 124 -41.36 76.40 15.11
C SER F 124 -41.30 75.61 13.81
N LEU F 125 -41.92 74.42 13.82
CA LEU F 125 -42.07 73.58 12.65
C LEU F 125 -43.56 73.51 12.28
N GLY F 126 -43.91 74.02 11.11
CA GLY F 126 -45.28 74.04 10.63
C GLY F 126 -46.13 75.19 11.15
N GLY F 127 -45.60 76.03 12.03
CA GLY F 127 -46.32 77.18 12.51
C GLY F 127 -46.33 78.33 11.53
N PRO F 128 -47.14 79.34 11.82
CA PRO F 128 -47.19 80.53 10.94
C PRO F 128 -45.85 81.23 10.86
N GLN F 129 -45.52 81.69 9.65
CA GLN F 129 -44.23 82.33 9.41
C GLN F 129 -44.11 83.68 10.11
N ASN F 130 -45.17 84.48 10.11
CA ASN F 130 -45.16 85.81 10.71
C ASN F 130 -46.10 85.85 11.90
N GLY F 131 -45.56 86.05 13.09
CA GLY F 131 -46.35 86.09 14.30
C GLY F 131 -46.03 87.31 15.14
N ALA F 132 -46.94 87.62 16.05
CA ALA F 132 -46.71 88.70 17.01
C ALA F 132 -45.51 88.38 17.90
N ILE F 133 -45.38 87.12 18.30
CA ILE F 133 -44.26 86.67 19.10
C ILE F 133 -43.08 86.33 18.18
N ARG F 134 -41.90 86.84 18.53
CA ARG F 134 -40.71 86.63 17.73
C ARG F 134 -40.20 85.20 17.91
N HIS F 135 -40.06 84.47 16.81
CA HIS F 135 -39.60 83.09 16.84
C HIS F 135 -38.89 82.78 15.53
N VAL F 136 -38.17 81.67 15.52
CA VAL F 136 -37.48 81.20 14.33
C VAL F 136 -38.32 80.08 13.72
N ALA F 137 -38.99 80.37 12.60
CA ALA F 137 -39.90 79.42 11.97
C ALA F 137 -39.18 78.59 10.91
N TYR F 138 -39.48 77.29 10.91
CA TYR F 138 -38.93 76.36 9.93
C TYR F 138 -40.06 75.80 9.08
N ALA F 139 -39.88 75.84 7.76
CA ALA F 139 -40.93 75.42 6.84
C ALA F 139 -41.16 73.91 6.90
N ALA F 140 -42.42 73.52 6.97
CA ALA F 140 -42.79 72.11 6.94
C ALA F 140 -42.63 71.56 5.53
N ASP F 141 -42.31 70.27 5.46
CA ASP F 141 -42.14 69.59 4.19
C ASP F 141 -43.47 69.44 3.46
N ALA F 142 -43.37 69.12 2.17
CA ALA F 142 -44.56 68.98 1.34
C ALA F 142 -45.47 67.88 1.86
N GLY F 143 -44.88 66.75 2.29
CA GLY F 143 -45.69 65.64 2.74
C GLY F 143 -46.57 65.98 3.93
N GLY F 144 -46.01 66.68 4.89
CA GLY F 144 -46.74 67.07 6.08
C GLY F 144 -45.81 67.12 7.26
N LEU F 145 -46.39 67.44 8.42
CA LEU F 145 -45.61 67.50 9.65
C LEU F 145 -45.00 66.16 9.99
N THR F 146 -45.75 65.08 9.76
CA THR F 146 -45.23 63.74 10.04
C THR F 146 -44.01 63.43 9.16
N ILE F 147 -44.04 63.82 7.89
CA ILE F 147 -42.88 63.65 7.02
C ILE F 147 -41.73 64.53 7.50
N SER F 148 -42.03 65.76 7.92
CA SER F 148 -40.98 66.65 8.41
C SER F 148 -40.33 66.11 9.68
N LEU F 149 -41.14 65.53 10.58
CA LEU F 149 -40.59 64.99 11.82
C LEU F 149 -39.59 63.87 11.54
N GLY F 150 -39.90 62.98 10.60
CA GLY F 150 -38.94 61.97 10.23
C GLY F 150 -37.72 62.57 9.53
N HIS F 151 -37.96 63.56 8.67
CA HIS F 151 -36.85 64.27 8.01
C HIS F 151 -35.91 64.88 9.05
N LEU F 152 -36.46 65.51 10.08
CA LEU F 152 -35.64 66.17 11.10
C LEU F 152 -34.81 65.17 11.91
N ARG F 153 -35.41 64.03 12.28
CA ARG F 153 -34.67 63.06 13.08
C ARG F 153 -33.44 62.52 12.35
N ALA F 154 -33.49 62.49 11.01
CA ALA F 154 -32.35 61.99 10.25
C ALA F 154 -31.12 62.88 10.40
N PHE F 155 -31.33 64.20 10.43
CA PHE F 155 -30.20 65.11 10.65
C PHE F 155 -29.69 64.99 12.09
N ALA F 156 -30.60 64.80 13.04
CA ALA F 156 -30.18 64.64 14.43
C ALA F 156 -29.39 63.36 14.65
N LYS F 157 -29.71 62.31 13.90
CA LYS F 157 -28.96 61.06 13.96
C LYS F 157 -27.65 61.14 13.19
N GLY F 158 -27.42 62.22 12.43
CA GLY F 158 -26.23 62.31 11.63
C GLY F 158 -26.27 61.48 10.36
N HIS F 159 -27.46 61.16 9.86
CA HIS F 159 -27.56 60.33 8.67
C HIS F 159 -27.65 61.13 7.37
N LEU F 160 -28.00 62.41 7.43
CA LEU F 160 -28.16 63.22 6.23
C LEU F 160 -27.10 64.33 6.18
N ALA F 161 -26.72 64.68 4.95
CA ALA F 161 -25.69 65.68 4.72
C ALA F 161 -26.10 67.02 5.32
N GLY F 162 -25.12 67.89 5.51
CA GLY F 162 -25.35 69.17 6.14
C GLY F 162 -25.85 70.23 5.17
N GLU F 163 -25.93 71.46 5.70
CA GLU F 163 -26.28 72.67 4.97
C GLU F 163 -27.74 72.68 4.50
N ALA F 164 -28.61 71.92 5.17
CA ALA F 164 -30.03 71.94 4.89
C ALA F 164 -30.77 72.75 5.95
N ALA F 165 -32.07 72.96 5.71
CA ALA F 165 -32.88 73.71 6.65
C ALA F 165 -32.97 72.98 7.99
N PHE F 166 -33.37 71.70 7.96
CA PHE F 166 -33.48 70.95 9.20
C PHE F 166 -32.12 70.64 9.81
N ALA F 167 -31.03 70.77 9.04
CA ALA F 167 -29.69 70.58 9.60
C ALA F 167 -29.35 71.67 10.61
N ASP F 168 -29.73 72.91 10.32
CA ASP F 168 -29.55 73.99 11.28
C ASP F 168 -30.43 73.78 12.50
N LEU F 169 -31.65 73.30 12.29
CA LEU F 169 -32.55 73.02 13.41
C LEU F 169 -31.95 71.96 14.31
N ALA F 170 -31.45 70.86 13.72
CA ALA F 170 -30.82 69.82 14.51
C ALA F 170 -29.64 70.35 15.32
N LYS F 171 -28.83 71.22 14.71
CA LYS F 171 -27.70 71.82 15.43
C LYS F 171 -28.19 72.66 16.61
N ARG F 172 -29.28 73.39 16.43
CA ARG F 172 -29.79 74.23 17.51
C ARG F 172 -30.40 73.39 18.65
N LEU F 173 -31.02 72.25 18.32
CA LEU F 173 -31.63 71.43 19.36
C LEU F 173 -30.56 70.79 20.25
N PHE F 174 -29.58 70.12 19.63
CA PHE F 174 -28.55 69.45 20.41
C PHE F 174 -27.82 70.41 21.34
N ALA F 175 -27.76 71.69 20.95
CA ALA F 175 -27.13 72.72 21.78
C ALA F 175 -28.18 73.25 22.74
N ALA F 176 -28.48 72.45 23.75
CA ALA F 176 -29.57 72.76 24.68
C ALA F 176 -29.14 72.43 26.10
N GLN F 177 -29.96 72.90 27.04
CA GLN F 177 -29.83 72.58 28.45
C GLN F 177 -31.10 71.92 28.98
N TYR F 178 -32.26 72.40 28.58
CA TYR F 178 -33.56 71.82 28.92
C TYR F 178 -34.44 72.00 27.68
N GLY F 179 -34.59 70.94 26.89
CA GLY F 179 -35.31 71.00 25.64
C GLY F 179 -36.71 70.43 25.75
N VAL F 180 -37.67 71.13 25.15
CA VAL F 180 -39.07 70.73 25.15
C VAL F 180 -39.60 70.88 23.73
N ILE F 181 -40.25 69.83 23.23
CA ILE F 181 -40.90 69.83 21.93
C ILE F 181 -42.41 69.78 22.19
N VAL F 182 -43.10 70.87 21.90
CA VAL F 182 -44.54 70.97 22.15
C VAL F 182 -45.30 70.57 20.89
N TYR F 183 -46.25 69.64 21.05
CA TYR F 183 -47.02 69.15 19.91
C TYR F 183 -48.38 68.65 20.38
N ASP F 184 -49.32 68.63 19.44
CA ASP F 184 -50.65 68.09 19.67
C ASP F 184 -50.77 66.73 18.99
N PRO F 185 -50.95 65.64 19.74
CA PRO F 185 -50.98 64.31 19.11
C PRO F 185 -52.11 64.15 18.10
N GLU F 186 -53.20 64.90 18.23
CA GLU F 186 -54.29 64.83 17.27
C GLU F 186 -53.81 65.22 15.88
N GLU F 187 -53.21 66.41 15.75
CA GLU F 187 -52.78 66.92 14.46
C GLU F 187 -51.49 66.28 13.95
N VAL F 188 -50.67 65.70 14.83
CA VAL F 188 -49.40 65.10 14.40
C VAL F 188 -49.59 63.64 13.98
N GLY F 189 -50.43 62.91 14.70
CA GLY F 189 -50.74 61.54 14.33
C GLY F 189 -49.94 60.52 15.13
N GLU F 190 -50.41 59.27 15.08
CA GLU F 190 -49.77 58.20 15.83
C GLU F 190 -48.33 57.98 15.36
N LEU F 191 -48.12 57.93 14.04
CA LEU F 191 -46.78 57.69 13.51
C LEU F 191 -45.85 58.86 13.80
N GLY F 192 -46.32 60.10 13.61
CA GLY F 192 -45.48 61.25 13.88
C GLY F 192 -45.07 61.36 15.34
N ALA F 193 -45.98 61.01 16.25
CA ALA F 193 -45.67 61.09 17.68
C ALA F 193 -44.60 60.08 18.06
N GLU F 194 -44.70 58.84 17.54
CA GLU F 194 -43.68 57.83 17.82
C GLU F 194 -42.33 58.27 17.27
N MET F 195 -42.34 58.90 16.10
CA MET F 195 -41.12 59.48 15.56
C MET F 195 -40.64 60.65 16.42
N LEU F 196 -41.56 61.55 16.77
CA LEU F 196 -41.21 62.68 17.62
C LEU F 196 -40.63 62.20 18.94
N GLN F 197 -41.25 61.17 19.53
CA GLN F 197 -40.74 60.63 20.78
C GLN F 197 -39.41 59.92 20.59
N GLY F 198 -39.18 59.38 19.39
CA GLY F 198 -37.87 58.81 19.08
C GLY F 198 -36.81 59.87 18.91
N LEU F 199 -37.16 60.98 18.24
CA LEU F 199 -36.22 62.09 18.10
C LEU F 199 -35.75 62.58 19.46
N ILE F 200 -36.63 62.56 20.46
CA ILE F 200 -36.24 62.97 21.81
C ILE F 200 -35.28 61.95 22.42
N ARG F 201 -35.50 60.66 22.16
CA ARG F 201 -34.57 59.64 22.65
C ARG F 201 -33.17 59.84 22.04
N ASP F 202 -33.10 60.24 20.77
CA ASP F 202 -31.80 60.53 20.16
C ASP F 202 -31.19 61.81 20.75
N LEU F 203 -32.04 62.79 21.06
CA LEU F 203 -31.55 64.05 21.63
C LEU F 203 -31.03 63.85 23.04
N ASN F 204 -31.61 62.90 23.79
CA ASN F 204 -31.16 62.70 25.16
C ASN F 204 -29.80 62.02 25.26
N GLU F 205 -29.21 61.60 24.13
CA GLU F 205 -27.85 61.08 24.18
C GLU F 205 -26.83 62.17 24.48
N SER F 206 -27.23 63.43 24.33
CA SER F 206 -26.34 64.57 24.54
C SER F 206 -26.82 65.50 25.64
N THR F 207 -28.08 65.94 25.59
CA THR F 207 -28.64 66.86 26.54
C THR F 207 -30.06 66.41 26.90
N ARG F 208 -30.62 67.01 27.95
CA ARG F 208 -31.93 66.61 28.44
C ARG F 208 -33.03 67.24 27.60
N PHE F 209 -33.86 66.40 26.97
CA PHE F 209 -34.99 66.85 26.17
C PHE F 209 -36.27 66.16 26.61
N PHE F 210 -37.39 66.86 26.43
CA PHE F 210 -38.69 66.34 26.84
C PHE F 210 -39.74 66.76 25.82
N ALA F 211 -40.93 66.17 25.97
CA ALA F 211 -42.08 66.45 25.13
C ALA F 211 -43.20 67.00 25.98
N LEU F 212 -43.88 68.03 25.47
CA LEU F 212 -45.07 68.59 26.10
C LEU F 212 -46.27 68.16 25.26
N THR F 213 -46.77 66.96 25.55
CA THR F 213 -47.94 66.43 24.85
C THR F 213 -49.17 67.25 25.22
N LEU F 214 -49.81 67.85 24.22
CA LEU F 214 -50.97 68.69 24.46
C LEU F 214 -52.18 67.87 24.89
N ALA F 215 -52.97 68.45 25.80
CA ALA F 215 -54.15 67.78 26.33
C ALA F 215 -55.40 68.15 25.53
N ASP F 216 -56.32 67.21 25.45
CA ASP F 216 -57.59 67.46 24.80
C ASP F 216 -58.49 68.31 25.68
N PRO F 217 -59.40 69.09 25.10
CA PRO F 217 -60.25 69.96 25.90
C PRO F 217 -61.59 69.34 26.26
N PHE F 218 -61.71 68.01 26.19
CA PHE F 218 -62.97 67.34 26.45
C PHE F 218 -62.79 66.21 27.45
N GLN F 219 -61.99 66.46 28.50
CA GLN F 219 -61.82 65.57 29.64
C GLN F 219 -61.31 64.19 29.26
N GLY F 220 -60.88 63.98 28.02
CA GLY F 220 -60.43 62.67 27.60
C GLY F 220 -59.23 62.16 28.38
N ARG F 221 -58.35 63.07 28.80
CA ARG F 221 -57.16 62.66 29.53
C ARG F 221 -57.49 62.19 30.94
N ALA F 222 -58.52 62.77 31.56
CA ALA F 222 -58.97 62.27 32.85
C ALA F 222 -59.67 60.92 32.70
N ALA F 223 -60.37 60.73 31.59
CA ALA F 223 -61.02 59.43 31.35
C ALA F 223 -59.99 58.32 31.25
N VAL F 224 -58.84 58.61 30.64
CA VAL F 224 -57.76 57.64 30.59
C VAL F 224 -57.28 57.34 32.00
N GLN F 225 -57.03 58.38 32.78
CA GLN F 225 -56.55 58.20 34.16
C GLN F 225 -57.51 57.33 34.97
N LEU F 226 -58.81 57.66 34.92
CA LEU F 226 -59.82 56.93 35.70
C LEU F 226 -59.99 55.50 35.19
N SER F 227 -60.20 55.34 33.88
CA SER F 227 -60.37 54.00 33.30
C SER F 227 -59.18 53.09 33.62
N ALA F 228 -57.98 53.66 33.66
CA ALA F 228 -56.78 52.86 33.90
C ALA F 228 -56.81 52.23 35.29
N TRP F 229 -57.24 52.97 36.32
CA TRP F 229 -57.26 52.42 37.66
C TRP F 229 -58.56 51.70 38.01
N THR F 230 -59.61 51.85 37.21
CA THR F 230 -60.88 51.15 37.44
C THR F 230 -60.95 49.81 36.69
N THR F 231 -60.57 49.80 35.40
CA THR F 231 -60.65 48.61 34.57
C THR F 231 -59.31 47.90 34.39
N GLY F 232 -58.19 48.56 34.66
CA GLY F 232 -56.90 48.02 34.34
C GLY F 232 -56.42 48.31 32.94
N GLN F 233 -57.24 48.94 32.11
CA GLN F 233 -56.90 49.28 30.73
C GLN F 233 -57.41 50.68 30.40
N ALA F 234 -56.94 51.19 29.26
CA ALA F 234 -57.29 52.48 28.68
C ALA F 234 -58.79 52.54 28.40
N PRO F 235 -59.34 53.67 27.93
CA PRO F 235 -60.77 53.69 27.56
C PRO F 235 -61.05 52.77 26.37
N ARG F 236 -62.19 52.97 25.72
CA ARG F 236 -62.64 52.09 24.63
C ARG F 236 -62.58 50.61 25.05
N VAL F 237 -63.23 50.32 26.16
CA VAL F 237 -63.24 48.98 26.76
C VAL F 237 -64.69 48.48 26.80
N GLY F 238 -64.88 47.18 26.58
CA GLY F 238 -66.20 46.58 26.54
C GLY F 238 -66.32 45.45 27.55
N PHE F 239 -67.50 45.35 28.17
CA PHE F 239 -67.76 44.40 29.25
C PHE F 239 -68.74 43.31 28.85
N GLY F 240 -68.82 42.99 27.56
CA GLY F 240 -69.74 41.96 27.12
C GLY F 240 -69.49 40.61 27.77
N ARG F 241 -68.23 40.30 28.07
CA ARG F 241 -67.84 39.03 28.66
C ARG F 241 -67.47 39.17 30.14
N HIS F 242 -68.11 40.11 30.84
CA HIS F 242 -67.89 40.41 32.25
C HIS F 242 -66.48 40.89 32.58
N GLN F 243 -65.54 40.70 31.66
CA GLN F 243 -64.21 41.22 31.90
C GLN F 243 -63.94 42.38 30.95
N PRO F 244 -63.11 43.34 31.32
CA PRO F 244 -62.91 44.50 30.44
C PRO F 244 -62.05 44.17 29.24
N GLU F 245 -62.67 44.14 28.05
CA GLU F 245 -61.96 43.90 26.81
C GLU F 245 -61.56 45.23 26.20
N HIS F 246 -60.27 45.43 25.99
CA HIS F 246 -59.78 46.64 25.34
C HIS F 246 -59.61 46.38 23.85
N ASP F 247 -60.26 47.22 23.04
CA ASP F 247 -60.14 47.12 21.59
C ASP F 247 -60.36 48.52 21.02
N SER F 248 -59.26 49.20 20.69
CA SER F 248 -59.37 50.58 20.21
C SER F 248 -60.18 50.66 18.92
N TRP F 249 -60.15 49.61 18.11
CA TRP F 249 -60.89 49.60 16.85
C TRP F 249 -62.33 49.14 17.02
N ARG F 250 -62.54 48.03 17.74
CA ARG F 250 -63.89 47.45 17.82
C ARG F 250 -64.82 48.35 18.64
N PHE F 251 -64.34 48.88 19.75
CA PHE F 251 -65.16 49.69 20.64
C PHE F 251 -65.02 51.19 20.36
N ASP F 252 -64.78 51.55 19.10
CA ASP F 252 -64.76 52.93 18.64
C ASP F 252 -66.18 53.34 18.27
N SER F 253 -66.78 54.23 19.08
CA SER F 253 -68.19 54.57 18.91
C SER F 253 -68.50 55.07 17.49
N ALA F 254 -67.60 55.87 16.91
CA ALA F 254 -67.82 56.33 15.53
C ALA F 254 -67.87 55.15 14.57
N ARG F 255 -67.00 54.16 14.75
CA ARG F 255 -67.01 52.96 13.92
C ARG F 255 -68.26 52.12 14.15
N GLN F 256 -68.64 51.91 15.42
CA GLN F 256 -69.78 51.06 15.75
C GLN F 256 -71.08 51.61 15.16
N ILE F 257 -71.30 52.92 15.28
CA ILE F 257 -72.56 53.50 14.85
C ILE F 257 -72.71 53.46 13.33
N ALA F 258 -71.63 53.78 12.61
CA ALA F 258 -71.68 53.80 11.15
C ALA F 258 -71.94 52.42 10.58
N ALA F 259 -71.33 51.37 11.14
CA ALA F 259 -71.57 50.01 10.67
C ALA F 259 -72.99 49.54 10.99
N GLY F 260 -73.58 50.03 12.07
CA GLY F 260 -74.88 49.56 12.51
C GLY F 260 -74.86 48.47 13.54
N GLU F 261 -73.75 48.33 14.28
CA GLU F 261 -73.61 47.29 15.30
C GLU F 261 -74.35 47.64 16.59
N ALA F 262 -74.27 48.90 17.02
CA ALA F 262 -74.89 49.34 18.26
C ALA F 262 -76.37 49.61 18.09
N ASP F 263 -77.19 49.11 19.03
CA ASP F 263 -78.61 49.40 19.02
C ASP F 263 -78.92 50.70 19.76
N ALA F 264 -78.42 50.85 20.98
CA ALA F 264 -78.64 52.03 21.78
C ALA F 264 -77.30 52.61 22.23
N ALA F 265 -77.32 53.87 22.65
CA ALA F 265 -76.11 54.56 23.07
C ALA F 265 -76.48 55.59 24.13
N LEU F 266 -75.54 55.84 25.04
CA LEU F 266 -75.72 56.85 26.08
C LEU F 266 -74.70 57.97 25.87
N TRP F 267 -75.19 59.20 25.84
CA TRP F 267 -74.38 60.38 25.59
C TRP F 267 -74.16 61.12 26.91
N LEU F 268 -72.90 61.24 27.31
CA LEU F 268 -72.51 61.89 28.56
C LEU F 268 -71.79 63.17 28.20
N ALA F 269 -72.43 64.33 28.48
CA ALA F 269 -71.84 65.62 28.14
C ALA F 269 -72.30 66.66 29.18
N SER F 270 -71.77 66.55 30.40
CA SER F 270 -72.01 67.59 31.40
C SER F 270 -71.32 68.89 31.02
N LEU F 271 -70.18 68.80 30.35
CA LEU F 271 -69.47 69.96 29.85
C LEU F 271 -69.62 70.01 28.32
N PRO F 272 -69.57 71.20 27.72
CA PRO F 272 -69.79 71.30 26.27
C PRO F 272 -68.86 70.40 25.47
N ALA F 273 -69.45 69.63 24.56
CA ALA F 273 -68.75 68.72 23.68
C ALA F 273 -69.43 68.75 22.32
N PRO F 274 -68.70 68.47 21.24
CA PRO F 274 -69.32 68.51 19.91
C PRO F 274 -70.40 67.44 19.78
N ARG F 275 -71.56 67.87 19.27
CA ARG F 275 -72.68 66.97 19.08
C ARG F 275 -72.30 65.87 18.09
N PRO F 276 -72.62 64.60 18.37
CA PRO F 276 -72.18 63.51 17.50
C PRO F 276 -73.00 63.33 16.22
N ALA F 277 -74.16 64.00 16.10
CA ALA F 277 -75.01 64.00 14.91
C ALA F 277 -75.72 62.67 14.64
N TRP F 278 -75.39 61.61 15.39
CA TRP F 278 -76.07 60.34 15.22
C TRP F 278 -77.12 60.09 16.29
N LEU F 279 -77.40 61.08 17.15
CA LEU F 279 -78.34 60.90 18.26
C LEU F 279 -79.73 60.52 17.76
N GLY F 280 -80.14 61.05 16.61
CA GLY F 280 -81.48 60.75 16.09
C GLY F 280 -81.61 59.41 15.40
N SER F 281 -80.52 58.83 14.92
CA SER F 281 -80.61 57.59 14.15
C SER F 281 -80.96 56.40 15.05
N LEU F 282 -80.31 56.28 16.21
CA LEU F 282 -80.54 55.18 17.12
C LEU F 282 -81.02 55.69 18.48
N PRO F 283 -81.78 54.89 19.23
CA PRO F 283 -82.32 55.36 20.52
C PRO F 283 -81.20 55.70 21.50
N THR F 284 -81.20 56.96 21.94
CA THR F 284 -80.12 57.51 22.75
C THR F 284 -80.64 58.10 24.05
N ILE F 285 -79.78 58.07 25.06
CA ILE F 285 -80.02 58.70 26.35
C ILE F 285 -78.97 59.80 26.51
N ALA F 286 -79.42 61.05 26.62
CA ALA F 286 -78.54 62.21 26.65
C ALA F 286 -78.51 62.79 28.05
N ILE F 287 -77.37 62.68 28.72
CA ILE F 287 -77.13 63.32 30.02
C ILE F 287 -76.29 64.56 29.73
N VAL F 288 -76.93 65.73 29.75
CA VAL F 288 -76.29 66.97 29.34
C VAL F 288 -76.56 68.06 30.36
N GLY F 289 -75.75 69.12 30.29
CA GLY F 289 -75.89 70.23 31.22
C GLY F 289 -77.10 71.09 30.94
N GLU F 290 -77.52 71.84 31.96
CA GLU F 290 -78.71 72.68 31.83
C GLU F 290 -78.50 73.83 30.85
N GLY F 291 -77.30 74.42 30.83
CA GLY F 291 -77.06 75.55 29.96
C GLY F 291 -76.93 75.21 28.50
N SER F 292 -76.53 73.97 28.20
CA SER F 292 -76.20 73.59 26.83
C SER F 292 -77.43 73.71 25.90
N GLN F 293 -77.14 73.76 24.60
CA GLN F 293 -78.19 73.80 23.60
C GLN F 293 -78.87 72.45 23.42
N GLU F 294 -78.20 71.35 23.81
CA GLU F 294 -78.74 70.00 23.72
C GLU F 294 -79.79 69.69 24.79
N ALA F 295 -80.24 70.68 25.58
CA ALA F 295 -81.22 70.43 26.63
C ALA F 295 -82.57 69.99 26.07
N ALA F 296 -82.93 70.47 24.88
CA ALA F 296 -84.26 70.21 24.33
C ALA F 296 -84.48 68.71 24.09
N GLY F 297 -85.74 68.30 24.21
CA GLY F 297 -86.15 66.92 24.06
C GLY F 297 -86.10 66.36 22.65
N GLU F 298 -85.79 67.18 21.64
CA GLU F 298 -85.69 66.68 20.28
C GLU F 298 -84.37 65.98 20.01
N THR F 299 -83.33 66.28 20.78
CA THR F 299 -81.99 65.76 20.49
C THR F 299 -81.93 64.25 20.66
N ALA F 300 -82.49 63.71 21.73
CA ALA F 300 -82.40 62.29 22.03
C ALA F 300 -83.74 61.79 22.54
N GLU F 301 -83.88 60.46 22.58
CA GLU F 301 -85.11 59.86 23.09
C GLU F 301 -85.34 60.21 24.55
N VAL F 302 -84.31 60.04 25.38
CA VAL F 302 -84.35 60.41 26.80
C VAL F 302 -83.24 61.43 27.03
N VAL F 303 -83.62 62.61 27.53
CA VAL F 303 -82.70 63.72 27.79
C VAL F 303 -82.85 64.15 29.24
N ILE F 304 -81.75 64.14 29.98
CA ILE F 304 -81.73 64.51 31.39
C ILE F 304 -80.72 65.63 31.59
N THR F 305 -81.19 66.77 32.10
CA THR F 305 -80.33 67.91 32.36
C THR F 305 -79.67 67.77 33.71
N VAL F 306 -78.34 67.87 33.74
CA VAL F 306 -77.57 67.74 34.98
C VAL F 306 -76.84 69.04 35.26
N GLY F 307 -76.10 69.08 36.37
CA GLY F 307 -75.37 70.28 36.76
C GLY F 307 -74.01 70.39 36.07
N VAL F 308 -73.75 71.54 35.47
CA VAL F 308 -72.49 71.80 34.78
C VAL F 308 -71.39 71.94 35.81
N PRO F 309 -70.37 71.07 35.79
CA PRO F 309 -69.33 71.14 36.82
C PRO F 309 -68.43 72.34 36.58
N GLY F 310 -68.07 73.01 37.67
CA GLY F 310 -67.31 74.24 37.61
C GLY F 310 -68.15 75.48 37.39
N GLN F 311 -69.43 75.31 37.05
CA GLN F 311 -70.34 76.42 36.84
C GLN F 311 -71.52 76.37 37.81
N SER F 312 -72.35 75.32 37.74
CA SER F 312 -73.51 75.21 38.60
C SER F 312 -73.33 74.20 39.74
N VAL F 313 -72.40 73.25 39.61
CA VAL F 313 -72.17 72.25 40.64
C VAL F 313 -70.67 71.96 40.69
N GLY F 314 -70.23 71.43 41.83
CA GLY F 314 -68.82 71.11 41.99
C GLY F 314 -68.45 69.79 41.34
N GLY F 315 -67.18 69.68 40.98
CA GLY F 315 -66.69 68.48 40.32
C GLY F 315 -65.20 68.49 40.04
N ALA F 316 -64.58 67.31 40.00
CA ALA F 316 -63.16 67.18 39.72
C ALA F 316 -62.95 67.09 38.21
N LEU F 317 -62.32 68.11 37.65
CA LEU F 317 -62.11 68.20 36.21
C LEU F 317 -60.62 68.19 35.90
N TRP F 318 -60.30 67.94 34.64
CA TRP F 318 -58.92 68.00 34.19
C TRP F 318 -58.50 69.45 34.08
N ASN F 319 -57.42 69.80 34.78
CA ASN F 319 -56.91 71.17 34.79
C ASN F 319 -55.95 71.36 33.64
N ASP F 320 -56.29 72.27 32.72
CA ASP F 320 -55.45 72.49 31.54
C ASP F 320 -54.10 73.03 31.93
N ARG F 321 -54.08 73.98 32.86
CA ARG F 321 -52.81 74.58 33.30
C ARG F 321 -51.98 73.61 34.12
N ARG F 322 -52.62 72.96 35.10
CA ARG F 322 -51.88 72.10 36.01
C ARG F 322 -51.48 70.78 35.36
N GLY F 323 -52.33 70.25 34.48
CA GLY F 323 -52.07 68.97 33.86
C GLY F 323 -52.43 67.77 34.69
N VAL F 324 -53.35 67.90 35.65
CA VAL F 324 -53.79 66.82 36.52
C VAL F 324 -55.27 67.01 36.82
N ILE F 325 -55.86 66.03 37.52
CA ILE F 325 -57.25 66.13 37.96
C ILE F 325 -57.31 67.01 39.21
N ALA F 326 -58.19 68.01 39.19
CA ALA F 326 -58.38 68.92 40.30
C ALA F 326 -59.87 69.21 40.48
N TYR F 327 -60.27 69.51 41.71
CA TYR F 327 -61.67 69.75 42.05
C TYR F 327 -62.00 71.22 41.82
N ALA F 328 -62.97 71.48 40.93
CA ALA F 328 -63.39 72.83 40.61
C ALA F 328 -64.75 73.09 41.25
N GLU F 329 -64.79 74.07 42.16
CA GLU F 329 -66.02 74.44 42.82
C GLU F 329 -66.92 75.26 41.90
N ALA F 330 -68.22 75.22 42.18
CA ALA F 330 -69.20 75.90 41.34
C ALA F 330 -69.04 77.41 41.44
N SER F 331 -69.01 78.08 40.28
CA SER F 331 -68.85 79.52 40.21
C SER F 331 -70.23 80.15 40.34
N ASP F 332 -70.62 80.52 41.56
CA ASP F 332 -71.91 81.11 41.89
C ASP F 332 -73.05 80.23 41.39
N PRO F 333 -73.33 79.10 42.05
CA PRO F 333 -74.47 78.26 41.66
C PRO F 333 -75.81 78.87 42.10
N GLU F 339 -82.91 71.15 44.61
CA GLU F 339 -81.53 70.70 44.48
C GLU F 339 -81.26 70.10 43.11
N THR F 340 -80.23 70.60 42.44
CA THR F 340 -79.93 70.16 41.08
C THR F 340 -79.31 68.76 41.09
N GLU F 341 -79.51 68.04 39.99
CA GLU F 341 -79.03 66.67 39.83
C GLU F 341 -77.66 66.66 39.16
N THR F 342 -76.84 65.67 39.50
CA THR F 342 -75.52 65.51 38.90
C THR F 342 -75.51 64.31 37.97
N ALA F 343 -74.57 64.35 37.02
CA ALA F 343 -74.44 63.24 36.06
C ALA F 343 -74.09 61.95 36.77
N ALA F 344 -73.31 62.03 37.84
CA ALA F 344 -73.00 60.83 38.63
C ALA F 344 -74.24 60.31 39.33
N GLY F 345 -75.13 61.19 39.77
CA GLY F 345 -76.34 60.75 40.43
C GLY F 345 -77.33 60.10 39.48
N VAL F 346 -77.34 60.50 38.21
CA VAL F 346 -78.24 59.89 37.24
C VAL F 346 -77.72 58.53 36.82
N LEU F 347 -76.44 58.44 36.44
CA LEU F 347 -75.87 57.16 35.99
C LEU F 347 -75.93 56.10 37.09
N THR F 348 -75.79 56.50 38.36
CA THR F 348 -75.91 55.55 39.45
C THR F 348 -77.36 55.07 39.63
N ARG F 349 -78.33 55.97 39.45
CA ARG F 349 -79.74 55.58 39.59
C ARG F 349 -80.19 54.67 38.46
N ILE F 350 -79.69 54.91 37.24
CA ILE F 350 -80.02 54.02 36.12
C ILE F 350 -79.37 52.65 36.34
N ARG F 351 -78.17 52.63 36.92
CA ARG F 351 -77.53 51.35 37.27
C ARG F 351 -78.31 50.63 38.37
N ASP F 352 -78.82 51.37 39.36
CA ASP F 352 -79.62 50.75 40.42
C ASP F 352 -80.93 50.21 39.88
N ARG F 353 -81.54 50.91 38.92
CA ARG F 353 -82.79 50.42 38.34
C ARG F 353 -82.54 49.21 37.44
N LEU F 354 -81.38 49.16 36.77
CA LEU F 354 -81.06 48.01 35.94
C LEU F 354 -80.76 46.78 36.79
N ILE F 355 -80.12 46.98 37.94
CA ILE F 355 -79.88 45.87 38.87
C ILE F 355 -81.20 45.39 39.47
N GLU F 356 -82.11 46.32 39.75
CA GLU F 356 -83.42 45.96 40.30
C GLU F 356 -84.22 45.11 39.32
N LYS F 357 -84.12 45.38 38.01
CA LYS F 357 -84.84 44.60 37.03
C LYS F 357 -84.26 43.19 36.91
N GLY F 358 -82.96 43.03 37.19
CA GLY F 358 -82.34 41.72 37.07
C GLY F 358 -82.73 40.74 38.16
N VAL F 359 -83.08 41.25 39.35
CA VAL F 359 -83.44 40.36 40.45
C VAL F 359 -84.82 39.77 40.23
N SER F 360 -85.80 40.60 39.91
CA SER F 360 -87.17 40.12 39.67
C SER F 360 -87.67 40.54 38.29
N SER G 1 -65.33 19.15 7.66
CA SER G 1 -66.18 19.96 8.52
C SER G 1 -66.61 21.25 7.81
N THR G 2 -67.92 21.44 7.63
CA THR G 2 -68.46 22.61 6.92
C THR G 2 -69.45 23.35 7.81
N LEU G 3 -69.31 24.67 7.86
CA LEU G 3 -70.17 25.56 8.63
C LEU G 3 -70.93 26.42 7.63
N ARG G 4 -72.20 26.12 7.41
CA ARG G 4 -73.02 26.85 6.44
C ARG G 4 -73.67 28.04 7.12
N LEU G 5 -73.23 29.25 6.75
CA LEU G 5 -73.75 30.47 7.34
C LEU G 5 -75.24 30.63 7.03
N ARG G 6 -76.07 30.64 8.09
CA ARG G 6 -77.51 30.75 7.90
C ARG G 6 -77.92 32.09 7.32
N GLY G 7 -77.36 33.18 7.82
CA GLY G 7 -77.76 34.49 7.34
C GLY G 7 -76.86 35.61 7.83
N ASP G 8 -77.40 36.82 7.76
CA ASP G 8 -76.65 38.01 8.13
C ASP G 8 -76.47 38.09 9.65
N LEU G 9 -75.29 38.57 10.06
CA LEU G 9 -74.93 38.65 11.48
C LEU G 9 -75.48 39.92 12.11
N PRO G 10 -76.14 39.82 13.28
CA PRO G 10 -76.65 41.04 13.93
C PRO G 10 -75.61 41.80 14.74
N GLU G 11 -74.51 41.16 15.14
CA GLU G 11 -73.47 41.79 15.96
C GLU G 11 -72.12 41.20 15.56
N ARG G 12 -71.07 41.77 16.12
CA ARG G 12 -69.73 41.25 15.85
C ARG G 12 -69.55 39.89 16.52
N VAL G 13 -68.76 39.03 15.89
CA VAL G 13 -68.61 37.64 16.30
C VAL G 13 -67.12 37.29 16.36
N ASP G 14 -66.72 36.58 17.42
CA ASP G 14 -65.33 36.21 17.66
C ASP G 14 -65.15 34.70 17.44
N LEU G 15 -64.48 34.33 16.34
CA LEU G 15 -64.27 32.94 15.95
C LEU G 15 -62.96 32.36 16.47
N LEU G 16 -62.45 32.86 17.60
CA LEU G 16 -61.21 32.33 18.16
C LEU G 16 -61.43 30.92 18.71
N ASN G 17 -60.38 30.09 18.58
CA ASN G 17 -60.38 28.71 19.05
C ASN G 17 -61.46 27.87 18.37
N ILE G 18 -61.94 28.32 17.21
CA ILE G 18 -62.88 27.58 16.39
C ILE G 18 -62.09 26.94 15.25
N THR G 19 -61.02 26.25 15.60
CA THR G 19 -60.08 25.53 14.75
C THR G 19 -60.47 24.06 14.67
N PRO G 20 -60.36 23.45 13.48
CA PRO G 20 -60.81 22.05 13.31
C PRO G 20 -60.22 21.09 14.35
N LEU G 21 -59.06 21.40 14.92
CA LEU G 21 -58.52 20.58 16.01
C LEU G 21 -59.45 20.64 17.22
N ALA G 22 -59.87 21.84 17.59
CA ALA G 22 -60.79 22.01 18.71
C ALA G 22 -62.17 21.44 18.39
N LEU G 23 -62.71 21.69 17.18
CA LEU G 23 -64.05 21.17 16.86
C LEU G 23 -64.08 19.65 16.84
N SER G 24 -63.01 19.02 16.37
CA SER G 24 -63.00 17.56 16.30
C SER G 24 -63.16 16.95 17.69
N GLY G 25 -62.48 17.50 18.69
CA GLY G 25 -62.57 16.96 20.03
C GLY G 25 -63.97 17.06 20.60
N LEU G 26 -64.61 18.22 20.44
CA LEU G 26 -65.93 18.44 21.01
C LEU G 26 -66.98 17.68 20.21
N SER G 27 -68.06 17.29 20.89
CA SER G 27 -69.14 16.57 20.21
C SER G 27 -69.91 17.52 19.29
N GLU G 28 -70.52 16.95 18.25
CA GLU G 28 -71.20 17.77 17.25
C GLU G 28 -72.34 18.57 17.86
N THR G 29 -73.13 17.95 18.74
CA THR G 29 -74.19 18.69 19.42
C THR G 29 -73.59 19.65 20.45
N GLU G 30 -72.52 19.23 21.14
CA GLU G 30 -71.90 20.09 22.14
C GLU G 30 -71.24 21.30 21.50
N ALA G 31 -70.64 21.13 20.32
CA ALA G 31 -69.96 22.23 19.65
C ALA G 31 -70.93 23.34 19.24
N GLY G 32 -72.19 23.00 18.96
CA GLY G 32 -73.16 24.01 18.60
C GLY G 32 -73.43 25.03 19.69
N LYS G 33 -73.33 24.62 20.96
CA LYS G 33 -73.60 25.49 22.09
C LYS G 33 -72.47 26.47 22.41
N LEU G 34 -71.34 26.38 21.70
CA LEU G 34 -70.21 27.25 21.97
C LEU G 34 -70.54 28.69 21.60
N ALA G 35 -70.49 29.58 22.57
CA ALA G 35 -70.82 30.98 22.33
C ALA G 35 -69.63 31.70 21.68
N ILE G 36 -69.91 32.44 20.61
CA ILE G 36 -68.92 33.23 19.92
C ILE G 36 -69.31 34.69 19.83
N GLY G 37 -70.47 35.07 20.35
CA GLY G 37 -70.90 36.45 20.24
C GLY G 37 -70.15 37.38 21.16
N THR G 38 -69.96 38.61 20.70
CA THR G 38 -69.33 39.64 21.52
C THR G 38 -70.28 40.18 22.57
N SER G 39 -71.54 40.42 22.19
CA SER G 39 -72.48 41.11 23.04
C SER G 39 -72.91 40.24 24.22
N ARG G 40 -73.61 40.89 25.17
CA ARG G 40 -74.16 40.18 26.31
C ARG G 40 -75.22 39.17 25.90
N ARG G 41 -76.09 39.55 24.96
CA ARG G 41 -77.04 38.58 24.41
C ARG G 41 -76.31 37.43 23.73
N GLY G 42 -75.17 37.71 23.11
CA GLY G 42 -74.32 36.67 22.56
C GLY G 42 -74.96 35.91 21.40
N LEU G 43 -74.15 35.00 20.85
CA LEU G 43 -74.57 34.15 19.75
C LEU G 43 -73.74 32.87 19.86
N THR G 44 -74.41 31.74 19.71
CA THR G 44 -73.73 30.45 19.70
C THR G 44 -73.47 29.99 18.27
N LEU G 45 -72.55 29.04 18.14
CA LEU G 45 -72.19 28.51 16.83
C LEU G 45 -73.39 27.93 16.08
N GLY G 46 -74.36 27.35 16.81
CA GLY G 46 -75.54 26.83 16.15
C GLY G 46 -76.46 27.92 15.62
N ASP G 47 -76.49 29.08 16.29
CA ASP G 47 -77.30 30.19 15.83
C ASP G 47 -76.75 30.80 14.55
N VAL G 48 -75.43 30.77 14.38
CA VAL G 48 -74.81 31.41 13.24
C VAL G 48 -74.67 30.46 12.07
N PHE G 49 -74.17 29.25 12.30
CA PHE G 49 -73.88 28.33 11.21
C PHE G 49 -74.65 27.02 11.35
N GLU G 50 -74.78 26.35 10.20
CA GLU G 50 -75.30 24.99 10.09
C GLU G 50 -74.11 24.04 10.21
N ILE G 51 -73.92 23.44 11.38
CA ILE G 51 -72.70 22.71 11.68
C ILE G 51 -72.81 21.29 11.15
N ARG G 52 -71.91 20.93 10.24
CA ARG G 52 -71.72 19.56 9.80
C ARG G 52 -70.28 19.18 10.15
N LEU G 53 -70.13 18.18 11.01
CA LEU G 53 -68.83 17.91 11.63
C LEU G 53 -68.33 16.52 11.28
N ASP G 54 -67.02 16.41 11.15
CA ASP G 54 -66.34 15.14 10.94
C ASP G 54 -64.93 15.25 11.49
N GLY G 55 -64.37 14.12 11.90
CA GLY G 55 -63.04 14.10 12.49
C GLY G 55 -61.93 14.34 11.49
N SER G 56 -61.79 15.59 11.04
CA SER G 56 -60.78 15.94 10.04
C SER G 56 -60.12 17.26 10.44
N ASP G 57 -58.92 17.48 9.91
CA ASP G 57 -58.18 18.71 10.11
C ASP G 57 -58.53 19.79 9.09
N SER G 58 -59.57 19.57 8.27
CA SER G 58 -59.98 20.53 7.25
C SER G 58 -61.31 21.15 7.64
N LEU G 59 -61.39 22.48 7.58
CA LEU G 59 -62.57 23.25 7.92
C LEU G 59 -62.92 24.18 6.76
N VAL G 60 -64.20 24.26 6.43
CA VAL G 60 -64.69 25.12 5.34
C VAL G 60 -65.92 25.88 5.83
N ILE G 61 -65.83 27.20 5.90
CA ILE G 61 -66.95 28.06 6.28
C ILE G 61 -67.62 28.56 5.00
N GLU G 62 -68.81 28.04 4.72
CA GLU G 62 -69.56 28.41 3.52
C GLU G 62 -70.41 29.66 3.79
N GLY G 63 -70.00 30.79 3.22
CA GLY G 63 -70.68 32.05 3.46
C GLY G 63 -69.95 32.89 4.48
N GLY G 64 -69.82 34.18 4.24
CA GLY G 64 -69.01 35.03 5.10
C GLY G 64 -69.51 36.45 5.18
N SER G 65 -69.27 37.08 6.32
CA SER G 65 -69.60 38.48 6.57
C SER G 65 -68.37 39.22 7.09
N ALA G 66 -68.41 40.56 6.97
CA ALA G 66 -67.36 41.42 7.50
C ALA G 66 -67.40 41.53 9.03
N ARG G 67 -68.25 40.77 9.70
CA ARG G 67 -68.34 40.75 11.15
C ARG G 67 -67.77 39.47 11.75
N LEU G 68 -66.82 38.83 11.06
CA LEU G 68 -66.19 37.60 11.55
C LEU G 68 -64.78 37.93 12.03
N ASP G 69 -64.70 38.37 13.28
CA ASP G 69 -63.42 38.69 13.89
C ASP G 69 -62.67 37.43 14.32
N ARG G 70 -61.34 37.53 14.33
CA ARG G 70 -60.44 36.50 14.86
C ARG G 70 -60.73 35.13 14.24
N VAL G 71 -61.03 35.12 12.95
CA VAL G 71 -61.29 33.88 12.23
C VAL G 71 -59.95 33.23 11.88
N GLY G 72 -59.77 31.98 12.33
CA GLY G 72 -58.53 31.27 12.15
C GLY G 72 -57.42 31.66 13.11
N ALA G 73 -57.74 32.37 14.18
CA ALA G 73 -56.74 32.83 15.12
C ALA G 73 -56.18 31.66 15.92
N ALA G 74 -54.86 31.69 16.17
CA ALA G 74 -54.17 30.68 16.95
C ALA G 74 -54.31 29.29 16.34
N LEU G 75 -54.38 29.22 15.01
CA LEU G 75 -54.50 27.95 14.31
C LEU G 75 -53.15 27.24 14.31
N SER G 76 -53.13 26.01 14.82
CA SER G 76 -51.88 25.25 14.94
C SER G 76 -51.81 24.04 14.04
N GLN G 77 -52.89 23.71 13.34
CA GLN G 77 -52.94 22.48 12.57
C GLN G 77 -53.98 22.63 11.46
N GLY G 78 -53.80 21.83 10.41
CA GLY G 78 -54.82 21.74 9.38
C GLY G 78 -55.06 23.01 8.57
N SER G 79 -56.30 23.17 8.12
CA SER G 79 -56.66 24.25 7.22
C SER G 79 -58.09 24.73 7.49
N ILE G 80 -58.33 26.00 7.20
CA ILE G 80 -59.64 26.64 7.33
C ILE G 80 -59.88 27.45 6.07
N ARG G 81 -60.99 27.19 5.38
CA ARG G 81 -61.34 27.89 4.16
C ARG G 81 -62.63 28.67 4.35
N VAL G 82 -62.59 29.97 4.10
CA VAL G 82 -63.76 30.83 4.21
C VAL G 82 -64.18 31.24 2.82
N GLU G 83 -65.30 30.72 2.35
CA GLU G 83 -65.89 31.10 1.06
C GLU G 83 -66.76 32.33 1.27
N GLY G 84 -66.10 33.48 1.34
CA GLY G 84 -66.77 34.74 1.57
C GLY G 84 -65.82 35.75 2.17
N ASP G 85 -66.39 36.86 2.61
CA ASP G 85 -65.62 37.91 3.25
C ASP G 85 -65.49 37.64 4.75
N VAL G 86 -64.48 38.26 5.36
CA VAL G 86 -64.18 38.06 6.78
C VAL G 86 -63.93 39.41 7.45
N GLY G 87 -63.88 39.38 8.79
CA GLY G 87 -63.64 40.55 9.59
C GLY G 87 -62.18 40.70 9.98
N GLN G 88 -61.97 41.47 11.05
CA GLN G 88 -60.62 41.82 11.48
C GLN G 88 -59.88 40.62 12.06
N ARG G 89 -58.56 40.77 12.14
CA ARG G 89 -57.66 39.80 12.78
C ARG G 89 -57.79 38.39 12.19
N LEU G 90 -57.52 38.30 10.90
CA LEU G 90 -57.44 37.01 10.24
C LEU G 90 -56.21 36.26 10.76
N GLY G 91 -56.45 35.16 11.47
CA GLY G 91 -55.38 34.33 11.99
C GLY G 91 -54.43 35.01 12.95
N GLU G 92 -54.98 35.69 13.96
CA GLU G 92 -54.15 36.37 14.95
C GLU G 92 -53.38 35.32 15.74
N GLY G 93 -52.06 35.40 15.70
CA GLY G 93 -51.23 34.44 16.43
C GLY G 93 -51.26 33.04 15.85
N MET G 94 -51.47 32.90 14.55
CA MET G 94 -51.52 31.60 13.90
C MET G 94 -50.16 30.91 13.99
N ALA G 95 -50.14 29.71 14.55
CA ALA G 95 -48.89 28.98 14.75
C ALA G 95 -48.43 28.30 13.46
N ALA G 96 -49.33 27.61 12.77
CA ALA G 96 -49.01 26.90 11.54
C ALA G 96 -50.31 26.41 10.90
N GLY G 97 -50.21 26.07 9.62
CA GLY G 97 -51.36 25.57 8.86
C GLY G 97 -51.57 26.36 7.59
N THR G 98 -52.81 26.42 7.09
CA THR G 98 -53.15 27.21 5.91
C THR G 98 -54.53 27.80 6.11
N LEU G 99 -54.72 29.04 5.67
CA LEU G 99 -55.95 29.79 5.93
C LEU G 99 -56.27 30.60 4.69
N THR G 100 -57.28 30.16 3.94
CA THR G 100 -57.66 30.78 2.67
C THR G 100 -59.02 31.45 2.77
N VAL G 101 -59.12 32.66 2.21
CA VAL G 101 -60.36 33.44 2.22
C VAL G 101 -60.68 33.84 0.78
N THR G 102 -61.88 33.48 0.33
CA THR G 102 -62.31 33.81 -1.03
C THR G 102 -62.49 35.31 -1.20
N GLY G 103 -63.20 35.94 -0.27
CA GLY G 103 -63.52 37.35 -0.35
C GLY G 103 -62.45 38.26 0.20
N SER G 104 -62.87 39.43 0.67
CA SER G 104 -61.99 40.45 1.23
C SER G 104 -61.86 40.24 2.74
N ALA G 105 -60.91 40.95 3.33
CA ALA G 105 -60.58 40.79 4.74
C ALA G 105 -60.64 42.13 5.47
N GLY G 106 -60.81 42.04 6.79
CA GLY G 106 -60.87 43.19 7.65
C GLY G 106 -59.51 43.69 8.07
N PRO G 107 -59.52 44.80 8.80
CA PRO G 107 -58.26 45.41 9.25
C PRO G 107 -57.52 44.55 10.26
N TYR G 108 -56.21 44.79 10.35
CA TYR G 108 -55.32 44.11 11.29
C TYR G 108 -55.21 42.62 10.99
N ALA G 109 -55.54 42.21 9.77
CA ALA G 109 -55.46 40.81 9.39
C ALA G 109 -54.00 40.34 9.36
N GLY G 110 -53.75 39.17 9.97
CA GLY G 110 -52.44 38.56 9.99
C GLY G 110 -51.57 38.92 11.17
N THR G 111 -52.07 39.71 12.12
CA THR G 111 -51.29 40.11 13.29
C THR G 111 -50.68 38.90 14.00
N GLY G 112 -49.45 39.07 14.49
CA GLY G 112 -48.78 38.09 15.32
C GLY G 112 -48.68 36.67 14.80
N ALA G 113 -48.94 36.48 13.51
CA ALA G 113 -48.88 35.14 12.92
C ALA G 113 -47.44 34.63 12.89
N THR G 114 -47.23 33.45 13.48
CA THR G 114 -45.90 32.83 13.62
C THR G 114 -45.52 31.98 12.41
N GLY G 115 -46.40 31.05 12.01
CA GLY G 115 -46.14 30.19 10.86
C GLY G 115 -47.41 29.92 10.09
N GLY G 116 -47.25 29.21 8.98
CA GLY G 116 -48.36 28.94 8.08
C GLY G 116 -48.48 29.98 6.99
N THR G 117 -49.57 29.88 6.22
CA THR G 117 -49.82 30.76 5.09
C THR G 117 -51.26 31.24 5.13
N ILE G 118 -51.45 32.55 5.21
CA ILE G 118 -52.77 33.16 5.16
C ILE G 118 -52.96 33.76 3.78
N THR G 119 -53.98 33.28 3.06
CA THR G 119 -54.24 33.70 1.69
C THR G 119 -55.59 34.41 1.60
N ILE G 120 -55.57 35.64 1.08
CA ILE G 120 -56.78 36.43 0.84
C ILE G 120 -56.91 36.62 -0.65
N GLU G 121 -57.85 35.90 -1.28
CA GLU G 121 -58.05 36.04 -2.73
C GLU G 121 -58.63 37.39 -3.10
N GLY G 122 -59.30 38.06 -2.15
CA GLY G 122 -59.83 39.40 -2.36
C GLY G 122 -58.85 40.47 -1.95
N ASP G 123 -59.37 41.58 -1.42
CA ASP G 123 -58.56 42.70 -0.95
C ASP G 123 -58.45 42.73 0.57
N ALA G 124 -57.28 43.17 1.05
CA ALA G 124 -57.03 43.33 2.47
C ALA G 124 -57.35 44.74 2.96
N GLY G 125 -57.76 44.85 4.22
CA GLY G 125 -58.10 46.12 4.82
C GLY G 125 -56.89 46.87 5.37
N ASP G 126 -57.19 48.01 5.99
CA ASP G 126 -56.15 48.84 6.60
C ASP G 126 -55.44 48.07 7.70
N HIS G 127 -54.17 48.39 7.91
CA HIS G 127 -53.33 47.74 8.91
C HIS G 127 -53.19 46.25 8.65
N ALA G 128 -53.32 45.83 7.39
CA ALA G 128 -53.18 44.42 7.05
C ALA G 128 -51.74 43.99 7.28
N GLY G 129 -51.54 42.95 8.09
CA GLY G 129 -50.20 42.56 8.47
C GLY G 129 -49.57 43.44 9.51
N GLY G 130 -50.31 44.41 10.04
CA GLY G 130 -49.78 45.33 11.02
C GLY G 130 -50.09 44.94 12.46
N ALA G 131 -49.38 45.60 13.37
CA ALA G 131 -49.54 45.31 14.77
C ALA G 131 -50.80 46.00 15.29
N VAL G 132 -51.50 45.32 16.20
CA VAL G 132 -52.69 45.90 16.82
C VAL G 132 -52.24 46.91 17.85
N TYR G 133 -53.19 47.48 18.58
CA TYR G 133 -52.87 48.46 19.62
C TYR G 133 -51.92 47.83 20.64
N ALA G 134 -50.87 48.57 20.98
CA ALA G 134 -49.88 48.17 21.99
C ALA G 134 -49.12 46.89 21.62
N ALA G 135 -49.30 46.37 20.41
CA ALA G 135 -48.68 45.11 20.04
C ALA G 135 -47.17 45.27 19.87
N LYS G 136 -46.43 44.25 20.28
CA LYS G 136 -44.98 44.26 20.11
C LYS G 136 -44.60 44.26 18.64
N ALA G 137 -45.31 43.48 17.82
CA ALA G 137 -44.99 43.35 16.40
C ALA G 137 -46.26 43.00 15.64
N GLY G 138 -46.20 43.19 14.32
CA GLY G 138 -47.30 42.79 13.46
C GLY G 138 -47.15 41.35 13.03
N LEU G 139 -46.82 41.13 11.76
CA LEU G 139 -46.56 39.79 11.28
C LEU G 139 -45.28 39.27 11.93
N ASP G 140 -45.33 38.07 12.49
CA ASP G 140 -44.20 37.53 13.23
C ASP G 140 -43.78 36.19 12.66
N GLY G 141 -43.83 36.07 11.33
CA GLY G 141 -43.32 34.88 10.67
C GLY G 141 -44.22 34.14 9.71
N ALA G 142 -45.54 34.21 9.81
CA ALA G 142 -46.35 33.48 8.85
C ALA G 142 -46.42 34.31 7.57
N THR G 143 -46.39 33.62 6.44
CA THR G 143 -46.41 34.30 5.16
C THR G 143 -47.84 34.66 4.76
N LEU G 144 -48.04 35.93 4.40
CA LEU G 144 -49.35 36.47 4.08
C LEU G 144 -49.44 36.82 2.59
N VAL G 145 -50.40 36.23 1.89
CA VAL G 145 -50.60 36.40 0.46
C VAL G 145 -51.93 37.10 0.25
N ILE G 146 -51.89 38.28 -0.37
CA ILE G 146 -53.08 39.06 -0.71
C ILE G 146 -53.10 39.18 -2.23
N LYS G 147 -54.00 38.43 -2.88
CA LYS G 147 -54.12 38.51 -4.33
C LYS G 147 -54.62 39.88 -4.78
N GLY G 148 -55.44 40.55 -3.96
CA GLY G 148 -55.98 41.85 -4.30
C GLY G 148 -55.07 43.01 -3.93
N ALA G 149 -55.65 44.05 -3.32
CA ALA G 149 -54.92 45.26 -2.97
C ALA G 149 -55.11 45.56 -1.49
N ALA G 150 -54.00 45.77 -0.79
CA ALA G 150 -54.04 46.10 0.63
C ALA G 150 -54.19 47.60 0.83
N GLY G 151 -54.72 47.97 1.99
CA GLY G 151 -54.93 49.36 2.35
C GLY G 151 -53.71 50.01 2.96
N ASP G 152 -53.96 51.01 3.80
CA ASP G 152 -52.87 51.75 4.43
C ASP G 152 -52.20 50.93 5.54
N HIS G 153 -50.91 51.18 5.73
CA HIS G 153 -50.09 50.56 6.78
C HIS G 153 -49.96 49.04 6.59
N LEU G 154 -49.65 48.63 5.37
CA LEU G 154 -49.35 47.23 5.12
C LEU G 154 -47.99 46.86 5.72
N GLY G 155 -47.98 45.82 6.55
CA GLY G 155 -46.76 45.40 7.22
C GLY G 155 -46.29 46.36 8.30
N ASP G 156 -47.22 47.02 8.98
CA ASP G 156 -46.87 48.00 9.99
C ASP G 156 -46.26 47.30 11.21
N ARG G 157 -45.03 47.66 11.54
CA ARG G 157 -44.28 47.05 12.64
C ARG G 157 -44.16 45.53 12.47
N MET G 158 -43.88 45.11 11.24
CA MET G 158 -43.67 43.70 10.91
C MET G 158 -42.32 43.23 11.40
N ARG G 159 -42.29 42.05 12.01
CA ARG G 159 -41.07 41.50 12.62
C ARG G 159 -40.43 40.39 11.80
N ARG G 160 -41.22 39.57 11.13
CA ARG G 160 -40.72 38.36 10.47
C ARG G 160 -41.74 37.95 9.43
N GLY G 161 -41.34 37.05 8.55
CA GLY G 161 -42.24 36.49 7.56
C GLY G 161 -42.13 37.17 6.21
N MET G 162 -43.20 37.04 5.42
CA MET G 162 -43.22 37.55 4.06
C MET G 162 -44.64 37.95 3.68
N ILE G 163 -44.77 39.07 2.99
CA ILE G 163 -46.08 39.52 2.50
C ILE G 163 -46.04 39.60 0.98
N LEU G 164 -47.03 38.99 0.34
CA LEU G 164 -47.19 38.97 -1.11
C LEU G 164 -48.51 39.64 -1.45
N ALA G 165 -48.45 40.92 -1.79
CA ALA G 165 -49.63 41.71 -2.14
C ALA G 165 -49.64 42.06 -3.61
N GLY G 166 -50.85 42.24 -4.15
CA GLY G 166 -51.00 42.73 -5.51
C GLY G 166 -50.75 44.23 -5.59
N SER G 167 -51.42 44.98 -4.73
CA SER G 167 -51.28 46.43 -4.68
C SER G 167 -51.28 46.87 -3.22
N ALA G 168 -50.69 48.04 -2.95
CA ALA G 168 -50.54 48.49 -1.58
C ALA G 168 -50.87 49.98 -1.47
N GLY G 169 -51.39 50.35 -0.30
CA GLY G 169 -51.74 51.74 0.00
C GLY G 169 -50.60 52.51 0.64
N ALA G 170 -50.95 53.66 1.20
CA ALA G 170 -49.97 54.58 1.75
C ALA G 170 -49.35 54.04 3.04
N PHE G 171 -48.19 54.60 3.38
CA PHE G 171 -47.44 54.28 4.60
C PHE G 171 -47.19 52.79 4.74
N ALA G 172 -47.01 52.11 3.61
CA ALA G 172 -46.69 50.69 3.65
C ALA G 172 -45.31 50.49 4.27
N ALA G 173 -45.16 49.37 4.99
CA ALA G 173 -43.91 48.99 5.64
C ALA G 173 -43.48 50.01 6.69
N SER G 174 -44.45 50.63 7.36
CA SER G 174 -44.15 51.59 8.41
C SER G 174 -43.72 50.89 9.69
N ARG G 175 -42.73 51.48 10.38
CA ARG G 175 -42.22 50.98 11.64
C ARG G 175 -41.70 49.54 11.55
N MET G 176 -41.39 49.08 10.35
CA MET G 176 -41.01 47.68 10.11
C MET G 176 -39.78 47.28 10.92
N ILE G 177 -39.89 46.18 11.67
CA ILE G 177 -38.73 45.67 12.41
C ILE G 177 -37.84 44.81 11.50
N ALA G 178 -38.43 43.93 10.70
CA ALA G 178 -37.71 43.07 9.77
C ALA G 178 -38.72 42.28 8.95
N GLY G 179 -38.24 41.71 7.83
CA GLY G 179 -39.09 40.89 6.99
C GLY G 179 -38.92 41.27 5.53
N THR G 180 -39.86 40.79 4.70
CA THR G 180 -39.86 41.03 3.27
C THR G 180 -41.30 41.22 2.79
N ILE G 181 -41.55 42.32 2.08
CA ILE G 181 -42.86 42.61 1.51
C ILE G 181 -42.67 42.90 0.03
N VAL G 182 -43.32 42.09 -0.81
CA VAL G 182 -43.24 42.24 -2.27
C VAL G 182 -44.65 42.49 -2.78
N VAL G 183 -44.94 43.74 -3.14
CA VAL G 183 -46.19 44.07 -3.83
C VAL G 183 -45.89 44.18 -5.31
N SER G 184 -46.65 43.45 -6.11
CA SER G 184 -46.36 43.39 -7.55
C SER G 184 -46.62 44.73 -8.22
N GLY G 185 -47.60 45.48 -7.75
CA GLY G 185 -48.01 46.72 -8.41
C GLY G 185 -47.80 47.99 -7.62
N ALA G 186 -48.86 48.80 -7.53
CA ALA G 186 -48.77 50.14 -6.97
C ALA G 186 -48.48 50.14 -5.47
N LEU G 187 -47.76 51.17 -5.03
CA LEU G 187 -47.42 51.39 -3.63
C LEU G 187 -47.76 52.82 -3.27
N GLY G 188 -48.44 53.01 -2.13
CA GLY G 188 -48.90 54.31 -1.73
C GLY G 188 -47.78 55.28 -1.38
N ASP G 189 -48.18 56.48 -0.97
CA ASP G 189 -47.21 57.53 -0.64
C ASP G 189 -46.51 57.25 0.69
N HIS G 190 -45.30 57.81 0.81
CA HIS G 190 -44.46 57.72 2.01
C HIS G 190 -44.33 56.29 2.50
N PRO G 191 -43.69 55.41 1.74
CA PRO G 191 -43.53 54.03 2.20
C PRO G 191 -42.32 53.89 3.13
N GLY G 192 -42.48 53.01 4.12
CA GLY G 192 -41.39 52.67 5.03
C GLY G 192 -41.04 53.74 6.04
N TYR G 193 -42.04 54.43 6.58
CA TYR G 193 -41.82 55.48 7.56
C TYR G 193 -41.46 54.86 8.91
N GLY G 194 -40.24 55.10 9.36
CA GLY G 194 -39.77 54.50 10.59
C GLY G 194 -39.18 53.12 10.40
N MET G 195 -38.89 52.73 9.16
CA MET G 195 -38.38 51.40 8.90
C MET G 195 -37.01 51.22 9.54
N ARG G 196 -36.86 50.13 10.28
CA ARG G 196 -35.61 49.75 10.92
C ARG G 196 -34.83 48.75 10.08
N ARG G 197 -35.45 47.64 9.70
CA ARG G 197 -34.86 46.61 8.86
C ARG G 197 -35.96 46.07 7.94
N GLY G 198 -35.57 45.33 6.92
CA GLY G 198 -36.53 44.69 6.06
C GLY G 198 -36.29 44.98 4.60
N THR G 199 -37.07 44.29 3.76
CA THR G 199 -36.96 44.39 2.32
C THR G 199 -38.35 44.66 1.75
N LEU G 200 -38.50 45.81 1.07
CA LEU G 200 -39.74 46.19 0.42
C LEU G 200 -39.50 46.27 -1.08
N ILE G 201 -40.30 45.53 -1.84
CA ILE G 201 -40.19 45.52 -3.30
C ILE G 201 -41.56 45.84 -3.89
N ALA G 202 -41.61 46.81 -4.81
CA ALA G 202 -42.84 47.26 -5.43
C ALA G 202 -42.59 47.58 -6.89
N GLY G 203 -43.63 47.43 -7.70
CA GLY G 203 -43.56 47.80 -9.10
C GLY G 203 -43.67 49.30 -9.30
N SER G 204 -44.74 49.89 -8.79
CA SER G 204 -44.95 51.32 -8.79
C SER G 204 -44.77 51.86 -7.38
N HIS G 205 -44.50 53.15 -7.28
CA HIS G 205 -44.36 53.77 -5.96
C HIS G 205 -44.73 55.23 -6.04
N GLY G 206 -45.28 55.74 -4.94
CA GLY G 206 -45.65 57.13 -4.82
C GLY G 206 -44.48 57.99 -4.44
N THR G 207 -44.76 59.06 -3.70
CA THR G 207 -43.71 59.96 -3.24
C THR G 207 -42.91 59.29 -2.13
N LEU G 208 -41.58 59.32 -2.27
CA LEU G 208 -40.71 58.71 -1.29
C LEU G 208 -40.34 59.69 -0.19
N LEU G 209 -39.93 59.14 0.95
CA LEU G 209 -39.55 59.98 2.07
C LEU G 209 -38.19 60.61 1.80
N PRO G 210 -37.97 61.83 2.29
CA PRO G 210 -36.64 62.45 2.15
C PRO G 210 -35.54 61.68 2.84
N THR G 211 -35.89 60.84 3.80
CA THR G 211 -34.94 60.02 4.55
C THR G 211 -34.61 58.70 3.86
N PHE G 212 -35.05 58.51 2.62
CA PHE G 212 -34.69 57.35 1.81
C PHE G 212 -33.72 57.83 0.74
N VAL G 213 -32.54 57.22 0.69
CA VAL G 213 -31.48 57.58 -0.24
C VAL G 213 -31.25 56.42 -1.18
N GLU G 214 -30.94 56.72 -2.45
CA GLU G 214 -30.76 55.67 -3.45
C GLU G 214 -29.32 55.16 -3.46
N THR G 215 -29.19 53.83 -3.43
CA THR G 215 -27.90 53.15 -3.49
C THR G 215 -27.45 52.91 -4.91
N GLY G 216 -28.40 52.74 -5.83
CA GLY G 216 -28.08 52.46 -7.21
C GLY G 216 -28.78 51.23 -7.72
N THR G 217 -28.16 50.52 -8.67
CA THR G 217 -28.71 49.32 -9.26
C THR G 217 -27.74 48.18 -9.01
N PRO G 218 -27.76 47.61 -7.79
CA PRO G 218 -26.78 46.57 -7.45
C PRO G 218 -27.32 45.16 -7.64
N ASP G 219 -26.53 44.31 -8.30
CA ASP G 219 -26.88 42.91 -8.50
C ASP G 219 -26.47 42.14 -7.26
N LEU G 220 -27.44 41.84 -6.40
CA LEU G 220 -27.19 41.21 -5.12
C LEU G 220 -27.59 39.75 -5.13
N VAL G 221 -26.84 38.96 -4.36
CA VAL G 221 -27.11 37.52 -4.26
C VAL G 221 -28.44 37.27 -3.58
N PHE G 222 -28.77 38.08 -2.58
CA PHE G 222 -30.06 37.94 -1.89
C PHE G 222 -31.23 38.04 -2.85
N VAL G 223 -31.15 38.96 -3.83
CA VAL G 223 -32.22 39.10 -4.82
C VAL G 223 -32.42 37.80 -5.59
N ARG G 224 -31.33 37.12 -5.95
CA ARG G 224 -31.44 35.86 -6.66
C ARG G 224 -32.16 34.82 -5.82
N LEU G 225 -31.84 34.75 -4.52
CA LEU G 225 -32.49 33.82 -3.62
C LEU G 225 -33.96 34.17 -3.42
N LEU G 226 -34.27 35.45 -3.23
CA LEU G 226 -35.66 35.85 -3.05
C LEU G 226 -36.47 35.58 -4.30
N ALA G 227 -35.87 35.73 -5.48
CA ALA G 227 -36.57 35.40 -6.71
C ALA G 227 -36.90 33.92 -6.78
N GLN G 228 -35.91 33.07 -6.52
CA GLN G 228 -36.14 31.63 -6.56
C GLN G 228 -37.14 31.19 -5.49
N SER G 229 -37.19 31.90 -4.36
CA SER G 229 -38.17 31.58 -3.33
C SER G 229 -39.58 31.87 -3.82
N LEU G 230 -39.74 32.97 -4.55
CA LEU G 230 -41.05 33.34 -5.08
C LEU G 230 -41.46 32.43 -6.22
N LYS G 231 -40.50 32.03 -7.05
CA LYS G 231 -40.79 31.09 -8.12
C LYS G 231 -41.30 29.75 -7.57
N HIS G 232 -40.67 29.26 -6.50
CA HIS G 232 -41.05 27.96 -5.94
C HIS G 232 -42.43 28.00 -5.31
N LEU G 233 -42.83 29.13 -4.75
CA LEU G 233 -44.15 29.26 -4.15
C LEU G 233 -45.24 29.61 -5.17
N GLY G 234 -44.87 29.82 -6.43
CA GLY G 234 -45.83 30.20 -7.45
C GLY G 234 -46.30 31.64 -7.38
N ALA G 235 -45.42 32.56 -6.99
CA ALA G 235 -45.80 33.95 -6.80
C ALA G 235 -45.79 34.73 -8.12
N ALA G 236 -46.84 35.54 -8.31
CA ALA G 236 -46.89 36.43 -9.47
C ALA G 236 -45.84 37.53 -9.36
N GLN G 237 -45.40 37.86 -8.14
CA GLN G 237 -44.35 38.85 -7.93
C GLN G 237 -42.97 38.31 -8.29
N ALA G 238 -42.89 37.04 -8.73
CA ALA G 238 -41.60 36.48 -9.11
C ALA G 238 -41.04 37.16 -10.35
N ASN G 239 -41.91 37.58 -11.26
CA ASN G 239 -41.45 38.24 -12.49
C ASN G 239 -40.87 39.62 -12.22
N LEU G 240 -41.23 40.24 -11.10
CA LEU G 240 -40.77 41.60 -10.81
C LEU G 240 -39.27 41.64 -10.54
N LEU G 241 -38.69 40.55 -10.04
CA LEU G 241 -37.28 40.49 -9.72
C LEU G 241 -36.42 40.08 -10.91
N SER G 242 -37.03 39.76 -12.04
CA SER G 242 -36.26 39.31 -13.19
C SER G 242 -35.32 40.41 -13.70
N GLY G 243 -35.81 41.64 -13.76
CA GLY G 243 -35.02 42.74 -14.29
C GLY G 243 -34.21 43.43 -13.21
N THR G 244 -33.41 44.39 -13.65
CA THR G 244 -32.55 45.14 -12.74
C THR G 244 -33.37 46.15 -11.93
N LEU G 245 -33.05 46.26 -10.64
CA LEU G 245 -33.84 47.04 -9.70
C LEU G 245 -33.03 48.20 -9.12
N ARG G 246 -33.77 49.23 -8.70
CA ARG G 246 -33.23 50.42 -8.04
C ARG G 246 -33.42 50.30 -6.53
N ARG G 247 -32.37 50.60 -5.77
CA ARG G 247 -32.35 50.41 -4.32
C ARG G 247 -32.41 51.73 -3.57
N TYR G 248 -33.06 51.71 -2.41
CA TYR G 248 -33.15 52.85 -1.49
C TYR G 248 -32.89 52.36 -0.06
N SER G 249 -32.13 53.14 0.70
CA SER G 249 -31.76 52.75 2.06
C SER G 249 -32.86 53.06 3.08
N GLY G 250 -32.92 52.23 4.12
CA GLY G 250 -33.98 52.35 5.12
C GLY G 250 -33.99 53.70 5.81
N ASP G 251 -35.16 54.07 6.31
CA ASP G 251 -35.40 55.42 6.80
C ASP G 251 -34.36 55.77 7.85
N LEU G 252 -33.75 56.95 7.69
CA LEU G 252 -32.64 57.38 8.52
C LEU G 252 -33.08 57.87 9.89
N ALA G 253 -34.39 58.01 10.13
CA ALA G 253 -34.85 58.37 11.47
C ALA G 253 -34.53 57.29 12.50
N THR G 254 -34.78 56.02 12.17
CA THR G 254 -34.28 54.89 12.94
C THR G 254 -32.97 54.40 12.31
N LEU G 255 -32.43 53.32 12.85
CA LEU G 255 -31.24 52.74 12.24
C LEU G 255 -31.53 52.32 10.81
N GLY G 256 -30.78 52.87 9.87
CA GLY G 256 -31.07 52.72 8.46
C GLY G 256 -30.61 51.43 7.83
N LYS G 257 -31.18 50.30 8.27
CA LYS G 257 -30.83 48.99 7.77
C LYS G 257 -31.88 48.42 6.82
N GLY G 258 -33.02 49.07 6.66
CA GLY G 258 -34.02 48.62 5.72
C GLY G 258 -33.65 48.94 4.29
N GLU G 259 -34.56 48.60 3.38
CA GLU G 259 -34.31 48.84 1.97
C GLU G 259 -35.60 48.80 1.18
N LEU G 260 -35.55 49.37 -0.03
CA LEU G 260 -36.67 49.39 -0.96
C LEU G 260 -36.15 49.18 -2.37
N PHE G 261 -36.75 48.23 -3.09
CA PHE G 261 -36.40 47.93 -4.48
C PHE G 261 -37.56 48.30 -5.40
N VAL G 262 -37.24 49.02 -6.48
CA VAL G 262 -38.20 49.39 -7.52
C VAL G 262 -37.51 49.15 -8.87
N PRO G 263 -38.21 48.68 -9.89
CA PRO G 263 -37.56 48.48 -11.21
C PRO G 263 -36.86 49.73 -11.70
N ALA G 264 -35.77 49.52 -12.46
CA ALA G 264 -34.92 50.61 -12.92
C ALA G 264 -35.71 51.67 -13.68
N HIS G 265 -36.35 51.28 -14.77
CA HIS G 265 -37.10 52.22 -15.60
C HIS G 265 -38.43 51.63 -16.05
N SER H 1 -1.39 -16.80 -0.63
CA SER H 1 -2.81 -16.55 -0.84
C SER H 1 -3.10 -15.04 -0.90
N ASP H 2 -2.03 -14.26 -1.01
CA ASP H 2 -2.16 -12.82 -1.12
C ASP H 2 -2.78 -12.48 -2.48
N PHE H 3 -3.72 -11.53 -2.47
CA PHE H 3 -4.52 -11.27 -3.65
C PHE H 3 -3.68 -10.64 -4.76
N THR H 4 -3.93 -11.04 -6.00
CA THR H 4 -3.30 -10.44 -7.17
C THR H 4 -4.41 -9.97 -8.11
N LEU H 5 -4.39 -8.69 -8.45
CA LEU H 5 -5.42 -8.08 -9.29
C LEU H 5 -4.80 -7.49 -10.55
N ASN H 6 -5.34 -7.85 -11.71
CA ASN H 6 -4.89 -7.32 -13.01
C ASN H 6 -3.40 -7.50 -13.24
N GLY H 7 -2.86 -8.63 -12.75
CA GLY H 7 -1.46 -8.95 -12.88
C GLY H 7 -0.56 -8.28 -11.88
N ILE H 8 -1.11 -7.54 -10.93
CA ILE H 8 -0.34 -6.80 -9.95
C ILE H 8 -0.63 -7.38 -8.58
N LYS H 9 0.43 -7.65 -7.81
CA LYS H 9 0.29 -8.17 -6.47
C LYS H 9 -0.34 -7.12 -5.56
N VAL H 10 -1.26 -7.56 -4.71
CA VAL H 10 -1.96 -6.71 -3.78
C VAL H 10 -1.84 -7.33 -2.40
N GLU H 11 -1.30 -6.55 -1.46
CA GLU H 11 -1.04 -7.05 -0.12
C GLU H 11 -2.36 -7.30 0.61
N ASP H 12 -2.40 -8.35 1.42
CA ASP H 12 -3.61 -8.76 2.13
C ASP H 12 -3.73 -8.03 3.48
N THR H 13 -3.72 -6.70 3.43
CA THR H 13 -3.82 -5.89 4.63
C THR H 13 -5.13 -5.12 4.59
N PHE H 14 -5.28 -4.17 5.50
CA PHE H 14 -6.43 -3.31 5.64
C PHE H 14 -5.93 -1.91 5.94
N ALA H 15 -6.74 -0.91 5.57
CA ALA H 15 -6.41 0.48 5.86
C ALA H 15 -7.08 0.88 7.15
N GLU H 16 -6.30 1.38 8.11
CA GLU H 16 -6.83 1.77 9.41
C GLU H 16 -7.26 3.23 9.35
N ALA H 17 -8.57 3.46 9.24
CA ALA H 17 -9.15 4.78 9.19
C ALA H 17 -9.82 5.10 10.51
N PHE H 18 -10.05 6.39 10.75
CA PHE H 18 -10.58 6.85 12.02
C PHE H 18 -11.88 7.62 11.81
N ASP H 19 -12.69 7.68 12.85
CA ASP H 19 -13.87 8.54 12.84
C ASP H 19 -13.46 9.99 13.06
N VAL H 20 -14.10 10.89 12.34
CA VAL H 20 -13.69 12.29 12.31
C VAL H 20 -14.95 13.16 12.14
N ALA H 21 -14.85 14.42 12.55
CA ALA H 21 -15.94 15.37 12.35
C ALA H 21 -15.81 16.01 10.98
N GLY H 22 -16.90 16.02 10.22
CA GLY H 22 -16.88 16.50 8.86
C GLY H 22 -18.04 17.43 8.56
N THR H 23 -17.79 18.36 7.65
CA THR H 23 -18.80 19.30 7.21
C THR H 23 -18.47 19.70 5.78
N ALA H 24 -19.45 20.27 5.08
CA ALA H 24 -19.29 20.70 3.70
C ALA H 24 -19.96 22.05 3.50
N ILE H 25 -19.38 22.86 2.62
CA ILE H 25 -19.92 24.17 2.28
C ILE H 25 -19.88 24.34 0.76
N ILE H 26 -20.83 25.12 0.24
CA ILE H 26 -20.90 25.46 -1.18
C ILE H 26 -20.59 26.95 -1.32
N VAL H 27 -19.53 27.26 -2.04
CA VAL H 27 -19.08 28.64 -2.27
C VAL H 27 -19.36 28.99 -3.73
N THR H 28 -20.12 30.06 -3.96
CA THR H 28 -20.49 30.46 -5.31
C THR H 28 -19.93 31.84 -5.64
N ASN H 29 -19.67 32.04 -6.93
CA ASN H 29 -19.11 33.28 -7.46
C ASN H 29 -19.78 33.59 -8.80
N ASP H 30 -19.49 34.77 -9.34
CA ASP H 30 -20.08 35.14 -10.62
C ASP H 30 -19.50 34.34 -11.77
N THR H 31 -18.23 33.95 -11.67
CA THR H 31 -17.59 33.15 -12.70
C THR H 31 -17.00 31.90 -12.07
N PRO H 32 -16.87 30.80 -12.83
CA PRO H 32 -16.28 29.59 -12.25
C PRO H 32 -14.83 29.76 -11.87
N LYS H 33 -14.14 30.73 -12.51
CA LYS H 33 -12.76 31.02 -12.17
C LYS H 33 -12.63 31.46 -10.71
N TRP H 34 -13.38 32.49 -10.30
CA TRP H 34 -13.24 33.02 -8.95
C TRP H 34 -13.87 32.14 -7.88
N ALA H 35 -14.81 31.27 -8.26
CA ALA H 35 -15.25 30.25 -7.31
C ALA H 35 -14.10 29.29 -7.00
N MET H 36 -13.31 28.97 -8.02
CA MET H 36 -12.16 28.08 -7.81
C MET H 36 -11.05 28.79 -7.04
N ILE H 37 -10.80 30.07 -7.35
CA ILE H 37 -9.81 30.83 -6.60
C ILE H 37 -10.18 30.85 -5.13
N ALA H 38 -11.47 31.08 -4.83
CA ALA H 38 -11.92 31.04 -3.45
C ALA H 38 -11.69 29.67 -2.83
N ALA H 39 -12.02 28.61 -3.57
CA ALA H 39 -11.87 27.26 -3.02
C ALA H 39 -10.41 26.91 -2.82
N THR H 40 -9.54 27.30 -3.75
CA THR H 40 -8.14 26.89 -3.69
C THR H 40 -7.41 27.51 -2.51
N VAL H 41 -7.70 28.77 -2.18
CA VAL H 41 -7.00 29.42 -1.08
C VAL H 41 -7.52 28.91 0.26
N MET H 42 -8.78 28.46 0.32
CA MET H 42 -9.31 27.91 1.56
C MET H 42 -8.80 26.50 1.83
N THR H 43 -8.66 25.69 0.77
CA THR H 43 -8.17 24.33 0.94
C THR H 43 -6.69 24.25 1.25
N GLY H 44 -5.90 25.26 0.90
CA GLY H 44 -4.48 25.21 1.15
C GLY H 44 -4.16 25.08 2.62
N PHE H 45 -2.98 24.52 2.90
CA PHE H 45 -2.46 24.39 4.26
C PHE H 45 -3.43 23.60 5.15
N ALA H 46 -3.92 22.50 4.62
CA ALA H 46 -4.87 21.63 5.34
C ALA H 46 -4.68 20.19 4.88
N THR H 47 -3.46 19.66 5.07
CA THR H 47 -3.12 18.30 4.65
C THR H 47 -3.28 17.27 5.76
N SER H 48 -3.21 17.69 7.02
CA SER H 48 -3.46 16.81 8.15
C SER H 48 -4.15 17.61 9.24
N VAL H 49 -4.91 16.93 10.10
CA VAL H 49 -5.55 17.62 11.21
C VAL H 49 -4.59 17.79 12.39
N ILE H 50 -3.55 16.96 12.47
CA ILE H 50 -2.69 17.00 13.65
C ILE H 50 -1.76 18.22 13.60
N GLY H 51 -1.23 18.56 12.43
CA GLY H 51 -0.32 19.67 12.26
C GLY H 51 -0.99 20.92 11.71
N CYS H 52 -1.56 20.81 10.51
CA CYS H 52 -2.47 21.83 10.02
C CYS H 52 -3.75 21.79 10.85
N GLY H 53 -4.50 22.89 10.79
CA GLY H 53 -5.74 22.97 11.54
C GLY H 53 -6.68 21.81 11.23
N ALA H 54 -6.96 21.58 9.96
CA ALA H 54 -7.96 20.59 9.58
C ALA H 54 -7.50 19.88 8.30
N GLU H 55 -8.39 19.06 7.75
CA GLU H 55 -8.16 18.40 6.46
C GLU H 55 -9.27 18.86 5.53
N ALA H 56 -8.88 19.59 4.47
CA ALA H 56 -9.82 20.18 3.54
C ALA H 56 -9.53 19.70 2.12
N GLY H 57 -10.54 19.81 1.27
CA GLY H 57 -10.43 19.44 -0.13
C GLY H 57 -11.65 19.91 -0.88
N ILE H 58 -11.52 19.96 -2.20
CA ILE H 58 -12.62 20.34 -3.09
C ILE H 58 -13.29 19.06 -3.58
N ASP H 59 -14.58 18.91 -3.28
CA ASP H 59 -15.28 17.71 -3.69
C ASP H 59 -15.54 17.74 -5.19
N ALA H 60 -16.27 18.76 -5.65
CA ALA H 60 -16.67 18.83 -7.05
C ALA H 60 -17.09 20.26 -7.38
N GLU H 61 -16.93 20.62 -8.66
CA GLU H 61 -17.39 21.90 -9.17
C GLU H 61 -18.85 21.83 -9.56
N LEU H 62 -19.60 22.87 -9.20
CA LEU H 62 -21.04 22.90 -9.39
C LEU H 62 -21.41 23.89 -10.49
N SER H 63 -22.37 23.50 -11.32
CA SER H 63 -22.90 24.36 -12.37
C SER H 63 -23.94 25.29 -11.78
N PRO H 64 -24.37 26.32 -12.52
CA PRO H 64 -25.43 27.21 -12.00
C PRO H 64 -26.76 26.52 -11.72
N ASP H 65 -26.91 25.26 -12.11
CA ASP H 65 -28.12 24.49 -11.83
C ASP H 65 -28.04 23.78 -10.49
N GLU H 66 -26.86 23.26 -10.15
CA GLU H 66 -26.60 22.50 -8.94
C GLU H 66 -26.44 23.35 -7.69
N THR H 67 -26.61 24.66 -7.79
CA THR H 67 -26.35 25.56 -6.66
C THR H 67 -27.63 26.23 -6.17
N PRO H 68 -27.74 26.52 -4.87
CA PRO H 68 -28.87 27.31 -4.40
C PRO H 68 -28.79 28.77 -4.83
N ASP H 69 -27.59 29.24 -5.16
CA ASP H 69 -27.43 30.63 -5.57
C ASP H 69 -27.98 30.87 -6.97
N GLY H 70 -27.71 29.94 -7.88
CA GLY H 70 -27.96 30.17 -9.29
C GLY H 70 -26.73 30.61 -10.04
N ARG H 71 -25.60 30.75 -9.34
CA ARG H 71 -24.30 31.14 -9.84
C ARG H 71 -23.35 29.94 -9.76
N PRO H 72 -22.38 29.83 -10.67
CA PRO H 72 -21.46 28.67 -10.62
C PRO H 72 -20.76 28.58 -9.28
N GLY H 73 -20.68 27.37 -8.73
CA GLY H 73 -20.10 27.19 -7.42
C GLY H 73 -19.08 26.07 -7.29
N VAL H 74 -18.66 25.82 -6.06
CA VAL H 74 -17.71 24.76 -5.71
C VAL H 74 -18.16 24.14 -4.39
N ARG H 75 -18.24 22.81 -4.34
CA ARG H 75 -18.53 22.09 -3.11
C ARG H 75 -17.21 21.67 -2.47
N ILE H 76 -16.97 22.15 -1.25
CA ILE H 76 -15.69 22.01 -0.58
C ILE H 76 -15.91 21.47 0.82
N LEU H 77 -15.21 20.38 1.15
CA LEU H 77 -15.34 19.68 2.41
C LEU H 77 -14.24 20.09 3.39
N LEU H 78 -14.53 19.92 4.68
CA LEU H 78 -13.59 20.20 5.75
C LEU H 78 -13.79 19.17 6.85
N PHE H 79 -12.69 18.62 7.36
CA PHE H 79 -12.73 17.58 8.38
C PHE H 79 -11.89 17.97 9.58
N GLY H 80 -12.36 17.62 10.78
CA GLY H 80 -11.60 17.90 11.98
C GLY H 80 -11.83 16.86 13.06
N PHE H 81 -10.94 16.88 14.05
CA PHE H 81 -10.98 15.90 15.14
C PHE H 81 -12.27 16.03 15.94
N GLU H 82 -12.50 17.19 16.52
CA GLU H 82 -13.59 17.58 17.38
C GLU H 82 -14.53 18.51 16.64
N PRO H 83 -15.85 18.42 16.87
CA PRO H 83 -16.76 19.42 16.29
C PRO H 83 -16.44 20.84 16.71
N ASN H 84 -15.78 21.04 17.85
CA ASN H 84 -15.36 22.37 18.26
C ASN H 84 -14.13 22.82 17.49
N GLY H 85 -13.15 21.93 17.31
CA GLY H 85 -12.02 22.26 16.45
C GLY H 85 -12.44 22.44 15.00
N LEU H 86 -13.42 21.64 14.54
CA LEU H 86 -13.94 21.79 13.19
C LEU H 86 -14.61 23.14 13.03
N LYS H 87 -15.42 23.55 14.01
CA LYS H 87 -16.03 24.86 13.96
C LYS H 87 -14.99 25.98 13.96
N ASP H 88 -13.92 25.83 14.75
CA ASP H 88 -12.91 26.87 14.79
C ASP H 88 -12.22 27.05 13.45
N GLN H 89 -11.94 25.94 12.77
CA GLN H 89 -11.20 26.00 11.50
C GLN H 89 -12.06 26.54 10.37
N LEU H 90 -13.33 26.18 10.37
CA LEU H 90 -14.22 26.68 9.32
C LEU H 90 -14.39 28.20 9.45
N LEU H 91 -14.57 28.69 10.67
CA LEU H 91 -14.71 30.13 10.89
C LEU H 91 -13.48 30.88 10.43
N LYS H 92 -12.29 30.37 10.77
CA LYS H 92 -11.05 31.03 10.36
C LYS H 92 -10.94 31.05 8.84
N ARG H 93 -11.21 29.91 8.20
CA ARG H 93 -10.95 29.78 6.77
C ARG H 93 -11.99 30.53 5.93
N VAL H 94 -13.27 30.37 6.26
CA VAL H 94 -14.30 31.14 5.56
C VAL H 94 -14.12 32.62 5.83
N GLY H 95 -13.73 32.97 7.05
CA GLY H 95 -13.59 34.38 7.38
C GLY H 95 -12.50 35.09 6.61
N GLN H 96 -11.43 34.38 6.24
CA GLN H 96 -10.30 35.03 5.60
C GLN H 96 -9.92 34.49 4.24
N CYS H 97 -10.60 33.47 3.74
CA CYS H 97 -10.40 33.07 2.36
C CYS H 97 -11.65 33.19 1.51
N ILE H 98 -12.83 33.14 2.11
CA ILE H 98 -14.05 33.28 1.35
C ILE H 98 -14.50 34.74 1.41
N LEU H 99 -14.75 35.24 2.63
CA LEU H 99 -15.17 36.64 2.78
C LEU H 99 -14.24 37.61 2.05
N THR H 100 -12.93 37.37 2.13
CA THR H 100 -11.98 38.27 1.49
C THR H 100 -12.07 38.17 -0.03
N CYS H 101 -12.43 37.00 -0.57
CA CYS H 101 -12.47 36.80 -2.02
C CYS H 101 -13.65 37.56 -2.64
N PRO H 102 -13.43 38.33 -3.69
CA PRO H 102 -14.53 39.15 -4.26
C PRO H 102 -15.61 38.30 -4.91
N GLY H 103 -16.85 38.81 -4.80
CA GLY H 103 -18.02 38.21 -5.43
C GLY H 103 -18.43 36.84 -4.94
N THR H 104 -18.06 36.46 -3.72
CA THR H 104 -18.33 35.11 -3.24
C THR H 104 -19.63 35.08 -2.42
N ALA H 105 -20.05 33.86 -2.09
CA ALA H 105 -21.25 33.65 -1.29
C ALA H 105 -21.18 32.23 -0.74
N CYS H 106 -21.34 32.07 0.56
CA CYS H 106 -21.14 30.78 1.22
C CYS H 106 -22.48 30.18 1.63
N PHE H 107 -22.69 28.91 1.26
CA PHE H 107 -23.90 28.18 1.60
C PHE H 107 -23.53 26.86 2.25
N ALA H 108 -24.50 26.27 2.96
CA ALA H 108 -24.27 24.99 3.60
C ALA H 108 -24.22 23.89 2.56
N GLY H 109 -23.18 23.08 2.61
CA GLY H 109 -22.95 22.07 1.60
C GLY H 109 -23.68 20.77 1.81
N VAL H 110 -23.61 20.22 3.02
CA VAL H 110 -24.19 18.93 3.32
C VAL H 110 -25.19 19.09 4.46
N GLU H 111 -26.09 18.11 4.56
CA GLU H 111 -27.05 18.04 5.65
C GLU H 111 -26.52 17.12 6.74
N GLY H 112 -26.72 17.51 7.99
CA GLY H 112 -26.24 16.74 9.10
C GLY H 112 -27.00 17.02 10.38
N PRO H 113 -26.77 16.20 11.40
CA PRO H 113 -27.51 16.36 12.66
C PRO H 113 -27.03 17.52 13.51
N THR H 114 -25.71 17.72 13.62
CA THR H 114 -25.17 18.79 14.45
C THR H 114 -25.08 20.10 13.68
N LYS H 115 -25.21 21.20 14.42
CA LYS H 115 -25.25 22.55 13.86
C LYS H 115 -23.94 23.28 14.14
N ILE H 116 -23.47 24.04 13.15
CA ILE H 116 -22.27 24.85 13.28
C ILE H 116 -22.62 26.27 12.89
N LYS H 117 -22.38 27.21 13.80
CA LYS H 117 -22.59 28.63 13.51
C LYS H 117 -21.51 29.08 12.53
N LEU H 118 -21.93 29.66 11.40
CA LEU H 118 -20.96 30.11 10.41
C LEU H 118 -21.24 31.55 10.02
N GLY H 119 -22.37 31.80 9.38
CA GLY H 119 -22.75 33.18 9.07
C GLY H 119 -23.03 34.02 10.31
N GLY H 120 -23.60 33.39 11.35
CA GLY H 120 -23.94 34.12 12.55
C GLY H 120 -22.75 34.66 13.30
N ALA H 121 -21.56 34.15 13.03
CA ALA H 121 -20.34 34.63 13.69
C ALA H 121 -19.56 35.62 12.83
N ILE H 122 -19.50 35.41 11.51
CA ILE H 122 -18.85 36.36 10.62
C ILE H 122 -19.65 37.66 10.50
N ARG H 123 -20.95 37.60 10.76
CA ARG H 123 -21.80 38.79 10.73
C ARG H 123 -21.23 39.94 11.58
N TYR H 124 -20.44 39.62 12.61
CA TYR H 124 -19.91 40.66 13.49
C TYR H 124 -18.85 41.52 12.82
N PHE H 125 -18.34 41.12 11.66
CA PHE H 125 -17.47 42.00 10.88
C PHE H 125 -18.27 43.16 10.29
N GLY H 126 -19.59 43.03 10.22
CA GLY H 126 -20.46 44.06 9.70
C GLY H 126 -20.53 45.31 10.54
N ASP H 127 -20.08 45.24 11.80
CA ASP H 127 -20.01 46.42 12.67
C ASP H 127 -21.39 47.02 12.86
N GLY H 128 -22.39 46.15 13.03
CA GLY H 128 -23.76 46.55 13.26
C GLY H 128 -24.59 46.84 12.04
N PHE H 129 -23.99 46.81 10.84
CA PHE H 129 -24.71 47.04 9.60
C PHE H 129 -25.22 45.76 8.94
N ALA H 130 -24.83 44.59 9.44
CA ALA H 130 -25.25 43.33 8.84
C ALA H 130 -26.70 43.02 9.18
N VAL H 131 -27.42 42.43 8.22
CA VAL H 131 -28.82 42.06 8.40
C VAL H 131 -29.02 40.59 8.12
N ALA H 132 -30.08 40.03 8.70
CA ALA H 132 -30.46 38.64 8.53
C ALA H 132 -31.77 38.53 7.75
N LYS H 133 -31.86 37.53 6.87
CA LYS H 133 -33.05 37.28 6.09
C LYS H 133 -33.40 35.80 6.13
N ARG H 134 -34.71 35.51 6.21
CA ARG H 134 -35.23 34.14 6.20
C ARG H 134 -36.07 33.93 4.95
N LEU H 135 -35.70 32.94 4.15
CA LEU H 135 -36.32 32.67 2.86
C LEU H 135 -36.42 31.16 2.64
N PRO H 136 -37.51 30.68 2.04
CA PRO H 136 -37.62 29.25 1.73
C PRO H 136 -36.87 28.88 0.46
N ASP H 137 -36.18 27.74 0.50
CA ASP H 137 -35.36 27.30 -0.63
C ASP H 137 -36.20 26.53 -1.66
N HIS H 138 -35.52 25.99 -2.67
CA HIS H 138 -36.18 25.28 -3.76
C HIS H 138 -36.80 23.97 -3.32
N GLU H 139 -36.45 23.48 -2.14
CA GLU H 139 -37.03 22.27 -1.57
C GLU H 139 -38.21 22.55 -0.67
N GLY H 140 -38.35 23.80 -0.20
CA GLY H 140 -39.42 24.18 0.70
C GLY H 140 -39.02 24.42 2.13
N LYS H 141 -37.72 24.44 2.44
CA LYS H 141 -37.22 24.60 3.79
C LYS H 141 -36.81 26.06 4.04
N MET H 142 -37.16 26.57 5.23
CA MET H 142 -36.81 27.93 5.61
C MET H 142 -35.34 27.98 6.02
N ARG H 143 -34.56 28.82 5.33
CA ARG H 143 -33.14 29.00 5.63
C ARG H 143 -32.88 30.45 6.01
N ARG H 144 -31.91 30.66 6.89
CA ARG H 144 -31.55 31.99 7.38
C ARG H 144 -30.17 32.36 6.87
N TYR H 145 -30.06 33.53 6.24
CA TYR H 145 -28.81 34.01 5.68
C TYR H 145 -28.47 35.39 6.24
N TRP H 146 -27.17 35.68 6.29
CA TRP H 146 -26.66 36.96 6.73
C TRP H 146 -26.11 37.74 5.54
N ARG H 147 -26.28 39.05 5.58
CA ARG H 147 -25.80 39.95 4.53
C ARG H 147 -24.81 40.94 5.16
N ILE H 148 -23.51 40.67 5.01
CA ILE H 148 -22.47 41.50 5.58
C ILE H 148 -22.08 42.54 4.52
N PRO H 149 -22.19 43.83 4.82
CA PRO H 149 -21.80 44.86 3.83
C PRO H 149 -20.29 44.95 3.70
N VAL H 150 -19.80 44.91 2.45
CA VAL H 150 -18.38 44.95 2.16
C VAL H 150 -18.14 45.89 0.98
N MET H 151 -16.85 46.10 0.67
CA MET H 151 -16.45 47.05 -0.35
C MET H 151 -17.06 46.73 -1.71
N ASP H 152 -16.96 45.48 -2.15
CA ASP H 152 -17.50 45.15 -3.47
C ASP H 152 -19.03 45.12 -3.45
N GLY H 153 -19.63 44.86 -2.30
CA GLY H 153 -21.07 44.76 -2.19
C GLY H 153 -21.53 44.16 -0.87
N GLU H 154 -22.19 43.01 -0.94
CA GLU H 154 -22.61 42.26 0.24
C GLU H 154 -22.05 40.84 0.19
N PHE H 155 -21.46 40.38 1.30
CA PHE H 155 -21.05 38.99 1.46
C PHE H 155 -22.18 38.21 2.10
N LEU H 156 -22.91 37.42 1.30
CA LEU H 156 -24.01 36.63 1.81
C LEU H 156 -23.49 35.31 2.35
N CYS H 157 -23.88 34.98 3.58
CA CYS H 157 -23.38 33.81 4.29
C CYS H 157 -24.52 33.18 5.09
N GLU H 158 -24.74 31.88 4.89
CA GLU H 158 -25.78 31.19 5.62
C GLU H 158 -25.44 31.12 7.10
N ASP H 159 -26.45 31.35 7.94
CA ASP H 159 -26.25 31.43 9.40
C ASP H 159 -25.58 30.18 9.95
N SER H 160 -26.10 29.02 9.60
CA SER H 160 -25.61 27.77 10.17
C SER H 160 -25.29 26.80 9.03
N VAL H 161 -24.28 25.98 9.28
CA VAL H 161 -23.91 24.90 8.38
C VAL H 161 -24.00 23.61 9.18
N ARG H 162 -24.45 22.54 8.55
CA ARG H 162 -24.65 21.29 9.25
C ARG H 162 -23.40 20.41 9.14
N ALA H 163 -23.12 19.66 10.20
CA ALA H 163 -21.98 18.74 10.23
C ALA H 163 -22.50 17.30 10.29
N VAL H 164 -22.12 16.50 9.31
CA VAL H 164 -22.60 15.13 9.22
C VAL H 164 -21.88 14.27 10.25
N ASP H 165 -22.61 13.35 10.87
CA ASP H 165 -22.03 12.42 11.83
C ASP H 165 -21.53 11.18 11.09
N GLY H 166 -20.42 10.63 11.57
CA GLY H 166 -19.86 9.45 10.94
C GLY H 166 -19.03 9.72 9.70
N ALA H 167 -18.34 10.86 9.65
CA ALA H 167 -17.38 11.11 8.59
C ALA H 167 -16.08 10.41 8.92
N VAL H 168 -15.50 9.72 7.94
CA VAL H 168 -14.32 8.89 8.15
C VAL H 168 -13.16 9.49 7.37
N GLY H 169 -12.00 9.57 8.01
CA GLY H 169 -10.80 10.02 7.35
C GLY H 169 -9.64 9.06 7.60
N GLY H 170 -8.63 9.16 6.76
CA GLY H 170 -7.46 8.32 6.90
C GLY H 170 -7.46 7.04 6.12
N GLY H 171 -8.46 6.81 5.26
CA GLY H 171 -8.45 5.63 4.43
C GLY H 171 -7.37 5.76 3.39
N ASN H 172 -6.41 4.83 3.38
CA ASN H 172 -5.25 5.01 2.52
C ASN H 172 -4.74 3.68 1.99
N LEU H 173 -4.22 3.71 0.77
CA LEU H 173 -3.49 2.60 0.18
C LEU H 173 -2.29 3.15 -0.56
N LEU H 174 -1.13 2.50 -0.38
CA LEU H 174 0.15 2.95 -0.91
C LEU H 174 0.65 2.04 -2.02
N PHE H 175 1.33 2.64 -2.99
CA PHE H 175 1.85 1.96 -4.17
C PHE H 175 3.37 1.81 -4.12
N LEU H 176 3.85 0.64 -4.51
CA LEU H 176 5.27 0.36 -4.63
C LEU H 176 5.60 0.22 -6.10
N GLY H 177 6.62 0.94 -6.55
CA GLY H 177 6.94 0.98 -7.97
C GLY H 177 8.41 1.18 -8.24
N ARG H 178 8.81 0.88 -9.48
CA ARG H 178 10.22 0.88 -9.83
C ARG H 178 10.79 2.29 -9.94
N LYS H 179 10.10 3.22 -10.58
CA LYS H 179 10.70 4.52 -10.84
C LYS H 179 9.76 5.66 -10.49
N HIS H 180 10.29 6.69 -9.82
CA HIS H 180 9.50 7.83 -9.37
C HIS H 180 8.71 8.45 -10.51
N ALA H 181 9.37 8.68 -11.65
CA ALA H 181 8.70 9.36 -12.75
C ALA H 181 7.46 8.58 -13.20
N ASP H 182 7.62 7.28 -13.42
CA ASP H 182 6.49 6.48 -13.89
C ASP H 182 5.48 6.21 -12.79
N THR H 183 5.93 5.83 -11.59
CA THR H 183 4.99 5.47 -10.53
C THR H 183 4.18 6.67 -10.04
N LEU H 184 4.71 7.87 -10.20
CA LEU H 184 3.91 9.06 -9.90
C LEU H 184 2.69 9.10 -10.80
N ILE H 185 2.85 8.72 -12.07
CA ILE H 185 1.72 8.70 -13.00
C ILE H 185 0.66 7.70 -12.54
N VAL H 186 1.10 6.54 -12.02
CA VAL H 186 0.16 5.57 -11.48
C VAL H 186 -0.66 6.18 -10.36
N ALA H 187 0.01 6.86 -9.43
CA ALA H 187 -0.68 7.51 -8.31
C ALA H 187 -1.54 8.68 -8.81
N GLU H 188 -1.08 9.38 -9.85
CA GLU H 188 -1.87 10.50 -10.37
C GLU H 188 -3.19 10.01 -10.95
N ILE H 189 -3.17 8.94 -11.75
CA ILE H 189 -4.42 8.43 -12.29
C ILE H 189 -5.22 7.70 -11.23
N ALA H 190 -4.59 7.40 -10.09
CA ALA H 190 -5.31 6.83 -8.97
C ALA H 190 -6.13 7.88 -8.23
N VAL H 191 -5.56 9.07 -8.02
CA VAL H 191 -6.31 10.11 -7.32
C VAL H 191 -7.44 10.63 -8.18
N GLU H 192 -7.22 10.72 -9.51
CA GLU H 192 -8.31 11.14 -10.39
C GLU H 192 -9.49 10.19 -10.29
N ALA H 193 -9.21 8.90 -10.08
CA ALA H 193 -10.29 7.93 -9.88
C ALA H 193 -10.95 8.14 -8.53
N ALA H 194 -10.15 8.44 -7.50
CA ALA H 194 -10.70 8.57 -6.15
C ALA H 194 -11.47 9.88 -6.01
N LYS H 195 -11.01 10.96 -6.65
CA LYS H 195 -11.69 12.24 -6.51
C LYS H 195 -13.14 12.16 -6.95
N ALA H 196 -13.44 11.31 -7.93
CA ALA H 196 -14.75 11.32 -8.58
C ALA H 196 -15.89 10.93 -7.63
N ILE H 197 -15.61 10.14 -6.61
CA ILE H 197 -16.65 9.65 -5.71
C ILE H 197 -17.22 10.82 -4.92
N PRO H 198 -18.54 11.00 -4.88
CA PRO H 198 -19.12 12.15 -4.18
C PRO H 198 -18.91 12.06 -2.67
N GLY H 199 -18.54 13.19 -2.08
CA GLY H 199 -18.32 13.30 -0.65
C GLY H 199 -16.96 12.88 -0.17
N ALA H 200 -16.02 12.60 -1.08
CA ALA H 200 -14.69 12.16 -0.71
C ALA H 200 -13.65 13.10 -1.30
N ILE H 201 -12.59 13.37 -0.54
CA ILE H 201 -11.49 14.22 -0.98
C ILE H 201 -10.18 13.58 -0.55
N LEU H 202 -9.08 14.16 -1.05
CA LEU H 202 -7.73 13.69 -0.75
C LEU H 202 -6.89 14.89 -0.34
N PRO H 203 -6.59 15.05 0.96
CA PRO H 203 -6.10 16.36 1.44
C PRO H 203 -4.68 16.69 1.03
N PHE H 204 -3.81 15.69 0.88
CA PHE H 204 -2.39 15.96 0.66
C PHE H 204 -2.16 16.55 -0.73
N PRO H 205 -1.00 17.17 -0.96
CA PRO H 205 -0.79 17.88 -2.24
C PRO H 205 -1.02 17.00 -3.46
N GLY H 206 -2.01 17.38 -4.27
CA GLY H 206 -2.42 16.63 -5.44
C GLY H 206 -2.99 15.27 -5.09
N GLY H 207 -3.30 15.08 -3.81
CA GLY H 207 -3.78 13.82 -3.31
C GLY H 207 -2.73 12.83 -2.87
N ILE H 208 -1.44 13.06 -3.17
CA ILE H 208 -0.39 12.09 -2.90
C ILE H 208 0.47 12.53 -1.71
N VAL H 209 0.93 11.55 -0.93
CA VAL H 209 1.85 11.76 0.18
C VAL H 209 3.14 11.02 -0.14
N ARG H 210 4.29 11.67 0.14
CA ARG H 210 5.58 11.04 -0.04
C ARG H 210 6.27 10.72 1.26
N SER H 211 5.77 11.23 2.38
CA SER H 211 6.31 10.99 3.71
C SER H 211 5.39 10.05 4.45
N GLY H 212 5.85 8.83 4.70
CA GLY H 212 5.02 7.86 5.37
C GLY H 212 4.88 8.11 6.85
N SER H 213 3.73 8.64 7.24
CA SER H 213 3.48 8.96 8.64
C SER H 213 3.41 7.67 9.45
N LYS H 214 4.42 7.42 10.26
CA LYS H 214 4.49 6.25 11.11
C LYS H 214 4.28 6.64 12.57
N VAL H 215 3.42 5.89 13.25
CA VAL H 215 3.09 6.21 14.64
C VAL H 215 4.26 5.89 15.55
N GLY H 216 4.53 6.78 16.49
CA GLY H 216 5.67 6.61 17.37
C GLY H 216 6.95 7.16 16.77
N GLY H 217 8.04 6.78 17.43
CA GLY H 217 9.37 7.21 16.99
C GLY H 217 10.41 6.37 17.68
N ARG H 218 11.63 6.42 17.13
CA ARG H 218 12.71 5.57 17.64
C ARG H 218 13.17 6.02 19.03
N THR H 219 13.28 7.33 19.25
CA THR H 219 13.85 7.86 20.47
C THR H 219 12.93 8.89 21.11
N LYS H 220 12.96 8.90 22.45
CA LYS H 220 12.25 9.86 23.33
C LYS H 220 10.75 9.74 23.05
N GLY H 221 10.02 10.85 23.07
CA GLY H 221 8.60 10.87 22.78
C GLY H 221 8.34 11.56 21.44
N MET H 222 8.06 10.77 20.41
CA MET H 222 7.83 11.28 19.07
C MET H 222 6.39 10.97 18.68
N MET H 223 5.66 11.97 18.21
CA MET H 223 4.28 11.68 17.83
C MET H 223 4.21 11.06 16.44
N ALA H 224 5.02 11.53 15.50
CA ALA H 224 5.07 10.98 14.15
C ALA H 224 6.51 10.86 13.72
N SER H 225 6.82 9.83 12.95
CA SER H 225 8.15 9.71 12.38
C SER H 225 8.03 9.07 11.00
N THR H 226 9.11 9.15 10.24
CA THR H 226 9.12 8.55 8.92
C THR H 226 9.01 7.04 9.00
N ASN H 227 8.44 6.45 7.95
CA ASN H 227 8.17 5.02 7.87
C ASN H 227 9.38 4.32 7.26
N ASP H 228 10.37 4.02 8.12
CA ASP H 228 11.62 3.44 7.65
C ASP H 228 11.42 2.15 6.87
N ALA H 229 10.31 1.44 7.11
CA ALA H 229 10.07 0.19 6.40
C ALA H 229 9.85 0.43 4.91
N TYR H 230 9.09 1.46 4.58
CA TYR H 230 8.76 1.80 3.19
C TYR H 230 9.65 2.92 2.65
N CYS H 231 10.84 3.09 3.23
CA CYS H 231 11.83 4.03 2.72
C CYS H 231 12.81 3.30 1.82
N PRO H 232 13.00 3.73 0.57
CA PRO H 232 13.89 3.00 -0.33
C PRO H 232 15.35 3.19 -0.01
N THR H 233 15.71 4.26 0.68
CA THR H 233 17.09 4.48 1.08
C THR H 233 17.50 3.57 2.23
N LEU H 234 16.53 3.04 2.99
CA LEU H 234 16.79 2.10 4.07
C LEU H 234 16.44 0.68 3.65
N LYS H 235 16.83 0.28 2.44
CA LYS H 235 16.57 -1.04 1.90
C LYS H 235 17.72 -1.97 2.28
N GLY H 236 17.46 -3.28 2.16
CA GLY H 236 18.49 -4.27 2.37
C GLY H 236 18.68 -4.71 3.81
N ARG H 237 18.39 -3.83 4.75
CA ARG H 237 18.51 -4.13 6.17
C ARG H 237 17.18 -4.66 6.71
N ALA H 238 17.27 -5.33 7.86
CA ALA H 238 16.07 -5.86 8.51
C ALA H 238 15.12 -4.72 8.81
N GLY H 239 13.84 -4.94 8.53
CA GLY H 239 12.84 -3.93 8.79
C GLY H 239 12.41 -3.13 7.59
N SER H 240 12.86 -3.48 6.39
CA SER H 240 12.45 -2.80 5.16
C SER H 240 11.36 -3.64 4.52
N ALA H 241 10.16 -3.07 4.39
CA ALA H 241 9.01 -3.82 3.90
C ALA H 241 8.83 -3.67 2.40
N LEU H 242 9.90 -3.70 1.61
CA LEU H 242 9.71 -3.62 0.18
C LEU H 242 10.75 -4.40 -0.61
N PRO H 243 10.37 -5.01 -1.73
CA PRO H 243 11.25 -5.95 -2.42
C PRO H 243 12.32 -5.21 -3.18
N PRO H 244 13.36 -5.93 -3.64
CA PRO H 244 14.45 -5.24 -4.37
C PRO H 244 14.01 -4.59 -5.68
N GLU H 245 12.99 -5.09 -6.38
CA GLU H 245 12.56 -4.41 -7.60
C GLU H 245 12.00 -3.02 -7.31
N CYS H 246 11.46 -2.80 -6.11
CA CYS H 246 10.84 -1.53 -5.77
C CYS H 246 11.89 -0.47 -5.46
N GLY H 247 11.60 0.76 -5.86
CA GLY H 247 12.49 1.88 -5.60
C GLY H 247 11.79 3.15 -5.17
N VAL H 248 10.46 3.16 -5.24
CA VAL H 248 9.67 4.35 -4.90
C VAL H 248 8.33 3.91 -4.31
N VAL H 249 7.92 4.60 -3.26
CA VAL H 249 6.64 4.34 -2.60
C VAL H 249 5.88 5.66 -2.51
N LEU H 250 4.58 5.62 -2.82
CA LEU H 250 3.71 6.78 -2.78
C LEU H 250 2.40 6.39 -2.13
N GLU H 251 1.91 7.23 -1.22
CA GLU H 251 0.71 6.95 -0.45
C GLU H 251 -0.42 7.88 -0.88
N ILE H 252 -1.65 7.37 -0.79
CA ILE H 252 -2.87 8.08 -1.16
C ILE H 252 -3.79 8.07 0.06
N VAL H 253 -4.13 9.26 0.57
CA VAL H 253 -4.97 9.37 1.75
C VAL H 253 -6.33 9.97 1.36
N ILE H 254 -7.42 9.30 1.79
CA ILE H 254 -8.80 9.65 1.43
C ILE H 254 -9.61 9.93 2.68
N ASP H 255 -10.36 11.03 2.66
CA ASP H 255 -11.33 11.37 3.70
C ASP H 255 -12.70 11.49 3.07
N ALA H 256 -13.74 11.10 3.80
CA ALA H 256 -15.08 11.19 3.22
C ALA H 256 -16.12 11.45 4.31
N LEU H 257 -17.26 12.00 3.86
CA LEU H 257 -18.37 12.29 4.76
C LEU H 257 -19.09 11.02 5.20
N THR H 258 -19.03 9.95 4.39
CA THR H 258 -19.66 8.69 4.75
C THR H 258 -18.65 7.57 4.64
N SER H 259 -18.81 6.57 5.52
CA SER H 259 -17.86 5.46 5.58
C SER H 259 -17.82 4.71 4.25
N ALA H 260 -18.97 4.53 3.62
CA ALA H 260 -19.02 3.82 2.35
C ALA H 260 -18.22 4.54 1.27
N ALA H 261 -18.22 5.88 1.29
CA ALA H 261 -17.49 6.62 0.28
C ALA H 261 -15.99 6.36 0.37
N VAL H 262 -15.46 6.17 1.58
CA VAL H 262 -14.04 5.86 1.74
C VAL H 262 -13.72 4.55 1.06
N ALA H 263 -14.54 3.53 1.29
CA ALA H 263 -14.30 2.23 0.66
C ALA H 263 -14.45 2.32 -0.85
N GLU H 264 -15.48 3.01 -1.33
CA GLU H 264 -15.67 3.13 -2.78
C GLU H 264 -14.59 4.00 -3.40
N SER H 265 -14.12 5.02 -2.68
CA SER H 265 -13.01 5.82 -3.18
C SER H 265 -11.72 5.01 -3.23
N MET H 266 -11.51 4.17 -2.22
CA MET H 266 -10.37 3.28 -2.23
C MET H 266 -10.47 2.30 -3.40
N ARG H 267 -11.66 1.72 -3.60
CA ARG H 267 -11.87 0.73 -4.65
C ARG H 267 -11.52 1.28 -6.03
N ALA H 268 -11.97 2.50 -6.34
CA ALA H 268 -11.70 3.05 -7.66
C ALA H 268 -10.21 3.29 -7.88
N ALA H 269 -9.51 3.75 -6.85
CA ALA H 269 -8.07 3.97 -6.99
C ALA H 269 -7.34 2.65 -7.13
N LEU H 270 -7.71 1.65 -6.35
CA LEU H 270 -7.09 0.34 -6.43
C LEU H 270 -7.22 -0.23 -7.84
N HIS H 271 -8.39 -0.12 -8.44
CA HIS H 271 -8.59 -0.69 -9.77
C HIS H 271 -7.90 0.15 -10.85
N ALA H 272 -8.10 1.47 -10.83
CA ALA H 272 -7.49 2.34 -11.83
C ALA H 272 -5.98 2.18 -11.84
N ALA H 273 -5.37 2.07 -10.65
CA ALA H 273 -3.91 1.98 -10.59
C ALA H 273 -3.40 0.69 -11.22
N THR H 274 -4.04 -0.43 -10.91
CA THR H 274 -3.54 -1.72 -11.40
C THR H 274 -3.81 -1.91 -12.89
N GLU H 275 -4.93 -1.38 -13.40
CA GLU H 275 -5.22 -1.51 -14.82
C GLU H 275 -4.08 -0.97 -15.67
N ILE H 276 -3.51 0.16 -15.27
CA ILE H 276 -2.39 0.77 -15.96
C ILE H 276 -1.07 0.47 -15.25
N GLY H 277 -1.10 -0.27 -14.14
CA GLY H 277 0.09 -0.43 -13.32
C GLY H 277 1.21 -1.16 -14.00
N ALA H 278 0.88 -2.27 -14.70
CA ALA H 278 1.92 -3.07 -15.35
C ALA H 278 2.71 -2.24 -16.36
N GLN H 279 2.04 -1.30 -17.02
CA GLN H 279 2.69 -0.46 -18.02
C GLN H 279 3.81 0.38 -17.42
N HIS H 280 3.61 0.89 -16.21
CA HIS H 280 4.58 1.76 -15.56
C HIS H 280 5.40 1.07 -14.48
N GLY H 281 5.42 -0.25 -14.45
CA GLY H 281 6.30 -0.96 -13.53
C GLY H 281 5.81 -1.03 -12.10
N LEU H 282 4.51 -0.86 -11.87
CA LEU H 282 3.93 -0.98 -10.54
C LEU H 282 4.16 -2.38 -9.99
N VAL H 283 4.92 -2.47 -8.90
CA VAL H 283 5.29 -3.75 -8.30
C VAL H 283 4.15 -4.31 -7.47
N ALA H 284 3.63 -3.53 -6.52
CA ALA H 284 2.55 -4.03 -5.69
C ALA H 284 1.79 -2.85 -5.09
N VAL H 285 0.63 -3.17 -4.50
CA VAL H 285 -0.21 -2.19 -3.82
C VAL H 285 -0.57 -2.78 -2.45
N THR H 286 -0.31 -2.01 -1.38
CA THR H 286 -0.66 -2.40 -0.01
C THR H 286 -1.34 -1.19 0.66
N ALA H 287 -1.78 -1.38 1.90
CA ALA H 287 -2.41 -0.31 2.67
C ALA H 287 -1.74 -0.11 4.02
N GLY H 288 -1.77 1.13 4.48
CA GLY H 288 -1.17 1.50 5.76
C GLY H 288 -2.12 1.29 6.91
N ASN H 289 -1.70 0.48 7.88
CA ASN H 289 -2.49 0.20 9.07
C ASN H 289 -1.65 0.49 10.30
N TYR H 290 -2.31 0.67 11.43
CA TYR H 290 -1.63 1.05 12.67
C TYR H 290 -1.65 -0.06 13.74
N GLY H 291 -2.28 -1.19 13.46
CA GLY H 291 -2.30 -2.28 14.39
C GLY H 291 -3.69 -2.85 14.62
N GLY H 292 -4.71 -2.08 14.28
CA GLY H 292 -6.09 -2.51 14.42
C GLY H 292 -6.83 -1.90 15.60
N ASN H 293 -6.11 -1.52 16.66
CA ASN H 293 -6.74 -0.99 17.86
C ASN H 293 -6.82 0.53 17.89
N LEU H 294 -6.11 1.23 17.01
CA LEU H 294 -6.17 2.68 16.97
C LEU H 294 -7.41 3.19 16.25
N GLY H 295 -7.72 2.62 15.09
CA GLY H 295 -8.80 3.11 14.24
C GLY H 295 -9.98 2.16 14.20
N ARG H 296 -11.18 2.72 14.25
CA ARG H 296 -12.41 1.91 14.27
C ARG H 296 -12.64 1.23 12.92
N HIS H 297 -12.48 1.99 11.82
CA HIS H 297 -12.80 1.52 10.48
C HIS H 297 -11.60 0.84 9.84
N HIS H 298 -11.78 -0.41 9.42
CA HIS H 298 -10.76 -1.18 8.73
C HIS H 298 -11.24 -1.46 7.31
N TYR H 299 -10.47 -1.02 6.33
CA TYR H 299 -10.83 -1.23 4.93
C TYR H 299 -9.89 -2.27 4.34
N HIS H 300 -10.31 -3.54 4.41
CA HIS H 300 -9.52 -4.62 3.87
C HIS H 300 -9.56 -4.60 2.34
N LEU H 301 -8.39 -4.80 1.73
CA LEU H 301 -8.32 -4.89 0.28
C LEU H 301 -8.98 -6.16 -0.25
N ARG H 302 -9.28 -7.13 0.61
CA ARG H 302 -9.95 -8.34 0.13
C ARG H 302 -11.38 -8.07 -0.26
N ASP H 303 -12.02 -7.07 0.35
CA ASP H 303 -13.38 -6.70 0.03
C ASP H 303 -13.47 -5.75 -1.15
N LEU H 304 -12.37 -5.14 -1.55
CA LEU H 304 -12.34 -4.22 -2.67
C LEU H 304 -12.05 -4.90 -4.01
N LEU H 305 -12.15 -6.23 -4.09
CA LEU H 305 -11.81 -6.92 -5.32
C LEU H 305 -12.84 -6.70 -6.42
N GLU H 306 -14.12 -6.56 -6.04
CA GLU H 306 -15.19 -6.44 -7.02
C GLU H 306 -15.00 -5.19 -7.87
N LYS H 307 -15.16 -5.35 -9.18
CA LYS H 307 -15.01 -4.23 -10.09
C LYS H 307 -16.08 -3.16 -9.83
N PRO H 308 -15.77 -1.88 -10.03
CA PRO H 308 -16.72 -0.79 -9.84
C PRO H 308 -17.85 -0.76 -10.88
N MET I 1 73.80 -37.51 -65.96
CA MET I 1 73.08 -38.53 -66.74
C MET I 1 71.84 -37.92 -67.39
N LEU I 2 71.66 -38.17 -68.69
CA LEU I 2 70.53 -37.63 -69.44
C LEU I 2 69.33 -38.56 -69.36
N THR I 3 68.17 -37.97 -69.08
CA THR I 3 66.92 -38.72 -68.92
C THR I 3 65.81 -38.02 -69.68
N ARG I 4 64.98 -38.81 -70.36
CA ARG I 4 63.85 -38.31 -71.13
C ARG I 4 62.58 -39.01 -70.65
N ILE I 5 61.59 -38.22 -70.23
CA ILE I 5 60.31 -38.72 -69.75
C ILE I 5 59.27 -38.24 -70.74
N HIS I 6 58.88 -39.09 -71.69
CA HIS I 6 57.96 -38.67 -72.74
C HIS I 6 56.67 -39.46 -72.63
N GLY I 7 55.63 -38.92 -73.26
CA GLY I 7 54.35 -39.56 -73.34
C GLY I 7 53.37 -39.09 -72.30
N GLY I 8 53.83 -38.47 -71.23
CA GLY I 8 52.96 -38.12 -70.14
C GLY I 8 52.36 -36.74 -70.27
N ARG I 9 51.17 -36.59 -69.70
CA ARG I 9 50.50 -35.30 -69.60
C ARG I 9 51.21 -34.49 -68.52
N VAL I 10 52.13 -33.63 -68.95
CA VAL I 10 52.90 -32.80 -68.02
C VAL I 10 52.03 -31.62 -67.62
N VAL I 11 51.85 -31.43 -66.32
CA VAL I 11 51.03 -30.33 -65.80
C VAL I 11 51.93 -29.41 -64.99
N ASP I 12 52.15 -28.21 -65.50
CA ASP I 12 52.96 -27.19 -64.84
C ASP I 12 52.25 -25.87 -64.98
N PRO I 13 51.41 -25.50 -64.01
CA PRO I 13 50.58 -24.30 -64.17
C PRO I 13 51.37 -23.01 -64.21
N THR I 14 52.62 -23.00 -63.75
CA THR I 14 53.43 -21.78 -63.84
C THR I 14 53.86 -21.49 -65.27
N ALA I 15 54.00 -22.52 -66.11
CA ALA I 15 54.37 -22.35 -67.51
C ALA I 15 53.18 -22.38 -68.47
N GLY I 16 51.99 -22.74 -68.00
CA GLY I 16 50.84 -22.91 -68.86
C GLY I 16 50.73 -24.27 -69.51
N ARG I 17 51.32 -25.29 -68.91
CA ARG I 17 51.46 -26.61 -69.51
C ARG I 17 50.40 -27.58 -68.97
N ASP I 18 49.55 -28.10 -69.86
CA ASP I 18 48.59 -29.14 -69.50
C ASP I 18 48.40 -30.08 -70.69
N ALA I 19 49.51 -30.45 -71.34
CA ALA I 19 49.46 -31.28 -72.53
C ALA I 19 50.61 -32.27 -72.50
N VAL I 20 50.46 -33.34 -73.28
CA VAL I 20 51.44 -34.43 -73.30
C VAL I 20 52.76 -33.93 -73.89
N GLY I 21 53.87 -34.37 -73.30
CA GLY I 21 55.16 -33.96 -73.81
C GLY I 21 56.31 -34.58 -73.07
N ASP I 22 57.51 -34.23 -73.53
CA ASP I 22 58.79 -34.69 -73.00
C ASP I 22 59.24 -33.82 -71.83
N VAL I 23 59.98 -34.43 -70.91
CA VAL I 23 60.66 -33.74 -69.82
C VAL I 23 62.09 -34.25 -69.79
N TRP I 24 63.04 -33.36 -70.07
CA TRP I 24 64.45 -33.70 -70.12
C TRP I 24 65.13 -33.21 -68.85
N ILE I 25 65.84 -34.12 -68.17
CA ILE I 25 66.56 -33.81 -66.94
C ILE I 25 67.97 -34.32 -67.05
N GLU I 26 68.94 -33.47 -66.71
CA GLU I 26 70.36 -33.82 -66.76
C GLU I 26 71.02 -33.42 -65.44
N ASP I 27 71.75 -34.37 -64.86
CA ASP I 27 72.48 -34.16 -63.60
C ASP I 27 71.56 -33.63 -62.51
N GLY I 28 70.34 -34.16 -62.45
CA GLY I 28 69.41 -33.79 -61.40
C GLY I 28 68.70 -32.47 -61.56
N ARG I 29 68.75 -31.87 -62.73
CA ARG I 29 68.02 -30.63 -62.97
C ARG I 29 67.34 -30.71 -64.34
N VAL I 30 66.24 -29.98 -64.46
CA VAL I 30 65.49 -29.96 -65.71
C VAL I 30 66.25 -29.13 -66.73
N VAL I 31 66.43 -29.70 -67.92
CA VAL I 31 67.17 -29.04 -68.99
C VAL I 31 66.30 -28.94 -70.23
N ALA I 32 66.71 -28.10 -71.17
CA ALA I 32 66.00 -27.98 -72.42
C ALA I 32 66.18 -29.25 -73.26
N PRO I 33 65.20 -29.58 -74.13
CA PRO I 33 65.29 -30.83 -74.90
C PRO I 33 66.55 -30.95 -75.75
N SER I 34 67.49 -31.79 -75.31
CA SER I 34 68.73 -32.03 -76.04
C SER I 34 68.51 -33.00 -77.19
N GLU I 35 69.09 -32.67 -78.35
CA GLU I 35 68.95 -33.47 -79.56
C GLU I 35 69.89 -34.68 -79.60
N ARG I 36 70.50 -35.06 -78.48
CA ARG I 36 71.33 -36.25 -78.42
C ARG I 36 70.63 -37.35 -77.64
N ALA I 37 71.04 -38.58 -77.89
CA ALA I 37 70.39 -39.73 -77.28
C ALA I 37 70.56 -39.73 -75.76
N PRO I 38 69.49 -39.95 -75.00
CA PRO I 38 69.60 -39.96 -73.53
C PRO I 38 70.06 -41.30 -72.99
N ASP I 39 70.63 -41.27 -71.78
CA ASP I 39 71.12 -42.49 -71.17
C ASP I 39 69.98 -43.44 -70.79
N GLN I 40 68.89 -42.89 -70.26
CA GLN I 40 67.74 -43.68 -69.87
C GLN I 40 66.47 -42.94 -70.30
N THR I 41 65.42 -43.72 -70.59
CA THR I 41 64.14 -43.20 -71.05
C THR I 41 63.02 -43.74 -70.17
N ILE I 42 62.12 -42.86 -69.75
CA ILE I 42 60.97 -43.23 -68.92
C ILE I 42 59.70 -43.06 -69.74
N ASP I 43 58.97 -44.16 -69.92
CA ASP I 43 57.74 -44.16 -70.70
C ASP I 43 56.56 -43.87 -69.79
N ALA I 44 55.74 -42.89 -70.18
CA ALA I 44 54.51 -42.54 -69.48
C ALA I 44 53.32 -42.60 -70.43
N THR I 45 52.54 -43.67 -70.37
CA THR I 45 51.24 -43.67 -71.02
C THR I 45 50.26 -43.01 -70.05
N GLY I 46 49.71 -41.88 -70.46
CA GLY I 46 48.93 -41.08 -69.55
C GLY I 46 49.81 -40.58 -68.44
N CYS I 47 49.70 -41.14 -67.23
CA CYS I 47 50.65 -40.87 -66.15
C CYS I 47 50.91 -39.37 -66.02
N VAL I 48 49.91 -38.66 -65.50
CA VAL I 48 50.03 -37.23 -65.29
C VAL I 48 51.33 -36.90 -64.56
N VAL I 49 52.17 -36.06 -65.17
CA VAL I 49 53.49 -35.75 -64.67
C VAL I 49 53.44 -34.37 -64.02
N MET I 50 53.79 -34.30 -62.75
CA MET I 50 53.78 -33.04 -62.01
C MET I 50 55.11 -32.84 -61.33
N ALA I 51 55.29 -31.64 -60.77
CA ALA I 51 56.51 -31.32 -60.04
C ALA I 51 56.56 -32.09 -58.72
N GLY I 52 57.67 -31.92 -58.00
CA GLY I 52 57.77 -32.55 -56.69
C GLY I 52 56.83 -31.86 -55.73
N GLY I 53 56.00 -32.65 -55.05
CA GLY I 53 55.06 -32.13 -54.08
C GLY I 53 55.72 -31.39 -52.93
N VAL I 54 55.16 -30.24 -52.55
CA VAL I 54 55.71 -29.38 -51.49
C VAL I 54 54.69 -29.29 -50.36
N GLU I 55 55.14 -29.65 -49.15
CA GLU I 55 54.32 -29.53 -47.94
C GLU I 55 54.80 -28.34 -47.11
N VAL I 56 53.88 -27.44 -46.80
CA VAL I 56 54.23 -26.14 -46.22
C VAL I 56 53.95 -26.14 -44.71
N HIS I 57 52.96 -26.90 -44.27
CA HIS I 57 52.57 -26.88 -42.85
C HIS I 57 52.30 -28.31 -42.38
N SER I 58 53.26 -28.90 -41.69
CA SER I 58 53.14 -30.26 -41.17
C SER I 58 54.00 -30.38 -39.93
N HIS I 59 53.35 -30.69 -38.79
CA HIS I 59 54.08 -30.87 -37.53
C HIS I 59 54.81 -32.19 -37.59
N ILE I 60 56.03 -32.15 -38.13
CA ILE I 60 56.79 -33.36 -38.42
C ILE I 60 57.99 -33.54 -37.49
N ALA I 61 58.42 -32.50 -36.78
CA ALA I 61 59.54 -32.64 -35.84
C ALA I 61 59.37 -31.61 -34.73
N GLY I 62 60.04 -31.87 -33.61
CA GLY I 62 59.99 -31.02 -32.44
C GLY I 62 59.74 -31.82 -31.19
N GLY I 63 59.91 -31.13 -30.05
CA GLY I 63 59.67 -31.76 -28.77
C GLY I 63 58.22 -32.14 -28.54
N ASN I 64 57.29 -31.35 -29.11
CA ASN I 64 55.87 -31.69 -28.99
C ASN I 64 55.52 -32.89 -29.86
N VAL I 65 56.14 -33.00 -31.04
CA VAL I 65 55.93 -34.17 -31.87
C VAL I 65 56.52 -35.40 -31.20
N VAL I 66 57.57 -35.21 -30.39
CA VAL I 66 58.08 -36.30 -29.57
C VAL I 66 57.07 -36.67 -28.48
N MET I 67 56.53 -35.66 -27.79
CA MET I 67 55.60 -35.94 -26.70
C MET I 67 54.38 -36.72 -27.18
N SER I 68 53.88 -36.40 -28.37
CA SER I 68 52.67 -37.05 -28.87
C SER I 68 52.89 -38.53 -29.07
N ARG I 69 54.07 -38.92 -29.51
CA ARG I 69 54.35 -40.33 -29.66
C ARG I 69 54.47 -41.02 -28.31
N LEU I 70 54.79 -40.26 -27.26
CA LEU I 70 54.77 -40.81 -25.92
C LEU I 70 53.35 -40.93 -25.41
N LEU I 71 52.56 -39.87 -25.60
CA LEU I 71 51.18 -39.84 -25.12
C LEU I 71 50.29 -40.82 -25.90
N LEU I 72 50.50 -40.95 -27.22
CA LEU I 72 49.69 -41.86 -28.05
C LEU I 72 50.58 -42.83 -28.81
N PRO I 73 51.05 -43.88 -28.15
CA PRO I 73 51.82 -44.91 -28.84
C PRO I 73 50.99 -45.77 -29.78
N ASP I 74 49.66 -45.65 -29.77
CA ASP I 74 48.79 -46.44 -30.62
C ASP I 74 48.42 -45.73 -31.93
N LEU I 75 48.69 -44.42 -32.05
CA LEU I 75 48.16 -43.61 -33.15
C LEU I 75 48.42 -44.21 -34.52
N TYR I 76 49.67 -44.55 -34.82
CA TYR I 76 50.05 -44.98 -36.16
C TYR I 76 50.35 -46.48 -36.16
N VAL I 77 49.80 -47.18 -37.16
CA VAL I 77 49.91 -48.63 -37.26
C VAL I 77 51.26 -49.01 -37.86
N SER I 78 52.00 -49.87 -37.15
CA SER I 78 53.27 -50.39 -37.64
C SER I 78 53.05 -51.81 -38.12
N GLU I 79 53.07 -52.00 -39.44
CA GLU I 79 52.96 -53.35 -39.99
C GLU I 79 54.34 -53.95 -40.11
N SER I 80 54.39 -55.29 -40.07
CA SER I 80 55.67 -55.97 -40.21
C SER I 80 56.24 -55.70 -41.59
N ALA I 81 57.51 -55.33 -41.63
CA ALA I 81 58.17 -54.93 -42.87
C ALA I 81 59.45 -55.73 -43.02
N PRO I 82 59.35 -57.03 -43.30
CA PRO I 82 60.55 -57.81 -43.61
C PRO I 82 61.14 -57.33 -44.93
N ASN I 83 62.46 -57.15 -44.94
CA ASN I 83 63.20 -56.71 -46.12
C ASN I 83 62.78 -55.32 -46.57
N GLY I 84 62.39 -54.46 -45.62
CA GLY I 84 62.07 -53.08 -45.88
C GLY I 84 63.09 -52.15 -45.25
N HIS I 85 63.02 -50.88 -45.65
CA HIS I 85 63.97 -49.90 -45.14
C HIS I 85 63.75 -49.67 -43.65
N PRO I 86 64.82 -49.47 -42.88
CA PRO I 86 64.69 -49.40 -41.42
C PRO I 86 63.75 -48.29 -40.96
N PHE I 87 62.80 -48.67 -40.09
CA PHE I 87 61.78 -47.81 -39.50
C PHE I 87 60.84 -47.20 -40.52
N ALA I 88 60.94 -47.61 -41.79
CA ALA I 88 60.07 -47.04 -42.80
C ALA I 88 58.63 -47.41 -42.51
N HIS I 89 58.40 -48.61 -42.02
CA HIS I 89 57.06 -49.07 -41.69
C HIS I 89 56.77 -48.99 -40.19
N ALA I 90 57.69 -48.44 -39.39
CA ALA I 90 57.49 -48.22 -37.95
C ALA I 90 56.64 -46.97 -37.76
N GLY I 91 55.32 -47.17 -37.66
CA GLY I 91 54.33 -46.12 -37.61
C GLY I 91 54.65 -44.93 -36.72
N GLY I 92 54.55 -43.72 -37.26
CA GLY I 92 54.78 -42.52 -36.49
C GLY I 92 56.21 -42.04 -36.52
N SER I 93 57.15 -42.95 -36.74
CA SER I 93 58.57 -42.63 -36.72
C SER I 93 58.93 -41.63 -37.82
N GLY I 94 60.10 -41.01 -37.65
CA GLY I 94 60.59 -40.11 -38.68
C GLY I 94 60.75 -40.78 -40.03
N SER I 95 61.19 -42.04 -40.03
CA SER I 95 61.33 -42.76 -41.29
C SER I 95 59.96 -43.05 -41.91
N TRP I 96 58.97 -43.36 -41.08
CA TRP I 96 57.63 -43.65 -41.58
C TRP I 96 57.01 -42.41 -42.22
N ILE I 97 57.10 -41.26 -41.54
CA ILE I 97 56.54 -40.03 -42.09
C ILE I 97 57.28 -39.63 -43.37
N GLY I 98 58.58 -39.89 -43.43
CA GLY I 98 59.31 -39.60 -44.65
C GLY I 98 58.84 -40.44 -45.82
N ALA I 99 58.83 -41.76 -45.65
CA ALA I 99 58.49 -42.64 -46.77
C ALA I 99 57.05 -42.45 -47.22
N ASN I 100 56.13 -42.19 -46.30
CA ASN I 100 54.74 -42.05 -46.71
C ASN I 100 54.50 -40.76 -47.50
N TYR I 101 55.26 -39.70 -47.23
CA TYR I 101 55.19 -38.52 -48.09
C TYR I 101 55.73 -38.84 -49.49
N ALA I 102 56.82 -39.61 -49.55
CA ALA I 102 57.42 -39.94 -50.84
C ALA I 102 56.48 -40.77 -51.70
N ARG I 103 55.75 -41.70 -51.10
CA ARG I 103 54.81 -42.52 -51.86
C ARG I 103 53.76 -41.66 -52.55
N MET I 104 53.40 -40.54 -51.97
CA MET I 104 52.42 -39.65 -52.54
C MET I 104 53.01 -38.66 -53.53
N GLY I 105 54.33 -38.67 -53.71
CA GLY I 105 54.98 -37.77 -54.64
C GLY I 105 55.52 -36.50 -54.04
N TYR I 106 55.40 -36.31 -52.72
CA TYR I 106 55.94 -35.10 -52.10
C TYR I 106 57.42 -35.27 -51.84
N THR I 107 58.20 -34.23 -52.17
CA THR I 107 59.63 -34.26 -51.98
C THR I 107 60.14 -33.17 -51.05
N THR I 108 59.30 -32.23 -50.63
CA THR I 108 59.74 -31.17 -49.73
C THR I 108 58.66 -30.94 -48.69
N ALA I 109 59.07 -30.95 -47.41
CA ALA I 109 58.15 -30.78 -46.29
C ALA I 109 58.74 -29.81 -45.30
N VAL I 110 57.95 -28.83 -44.88
CA VAL I 110 58.40 -27.78 -43.98
C VAL I 110 57.71 -27.94 -42.63
N GLU I 111 58.52 -27.84 -41.53
CA GLU I 111 58.02 -27.87 -40.15
C GLU I 111 57.68 -26.46 -39.72
N PRO I 112 56.46 -26.20 -39.27
CA PRO I 112 56.05 -24.80 -39.02
C PRO I 112 56.40 -24.26 -37.65
N ALA I 113 56.78 -25.11 -36.71
CA ALA I 113 57.04 -24.72 -35.31
C ALA I 113 58.46 -25.13 -34.91
N LEU I 114 59.46 -24.35 -35.36
CA LEU I 114 60.83 -24.56 -34.95
C LEU I 114 61.13 -23.67 -33.75
N PRO I 115 61.25 -24.20 -32.53
CA PRO I 115 61.48 -23.35 -31.37
C PRO I 115 62.93 -22.92 -31.28
N PRO I 116 63.20 -21.62 -31.10
CA PRO I 116 64.60 -21.18 -31.03
C PRO I 116 65.34 -21.76 -29.83
N SER I 117 64.63 -22.08 -28.74
CA SER I 117 65.28 -22.64 -27.56
C SER I 117 65.76 -24.07 -27.84
N ASN I 118 64.86 -24.93 -28.28
CA ASN I 118 65.22 -26.31 -28.61
C ASN I 118 65.35 -26.49 -30.12
N ALA I 119 66.33 -25.78 -30.68
CA ALA I 119 66.51 -25.81 -32.13
C ALA I 119 67.32 -27.01 -32.59
N LEU I 120 68.40 -27.34 -31.87
CA LEU I 120 69.25 -28.47 -32.26
C LEU I 120 68.47 -29.77 -32.29
N ALA I 121 67.70 -30.06 -31.24
CA ALA I 121 66.96 -31.31 -31.21
C ALA I 121 65.90 -31.35 -32.31
N THR I 122 65.31 -30.20 -32.65
CA THR I 122 64.34 -30.18 -33.74
C THR I 122 65.01 -30.42 -35.09
N HIS I 123 66.22 -29.89 -35.27
CA HIS I 123 66.91 -30.09 -36.55
C HIS I 123 67.47 -31.50 -36.67
N LEU I 124 67.93 -32.07 -35.55
CA LEU I 124 68.38 -33.45 -35.56
C LEU I 124 67.24 -34.39 -35.92
N GLU I 125 66.03 -34.07 -35.47
CA GLU I 125 64.86 -34.87 -35.82
C GLU I 125 64.52 -34.71 -37.29
N LEU I 126 64.57 -33.47 -37.79
CA LEU I 126 64.32 -33.23 -39.20
C LEU I 126 65.33 -33.97 -40.06
N ALA I 127 66.60 -33.92 -39.66
CA ALA I 127 67.64 -34.58 -40.44
C ALA I 127 67.42 -36.08 -40.52
N ASP I 128 66.90 -36.69 -39.45
CA ASP I 128 66.63 -38.12 -39.47
C ASP I 128 65.51 -38.53 -40.43
N ILE I 129 64.65 -37.59 -40.84
CA ILE I 129 63.67 -37.85 -41.90
C ILE I 129 64.37 -38.13 -43.23
N PRO I 130 64.11 -39.27 -43.87
CA PRO I 130 64.84 -39.60 -45.10
C PRO I 130 64.21 -38.97 -46.35
N LEU I 131 64.98 -39.00 -47.43
CA LEU I 131 64.51 -38.68 -48.78
C LEU I 131 64.08 -37.23 -48.93
N LEU I 132 63.14 -36.76 -48.12
CA LEU I 132 62.62 -35.42 -48.35
C LEU I 132 63.69 -34.37 -48.02
N ASP I 133 63.55 -33.23 -48.67
CA ASP I 133 64.18 -32.00 -48.22
C ASP I 133 63.24 -31.39 -47.20
N ARG I 134 63.80 -30.81 -46.15
CA ARG I 134 62.98 -30.28 -45.06
C ARG I 134 63.34 -28.82 -44.79
N GLY I 135 62.48 -28.18 -44.04
CA GLY I 135 62.68 -26.79 -43.66
C GLY I 135 62.06 -26.53 -42.30
N GLY I 136 62.53 -25.46 -41.66
CA GLY I 136 62.02 -25.08 -40.37
C GLY I 136 61.68 -23.61 -40.23
N LEU I 137 60.52 -23.31 -39.66
CA LEU I 137 60.07 -21.95 -39.43
C LEU I 137 60.31 -21.57 -37.97
N ALA I 138 61.29 -20.70 -37.73
CA ALA I 138 61.57 -20.20 -36.39
C ALA I 138 60.36 -19.46 -35.83
N VAL I 139 60.01 -19.74 -34.58
CA VAL I 139 58.83 -19.15 -33.94
C VAL I 139 59.26 -17.99 -33.06
N LEU I 140 58.62 -16.84 -33.26
CA LEU I 140 58.88 -15.67 -32.45
C LEU I 140 57.54 -15.12 -31.97
N GLY I 141 57.60 -14.18 -31.03
CA GLY I 141 56.42 -13.49 -30.57
C GLY I 141 55.89 -13.89 -29.21
N ASN I 142 56.62 -14.72 -28.46
CA ASN I 142 56.23 -15.06 -27.10
C ASN I 142 57.41 -15.17 -26.15
N ASP I 143 58.62 -14.89 -26.60
CA ASP I 143 59.79 -14.96 -25.72
C ASP I 143 60.03 -13.59 -25.09
N ASP I 144 60.49 -13.60 -23.84
CA ASP I 144 60.70 -12.36 -23.11
C ASP I 144 61.63 -11.41 -23.86
N HIS I 145 62.64 -11.95 -24.55
CA HIS I 145 63.63 -11.11 -25.23
C HIS I 145 62.95 -10.15 -26.19
N LEU I 146 62.16 -10.69 -27.13
CA LEU I 146 61.47 -9.87 -28.10
C LEU I 146 60.42 -8.98 -27.44
N LEU I 147 59.73 -9.50 -26.41
CA LEU I 147 58.68 -8.71 -25.79
C LEU I 147 59.26 -7.52 -25.02
N GLN I 148 60.42 -7.70 -24.39
CA GLN I 148 61.05 -6.58 -23.70
C GLN I 148 61.52 -5.52 -24.68
N LEU I 149 61.99 -5.94 -25.86
CA LEU I 149 62.40 -4.99 -26.87
C LEU I 149 61.23 -4.13 -27.32
N LEU I 150 60.07 -4.74 -27.49
CA LEU I 150 58.90 -4.00 -27.95
C LEU I 150 58.33 -3.13 -26.84
N ARG I 151 58.36 -3.63 -25.60
CA ARG I 151 57.84 -2.86 -24.47
C ARG I 151 58.57 -1.53 -24.33
N ASP I 152 59.88 -1.53 -24.51
CA ASP I 152 60.68 -0.32 -24.34
C ASP I 152 60.68 0.58 -25.57
N GLY I 153 60.34 0.04 -26.74
CA GLY I 153 60.39 0.83 -27.96
C GLY I 153 61.80 1.04 -28.46
N GLU I 154 62.55 -0.06 -28.62
CA GLU I 154 63.92 -0.01 -29.08
C GLU I 154 64.03 0.33 -30.56
N GLY I 155 62.94 0.27 -31.31
CA GLY I 155 62.95 0.58 -32.71
C GLY I 155 62.98 -0.67 -33.58
N LYS I 156 62.59 -0.50 -34.84
CA LYS I 156 62.56 -1.62 -35.78
C LYS I 156 63.95 -2.13 -36.09
N GLN I 157 64.97 -1.27 -36.00
CA GLN I 157 66.34 -1.72 -36.24
C GLN I 157 66.74 -2.76 -35.21
N ALA I 158 66.46 -2.48 -33.93
CA ALA I 158 66.82 -3.41 -32.87
C ALA I 158 66.06 -4.72 -32.98
N VAL I 159 64.76 -4.65 -33.32
CA VAL I 159 63.97 -5.86 -33.48
C VAL I 159 64.46 -6.66 -34.68
N ARG I 160 64.86 -5.97 -35.75
CA ARG I 160 65.43 -6.65 -36.91
C ARG I 160 66.68 -7.43 -36.54
N ASP I 161 67.56 -6.84 -35.73
CA ASP I 161 68.78 -7.53 -35.32
C ASP I 161 68.44 -8.80 -34.54
N LEU I 162 67.38 -8.76 -33.74
CA LEU I 162 66.99 -9.92 -32.93
C LEU I 162 66.34 -11.01 -33.77
N VAL I 163 65.45 -10.64 -34.70
CA VAL I 163 64.84 -11.63 -35.57
C VAL I 163 65.89 -12.25 -36.48
N GLN I 164 66.90 -11.46 -36.85
CA GLN I 164 68.01 -11.98 -37.65
C GLN I 164 68.85 -12.94 -36.84
N GLN I 165 69.19 -12.57 -35.61
CA GLN I 165 69.99 -13.45 -34.75
C GLN I 165 69.30 -14.79 -34.52
N THR I 166 68.00 -14.76 -34.20
CA THR I 166 67.28 -16.01 -33.93
C THR I 166 67.16 -16.86 -35.20
N LEU I 167 66.90 -16.21 -36.34
CA LEU I 167 66.86 -16.97 -37.59
C LEU I 167 68.19 -17.64 -37.88
N ALA I 168 69.29 -16.91 -37.68
CA ALA I 168 70.59 -17.47 -38.02
C ALA I 168 70.97 -18.58 -37.07
N HIS I 169 70.85 -18.32 -35.76
CA HIS I 169 71.30 -19.28 -34.75
C HIS I 169 70.47 -20.55 -34.80
N SER I 170 69.17 -20.42 -35.04
CA SER I 170 68.26 -21.55 -35.14
C SER I 170 68.29 -22.24 -36.50
N ARG I 171 68.96 -21.65 -37.50
CA ARG I 171 69.04 -22.21 -38.85
C ARG I 171 67.64 -22.38 -39.46
N GLY I 172 66.81 -21.34 -39.32
CA GLY I 172 65.44 -21.42 -39.76
C GLY I 172 65.24 -20.96 -41.19
N LEU I 173 64.17 -21.47 -41.81
CA LEU I 173 63.85 -21.06 -43.18
C LEU I 173 63.12 -19.73 -43.19
N GLY I 174 62.13 -19.56 -42.31
CA GLY I 174 61.36 -18.33 -42.24
C GLY I 174 60.87 -18.05 -40.84
N VAL I 175 60.03 -17.02 -40.69
CA VAL I 175 59.55 -16.63 -39.38
C VAL I 175 58.08 -16.99 -39.18
N CYS I 177 54.72 -17.01 -36.11
CA CYS I 177 54.29 -16.58 -34.78
C CYS I 177 52.96 -17.25 -34.48
N ILE I 178 52.89 -17.94 -33.34
CA ILE I 178 51.74 -18.73 -32.95
C ILE I 178 51.07 -17.99 -31.81
N ASN I 179 49.95 -17.32 -32.12
CA ASN I 179 49.22 -16.54 -31.13
C ASN I 179 50.15 -15.60 -30.38
N ALA I 180 50.52 -14.49 -31.02
CA ALA I 180 51.44 -13.52 -30.44
C ALA I 180 51.02 -13.14 -29.03
N GLY I 181 51.96 -13.27 -28.09
CA GLY I 181 51.66 -12.94 -26.71
C GLY I 181 50.76 -13.91 -25.98
N GLY I 182 50.25 -14.93 -26.66
CA GLY I 182 49.35 -15.87 -26.01
C GLY I 182 50.01 -16.66 -24.89
N ALA I 183 51.28 -17.02 -25.07
CA ALA I 183 51.98 -17.75 -24.02
C ALA I 183 52.34 -16.84 -22.85
N SER I 184 52.92 -15.67 -23.14
CA SER I 184 53.25 -14.73 -22.08
C SER I 184 52.02 -14.10 -21.46
N ALA I 185 50.83 -14.47 -21.91
CA ALA I 185 49.57 -14.13 -21.27
C ALA I 185 48.95 -15.29 -20.53
N PHE I 186 49.04 -16.49 -21.10
CA PHE I 186 48.59 -17.69 -20.38
C PHE I 186 49.37 -17.86 -19.10
N LYS I 187 50.69 -17.64 -19.17
CA LYS I 187 51.50 -17.75 -17.97
C LYS I 187 51.09 -16.75 -16.91
N ASP I 188 50.56 -15.60 -17.30
CA ASP I 188 50.10 -14.58 -16.35
C ASP I 188 48.60 -14.65 -16.10
N GLY I 189 48.03 -15.85 -16.24
CA GLY I 189 46.67 -16.11 -15.83
C GLY I 189 45.59 -15.70 -16.80
N VAL I 190 45.94 -15.38 -18.04
CA VAL I 190 44.93 -15.02 -19.03
C VAL I 190 44.40 -16.30 -19.68
N LEU I 191 43.10 -16.35 -19.94
CA LEU I 191 42.51 -17.52 -20.57
C LEU I 191 42.10 -17.29 -22.02
N LYS I 192 41.65 -16.09 -22.37
CA LYS I 192 41.26 -15.74 -23.73
C LYS I 192 42.02 -14.49 -24.15
N LEU I 193 42.42 -14.44 -25.41
CA LEU I 193 43.22 -13.32 -25.90
C LEU I 193 42.86 -13.03 -27.35
N SER I 194 42.61 -11.75 -27.64
CA SER I 194 42.29 -11.27 -28.97
C SER I 194 43.43 -10.38 -29.49
N LEU I 195 43.42 -10.11 -30.80
CA LEU I 195 44.53 -9.39 -31.42
C LEU I 195 44.74 -7.99 -30.84
N ASP I 196 43.72 -7.39 -30.26
CA ASP I 196 43.82 -6.06 -29.69
C ASP I 196 43.95 -6.06 -28.17
N ASP I 197 43.64 -7.17 -27.51
CA ASP I 197 43.72 -7.27 -26.06
C ASP I 197 45.13 -6.98 -25.57
N GLU I 198 45.22 -6.19 -24.51
CA GLU I 198 46.51 -5.87 -23.91
C GLU I 198 47.09 -7.09 -23.20
N ILE I 199 48.39 -7.29 -23.35
CA ILE I 199 49.08 -8.42 -22.73
C ILE I 199 49.58 -7.99 -21.36
N PRO I 200 49.42 -8.82 -20.34
CA PRO I 200 49.85 -8.42 -19.01
C PRO I 200 51.37 -8.30 -18.92
N CYS I 201 51.83 -7.28 -18.21
CA CYS I 201 53.20 -7.02 -17.78
C CYS I 201 54.03 -6.40 -18.88
N TYR I 202 53.57 -6.40 -20.14
CA TYR I 202 54.28 -5.73 -21.22
C TYR I 202 53.45 -4.65 -21.89
N GLY I 203 52.14 -4.59 -21.63
CA GLY I 203 51.26 -3.55 -22.14
C GLY I 203 51.23 -3.39 -23.65
N LEU I 204 51.16 -4.49 -24.39
CA LEU I 204 51.17 -4.43 -25.84
C LEU I 204 50.16 -5.44 -26.38
N SER I 205 49.69 -5.19 -27.61
CA SER I 205 48.76 -6.06 -28.32
C SER I 205 49.48 -7.25 -28.94
N THR I 206 48.70 -8.21 -29.42
CA THR I 206 49.30 -9.23 -30.27
C THR I 206 49.49 -8.70 -31.68
N ARG I 207 48.66 -7.74 -32.10
CA ARG I 207 48.92 -7.08 -33.37
C ARG I 207 50.15 -6.20 -33.28
N LYS I 208 50.44 -5.68 -32.09
CA LYS I 208 51.65 -4.89 -31.91
C LYS I 208 52.88 -5.75 -32.16
N ILE I 209 52.83 -7.02 -31.73
CA ILE I 209 53.94 -7.93 -31.99
C ILE I 209 53.95 -8.37 -33.45
N MET I 210 52.78 -8.67 -34.02
CA MET I 210 52.74 -9.06 -35.43
C MET I 210 53.23 -7.96 -36.34
N SER I 211 52.78 -6.72 -36.08
CA SER I 211 53.24 -5.61 -36.91
C SER I 211 54.74 -5.46 -36.83
N ALA I 212 55.32 -5.67 -35.65
CA ALA I 212 56.77 -5.58 -35.52
C ALA I 212 57.46 -6.71 -36.24
N LEU I 213 56.92 -7.93 -36.14
CA LEU I 213 57.52 -9.04 -36.87
C LEU I 213 57.33 -8.89 -38.37
N LEU I 214 56.19 -8.33 -38.79
CA LEU I 214 55.99 -8.10 -40.22
C LEU I 214 57.03 -7.14 -40.76
N ASP I 215 57.33 -6.08 -40.00
CA ASP I 215 58.38 -5.15 -40.40
C ASP I 215 59.71 -5.86 -40.53
N ALA I 216 60.10 -6.61 -39.51
CA ALA I 216 61.39 -7.28 -39.51
C ALA I 216 61.54 -8.23 -40.69
N VAL I 217 60.47 -8.94 -41.04
CA VAL I 217 60.53 -9.92 -42.12
C VAL I 217 60.71 -9.23 -43.47
N GLU I 218 59.96 -8.16 -43.72
CA GLU I 218 60.12 -7.42 -44.97
C GLU I 218 61.50 -6.80 -45.06
N GLU I 219 62.00 -6.21 -43.97
CA GLU I 219 63.30 -5.57 -43.98
C GLU I 219 64.41 -6.58 -44.27
N ILE I 220 64.43 -7.69 -43.52
CA ILE I 220 65.47 -8.70 -43.72
C ILE I 220 65.34 -9.35 -45.09
N GLY I 221 64.12 -9.45 -45.61
CA GLY I 221 63.94 -10.01 -46.95
C GLY I 221 63.75 -11.51 -47.02
N VAL I 222 62.98 -12.07 -46.10
CA VAL I 222 62.73 -13.53 -46.12
C VAL I 222 61.84 -13.87 -47.32
N PRO I 223 62.22 -14.83 -48.16
CA PRO I 223 61.36 -15.19 -49.29
C PRO I 223 59.99 -15.67 -48.87
N HIS I 224 59.91 -16.35 -47.77
CA HIS I 224 58.64 -16.77 -47.22
C HIS I 224 58.13 -15.67 -46.32
N PRO I 225 56.90 -15.19 -46.50
CA PRO I 225 56.40 -14.10 -45.65
C PRO I 225 56.18 -14.52 -44.20
N LEU I 226 55.47 -13.71 -43.43
CA LEU I 226 55.22 -14.02 -42.02
C LEU I 226 54.13 -15.07 -41.91
N HIS I 227 54.50 -16.27 -41.45
CA HIS I 227 53.58 -17.37 -41.22
C HIS I 227 52.83 -17.10 -39.92
N VAL I 228 51.51 -16.90 -39.99
CA VAL I 228 50.74 -16.37 -38.88
C VAL I 228 49.70 -17.39 -38.42
N HIS I 229 49.65 -17.60 -37.10
CA HIS I 229 48.66 -18.41 -36.40
C HIS I 229 47.83 -17.45 -35.53
N CYS I 230 46.61 -17.15 -35.96
CA CYS I 230 45.79 -16.08 -35.40
C CYS I 230 45.25 -16.43 -34.00
N ASN I 231 44.57 -15.44 -33.41
CA ASN I 231 43.95 -15.55 -32.09
C ASN I 231 42.61 -16.30 -32.15
N ASN I 232 42.25 -16.91 -31.01
CA ASN I 232 40.96 -17.55 -30.84
C ASN I 232 40.74 -18.68 -31.85
N LEU I 233 41.70 -19.58 -31.92
CA LEU I 233 41.59 -20.71 -32.83
C LEU I 233 40.41 -21.60 -32.44
N GLY I 234 39.65 -22.01 -33.45
CA GLY I 234 38.55 -22.91 -33.23
C GLY I 234 37.38 -22.31 -32.51
N LEU I 235 37.50 -21.09 -32.05
CA LEU I 235 36.43 -20.46 -31.32
C LEU I 235 35.37 -19.90 -32.27
N PRO I 236 34.09 -20.08 -31.95
CA PRO I 236 33.02 -19.50 -32.77
C PRO I 236 33.12 -17.99 -32.74
N GLY I 237 33.43 -17.40 -33.89
CA GLY I 237 33.74 -15.99 -33.98
C GLY I 237 35.16 -15.71 -34.41
N ALA I 238 35.95 -16.73 -34.70
CA ALA I 238 37.30 -16.52 -35.17
C ALA I 238 37.32 -15.92 -36.57
N ASP I 239 36.18 -15.96 -37.28
CA ASP I 239 36.07 -15.30 -38.57
C ASP I 239 36.33 -13.79 -38.44
N ASP I 240 35.85 -13.18 -37.35
CA ASP I 240 36.20 -11.79 -37.08
C ASP I 240 37.67 -11.65 -36.69
N SER I 241 38.24 -12.67 -36.05
CA SER I 241 39.62 -12.57 -35.60
C SER I 241 40.59 -12.60 -36.76
N LEU I 242 40.36 -13.47 -37.75
CA LEU I 242 41.25 -13.56 -38.91
C LEU I 242 41.10 -12.34 -39.81
N VAL I 243 39.87 -11.88 -40.05
CA VAL I 243 39.66 -10.75 -40.94
C VAL I 243 40.26 -9.49 -40.34
N ALA I 244 40.08 -9.28 -39.03
CA ALA I 244 40.66 -8.12 -38.38
C ALA I 244 42.18 -8.23 -38.31
N THR I 245 42.70 -9.46 -38.25
CA THR I 245 44.15 -9.64 -38.33
C THR I 245 44.66 -9.40 -39.74
N LEU I 246 43.91 -9.86 -40.74
CA LEU I 246 44.30 -9.55 -42.11
C LEU I 246 44.30 -8.05 -42.36
N GLU I 247 43.30 -7.35 -41.83
CA GLU I 247 43.27 -5.90 -41.99
C GLU I 247 44.32 -5.19 -41.15
N ALA I 248 44.86 -5.84 -40.12
CA ALA I 248 45.93 -5.21 -39.36
C ALA I 248 47.26 -5.23 -40.10
N ALA I 249 47.43 -6.16 -41.05
CA ALA I 249 48.68 -6.26 -41.79
C ALA I 249 48.99 -5.00 -42.61
N GLU I 250 47.96 -4.24 -42.97
CA GLU I 250 48.13 -2.99 -43.71
C GLU I 250 48.84 -3.24 -45.03
N GLY I 251 48.46 -4.32 -45.71
CA GLY I 251 48.98 -4.59 -47.04
C GLY I 251 50.29 -5.34 -47.09
N ARG I 252 50.87 -5.69 -45.96
CA ARG I 252 52.13 -6.42 -45.95
C ARG I 252 51.90 -7.89 -46.32
N ARG I 253 52.96 -8.55 -46.74
CA ARG I 253 52.90 -9.95 -47.15
C ARG I 253 52.83 -10.86 -45.92
N ILE I 254 51.75 -11.64 -45.83
CA ILE I 254 51.54 -12.61 -44.76
C ILE I 254 51.07 -13.95 -45.34
N HIS I 255 51.01 -14.95 -44.46
CA HIS I 255 50.47 -16.26 -44.80
C HIS I 255 49.80 -16.82 -43.57
N PHE I 256 48.50 -17.08 -43.67
CA PHE I 256 47.73 -17.57 -42.54
C PHE I 256 47.75 -19.10 -42.52
N ALA I 257 48.19 -19.66 -41.40
CA ALA I 257 48.24 -21.10 -41.22
C ALA I 257 46.87 -21.63 -40.83
N HIS I 258 46.56 -22.83 -41.33
CA HIS I 258 45.36 -23.59 -41.04
C HIS I 258 44.14 -22.68 -40.84
N ALA I 259 43.81 -21.96 -41.92
CA ALA I 259 42.72 -21.00 -41.80
C ALA I 259 41.38 -21.66 -41.58
N GLN I 260 41.22 -22.94 -41.93
CA GLN I 260 39.94 -23.61 -41.76
C GLN I 260 39.40 -23.46 -40.34
N PHE I 261 40.27 -23.62 -39.34
CA PHE I 261 39.87 -23.50 -37.95
C PHE I 261 39.43 -22.09 -37.56
N TYR I 262 39.53 -21.12 -38.47
CA TYR I 262 39.12 -19.76 -38.15
C TYR I 262 37.84 -19.32 -38.85
N ALA I 263 37.36 -20.08 -39.84
CA ALA I 263 36.15 -19.74 -40.60
C ALA I 263 34.88 -20.24 -39.91
N TYR I 264 34.69 -19.84 -38.66
CA TYR I 264 33.54 -20.26 -37.85
C TYR I 264 32.70 -19.05 -37.45
N GLY I 265 31.62 -18.83 -38.18
CA GLY I 265 30.70 -17.76 -37.84
C GLY I 265 29.80 -18.11 -36.66
N VAL I 266 29.24 -17.09 -36.04
CA VAL I 266 28.31 -17.31 -34.94
C VAL I 266 26.92 -17.53 -35.54
N VAL I 267 26.11 -18.39 -34.91
CA VAL I 267 24.79 -18.68 -35.46
C VAL I 267 23.74 -17.79 -34.80
N ASP I 268 23.92 -17.47 -33.53
CA ASP I 268 22.99 -16.67 -32.76
C ASP I 268 23.83 -15.65 -31.99
N PRO I 269 23.25 -14.51 -31.63
CA PRO I 269 24.07 -13.48 -30.97
C PRO I 269 24.46 -13.84 -29.54
N GLU I 270 23.75 -14.75 -28.90
CA GLU I 270 24.12 -15.21 -27.56
C GLU I 270 25.46 -15.94 -27.58
N THR I 274 28.61 -20.33 -27.37
CA THR I 274 27.39 -21.11 -27.19
C THR I 274 26.40 -20.89 -28.32
N GLY I 275 25.45 -21.81 -28.44
CA GLY I 275 24.42 -21.76 -29.47
C GLY I 275 24.75 -22.48 -30.75
N GLY I 276 26.03 -22.73 -31.03
CA GLY I 276 26.45 -23.35 -32.27
C GLY I 276 27.34 -22.41 -33.07
N PHE I 277 27.72 -22.89 -34.25
CA PHE I 277 28.52 -22.05 -35.14
C PHE I 277 28.23 -22.41 -36.61
N ARG I 278 28.31 -21.39 -37.45
CA ARG I 278 28.05 -21.43 -38.89
C ARG I 278 29.35 -21.23 -39.66
N SER I 279 29.36 -21.68 -40.92
CA SER I 279 30.54 -21.53 -41.76
C SER I 279 30.70 -20.09 -42.26
N ALA I 280 31.92 -19.56 -42.16
CA ALA I 280 32.24 -18.23 -42.67
C ALA I 280 33.20 -18.29 -43.85
N ALA I 281 33.25 -19.42 -44.58
CA ALA I 281 34.18 -19.56 -45.69
C ALA I 281 33.98 -18.45 -46.72
N GLU I 282 32.72 -18.06 -46.95
CA GLU I 282 32.47 -17.04 -47.95
C GLU I 282 32.97 -15.67 -47.51
N ARG I 283 32.94 -15.38 -46.21
CA ARG I 283 33.44 -14.09 -45.78
C ARG I 283 34.96 -14.03 -45.80
N ILE I 284 35.61 -15.15 -45.48
CA ILE I 284 37.07 -15.19 -45.52
C ILE I 284 37.59 -15.16 -46.95
N ASN I 285 36.97 -15.95 -47.82
CA ASN I 285 37.37 -15.96 -49.23
C ASN I 285 37.18 -14.60 -49.88
N ALA I 286 36.19 -13.83 -49.42
CA ALA I 286 36.01 -12.48 -49.93
C ALA I 286 37.11 -11.55 -49.43
N ALA I 287 37.47 -11.66 -48.15
CA ALA I 287 38.53 -10.83 -47.61
C ALA I 287 39.88 -11.20 -48.22
N MET I 288 40.06 -12.46 -48.63
CA MET I 288 41.30 -12.86 -49.27
C MET I 288 41.44 -12.27 -50.67
N GLU I 289 40.32 -12.07 -51.39
CA GLU I 289 40.44 -11.44 -52.69
C GLU I 289 40.64 -9.94 -52.58
N ALA I 290 40.10 -9.32 -51.53
CA ALA I 290 40.29 -7.88 -51.32
C ALA I 290 41.70 -7.55 -50.84
N HIS I 291 42.45 -8.53 -50.36
CA HIS I 291 43.84 -8.33 -49.94
C HIS I 291 44.74 -9.23 -50.79
N PRO I 292 45.36 -8.71 -51.84
CA PRO I 292 46.10 -9.59 -52.75
C PRO I 292 47.38 -10.14 -52.15
N ASN I 293 47.98 -9.44 -51.20
CA ASN I 293 49.24 -9.88 -50.62
C ASN I 293 49.08 -11.02 -49.61
N ALA I 294 47.86 -11.46 -49.36
CA ALA I 294 47.55 -12.49 -48.39
C ALA I 294 47.54 -13.88 -49.03
N THR I 295 47.92 -14.86 -48.23
CA THR I 295 47.86 -16.27 -48.62
C THR I 295 47.45 -17.07 -47.39
N TYR I 296 46.94 -18.28 -47.62
CA TYR I 296 46.59 -19.13 -46.50
C TYR I 296 46.56 -20.59 -46.92
N ASP I 297 46.88 -21.46 -45.96
CA ASP I 297 46.69 -22.89 -46.09
C ASP I 297 45.46 -23.30 -45.31
N VAL I 298 44.78 -24.33 -45.79
CA VAL I 298 43.46 -24.70 -45.30
C VAL I 298 43.53 -25.38 -43.93
N GLY I 299 44.14 -26.58 -43.88
CA GLY I 299 44.08 -27.36 -42.67
C GLY I 299 42.80 -28.17 -42.64
N GLN I 300 42.63 -29.06 -43.63
CA GLN I 300 41.40 -29.82 -43.76
C GLN I 300 41.28 -30.89 -42.69
N VAL I 301 40.03 -31.11 -42.24
CA VAL I 301 39.73 -32.05 -41.17
C VAL I 301 39.49 -33.46 -41.73
N VAL I 302 40.12 -34.45 -41.12
CA VAL I 302 39.96 -35.85 -41.49
C VAL I 302 39.23 -36.57 -40.37
N PHE I 303 38.16 -37.27 -40.72
CA PHE I 303 37.43 -38.03 -39.71
C PHE I 303 38.32 -39.10 -39.11
N GLY I 304 38.21 -39.27 -37.79
CA GLY I 304 38.92 -40.32 -37.07
C GLY I 304 39.77 -39.78 -35.94
N GLN I 305 40.42 -40.73 -35.27
CA GLN I 305 41.28 -40.43 -34.13
C GLN I 305 42.58 -39.78 -34.60
N THR I 306 42.97 -38.70 -33.95
CA THR I 306 44.20 -38.01 -34.26
C THR I 306 44.69 -37.31 -33.00
N VAL I 307 45.68 -36.43 -33.16
CA VAL I 307 46.24 -35.68 -32.04
C VAL I 307 46.47 -34.25 -32.50
N THR I 308 46.29 -33.30 -31.61
CA THR I 308 46.49 -31.90 -31.94
C THR I 308 47.77 -31.43 -31.26
N ILE I 309 48.76 -31.06 -32.05
CA ILE I 309 50.05 -30.56 -31.57
C ILE I 309 50.11 -29.07 -31.86
N SER I 310 50.19 -28.26 -30.81
CA SER I 310 50.20 -26.82 -31.02
C SER I 310 50.99 -26.09 -29.94
N LEU I 311 51.72 -25.05 -30.33
CA LEU I 311 52.40 -24.15 -29.40
C LEU I 311 51.48 -23.07 -28.88
N ASP I 312 50.20 -23.14 -29.24
CA ASP I 312 49.18 -22.21 -28.75
C ASP I 312 48.71 -22.76 -27.40
N ILE I 313 49.54 -22.56 -26.37
CA ILE I 313 49.20 -23.14 -25.07
C ILE I 313 47.96 -22.47 -24.50
N LEU I 314 47.71 -21.20 -24.86
CA LEU I 314 46.52 -20.53 -24.39
C LEU I 314 45.26 -21.25 -24.85
N ARG I 315 45.25 -21.70 -26.10
CA ARG I 315 44.10 -22.38 -26.66
C ARG I 315 44.09 -23.87 -26.37
N GLN I 316 45.27 -24.51 -26.32
CA GLN I 316 45.30 -25.93 -26.01
C GLN I 316 44.86 -26.20 -24.57
N PHE I 317 45.07 -25.25 -23.68
CA PHE I 317 44.55 -25.36 -22.34
C PHE I 317 43.04 -25.09 -22.29
N GLY I 318 42.56 -24.17 -23.13
CA GLY I 318 41.13 -23.89 -23.15
C GLY I 318 40.30 -25.10 -23.57
N GLY I 319 40.76 -25.85 -24.55
CA GLY I 319 40.04 -27.02 -24.97
C GLY I 319 40.61 -28.30 -24.41
N ARG I 320 41.35 -28.20 -23.29
CA ARG I 320 42.01 -29.38 -22.74
C ARG I 320 41.02 -30.45 -22.29
N LYS I 321 39.84 -30.04 -21.81
CA LYS I 321 38.86 -30.98 -21.28
C LYS I 321 38.12 -31.76 -22.36
N GLY I 322 38.23 -31.34 -23.62
CA GLY I 322 37.63 -32.05 -24.73
C GLY I 322 38.50 -33.13 -25.33
N ALA I 323 39.58 -33.52 -24.67
CA ALA I 323 40.49 -34.50 -25.24
C ALA I 323 39.85 -35.89 -25.25
N LYS I 324 40.09 -36.64 -26.31
CA LYS I 324 39.63 -38.01 -26.46
C LYS I 324 40.75 -38.82 -27.13
N PRO I 325 41.43 -39.73 -26.41
CA PRO I 325 41.20 -40.10 -25.02
C PRO I 325 41.47 -38.96 -24.05
N LYS I 326 40.88 -38.99 -22.85
CA LYS I 326 40.94 -37.85 -21.95
C LYS I 326 42.30 -37.84 -21.24
N LYS I 327 43.34 -37.39 -21.97
CA LYS I 327 44.65 -37.21 -21.36
C LYS I 327 45.42 -36.21 -22.22
N TRP I 328 46.15 -35.29 -21.58
CA TRP I 328 46.80 -34.24 -22.34
C TRP I 328 48.08 -33.79 -21.66
N VAL I 329 49.01 -33.24 -22.47
CA VAL I 329 50.29 -32.74 -21.98
C VAL I 329 50.39 -31.27 -22.37
N ILE I 330 50.35 -30.38 -21.38
CA ILE I 330 50.55 -28.95 -21.58
C ILE I 330 51.88 -28.57 -20.95
N SER I 331 52.73 -27.88 -21.70
CA SER I 331 54.02 -27.41 -21.24
C SER I 331 54.11 -25.92 -21.48
N ALA I 332 54.30 -25.15 -20.41
CA ALA I 332 54.51 -23.71 -20.49
C ALA I 332 55.98 -23.44 -20.18
N GLY I 333 56.80 -23.35 -21.21
CA GLY I 333 58.24 -23.21 -20.99
C GLY I 333 58.97 -22.24 -21.90
N ASP I 334 59.82 -21.41 -21.30
CA ASP I 334 60.74 -20.51 -22.01
C ASP I 334 60.03 -19.52 -22.93
N ALA I 335 59.52 -20.00 -24.05
CA ALA I 335 58.85 -19.12 -25.01
C ALA I 335 57.38 -19.49 -25.10
N GLU I 336 57.07 -20.53 -25.87
CA GLU I 336 55.71 -21.01 -26.00
C GLU I 336 55.48 -22.38 -25.37
N GLY I 337 56.53 -23.18 -25.25
CA GLY I 337 56.43 -24.50 -24.66
C GLY I 337 55.80 -25.51 -25.60
N GLY I 338 54.48 -25.61 -25.57
CA GLY I 338 53.76 -26.51 -26.43
C GLY I 338 52.64 -27.22 -25.70
N GLY I 339 51.62 -27.61 -26.46
CA GLY I 339 50.49 -28.36 -25.92
C GLY I 339 50.00 -29.47 -26.82
N VAL I 340 49.86 -30.68 -26.28
CA VAL I 340 49.49 -31.86 -27.05
C VAL I 340 48.21 -32.42 -26.44
N VAL I 341 47.09 -32.34 -27.16
CA VAL I 341 45.88 -32.96 -26.65
C VAL I 341 45.37 -33.87 -27.75
N PRO I 342 45.05 -35.12 -27.46
CA PRO I 342 44.49 -36.00 -28.50
C PRO I 342 43.03 -35.66 -28.73
N PHE I 343 42.62 -35.73 -30.00
CA PHE I 343 41.27 -35.38 -30.40
C PHE I 343 40.76 -36.39 -31.40
N LEU I 344 39.47 -36.72 -31.28
CA LEU I 344 38.81 -37.62 -32.21
C LEU I 344 37.70 -36.85 -32.92
N TYR I 345 37.80 -36.78 -34.25
CA TYR I 345 36.76 -36.18 -35.08
C TYR I 345 35.74 -37.29 -35.34
N ARG I 346 34.62 -37.22 -34.62
CA ARG I 346 33.63 -38.29 -34.70
C ARG I 346 33.08 -38.43 -36.11
N PRO I 347 33.04 -39.63 -36.67
CA PRO I 347 32.37 -39.79 -37.96
C PRO I 347 30.89 -39.45 -37.81
N ARG I 348 30.37 -38.74 -38.81
CA ARG I 348 28.99 -38.28 -38.89
C ARG I 348 28.68 -37.23 -37.85
N GLY I 349 29.68 -36.63 -37.25
CA GLY I 349 29.50 -35.75 -36.12
C GLY I 349 29.03 -34.37 -36.53
N PRO I 350 28.10 -33.78 -35.77
CA PRO I 350 27.65 -32.43 -36.12
C PRO I 350 28.75 -31.40 -36.08
N VAL I 351 29.74 -31.56 -35.20
CA VAL I 351 30.87 -30.65 -35.19
C VAL I 351 31.89 -31.05 -36.24
N SER I 352 32.19 -32.35 -36.34
CA SER I 352 33.22 -32.80 -37.26
C SER I 352 32.82 -32.60 -38.71
N SER I 353 31.57 -32.93 -39.07
CA SER I 353 31.15 -32.83 -40.46
C SER I 353 31.16 -31.38 -40.95
N LEU I 354 30.83 -30.42 -40.08
CA LEU I 354 30.90 -29.02 -40.48
C LEU I 354 32.35 -28.58 -40.70
N GLN I 355 33.26 -29.00 -39.80
CA GLN I 355 34.67 -28.66 -39.98
C GLN I 355 35.22 -29.29 -41.26
N TRP I 356 34.79 -30.53 -41.55
CA TRP I 356 35.20 -31.19 -42.77
C TRP I 356 34.62 -30.47 -43.98
N ALA I 357 33.41 -29.91 -43.84
CA ALA I 357 32.80 -29.18 -44.94
C ALA I 357 33.47 -27.83 -45.17
N ILE I 358 33.74 -27.09 -44.10
CA ILE I 358 34.35 -25.76 -44.24
C ILE I 358 35.73 -25.86 -44.89
N GLY I 359 36.46 -26.93 -44.62
CA GLY I 359 37.76 -27.12 -45.26
C GLY I 359 37.66 -27.13 -46.77
N LEU I 360 36.74 -27.92 -47.32
CA LEU I 360 36.58 -27.97 -48.78
C LEU I 360 35.97 -26.68 -49.33
N GLU I 361 34.90 -26.17 -48.69
CA GLU I 361 34.25 -24.96 -49.16
C GLU I 361 35.24 -23.82 -49.39
N LEU I 362 36.22 -23.67 -48.49
CA LEU I 362 37.21 -22.60 -48.68
C LEU I 362 38.00 -22.80 -49.98
N MET I 363 38.34 -24.05 -50.30
CA MET I 363 39.11 -24.29 -51.52
C MET I 363 38.23 -24.16 -52.77
N LEU I 364 36.98 -24.64 -52.70
CA LEU I 364 36.08 -24.57 -53.84
C LEU I 364 35.65 -23.14 -54.14
N LEU I 365 35.73 -22.24 -53.16
CA LEU I 365 35.43 -20.84 -53.42
C LEU I 365 36.60 -20.04 -53.96
N SER I 366 37.84 -20.54 -53.85
CA SER I 366 38.98 -19.71 -54.22
C SER I 366 39.05 -19.46 -55.73
N SER I 367 39.45 -18.23 -56.08
CA SER I 367 39.72 -17.87 -57.48
C SER I 367 41.09 -18.34 -57.90
N ASN I 368 42.05 -18.30 -56.97
CA ASN I 368 43.42 -18.75 -57.21
C ASN I 368 43.86 -19.80 -56.19
N PRO I 369 43.96 -21.07 -56.57
CA PRO I 369 44.43 -22.09 -55.63
C PRO I 369 45.89 -21.94 -55.23
N GLU I 370 46.65 -21.07 -55.90
CA GLU I 370 48.03 -20.84 -55.46
C GLU I 370 48.06 -20.13 -54.11
N ARG I 371 47.06 -19.30 -53.80
CA ARG I 371 46.99 -18.68 -52.48
C ARG I 371 46.18 -19.49 -51.48
N THR I 372 45.52 -20.57 -51.91
CA THR I 372 44.75 -21.38 -50.99
C THR I 372 45.37 -22.76 -50.89
N ILE I 373 46.61 -22.82 -50.40
CA ILE I 373 47.36 -24.07 -50.42
C ILE I 373 46.65 -25.14 -49.60
N LEU I 374 46.77 -26.40 -50.04
CA LEU I 374 46.12 -27.53 -49.38
C LEU I 374 47.00 -28.07 -48.27
N THR I 375 46.44 -28.14 -47.07
CA THR I 375 47.09 -28.74 -45.92
C THR I 375 46.07 -29.49 -45.09
N THR I 376 46.57 -30.38 -44.24
CA THR I 376 45.77 -31.01 -43.20
C THR I 376 46.14 -30.49 -41.83
N ASP I 377 47.09 -29.57 -41.76
CA ASP I 377 47.62 -29.09 -40.49
C ASP I 377 48.10 -30.29 -39.65
N HIS I 378 48.79 -31.20 -40.34
CA HIS I 378 49.12 -32.52 -39.81
C HIS I 378 49.81 -32.43 -38.46
N PRO I 379 49.33 -33.18 -37.44
CA PRO I 379 48.16 -34.05 -37.62
C PRO I 379 46.87 -33.44 -37.08
N ASN I 380 46.95 -32.19 -36.63
CA ASN I 380 45.85 -31.46 -36.01
C ASN I 380 44.52 -31.64 -36.75
N GLY I 381 44.51 -31.33 -38.04
CA GLY I 381 43.31 -31.51 -38.85
C GLY I 381 43.15 -32.96 -39.26
N GLY I 382 44.25 -33.55 -39.71
CA GLY I 382 44.22 -34.95 -40.11
C GLY I 382 45.59 -35.39 -40.54
N VAL I 383 45.70 -36.70 -40.76
CA VAL I 383 46.95 -37.30 -41.17
C VAL I 383 47.23 -36.96 -42.62
N PHE I 384 48.48 -36.60 -42.92
CA PHE I 384 48.82 -36.12 -44.25
C PHE I 384 48.57 -37.17 -45.33
N THR I 385 48.41 -38.44 -44.96
CA THR I 385 48.12 -39.46 -45.97
C THR I 385 46.76 -39.26 -46.65
N GLU I 386 45.90 -38.38 -46.12
CA GLU I 386 44.58 -38.13 -46.68
C GLU I 386 44.58 -37.08 -47.79
N TYR I 387 45.76 -36.62 -48.21
CA TYR I 387 45.82 -35.76 -49.39
C TYR I 387 45.22 -36.40 -50.63
N PRO I 388 45.52 -37.65 -50.99
CA PRO I 388 44.89 -38.21 -52.19
C PRO I 388 43.37 -38.22 -52.15
N ARG I 389 42.75 -38.44 -50.98
CA ARG I 389 41.29 -38.40 -50.92
C ARG I 389 40.75 -37.00 -51.13
N ILE I 390 41.35 -36.00 -50.46
CA ILE I 390 40.84 -34.64 -50.60
C ILE I 390 41.01 -34.15 -52.03
N ILE I 391 42.11 -34.53 -52.68
CA ILE I 391 42.27 -34.24 -54.10
C ILE I 391 41.15 -34.89 -54.88
N HIS I 392 40.88 -36.17 -54.56
CA HIS I 392 39.79 -36.91 -55.19
C HIS I 392 38.45 -36.24 -54.90
N LEU I 393 38.26 -35.74 -53.69
CA LEU I 393 36.99 -35.07 -53.40
C LEU I 393 36.88 -33.73 -54.12
N LEU I 394 38.02 -33.08 -54.36
CA LEU I 394 38.03 -31.82 -55.08
C LEU I 394 37.85 -32.06 -56.57
N MET I 395 38.49 -33.10 -57.10
CA MET I 395 38.44 -33.40 -58.54
C MET I 395 37.08 -33.94 -58.95
N ASP I 396 36.42 -34.70 -58.08
CA ASP I 396 35.20 -35.44 -58.40
C ASP I 396 34.03 -34.91 -57.57
N ALA I 397 33.03 -34.33 -58.25
CA ALA I 397 31.90 -33.81 -57.52
C ALA I 397 30.93 -34.90 -57.09
N GLU I 398 30.82 -35.97 -57.88
CA GLU I 398 29.89 -37.04 -57.53
C GLU I 398 30.37 -37.81 -56.31
N GLU I 399 31.68 -37.91 -56.09
CA GLU I 399 32.18 -38.51 -54.86
C GLU I 399 32.03 -37.59 -53.67
N ARG I 400 32.02 -36.28 -53.90
CA ARG I 400 31.77 -35.31 -52.84
C ARG I 400 30.30 -35.36 -52.39
N ALA I 401 29.38 -35.53 -53.31
CA ALA I 401 27.98 -35.72 -52.92
C ALA I 401 27.77 -37.09 -52.28
N LYS I 402 28.61 -38.07 -52.62
CA LYS I 402 28.54 -39.39 -52.01
C LYS I 402 28.88 -39.32 -50.52
N GLU I 403 29.93 -38.57 -50.16
CA GLU I 403 30.28 -38.41 -48.75
C GLU I 403 29.26 -37.56 -48.02
N ILE I 404 28.79 -36.48 -48.64
CA ILE I 404 27.83 -35.59 -48.00
C ILE I 404 26.51 -36.31 -47.70
N ALA I 405 26.17 -37.33 -48.49
CA ALA I 405 24.93 -38.07 -48.27
C ALA I 405 24.90 -38.74 -46.90
N THR I 406 26.07 -39.14 -46.39
CA THR I 406 26.12 -39.79 -45.08
C THR I 406 26.13 -38.81 -43.93
N LEU I 407 26.62 -37.60 -44.13
CA LEU I 407 26.75 -36.67 -43.04
C LEU I 407 25.38 -36.11 -42.65
N PRO I 408 25.22 -35.65 -41.41
CA PRO I 408 23.91 -35.13 -40.98
C PRO I 408 23.50 -33.88 -41.75
N ALA I 409 22.24 -33.50 -41.51
CA ALA I 409 21.62 -32.41 -42.27
C ALA I 409 22.30 -31.07 -42.02
N ILE I 410 22.96 -30.92 -40.86
CA ILE I 410 23.55 -29.63 -40.48
C ILE I 410 24.55 -29.13 -41.53
N VAL I 411 25.24 -30.04 -42.23
CA VAL I 411 26.23 -29.64 -43.22
C VAL I 411 25.61 -28.75 -44.28
N GLY I 412 24.47 -29.18 -44.84
CA GLY I 412 23.79 -28.34 -45.81
C GLY I 412 23.19 -27.11 -45.17
N GLU I 413 22.70 -27.25 -43.94
CA GLU I 413 22.03 -26.14 -43.25
C GLU I 413 22.99 -25.08 -42.73
N ARG I 414 24.28 -25.39 -42.60
CA ARG I 414 25.21 -24.44 -41.96
C ARG I 414 26.48 -24.19 -42.77
N SER I 415 26.57 -24.66 -44.01
CA SER I 415 27.79 -24.36 -44.75
C SER I 415 27.52 -23.90 -46.19
N GLY I 416 26.87 -24.74 -46.99
CA GLY I 416 26.74 -24.46 -48.40
C GLY I 416 27.70 -25.21 -49.28
N LEU I 417 28.40 -26.19 -48.75
CA LEU I 417 29.25 -27.08 -49.54
C LEU I 417 28.43 -27.93 -50.52
N PRO I 418 27.26 -28.46 -50.17
CA PRO I 418 26.49 -29.24 -51.15
C PRO I 418 25.95 -28.41 -52.31
N LYS I 419 25.78 -27.09 -52.13
CA LYS I 419 25.30 -26.25 -53.21
C LYS I 419 26.39 -25.95 -54.24
N ILE I 420 27.65 -25.89 -53.80
CA ILE I 420 28.79 -25.65 -54.69
C ILE I 420 29.25 -26.96 -55.32
N GLU I 421 29.01 -27.11 -56.61
CA GLU I 421 29.20 -28.40 -57.28
C GLU I 421 30.25 -28.33 -58.36
N ARG I 422 31.30 -27.53 -58.14
CA ARG I 422 32.34 -27.34 -59.13
C ARG I 422 33.49 -28.33 -58.89
N GLU I 423 34.07 -28.80 -59.98
CA GLU I 423 35.19 -29.73 -59.90
C GLU I 423 36.52 -29.00 -60.03
N TYR I 424 37.56 -29.64 -59.50
CA TYR I 424 38.94 -29.14 -59.57
C TYR I 424 39.69 -29.88 -60.68
N SER I 425 40.53 -29.15 -61.41
CA SER I 425 41.30 -29.70 -62.51
C SER I 425 42.72 -30.05 -62.08
N PHE I 426 43.44 -30.71 -62.98
CA PHE I 426 44.84 -31.06 -62.68
C PHE I 426 45.71 -29.82 -62.56
N SER I 427 45.52 -28.81 -63.42
CA SER I 427 46.28 -27.58 -63.24
C SER I 427 45.98 -26.92 -61.90
N GLU I 428 44.75 -27.08 -61.39
CA GLU I 428 44.41 -26.47 -60.11
C GLU I 428 44.89 -27.32 -58.92
N ILE I 429 44.97 -28.64 -59.09
CA ILE I 429 45.53 -29.49 -58.06
C ILE I 429 47.03 -29.27 -57.96
N ALA I 430 47.68 -28.96 -59.07
CA ALA I 430 49.09 -28.61 -59.03
C ALA I 430 49.31 -27.23 -58.43
N GLN I 431 48.34 -26.33 -58.58
CA GLN I 431 48.41 -25.05 -57.89
C GLN I 431 48.23 -25.21 -56.39
N LEU I 432 47.47 -26.22 -55.96
CA LEU I 432 47.31 -26.46 -54.52
C LEU I 432 48.55 -27.10 -53.92
N THR I 433 49.19 -28.01 -54.66
CA THR I 433 50.19 -28.89 -54.06
C THR I 433 51.63 -28.57 -54.44
N ARG I 434 51.87 -27.89 -55.56
CA ARG I 434 53.22 -27.62 -55.99
C ARG I 434 53.48 -26.16 -56.32
N SER I 435 52.73 -25.60 -57.28
CA SER I 435 52.95 -24.22 -57.70
C SER I 435 52.79 -23.25 -56.54
N GLY I 436 51.60 -23.22 -55.94
CA GLY I 436 51.31 -22.33 -54.83
C GLY I 436 52.21 -22.48 -53.63
N PRO I 437 52.42 -23.72 -53.15
CA PRO I 437 53.27 -23.89 -51.96
C PRO I 437 54.69 -23.37 -52.13
N ALA I 438 55.34 -23.69 -53.25
CA ALA I 438 56.75 -23.32 -53.41
C ALA I 438 56.92 -21.82 -53.63
N LYS I 439 56.01 -21.20 -54.39
CA LYS I 439 56.04 -19.76 -54.52
C LYS I 439 55.91 -19.07 -53.17
N LEU I 440 55.10 -19.66 -52.29
CA LEU I 440 54.90 -19.10 -50.95
C LEU I 440 56.18 -19.22 -50.13
N LEU I 441 56.77 -20.41 -50.09
CA LEU I 441 58.01 -20.64 -49.35
C LEU I 441 59.22 -19.97 -49.99
N GLY I 442 59.11 -19.45 -51.22
CA GLY I 442 60.21 -18.78 -51.88
C GLY I 442 61.18 -19.69 -52.60
N LEU I 443 60.92 -21.00 -52.63
CA LEU I 443 61.77 -21.98 -53.30
C LEU I 443 61.45 -21.93 -54.79
N THR I 444 62.15 -21.05 -55.50
CA THR I 444 61.85 -20.82 -56.91
C THR I 444 62.07 -22.07 -57.75
N ASP I 445 62.98 -22.94 -57.33
CA ASP I 445 63.41 -24.05 -58.15
C ASP I 445 62.67 -25.36 -57.86
N ARG I 446 61.51 -25.31 -57.21
CA ARG I 446 60.83 -26.55 -56.83
C ARG I 446 59.39 -26.67 -57.31
N GLY I 447 58.65 -25.56 -57.36
CA GLY I 447 57.23 -25.68 -57.65
C GLY I 447 56.91 -26.10 -59.06
N HIS I 448 57.87 -25.98 -59.97
CA HIS I 448 57.61 -26.13 -61.40
C HIS I 448 58.50 -27.23 -61.99
N LEU I 449 58.31 -27.45 -63.29
CA LEU I 449 59.09 -28.40 -64.07
C LEU I 449 59.74 -27.74 -65.28
N ARG I 450 59.67 -26.41 -65.38
CA ARG I 450 60.28 -25.74 -66.52
C ARG I 450 61.80 -25.89 -66.43
N GLU I 451 62.48 -25.59 -67.53
CA GLU I 451 63.93 -25.75 -67.57
C GLU I 451 64.58 -24.81 -66.57
N GLY I 452 65.24 -25.39 -65.57
CA GLY I 452 65.88 -24.65 -64.52
C GLY I 452 65.51 -25.21 -63.16
N ALA I 453 64.46 -26.02 -63.14
CA ALA I 453 63.96 -26.58 -61.90
C ALA I 453 64.81 -27.74 -61.43
N LYS I 454 64.71 -28.05 -60.13
CA LYS I 454 65.31 -29.26 -59.58
C LYS I 454 64.49 -30.46 -60.02
N ALA I 455 65.17 -31.54 -60.39
CA ALA I 455 64.47 -32.70 -60.93
C ALA I 455 63.65 -33.39 -59.85
N ASP I 456 62.65 -32.70 -59.33
CA ASP I 456 61.70 -33.28 -58.38
C ASP I 456 60.41 -33.51 -59.17
N VAL I 457 60.18 -34.77 -59.53
CA VAL I 457 59.11 -35.17 -60.43
C VAL I 457 58.24 -36.22 -59.74
N ALA I 458 56.93 -36.09 -59.92
CA ALA I 458 55.96 -37.06 -59.42
C ALA I 458 55.08 -37.51 -60.58
N ILE I 459 55.11 -38.80 -60.89
CA ILE I 459 54.34 -39.37 -62.00
C ILE I 459 53.26 -40.29 -61.46
N TYR I 460 51.99 -39.95 -61.70
CA TYR I 460 50.85 -40.72 -61.22
C TYR I 460 50.11 -41.37 -62.39
N ARG I 461 49.87 -42.68 -62.31
CA ARG I 461 49.18 -43.41 -63.36
C ARG I 461 47.70 -43.09 -63.33
N ASP I 462 47.14 -42.72 -64.50
CA ASP I 462 45.76 -42.25 -64.58
C ASP I 462 44.78 -43.26 -64.00
N ASP I 463 43.80 -42.73 -63.27
CA ASP I 463 42.72 -43.51 -62.67
C ASP I 463 41.53 -42.59 -62.43
N THR I 464 40.33 -43.10 -62.73
CA THR I 464 39.11 -42.39 -62.35
C THR I 464 39.04 -42.22 -60.84
N ASP I 465 39.46 -43.26 -60.10
CA ASP I 465 39.55 -43.18 -58.64
C ASP I 465 40.84 -42.44 -58.35
N ARG I 466 40.73 -41.12 -58.19
CA ARG I 466 41.91 -40.30 -57.93
C ARG I 466 42.57 -40.63 -56.61
N THR I 467 41.81 -41.17 -55.66
CA THR I 467 42.39 -41.55 -54.38
C THR I 467 43.54 -42.52 -54.58
N ALA I 468 43.31 -43.56 -55.39
CA ALA I 468 44.36 -44.51 -55.70
C ALA I 468 45.41 -43.91 -56.62
N MET I 469 45.01 -42.99 -57.49
CA MET I 469 45.98 -42.40 -58.41
C MET I 469 47.08 -41.66 -57.67
N PHE I 470 46.71 -40.88 -56.65
CA PHE I 470 47.67 -40.07 -55.92
C PHE I 470 48.21 -40.73 -54.66
N SER I 471 47.65 -41.87 -54.24
CA SER I 471 48.18 -42.58 -53.08
C SER I 471 49.50 -43.28 -53.40
N ARG I 472 49.59 -43.92 -54.56
CA ARG I 472 50.78 -44.64 -54.98
C ARG I 472 51.26 -44.08 -56.31
N ALA I 473 52.39 -43.39 -56.28
CA ALA I 473 52.92 -42.76 -57.48
C ALA I 473 53.70 -43.77 -58.31
N LYS I 474 53.48 -43.72 -59.64
CA LYS I 474 54.20 -44.65 -60.52
C LYS I 474 55.70 -44.40 -60.45
N LEU I 475 56.11 -43.15 -60.29
CA LEU I 475 57.53 -42.84 -60.19
C LEU I 475 57.69 -41.46 -59.56
N VAL I 476 58.56 -41.37 -58.55
CA VAL I 476 58.96 -40.12 -57.92
C VAL I 476 60.47 -40.00 -57.98
N LEU I 477 60.95 -38.83 -58.36
CA LEU I 477 62.37 -38.58 -58.56
C LEU I 477 62.81 -37.47 -57.61
N LYS I 478 63.91 -37.72 -56.88
CA LYS I 478 64.49 -36.75 -55.96
C LYS I 478 65.84 -36.33 -56.55
N ASP I 479 65.89 -35.11 -57.09
CA ASP I 479 67.09 -34.59 -57.73
C ASP I 479 67.58 -35.54 -58.82
N GLY I 480 66.63 -36.05 -59.60
CA GLY I 480 66.94 -36.92 -60.71
C GLY I 480 67.02 -38.39 -60.36
N GLN I 481 67.16 -38.72 -59.09
CA GLN I 481 67.28 -40.11 -58.67
C GLN I 481 65.90 -40.66 -58.32
N PRO I 482 65.56 -41.86 -58.78
CA PRO I 482 64.25 -42.44 -58.44
C PRO I 482 64.24 -42.96 -57.01
N ILE I 483 63.26 -42.50 -56.23
CA ILE I 483 63.13 -42.89 -54.84
C ILE I 483 62.00 -43.90 -54.62
N VAL I 484 60.88 -43.76 -55.36
CA VAL I 484 59.79 -44.71 -55.28
C VAL I 484 59.38 -45.11 -56.69
N GLU I 485 58.99 -46.37 -56.85
CA GLU I 485 58.53 -46.93 -58.11
C GLU I 485 57.27 -47.74 -57.86
N ASP I 486 56.19 -47.41 -58.58
CA ASP I 486 54.90 -48.08 -58.42
C ASP I 486 54.43 -48.04 -56.98
N GLY I 487 54.70 -46.93 -56.30
CA GLY I 487 54.22 -46.74 -54.94
C GLY I 487 55.04 -47.37 -53.84
N GLU I 488 56.21 -47.94 -54.15
CA GLU I 488 57.07 -48.55 -53.14
C GLU I 488 58.46 -47.93 -53.21
N VAL I 489 59.01 -47.58 -52.04
CA VAL I 489 60.29 -46.88 -51.97
C VAL I 489 61.42 -47.79 -52.40
N VAL I 490 62.28 -47.29 -53.29
CA VAL I 490 63.40 -48.06 -53.79
C VAL I 490 64.73 -47.53 -53.25
N ALA I 491 64.88 -46.21 -53.12
CA ALA I 491 66.10 -45.60 -52.63
C ALA I 491 65.93 -45.12 -51.19
N TRP I 492 67.05 -45.05 -50.46
CA TRP I 492 67.04 -44.73 -49.02
C TRP I 492 68.28 -43.91 -48.69
N PHE I 493 68.19 -42.60 -48.92
CA PHE I 493 69.25 -41.66 -48.59
C PHE I 493 68.64 -40.47 -47.86
N SER I 494 69.52 -39.57 -47.41
CA SER I 494 69.13 -38.40 -46.65
C SER I 494 69.11 -37.17 -47.55
N GLY I 495 68.14 -36.29 -47.32
CA GLY I 495 68.01 -35.05 -48.06
C GLY I 495 68.81 -33.93 -47.44
N LYS I 496 68.29 -32.72 -47.55
CA LYS I 496 68.96 -31.55 -47.00
C LYS I 496 67.94 -30.59 -46.41
N THR I 497 68.28 -30.00 -45.26
CA THR I 497 67.45 -28.99 -44.61
C THR I 497 67.71 -27.61 -45.20
N LEU I 498 66.64 -26.94 -45.65
CA LEU I 498 66.77 -25.61 -46.23
C LEU I 498 66.78 -24.55 -45.12
N SER I 499 67.83 -23.76 -45.06
CA SER I 499 67.94 -22.67 -44.09
C SER I 499 68.32 -21.38 -44.79
N LEU I 500 67.67 -20.29 -44.39
CA LEU I 500 67.98 -18.97 -44.93
C LEU I 500 69.37 -18.53 -44.52
N ASN I 501 70.20 -18.21 -45.51
CA ASN I 501 71.54 -17.72 -45.24
C ASN I 501 71.46 -16.28 -44.76
N VAL I 502 71.69 -16.08 -43.46
CA VAL I 502 71.74 -14.74 -42.87
C VAL I 502 72.80 -14.73 -41.78
N GLU I 503 73.43 -13.58 -41.58
CA GLU I 503 74.53 -13.42 -40.66
C GLU I 503 74.03 -12.74 -39.39
N ALA I 504 74.38 -13.30 -38.23
CA ALA I 504 73.98 -12.73 -36.96
C ALA I 504 74.79 -11.48 -36.63
N ASP I 505 74.11 -10.43 -36.17
CA ASP I 505 74.78 -9.17 -35.85
C ASP I 505 75.76 -9.36 -34.70
N ALA I 506 77.03 -8.99 -34.94
CA ALA I 506 78.08 -9.21 -33.95
C ALA I 506 77.81 -8.44 -32.66
N GLY I 507 77.36 -7.19 -32.77
CA GLY I 507 77.03 -6.42 -31.58
C GLY I 507 75.78 -6.92 -30.89
N MET I 508 74.88 -7.57 -31.64
CA MET I 508 73.69 -8.18 -31.05
C MET I 508 74.00 -9.54 -30.43
N GLU I 509 74.98 -10.28 -30.97
CA GLU I 509 75.35 -11.56 -30.40
C GLU I 509 75.94 -11.40 -29.01
N LYS I 510 76.79 -10.39 -28.81
CA LYS I 510 77.35 -10.14 -27.50
C LYS I 510 76.29 -9.58 -26.55
N ARG I 511 75.29 -8.89 -27.10
CA ARG I 511 74.19 -8.37 -26.29
C ARG I 511 73.28 -9.50 -25.82
N ALA I 512 72.98 -10.47 -26.70
CA ALA I 512 72.15 -11.60 -26.31
C ALA I 512 72.88 -12.52 -25.35
N GLU I 513 74.21 -12.62 -25.47
CA GLU I 513 74.98 -13.49 -24.59
C GLU I 513 74.82 -13.10 -23.13
N SER I 514 74.89 -11.81 -22.83
CA SER I 514 74.72 -11.36 -21.44
C SER I 514 73.30 -11.61 -20.95
N TYR I 515 72.32 -11.57 -21.85
CA TYR I 515 70.93 -11.80 -21.46
C TYR I 515 70.69 -13.26 -21.07
N LEU I 516 71.09 -14.20 -21.95
CA LEU I 516 70.87 -15.62 -21.70
C LEU I 516 71.63 -16.11 -20.47
N GLN I 517 72.80 -15.52 -20.19
CA GLN I 517 73.56 -15.97 -19.03
C GLN I 517 72.84 -15.62 -17.73
N ASP I 518 72.08 -14.52 -17.72
CA ASP I 518 71.37 -14.09 -16.52
C ASP I 518 69.99 -14.70 -16.38
N ARG I 519 69.41 -15.19 -17.47
CA ARG I 519 68.09 -15.83 -17.46
C ARG I 519 68.17 -17.34 -17.34
N PHE I 520 69.11 -17.96 -18.06
CA PHE I 520 69.24 -19.41 -18.08
C PHE I 520 70.46 -19.94 -17.34
N GLY I 521 71.57 -19.20 -17.31
CA GLY I 521 72.81 -19.75 -16.81
C GLY I 521 73.60 -20.52 -17.84
N ALA I 522 73.37 -20.25 -19.12
CA ALA I 522 74.07 -20.92 -20.21
C ALA I 522 74.25 -19.95 -21.36
N GLY I 523 75.30 -20.17 -22.13
CA GLY I 523 75.66 -19.29 -23.23
C GLY I 523 74.86 -19.56 -24.50
N LEU I 524 75.37 -19.00 -25.60
CA LEU I 524 74.72 -19.18 -26.89
C LEU I 524 74.92 -20.58 -27.44
N ASP I 525 76.00 -21.26 -27.05
CA ASP I 525 76.30 -22.58 -27.60
C ASP I 525 75.21 -23.61 -27.30
N THR I 526 74.46 -23.45 -26.21
CA THR I 526 73.38 -24.38 -25.92
C THR I 526 72.20 -24.17 -26.86
N PHE I 527 72.06 -22.96 -27.39
CA PHE I 527 71.05 -22.63 -28.38
C PHE I 527 71.53 -22.88 -29.82
N ALA I 528 72.83 -23.06 -30.02
CA ALA I 528 73.41 -23.20 -31.36
C ALA I 528 73.09 -24.56 -31.97
N VAL I 529 73.20 -24.62 -33.29
CA VAL I 529 72.96 -25.86 -34.05
C VAL I 529 74.21 -26.18 -34.88
N PRO I 530 75.25 -26.75 -34.29
CA PRO I 530 76.50 -26.97 -35.02
C PRO I 530 76.39 -28.10 -36.04
N ASP I 531 77.18 -27.96 -37.10
CA ASP I 531 77.21 -28.99 -38.13
C ASP I 531 77.78 -30.31 -37.61
N ALA I 532 78.66 -30.25 -36.61
CA ALA I 532 79.32 -31.46 -36.15
C ALA I 532 78.37 -32.43 -35.46
N ALA I 533 77.20 -31.96 -35.02
CA ALA I 533 76.26 -32.81 -34.29
C ALA I 533 75.49 -33.76 -35.21
N PHE I 534 75.40 -33.44 -36.48
CA PHE I 534 74.57 -34.13 -37.44
C PHE I 534 75.31 -35.30 -38.08
N PRO I 535 74.57 -36.28 -38.62
CA PRO I 535 75.24 -37.40 -39.30
C PRO I 535 76.04 -36.96 -40.52
N GLU I 536 75.63 -35.88 -41.18
CA GLU I 536 76.33 -35.36 -42.34
C GLU I 536 76.89 -33.99 -41.97
N ASN I 537 78.18 -33.94 -41.68
CA ASN I 537 78.81 -32.69 -41.25
C ASN I 537 78.85 -31.72 -42.42
N THR I 538 78.16 -30.59 -42.29
CA THR I 538 78.03 -29.55 -43.31
C THR I 538 77.31 -30.06 -44.56
N GLY I 539 76.84 -31.30 -44.51
CA GLY I 539 76.11 -31.87 -45.63
C GLY I 539 74.62 -31.96 -45.34
N THR I 540 74.23 -31.47 -44.17
CA THR I 540 72.84 -31.50 -43.75
C THR I 540 72.07 -30.25 -44.14
N PHE I 541 72.75 -29.13 -44.40
CA PHE I 541 72.09 -27.87 -44.68
C PHE I 541 72.41 -27.35 -46.09
N GLU I 542 71.44 -26.66 -46.66
CA GLU I 542 71.54 -26.05 -47.99
C GLU I 542 71.07 -24.61 -47.92
N ASP I 543 71.92 -23.69 -48.37
CA ASP I 543 71.65 -22.27 -48.24
C ASP I 543 70.50 -21.83 -49.14
N VAL I 544 69.73 -20.86 -48.65
CA VAL I 544 68.68 -20.20 -49.42
C VAL I 544 68.93 -18.71 -49.38
N ALA I 545 68.85 -18.06 -50.53
CA ALA I 545 69.16 -16.64 -50.65
C ALA I 545 67.93 -15.82 -50.29
N CYS I 546 68.15 -14.67 -49.68
CA CYS I 546 67.09 -13.78 -49.23
C CYS I 546 66.85 -12.69 -50.27
N ARG I 547 65.59 -12.56 -50.68
CA ARG I 547 65.23 -11.64 -51.74
C ARG I 547 65.29 -10.20 -51.24
N ALA I 548 65.24 -9.26 -52.19
CA ALA I 548 65.33 -7.84 -51.87
C ALA I 548 64.15 -7.39 -51.01
N ALA J 1 92.46 -47.28 -27.30
CA ALA J 1 92.95 -48.64 -27.29
C ALA J 1 91.81 -49.61 -27.01
N ALA J 2 91.86 -50.77 -27.66
CA ALA J 2 90.84 -51.79 -27.51
C ALA J 2 91.39 -52.97 -26.72
N TRP J 3 90.48 -53.87 -26.34
CA TRP J 3 90.81 -55.09 -25.62
C TRP J 3 89.86 -56.20 -26.06
N VAL J 4 90.43 -57.32 -26.50
CA VAL J 4 89.68 -58.52 -26.83
C VAL J 4 90.28 -59.65 -26.02
N LYS J 5 89.42 -60.39 -25.28
CA LYS J 5 89.91 -61.41 -24.36
C LYS J 5 90.90 -60.73 -23.43
N GLY J 6 92.17 -61.15 -23.47
CA GLY J 6 93.20 -60.51 -22.68
C GLY J 6 94.10 -59.53 -23.42
N GLY J 7 93.74 -58.25 -23.38
CA GLY J 7 94.59 -57.16 -23.85
C GLY J 7 94.99 -57.05 -25.32
N ALA J 8 94.04 -57.20 -26.23
CA ALA J 8 94.26 -57.02 -27.69
C ALA J 8 94.04 -55.56 -28.08
N ALA J 9 95.10 -54.77 -28.02
CA ALA J 9 95.04 -53.32 -28.29
C ALA J 9 94.43 -52.91 -29.64
N ASP J 10 94.10 -53.83 -30.54
CA ASP J 10 93.72 -53.42 -31.89
C ASP J 10 92.24 -53.07 -31.98
N VAL J 11 91.94 -51.88 -32.49
CA VAL J 11 90.55 -51.39 -32.57
C VAL J 11 89.78 -52.07 -33.71
N ASP J 12 90.43 -52.30 -34.85
CA ASP J 12 89.70 -52.92 -35.95
C ASP J 12 89.31 -54.36 -35.61
N ALA J 13 90.24 -55.11 -35.01
CA ALA J 13 89.93 -56.50 -34.67
C ALA J 13 88.91 -56.58 -33.56
N ALA J 14 88.90 -55.60 -32.65
CA ALA J 14 87.87 -55.59 -31.62
C ALA J 14 86.49 -55.36 -32.19
N VAL J 15 86.38 -54.57 -33.26
CA VAL J 15 85.09 -54.39 -33.92
C VAL J 15 84.64 -55.69 -34.57
N GLU J 16 85.56 -56.41 -35.20
CA GLU J 16 85.22 -57.70 -35.80
C GLU J 16 84.83 -58.72 -34.73
N ALA J 17 85.54 -58.70 -33.59
CA ALA J 17 85.22 -59.64 -32.51
C ALA J 17 83.86 -59.34 -31.89
N ALA J 18 83.50 -58.05 -31.78
CA ALA J 18 82.18 -57.71 -31.27
C ALA J 18 81.10 -58.09 -32.27
N ALA J 19 81.39 -57.98 -33.57
CA ALA J 19 80.42 -58.37 -34.58
C ALA J 19 80.18 -59.87 -34.58
N ASP J 20 81.24 -60.67 -34.38
CA ASP J 20 81.06 -62.11 -34.26
C ASP J 20 80.24 -62.45 -33.03
N LEU J 21 80.47 -61.73 -31.92
CA LEU J 21 79.75 -62.01 -30.69
C LEU J 21 78.26 -61.76 -30.83
N LEU J 22 77.89 -60.64 -31.44
CA LEU J 22 76.48 -60.35 -31.61
C LEU J 22 75.84 -61.27 -32.63
N ALA J 23 76.60 -61.65 -33.66
CA ALA J 23 76.06 -62.51 -34.71
C ALA J 23 75.74 -63.91 -34.21
N ALA J 24 76.50 -64.42 -33.25
CA ALA J 24 76.26 -65.76 -32.72
C ALA J 24 75.12 -65.80 -31.70
N SER J 25 74.74 -64.66 -31.12
CA SER J 25 73.72 -64.64 -30.08
C SER J 25 72.33 -64.56 -30.68
N ARG J 26 71.37 -65.21 -30.01
CA ARG J 26 69.99 -65.09 -30.46
C ARG J 26 69.25 -63.97 -29.74
N VAL J 27 69.55 -63.75 -28.46
CA VAL J 27 68.94 -62.65 -27.72
C VAL J 27 70.00 -61.63 -27.32
N PRO J 28 70.24 -60.60 -28.13
CA PRO J 28 71.18 -59.53 -27.75
C PRO J 28 70.48 -58.35 -27.08
N VAL J 29 71.26 -57.62 -26.29
CA VAL J 29 70.77 -56.53 -25.45
C VAL J 29 71.72 -55.35 -25.58
N LEU J 30 71.18 -54.14 -25.67
CA LEU J 30 71.98 -52.90 -25.70
C LEU J 30 71.68 -52.07 -24.46
N ALA J 31 72.46 -52.26 -23.40
CA ALA J 31 72.27 -51.55 -22.15
C ALA J 31 73.13 -50.28 -22.10
N GLY J 32 73.03 -49.56 -20.98
CA GLY J 32 73.81 -48.35 -20.78
C GLY J 32 73.19 -47.15 -21.42
N LEU J 33 73.55 -46.90 -22.69
CA LEU J 33 72.97 -45.84 -23.52
C LEU J 33 73.18 -44.46 -22.90
N SER J 34 74.34 -44.25 -22.29
CA SER J 34 74.69 -42.95 -21.71
C SER J 34 75.81 -42.37 -22.59
N ALA J 35 75.41 -41.73 -23.68
CA ALA J 35 76.37 -41.17 -24.61
C ALA J 35 75.72 -40.05 -25.42
N GLU J 36 76.42 -39.61 -26.47
CA GLU J 36 75.89 -38.58 -27.34
C GLU J 36 74.62 -39.07 -28.03
N VAL J 37 73.87 -38.13 -28.60
CA VAL J 37 72.72 -38.56 -29.39
C VAL J 37 73.19 -39.26 -30.64
N SER J 38 74.36 -38.88 -31.17
CA SER J 38 74.92 -39.55 -32.33
C SER J 38 75.21 -41.01 -32.04
N ALA J 39 75.67 -41.30 -30.82
CA ALA J 39 75.89 -42.69 -30.44
C ALA J 39 74.56 -43.40 -30.18
N LEU J 40 73.62 -42.71 -29.52
CA LEU J 40 72.32 -43.29 -29.29
C LEU J 40 71.64 -43.63 -30.62
N ARG J 41 71.76 -42.75 -31.60
CA ARG J 41 71.23 -43.01 -32.93
C ARG J 41 71.86 -44.25 -33.53
N ALA J 42 73.19 -44.38 -33.43
CA ALA J 42 73.85 -45.54 -33.98
C ALA J 42 73.51 -46.81 -33.20
N ALA J 43 73.29 -46.69 -31.89
CA ALA J 43 72.96 -47.86 -31.10
C ALA J 43 71.60 -48.40 -31.51
N TYR J 44 70.65 -47.50 -31.78
CA TYR J 44 69.33 -47.95 -32.23
C TYR J 44 69.39 -48.50 -33.65
N ARG J 45 70.23 -47.91 -34.51
CA ARG J 45 70.39 -48.43 -35.86
C ARG J 45 71.03 -49.81 -35.85
N LEU J 46 71.96 -50.04 -34.91
CA LEU J 46 72.56 -51.37 -34.80
C LEU J 46 71.55 -52.39 -34.28
N ALA J 47 70.74 -52.02 -33.29
CA ALA J 47 69.74 -52.96 -32.78
C ALA J 47 68.69 -53.30 -33.84
N GLU J 48 68.35 -52.34 -34.72
CA GLU J 48 67.38 -52.61 -35.78
C GLU J 48 67.91 -53.63 -36.77
N THR J 49 69.18 -53.52 -37.14
CA THR J 49 69.79 -54.51 -38.02
C THR J 49 69.99 -55.83 -37.30
N LEU J 50 70.37 -55.76 -36.01
CA LEU J 50 70.72 -56.98 -35.29
C LEU J 50 69.47 -57.75 -34.85
N GLY J 51 68.41 -57.04 -34.47
CA GLY J 51 67.29 -57.67 -33.82
C GLY J 51 67.47 -57.79 -32.33
N ALA J 52 68.00 -56.75 -31.70
CA ALA J 52 68.27 -56.71 -30.27
C ALA J 52 67.26 -55.82 -29.57
N SER J 53 67.34 -55.79 -28.24
CA SER J 53 66.58 -54.87 -27.41
C SER J 53 67.51 -53.83 -26.78
N LEU J 54 66.91 -52.75 -26.30
CA LEU J 54 67.66 -51.65 -25.69
C LEU J 54 67.09 -51.32 -24.32
N ASP J 55 67.94 -50.77 -23.47
CA ASP J 55 67.50 -50.34 -22.14
C ASP J 55 68.51 -49.37 -21.55
N PRO J 56 68.15 -48.09 -21.40
CA PRO J 56 69.07 -47.14 -20.76
C PRO J 56 69.21 -47.35 -19.26
N VAL J 57 70.36 -46.96 -18.71
CA VAL J 57 70.57 -47.11 -17.26
C VAL J 57 69.57 -46.29 -16.47
N SER J 58 69.15 -45.15 -17.02
CA SER J 58 68.10 -44.35 -16.41
C SER J 58 66.73 -44.99 -16.50
N GLY J 59 66.64 -46.18 -17.11
CA GLY J 59 65.42 -46.93 -17.27
C GLY J 59 64.38 -46.78 -16.17
N PRO J 60 64.74 -47.13 -14.93
CA PRO J 60 63.76 -46.98 -13.83
C PRO J 60 63.30 -45.53 -13.61
N SER J 61 64.20 -44.55 -13.68
CA SER J 61 63.78 -43.17 -13.50
C SER J 61 62.94 -42.69 -14.67
N VAL J 62 63.32 -43.10 -15.88
CA VAL J 62 62.63 -42.68 -17.09
C VAL J 62 61.21 -43.22 -17.13
N TYR J 63 61.05 -44.53 -16.96
CA TYR J 63 59.74 -45.15 -17.07
C TYR J 63 58.87 -44.88 -15.86
N ALA J 64 59.44 -44.39 -14.77
CA ALA J 64 58.61 -43.91 -13.68
C ALA J 64 57.84 -42.67 -14.11
N GLU J 65 58.47 -41.80 -14.91
CA GLU J 65 57.79 -40.63 -15.46
C GLU J 65 56.92 -41.01 -16.65
N LEU J 66 57.48 -41.78 -17.58
CA LEU J 66 56.76 -42.13 -18.81
C LEU J 66 55.48 -42.89 -18.51
N GLY J 67 55.49 -43.79 -17.53
CA GLY J 67 54.29 -44.53 -17.20
C GLY J 67 53.15 -43.64 -16.73
N ALA J 68 53.48 -42.55 -16.02
CA ALA J 68 52.46 -41.64 -15.52
C ALA J 68 51.97 -40.66 -16.58
N LEU J 69 52.82 -40.27 -17.54
CA LEU J 69 52.37 -39.30 -18.52
C LEU J 69 51.72 -39.95 -19.72
N SER J 70 52.16 -41.15 -20.11
CA SER J 70 51.53 -41.82 -21.23
C SER J 70 50.11 -42.27 -20.90
N ALA J 71 49.76 -42.30 -19.61
CA ALA J 71 48.42 -42.66 -19.18
C ALA J 71 47.62 -41.48 -18.61
N GLY J 72 48.28 -40.51 -17.97
CA GLY J 72 47.58 -39.42 -17.33
C GLY J 72 47.85 -38.02 -17.85
N GLY J 73 48.92 -37.87 -18.63
CA GLY J 73 49.31 -36.56 -19.11
C GLY J 73 50.16 -35.81 -18.10
N ALA J 74 50.37 -34.53 -18.38
CA ALA J 74 51.27 -33.74 -17.57
C ALA J 74 51.00 -32.25 -17.74
N MET J 75 51.48 -31.47 -16.77
CA MET J 75 51.39 -30.01 -16.78
C MET J 75 52.73 -29.45 -16.32
N SER J 76 53.60 -29.10 -17.25
CA SER J 76 54.98 -28.87 -16.89
C SER J 76 55.41 -27.44 -17.18
N THR J 77 56.54 -27.07 -16.57
CA THR J 77 57.23 -25.81 -16.80
C THR J 77 58.71 -26.14 -16.86
N THR J 78 59.54 -25.14 -17.11
CA THR J 78 60.97 -25.36 -17.19
C THR J 78 61.66 -24.80 -15.95
N ARG J 79 62.92 -25.21 -15.78
CA ARG J 79 63.69 -24.74 -14.64
C ARG J 79 63.82 -23.22 -14.66
N ALA J 80 64.16 -22.65 -15.81
CA ALA J 80 64.40 -21.22 -15.91
C ALA J 80 63.14 -20.41 -15.60
N GLU J 81 61.98 -20.90 -16.03
CA GLU J 81 60.75 -20.17 -15.74
C GLU J 81 60.27 -20.36 -14.31
N THR J 82 60.72 -21.42 -13.64
CA THR J 82 60.45 -21.55 -12.21
C THR J 82 61.23 -20.50 -11.42
N ILE J 83 62.52 -20.35 -11.75
CA ILE J 83 63.34 -19.31 -11.13
C ILE J 83 62.81 -17.92 -11.50
N GLY J 84 62.23 -17.79 -12.69
CA GLY J 84 61.80 -16.51 -13.19
C GLY J 84 60.41 -16.06 -12.78
N ARG J 85 59.47 -17.00 -12.66
CA ARG J 85 58.08 -16.63 -12.46
C ARG J 85 57.46 -17.12 -11.16
N ALA J 86 57.85 -18.30 -10.67
CA ALA J 86 57.13 -18.94 -9.58
C ALA J 86 57.21 -18.12 -8.31
N ASP J 87 56.05 -17.89 -7.69
CA ASP J 87 56.00 -17.22 -6.39
C ASP J 87 55.93 -18.19 -5.23
N VAL J 88 55.40 -19.39 -5.46
CA VAL J 88 55.31 -20.45 -4.46
C VAL J 88 55.82 -21.75 -5.06
N ILE J 89 56.77 -22.39 -4.39
CA ILE J 89 57.40 -23.61 -4.90
C ILE J 89 57.29 -24.70 -3.85
N LEU J 90 56.71 -25.84 -4.23
CA LEU J 90 56.63 -27.02 -3.36
C LEU J 90 57.69 -28.01 -3.81
N ILE J 91 58.54 -28.42 -2.88
CA ILE J 91 59.68 -29.29 -3.18
C ILE J 91 59.39 -30.65 -2.55
N VAL J 92 59.03 -31.61 -3.39
CA VAL J 92 58.67 -32.96 -2.94
C VAL J 92 59.90 -33.86 -2.94
N GLY J 93 60.22 -34.42 -1.76
CA GLY J 93 61.32 -35.38 -1.62
C GLY J 93 62.62 -34.73 -1.20
N ASN J 94 63.67 -35.55 -1.20
CA ASN J 94 65.02 -35.08 -0.86
C ASN J 94 65.91 -34.89 -2.08
N ARG J 95 65.61 -35.54 -3.20
CA ARG J 95 66.48 -35.44 -4.38
C ARG J 95 66.59 -34.04 -4.97
N PRO J 96 65.54 -33.21 -5.02
CA PRO J 96 65.71 -31.86 -5.59
C PRO J 96 66.68 -30.98 -4.80
N TRP J 97 66.95 -31.29 -3.54
CA TRP J 97 67.86 -30.52 -2.69
C TRP J 97 69.34 -30.73 -3.03
N ASP J 98 69.66 -31.76 -3.82
CA ASP J 98 71.05 -32.01 -4.20
C ASP J 98 71.60 -30.87 -5.07
N GLY J 99 70.86 -30.49 -6.10
CA GLY J 99 71.35 -29.50 -7.03
C GLY J 99 71.41 -28.10 -6.44
N GLU J 100 72.07 -27.21 -7.20
CA GLU J 100 72.04 -25.78 -6.91
C GLU J 100 70.70 -25.15 -7.28
N LEU J 101 69.82 -25.89 -7.96
CA LEU J 101 68.50 -25.39 -8.33
C LEU J 101 67.75 -24.76 -7.16
N ILE J 102 67.78 -25.43 -6.00
CA ILE J 102 67.03 -24.97 -4.85
C ILE J 102 67.63 -23.69 -4.26
N ALA J 103 68.95 -23.52 -4.36
CA ALA J 103 69.53 -22.27 -3.88
C ALA J 103 69.27 -21.13 -4.85
N GLU J 104 69.18 -21.43 -6.16
CA GLU J 104 68.86 -20.38 -7.12
C GLU J 104 67.46 -19.84 -6.90
N ILE J 105 66.51 -20.71 -6.55
CA ILE J 105 65.15 -20.26 -6.30
C ILE J 105 65.10 -19.35 -5.06
N ALA J 106 65.74 -19.77 -3.97
CA ALA J 106 65.77 -18.95 -2.78
C ALA J 106 66.57 -17.66 -2.99
N ALA J 107 67.64 -17.73 -3.78
CA ALA J 107 68.55 -16.58 -3.93
C ALA J 107 67.86 -15.38 -4.59
N ALA J 108 67.02 -15.63 -5.57
CA ALA J 108 66.44 -14.55 -6.36
C ALA J 108 64.92 -14.65 -6.33
N ALA J 109 64.28 -13.50 -6.16
CA ALA J 109 62.83 -13.41 -6.23
C ALA J 109 62.38 -13.55 -7.69
N PRO J 110 61.09 -13.78 -7.94
CA PRO J 110 60.65 -13.88 -9.34
C PRO J 110 60.93 -12.58 -10.09
N SER J 111 61.53 -12.71 -11.27
CA SER J 111 61.92 -11.55 -12.06
C SER J 111 61.04 -11.31 -13.28
N ARG J 112 60.17 -12.25 -13.63
CA ARG J 112 59.28 -12.13 -14.77
C ARG J 112 57.87 -12.55 -14.38
N GLY J 113 56.90 -12.15 -15.20
CA GLY J 113 55.54 -12.56 -15.02
C GLY J 113 54.73 -11.66 -14.09
N ARG J 114 53.48 -12.08 -13.91
CA ARG J 114 52.54 -11.33 -13.10
C ARG J 114 53.03 -11.17 -11.65
N ALA J 115 53.62 -12.22 -11.09
CA ALA J 115 54.07 -12.22 -9.71
C ALA J 115 55.51 -11.78 -9.54
N ALA J 116 56.12 -11.22 -10.58
CA ALA J 116 57.52 -10.81 -10.49
C ALA J 116 57.72 -9.80 -9.37
N GLY J 117 58.81 -9.98 -8.63
CA GLY J 117 59.18 -9.07 -7.57
C GLY J 117 58.50 -9.30 -6.23
N ALA J 118 57.66 -10.32 -6.11
CA ALA J 118 56.97 -10.58 -4.87
C ALA J 118 57.77 -11.53 -4.00
N GLU J 119 57.41 -11.56 -2.71
CA GLU J 119 58.08 -12.46 -1.79
C GLU J 119 57.83 -13.90 -2.21
N ARG J 120 58.86 -14.72 -2.12
CA ARG J 120 58.80 -16.09 -2.62
C ARG J 120 58.58 -17.05 -1.46
N ALA J 121 57.59 -17.95 -1.61
CA ALA J 121 57.28 -18.95 -0.60
C ALA J 121 57.79 -20.32 -1.00
N LEU J 122 58.58 -20.95 -0.12
CA LEU J 122 59.16 -22.27 -0.38
C LEU J 122 58.60 -23.26 0.61
N LEU J 123 57.88 -24.26 0.10
CA LEU J 123 57.35 -25.33 0.93
C LEU J 123 58.01 -26.63 0.55
N SER J 124 58.21 -27.51 1.53
CA SER J 124 58.87 -28.79 1.28
C SER J 124 58.07 -29.92 1.92
N LEU J 125 57.81 -30.96 1.13
CA LEU J 125 57.17 -32.18 1.60
C LEU J 125 58.17 -33.32 1.54
N GLY J 126 58.53 -33.87 2.70
CA GLY J 126 59.53 -34.91 2.73
C GLY J 126 60.95 -34.42 2.72
N GLY J 127 61.15 -33.10 2.69
CA GLY J 127 62.48 -32.52 2.74
C GLY J 127 63.03 -32.40 4.15
N PRO J 128 64.31 -32.06 4.24
CA PRO J 128 64.95 -31.89 5.55
C PRO J 128 64.30 -30.77 6.34
N GLN J 129 64.09 -31.03 7.64
CA GLN J 129 63.36 -30.08 8.49
C GLN J 129 64.14 -28.77 8.69
N ASN J 130 65.44 -28.88 8.90
CA ASN J 130 66.31 -27.73 9.13
C ASN J 130 67.33 -27.66 8.01
N GLY J 131 67.30 -26.56 7.25
CA GLY J 131 68.22 -26.38 6.15
C GLY J 131 68.90 -25.02 6.22
N ALA J 132 69.96 -24.90 5.43
CA ALA J 132 70.61 -23.60 5.25
C ALA J 132 69.65 -22.61 4.59
N ILE J 133 68.84 -23.09 3.64
CA ILE J 133 67.83 -22.29 2.98
C ILE J 133 66.55 -22.28 3.82
N ARG J 134 66.05 -21.09 4.12
CA ARG J 134 64.85 -20.97 4.96
C ARG J 134 63.63 -21.35 4.15
N HIS J 135 62.86 -22.32 4.66
CA HIS J 135 61.69 -22.82 3.97
C HIS J 135 60.71 -23.35 5.00
N VAL J 136 59.48 -23.58 4.56
CA VAL J 136 58.42 -24.16 5.40
C VAL J 136 58.29 -25.64 5.08
N ALA J 137 58.75 -26.48 6.00
CA ALA J 137 58.78 -27.93 5.80
C ALA J 137 57.52 -28.58 6.35
N TYR J 138 57.00 -29.53 5.58
CA TYR J 138 55.83 -30.32 5.96
C TYR J 138 56.24 -31.78 6.10
N ALA J 139 55.84 -32.40 7.21
CA ALA J 139 56.25 -33.78 7.48
C ALA J 139 55.59 -34.75 6.51
N ALA J 140 56.39 -35.66 5.97
CA ALA J 140 55.83 -36.70 5.11
C ALA J 140 55.07 -37.70 5.96
N ASP J 141 54.05 -38.30 5.37
CA ASP J 141 53.27 -39.28 6.09
C ASP J 141 54.09 -40.54 6.34
N ALA J 142 53.66 -41.31 7.33
CA ALA J 142 54.41 -42.51 7.69
C ALA J 142 54.48 -43.49 6.53
N GLY J 143 53.39 -43.63 5.78
CA GLY J 143 53.36 -44.59 4.68
C GLY J 143 54.47 -44.32 3.68
N GLY J 144 54.73 -43.06 3.41
CA GLY J 144 55.77 -42.71 2.48
C GLY J 144 55.44 -41.41 1.75
N LEU J 145 56.37 -41.04 0.88
CA LEU J 145 56.21 -39.82 0.09
C LEU J 145 54.99 -39.92 -0.82
N THR J 146 54.79 -41.08 -1.46
CA THR J 146 53.65 -41.25 -2.35
C THR J 146 52.31 -41.20 -1.59
N ILE J 147 52.24 -41.78 -0.38
CA ILE J 147 51.00 -41.74 0.40
C ILE J 147 50.67 -40.30 0.79
N SER J 148 51.69 -39.52 1.11
CA SER J 148 51.48 -38.12 1.45
C SER J 148 50.90 -37.36 0.28
N LEU J 149 51.37 -37.65 -0.94
CA LEU J 149 50.88 -36.94 -2.11
C LEU J 149 49.38 -37.17 -2.28
N GLY J 150 48.92 -38.40 -2.09
CA GLY J 150 47.49 -38.66 -2.14
C GLY J 150 46.74 -37.96 -1.02
N HIS J 151 47.29 -37.98 0.19
CA HIS J 151 46.69 -37.27 1.32
C HIS J 151 46.52 -35.80 1.02
N LEU J 152 47.56 -35.17 0.44
CA LEU J 152 47.48 -33.74 0.13
C LEU J 152 46.38 -33.45 -0.88
N ARG J 153 46.27 -34.29 -1.91
CA ARG J 153 45.28 -34.04 -2.95
C ARG J 153 43.86 -34.06 -2.41
N ALA J 154 43.61 -34.83 -1.35
CA ALA J 154 42.27 -34.87 -0.78
C ALA J 154 41.88 -33.52 -0.19
N PHE J 155 42.81 -32.85 0.48
CA PHE J 155 42.51 -31.52 1.02
C PHE J 155 42.34 -30.50 -0.10
N ALA J 156 43.14 -30.62 -1.16
CA ALA J 156 43.01 -29.72 -2.29
C ALA J 156 41.68 -29.90 -3.02
N LYS J 157 41.14 -31.13 -3.02
CA LYS J 157 39.85 -31.39 -3.63
C LYS J 157 38.67 -30.98 -2.75
N GLY J 158 38.91 -30.60 -1.50
CA GLY J 158 37.85 -30.31 -0.57
C GLY J 158 37.15 -31.51 0.01
N HIS J 159 37.80 -32.67 0.01
CA HIS J 159 37.17 -33.89 0.52
C HIS J 159 37.40 -34.11 2.01
N LEU J 160 38.35 -33.42 2.62
CA LEU J 160 38.66 -33.56 4.04
C LEU J 160 38.33 -32.27 4.78
N ALA J 161 37.92 -32.41 6.05
CA ALA J 161 37.39 -31.27 6.81
C ALA J 161 38.39 -30.13 6.93
N GLY J 162 39.61 -30.43 7.28
CA GLY J 162 40.58 -29.39 7.49
C GLY J 162 41.25 -29.55 8.83
N GLU J 163 41.86 -28.45 9.29
CA GLU J 163 42.55 -28.37 10.58
C GLU J 163 43.60 -29.47 10.71
N ALA J 164 44.45 -29.55 9.71
CA ALA J 164 45.54 -30.51 9.67
C ALA J 164 46.72 -29.85 8.99
N ALA J 165 47.85 -30.54 8.99
CA ALA J 165 49.05 -30.00 8.38
C ALA J 165 48.83 -29.78 6.88
N PHE J 166 48.35 -30.82 6.18
CA PHE J 166 48.13 -30.67 4.74
C PHE J 166 46.99 -29.73 4.41
N ALA J 167 46.09 -29.45 5.35
CA ALA J 167 45.04 -28.47 5.09
C ALA J 167 45.64 -27.07 4.96
N ASP J 168 46.64 -26.75 5.78
CA ASP J 168 47.33 -25.48 5.60
C ASP J 168 48.13 -25.47 4.31
N LEU J 169 48.78 -26.58 3.96
CA LEU J 169 49.58 -26.63 2.74
C LEU J 169 48.72 -26.34 1.52
N ALA J 170 47.57 -27.02 1.42
CA ALA J 170 46.69 -26.81 0.29
C ALA J 170 46.24 -25.37 0.19
N LYS J 171 45.89 -24.74 1.33
CA LYS J 171 45.48 -23.34 1.29
C LYS J 171 46.57 -22.46 0.71
N ARG J 172 47.83 -22.75 1.05
CA ARG J 172 48.93 -21.95 0.55
C ARG J 172 49.16 -22.16 -0.95
N LEU J 173 48.92 -23.37 -1.47
CA LEU J 173 49.14 -23.62 -2.89
C LEU J 173 48.10 -22.87 -3.73
N PHE J 174 46.82 -23.03 -3.39
CA PHE J 174 45.74 -22.38 -4.14
C PHE J 174 45.89 -20.87 -4.18
N ALA J 175 46.51 -20.27 -3.16
CA ALA J 175 46.73 -18.82 -3.15
C ALA J 175 48.05 -18.49 -3.82
N ALA J 176 48.05 -18.62 -5.15
CA ALA J 176 49.28 -18.50 -5.90
C ALA J 176 49.03 -17.70 -7.18
N GLN J 177 50.12 -17.39 -7.84
CA GLN J 177 50.14 -16.77 -9.16
C GLN J 177 50.84 -17.64 -10.19
N TYR J 178 51.96 -18.26 -9.78
CA TYR J 178 52.69 -19.22 -10.60
C TYR J 178 53.24 -20.25 -9.63
N GLY J 179 52.58 -21.40 -9.55
CA GLY J 179 52.97 -22.46 -8.64
C GLY J 179 53.73 -23.55 -9.38
N VAL J 180 54.79 -24.06 -8.76
CA VAL J 180 55.59 -25.12 -9.35
C VAL J 180 55.84 -26.15 -8.27
N ILE J 181 55.59 -27.42 -8.60
CA ILE J 181 55.88 -28.54 -7.73
C ILE J 181 57.09 -29.26 -8.31
N VAL J 182 58.20 -29.22 -7.58
CA VAL J 182 59.44 -29.85 -8.01
C VAL J 182 59.48 -31.26 -7.44
N TYR J 183 59.76 -32.25 -8.28
CA TYR J 183 59.88 -33.60 -7.79
C TYR J 183 60.74 -34.43 -8.72
N ASP J 184 61.30 -35.50 -8.15
CA ASP J 184 62.06 -36.47 -8.93
C ASP J 184 61.22 -37.72 -9.11
N PRO J 185 60.83 -38.06 -10.34
CA PRO J 185 59.93 -39.21 -10.52
C PRO J 185 60.52 -40.52 -10.03
N GLU J 186 61.85 -40.64 -10.00
CA GLU J 186 62.47 -41.86 -9.52
C GLU J 186 62.12 -42.12 -8.06
N GLU J 187 62.34 -41.15 -7.19
CA GLU J 187 62.11 -41.34 -5.77
C GLU J 187 60.63 -41.26 -5.39
N VAL J 188 59.79 -40.62 -6.20
CA VAL J 188 58.36 -40.52 -5.89
C VAL J 188 57.60 -41.71 -6.46
N GLY J 189 57.99 -42.20 -7.64
CA GLY J 189 57.39 -43.40 -8.18
C GLY J 189 56.30 -43.11 -9.18
N GLU J 190 55.94 -44.15 -9.94
CA GLU J 190 54.94 -43.98 -11.00
C GLU J 190 53.60 -43.54 -10.41
N LEU J 191 53.13 -44.22 -9.36
CA LEU J 191 51.84 -43.85 -8.79
C LEU J 191 51.88 -42.45 -8.20
N GLY J 192 52.99 -42.12 -7.51
CA GLY J 192 53.10 -40.78 -6.95
C GLY J 192 53.10 -39.70 -8.01
N ALA J 193 53.74 -39.96 -9.15
CA ALA J 193 53.80 -38.96 -10.21
C ALA J 193 52.42 -38.72 -10.81
N GLU J 194 51.67 -39.79 -11.09
CA GLU J 194 50.32 -39.61 -11.63
C GLU J 194 49.41 -38.90 -10.64
N MET J 195 49.56 -39.20 -9.35
CA MET J 195 48.81 -38.44 -8.34
C MET J 195 49.29 -37.00 -8.28
N LEU J 196 50.60 -36.79 -8.28
CA LEU J 196 51.13 -35.43 -8.28
C LEU J 196 50.61 -34.65 -9.47
N GLN J 197 50.59 -35.29 -10.64
CA GLN J 197 50.12 -34.58 -11.82
C GLN J 197 48.62 -34.31 -11.76
N GLY J 198 47.86 -35.16 -11.08
CA GLY J 198 46.45 -34.90 -10.88
C GLY J 198 46.23 -33.73 -9.94
N LEU J 199 47.01 -33.67 -8.85
CA LEU J 199 46.94 -32.54 -7.94
C LEU J 199 47.12 -31.22 -8.67
N ILE J 200 48.01 -31.20 -9.66
CA ILE J 200 48.19 -29.96 -10.43
C ILE J 200 46.97 -29.66 -11.28
N ARG J 201 46.35 -30.70 -11.85
CA ARG J 201 45.13 -30.49 -12.60
C ARG J 201 44.07 -29.85 -11.72
N ASP J 202 43.98 -30.30 -10.45
CA ASP J 202 43.02 -29.74 -9.51
C ASP J 202 43.36 -28.30 -9.16
N LEU J 203 44.64 -27.99 -9.04
CA LEU J 203 45.04 -26.64 -8.66
C LEU J 203 44.76 -25.65 -9.78
N ASN J 204 44.85 -26.10 -11.04
CA ASN J 204 44.68 -25.22 -12.20
C ASN J 204 43.23 -24.80 -12.41
N GLU J 205 42.30 -25.32 -11.62
CA GLU J 205 40.95 -24.80 -11.67
C GLU J 205 40.86 -23.41 -11.07
N SER J 206 41.89 -22.98 -10.32
CA SER J 206 41.92 -21.68 -9.65
C SER J 206 43.09 -20.80 -10.07
N THR J 207 44.32 -21.34 -10.08
CA THR J 207 45.51 -20.57 -10.44
C THR J 207 46.43 -21.45 -11.29
N ARG J 208 47.44 -20.86 -11.92
CA ARG J 208 48.34 -21.61 -12.79
C ARG J 208 49.40 -22.34 -11.96
N PHE J 209 49.44 -23.67 -12.08
CA PHE J 209 50.43 -24.51 -11.40
C PHE J 209 51.08 -25.43 -12.42
N PHE J 210 52.33 -25.81 -12.16
CA PHE J 210 53.07 -26.66 -13.09
C PHE J 210 53.94 -27.63 -12.31
N ALA J 211 54.49 -28.60 -13.02
CA ALA J 211 55.37 -29.59 -12.45
C ALA J 211 56.75 -29.44 -13.05
N LEU J 212 57.78 -29.52 -12.21
CA LEU J 212 59.17 -29.53 -12.66
C LEU J 212 59.71 -30.94 -12.44
N THR J 213 59.46 -31.82 -13.42
CA THR J 213 59.97 -33.18 -13.35
C THR J 213 61.48 -33.19 -13.55
N LEU J 214 62.21 -33.68 -12.54
CA LEU J 214 63.68 -33.70 -12.59
C LEU J 214 64.20 -34.72 -13.59
N ALA J 215 65.32 -34.37 -14.23
CA ALA J 215 65.95 -35.23 -15.24
C ALA J 215 66.99 -36.14 -14.61
N ASP J 216 67.15 -37.32 -15.21
CA ASP J 216 68.16 -38.25 -14.79
C ASP J 216 69.54 -37.77 -15.23
N PRO J 217 70.60 -38.17 -14.53
CA PRO J 217 71.95 -37.70 -14.88
C PRO J 217 72.74 -38.61 -15.79
N PHE J 218 72.09 -39.53 -16.51
CA PHE J 218 72.79 -40.49 -17.38
C PHE J 218 72.18 -40.52 -18.77
N GLN J 219 71.84 -39.35 -19.30
CA GLN J 219 71.38 -39.13 -20.67
C GLN J 219 70.09 -39.87 -21.01
N GLY J 220 69.38 -40.41 -20.02
CA GLY J 220 68.16 -41.13 -20.29
C GLY J 220 67.08 -40.27 -20.93
N ARG J 221 67.01 -38.99 -20.57
CA ARG J 221 66.00 -38.13 -21.15
C ARG J 221 66.27 -37.84 -22.62
N ALA J 222 67.55 -37.77 -22.99
CA ALA J 222 67.90 -37.63 -24.40
C ALA J 222 67.58 -38.90 -25.18
N ALA J 223 67.76 -40.06 -24.56
CA ALA J 223 67.40 -41.31 -25.24
C ALA J 223 65.91 -41.37 -25.56
N VAL J 224 65.07 -40.88 -24.65
CA VAL J 224 63.63 -40.85 -24.90
C VAL J 224 63.31 -39.98 -26.11
N GLN J 225 63.90 -38.78 -26.15
CA GLN J 225 63.67 -37.85 -27.25
C GLN J 225 64.06 -38.48 -28.58
N LEU J 226 65.26 -39.04 -28.65
CA LEU J 226 65.77 -39.63 -29.89
C LEU J 226 64.97 -40.87 -30.28
N SER J 227 64.79 -41.80 -29.34
CA SER J 227 64.03 -43.02 -29.64
C SER J 227 62.65 -42.68 -30.16
N ALA J 228 62.06 -41.61 -29.64
CA ALA J 228 60.70 -41.27 -30.02
C ALA J 228 60.60 -40.96 -31.51
N TRP J 229 61.59 -40.25 -32.05
CA TRP J 229 61.56 -39.91 -33.47
C TRP J 229 62.23 -40.95 -34.37
N THR J 230 62.98 -41.90 -33.81
CA THR J 230 63.57 -42.95 -34.63
C THR J 230 62.67 -44.17 -34.72
N THR J 231 62.12 -44.61 -33.58
CA THR J 231 61.26 -45.79 -33.56
C THR J 231 59.77 -45.44 -33.51
N GLY J 232 59.41 -44.23 -33.13
CA GLY J 232 58.02 -43.91 -32.93
C GLY J 232 57.50 -44.26 -31.56
N GLN J 233 58.33 -44.84 -30.70
CA GLN J 233 57.96 -45.25 -29.37
C GLN J 233 59.10 -44.92 -28.40
N ALA J 234 58.79 -45.03 -27.11
CA ALA J 234 59.75 -44.81 -26.04
C ALA J 234 60.88 -45.82 -26.15
N PRO J 235 61.95 -45.73 -25.32
CA PRO J 235 63.01 -46.75 -25.39
C PRO J 235 62.52 -48.12 -24.95
N ARG J 236 63.41 -48.99 -24.52
CA ARG J 236 63.04 -50.37 -24.16
C ARG J 236 62.22 -50.98 -25.29
N VAL J 237 62.78 -50.93 -26.50
CA VAL J 237 62.11 -51.42 -27.69
C VAL J 237 62.98 -52.54 -28.26
N GLY J 238 62.33 -53.55 -28.82
CA GLY J 238 63.04 -54.71 -29.35
C GLY J 238 62.70 -54.90 -30.82
N PHE J 239 63.70 -55.29 -31.59
CA PHE J 239 63.57 -55.42 -33.04
C PHE J 239 63.66 -56.87 -33.52
N GLY J 240 63.30 -57.83 -32.68
CA GLY J 240 63.33 -59.21 -33.11
C GLY J 240 62.45 -59.47 -34.31
N ARG J 241 61.32 -58.76 -34.40
CA ARG J 241 60.37 -58.95 -35.47
C ARG J 241 60.43 -57.83 -36.51
N HIS J 242 61.63 -57.26 -36.70
CA HIS J 242 61.93 -56.21 -37.66
C HIS J 242 61.14 -54.93 -37.40
N GLN J 243 60.10 -55.03 -36.59
CA GLN J 243 59.37 -53.83 -36.23
C GLN J 243 59.63 -53.51 -34.78
N PRO J 244 59.60 -52.24 -34.38
CA PRO J 244 59.92 -51.92 -33.00
C PRO J 244 58.77 -52.29 -32.07
N GLU J 245 58.97 -53.34 -31.28
CA GLU J 245 58.00 -53.77 -30.28
C GLU J 245 58.37 -53.09 -28.97
N HIS J 246 57.46 -52.33 -28.40
CA HIS J 246 57.71 -51.71 -27.11
C HIS J 246 57.15 -52.56 -25.97
N ASP J 247 58.01 -52.89 -25.01
CA ASP J 247 57.57 -53.67 -23.85
C ASP J 247 58.44 -53.25 -22.68
N SER J 248 57.94 -52.34 -21.85
CA SER J 248 58.73 -51.81 -20.75
C SER J 248 59.17 -52.93 -19.83
N TRP J 249 58.37 -53.98 -19.74
CA TRP J 249 58.67 -55.11 -18.90
C TRP J 249 59.57 -56.13 -19.60
N ARG J 250 59.22 -56.52 -20.84
CA ARG J 250 59.96 -57.60 -21.49
C ARG J 250 61.37 -57.16 -21.86
N PHE J 251 61.53 -55.92 -22.32
CA PHE J 251 62.83 -55.43 -22.75
C PHE J 251 63.55 -54.68 -21.63
N ASP J 252 63.29 -55.03 -20.38
CA ASP J 252 63.99 -54.46 -19.25
C ASP J 252 65.27 -55.27 -19.05
N SER J 253 66.42 -54.65 -19.35
CA SER J 253 67.69 -55.38 -19.35
C SER J 253 67.96 -56.03 -18.00
N ALA J 254 67.64 -55.34 -16.88
CA ALA J 254 67.86 -55.93 -15.57
C ALA J 254 67.05 -57.21 -15.43
N ARG J 255 65.79 -57.17 -15.85
CA ARG J 255 64.93 -58.35 -15.84
C ARG J 255 65.50 -59.42 -16.77
N GLN J 256 65.88 -59.01 -17.99
CA GLN J 256 66.37 -59.97 -18.97
C GLN J 256 67.61 -60.69 -18.47
N ILE J 257 68.55 -59.96 -17.87
CA ILE J 257 69.79 -60.58 -17.40
C ILE J 257 69.50 -61.52 -16.24
N ALA J 258 68.61 -61.10 -15.33
CA ALA J 258 68.26 -61.95 -14.19
C ALA J 258 67.62 -63.26 -14.64
N ALA J 259 66.75 -63.20 -15.64
CA ALA J 259 66.09 -64.42 -16.14
C ALA J 259 67.07 -65.37 -16.84
N GLY J 260 68.10 -64.82 -17.47
CA GLY J 260 68.99 -65.64 -18.26
C GLY J 260 68.55 -65.76 -19.69
N GLU J 261 67.69 -64.86 -20.15
CA GLU J 261 67.15 -64.90 -21.50
C GLU J 261 68.19 -64.42 -22.52
N ALA J 262 68.91 -63.36 -22.18
CA ALA J 262 69.88 -62.75 -23.09
C ALA J 262 71.20 -63.50 -23.11
N ASP J 263 71.73 -63.73 -24.32
CA ASP J 263 73.02 -64.38 -24.49
C ASP J 263 74.18 -63.39 -24.42
N ALA J 264 74.09 -62.30 -25.18
CA ALA J 264 75.14 -61.29 -25.20
C ALA J 264 74.53 -59.91 -24.95
N ALA J 265 75.41 -58.97 -24.60
CA ALA J 265 74.97 -57.61 -24.30
C ALA J 265 76.07 -56.62 -24.66
N LEU J 266 75.66 -55.42 -25.07
CA LEU J 266 76.58 -54.33 -25.36
C LEU J 266 76.34 -53.21 -24.37
N TRP J 267 77.41 -52.74 -23.75
CA TRP J 267 77.37 -51.71 -22.72
C TRP J 267 77.84 -50.39 -23.32
N LEU J 268 76.96 -49.40 -23.35
CA LEU J 268 77.27 -48.11 -23.95
C LEU J 268 77.39 -47.05 -22.85
N ALA J 269 78.62 -46.60 -22.60
CA ALA J 269 78.85 -45.65 -21.52
C ALA J 269 80.03 -44.73 -21.89
N SER J 270 79.78 -43.81 -22.82
CA SER J 270 80.77 -42.79 -23.11
C SER J 270 80.97 -41.86 -21.93
N LEU J 271 79.90 -41.60 -21.19
CA LEU J 271 79.91 -40.78 -19.99
C LEU J 271 79.79 -41.67 -18.75
N PRO J 272 80.27 -41.20 -17.61
CA PRO J 272 80.25 -42.03 -16.40
C PRO J 272 78.84 -42.53 -16.09
N ALA J 273 78.73 -43.85 -15.94
CA ALA J 273 77.49 -44.53 -15.62
C ALA J 273 77.78 -45.67 -14.66
N PRO J 274 76.83 -46.04 -13.82
CA PRO J 274 77.07 -47.12 -12.86
C PRO J 274 77.30 -48.45 -13.56
N ARG J 275 78.35 -49.16 -13.15
CA ARG J 275 78.65 -50.47 -13.72
C ARG J 275 77.51 -51.44 -13.41
N PRO J 276 77.08 -52.25 -14.38
CA PRO J 276 75.92 -53.13 -14.13
C PRO J 276 76.24 -54.40 -13.35
N ALA J 277 77.52 -54.71 -13.12
CA ALA J 277 77.95 -55.85 -12.29
C ALA J 277 77.65 -57.21 -12.91
N TRP J 278 76.89 -57.26 -14.01
CA TRP J 278 76.66 -58.51 -14.71
C TRP J 278 77.53 -58.66 -15.96
N LEU J 279 78.47 -57.73 -16.17
CA LEU J 279 79.29 -57.75 -17.37
C LEU J 279 80.08 -59.04 -17.50
N GLY J 280 80.49 -59.63 -16.38
CA GLY J 280 81.25 -60.86 -16.44
C GLY J 280 80.43 -62.10 -16.69
N SER J 281 79.14 -62.09 -16.36
CA SER J 281 78.36 -63.32 -16.43
C SER J 281 78.12 -63.75 -17.88
N LEU J 282 77.79 -62.83 -18.77
CA LEU J 282 77.52 -63.12 -20.16
C LEU J 282 78.49 -62.37 -21.08
N PRO J 283 78.74 -62.88 -22.29
CA PRO J 283 79.67 -62.21 -23.21
C PRO J 283 79.18 -60.81 -23.55
N THR J 284 80.00 -59.82 -23.22
CA THR J 284 79.63 -58.41 -23.31
C THR J 284 80.64 -57.63 -24.14
N ILE J 285 80.14 -56.58 -24.77
CA ILE J 285 80.96 -55.63 -25.53
C ILE J 285 80.85 -54.28 -24.84
N ALA J 286 81.99 -53.75 -24.38
CA ALA J 286 82.03 -52.53 -23.57
C ALA J 286 82.60 -51.37 -24.38
N ILE J 287 81.74 -50.42 -24.73
CA ILE J 287 82.14 -49.16 -25.35
C ILE J 287 82.09 -48.11 -24.25
N VAL J 288 83.25 -47.75 -23.71
CA VAL J 288 83.34 -46.87 -22.56
C VAL J 288 84.40 -45.81 -22.84
N GLY J 289 84.37 -44.72 -22.06
CA GLY J 289 85.31 -43.65 -22.25
C GLY J 289 86.71 -44.01 -21.77
N GLU J 290 87.69 -43.28 -22.33
CA GLU J 290 89.09 -43.56 -22.00
C GLU J 290 89.40 -43.25 -20.55
N GLY J 291 88.80 -42.18 -20.01
CA GLY J 291 89.08 -41.80 -18.64
C GLY J 291 88.48 -42.72 -17.60
N SER J 292 87.39 -43.40 -17.94
CA SER J 292 86.65 -44.20 -16.97
C SER J 292 87.51 -45.32 -16.38
N GLN J 293 87.06 -45.83 -15.22
CA GLN J 293 87.75 -46.93 -14.57
C GLN J 293 87.52 -48.25 -15.26
N GLU J 294 86.45 -48.38 -16.07
CA GLU J 294 86.09 -49.58 -16.83
C GLU J 294 87.00 -49.81 -18.08
N ALA J 295 88.07 -49.01 -18.20
CA ALA J 295 88.94 -49.07 -19.37
C ALA J 295 89.66 -50.42 -19.49
N ALA J 296 89.96 -51.07 -18.37
CA ALA J 296 90.72 -52.32 -18.41
C ALA J 296 89.95 -53.40 -19.17
N GLY J 297 90.69 -54.30 -19.82
CA GLY J 297 90.13 -55.37 -20.64
C GLY J 297 89.45 -56.49 -19.88
N GLU J 298 89.49 -56.45 -18.55
CA GLU J 298 88.86 -57.46 -17.70
C GLU J 298 87.37 -57.24 -17.52
N THR J 299 86.88 -56.02 -17.72
CA THR J 299 85.47 -55.70 -17.48
C THR J 299 84.54 -56.45 -18.42
N ALA J 300 84.87 -56.52 -19.70
CA ALA J 300 84.01 -57.17 -20.68
C ALA J 300 84.85 -57.99 -21.65
N GLU J 301 84.19 -58.88 -22.40
CA GLU J 301 84.91 -59.69 -23.38
C GLU J 301 85.59 -58.81 -24.41
N VAL J 302 84.86 -57.85 -24.97
CA VAL J 302 85.41 -56.89 -25.91
C VAL J 302 85.22 -55.51 -25.29
N VAL J 303 86.32 -54.78 -25.16
CA VAL J 303 86.34 -53.45 -24.56
C VAL J 303 87.00 -52.51 -25.56
N ILE J 304 86.30 -51.44 -25.91
CA ILE J 304 86.82 -50.45 -26.85
C ILE J 304 86.69 -49.07 -26.23
N THR J 305 87.82 -48.37 -26.08
CA THR J 305 87.83 -47.04 -25.50
C THR J 305 87.51 -45.99 -26.56
N VAL J 306 86.53 -45.14 -26.26
CA VAL J 306 86.12 -44.05 -27.15
C VAL J 306 86.32 -42.69 -26.47
N GLY J 307 85.96 -41.62 -27.17
CA GLY J 307 86.12 -40.27 -26.62
C GLY J 307 84.94 -39.85 -25.77
N VAL J 308 85.24 -39.35 -24.58
CA VAL J 308 84.22 -38.86 -23.65
C VAL J 308 83.68 -37.54 -24.19
N PRO J 309 82.38 -37.44 -24.44
CA PRO J 309 81.82 -36.20 -25.00
C PRO J 309 81.77 -35.08 -23.98
N GLY J 310 82.08 -33.87 -24.43
CA GLY J 310 82.15 -32.73 -23.56
C GLY J 310 83.49 -32.54 -22.89
N GLN J 311 84.36 -33.54 -22.94
CA GLN J 311 85.70 -33.47 -22.35
C GLN J 311 86.77 -33.67 -23.41
N SER J 312 86.83 -34.83 -24.05
CA SER J 312 87.85 -35.11 -25.06
C SER J 312 87.35 -35.03 -26.49
N VAL J 313 86.04 -35.16 -26.72
CA VAL J 313 85.47 -35.08 -28.06
C VAL J 313 84.14 -34.34 -27.97
N GLY J 314 83.68 -33.82 -29.12
CA GLY J 314 82.41 -33.13 -29.16
C GLY J 314 81.22 -34.08 -29.22
N GLY J 315 80.07 -33.57 -28.78
CA GLY J 315 78.86 -34.36 -28.79
C GLY J 315 77.65 -33.59 -28.31
N ALA J 316 76.47 -33.97 -28.79
CA ALA J 316 75.22 -33.36 -28.36
C ALA J 316 74.70 -34.14 -27.14
N LEU J 317 74.72 -33.49 -25.98
CA LEU J 317 74.36 -34.11 -24.70
C LEU J 317 73.16 -33.42 -24.08
N TRP J 318 72.56 -34.08 -23.10
CA TRP J 318 71.46 -33.47 -22.39
C TRP J 318 71.97 -32.40 -21.43
N ASN J 319 71.49 -31.18 -21.62
CA ASN J 319 71.86 -30.03 -20.80
C ASN J 319 70.92 -29.95 -19.61
N ASP J 320 71.45 -30.09 -18.39
CA ASP J 320 70.57 -30.09 -17.23
C ASP J 320 69.93 -28.72 -17.02
N ARG J 321 70.70 -27.65 -17.20
CA ARG J 321 70.15 -26.32 -16.97
C ARG J 321 69.10 -25.93 -18.00
N ARG J 322 69.42 -26.13 -19.28
CA ARG J 322 68.51 -25.71 -20.34
C ARG J 322 67.30 -26.62 -20.45
N GLY J 323 67.47 -27.91 -20.16
CA GLY J 323 66.40 -28.88 -20.27
C GLY J 323 66.16 -29.41 -21.66
N VAL J 324 67.15 -29.34 -22.55
CA VAL J 324 67.03 -29.78 -23.93
C VAL J 324 68.38 -30.36 -24.36
N ILE J 325 68.42 -30.93 -25.56
CA ILE J 325 69.68 -31.45 -26.10
C ILE J 325 70.49 -30.29 -26.67
N ALA J 326 71.77 -30.24 -26.29
CA ALA J 326 72.67 -29.18 -26.76
C ALA J 326 74.03 -29.78 -27.06
N TYR J 327 74.75 -29.14 -27.96
CA TYR J 327 76.06 -29.62 -28.39
C TYR J 327 77.15 -29.03 -27.48
N ALA J 328 77.90 -29.91 -26.83
CA ALA J 328 78.99 -29.50 -25.94
C ALA J 328 80.31 -29.76 -26.65
N GLU J 329 81.06 -28.69 -26.90
CA GLU J 329 82.38 -28.83 -27.50
C GLU J 329 83.37 -29.38 -26.48
N ALA J 330 84.44 -29.97 -26.98
CA ALA J 330 85.41 -30.63 -26.11
C ALA J 330 86.15 -29.63 -25.23
N SER J 331 86.24 -29.94 -23.93
CA SER J 331 86.89 -29.08 -22.95
C SER J 331 88.37 -29.35 -22.98
N ASP J 332 89.10 -28.55 -23.76
CA ASP J 332 90.54 -28.67 -23.90
C ASP J 332 90.94 -30.11 -24.20
N PRO J 333 90.66 -30.61 -25.41
CA PRO J 333 91.11 -31.96 -25.75
C PRO J 333 92.61 -32.02 -26.01
N GLU J 339 94.06 -39.77 -34.03
CA GLU J 339 92.69 -39.26 -33.96
C GLU J 339 91.84 -40.23 -33.14
N THR J 340 91.17 -39.68 -32.13
CA THR J 340 90.41 -40.51 -31.20
C THR J 340 89.11 -41.01 -31.84
N GLU J 341 88.65 -42.16 -31.36
CA GLU J 341 87.44 -42.80 -31.84
C GLU J 341 86.25 -42.39 -30.97
N THR J 342 85.08 -42.32 -31.59
CA THR J 342 83.83 -42.01 -30.90
C THR J 342 82.94 -43.22 -30.77
N ALA J 343 82.01 -43.14 -29.82
CA ALA J 343 81.07 -44.25 -29.65
C ALA J 343 80.20 -44.45 -30.89
N ALA J 344 79.82 -43.35 -31.55
CA ALA J 344 79.01 -43.46 -32.76
C ALA J 344 79.77 -44.10 -33.91
N GLY J 345 81.07 -43.80 -34.01
CA GLY J 345 81.89 -44.37 -35.08
C GLY J 345 82.15 -45.85 -34.91
N VAL J 346 82.16 -46.34 -33.67
CA VAL J 346 82.35 -47.76 -33.41
C VAL J 346 81.08 -48.54 -33.74
N LEU J 347 79.96 -48.08 -33.19
CA LEU J 347 78.69 -48.78 -33.40
C LEU J 347 78.29 -48.83 -34.86
N THR J 348 78.61 -47.79 -35.64
CA THR J 348 78.33 -47.87 -37.07
C THR J 348 79.23 -48.90 -37.73
N ARG J 349 80.48 -49.00 -37.28
CA ARG J 349 81.39 -49.95 -37.89
C ARG J 349 80.98 -51.38 -37.58
N ILE J 350 80.47 -51.63 -36.36
CA ILE J 350 79.98 -52.96 -36.05
C ILE J 350 78.72 -53.28 -36.85
N ARG J 351 77.85 -52.28 -37.05
CA ARG J 351 76.68 -52.49 -37.88
C ARG J 351 77.08 -52.76 -39.32
N ASP J 352 78.11 -52.07 -39.80
CA ASP J 352 78.59 -52.32 -41.15
C ASP J 352 79.18 -53.71 -41.28
N ARG J 353 79.89 -54.17 -40.23
CA ARG J 353 80.48 -55.50 -40.28
C ARG J 353 79.41 -56.58 -40.16
N LEU J 354 78.32 -56.31 -39.45
CA LEU J 354 77.24 -57.28 -39.35
C LEU J 354 76.47 -57.39 -40.66
N ILE J 355 76.26 -56.26 -41.34
CA ILE J 355 75.59 -56.30 -42.64
C ILE J 355 76.47 -57.00 -43.67
N GLU J 356 77.78 -56.79 -43.59
CA GLU J 356 78.69 -57.46 -44.51
C GLU J 356 78.65 -58.98 -44.34
N LYS J 357 78.51 -59.45 -43.10
CA LYS J 357 78.43 -60.89 -42.88
C LYS J 357 77.12 -61.47 -43.39
N GLY J 358 76.05 -60.67 -43.40
CA GLY J 358 74.75 -61.16 -43.87
C GLY J 358 74.67 -61.37 -45.37
N VAL J 359 75.45 -60.61 -46.14
CA VAL J 359 75.43 -60.74 -47.60
C VAL J 359 76.11 -62.03 -48.02
N SER J 360 77.30 -62.29 -47.50
CA SER J 360 78.05 -63.49 -47.84
C SER J 360 78.41 -64.29 -46.59
N SER K 1 42.47 -80.69 -29.26
CA SER K 1 43.79 -80.28 -29.73
C SER K 1 44.76 -80.14 -28.56
N THR K 2 45.85 -80.89 -28.59
CA THR K 2 46.81 -80.93 -27.49
C THR K 2 48.20 -80.55 -28.01
N LEU K 3 48.86 -79.63 -27.31
CA LEU K 3 50.21 -79.16 -27.64
C LEU K 3 51.14 -79.61 -26.52
N ARG K 4 51.92 -80.66 -26.78
CA ARG K 4 52.80 -81.25 -25.78
C ARG K 4 54.16 -80.55 -25.84
N LEU K 5 54.47 -79.77 -24.79
CA LEU K 5 55.71 -79.02 -24.73
C LEU K 5 56.92 -79.96 -24.76
N ARG K 6 57.75 -79.80 -25.80
CA ARG K 6 58.89 -80.69 -25.99
C ARG K 6 59.95 -80.55 -24.91
N GLY K 7 60.28 -79.32 -24.52
CA GLY K 7 61.31 -79.13 -23.52
C GLY K 7 61.38 -77.70 -23.03
N ASP K 8 62.52 -77.35 -22.44
CA ASP K 8 62.69 -76.02 -21.89
C ASP K 8 62.80 -74.98 -23.00
N LEU K 9 62.23 -73.82 -22.77
CA LEU K 9 62.21 -72.78 -23.80
C LEU K 9 63.52 -72.00 -23.78
N PRO K 10 64.18 -71.84 -24.92
CA PRO K 10 65.42 -71.04 -24.95
C PRO K 10 65.21 -69.54 -24.99
N GLU K 11 64.02 -69.08 -25.35
CA GLU K 11 63.74 -67.65 -25.42
C GLU K 11 62.27 -67.45 -25.09
N ARG K 12 61.91 -66.19 -24.92
CA ARG K 12 60.52 -65.85 -24.66
C ARG K 12 59.68 -66.14 -25.90
N VAL K 13 58.41 -66.50 -25.68
CA VAL K 13 57.53 -66.98 -26.73
C VAL K 13 56.21 -66.24 -26.66
N ASP K 14 55.71 -65.79 -27.82
CA ASP K 14 54.45 -65.07 -27.92
C ASP K 14 53.43 -65.96 -28.59
N LEU K 15 52.46 -66.44 -27.80
CA LEU K 15 51.44 -67.38 -28.24
C LEU K 15 50.17 -66.70 -28.71
N LEU K 16 50.26 -65.49 -29.26
CA LEU K 16 49.07 -64.79 -29.71
C LEU K 16 48.48 -65.48 -30.93
N ASN K 17 47.14 -65.45 -31.02
CA ASN K 17 46.38 -66.00 -32.13
C ASN K 17 46.58 -67.51 -32.29
N ILE K 18 47.00 -68.20 -31.22
CA ILE K 18 47.08 -69.65 -31.23
C ILE K 18 45.86 -70.16 -30.45
N THR K 19 44.68 -69.70 -30.84
CA THR K 19 43.38 -70.02 -30.28
C THR K 19 42.74 -71.15 -31.06
N PRO K 20 42.03 -72.07 -30.41
CA PRO K 20 41.53 -73.28 -31.10
C PRO K 20 40.77 -73.00 -32.38
N LEU K 21 40.16 -71.82 -32.50
CA LEU K 21 39.51 -71.45 -33.77
C LEU K 21 40.53 -71.33 -34.90
N ALA K 22 41.66 -70.66 -34.63
CA ALA K 22 42.66 -70.50 -35.67
C ALA K 22 43.33 -71.82 -36.03
N LEU K 23 43.72 -72.63 -35.04
CA LEU K 23 44.33 -73.91 -35.39
C LEU K 23 43.32 -74.83 -36.08
N SER K 24 42.04 -74.76 -35.69
CA SER K 24 41.05 -75.66 -36.29
C SER K 24 40.97 -75.48 -37.79
N GLY K 25 40.98 -74.24 -38.27
CA GLY K 25 40.92 -74.02 -39.70
C GLY K 25 42.13 -74.58 -40.42
N LEU K 26 43.30 -74.44 -39.83
CA LEU K 26 44.55 -74.77 -40.49
C LEU K 26 44.84 -76.26 -40.38
N SER K 27 45.68 -76.73 -41.30
CA SER K 27 46.16 -78.10 -41.30
C SER K 27 47.19 -78.32 -40.20
N GLU K 28 47.32 -79.58 -39.77
CA GLU K 28 48.23 -79.93 -38.69
C GLU K 28 49.69 -79.66 -39.08
N THR K 29 50.05 -79.97 -40.32
CA THR K 29 51.42 -79.68 -40.78
C THR K 29 51.67 -78.19 -40.95
N GLU K 30 50.67 -77.45 -41.45
CA GLU K 30 50.85 -76.02 -41.64
C GLU K 30 50.97 -75.29 -40.31
N ALA K 31 50.23 -75.75 -39.29
CA ALA K 31 50.25 -75.07 -38.00
C ALA K 31 51.63 -75.15 -37.35
N GLY K 32 52.35 -76.24 -37.58
CA GLY K 32 53.69 -76.37 -37.03
C GLY K 32 54.64 -75.30 -37.50
N LYS K 33 54.44 -74.80 -38.72
CA LYS K 33 55.32 -73.79 -39.29
C LYS K 33 55.07 -72.39 -38.73
N LEU K 34 54.05 -72.20 -37.88
CA LEU K 34 53.74 -70.89 -37.33
C LEU K 34 54.85 -70.44 -36.39
N ALA K 35 55.47 -69.31 -36.72
CA ALA K 35 56.53 -68.77 -35.87
C ALA K 35 55.90 -68.02 -34.70
N ILE K 36 56.37 -68.34 -33.49
CA ILE K 36 55.92 -67.68 -32.28
C ILE K 36 57.06 -67.07 -31.48
N GLY K 37 58.30 -67.25 -31.91
CA GLY K 37 59.43 -66.79 -31.13
C GLY K 37 59.60 -65.28 -31.18
N THR K 38 60.09 -64.72 -30.08
CA THR K 38 60.40 -63.30 -30.04
C THR K 38 61.71 -62.98 -30.78
N SER K 39 62.73 -63.82 -30.67
CA SER K 39 64.03 -63.51 -31.23
C SER K 39 64.05 -63.58 -32.75
N ARG K 40 65.15 -63.09 -33.34
CA ARG K 40 65.37 -63.17 -34.78
C ARG K 40 65.53 -64.62 -35.24
N ARG K 41 66.25 -65.43 -34.47
CA ARG K 41 66.34 -66.85 -34.80
C ARG K 41 64.97 -67.50 -34.80
N GLY K 42 64.06 -67.00 -33.96
CA GLY K 42 62.69 -67.44 -33.96
C GLY K 42 62.51 -68.87 -33.53
N LEU K 43 61.25 -69.27 -33.44
CA LEU K 43 60.84 -70.61 -33.07
C LEU K 43 59.48 -70.85 -33.70
N THR K 44 59.31 -72.02 -34.29
CA THR K 44 57.98 -72.38 -34.81
C THR K 44 57.27 -73.28 -33.81
N LEU K 45 55.93 -73.35 -33.97
CA LEU K 45 55.11 -74.17 -33.09
C LEU K 45 55.56 -75.62 -33.06
N GLY K 46 56.07 -76.13 -34.19
CA GLY K 46 56.57 -77.49 -34.23
C GLY K 46 57.85 -77.66 -33.44
N ASP K 47 58.67 -76.61 -33.37
CA ASP K 47 59.89 -76.70 -32.57
C ASP K 47 59.59 -76.76 -31.09
N VAL K 48 58.51 -76.10 -30.66
CA VAL K 48 58.20 -76.01 -29.25
C VAL K 48 57.29 -77.14 -28.79
N PHE K 49 56.20 -77.40 -29.52
CA PHE K 49 55.23 -78.39 -29.08
C PHE K 49 55.10 -79.53 -30.09
N GLU K 50 54.60 -80.65 -29.57
CA GLU K 50 54.17 -81.79 -30.35
C GLU K 50 52.71 -81.58 -30.67
N ILE K 51 52.41 -81.15 -31.89
CA ILE K 51 51.06 -80.71 -32.23
C ILE K 51 50.22 -81.90 -32.61
N ARG K 52 49.12 -82.11 -31.88
CA ARG K 52 48.07 -83.06 -32.25
C ARG K 52 46.80 -82.24 -32.38
N LEU K 53 46.23 -82.24 -33.58
CA LEU K 53 45.17 -81.30 -33.92
C LEU K 53 43.89 -82.04 -34.30
N ASP K 54 42.76 -81.41 -33.97
CA ASP K 54 41.44 -81.88 -34.36
C ASP K 54 40.52 -80.68 -34.45
N GLY K 55 39.49 -80.81 -35.26
CA GLY K 55 38.59 -79.70 -35.46
C GLY K 55 37.70 -79.42 -34.27
N SER K 56 38.27 -78.86 -33.20
CA SER K 56 37.50 -78.62 -31.99
C SER K 56 37.82 -77.23 -31.44
N ASP K 57 36.89 -76.73 -30.64
CA ASP K 57 37.06 -75.47 -29.92
C ASP K 57 37.76 -75.66 -28.59
N SER K 58 38.31 -76.83 -28.32
CA SER K 58 39.03 -77.09 -27.08
C SER K 58 40.52 -77.22 -27.34
N LEU K 59 41.31 -76.48 -26.58
CA LEU K 59 42.76 -76.47 -26.72
C LEU K 59 43.38 -76.78 -25.36
N VAL K 60 44.38 -77.68 -25.35
CA VAL K 60 45.05 -78.09 -24.12
C VAL K 60 46.56 -78.11 -24.36
N ILE K 61 47.29 -77.24 -23.65
CA ILE K 61 48.74 -77.17 -23.73
C ILE K 61 49.31 -78.03 -22.60
N GLU K 62 49.89 -79.16 -22.95
CA GLU K 62 50.47 -80.08 -21.96
C GLU K 62 51.94 -79.69 -21.71
N GLY K 63 52.20 -79.09 -20.56
CA GLY K 63 53.52 -78.57 -20.25
C GLY K 63 53.55 -77.07 -20.41
N GLY K 64 54.17 -76.35 -19.49
CA GLY K 64 54.16 -74.90 -19.52
C GLY K 64 55.42 -74.33 -18.91
N SER K 65 55.80 -73.15 -19.40
CA SER K 65 56.94 -72.42 -18.89
C SER K 65 56.54 -70.99 -18.55
N ALA K 66 57.33 -70.36 -17.69
CA ALA K 66 57.11 -68.96 -17.38
C ALA K 66 57.52 -68.06 -18.53
N ARG K 67 57.87 -68.67 -19.66
CA ARG K 67 58.23 -67.95 -20.88
C ARG K 67 57.15 -68.06 -21.96
N LEU K 68 55.89 -68.29 -21.58
CA LEU K 68 54.79 -68.37 -22.54
C LEU K 68 53.96 -67.09 -22.45
N ASP K 69 54.38 -66.07 -23.18
CA ASP K 69 53.67 -64.80 -23.19
C ASP K 69 52.41 -64.88 -24.05
N ARG K 70 51.43 -64.05 -23.70
CA ARG K 70 50.21 -63.83 -24.50
C ARG K 70 49.50 -65.13 -24.85
N VAL K 71 49.48 -66.07 -23.90
CA VAL K 71 48.79 -67.34 -24.10
C VAL K 71 47.30 -67.12 -23.91
N GLY K 72 46.52 -67.44 -24.92
CA GLY K 72 45.10 -67.16 -24.89
C GLY K 72 44.72 -65.72 -25.18
N ALA K 73 45.64 -64.93 -25.71
CA ALA K 73 45.34 -63.53 -25.99
C ALA K 73 44.39 -63.42 -27.18
N ALA K 74 43.44 -62.50 -27.07
CA ALA K 74 42.45 -62.23 -28.11
C ALA K 74 41.59 -63.46 -28.41
N LEU K 75 41.36 -64.28 -27.40
CA LEU K 75 40.54 -65.48 -27.55
C LEU K 75 39.08 -65.08 -27.66
N SER K 76 38.40 -65.56 -28.70
CA SER K 76 37.01 -65.18 -28.89
C SER K 76 36.03 -66.31 -28.68
N GLN K 77 36.50 -67.55 -28.56
CA GLN K 77 35.59 -68.68 -28.43
C GLN K 77 36.36 -69.90 -27.98
N GLY K 78 35.63 -70.87 -27.43
CA GLY K 78 36.18 -72.15 -26.98
C GLY K 78 36.99 -72.05 -25.69
N SER K 79 37.94 -72.97 -25.53
CA SER K 79 38.64 -73.00 -24.27
C SER K 79 40.10 -73.40 -24.48
N ILE K 80 40.95 -72.90 -23.59
CA ILE K 80 42.38 -73.15 -23.60
C ILE K 80 42.79 -73.50 -22.18
N ARG K 81 43.41 -74.68 -22.04
CA ARG K 81 43.90 -75.16 -20.75
C ARG K 81 45.41 -75.35 -20.82
N VAL K 82 46.13 -74.71 -19.91
CA VAL K 82 47.59 -74.85 -19.83
C VAL K 82 47.89 -75.65 -18.57
N GLU K 83 48.31 -76.91 -18.77
CA GLU K 83 48.73 -77.76 -17.65
C GLU K 83 50.18 -77.43 -17.33
N GLY K 84 50.37 -76.34 -16.60
CA GLY K 84 51.69 -75.85 -16.25
C GLY K 84 51.62 -74.37 -15.92
N ASP K 85 52.82 -73.78 -15.81
CA ASP K 85 52.98 -72.34 -15.57
C ASP K 85 52.98 -71.56 -16.89
N VAL K 86 52.67 -70.27 -16.80
CA VAL K 86 52.59 -69.39 -17.96
C VAL K 86 53.31 -68.07 -17.66
N GLY K 87 53.53 -67.30 -18.72
CA GLY K 87 54.19 -66.01 -18.65
C GLY K 87 53.25 -64.83 -18.55
N GLN K 88 53.73 -63.67 -18.98
CA GLN K 88 52.97 -62.44 -18.86
C GLN K 88 51.76 -62.43 -19.80
N ARG K 89 50.82 -61.55 -19.49
CA ARG K 89 49.67 -61.26 -20.34
C ARG K 89 48.87 -62.52 -20.71
N LEU K 90 48.37 -63.20 -19.67
CA LEU K 90 47.41 -64.28 -19.89
C LEU K 90 46.11 -63.71 -20.43
N GLY K 91 45.77 -64.08 -21.66
CA GLY K 91 44.52 -63.63 -22.24
C GLY K 91 44.42 -62.13 -22.41
N GLU K 92 45.42 -61.52 -23.03
CA GLU K 92 45.33 -60.10 -23.33
C GLU K 92 44.24 -59.86 -24.36
N GLY K 93 43.26 -59.04 -24.00
CA GLY K 93 42.18 -58.71 -24.92
C GLY K 93 41.26 -59.86 -25.23
N MET K 94 41.11 -60.79 -24.31
CA MET K 94 40.24 -61.94 -24.50
C MET K 94 38.79 -61.47 -24.60
N ALA K 95 38.13 -61.87 -25.69
CA ALA K 95 36.77 -61.42 -25.98
C ALA K 95 35.73 -62.19 -25.18
N ALA K 96 35.82 -63.52 -25.18
CA ALA K 96 34.91 -64.39 -24.44
C ALA K 96 35.44 -65.81 -24.54
N GLY K 97 34.96 -66.69 -23.67
CA GLY K 97 35.42 -68.07 -23.67
C GLY K 97 35.95 -68.46 -22.30
N THR K 98 36.89 -69.42 -22.22
CA THR K 98 37.47 -69.78 -20.94
C THR K 98 38.95 -70.12 -21.11
N LEU K 99 39.75 -69.71 -20.13
CA LEU K 99 41.21 -69.84 -20.19
C LEU K 99 41.68 -70.21 -18.78
N THR K 100 42.06 -71.48 -18.59
CA THR K 100 42.46 -72.01 -17.29
C THR K 100 43.94 -72.40 -17.29
N VAL K 101 44.63 -72.10 -16.19
CA VAL K 101 46.05 -72.37 -16.06
C VAL K 101 46.30 -73.18 -14.78
N THR K 102 46.95 -74.34 -14.92
CA THR K 102 47.25 -75.20 -13.78
C THR K 102 48.25 -74.55 -12.84
N GLY K 103 49.36 -74.05 -13.37
CA GLY K 103 50.41 -73.46 -12.56
C GLY K 103 50.18 -71.99 -12.28
N SER K 104 51.27 -71.28 -12.04
CA SER K 104 51.22 -69.86 -11.72
C SER K 104 51.35 -69.04 -12.99
N ALA K 105 51.08 -67.75 -12.87
CA ALA K 105 51.04 -66.86 -14.03
C ALA K 105 51.96 -65.66 -13.85
N GLY K 106 52.36 -65.11 -14.99
CA GLY K 106 53.23 -63.96 -15.05
C GLY K 106 52.49 -62.66 -14.86
N PRO K 107 53.25 -61.58 -14.89
CA PRO K 107 52.68 -60.25 -14.66
C PRO K 107 51.73 -59.83 -15.76
N TYR K 108 50.84 -58.90 -15.40
CA TYR K 108 49.90 -58.30 -16.35
C TYR K 108 48.90 -59.31 -16.90
N ALA K 109 48.70 -60.44 -16.22
CA ALA K 109 47.74 -61.42 -16.71
C ALA K 109 46.31 -60.85 -16.65
N GLY K 110 45.58 -60.97 -17.76
CA GLY K 110 44.23 -60.47 -17.86
C GLY K 110 44.04 -59.07 -18.40
N THR K 111 45.12 -58.39 -18.84
CA THR K 111 45.02 -57.04 -19.39
C THR K 111 43.99 -56.95 -20.52
N GLY K 112 43.22 -55.86 -20.53
CA GLY K 112 42.28 -55.59 -21.60
C GLY K 112 41.26 -56.67 -21.91
N ALA K 113 41.12 -57.66 -21.04
CA ALA K 113 40.18 -58.74 -21.28
C ALA K 113 38.76 -58.22 -21.22
N THR K 114 38.00 -58.48 -22.28
CA THR K 114 36.63 -58.01 -22.42
C THR K 114 35.63 -58.96 -21.78
N GLY K 115 35.71 -60.24 -22.12
CA GLY K 115 34.80 -61.23 -21.59
C GLY K 115 35.48 -62.58 -21.43
N GLY K 116 34.71 -63.52 -20.93
CA GLY K 116 35.23 -64.84 -20.64
C GLY K 116 35.74 -64.92 -19.22
N THR K 117 36.36 -66.06 -18.92
CA THR K 117 36.84 -66.34 -17.57
C THR K 117 38.26 -66.87 -17.65
N ILE K 118 39.20 -66.15 -17.03
CA ILE K 118 40.59 -66.56 -16.94
C ILE K 118 40.80 -67.07 -15.52
N THR K 119 41.19 -68.34 -15.40
CA THR K 119 41.37 -69.00 -14.11
C THR K 119 42.83 -69.40 -13.95
N ILE K 120 43.47 -68.92 -12.88
CA ILE K 120 44.84 -69.31 -12.54
C ILE K 120 44.77 -70.12 -11.26
N GLU K 121 44.92 -71.44 -11.39
CA GLU K 121 44.87 -72.31 -10.22
C GLU K 121 46.08 -72.12 -9.31
N GLY K 122 47.19 -71.61 -9.83
CA GLY K 122 48.35 -71.27 -9.03
C GLY K 122 48.28 -69.84 -8.53
N ASP K 123 49.43 -69.18 -8.45
CA ASP K 123 49.51 -67.78 -8.03
C ASP K 123 49.65 -66.86 -9.23
N ALA K 124 49.07 -65.67 -9.11
CA ALA K 124 49.18 -64.67 -10.15
C ALA K 124 50.35 -63.74 -9.90
N GLY K 125 50.93 -63.25 -11.00
CA GLY K 125 52.07 -62.37 -10.90
C GLY K 125 51.69 -60.93 -10.58
N ASP K 126 52.71 -60.08 -10.58
CA ASP K 126 52.51 -58.66 -10.32
C ASP K 126 51.59 -58.08 -11.39
N HIS K 127 50.82 -57.06 -11.02
CA HIS K 127 49.94 -56.37 -11.97
C HIS K 127 48.88 -57.30 -12.58
N ALA K 128 48.52 -58.36 -11.87
CA ALA K 128 47.47 -59.25 -12.39
C ALA K 128 46.15 -58.48 -12.41
N GLY K 129 45.52 -58.43 -13.57
CA GLY K 129 44.38 -57.58 -13.72
C GLY K 129 44.72 -56.11 -13.89
N GLY K 130 46.00 -55.77 -13.95
CA GLY K 130 46.41 -54.40 -14.13
C GLY K 130 46.72 -54.05 -15.59
N ALA K 131 46.83 -52.75 -15.83
CA ALA K 131 47.09 -52.26 -17.17
C ALA K 131 48.58 -52.32 -17.49
N VAL K 132 48.89 -52.60 -18.76
CA VAL K 132 50.26 -52.63 -19.26
C VAL K 132 50.71 -51.18 -19.45
N TYR K 133 51.92 -50.98 -19.97
CA TYR K 133 52.43 -49.63 -20.17
C TYR K 133 51.49 -48.81 -21.06
N ALA K 134 51.20 -47.60 -20.63
CA ALA K 134 50.38 -46.63 -21.36
C ALA K 134 48.96 -47.11 -21.63
N ALA K 135 48.56 -48.26 -21.07
CA ALA K 135 47.25 -48.82 -21.38
C ALA K 135 46.13 -47.97 -20.80
N LYS K 136 45.05 -47.83 -21.57
CA LYS K 136 43.88 -47.09 -21.08
C LYS K 136 43.28 -47.77 -19.85
N ALA K 137 43.23 -49.10 -19.84
CA ALA K 137 42.64 -49.83 -18.73
C ALA K 137 43.25 -51.23 -18.69
N GLY K 138 43.14 -51.87 -17.54
CA GLY K 138 43.60 -53.23 -17.38
C GLY K 138 42.49 -54.21 -17.71
N LEU K 139 41.96 -54.89 -16.70
CA LEU K 139 40.82 -55.77 -16.91
C LEU K 139 39.62 -54.93 -17.31
N ASP K 140 38.94 -55.33 -18.40
CA ASP K 140 37.87 -54.54 -18.99
C ASP K 140 36.60 -55.39 -19.23
N GLY K 141 36.22 -56.19 -18.25
CA GLY K 141 34.97 -56.94 -18.29
C GLY K 141 35.01 -58.44 -18.05
N ALA K 142 36.13 -59.08 -18.32
CA ALA K 142 36.23 -60.52 -18.15
C ALA K 142 36.46 -60.84 -16.68
N THR K 143 35.95 -61.99 -16.27
CA THR K 143 36.14 -62.44 -14.90
C THR K 143 37.51 -63.11 -14.75
N LEU K 144 38.29 -62.62 -13.80
CA LEU K 144 39.62 -63.14 -13.52
C LEU K 144 39.63 -63.78 -12.12
N VAL K 145 39.89 -65.08 -12.08
CA VAL K 145 39.84 -65.86 -10.84
C VAL K 145 41.23 -66.42 -10.55
N ILE K 146 41.78 -66.03 -9.40
CA ILE K 146 43.08 -66.50 -8.95
C ILE K 146 42.85 -67.30 -7.68
N LYS K 147 42.95 -68.63 -7.79
CA LYS K 147 42.81 -69.47 -6.59
C LYS K 147 43.97 -69.26 -5.63
N GLY K 148 45.15 -68.90 -6.13
CA GLY K 148 46.30 -68.65 -5.28
C GLY K 148 46.33 -67.24 -4.75
N ALA K 149 47.50 -66.59 -4.81
CA ALA K 149 47.67 -65.25 -4.26
C ALA K 149 48.21 -64.33 -5.33
N ALA K 150 47.57 -63.17 -5.48
CA ALA K 150 48.01 -62.17 -6.44
C ALA K 150 49.09 -61.28 -5.83
N GLY K 151 49.93 -60.72 -6.67
CA GLY K 151 51.00 -59.84 -6.26
C GLY K 151 50.59 -58.40 -6.07
N ASP K 152 51.54 -57.50 -6.28
CA ASP K 152 51.32 -56.08 -6.09
C ASP K 152 50.51 -55.52 -7.26
N HIS K 153 49.70 -54.49 -6.96
CA HIS K 153 48.92 -53.76 -7.97
C HIS K 153 47.87 -54.64 -8.64
N LEU K 154 47.12 -55.38 -7.83
CA LEU K 154 46.03 -56.19 -8.37
C LEU K 154 44.92 -55.28 -8.87
N GLY K 155 44.53 -55.43 -10.13
CA GLY K 155 43.48 -54.61 -10.70
C GLY K 155 43.88 -53.17 -10.94
N ASP K 156 45.13 -52.93 -11.30
CA ASP K 156 45.60 -51.56 -11.47
C ASP K 156 44.93 -50.95 -12.69
N ARG K 157 44.21 -49.84 -12.46
CA ARG K 157 43.46 -49.12 -13.49
C ARG K 157 42.43 -50.02 -14.16
N MET K 158 41.75 -50.84 -13.35
CA MET K 158 40.74 -51.76 -13.88
C MET K 158 39.48 -50.98 -14.24
N ARG K 159 38.89 -51.32 -15.40
CA ARG K 159 37.77 -50.54 -15.93
C ARG K 159 36.41 -51.20 -15.75
N ARG K 160 36.35 -52.52 -15.79
CA ARG K 160 35.09 -53.26 -15.82
C ARG K 160 35.42 -54.67 -15.36
N GLY K 161 34.40 -55.45 -15.02
CA GLY K 161 34.59 -56.86 -14.72
C GLY K 161 34.69 -57.21 -13.24
N MET K 162 35.31 -58.36 -12.98
CA MET K 162 35.37 -58.88 -11.61
C MET K 162 36.64 -59.71 -11.42
N ILE K 163 37.29 -59.51 -10.26
CA ILE K 163 38.47 -60.29 -9.87
C ILE K 163 38.19 -61.04 -8.57
N LEU K 164 38.47 -62.33 -8.59
CA LEU K 164 38.27 -63.24 -7.45
C LEU K 164 39.65 -63.81 -7.09
N ALA K 165 40.30 -63.22 -6.10
CA ALA K 165 41.62 -63.66 -5.67
C ALA K 165 41.55 -64.31 -4.29
N GLY K 166 42.49 -65.22 -4.03
CA GLY K 166 42.60 -65.75 -2.69
C GLY K 166 43.25 -64.75 -1.78
N SER K 167 44.42 -64.26 -2.19
CA SER K 167 45.17 -63.29 -1.41
C SER K 167 45.78 -62.24 -2.34
N ALA K 168 46.02 -61.04 -1.79
CA ALA K 168 46.50 -59.92 -2.59
C ALA K 168 47.62 -59.17 -1.87
N GLY K 169 48.51 -58.60 -2.66
CA GLY K 169 49.64 -57.83 -2.18
C GLY K 169 49.33 -56.34 -2.03
N ALA K 170 50.39 -55.56 -1.97
CA ALA K 170 50.28 -54.13 -1.71
C ALA K 170 49.74 -53.37 -2.92
N PHE K 171 49.19 -52.19 -2.63
CA PHE K 171 48.67 -51.25 -3.63
C PHE K 171 47.63 -51.90 -4.55
N ALA K 172 46.87 -52.83 -4.01
CA ALA K 172 45.79 -53.45 -4.75
C ALA K 172 44.73 -52.40 -5.09
N ALA K 173 44.09 -52.58 -6.24
CA ALA K 173 43.01 -51.70 -6.68
C ALA K 173 43.50 -50.26 -6.86
N SER K 174 44.77 -50.09 -7.25
CA SER K 174 45.29 -48.77 -7.50
C SER K 174 44.80 -48.24 -8.85
N ARG K 175 44.51 -46.94 -8.89
CA ARG K 175 44.06 -46.25 -10.09
C ARG K 175 42.77 -46.86 -10.66
N MET K 176 42.04 -47.60 -9.86
CA MET K 176 40.86 -48.33 -10.33
C MET K 176 39.80 -47.38 -10.90
N ILE K 177 39.34 -47.66 -12.13
CA ILE K 177 38.29 -46.89 -12.78
C ILE K 177 36.89 -47.33 -12.33
N ALA K 178 36.66 -48.65 -12.28
CA ALA K 178 35.43 -49.29 -11.84
C ALA K 178 35.67 -50.80 -11.88
N GLY K 179 34.79 -51.55 -11.23
CA GLY K 179 34.86 -53.01 -11.23
C GLY K 179 34.67 -53.55 -9.83
N THR K 180 34.96 -54.83 -9.66
CA THR K 180 34.81 -55.50 -8.36
C THR K 180 35.92 -56.52 -8.14
N ILE K 181 36.61 -56.40 -7.01
CA ILE K 181 37.69 -57.30 -6.62
C ILE K 181 37.35 -57.83 -5.24
N VAL K 182 37.23 -59.15 -5.10
CA VAL K 182 36.94 -59.79 -3.81
C VAL K 182 38.07 -60.77 -3.51
N VAL K 183 38.98 -60.41 -2.58
CA VAL K 183 40.02 -61.33 -2.13
C VAL K 183 39.55 -61.95 -0.81
N SER K 184 39.55 -63.29 -0.77
CA SER K 184 38.98 -63.96 0.38
C SER K 184 39.79 -63.71 1.64
N GLY K 185 41.11 -63.57 1.51
CA GLY K 185 42.01 -63.44 2.64
C GLY K 185 42.74 -62.13 2.76
N ALA K 186 44.06 -62.22 2.88
CA ALA K 186 44.91 -61.08 3.18
C ALA K 186 44.92 -60.06 2.05
N LEU K 187 45.06 -58.79 2.44
CA LEU K 187 45.19 -57.69 1.49
C LEU K 187 46.38 -56.84 1.94
N GLY K 188 47.27 -56.50 1.00
CA GLY K 188 48.50 -55.78 1.31
C GLY K 188 48.26 -54.35 1.79
N ASP K 189 49.37 -53.64 1.99
CA ASP K 189 49.31 -52.27 2.47
C ASP K 189 48.84 -51.30 1.39
N HIS K 190 48.28 -50.18 1.84
CA HIS K 190 47.79 -49.06 1.03
C HIS K 190 46.89 -49.50 -0.11
N PRO K 191 45.72 -50.08 0.16
CA PRO K 191 44.85 -50.49 -0.94
C PRO K 191 44.03 -49.31 -1.44
N GLY K 192 43.82 -49.29 -2.75
CA GLY K 192 42.99 -48.30 -3.41
C GLY K 192 43.62 -46.94 -3.56
N TYR K 193 44.91 -46.87 -3.84
CA TYR K 193 45.57 -45.59 -4.05
C TYR K 193 45.19 -45.09 -5.43
N GLY K 194 44.47 -43.97 -5.49
CA GLY K 194 44.02 -43.46 -6.76
C GLY K 194 42.72 -44.05 -7.26
N MET K 195 41.99 -44.78 -6.40
CA MET K 195 40.72 -45.37 -6.81
C MET K 195 39.71 -44.30 -7.16
N ARG K 196 39.08 -44.43 -8.33
CA ARG K 196 38.04 -43.51 -8.77
C ARG K 196 36.65 -44.06 -8.45
N ARG K 197 36.38 -45.29 -8.89
CA ARG K 197 35.14 -46.00 -8.60
C ARG K 197 35.52 -47.45 -8.41
N GLY K 198 34.59 -48.23 -7.88
CA GLY K 198 34.80 -49.66 -7.72
C GLY K 198 34.51 -50.14 -6.30
N THR K 199 34.52 -51.46 -6.17
CA THR K 199 34.22 -52.15 -4.91
C THR K 199 35.34 -53.15 -4.63
N LEU K 200 36.00 -52.98 -3.49
CA LEU K 200 37.04 -53.90 -3.06
C LEU K 200 36.58 -54.58 -1.78
N ILE K 201 36.61 -55.91 -1.78
CA ILE K 201 36.23 -56.68 -0.60
C ILE K 201 37.37 -57.62 -0.24
N ALA K 202 37.78 -57.59 1.03
CA ALA K 202 38.90 -58.37 1.53
C ALA K 202 38.59 -58.86 2.94
N GLY K 203 39.15 -60.01 3.28
CA GLY K 203 39.02 -60.55 4.62
C GLY K 203 39.93 -59.85 5.61
N SER K 204 41.23 -59.86 5.33
CA SER K 204 42.21 -59.12 6.11
C SER K 204 42.71 -57.95 5.28
N HIS K 205 43.25 -56.94 5.96
CA HIS K 205 43.75 -55.79 5.25
C HIS K 205 44.90 -55.16 6.02
N GLY K 206 45.83 -54.57 5.27
CA GLY K 206 46.96 -53.89 5.87
C GLY K 206 46.62 -52.49 6.30
N THR K 207 47.64 -51.63 6.33
CA THR K 207 47.41 -50.26 6.76
C THR K 207 46.67 -49.51 5.66
N LEU K 208 45.59 -48.82 6.04
CA LEU K 208 44.75 -48.14 5.06
C LEU K 208 45.23 -46.72 4.78
N LEU K 209 44.82 -46.20 3.63
CA LEU K 209 45.21 -44.86 3.22
C LEU K 209 44.45 -43.80 4.03
N PRO K 210 45.10 -42.67 4.32
CA PRO K 210 44.40 -41.61 5.07
C PRO K 210 43.20 -41.04 4.34
N THR K 211 43.15 -41.20 3.02
CA THR K 211 42.09 -40.67 2.19
C THR K 211 40.90 -41.61 2.06
N PHE K 212 40.86 -42.67 2.86
CA PHE K 212 39.72 -43.59 2.95
C PHE K 212 39.03 -43.35 4.29
N VAL K 213 37.74 -43.06 4.26
CA VAL K 213 36.99 -42.78 5.47
C VAL K 213 35.97 -43.90 5.67
N GLU K 214 35.72 -44.28 6.93
CA GLU K 214 34.79 -45.38 7.16
C GLU K 214 33.37 -44.85 7.19
N THR K 215 32.50 -45.52 6.43
CA THR K 215 31.07 -45.28 6.34
C THR K 215 30.32 -46.07 7.40
N GLY K 216 30.86 -47.19 7.86
CA GLY K 216 30.13 -47.87 8.90
C GLY K 216 29.82 -49.29 8.51
N THR K 217 28.70 -49.81 9.01
CA THR K 217 28.30 -51.17 8.73
C THR K 217 26.92 -51.16 8.06
N PRO K 218 26.85 -50.87 6.77
CA PRO K 218 25.54 -50.70 6.12
C PRO K 218 25.07 -51.94 5.37
N ASP K 219 23.80 -52.30 5.59
CA ASP K 219 23.16 -53.39 4.87
C ASP K 219 22.65 -52.82 3.55
N LEU K 220 23.38 -53.10 2.48
CA LEU K 220 23.08 -52.53 1.16
C LEU K 220 22.49 -53.60 0.24
N VAL K 221 21.60 -53.15 -0.65
CA VAL K 221 20.98 -54.09 -1.59
C VAL K 221 22.03 -54.62 -2.56
N PHE K 222 22.97 -53.77 -2.97
CA PHE K 222 24.05 -54.20 -3.85
C PHE K 222 24.79 -55.41 -3.29
N VAL K 223 25.05 -55.41 -1.97
CA VAL K 223 25.75 -56.52 -1.32
C VAL K 223 24.97 -57.82 -1.52
N ARG K 224 23.65 -57.76 -1.43
CA ARG K 224 22.84 -58.96 -1.61
C ARG K 224 23.02 -59.52 -3.03
N LEU K 225 23.03 -58.63 -4.03
CA LEU K 225 23.18 -59.05 -5.42
C LEU K 225 24.57 -59.61 -5.67
N LEU K 226 25.60 -58.90 -5.20
CA LEU K 226 26.97 -59.37 -5.39
C LEU K 226 27.19 -60.71 -4.70
N ALA K 227 26.54 -60.94 -3.56
CA ALA K 227 26.64 -62.23 -2.89
C ALA K 227 26.04 -63.36 -3.73
N GLN K 228 24.83 -63.14 -4.25
CA GLN K 228 24.19 -64.14 -5.10
C GLN K 228 24.97 -64.38 -6.38
N SER K 229 25.68 -63.36 -6.87
CA SER K 229 26.55 -63.56 -8.03
C SER K 229 27.72 -64.46 -7.70
N LEU K 230 28.33 -64.27 -6.53
CA LEU K 230 29.47 -65.09 -6.12
C LEU K 230 29.02 -66.50 -5.79
N LYS K 231 27.84 -66.61 -5.16
CA LYS K 231 27.27 -67.93 -4.91
C LYS K 231 27.06 -68.65 -6.22
N HIS K 232 26.58 -67.93 -7.23
CA HIS K 232 26.30 -68.53 -8.53
C HIS K 232 27.57 -68.95 -9.24
N LEU K 233 28.68 -68.24 -9.01
CA LEU K 233 29.95 -68.64 -9.61
C LEU K 233 30.65 -69.72 -8.82
N GLY K 234 30.14 -70.09 -7.64
CA GLY K 234 30.79 -71.08 -6.79
C GLY K 234 32.04 -70.54 -6.14
N ALA K 235 32.05 -69.25 -5.81
CA ALA K 235 33.23 -68.61 -5.27
C ALA K 235 33.35 -68.87 -3.79
N ALA K 236 34.57 -69.19 -3.35
CA ALA K 236 34.81 -69.37 -1.93
C ALA K 236 34.64 -68.05 -1.19
N GLN K 237 34.87 -66.94 -1.87
CA GLN K 237 34.66 -65.62 -1.29
C GLN K 237 33.19 -65.27 -1.13
N ALA K 238 32.29 -66.19 -1.48
CA ALA K 238 30.87 -65.91 -1.33
C ALA K 238 30.48 -65.81 0.14
N ASN K 239 31.05 -66.68 0.99
CA ASN K 239 30.73 -66.65 2.41
C ASN K 239 31.29 -65.41 3.10
N LEU K 240 32.22 -64.71 2.44
CA LEU K 240 32.78 -63.49 3.00
C LEU K 240 31.72 -62.39 3.14
N LEU K 241 30.68 -62.44 2.31
CA LEU K 241 29.60 -61.47 2.37
C LEU K 241 28.48 -61.84 3.33
N SER K 242 28.54 -63.04 3.93
CA SER K 242 27.45 -63.48 4.82
C SER K 242 27.34 -62.61 6.06
N GLY K 243 28.48 -62.22 6.65
CA GLY K 243 28.47 -61.42 7.87
C GLY K 243 28.44 -59.92 7.60
N THR K 244 28.33 -59.16 8.69
CA THR K 244 28.26 -57.71 8.58
C THR K 244 29.64 -57.13 8.23
N LEU K 245 29.65 -56.15 7.33
CA LEU K 245 30.89 -55.59 6.81
C LEU K 245 31.05 -54.12 7.16
N ARG K 246 32.30 -53.68 7.21
CA ARG K 246 32.68 -52.29 7.46
C ARG K 246 32.99 -51.61 6.12
N ARG K 247 32.48 -50.39 5.92
CA ARG K 247 32.59 -49.72 4.63
C ARG K 247 33.56 -48.54 4.70
N TYR K 248 34.29 -48.30 3.61
CA TYR K 248 35.22 -47.18 3.48
C TYR K 248 35.03 -46.56 2.09
N SER K 249 35.08 -45.22 1.99
CA SER K 249 34.86 -44.53 0.71
C SER K 249 36.08 -44.51 -0.19
N GLY K 250 35.84 -44.48 -1.50
CA GLY K 250 36.89 -44.53 -2.50
C GLY K 250 37.86 -43.37 -2.34
N ASP K 251 39.07 -43.58 -2.85
CA ASP K 251 40.17 -42.68 -2.51
C ASP K 251 39.80 -41.23 -2.77
N LEU K 252 39.93 -40.41 -1.75
CA LEU K 252 39.48 -39.04 -1.83
C LEU K 252 40.44 -38.14 -2.59
N ALA K 253 41.62 -38.63 -2.97
CA ALA K 253 42.49 -37.81 -3.82
C ALA K 253 41.85 -37.53 -5.19
N THR K 254 41.27 -38.57 -5.81
CA THR K 254 40.43 -38.48 -7.00
C THR K 254 38.97 -38.33 -6.60
N LEU K 255 38.05 -38.40 -7.57
CA LEU K 255 36.64 -38.42 -7.21
C LEU K 255 36.39 -39.63 -6.33
N GLY K 256 35.91 -39.38 -5.11
CA GLY K 256 35.83 -40.44 -4.13
C GLY K 256 34.60 -41.32 -4.23
N LYS K 257 34.46 -42.06 -5.32
CA LYS K 257 33.25 -42.85 -5.54
C LYS K 257 33.45 -44.33 -5.29
N GLY K 258 34.67 -44.80 -5.06
CA GLY K 258 34.91 -46.20 -4.80
C GLY K 258 34.52 -46.59 -3.38
N GLU K 259 34.80 -47.85 -3.01
CA GLU K 259 34.46 -48.29 -1.67
C GLU K 259 35.30 -49.51 -1.31
N LEU K 260 35.40 -49.77 -0.01
CA LEU K 260 36.14 -50.91 0.51
C LEU K 260 35.32 -51.55 1.63
N PHE K 261 35.12 -52.88 1.55
CA PHE K 261 34.39 -53.63 2.56
C PHE K 261 35.31 -54.63 3.25
N VAL K 262 35.28 -54.64 4.58
CA VAL K 262 36.03 -55.59 5.40
C VAL K 262 35.07 -56.07 6.48
N PRO K 263 35.13 -57.34 6.89
CA PRO K 263 34.24 -57.82 7.95
C PRO K 263 34.32 -56.95 9.20
N ALA K 264 33.19 -56.88 9.92
CA ALA K 264 33.05 -56.01 11.08
C ALA K 264 34.12 -56.24 12.13
N HIS K 265 34.22 -57.46 12.65
CA HIS K 265 35.20 -57.78 13.68
C HIS K 265 35.80 -59.15 13.43
N SER L 1 -26.12 -66.97 -31.61
CA SER L 1 -27.38 -66.67 -30.93
C SER L 1 -27.14 -66.28 -29.47
N ASP L 2 -27.77 -66.98 -28.53
CA ASP L 2 -27.49 -66.80 -27.12
C ASP L 2 -27.24 -68.15 -26.46
N PHE L 3 -26.12 -68.24 -25.75
CA PHE L 3 -25.74 -69.45 -25.05
C PHE L 3 -25.99 -69.27 -23.57
N THR L 4 -26.31 -70.36 -22.89
CA THR L 4 -26.57 -70.35 -21.45
C THR L 4 -25.52 -71.20 -20.74
N LEU L 5 -24.82 -70.58 -19.80
CA LEU L 5 -23.73 -71.20 -19.05
C LEU L 5 -24.08 -71.26 -17.58
N ASN L 6 -23.96 -72.44 -16.99
CA ASN L 6 -24.24 -72.65 -15.57
C ASN L 6 -25.63 -72.13 -15.22
N GLY L 7 -26.54 -72.24 -16.18
CA GLY L 7 -27.89 -71.74 -16.00
C GLY L 7 -28.06 -70.26 -16.22
N ILE L 8 -27.02 -69.56 -16.67
CA ILE L 8 -27.05 -68.10 -16.82
C ILE L 8 -26.84 -67.75 -18.30
N LYS L 9 -27.66 -66.85 -18.81
CA LYS L 9 -27.59 -66.43 -20.21
C LYS L 9 -26.31 -65.67 -20.51
N VAL L 10 -25.67 -65.99 -21.64
CA VAL L 10 -24.43 -65.34 -22.07
C VAL L 10 -24.58 -64.91 -23.53
N GLU L 11 -24.41 -63.62 -23.79
CA GLU L 11 -24.58 -63.10 -25.13
C GLU L 11 -23.46 -63.54 -26.08
N ASP L 12 -23.82 -63.72 -27.36
CA ASP L 12 -22.86 -64.12 -28.40
C ASP L 12 -22.14 -62.89 -28.95
N THR L 13 -21.45 -62.20 -28.06
CA THR L 13 -20.74 -61.01 -28.51
C THR L 13 -19.24 -61.32 -28.44
N PHE L 14 -18.44 -60.29 -28.63
CA PHE L 14 -16.99 -60.37 -28.56
C PHE L 14 -16.50 -59.11 -27.86
N ALA L 15 -15.37 -59.22 -27.18
CA ALA L 15 -14.74 -58.09 -26.50
C ALA L 15 -13.69 -57.48 -27.42
N GLU L 16 -13.80 -56.18 -27.67
CA GLU L 16 -12.88 -55.50 -28.59
C GLU L 16 -11.69 -54.93 -27.81
N ALA L 17 -10.57 -55.63 -27.89
CA ALA L 17 -9.32 -55.26 -27.24
C ALA L 17 -8.34 -54.68 -28.26
N PHE L 18 -7.36 -53.95 -27.75
CA PHE L 18 -6.41 -53.21 -28.58
C PHE L 18 -4.96 -53.64 -28.33
N ASP L 19 -4.12 -53.39 -29.33
CA ASP L 19 -2.68 -53.55 -29.17
C ASP L 19 -2.12 -52.36 -28.40
N VAL L 20 -1.21 -52.66 -27.47
CA VAL L 20 -0.73 -51.67 -26.52
C VAL L 20 0.72 -51.98 -26.15
N ALA L 21 1.45 -50.95 -25.72
CA ALA L 21 2.81 -51.13 -25.21
C ALA L 21 2.76 -51.46 -23.72
N GLY L 22 3.47 -52.51 -23.33
CA GLY L 22 3.41 -52.98 -21.96
C GLY L 22 4.78 -53.33 -21.44
N THR L 23 4.94 -53.19 -20.12
CA THR L 23 6.18 -53.56 -19.45
C THR L 23 5.89 -53.96 -18.01
N ALA L 24 6.88 -54.63 -17.40
CA ALA L 24 6.78 -55.11 -16.03
C ALA L 24 8.07 -54.82 -15.29
N ILE L 25 7.94 -54.51 -13.99
CA ILE L 25 9.07 -54.27 -13.11
C ILE L 25 8.81 -55.01 -11.79
N ILE L 26 9.89 -55.42 -11.14
CA ILE L 26 9.83 -56.08 -9.83
C ILE L 26 10.39 -55.13 -8.77
N VAL L 27 9.55 -54.73 -7.82
CA VAL L 27 9.97 -53.83 -6.75
C VAL L 27 10.07 -54.63 -5.45
N THR L 28 11.23 -54.64 -4.82
CA THR L 28 11.42 -55.41 -3.60
C THR L 28 11.72 -54.48 -2.43
N ASN L 29 11.39 -54.96 -1.24
CA ASN L 29 11.60 -54.24 0.00
C ASN L 29 12.05 -55.23 1.05
N ASP L 30 12.43 -54.72 2.23
CA ASP L 30 12.88 -55.59 3.30
C ASP L 30 11.75 -56.43 3.88
N THR L 31 10.52 -55.89 3.90
CA THR L 31 9.33 -56.55 4.40
C THR L 31 8.25 -56.55 3.31
N PRO L 32 7.33 -57.52 3.32
CA PRO L 32 6.26 -57.51 2.31
C PRO L 32 5.29 -56.35 2.47
N LYS L 33 5.16 -55.79 3.68
CA LYS L 33 4.30 -54.64 3.88
C LYS L 33 4.75 -53.46 3.05
N TRP L 34 6.02 -53.08 3.17
CA TRP L 34 6.48 -51.91 2.43
C TRP L 34 6.67 -52.20 0.95
N ALA L 35 6.77 -53.46 0.55
CA ALA L 35 6.71 -53.74 -0.87
C ALA L 35 5.35 -53.37 -1.43
N MET L 36 4.29 -53.70 -0.70
CA MET L 36 2.95 -53.39 -1.20
C MET L 36 2.66 -51.91 -1.14
N ILE L 37 3.10 -51.22 -0.08
CA ILE L 37 2.88 -49.78 0.01
C ILE L 37 3.46 -49.09 -1.21
N ALA L 38 4.69 -49.49 -1.59
CA ALA L 38 5.32 -48.93 -2.77
C ALA L 38 4.50 -49.22 -4.02
N ALA L 39 4.05 -50.47 -4.18
CA ALA L 39 3.30 -50.81 -5.37
C ALA L 39 1.96 -50.09 -5.40
N THR L 40 1.31 -50.00 -4.25
CA THR L 40 -0.02 -49.40 -4.20
C THR L 40 0.01 -47.93 -4.61
N VAL L 41 1.05 -47.20 -4.21
CA VAL L 41 1.10 -45.78 -4.57
C VAL L 41 1.44 -45.62 -6.04
N MET L 42 2.17 -46.58 -6.60
CA MET L 42 2.56 -46.48 -8.01
C MET L 42 1.41 -46.82 -8.96
N THR L 43 0.62 -47.85 -8.65
CA THR L 43 -0.46 -48.24 -9.54
C THR L 43 -1.64 -47.25 -9.51
N GLY L 44 -1.80 -46.49 -8.43
CA GLY L 44 -2.93 -45.59 -8.34
C GLY L 44 -2.95 -44.57 -9.46
N PHE L 45 -4.15 -44.05 -9.72
CA PHE L 45 -4.37 -43.00 -10.72
C PHE L 45 -3.84 -43.46 -12.08
N ALA L 46 -4.16 -44.70 -12.42
CA ALA L 46 -3.73 -45.35 -13.64
C ALA L 46 -4.83 -46.34 -14.06
N THR L 47 -6.04 -45.81 -14.27
CA THR L 47 -7.19 -46.61 -14.65
C THR L 47 -7.43 -46.63 -16.15
N SER L 48 -6.99 -45.60 -16.87
CA SER L 48 -7.09 -45.58 -18.32
C SER L 48 -5.87 -44.87 -18.90
N VAL L 49 -5.51 -45.24 -20.12
CA VAL L 49 -4.40 -44.55 -20.77
C VAL L 49 -4.85 -43.25 -21.40
N ILE L 50 -6.12 -43.12 -21.75
CA ILE L 50 -6.60 -41.93 -22.44
C ILE L 50 -6.71 -40.75 -21.49
N GLY L 51 -7.10 -41.00 -20.25
CA GLY L 51 -7.21 -39.93 -19.26
C GLY L 51 -6.08 -39.91 -18.26
N CYS L 52 -5.93 -41.00 -17.52
CA CYS L 52 -4.73 -41.19 -16.73
C CYS L 52 -3.56 -41.42 -17.67
N GLY L 53 -2.35 -41.22 -17.16
CA GLY L 53 -1.18 -41.41 -18.00
C GLY L 53 -1.14 -42.79 -18.64
N ALA L 54 -1.29 -43.83 -17.84
CA ALA L 54 -1.16 -45.21 -18.30
C ALA L 54 -2.18 -46.06 -17.55
N GLU L 55 -2.11 -47.38 -17.73
CA GLU L 55 -2.93 -48.34 -17.00
C GLU L 55 -1.98 -49.26 -16.24
N ALA L 56 -2.03 -49.20 -14.91
CA ALA L 56 -1.15 -49.98 -14.05
C ALA L 56 -1.93 -50.88 -13.10
N GLY L 57 -1.25 -51.93 -12.66
CA GLY L 57 -1.82 -52.89 -11.74
C GLY L 57 -0.71 -53.78 -11.21
N ILE L 58 -1.03 -54.48 -10.12
CA ILE L 58 -0.09 -55.38 -9.45
C ILE L 58 -0.31 -56.79 -9.97
N ASP L 59 0.71 -57.38 -10.59
CA ASP L 59 0.52 -58.73 -11.11
C ASP L 59 0.51 -59.74 -9.98
N ALA L 60 1.55 -59.74 -9.16
CA ALA L 60 1.70 -60.78 -8.14
C ALA L 60 2.64 -60.30 -7.03
N GLU L 61 2.41 -60.84 -5.83
CA GLU L 61 3.34 -60.66 -4.74
C GLU L 61 4.38 -61.77 -4.83
N LEU L 62 5.64 -61.42 -4.60
CA LEU L 62 6.75 -62.35 -4.74
C LEU L 62 7.37 -62.70 -3.39
N SER L 63 7.70 -63.97 -3.21
CA SER L 63 8.38 -64.42 -2.00
C SER L 63 9.88 -64.17 -2.14
N PRO L 64 10.64 -64.28 -1.04
CA PRO L 64 12.10 -64.05 -1.14
C PRO L 64 12.82 -65.01 -2.06
N ASP L 65 12.17 -66.08 -2.53
CA ASP L 65 12.79 -67.01 -3.46
C ASP L 65 12.58 -66.60 -4.92
N GLU L 66 11.42 -66.03 -5.23
CA GLU L 66 11.03 -65.62 -6.57
C GLU L 66 11.66 -64.31 -7.02
N THR L 67 12.55 -63.72 -6.23
CA THR L 67 13.08 -62.40 -6.50
C THR L 67 14.59 -62.44 -6.77
N PRO L 68 15.10 -61.52 -7.60
CA PRO L 68 16.57 -61.46 -7.77
C PRO L 68 17.27 -60.90 -6.55
N ASP L 69 16.54 -60.15 -5.75
CA ASP L 69 17.06 -59.43 -4.60
C ASP L 69 17.35 -60.37 -3.44
N GLY L 70 16.46 -61.31 -3.19
CA GLY L 70 16.50 -62.13 -1.99
C GLY L 70 15.58 -61.63 -0.89
N ARG L 71 14.88 -60.53 -1.14
CA ARG L 71 13.92 -59.81 -0.32
C ARG L 71 12.51 -59.93 -0.89
N PRO L 72 11.47 -59.89 -0.06
CA PRO L 72 10.10 -59.95 -0.60
C PRO L 72 9.85 -58.84 -1.62
N GLY L 73 9.19 -59.20 -2.72
CA GLY L 73 8.95 -58.22 -3.77
C GLY L 73 7.53 -58.23 -4.29
N VAL L 74 7.29 -57.43 -5.33
CA VAL L 74 5.99 -57.31 -5.98
C VAL L 74 6.24 -57.16 -7.47
N ARG L 75 5.52 -57.93 -8.28
CA ARG L 75 5.57 -57.79 -9.73
C ARG L 75 4.42 -56.88 -10.14
N ILE L 76 4.74 -55.78 -10.80
CA ILE L 76 3.77 -54.72 -11.09
C ILE L 76 3.85 -54.34 -12.56
N LEU L 77 2.71 -54.42 -13.28
CA LEU L 77 2.66 -54.14 -14.70
C LEU L 77 2.16 -52.73 -15.00
N LEU L 78 2.60 -52.22 -16.16
CA LEU L 78 2.21 -50.90 -16.65
C LEU L 78 2.05 -50.95 -18.16
N PHE L 79 0.96 -50.35 -18.66
CA PHE L 79 0.63 -50.37 -20.07
C PHE L 79 0.42 -48.96 -20.59
N GLY L 80 0.87 -48.72 -21.83
CA GLY L 80 0.68 -47.41 -22.45
C GLY L 80 0.53 -47.53 -23.95
N PHE L 81 0.05 -46.44 -24.56
CA PHE L 81 -0.22 -46.46 -26.00
C PHE L 81 1.05 -46.68 -26.81
N GLU L 82 2.00 -45.77 -26.67
CA GLU L 82 3.26 -45.71 -27.39
C GLU L 82 4.40 -46.14 -26.48
N PRO L 83 5.41 -46.82 -27.01
CA PRO L 83 6.59 -47.13 -26.19
C PRO L 83 7.26 -45.89 -25.60
N ASN L 84 7.09 -44.73 -26.23
CA ASN L 84 7.61 -43.49 -25.66
C ASN L 84 6.74 -43.00 -24.52
N GLY L 85 5.43 -43.04 -24.68
CA GLY L 85 4.52 -42.68 -23.60
C GLY L 85 4.60 -43.65 -22.44
N LEU L 86 4.83 -44.93 -22.72
CA LEU L 86 5.02 -45.89 -21.64
C LEU L 86 6.29 -45.57 -20.87
N LYS L 87 7.39 -45.32 -21.59
CA LYS L 87 8.64 -44.92 -20.94
C LYS L 87 8.44 -43.65 -20.11
N ASP L 88 7.70 -42.68 -20.63
CA ASP L 88 7.49 -41.45 -19.88
C ASP L 88 6.77 -41.71 -18.57
N GLN L 89 5.80 -42.63 -18.56
CA GLN L 89 5.02 -42.92 -17.37
C GLN L 89 5.82 -43.74 -16.37
N LEU L 90 6.61 -44.68 -16.88
CA LEU L 90 7.43 -45.51 -16.02
C LEU L 90 8.43 -44.68 -15.23
N LEU L 91 9.10 -43.74 -15.91
CA LEU L 91 10.05 -42.87 -15.23
C LEU L 91 9.36 -42.04 -14.15
N LYS L 92 8.21 -41.45 -14.48
CA LYS L 92 7.50 -40.62 -13.50
C LYS L 92 7.12 -41.44 -12.27
N ARG L 93 6.57 -42.63 -12.49
CA ARG L 93 6.02 -43.42 -11.38
C ARG L 93 7.13 -44.06 -10.54
N VAL L 94 8.11 -44.68 -11.18
CA VAL L 94 9.25 -45.21 -10.43
C VAL L 94 10.03 -44.08 -9.79
N GLY L 95 10.16 -42.95 -10.48
CA GLY L 95 10.92 -41.86 -9.93
C GLY L 95 10.28 -41.25 -8.70
N GLN L 96 8.95 -41.25 -8.61
CA GLN L 96 8.32 -40.56 -7.51
C GLN L 96 7.42 -41.43 -6.64
N CYS L 97 7.28 -42.69 -6.94
CA CYS L 97 6.58 -43.58 -6.02
C CYS L 97 7.44 -44.71 -5.53
N ILE L 98 8.45 -45.11 -6.29
CA ILE L 98 9.34 -46.17 -5.86
C ILE L 98 10.53 -45.55 -5.15
N LEU L 99 11.26 -44.67 -5.86
CA LEU L 99 12.43 -44.03 -5.28
C LEU L 99 12.13 -43.37 -3.94
N THR L 100 10.98 -42.67 -3.83
CA THR L 100 10.65 -42.00 -2.58
C THR L 100 10.33 -42.97 -1.46
N CYS L 101 9.84 -44.16 -1.79
CA CYS L 101 9.42 -45.12 -0.76
C CYS L 101 10.64 -45.76 -0.08
N PRO L 102 10.68 -45.81 1.26
CA PRO L 102 11.87 -46.32 1.95
C PRO L 102 12.11 -47.82 1.77
N GLY L 103 13.40 -48.18 1.69
CA GLY L 103 13.89 -49.55 1.57
C GLY L 103 13.56 -50.28 0.29
N THR L 104 13.29 -49.57 -0.79
CA THR L 104 12.85 -50.21 -2.03
C THR L 104 14.02 -50.47 -2.98
N ALA L 105 13.75 -51.25 -4.02
CA ALA L 105 14.75 -51.60 -5.02
C ALA L 105 14.02 -52.06 -6.27
N CYS L 106 14.37 -51.47 -7.41
CA CYS L 106 13.65 -51.66 -8.66
C CYS L 106 14.43 -52.54 -9.61
N PHE L 107 13.78 -53.57 -10.14
CA PHE L 107 14.37 -54.49 -11.09
C PHE L 107 13.45 -54.64 -12.29
N ALA L 108 14.00 -55.16 -13.39
CA ALA L 108 13.19 -55.42 -14.57
C ALA L 108 12.32 -56.65 -14.34
N GLY L 109 11.02 -56.50 -14.59
CA GLY L 109 10.09 -57.56 -14.29
C GLY L 109 9.97 -58.61 -15.37
N VAL L 110 9.81 -58.18 -16.62
CA VAL L 110 9.54 -59.08 -17.74
C VAL L 110 10.64 -58.93 -18.79
N GLU L 111 10.77 -59.95 -19.62
CA GLU L 111 11.70 -59.97 -20.74
C GLU L 111 10.98 -59.57 -22.03
N GLY L 112 11.63 -58.74 -22.85
CA GLY L 112 11.06 -58.26 -24.08
C GLY L 112 12.09 -57.79 -25.10
N PRO L 113 11.62 -57.52 -26.34
CA PRO L 113 12.55 -57.11 -27.41
C PRO L 113 13.03 -55.67 -27.32
N THR L 114 12.15 -54.74 -26.96
CA THR L 114 12.52 -53.33 -26.82
C THR L 114 13.03 -53.05 -25.41
N LYS L 115 13.90 -52.05 -25.33
CA LYS L 115 14.57 -51.66 -24.10
C LYS L 115 14.02 -50.33 -23.61
N ILE L 116 13.85 -50.17 -22.30
CA ILE L 116 13.38 -48.93 -21.71
C ILE L 116 14.38 -48.49 -20.64
N LYS L 117 14.92 -47.29 -20.79
CA LYS L 117 15.84 -46.75 -19.80
C LYS L 117 15.03 -46.39 -18.57
N LEU L 118 15.46 -46.91 -17.41
CA LEU L 118 14.76 -46.66 -16.15
C LEU L 118 15.75 -46.20 -15.10
N GLY L 119 16.66 -47.07 -14.69
CA GLY L 119 17.68 -46.64 -13.73
C GLY L 119 18.61 -45.58 -14.32
N GLY L 120 18.90 -45.70 -15.63
CA GLY L 120 19.83 -44.78 -16.26
C GLY L 120 19.36 -43.34 -16.29
N ALA L 121 18.07 -43.09 -16.08
CA ALA L 121 17.56 -41.73 -16.02
C ALA L 121 17.33 -41.26 -14.60
N ILE L 122 16.93 -42.18 -13.70
CA ILE L 122 16.77 -41.81 -12.29
C ILE L 122 18.14 -41.58 -11.63
N ARG L 123 19.19 -42.20 -12.15
CA ARG L 123 20.54 -41.99 -11.62
C ARG L 123 20.89 -40.51 -11.51
N TYR L 124 20.31 -39.67 -12.37
CA TYR L 124 20.66 -38.27 -12.34
C TYR L 124 20.15 -37.56 -11.09
N PHE L 125 19.30 -38.23 -10.31
CA PHE L 125 18.97 -37.72 -8.99
C PHE L 125 20.13 -37.91 -8.02
N GLY L 126 21.06 -38.82 -8.36
CA GLY L 126 22.23 -39.08 -7.55
C GLY L 126 23.21 -37.93 -7.49
N ASP L 127 23.09 -36.94 -8.39
CA ASP L 127 23.91 -35.73 -8.37
C ASP L 127 25.39 -36.05 -8.53
N GLY L 128 25.69 -37.03 -9.38
CA GLY L 128 27.05 -37.41 -9.65
C GLY L 128 27.66 -38.36 -8.66
N PHE L 129 26.95 -38.65 -7.57
CA PHE L 129 27.43 -39.59 -6.58
C PHE L 129 26.98 -41.01 -6.87
N ALA L 130 26.07 -41.17 -7.83
CA ALA L 130 25.56 -42.49 -8.16
C ALA L 130 26.63 -43.26 -8.92
N VAL L 131 26.68 -44.57 -8.69
CA VAL L 131 27.61 -45.45 -9.37
C VAL L 131 26.80 -46.56 -10.03
N ALA L 132 27.39 -47.16 -11.05
CA ALA L 132 26.81 -48.29 -11.78
C ALA L 132 27.63 -49.54 -11.51
N LYS L 133 26.96 -50.68 -11.40
CA LYS L 133 27.61 -51.96 -11.15
C LYS L 133 27.08 -53.03 -12.10
N ARG L 134 27.96 -53.91 -12.55
CA ARG L 134 27.63 -55.00 -13.46
C ARG L 134 27.85 -56.34 -12.77
N LEU L 135 26.79 -57.14 -12.67
CA LEU L 135 26.80 -58.42 -11.94
C LEU L 135 25.97 -59.50 -12.64
N PRO L 136 26.46 -60.73 -12.66
CA PRO L 136 25.68 -61.83 -13.27
C PRO L 136 24.57 -62.32 -12.35
N ASP L 137 23.39 -62.57 -12.94
CA ASP L 137 22.25 -63.05 -12.17
C ASP L 137 22.32 -64.57 -12.03
N HIS L 138 21.29 -65.15 -11.41
CA HIS L 138 21.23 -66.59 -11.20
C HIS L 138 21.23 -67.35 -12.52
N GLU L 139 20.68 -66.76 -13.59
CA GLU L 139 20.57 -67.43 -14.87
C GLU L 139 21.87 -67.39 -15.67
N GLY L 140 22.79 -66.50 -15.32
CA GLY L 140 24.05 -66.35 -16.01
C GLY L 140 24.17 -65.14 -16.89
N LYS L 141 23.20 -64.24 -16.87
CA LYS L 141 23.18 -63.07 -17.73
C LYS L 141 23.73 -61.86 -16.97
N MET L 142 24.56 -61.07 -17.65
CA MET L 142 25.12 -59.87 -17.05
C MET L 142 24.08 -58.76 -17.03
N ARG L 143 23.77 -58.25 -15.84
CA ARG L 143 22.81 -57.16 -15.68
C ARG L 143 23.51 -55.96 -15.05
N ARG L 144 23.06 -54.78 -15.41
CA ARG L 144 23.64 -53.52 -14.94
C ARG L 144 22.66 -52.78 -14.05
N TYR L 145 23.13 -52.36 -12.87
CA TYR L 145 22.31 -51.64 -11.89
C TYR L 145 22.97 -50.33 -11.49
N TRP L 146 22.13 -49.37 -11.09
CA TRP L 146 22.59 -48.08 -10.61
C TRP L 146 22.38 -48.02 -9.10
N ARG L 147 23.31 -47.36 -8.40
CA ARG L 147 23.25 -47.24 -6.96
C ARG L 147 23.15 -45.76 -6.65
N ILE L 148 21.94 -45.30 -6.39
CA ILE L 148 21.69 -43.88 -6.13
C ILE L 148 21.71 -43.66 -4.62
N PRO L 149 22.60 -42.80 -4.11
CA PRO L 149 22.64 -42.54 -2.67
C PRO L 149 21.47 -41.69 -2.23
N VAL L 150 20.79 -42.15 -1.18
CA VAL L 150 19.62 -41.51 -0.60
C VAL L 150 19.74 -41.55 0.92
N MET L 151 18.81 -40.87 1.59
CA MET L 151 18.86 -40.72 3.05
C MET L 151 18.86 -42.05 3.78
N ASP L 152 17.95 -42.96 3.43
CA ASP L 152 17.94 -44.23 4.16
C ASP L 152 19.13 -45.11 3.77
N GLY L 153 19.74 -44.87 2.61
CA GLY L 153 20.84 -45.69 2.17
C GLY L 153 21.19 -45.55 0.70
N GLU L 154 21.00 -46.64 -0.05
CA GLU L 154 21.13 -46.65 -1.50
C GLU L 154 19.82 -47.13 -2.12
N PHE L 155 19.35 -46.41 -3.14
CA PHE L 155 18.26 -46.88 -3.98
C PHE L 155 18.88 -47.60 -5.17
N LEU L 156 18.84 -48.94 -5.14
CA LEU L 156 19.38 -49.75 -6.22
C LEU L 156 18.31 -49.92 -7.28
N CYS L 157 18.66 -49.64 -8.53
CA CYS L 157 17.72 -49.64 -9.63
C CYS L 157 18.38 -50.16 -10.88
N GLU L 158 17.75 -51.11 -11.58
CA GLU L 158 18.34 -51.62 -12.81
C GLU L 158 18.32 -50.54 -13.90
N ASP L 159 19.40 -50.51 -14.68
CA ASP L 159 19.58 -49.53 -15.74
C ASP L 159 18.42 -49.52 -16.73
N SER L 160 18.09 -50.67 -17.30
CA SER L 160 17.10 -50.78 -18.36
C SER L 160 16.07 -51.85 -18.01
N VAL L 161 14.82 -51.61 -18.45
CA VAL L 161 13.74 -52.58 -18.30
C VAL L 161 13.23 -52.91 -19.68
N ARG L 162 12.88 -54.17 -19.91
CA ARG L 162 12.43 -54.61 -21.22
C ARG L 162 10.92 -54.48 -21.32
N ALA L 163 10.44 -54.12 -22.52
CA ALA L 163 9.02 -54.00 -22.82
C ALA L 163 8.62 -55.09 -23.81
N VAL L 164 7.65 -55.91 -23.42
CA VAL L 164 7.22 -57.04 -24.24
C VAL L 164 6.38 -56.53 -25.39
N ASP L 165 6.54 -57.13 -26.56
CA ASP L 165 5.73 -56.77 -27.71
C ASP L 165 4.50 -57.66 -27.76
N GLY L 166 3.39 -57.09 -28.22
CA GLY L 166 2.17 -57.86 -28.24
C GLY L 166 1.41 -57.88 -26.93
N ALA L 167 1.47 -56.79 -26.17
CA ALA L 167 0.63 -56.64 -25.00
C ALA L 167 -0.76 -56.17 -25.44
N VAL L 168 -1.81 -56.78 -24.89
CA VAL L 168 -3.17 -56.50 -25.29
C VAL L 168 -3.90 -55.86 -24.12
N GLY L 169 -4.63 -54.77 -24.39
CA GLY L 169 -5.43 -54.15 -23.36
C GLY L 169 -6.84 -53.93 -23.87
N GLY L 170 -7.75 -53.70 -22.93
CA GLY L 170 -9.13 -53.42 -23.29
C GLY L 170 -10.05 -54.61 -23.39
N GLY L 171 -9.58 -55.82 -23.05
CA GLY L 171 -10.45 -56.98 -23.06
C GLY L 171 -11.43 -56.89 -21.91
N ASN L 172 -12.74 -56.88 -22.20
CA ASN L 172 -13.70 -56.63 -21.13
C ASN L 172 -14.97 -57.43 -21.34
N LEU L 173 -15.58 -57.85 -20.22
CA LEU L 173 -16.91 -58.43 -20.22
C LEU L 173 -17.71 -57.90 -19.04
N LEU L 174 -18.97 -57.54 -19.30
CA LEU L 174 -19.85 -56.89 -18.32
C LEU L 174 -21.00 -57.79 -17.87
N PHE L 175 -21.41 -57.61 -16.61
CA PHE L 175 -22.48 -58.38 -15.98
C PHE L 175 -23.70 -57.51 -15.75
N LEU L 176 -24.88 -58.09 -16.01
CA LEU L 176 -26.17 -57.44 -15.74
C LEU L 176 -26.88 -58.21 -14.65
N GLY L 177 -27.38 -57.51 -13.63
CA GLY L 177 -28.04 -58.18 -12.52
C GLY L 177 -29.14 -57.32 -11.92
N ARG L 178 -30.02 -57.98 -11.18
CA ARG L 178 -31.21 -57.30 -10.66
C ARG L 178 -30.89 -56.33 -9.52
N LYS L 179 -29.96 -56.68 -8.64
CA LYS L 179 -29.73 -55.91 -7.42
C LYS L 179 -28.26 -55.51 -7.31
N HIS L 180 -28.02 -54.22 -6.99
CA HIS L 180 -26.68 -53.65 -6.97
C HIS L 180 -25.74 -54.37 -6.01
N ALA L 181 -26.19 -54.57 -4.77
CA ALA L 181 -25.32 -55.15 -3.75
C ALA L 181 -24.86 -56.55 -4.15
N ASP L 182 -25.79 -57.40 -4.60
CA ASP L 182 -25.43 -58.76 -4.95
C ASP L 182 -24.55 -58.82 -6.19
N THR L 183 -24.84 -58.01 -7.21
CA THR L 183 -24.06 -58.09 -8.44
C THR L 183 -22.60 -57.70 -8.22
N LEU L 184 -22.35 -56.81 -7.26
CA LEU L 184 -20.98 -56.46 -6.92
C LEU L 184 -20.23 -57.68 -6.42
N ILE L 185 -20.91 -58.52 -5.62
CA ILE L 185 -20.27 -59.74 -5.13
C ILE L 185 -19.92 -60.66 -6.28
N VAL L 186 -20.77 -60.74 -7.30
CA VAL L 186 -20.44 -61.52 -8.49
C VAL L 186 -19.19 -60.95 -9.14
N ALA L 187 -19.17 -59.63 -9.31
CA ALA L 187 -18.01 -59.00 -9.94
C ALA L 187 -16.78 -59.13 -9.06
N GLU L 188 -16.95 -59.05 -7.72
CA GLU L 188 -15.80 -59.18 -6.83
C GLU L 188 -15.17 -60.56 -6.96
N ILE L 189 -16.00 -61.60 -7.00
CA ILE L 189 -15.45 -62.95 -7.21
C ILE L 189 -15.09 -63.17 -8.67
N ALA L 190 -15.53 -62.29 -9.56
CA ALA L 190 -15.10 -62.40 -10.94
C ALA L 190 -13.69 -61.86 -11.13
N VAL L 191 -13.36 -60.73 -10.50
CA VAL L 191 -12.01 -60.17 -10.63
C VAL L 191 -11.00 -61.04 -9.91
N GLU L 192 -11.38 -61.59 -8.74
CA GLU L 192 -10.48 -62.47 -8.01
C GLU L 192 -10.06 -63.65 -8.88
N ALA L 193 -10.95 -64.11 -9.76
CA ALA L 193 -10.58 -65.13 -10.72
C ALA L 193 -9.63 -64.58 -11.78
N ALA L 194 -9.89 -63.35 -12.24
CA ALA L 194 -9.11 -62.80 -13.35
C ALA L 194 -7.70 -62.42 -12.90
N LYS L 195 -7.56 -61.87 -11.68
CA LYS L 195 -6.23 -61.49 -11.19
C LYS L 195 -5.28 -62.67 -11.19
N ALA L 196 -5.79 -63.88 -11.04
CA ALA L 196 -4.95 -65.06 -10.87
C ALA L 196 -4.14 -65.38 -12.12
N ILE L 197 -4.60 -64.98 -13.29
CA ILE L 197 -3.90 -65.33 -14.53
C ILE L 197 -2.58 -64.57 -14.57
N PRO L 198 -1.44 -65.25 -14.78
CA PRO L 198 -0.15 -64.55 -14.73
C PRO L 198 -0.01 -63.56 -15.88
N GLY L 199 0.52 -62.39 -15.58
CA GLY L 199 0.71 -61.41 -16.62
C GLY L 199 -0.50 -60.59 -16.96
N ALA L 200 -1.58 -60.70 -16.18
CA ALA L 200 -2.80 -59.97 -16.42
C ALA L 200 -3.18 -59.17 -15.19
N ILE L 201 -3.70 -57.96 -15.41
CA ILE L 201 -4.15 -57.09 -14.34
C ILE L 201 -5.47 -56.46 -14.75
N LEU L 202 -6.09 -55.77 -13.81
CA LEU L 202 -7.36 -55.08 -14.03
C LEU L 202 -7.25 -53.65 -13.51
N PRO L 203 -7.14 -52.64 -14.39
CA PRO L 203 -6.70 -51.32 -13.92
C PRO L 203 -7.75 -50.57 -13.12
N PHE L 204 -9.03 -50.78 -13.36
CA PHE L 204 -10.06 -49.97 -12.74
C PHE L 204 -10.18 -50.27 -11.24
N PRO L 205 -10.80 -49.38 -10.46
CA PRO L 205 -10.82 -49.53 -9.00
C PRO L 205 -11.40 -50.87 -8.57
N GLY L 206 -10.57 -51.67 -7.92
CA GLY L 206 -10.99 -53.02 -7.58
C GLY L 206 -11.24 -53.92 -8.75
N GLY L 207 -10.79 -53.53 -9.95
CA GLY L 207 -11.04 -54.29 -11.15
C GLY L 207 -12.35 -54.00 -11.84
N ILE L 208 -13.28 -53.33 -11.17
CA ILE L 208 -14.63 -53.11 -11.68
C ILE L 208 -14.78 -51.67 -12.15
N VAL L 209 -15.55 -51.48 -13.21
CA VAL L 209 -15.88 -50.16 -13.74
C VAL L 209 -17.38 -49.98 -13.64
N ARG L 210 -17.82 -48.81 -13.23
CA ARG L 210 -19.23 -48.52 -13.23
C ARG L 210 -19.64 -47.50 -14.28
N SER L 211 -18.69 -46.85 -14.94
CA SER L 211 -18.99 -45.90 -16.00
C SER L 211 -18.69 -46.58 -17.33
N GLY L 212 -19.72 -46.82 -18.13
CA GLY L 212 -19.55 -47.49 -19.40
C GLY L 212 -18.92 -46.63 -20.47
N SER L 213 -17.67 -46.90 -20.81
CA SER L 213 -16.95 -46.12 -21.83
C SER L 213 -17.58 -46.40 -23.20
N LYS L 214 -18.28 -45.42 -23.75
CA LYS L 214 -18.89 -45.52 -25.07
C LYS L 214 -18.14 -44.62 -26.06
N VAL L 215 -17.82 -45.17 -27.22
CA VAL L 215 -17.07 -44.41 -28.23
C VAL L 215 -17.99 -43.39 -28.89
N GLY L 216 -17.46 -42.19 -29.12
CA GLY L 216 -18.26 -41.14 -29.73
C GLY L 216 -19.11 -40.40 -28.73
N GLY L 217 -20.03 -39.61 -29.26
CA GLY L 217 -20.92 -38.84 -28.40
C GLY L 217 -22.04 -38.23 -29.21
N ARG L 218 -23.08 -37.82 -28.48
CA ARG L 218 -24.26 -37.25 -29.11
C ARG L 218 -23.97 -35.87 -29.70
N THR L 219 -23.22 -35.05 -28.98
CA THR L 219 -22.98 -33.65 -29.33
C THR L 219 -21.49 -33.31 -29.33
N LYS L 220 -21.13 -32.37 -30.20
CA LYS L 220 -19.77 -31.79 -30.36
C LYS L 220 -18.82 -32.93 -30.79
N GLY L 221 -17.56 -32.90 -30.36
CA GLY L 221 -16.68 -34.01 -30.66
C GLY L 221 -16.08 -34.68 -29.44
N MET L 222 -16.93 -35.24 -28.57
CA MET L 222 -16.46 -35.97 -27.40
C MET L 222 -16.21 -37.42 -27.78
N MET L 223 -15.00 -37.91 -27.51
CA MET L 223 -14.67 -39.26 -27.92
C MET L 223 -15.19 -40.31 -26.94
N ALA L 224 -15.35 -39.96 -25.67
CA ALA L 224 -15.86 -40.91 -24.69
C ALA L 224 -17.06 -40.31 -24.02
N SER L 225 -18.09 -41.13 -23.87
CA SER L 225 -19.32 -40.74 -23.20
C SER L 225 -19.92 -41.99 -22.56
N THR L 226 -20.93 -41.77 -21.72
CA THR L 226 -21.57 -42.89 -21.04
C THR L 226 -22.35 -43.77 -22.01
N ASN L 227 -22.45 -45.04 -21.66
CA ASN L 227 -23.13 -46.05 -22.48
C ASN L 227 -24.60 -46.09 -22.10
N ASP L 228 -25.38 -45.19 -22.70
CA ASP L 228 -26.79 -45.06 -22.36
C ASP L 228 -27.53 -46.38 -22.52
N ALA L 229 -27.04 -47.28 -23.37
CA ALA L 229 -27.72 -48.55 -23.59
C ALA L 229 -27.74 -49.39 -22.32
N TYR L 230 -26.64 -49.41 -21.59
CA TYR L 230 -26.54 -50.20 -20.37
C TYR L 230 -26.70 -49.35 -19.11
N CYS L 231 -27.38 -48.21 -19.22
CA CYS L 231 -27.69 -47.40 -18.05
C CYS L 231 -29.07 -47.77 -17.53
N PRO L 232 -29.20 -48.19 -16.27
CA PRO L 232 -30.52 -48.58 -15.76
C PRO L 232 -31.45 -47.39 -15.57
N THR L 233 -30.89 -46.18 -15.44
CA THR L 233 -31.73 -44.99 -15.36
C THR L 233 -32.34 -44.64 -16.72
N LEU L 234 -31.74 -45.13 -17.81
CA LEU L 234 -32.28 -44.94 -19.16
C LEU L 234 -32.93 -46.21 -19.71
N LYS L 235 -33.73 -46.86 -18.89
CA LYS L 235 -34.42 -48.09 -19.23
C LYS L 235 -35.78 -47.80 -19.84
N GLY L 236 -36.31 -48.80 -20.56
CA GLY L 236 -37.66 -48.73 -21.10
C GLY L 236 -37.77 -48.05 -22.46
N ARG L 237 -36.87 -47.12 -22.75
CA ARG L 237 -36.87 -46.37 -24.00
C ARG L 237 -36.08 -47.09 -25.09
N ALA L 238 -36.31 -46.67 -26.33
CA ALA L 238 -35.60 -47.25 -27.46
C ALA L 238 -34.11 -47.02 -27.29
N GLY L 239 -33.34 -48.07 -27.47
CA GLY L 239 -31.89 -48.00 -27.35
C GLY L 239 -31.30 -48.48 -26.05
N SER L 240 -32.09 -49.09 -25.16
CA SER L 240 -31.58 -49.64 -23.92
C SER L 240 -31.41 -51.13 -24.13
N ALA L 241 -30.17 -51.61 -24.02
CA ALA L 241 -29.86 -53.01 -24.29
C ALA L 241 -29.92 -53.87 -23.04
N LEU L 242 -30.90 -53.67 -22.16
CA LEU L 242 -30.95 -54.51 -20.98
C LEU L 242 -32.39 -54.81 -20.59
N PRO L 243 -32.68 -56.00 -20.09
CA PRO L 243 -34.07 -56.39 -19.85
C PRO L 243 -34.64 -55.73 -18.62
N PRO L 244 -35.97 -55.75 -18.44
CA PRO L 244 -36.57 -55.09 -17.27
C PRO L 244 -36.17 -55.71 -15.93
N GLU L 245 -35.86 -57.01 -15.88
CA GLU L 245 -35.44 -57.61 -14.62
C GLU L 245 -34.13 -57.01 -14.13
N CYS L 246 -33.30 -56.54 -15.04
CA CYS L 246 -31.98 -55.99 -14.69
C CYS L 246 -32.11 -54.58 -14.13
N GLY L 247 -31.24 -54.27 -13.18
CA GLY L 247 -31.23 -52.94 -12.59
C GLY L 247 -29.86 -52.35 -12.36
N VAL L 248 -28.81 -53.15 -12.56
CA VAL L 248 -27.43 -52.72 -12.32
C VAL L 248 -26.50 -53.44 -13.29
N VAL L 249 -25.53 -52.70 -13.82
CA VAL L 249 -24.54 -53.21 -14.77
C VAL L 249 -23.15 -52.88 -14.23
N LEU L 250 -22.22 -53.84 -14.34
CA LEU L 250 -20.84 -53.64 -13.94
C LEU L 250 -19.91 -54.24 -14.98
N GLU L 251 -18.84 -53.50 -15.31
CA GLU L 251 -17.90 -53.91 -16.34
C GLU L 251 -16.56 -54.30 -15.73
N ILE L 252 -15.91 -55.27 -16.36
CA ILE L 252 -14.60 -55.79 -15.94
C ILE L 252 -13.65 -55.67 -17.12
N VAL L 253 -12.58 -54.90 -16.96
CA VAL L 253 -11.61 -54.68 -18.03
C VAL L 253 -10.28 -55.35 -17.66
N ILE L 254 -9.71 -56.10 -18.61
CA ILE L 254 -8.49 -56.88 -18.42
C ILE L 254 -7.42 -56.44 -19.41
N ASP L 255 -6.21 -56.22 -18.91
CA ASP L 255 -5.03 -55.96 -19.73
C ASP L 255 -4.00 -57.03 -19.44
N ALA L 256 -3.23 -57.44 -20.44
CA ALA L 256 -2.21 -58.46 -20.19
C ALA L 256 -1.03 -58.29 -21.14
N LEU L 257 0.11 -58.82 -20.72
CA LEU L 257 1.33 -58.76 -21.53
C LEU L 257 1.25 -59.67 -22.75
N THR L 258 0.43 -60.72 -22.68
CA THR L 258 0.25 -61.62 -23.81
C THR L 258 -1.24 -61.73 -24.10
N SER L 259 -1.54 -61.88 -25.40
CA SER L 259 -2.93 -61.94 -25.85
C SER L 259 -3.65 -63.12 -25.22
N ALA L 260 -2.99 -64.27 -25.12
CA ALA L 260 -3.62 -65.46 -24.57
C ALA L 260 -4.03 -65.24 -23.12
N ALA L 261 -3.24 -64.47 -22.36
CA ALA L 261 -3.60 -64.21 -20.98
C ALA L 261 -4.90 -63.44 -20.88
N VAL L 262 -5.16 -62.53 -21.83
CA VAL L 262 -6.42 -61.79 -21.81
C VAL L 262 -7.59 -62.74 -21.96
N ALA L 263 -7.49 -63.68 -22.90
CA ALA L 263 -8.56 -64.65 -23.09
C ALA L 263 -8.72 -65.54 -21.88
N GLU L 264 -7.60 -66.02 -21.32
CA GLU L 264 -7.70 -66.92 -20.18
C GLU L 264 -8.22 -66.17 -18.95
N SER L 265 -7.88 -64.89 -18.82
CA SER L 265 -8.42 -64.11 -17.73
C SER L 265 -9.92 -63.90 -17.91
N MET L 266 -10.36 -63.65 -19.14
CA MET L 266 -11.78 -63.53 -19.41
C MET L 266 -12.49 -64.85 -19.11
N ARG L 267 -11.91 -65.96 -19.55
CA ARG L 267 -12.52 -67.26 -19.32
C ARG L 267 -12.71 -67.54 -17.84
N ALA L 268 -11.68 -67.31 -17.04
CA ALA L 268 -11.79 -67.60 -15.61
C ALA L 268 -12.85 -66.73 -14.95
N ALA L 269 -12.94 -65.46 -15.35
CA ALA L 269 -13.96 -64.59 -14.78
C ALA L 269 -15.35 -64.98 -15.24
N LEU L 270 -15.51 -65.28 -16.53
CA LEU L 270 -16.81 -65.68 -17.06
C LEU L 270 -17.34 -66.90 -16.32
N HIS L 271 -16.47 -67.88 -16.06
CA HIS L 271 -16.90 -69.10 -15.38
C HIS L 271 -17.15 -68.85 -13.90
N ALA L 272 -16.22 -68.16 -13.23
CA ALA L 272 -16.39 -67.88 -11.80
C ALA L 272 -17.67 -67.10 -11.54
N ALA L 273 -18.00 -66.14 -12.40
CA ALA L 273 -19.19 -65.32 -12.19
C ALA L 273 -20.46 -66.15 -12.33
N THR L 274 -20.54 -67.01 -13.34
CA THR L 274 -21.77 -67.76 -13.61
C THR L 274 -22.01 -68.87 -12.58
N GLU L 275 -20.95 -69.50 -12.08
CA GLU L 275 -21.13 -70.57 -11.10
C GLU L 275 -21.91 -70.09 -9.88
N ILE L 276 -21.59 -68.89 -9.39
CA ILE L 276 -22.28 -68.32 -8.24
C ILE L 276 -23.33 -67.30 -8.68
N GLY L 277 -23.46 -67.06 -9.98
CA GLY L 277 -24.28 -65.96 -10.46
C GLY L 277 -25.75 -66.10 -10.09
N ALA L 278 -26.29 -67.30 -10.25
CA ALA L 278 -27.71 -67.50 -9.99
C ALA L 278 -28.06 -67.11 -8.56
N GLN L 279 -27.16 -67.40 -7.62
CA GLN L 279 -27.41 -67.09 -6.22
C GLN L 279 -27.56 -65.58 -5.99
N HIS L 280 -26.76 -64.77 -6.68
CA HIS L 280 -26.75 -63.34 -6.45
C HIS L 280 -27.53 -62.55 -7.50
N GLY L 281 -28.40 -63.21 -8.27
CA GLY L 281 -29.28 -62.47 -9.16
C GLY L 281 -28.68 -62.01 -10.46
N LEU L 282 -27.58 -62.63 -10.90
CA LEU L 282 -26.99 -62.34 -12.20
C LEU L 282 -27.94 -62.71 -13.33
N VAL L 283 -28.37 -61.72 -14.11
CA VAL L 283 -29.30 -61.97 -15.22
C VAL L 283 -28.56 -62.48 -16.45
N ALA L 284 -27.54 -61.75 -16.90
CA ALA L 284 -26.85 -62.15 -18.13
C ALA L 284 -25.44 -61.59 -18.13
N VAL L 285 -24.64 -62.12 -19.07
CA VAL L 285 -23.23 -61.72 -19.24
C VAL L 285 -22.99 -61.37 -20.71
N THR L 286 -22.45 -60.18 -20.95
CA THR L 286 -22.14 -59.70 -22.29
C THR L 286 -20.69 -59.22 -22.30
N ALA L 287 -20.21 -58.82 -23.47
CA ALA L 287 -18.89 -58.24 -23.63
C ALA L 287 -19.01 -56.92 -24.38
N GLY L 288 -18.12 -55.99 -24.07
CA GLY L 288 -18.12 -54.69 -24.72
C GLY L 288 -17.34 -54.65 -26.02
N ASN L 289 -18.00 -54.26 -27.10
CA ASN L 289 -17.36 -54.12 -28.41
C ASN L 289 -17.63 -52.72 -28.95
N TYR L 290 -16.81 -52.31 -29.93
CA TYR L 290 -16.89 -50.98 -30.50
C TYR L 290 -17.29 -50.98 -31.97
N GLY L 291 -17.48 -52.13 -32.59
CA GLY L 291 -17.86 -52.21 -33.99
C GLY L 291 -17.03 -53.20 -34.79
N GLY L 292 -15.87 -53.58 -34.25
CA GLY L 292 -15.00 -54.57 -34.85
C GLY L 292 -13.80 -54.00 -35.58
N ASN L 293 -13.91 -52.77 -36.09
CA ASN L 293 -12.85 -52.20 -36.90
C ASN L 293 -11.86 -51.36 -36.10
N LEU L 294 -12.18 -51.03 -34.85
CA LEU L 294 -11.28 -50.24 -34.01
C LEU L 294 -10.14 -51.07 -33.45
N GLY L 295 -10.45 -52.25 -32.92
CA GLY L 295 -9.48 -53.10 -32.24
C GLY L 295 -9.19 -54.36 -33.01
N ARG L 296 -7.91 -54.76 -33.03
CA ARG L 296 -7.49 -55.96 -33.74
C ARG L 296 -8.00 -57.23 -33.07
N HIS L 297 -7.89 -57.31 -31.75
CA HIS L 297 -8.18 -58.54 -31.02
C HIS L 297 -9.65 -58.62 -30.64
N HIS L 298 -10.30 -59.70 -31.05
CA HIS L 298 -11.69 -59.98 -30.73
C HIS L 298 -11.75 -61.23 -29.87
N TYR L 299 -12.31 -61.10 -28.67
CA TYR L 299 -12.43 -62.21 -27.73
C TYR L 299 -13.91 -62.58 -27.69
N HIS L 300 -14.30 -63.53 -28.53
CA HIS L 300 -15.68 -63.97 -28.58
C HIS L 300 -15.99 -64.85 -27.37
N LEU L 301 -17.15 -64.62 -26.75
CA LEU L 301 -17.56 -65.46 -25.63
C LEU L 301 -17.93 -66.87 -26.06
N ARG L 302 -18.11 -67.12 -27.35
CA ARG L 302 -18.41 -68.48 -27.79
C ARG L 302 -17.18 -69.38 -27.68
N ASP L 303 -15.98 -68.81 -27.75
CA ASP L 303 -14.77 -69.61 -27.64
C ASP L 303 -14.37 -69.86 -26.19
N LEU L 304 -14.92 -69.09 -25.25
CA LEU L 304 -14.55 -69.18 -23.86
C LEU L 304 -15.40 -70.17 -23.07
N LEU L 305 -16.12 -71.05 -23.77
CA LEU L 305 -17.05 -71.97 -23.09
C LEU L 305 -16.31 -73.05 -22.32
N GLU L 306 -15.17 -73.51 -22.81
CA GLU L 306 -14.46 -74.62 -22.19
C GLU L 306 -14.01 -74.26 -20.77
N LYS L 307 -14.22 -75.20 -19.85
CA LYS L 307 -13.84 -75.00 -18.44
C LYS L 307 -12.33 -74.86 -18.29
N PRO L 308 -11.86 -74.05 -17.34
CA PRO L 308 -10.43 -73.87 -17.09
C PRO L 308 -9.78 -75.11 -16.47
N MET M 1 -58.57 29.05 -41.11
CA MET M 1 -58.07 29.79 -39.95
C MET M 1 -56.61 30.13 -40.14
N LEU M 2 -56.26 31.41 -39.95
CA LEU M 2 -54.91 31.91 -40.17
C LEU M 2 -54.06 31.77 -38.91
N THR M 3 -52.84 31.27 -39.08
CA THR M 3 -51.92 31.05 -37.97
C THR M 3 -50.53 31.54 -38.35
N ARG M 4 -49.85 32.18 -37.40
CA ARG M 4 -48.50 32.70 -37.61
C ARG M 4 -47.58 32.11 -36.55
N ILE M 5 -46.53 31.42 -37.00
CA ILE M 5 -45.55 30.80 -36.12
C ILE M 5 -44.21 31.48 -36.36
N HIS M 6 -43.87 32.45 -35.51
CA HIS M 6 -42.66 33.24 -35.69
C HIS M 6 -41.70 33.03 -34.52
N GLY M 7 -40.43 33.34 -34.77
CA GLY M 7 -39.40 33.26 -33.76
C GLY M 7 -38.57 31.99 -33.80
N GLY M 8 -39.08 30.95 -34.46
CA GLY M 8 -38.40 29.67 -34.45
C GLY M 8 -37.44 29.49 -35.61
N ARG M 9 -36.40 28.69 -35.37
CA ARG M 9 -35.44 28.33 -36.41
C ARG M 9 -36.09 27.31 -37.35
N VAL M 10 -36.62 27.79 -38.47
CA VAL M 10 -37.31 26.93 -39.41
C VAL M 10 -36.28 26.22 -40.27
N VAL M 11 -36.36 24.89 -40.31
CA VAL M 11 -35.41 24.06 -41.03
C VAL M 11 -36.16 23.38 -42.17
N ASP M 12 -35.82 23.76 -43.41
CA ASP M 12 -36.45 23.18 -44.60
C ASP M 12 -35.34 22.96 -45.61
N PRO M 13 -34.76 21.75 -45.65
CA PRO M 13 -33.64 21.51 -46.55
C PRO M 13 -34.00 21.51 -48.04
N THR M 14 -35.28 21.29 -48.39
CA THR M 14 -35.66 21.30 -49.81
C THR M 14 -35.64 22.71 -50.39
N ALA M 15 -35.86 23.73 -49.55
CA ALA M 15 -35.77 25.12 -49.97
C ALA M 15 -34.44 25.78 -49.59
N GLY M 16 -33.61 25.12 -48.79
CA GLY M 16 -32.36 25.68 -48.32
C GLY M 16 -32.46 26.54 -47.08
N ARG M 17 -33.48 26.31 -46.25
CA ARG M 17 -33.81 27.19 -45.13
C ARG M 17 -33.26 26.61 -43.83
N ASP M 18 -32.42 27.40 -43.14
CA ASP M 18 -31.90 27.05 -41.82
C ASP M 18 -31.79 28.31 -40.98
N ALA M 19 -32.82 29.16 -41.01
CA ALA M 19 -32.80 30.45 -40.33
C ALA M 19 -34.15 30.73 -39.69
N VAL M 20 -34.14 31.62 -38.70
CA VAL M 20 -35.34 31.98 -37.96
C VAL M 20 -36.31 32.75 -38.86
N GLY M 21 -37.60 32.46 -38.72
CA GLY M 21 -38.58 33.16 -39.53
C GLY M 21 -39.99 32.73 -39.20
N ASP M 22 -40.94 33.34 -39.91
CA ASP M 22 -42.36 33.07 -39.76
C ASP M 22 -42.77 31.90 -40.64
N VAL M 23 -43.83 31.20 -40.20
CA VAL M 23 -44.50 30.16 -40.98
C VAL M 23 -46.00 30.43 -40.89
N TRP M 24 -46.61 30.75 -42.03
CA TRP M 24 -48.03 31.08 -42.09
C TRP M 24 -48.81 29.91 -42.69
N ILE M 25 -49.86 29.47 -42.00
CA ILE M 25 -50.70 28.36 -42.43
C ILE M 25 -52.17 28.77 -42.36
N GLU M 26 -52.92 28.50 -43.43
CA GLU M 26 -54.34 28.80 -43.51
C GLU M 26 -55.09 27.58 -44.06
N ASP M 27 -56.19 27.22 -43.41
CA ASP M 27 -57.05 26.11 -43.84
C ASP M 27 -56.26 24.81 -43.95
N GLY M 28 -55.37 24.58 -43.00
CA GLY M 28 -54.67 23.32 -43.01
C GLY M 28 -53.59 23.20 -44.06
N ARG M 29 -53.18 24.31 -44.66
CA ARG M 29 -52.11 24.28 -45.64
C ARG M 29 -51.23 25.51 -45.44
N VAL M 30 -49.95 25.38 -45.79
CA VAL M 30 -48.99 26.48 -45.64
C VAL M 30 -49.24 27.49 -46.75
N VAL M 31 -49.35 28.77 -46.37
CA VAL M 31 -49.60 29.86 -47.31
C VAL M 31 -48.48 30.90 -47.19
N ALA M 32 -48.44 31.79 -48.18
CA ALA M 32 -47.46 32.86 -48.19
C ALA M 32 -47.78 33.88 -47.09
N PRO M 33 -46.74 34.59 -46.58
CA PRO M 33 -46.97 35.52 -45.46
C PRO M 33 -48.00 36.59 -45.76
N SER M 34 -49.20 36.44 -45.18
CA SER M 34 -50.27 37.40 -45.39
C SER M 34 -50.07 38.65 -44.53
N GLU M 35 -50.31 39.81 -45.14
CA GLU M 35 -50.16 41.11 -44.47
C GLU M 35 -51.37 41.47 -43.60
N ARG M 36 -52.26 40.53 -43.30
CA ARG M 36 -53.39 40.75 -42.42
C ARG M 36 -53.19 40.02 -41.09
N ALA M 37 -53.88 40.52 -40.06
CA ALA M 37 -53.71 39.98 -38.72
C ALA M 37 -54.18 38.54 -38.63
N PRO M 38 -53.39 37.64 -38.06
CA PRO M 38 -53.80 36.23 -37.96
C PRO M 38 -54.72 36.00 -36.77
N ASP M 39 -55.49 34.91 -36.86
CA ASP M 39 -56.42 34.56 -35.79
C ASP M 39 -55.68 34.14 -34.53
N GLN M 40 -54.61 33.37 -34.68
CA GLN M 40 -53.81 32.89 -33.54
C GLN M 40 -52.34 32.97 -33.90
N THR M 41 -51.52 33.22 -32.89
CA THR M 41 -50.07 33.34 -33.05
C THR M 41 -49.37 32.39 -32.09
N ILE M 42 -48.41 31.64 -32.62
CA ILE M 42 -47.64 30.68 -31.82
C ILE M 42 -46.20 31.19 -31.73
N ASP M 43 -45.74 31.45 -30.50
CA ASP M 43 -44.39 31.95 -30.30
C ASP M 43 -43.45 30.78 -30.08
N ALA M 44 -42.34 30.78 -30.80
CA ALA M 44 -41.29 29.76 -30.66
C ALA M 44 -39.99 30.47 -30.29
N THR M 45 -39.63 30.43 -29.02
CA THR M 45 -38.35 30.92 -28.55
C THR M 45 -37.28 29.90 -28.91
N GLY M 46 -36.42 30.23 -29.87
CA GLY M 46 -35.51 29.25 -30.41
C GLY M 46 -36.30 28.18 -31.15
N CYS M 47 -36.46 27.01 -30.55
CA CYS M 47 -37.43 26.01 -30.98
C CYS M 47 -37.40 25.71 -32.49
N VAL M 48 -36.42 24.92 -32.92
CA VAL M 48 -36.27 24.49 -34.31
C VAL M 48 -37.58 23.96 -34.86
N VAL M 49 -38.05 24.56 -35.95
CA VAL M 49 -39.33 24.20 -36.56
C VAL M 49 -39.06 23.38 -37.81
N MET M 50 -39.63 22.18 -37.88
CA MET M 50 -39.45 21.29 -39.01
C MET M 50 -40.79 20.82 -39.54
N ALA M 51 -40.75 20.14 -40.69
CA ALA M 51 -41.94 19.57 -41.30
C ALA M 51 -42.44 18.36 -40.51
N GLY M 52 -43.58 17.84 -40.96
CA GLY M 52 -44.16 16.67 -40.31
C GLY M 52 -43.34 15.42 -40.60
N GLY M 53 -42.95 14.71 -39.53
CA GLY M 53 -42.18 13.50 -39.66
C GLY M 53 -42.83 12.40 -40.46
N VAL M 54 -42.07 11.79 -41.37
CA VAL M 54 -42.58 10.76 -42.26
C VAL M 54 -41.81 9.48 -41.99
N GLU M 55 -42.54 8.41 -41.67
CA GLU M 55 -41.96 7.08 -41.47
C GLU M 55 -42.29 6.20 -42.67
N VAL M 56 -41.27 5.58 -43.26
CA VAL M 56 -41.44 4.87 -44.53
C VAL M 56 -41.54 3.36 -44.31
N HIS M 57 -40.89 2.86 -43.28
CA HIS M 57 -40.83 1.42 -43.03
C HIS M 57 -41.07 1.18 -41.54
N SER M 58 -42.27 0.74 -41.21
CA SER M 58 -42.60 0.45 -39.82
C SER M 58 -43.71 -0.60 -39.79
N HIS M 59 -43.44 -1.77 -39.21
CA HIS M 59 -44.47 -2.80 -39.13
C HIS M 59 -45.48 -2.40 -38.07
N ILE M 60 -46.48 -1.64 -38.50
CA ILE M 60 -47.48 -1.08 -37.60
C ILE M 60 -48.82 -1.79 -37.69
N ALA M 61 -49.04 -2.59 -38.74
CA ALA M 61 -50.28 -3.33 -38.92
C ALA M 61 -49.98 -4.60 -39.70
N GLY M 62 -50.91 -5.55 -39.63
CA GLY M 62 -50.80 -6.82 -40.32
C GLY M 62 -51.10 -8.00 -39.43
N GLY M 63 -51.32 -9.17 -40.02
CA GLY M 63 -51.61 -10.35 -39.22
C GLY M 63 -50.46 -10.76 -38.33
N ASN M 64 -49.23 -10.54 -38.80
CA ASN M 64 -48.06 -10.83 -37.98
C ASN M 64 -47.87 -9.81 -36.87
N VAL M 65 -48.23 -8.54 -37.11
CA VAL M 65 -48.15 -7.55 -36.04
C VAL M 65 -49.16 -7.88 -34.94
N VAL M 66 -50.29 -8.49 -35.31
CA VAL M 66 -51.21 -9.02 -34.31
C VAL M 66 -50.59 -10.21 -33.58
N MET M 67 -49.98 -11.13 -34.34
CA MET M 67 -49.40 -12.33 -33.75
C MET M 67 -48.31 -11.98 -32.73
N SER M 68 -47.51 -10.95 -33.00
CA SER M 68 -46.43 -10.59 -32.08
C SER M 68 -46.97 -10.14 -30.73
N ARG M 69 -48.11 -9.44 -30.72
CA ARG M 69 -48.71 -9.03 -29.46
C ARG M 69 -49.33 -10.20 -28.72
N LEU M 70 -49.72 -11.24 -29.44
CA LEU M 70 -50.18 -12.46 -28.78
C LEU M 70 -49.00 -13.25 -28.22
N LEU M 71 -47.91 -13.34 -28.97
CA LEU M 71 -46.75 -14.11 -28.53
C LEU M 71 -46.02 -13.40 -27.38
N LEU M 72 -45.94 -12.07 -27.43
CA LEU M 72 -45.23 -11.29 -26.41
C LEU M 72 -46.15 -10.21 -25.81
N PRO M 73 -46.99 -10.57 -24.84
CA PRO M 73 -47.79 -9.55 -24.15
C PRO M 73 -46.99 -8.67 -23.20
N ASP M 74 -45.75 -9.03 -22.90
CA ASP M 74 -44.94 -8.26 -21.97
C ASP M 74 -44.08 -7.21 -22.66
N LEU M 75 -43.97 -7.26 -23.99
CA LEU M 75 -43.00 -6.44 -24.73
C LEU M 75 -43.09 -4.96 -24.34
N TYR M 76 -44.27 -4.38 -24.45
CA TYR M 76 -44.47 -2.95 -24.25
C TYR M 76 -45.22 -2.71 -22.94
N VAL M 77 -44.73 -1.75 -22.14
CA VAL M 77 -45.28 -1.47 -20.82
C VAL M 77 -46.50 -0.57 -20.95
N SER M 78 -47.59 -0.97 -20.31
CA SER M 78 -48.83 -0.18 -20.26
C SER M 78 -48.91 0.51 -18.91
N GLU M 79 -48.76 1.83 -18.91
CA GLU M 79 -48.87 2.64 -17.71
C GLU M 79 -50.32 3.05 -17.47
N SER M 80 -50.64 3.33 -16.21
CA SER M 80 -51.96 3.80 -15.85
C SER M 80 -52.22 5.13 -16.53
N ALA M 81 -53.39 5.27 -17.14
CA ALA M 81 -53.72 6.46 -17.93
C ALA M 81 -55.04 7.07 -17.46
N PRO M 82 -55.07 7.64 -16.26
CA PRO M 82 -56.27 8.37 -15.83
C PRO M 82 -56.45 9.64 -16.63
N ASN M 83 -57.67 9.87 -17.12
CA ASN M 83 -58.00 11.06 -17.89
C ASN M 83 -57.16 11.16 -19.16
N GLY M 84 -56.82 10.01 -19.74
CA GLY M 84 -56.10 9.96 -20.99
C GLY M 84 -56.97 9.43 -22.11
N HIS M 85 -56.49 9.61 -23.33
CA HIS M 85 -57.22 9.17 -24.51
C HIS M 85 -57.27 7.64 -24.56
N PRO M 86 -58.38 7.07 -25.03
CA PRO M 86 -58.55 5.62 -24.98
C PRO M 86 -57.43 4.86 -25.69
N PHE M 87 -56.86 3.89 -24.97
CA PHE M 87 -55.80 3.00 -25.44
C PHE M 87 -54.52 3.73 -25.82
N ALA M 88 -54.44 5.05 -25.61
CA ALA M 88 -53.25 5.79 -26.02
C ALA M 88 -52.03 5.35 -25.22
N HIS M 89 -52.22 5.01 -23.96
CA HIS M 89 -51.13 4.55 -23.11
C HIS M 89 -51.14 3.04 -22.95
N ALA M 90 -52.05 2.34 -23.60
CA ALA M 90 -52.14 0.88 -23.58
C ALA M 90 -51.05 0.31 -24.48
N GLY M 91 -49.91 -0.03 -23.88
CA GLY M 91 -48.74 -0.52 -24.59
C GLY M 91 -49.00 -1.55 -25.69
N GLY M 92 -48.50 -1.27 -26.89
CA GLY M 92 -48.60 -2.17 -28.01
C GLY M 92 -49.79 -1.92 -28.93
N SER M 93 -50.87 -1.37 -28.40
CA SER M 93 -52.08 -1.15 -29.20
C SER M 93 -51.84 -0.18 -30.35
N GLY M 94 -52.75 -0.22 -31.32
CA GLY M 94 -52.66 0.71 -32.44
C GLY M 94 -52.67 2.17 -31.99
N SER M 95 -53.44 2.48 -30.95
CA SER M 95 -53.46 3.85 -30.43
C SER M 95 -52.15 4.22 -29.78
N TRP M 96 -51.49 3.27 -29.11
CA TRP M 96 -50.23 3.54 -28.44
C TRP M 96 -49.14 3.89 -29.45
N ILE M 97 -49.02 3.11 -30.51
CA ILE M 97 -48.01 3.39 -31.52
C ILE M 97 -48.36 4.67 -32.27
N GLY M 98 -49.65 4.92 -32.48
CA GLY M 98 -50.05 6.19 -33.08
C GLY M 98 -49.68 7.37 -32.20
N ALA M 99 -50.04 7.31 -30.92
CA ALA M 99 -49.78 8.44 -30.01
C ALA M 99 -48.29 8.66 -29.79
N ASN M 100 -47.50 7.59 -29.71
CA ASN M 100 -46.07 7.74 -29.49
C ASN M 100 -45.36 8.33 -30.72
N TYR M 101 -45.86 8.03 -31.92
CA TYR M 101 -45.35 8.68 -33.13
C TYR M 101 -45.63 10.18 -33.11
N ALA M 102 -46.83 10.56 -32.68
CA ALA M 102 -47.20 11.98 -32.65
C ALA M 102 -46.33 12.75 -31.67
N ARG M 103 -46.01 12.16 -30.51
CA ARG M 103 -45.19 12.85 -29.53
C ARG M 103 -43.83 13.24 -30.09
N MET M 104 -43.30 12.45 -31.02
CA MET M 104 -41.99 12.71 -31.60
C MET M 104 -42.03 13.66 -32.78
N GLY M 105 -43.22 14.10 -33.20
CA GLY M 105 -43.34 15.01 -34.33
C GLY M 105 -43.66 14.34 -35.65
N TYR M 106 -43.86 13.03 -35.67
CA TYR M 106 -44.21 12.31 -36.88
C TYR M 106 -45.72 12.36 -37.13
N THR M 107 -46.11 12.62 -38.37
CA THR M 107 -47.51 12.68 -38.74
C THR M 107 -47.91 11.71 -39.85
N THR M 108 -46.95 11.03 -40.48
CA THR M 108 -47.23 10.09 -41.56
C THR M 108 -46.38 8.84 -41.36
N ALA M 109 -47.01 7.67 -41.39
CA ALA M 109 -46.33 6.40 -41.17
C ALA M 109 -46.84 5.38 -42.17
N VAL M 110 -45.92 4.71 -42.86
CA VAL M 110 -46.25 3.77 -43.93
C VAL M 110 -45.86 2.37 -43.47
N GLU M 111 -46.77 1.40 -43.69
CA GLU M 111 -46.63 -0.03 -43.41
C GLU M 111 -46.02 -0.73 -44.62
N PRO M 112 -44.93 -1.48 -44.46
CA PRO M 112 -44.24 -2.03 -45.64
C PRO M 112 -44.76 -3.38 -46.11
N ALA M 113 -45.54 -4.07 -45.28
CA ALA M 113 -45.98 -5.43 -45.59
C ALA M 113 -47.51 -5.50 -45.58
N LEU M 114 -48.14 -4.99 -46.64
CA LEU M 114 -49.58 -5.10 -46.80
C LEU M 114 -49.90 -6.32 -47.66
N PRO M 115 -50.42 -7.40 -47.09
CA PRO M 115 -50.66 -8.61 -47.87
C PRO M 115 -51.91 -8.47 -48.73
N PRO M 116 -51.82 -8.81 -50.02
CA PRO M 116 -53.03 -8.77 -50.86
C PRO M 116 -54.09 -9.75 -50.40
N SER M 117 -53.71 -10.84 -49.76
CA SER M 117 -54.69 -11.80 -49.26
C SER M 117 -55.47 -11.22 -48.09
N ASN M 118 -54.79 -10.79 -47.04
CA ASN M 118 -55.43 -10.18 -45.87
C ASN M 118 -55.29 -8.67 -45.92
N ALA M 119 -55.94 -8.08 -46.93
CA ALA M 119 -55.85 -6.64 -47.16
C ALA M 119 -56.84 -5.86 -46.29
N LEU M 120 -58.05 -6.38 -46.14
CA LEU M 120 -59.06 -5.68 -45.33
C LEU M 120 -58.64 -5.56 -43.87
N ALA M 121 -58.24 -6.68 -43.25
CA ALA M 121 -57.89 -6.64 -41.83
C ALA M 121 -56.68 -5.76 -41.57
N THR M 122 -55.74 -5.69 -42.51
CA THR M 122 -54.60 -4.81 -42.36
C THR M 122 -55.01 -3.35 -42.45
N HIS M 123 -55.96 -3.03 -43.33
CA HIS M 123 -56.45 -1.65 -43.47
C HIS M 123 -57.39 -1.27 -42.33
N LEU M 124 -58.18 -2.21 -41.82
CA LEU M 124 -58.96 -1.94 -40.61
C LEU M 124 -58.03 -1.64 -39.43
N GLU M 125 -56.88 -2.33 -39.37
CA GLU M 125 -55.88 -2.06 -38.35
C GLU M 125 -55.20 -0.72 -38.57
N LEU M 126 -54.90 -0.39 -39.82
CA LEU M 126 -54.31 0.90 -40.14
C LEU M 126 -55.24 2.04 -39.74
N ALA M 127 -56.54 1.86 -39.96
CA ALA M 127 -57.52 2.90 -39.63
C ALA M 127 -57.60 3.17 -38.13
N ASP M 128 -57.47 2.13 -37.31
CA ASP M 128 -57.59 2.32 -35.86
C ASP M 128 -56.43 3.14 -35.28
N ILE M 129 -55.29 3.19 -35.98
CA ILE M 129 -54.20 4.08 -35.59
C ILE M 129 -54.66 5.52 -35.70
N PRO M 130 -54.66 6.29 -34.61
CA PRO M 130 -55.20 7.65 -34.64
C PRO M 130 -54.18 8.70 -35.07
N LEU M 131 -54.70 9.89 -35.38
CA LEU M 131 -53.91 11.10 -35.65
C LEU M 131 -53.12 10.98 -36.95
N LEU M 132 -52.27 9.96 -37.07
CA LEU M 132 -51.38 9.86 -38.21
C LEU M 132 -52.15 9.51 -39.48
N ASP M 133 -51.64 10.00 -40.61
CA ASP M 133 -52.03 9.49 -41.92
C ASP M 133 -51.17 8.27 -42.23
N ARG M 134 -51.78 7.23 -42.80
CA ARG M 134 -51.08 5.97 -42.99
C ARG M 134 -51.13 5.51 -44.44
N GLY M 135 -50.27 4.55 -44.76
CA GLY M 135 -50.23 3.95 -46.08
C GLY M 135 -49.78 2.51 -45.98
N GLY M 136 -50.11 1.73 -47.02
CA GLY M 136 -49.74 0.33 -47.05
C GLY M 136 -49.10 -0.09 -48.35
N LEU M 137 -48.00 -0.84 -48.27
CA LEU M 137 -47.26 -1.28 -49.45
C LEU M 137 -47.65 -2.71 -49.79
N ALA M 138 -48.43 -2.85 -50.88
CA ALA M 138 -48.87 -4.17 -51.34
C ALA M 138 -47.66 -5.05 -51.69
N VAL M 139 -47.68 -6.28 -51.21
CA VAL M 139 -46.56 -7.19 -51.37
C VAL M 139 -46.85 -8.18 -52.48
N LEU M 140 -45.94 -8.25 -53.45
CA LEU M 140 -46.00 -9.20 -54.54
C LEU M 140 -44.67 -9.92 -54.64
N GLY M 141 -44.63 -10.95 -55.48
CA GLY M 141 -43.41 -11.66 -55.75
C GLY M 141 -43.29 -13.02 -55.11
N ASN M 142 -44.36 -13.52 -54.49
CA ASN M 142 -44.35 -14.86 -53.93
C ASN M 142 -45.68 -15.57 -54.09
N ASP M 143 -46.65 -14.96 -54.76
CA ASP M 143 -47.95 -15.57 -54.97
C ASP M 143 -47.97 -16.34 -56.29
N ASP M 144 -48.69 -17.47 -56.29
CA ASP M 144 -48.73 -18.34 -57.46
C ASP M 144 -49.19 -17.60 -58.72
N HIS M 145 -50.11 -16.64 -58.55
CA HIS M 145 -50.66 -15.92 -59.70
C HIS M 145 -49.56 -15.21 -60.50
N LEU M 146 -48.77 -14.37 -59.82
CA LEU M 146 -47.71 -13.65 -60.49
C LEU M 146 -46.61 -14.61 -60.97
N LEU M 147 -46.31 -15.63 -60.19
CA LEU M 147 -45.25 -16.56 -60.57
C LEU M 147 -45.62 -17.39 -61.80
N GLN M 148 -46.89 -17.75 -61.96
CA GLN M 148 -47.31 -18.46 -63.17
C GLN M 148 -47.25 -17.55 -64.40
N LEU M 149 -47.54 -16.26 -64.22
CA LEU M 149 -47.44 -15.32 -65.33
C LEU M 149 -46.01 -15.21 -65.85
N LEU M 150 -45.03 -15.19 -64.94
CA LEU M 150 -43.64 -15.08 -65.33
C LEU M 150 -43.11 -16.39 -65.88
N ARG M 151 -43.55 -17.51 -65.31
CA ARG M 151 -43.13 -18.82 -65.78
C ARG M 151 -43.49 -19.02 -67.25
N ASP M 152 -44.70 -18.61 -67.62
CA ASP M 152 -45.17 -18.76 -68.99
C ASP M 152 -44.67 -17.65 -69.91
N GLY M 153 -44.22 -16.53 -69.35
CA GLY M 153 -43.78 -15.41 -70.16
C GLY M 153 -44.93 -14.68 -70.81
N GLU M 154 -45.89 -14.23 -70.01
CA GLU M 154 -47.09 -13.56 -70.52
C GLU M 154 -46.82 -12.16 -71.07
N GLY M 155 -45.64 -11.60 -70.84
CA GLY M 155 -45.30 -10.30 -71.35
C GLY M 155 -45.40 -9.20 -70.31
N LYS M 156 -44.73 -8.08 -70.60
CA LYS M 156 -44.71 -6.95 -69.67
C LYS M 156 -46.08 -6.32 -69.53
N GLN M 157 -46.90 -6.38 -70.58
CA GLN M 157 -48.25 -5.84 -70.51
C GLN M 157 -49.13 -6.64 -69.54
N ALA M 158 -49.08 -7.98 -69.66
CA ALA M 158 -49.89 -8.83 -68.79
C ALA M 158 -49.48 -8.71 -67.33
N VAL M 159 -48.19 -8.59 -67.06
CA VAL M 159 -47.72 -8.40 -65.69
C VAL M 159 -48.20 -7.07 -65.14
N ARG M 160 -48.18 -6.03 -65.98
CA ARG M 160 -48.68 -4.72 -65.57
C ARG M 160 -50.14 -4.78 -65.16
N ASP M 161 -50.96 -5.52 -65.90
CA ASP M 161 -52.39 -5.62 -65.57
C ASP M 161 -52.60 -6.25 -64.20
N LEU M 162 -51.77 -7.25 -63.85
CA LEU M 162 -51.90 -7.92 -62.57
C LEU M 162 -51.39 -7.07 -61.40
N VAL M 163 -50.25 -6.39 -61.58
CA VAL M 163 -49.75 -5.49 -60.56
C VAL M 163 -50.72 -4.34 -60.35
N GLN M 164 -51.41 -3.91 -61.41
CA GLN M 164 -52.43 -2.88 -61.28
C GLN M 164 -53.64 -3.40 -60.51
N GLN M 165 -54.11 -4.61 -60.86
CA GLN M 165 -55.26 -5.20 -60.19
C GLN M 165 -55.02 -5.35 -58.69
N THR M 166 -53.84 -5.85 -58.31
CA THR M 166 -53.55 -6.07 -56.90
C THR M 166 -53.41 -4.75 -56.14
N LEU M 167 -52.75 -3.76 -56.76
CA LEU M 167 -52.65 -2.44 -56.13
C LEU M 167 -54.03 -1.81 -55.92
N ALA M 168 -54.93 -1.97 -56.87
CA ALA M 168 -56.25 -1.36 -56.74
C ALA M 168 -57.09 -2.08 -55.70
N HIS M 169 -57.17 -3.41 -55.79
CA HIS M 169 -58.05 -4.16 -54.90
C HIS M 169 -57.57 -4.08 -53.45
N SER M 170 -56.26 -4.14 -53.24
CA SER M 170 -55.69 -4.06 -51.90
C SER M 170 -55.62 -2.64 -51.36
N ARG M 171 -55.93 -1.64 -52.20
CA ARG M 171 -55.90 -0.23 -51.79
C ARG M 171 -54.51 0.16 -51.26
N GLY M 172 -53.46 -0.28 -51.95
CA GLY M 172 -52.11 -0.02 -51.50
C GLY M 172 -51.52 1.25 -52.11
N LEU M 173 -50.57 1.84 -51.38
CA LEU M 173 -49.89 3.03 -51.88
C LEU M 173 -48.80 2.66 -52.88
N GLY M 174 -48.05 1.61 -52.62
CA GLY M 174 -46.98 1.21 -53.50
C GLY M 174 -46.78 -0.29 -53.54
N VAL M 175 -45.73 -0.74 -54.22
CA VAL M 175 -45.45 -2.16 -54.35
C VAL M 175 -44.23 -2.52 -53.51
N CYS M 177 -41.60 -6.03 -52.27
CA CYS M 177 -41.27 -7.43 -52.46
C CYS M 177 -40.33 -7.93 -51.36
N ILE M 178 -40.73 -8.99 -50.67
CA ILE M 178 -39.98 -9.52 -49.55
C ILE M 178 -39.39 -10.86 -49.99
N ASN M 179 -38.10 -10.84 -50.33
CA ASN M 179 -37.35 -12.00 -50.80
C ASN M 179 -38.13 -12.71 -51.89
N ALA M 180 -38.10 -12.15 -53.10
CA ALA M 180 -38.84 -12.71 -54.23
C ALA M 180 -38.58 -14.20 -54.37
N GLY M 181 -39.66 -14.99 -54.40
CA GLY M 181 -39.56 -16.43 -54.50
C GLY M 181 -39.08 -17.14 -53.26
N GLY M 182 -38.68 -16.41 -52.22
CA GLY M 182 -38.20 -17.06 -51.00
C GLY M 182 -39.28 -17.89 -50.32
N ALA M 183 -40.52 -17.38 -50.32
CA ALA M 183 -41.62 -18.12 -49.72
C ALA M 183 -42.01 -19.32 -50.58
N SER M 184 -42.16 -19.12 -51.88
CA SER M 184 -42.49 -20.21 -52.79
C SER M 184 -41.35 -21.20 -53.00
N ALA M 185 -40.19 -20.96 -52.37
CA ALA M 185 -39.10 -21.91 -52.31
C ALA M 185 -39.00 -22.58 -50.96
N PHE M 186 -39.24 -21.83 -49.89
CA PHE M 186 -39.28 -22.42 -48.55
C PHE M 186 -40.33 -23.51 -48.46
N LYS M 187 -41.51 -23.27 -49.03
CA LYS M 187 -42.56 -24.28 -49.02
C LYS M 187 -42.13 -25.54 -49.77
N ASP M 188 -41.23 -25.38 -50.74
CA ASP M 188 -40.70 -26.50 -51.52
C ASP M 188 -39.36 -27.00 -51.01
N GLY M 189 -39.10 -26.83 -49.71
CA GLY M 189 -37.96 -27.42 -49.05
C GLY M 189 -36.63 -26.71 -49.23
N VAL M 190 -36.62 -25.49 -49.75
CA VAL M 190 -35.39 -24.71 -49.90
C VAL M 190 -35.13 -23.95 -48.61
N LEU M 191 -33.86 -23.91 -48.20
CA LEU M 191 -33.48 -23.24 -46.97
C LEU M 191 -32.70 -21.94 -47.20
N LYS M 192 -31.89 -21.88 -48.27
CA LYS M 192 -31.12 -20.68 -48.61
C LYS M 192 -31.42 -20.29 -50.04
N LEU M 193 -31.49 -18.99 -50.30
CA LEU M 193 -31.82 -18.51 -51.63
C LEU M 193 -31.08 -17.22 -51.95
N SER M 194 -30.43 -17.19 -53.11
CA SER M 194 -29.72 -16.02 -53.60
C SER M 194 -30.43 -15.46 -54.83
N LEU M 195 -30.08 -14.22 -55.21
CA LEU M 195 -30.81 -13.52 -56.26
C LEU M 195 -30.78 -14.25 -57.60
N ASP M 196 -29.80 -15.13 -57.82
CA ASP M 196 -29.73 -15.87 -59.07
C ASP M 196 -30.21 -17.31 -58.96
N ASP M 197 -30.29 -17.85 -57.74
CA ASP M 197 -30.70 -19.24 -57.55
C ASP M 197 -32.08 -19.50 -58.13
N GLU M 198 -32.20 -20.64 -58.82
CA GLU M 198 -33.48 -21.03 -59.41
C GLU M 198 -34.48 -21.48 -58.34
N ILE M 199 -35.73 -21.10 -58.52
CA ILE M 199 -36.81 -21.41 -57.58
C ILE M 199 -37.53 -22.66 -58.07
N PRO M 200 -37.84 -23.62 -57.19
CA PRO M 200 -38.51 -24.84 -57.65
C PRO M 200 -39.93 -24.57 -58.10
N CYS M 201 -40.33 -25.27 -59.17
CA CYS M 201 -41.67 -25.35 -59.75
C CYS M 201 -41.95 -24.17 -60.68
N TYR M 202 -41.13 -23.13 -60.67
CA TYR M 202 -41.32 -22.01 -61.56
C TYR M 202 -40.13 -21.75 -62.47
N GLY M 203 -38.97 -22.37 -62.19
CA GLY M 203 -37.79 -22.23 -63.04
C GLY M 203 -37.36 -20.82 -63.30
N LEU M 204 -37.37 -19.97 -62.27
CA LEU M 204 -37.02 -18.57 -62.41
C LEU M 204 -36.18 -18.09 -61.23
N SER M 205 -35.40 -17.04 -61.49
CA SER M 205 -34.57 -16.39 -60.48
C SER M 205 -35.43 -15.42 -59.65
N THR M 206 -34.86 -14.93 -58.54
CA THR M 206 -35.53 -13.86 -57.81
C THR M 206 -35.28 -12.51 -58.48
N ARG M 207 -34.15 -12.37 -59.19
CA ARG M 207 -33.94 -11.17 -60.00
C ARG M 207 -34.89 -11.15 -61.19
N LYS M 208 -35.32 -12.32 -61.65
CA LYS M 208 -36.32 -12.38 -62.70
C LYS M 208 -37.65 -11.82 -62.23
N ILE M 209 -38.01 -12.06 -60.96
CA ILE M 209 -39.26 -11.51 -60.42
C ILE M 209 -39.11 -10.02 -60.14
N MET M 210 -37.97 -9.60 -59.56
CA MET M 210 -37.78 -8.19 -59.26
C MET M 210 -37.76 -7.33 -60.52
N SER M 211 -37.02 -7.77 -61.55
CA SER M 211 -36.96 -7.00 -62.78
C SER M 211 -38.34 -6.86 -63.42
N ALA M 212 -39.16 -7.91 -63.33
CA ALA M 212 -40.51 -7.83 -63.88
C ALA M 212 -41.38 -6.87 -63.08
N LEU M 213 -41.26 -6.88 -61.75
CA LEU M 213 -41.99 -5.91 -60.93
C LEU M 213 -41.43 -4.50 -61.13
N LEU M 214 -40.11 -4.39 -61.35
CA LEU M 214 -39.51 -3.10 -61.64
C LEU M 214 -40.09 -2.53 -62.93
N ASP M 215 -40.28 -3.38 -63.93
CA ASP M 215 -40.92 -2.95 -65.16
C ASP M 215 -42.35 -2.50 -64.90
N ALA M 216 -43.14 -3.33 -64.19
CA ALA M 216 -44.53 -2.99 -63.92
C ALA M 216 -44.65 -1.69 -63.14
N VAL M 217 -43.75 -1.47 -62.17
CA VAL M 217 -43.83 -0.27 -61.34
C VAL M 217 -43.53 0.98 -62.16
N GLU M 218 -42.48 0.94 -62.98
CA GLU M 218 -42.20 2.08 -63.85
C GLU M 218 -43.33 2.28 -64.85
N GLU M 219 -43.88 1.19 -65.40
CA GLU M 219 -44.97 1.30 -66.36
C GLU M 219 -46.20 1.94 -65.75
N ILE M 220 -46.65 1.41 -64.60
CA ILE M 220 -47.85 1.92 -63.97
C ILE M 220 -47.65 3.35 -63.46
N GLY M 221 -46.42 3.68 -63.03
CA GLY M 221 -46.12 5.03 -62.58
C GLY M 221 -46.34 5.32 -61.11
N VAL M 222 -46.03 4.36 -60.24
CA VAL M 222 -46.16 4.58 -58.79
C VAL M 222 -45.13 5.60 -58.34
N PRO M 223 -45.53 6.67 -57.65
CA PRO M 223 -44.55 7.67 -57.22
C PRO M 223 -43.45 7.09 -56.35
N HIS M 224 -43.77 6.09 -55.56
CA HIS M 224 -42.81 5.37 -54.73
C HIS M 224 -42.19 4.24 -55.54
N PRO M 225 -40.86 4.13 -55.59
CA PRO M 225 -40.25 3.04 -56.36
C PRO M 225 -40.50 1.67 -55.74
N LEU M 226 -39.80 0.65 -56.24
CA LEU M 226 -39.99 -0.72 -55.74
C LEU M 226 -39.26 -0.87 -54.42
N HIS M 227 -40.03 -1.09 -53.35
CA HIS M 227 -39.49 -1.34 -52.02
C HIS M 227 -39.00 -2.78 -51.99
N VAL M 228 -37.69 -2.98 -51.84
CA VAL M 228 -37.06 -4.28 -52.05
C VAL M 228 -36.49 -4.80 -50.73
N HIS M 229 -36.78 -6.07 -50.43
CA HIS M 229 -36.25 -6.81 -49.29
C HIS M 229 -35.35 -7.89 -49.88
N CYS M 230 -34.04 -7.68 -49.81
CA CYS M 230 -33.07 -8.51 -50.53
C CYS M 230 -32.99 -9.92 -49.94
N ASN M 231 -32.21 -10.77 -50.60
CA ASN M 231 -31.98 -12.13 -50.19
C ASN M 231 -30.91 -12.21 -49.12
N ASN M 232 -30.97 -13.28 -48.32
CA ASN M 232 -29.96 -13.57 -47.30
C ASN M 232 -29.82 -12.42 -46.29
N LEU M 233 -30.96 -12.08 -45.69
CA LEU M 233 -30.97 -11.04 -44.67
C LEU M 233 -30.16 -11.51 -43.46
N GLY M 234 -29.31 -10.62 -42.95
CA GLY M 234 -28.55 -10.90 -41.75
C GLY M 234 -27.45 -11.93 -41.88
N LEU M 235 -27.33 -12.60 -43.02
CA LEU M 235 -26.29 -13.60 -43.18
C LEU M 235 -24.96 -12.93 -43.54
N PRO M 236 -23.84 -13.39 -42.95
CA PRO M 236 -22.53 -12.83 -43.33
C PRO M 236 -22.23 -13.11 -44.79
N GLY M 237 -22.15 -12.04 -45.59
CA GLY M 237 -22.09 -12.16 -47.03
C GLY M 237 -23.27 -11.53 -47.75
N ALA M 238 -24.19 -10.89 -47.02
CA ALA M 238 -25.30 -10.20 -47.66
C ALA M 238 -24.87 -8.91 -48.35
N ASP M 239 -23.65 -8.41 -48.05
CA ASP M 239 -23.16 -7.24 -48.78
C ASP M 239 -23.02 -7.54 -50.27
N ASP M 240 -22.61 -8.77 -50.61
CA ASP M 240 -22.59 -9.17 -52.01
C ASP M 240 -23.99 -9.26 -52.57
N SER M 241 -24.96 -9.67 -51.74
CA SER M 241 -26.33 -9.83 -52.22
C SER M 241 -26.98 -8.49 -52.50
N LEU M 242 -26.76 -7.49 -51.65
CA LEU M 242 -27.34 -6.17 -51.88
C LEU M 242 -26.67 -5.47 -53.06
N VAL M 243 -25.35 -5.56 -53.18
CA VAL M 243 -24.65 -4.90 -54.29
C VAL M 243 -25.03 -5.54 -55.62
N ALA M 244 -25.12 -6.87 -55.67
CA ALA M 244 -25.49 -7.55 -56.92
C ALA M 244 -26.93 -7.31 -57.30
N THR M 245 -27.83 -7.15 -56.31
CA THR M 245 -29.21 -6.80 -56.60
C THR M 245 -29.32 -5.36 -57.10
N LEU M 246 -28.51 -4.46 -56.53
CA LEU M 246 -28.49 -3.08 -57.00
C LEU M 246 -28.04 -3.00 -58.46
N GLU M 247 -27.02 -3.79 -58.83
CA GLU M 247 -26.57 -3.81 -60.22
C GLU M 247 -27.54 -4.55 -61.14
N ALA M 248 -28.40 -5.41 -60.59
CA ALA M 248 -29.41 -6.09 -61.39
C ALA M 248 -30.56 -5.18 -61.78
N ALA M 249 -30.76 -4.09 -61.04
CA ALA M 249 -31.83 -3.16 -61.37
C ALA M 249 -31.62 -2.52 -62.74
N GLU M 250 -30.36 -2.41 -63.18
CA GLU M 250 -30.03 -1.84 -64.49
C GLU M 250 -30.49 -0.39 -64.59
N GLY M 251 -30.29 0.37 -63.52
CA GLY M 251 -30.59 1.79 -63.51
C GLY M 251 -32.02 2.15 -63.18
N ARG M 252 -32.90 1.18 -62.93
CA ARG M 252 -34.27 1.50 -62.57
C ARG M 252 -34.35 2.01 -61.14
N ARG M 253 -35.44 2.70 -60.84
CA ARG M 253 -35.66 3.30 -59.52
C ARG M 253 -36.08 2.23 -58.50
N ILE M 254 -35.30 2.09 -57.43
CA ILE M 254 -35.55 1.14 -56.34
C ILE M 254 -35.36 1.82 -54.99
N HIS M 255 -35.69 1.08 -53.93
CA HIS M 255 -35.44 1.49 -52.55
C HIS M 255 -35.20 0.24 -51.73
N PHE M 256 -34.03 0.13 -51.10
CA PHE M 256 -33.69 -1.05 -50.31
C PHE M 256 -34.15 -0.88 -48.87
N ALA M 257 -34.96 -1.82 -48.38
CA ALA M 257 -35.46 -1.78 -47.02
C ALA M 257 -34.43 -2.33 -46.03
N HIS M 258 -34.37 -1.68 -44.86
CA HIS M 258 -33.50 -2.04 -43.73
C HIS M 258 -32.16 -2.59 -44.20
N ALA M 259 -31.43 -1.73 -44.92
CA ALA M 259 -30.17 -2.15 -45.50
C ALA M 259 -29.11 -2.49 -44.47
N GLN M 260 -29.27 -2.02 -43.22
CA GLN M 260 -28.29 -2.31 -42.19
C GLN M 260 -28.05 -3.82 -42.06
N PHE M 261 -29.11 -4.61 -42.13
CA PHE M 261 -29.03 -6.07 -42.00
C PHE M 261 -28.30 -6.73 -43.16
N TYR M 262 -27.89 -5.99 -44.19
CA TYR M 262 -27.17 -6.59 -45.31
C TYR M 262 -25.70 -6.21 -45.38
N ALA M 263 -25.28 -5.18 -44.65
CA ALA M 263 -23.89 -4.72 -44.69
C ALA M 263 -23.05 -5.53 -43.69
N TYR M 264 -23.01 -6.84 -43.92
CA TYR M 264 -22.26 -7.78 -43.10
C TYR M 264 -21.21 -8.44 -43.99
N GLY M 265 -19.97 -7.95 -43.92
CA GLY M 265 -18.88 -8.54 -44.69
C GLY M 265 -18.35 -9.81 -44.04
N VAL M 266 -17.75 -10.67 -44.88
CA VAL M 266 -17.18 -11.92 -44.42
C VAL M 266 -15.72 -11.70 -44.02
N VAL M 267 -15.19 -12.61 -43.20
CA VAL M 267 -13.81 -12.56 -42.74
C VAL M 267 -13.10 -13.85 -43.15
N ASP M 268 -11.85 -13.72 -43.63
CA ASP M 268 -10.93 -14.75 -44.10
C ASP M 268 -11.67 -15.81 -44.97
N PRO M 269 -11.73 -17.18 -44.64
CA PRO M 269 -12.40 -18.06 -45.62
C PRO M 269 -13.92 -18.01 -45.61
N GLU M 270 -14.53 -18.02 -44.43
CA GLU M 270 -15.98 -17.96 -44.32
C GLU M 270 -16.41 -17.24 -43.05
N MET M 273 -15.54 -21.01 -41.49
CA MET M 273 -16.89 -21.51 -41.23
C MET M 273 -17.64 -20.59 -40.26
N THR M 274 -18.14 -19.48 -40.79
CA THR M 274 -18.88 -18.47 -40.02
C THR M 274 -18.11 -18.07 -38.77
N GLY M 275 -16.83 -17.75 -38.96
CA GLY M 275 -15.97 -17.34 -37.85
C GLY M 275 -16.23 -15.94 -37.35
N GLY M 276 -16.82 -15.09 -38.17
CA GLY M 276 -17.06 -13.71 -37.77
C GLY M 276 -17.56 -12.92 -38.95
N PHE M 277 -17.82 -11.63 -38.70
CA PHE M 277 -18.26 -10.78 -39.80
C PHE M 277 -17.76 -9.35 -39.59
N ARG M 278 -17.47 -8.69 -40.71
CA ARG M 278 -16.93 -7.34 -40.79
C ARG M 278 -18.00 -6.40 -41.33
N SER M 279 -17.86 -5.11 -41.02
CA SER M 279 -18.79 -4.12 -41.52
C SER M 279 -18.46 -3.79 -42.97
N ALA M 280 -19.48 -3.83 -43.83
CA ALA M 280 -19.32 -3.48 -45.23
C ALA M 280 -20.02 -2.18 -45.57
N ALA M 281 -20.26 -1.32 -44.57
CA ALA M 281 -20.95 -0.06 -44.80
C ALA M 281 -20.24 0.78 -45.86
N GLU M 282 -18.91 0.75 -45.87
CA GLU M 282 -18.18 1.56 -46.83
C GLU M 282 -18.36 1.05 -48.26
N ARG M 283 -18.53 -0.26 -48.43
CA ARG M 283 -18.71 -0.77 -49.79
C ARG M 283 -20.11 -0.49 -50.33
N ILE M 284 -21.12 -0.57 -49.47
CA ILE M 284 -22.49 -0.26 -49.92
C ILE M 284 -22.63 1.24 -50.18
N ASN M 285 -22.09 2.08 -49.31
CA ASN M 285 -22.17 3.52 -49.52
C ASN M 285 -21.44 3.94 -50.79
N ALA M 286 -20.42 3.17 -51.19
CA ALA M 286 -19.74 3.47 -52.46
C ALA M 286 -20.62 3.10 -53.65
N ALA M 287 -21.30 1.96 -53.59
CA ALA M 287 -22.19 1.56 -54.68
C ALA M 287 -23.43 2.43 -54.75
N MET M 288 -23.88 2.97 -53.61
CA MET M 288 -25.04 3.85 -53.62
C MET M 288 -24.73 5.18 -54.30
N GLU M 289 -23.48 5.63 -54.23
CA GLU M 289 -23.08 6.84 -54.94
C GLU M 289 -22.86 6.57 -56.43
N ALA M 290 -22.44 5.35 -56.79
CA ALA M 290 -22.28 4.99 -58.19
C ALA M 290 -23.61 4.77 -58.90
N HIS M 291 -24.69 4.56 -58.15
CA HIS M 291 -26.03 4.38 -58.71
C HIS M 291 -26.93 5.49 -58.18
N PRO M 292 -27.17 6.55 -58.96
CA PRO M 292 -27.93 7.69 -58.41
C PRO M 292 -29.41 7.39 -58.20
N ASN M 293 -29.97 6.44 -58.94
CA ASN M 293 -31.40 6.15 -58.77
C ASN M 293 -31.70 5.35 -57.50
N ALA M 294 -30.69 5.00 -56.71
CA ALA M 294 -30.88 4.14 -55.55
C ALA M 294 -31.13 4.94 -54.29
N THR M 295 -31.94 4.34 -53.42
CA THR M 295 -32.25 4.88 -52.10
C THR M 295 -32.37 3.69 -51.14
N TYR M 296 -32.19 3.96 -49.85
CA TYR M 296 -32.34 2.90 -48.87
C TYR M 296 -32.61 3.49 -47.49
N ASP M 297 -33.37 2.74 -46.70
CA ASP M 297 -33.56 3.04 -45.29
C ASP M 297 -32.69 2.10 -44.47
N VAL M 298 -32.15 2.63 -43.36
CA VAL M 298 -31.09 1.94 -42.63
C VAL M 298 -31.66 0.74 -41.88
N GLY M 299 -32.54 0.99 -40.92
CA GLY M 299 -32.98 -0.06 -40.03
C GLY M 299 -32.03 -0.23 -38.86
N GLN M 300 -31.91 0.81 -38.03
CA GLN M 300 -30.97 0.78 -36.93
C GLN M 300 -31.44 -0.15 -35.82
N VAL M 301 -30.48 -0.88 -35.26
CA VAL M 301 -30.74 -1.85 -34.20
C VAL M 301 -30.60 -1.17 -32.85
N VAL M 302 -31.55 -1.43 -31.96
CA VAL M 302 -31.56 -0.87 -30.62
C VAL M 302 -31.38 -2.00 -29.61
N PHE M 303 -30.44 -1.81 -28.67
CA PHE M 303 -30.17 -2.81 -27.64
C PHE M 303 -31.40 -3.07 -26.79
N GLY M 304 -31.63 -4.33 -26.45
CA GLY M 304 -32.72 -4.70 -25.58
C GLY M 304 -33.67 -5.70 -26.21
N GLN M 305 -34.68 -6.05 -25.44
CA GLN M 305 -35.68 -7.02 -25.89
C GLN M 305 -36.58 -6.38 -26.95
N THR M 306 -36.82 -7.11 -28.03
CA THR M 306 -37.73 -6.68 -29.09
C THR M 306 -38.22 -7.93 -29.82
N VAL M 307 -38.87 -7.74 -30.97
CA VAL M 307 -39.37 -8.84 -31.78
C VAL M 307 -39.13 -8.53 -33.26
N THR M 308 -38.88 -9.57 -34.05
CA THR M 308 -38.63 -9.44 -35.49
C THR M 308 -39.84 -9.97 -36.24
N ILE M 309 -40.54 -9.07 -36.94
CA ILE M 309 -41.72 -9.40 -37.75
C ILE M 309 -41.32 -9.27 -39.21
N SER M 310 -41.33 -10.37 -39.96
CA SER M 310 -40.94 -10.31 -41.36
C SER M 310 -41.72 -11.33 -42.18
N LEU M 311 -42.05 -10.95 -43.41
CA LEU M 311 -42.66 -11.87 -44.36
C LEU M 311 -41.62 -12.72 -45.09
N ASP M 312 -40.35 -12.62 -44.69
CA ASP M 312 -39.27 -13.45 -45.23
C ASP M 312 -39.25 -14.77 -44.46
N ILE M 313 -40.19 -15.66 -44.80
CA ILE M 313 -40.30 -16.90 -44.05
C ILE M 313 -39.07 -17.78 -44.25
N LEU M 314 -38.38 -17.63 -45.39
CA LEU M 314 -37.18 -18.43 -45.60
C LEU M 314 -36.09 -18.11 -44.58
N ARG M 315 -35.90 -16.82 -44.27
CA ARG M 315 -34.83 -16.42 -43.36
C ARG M 315 -35.27 -16.51 -41.90
N GLN M 316 -36.51 -16.18 -41.60
CA GLN M 316 -36.97 -16.25 -40.22
C GLN M 316 -37.01 -17.68 -39.71
N PHE M 317 -37.22 -18.64 -40.61
CA PHE M 317 -37.11 -20.05 -40.24
C PHE M 317 -35.65 -20.44 -40.05
N GLY M 318 -34.74 -19.82 -40.81
CA GLY M 318 -33.33 -20.08 -40.61
C GLY M 318 -32.84 -19.67 -39.24
N GLY M 319 -33.31 -18.52 -38.76
CA GLY M 319 -32.93 -18.03 -37.44
C GLY M 319 -33.96 -18.29 -36.35
N ARG M 320 -34.84 -19.28 -36.55
CA ARG M 320 -35.88 -19.55 -35.56
C ARG M 320 -35.29 -20.04 -34.24
N LYS M 321 -34.17 -20.77 -34.29
CA LYS M 321 -33.57 -21.31 -33.09
C LYS M 321 -32.81 -20.28 -32.27
N GLY M 322 -32.55 -19.10 -32.84
CA GLY M 322 -31.90 -18.02 -32.11
C GLY M 322 -32.85 -17.10 -31.39
N ALA M 323 -34.12 -17.49 -31.24
CA ALA M 323 -35.10 -16.64 -30.60
C ALA M 323 -34.86 -16.56 -29.09
N LYS M 324 -35.03 -15.37 -28.55
CA LYS M 324 -34.93 -15.16 -27.11
C LYS M 324 -36.02 -14.20 -26.64
N PRO M 325 -37.07 -14.67 -25.96
CA PRO M 325 -37.38 -16.03 -25.45
C PRO M 325 -37.59 -17.09 -26.54
N LYS M 326 -37.44 -18.37 -26.16
CA LYS M 326 -37.43 -19.49 -27.12
C LYS M 326 -38.87 -19.90 -27.48
N LYS M 327 -39.49 -19.08 -28.31
CA LYS M 327 -40.82 -19.35 -28.85
C LYS M 327 -41.00 -18.51 -30.11
N TRP M 328 -41.58 -19.10 -31.15
CA TRP M 328 -41.70 -18.41 -32.43
C TRP M 328 -42.94 -18.89 -33.18
N VAL M 329 -43.45 -18.03 -34.05
CA VAL M 329 -44.61 -18.31 -34.88
C VAL M 329 -44.21 -18.10 -36.33
N ILE M 330 -44.15 -19.20 -37.09
CA ILE M 330 -43.92 -19.17 -38.53
C ILE M 330 -45.19 -19.65 -39.24
N SER M 331 -45.68 -18.86 -40.19
CA SER M 331 -46.87 -19.21 -40.95
C SER M 331 -46.56 -19.07 -42.44
N ALA M 332 -46.67 -20.18 -43.17
CA ALA M 332 -46.47 -20.21 -44.62
C ALA M 332 -47.84 -20.36 -45.28
N GLY M 333 -48.43 -19.24 -45.67
CA GLY M 333 -49.77 -19.29 -46.23
C GLY M 333 -50.00 -18.42 -47.45
N ASP M 334 -50.68 -18.99 -48.44
CA ASP M 334 -51.20 -18.29 -49.61
C ASP M 334 -50.08 -17.70 -50.45
N ALA M 335 -49.45 -16.63 -49.94
CA ALA M 335 -48.35 -15.97 -50.63
C ALA M 335 -47.09 -16.10 -49.79
N GLU M 336 -46.92 -15.22 -48.81
CA GLU M 336 -45.78 -15.30 -47.90
C GLU M 336 -46.16 -15.63 -46.47
N GLY M 337 -47.35 -15.27 -46.02
CA GLY M 337 -47.73 -15.58 -44.66
C GLY M 337 -47.04 -14.65 -43.68
N GLY M 338 -45.86 -15.02 -43.21
CA GLY M 338 -45.12 -14.20 -42.27
C GLY M 338 -44.47 -15.01 -41.18
N GLY M 339 -43.43 -14.44 -40.59
CA GLY M 339 -42.71 -15.06 -39.49
C GLY M 339 -42.37 -14.10 -38.37
N VAL M 340 -42.72 -14.49 -37.14
CA VAL M 340 -42.54 -13.66 -35.94
C VAL M 340 -41.67 -14.44 -34.98
N VAL M 341 -40.45 -13.97 -34.76
CA VAL M 341 -39.57 -14.55 -33.73
C VAL M 341 -39.06 -13.40 -32.85
N PRO M 342 -39.15 -13.54 -31.53
CA PRO M 342 -38.64 -12.49 -30.64
C PRO M 342 -37.13 -12.56 -30.54
N PHE M 343 -36.50 -11.38 -30.50
CA PHE M 343 -35.05 -11.31 -30.42
C PHE M 343 -34.62 -10.26 -29.41
N LEU M 344 -33.57 -10.58 -28.67
CA LEU M 344 -32.98 -9.69 -27.68
C LEU M 344 -31.58 -9.31 -28.15
N TYR M 345 -31.36 -8.02 -28.38
CA TYR M 345 -30.05 -7.51 -28.77
C TYR M 345 -29.27 -7.24 -27.49
N ARG M 346 -28.31 -8.11 -27.19
CA ARG M 346 -27.56 -8.06 -25.95
C ARG M 346 -26.86 -6.72 -25.79
N PRO M 347 -27.01 -6.04 -24.65
CA PRO M 347 -26.25 -4.80 -24.43
C PRO M 347 -24.76 -5.14 -24.35
N ARG M 348 -23.96 -4.33 -25.03
CA ARG M 348 -22.51 -4.51 -25.08
C ARG M 348 -22.15 -5.91 -25.56
N GLY M 349 -22.82 -6.34 -26.63
CA GLY M 349 -22.72 -7.68 -27.15
C GLY M 349 -21.86 -7.68 -28.40
N PRO M 350 -21.02 -8.70 -28.59
CA PRO M 350 -20.15 -8.70 -29.78
C PRO M 350 -20.90 -8.69 -31.10
N VAL M 351 -22.08 -9.33 -31.18
CA VAL M 351 -22.88 -9.26 -32.40
C VAL M 351 -23.74 -8.00 -32.41
N SER M 352 -24.35 -7.67 -31.27
CA SER M 352 -25.27 -6.55 -31.21
C SER M 352 -24.56 -5.21 -31.39
N SER M 353 -23.40 -5.05 -30.75
CA SER M 353 -22.67 -3.78 -30.85
C SER M 353 -22.23 -3.50 -32.27
N LEU M 354 -21.87 -4.56 -33.02
CA LEU M 354 -21.49 -4.38 -34.42
C LEU M 354 -22.67 -3.97 -35.27
N GLN M 355 -23.82 -4.62 -35.08
CA GLN M 355 -25.02 -4.26 -35.81
C GLN M 355 -25.44 -2.83 -35.48
N TRP M 356 -25.25 -2.43 -34.23
CA TRP M 356 -25.54 -1.06 -33.81
C TRP M 356 -24.57 -0.08 -34.45
N ALA M 357 -23.31 -0.48 -34.63
CA ALA M 357 -22.33 0.40 -35.27
C ALA M 357 -22.58 0.53 -36.77
N ILE M 358 -22.91 -0.59 -37.43
CA ILE M 358 -23.14 -0.55 -38.88
C ILE M 358 -24.30 0.38 -39.22
N GLY M 359 -25.34 0.40 -38.38
CA GLY M 359 -26.46 1.29 -38.62
C GLY M 359 -26.03 2.75 -38.70
N LEU M 360 -25.24 3.20 -37.74
CA LEU M 360 -24.76 4.58 -37.73
C LEU M 360 -23.77 4.83 -38.86
N GLU M 361 -22.78 3.94 -39.01
CA GLU M 361 -21.74 4.10 -40.03
C GLU M 361 -22.34 4.34 -41.42
N LEU M 362 -23.41 3.63 -41.75
CA LEU M 362 -24.06 3.81 -43.05
C LEU M 362 -24.59 5.23 -43.21
N MET M 363 -25.14 5.80 -42.14
CA MET M 363 -25.65 7.18 -42.22
C MET M 363 -24.52 8.21 -42.20
N LEU M 364 -23.48 7.98 -41.39
CA LEU M 364 -22.40 8.95 -41.30
C LEU M 364 -21.58 9.01 -42.59
N LEU M 365 -21.54 7.93 -43.36
CA LEU M 365 -20.77 7.93 -44.59
C LEU M 365 -21.54 8.55 -45.76
N SER M 366 -22.86 8.66 -45.66
CA SER M 366 -23.67 9.09 -46.78
C SER M 366 -23.39 10.53 -47.17
N SER M 367 -23.32 10.78 -48.48
CA SER M 367 -23.15 12.14 -48.97
C SER M 367 -24.47 12.90 -49.00
N ASN M 368 -25.58 12.21 -49.24
CA ASN M 368 -26.90 12.83 -49.29
C ASN M 368 -27.80 12.07 -48.33
N PRO M 369 -28.18 12.65 -47.20
CA PRO M 369 -29.08 11.93 -46.27
C PRO M 369 -30.49 11.73 -46.80
N GLU M 370 -30.84 12.37 -47.91
CA GLU M 370 -32.15 12.15 -48.50
C GLU M 370 -32.30 10.74 -49.04
N ARG M 371 -31.20 10.12 -49.47
CA ARG M 371 -31.23 8.74 -49.94
C ARG M 371 -30.92 7.72 -48.87
N THR M 372 -30.49 8.16 -47.68
CA THR M 372 -30.16 7.24 -46.59
C THR M 372 -31.13 7.47 -45.43
N ILE M 373 -32.41 7.23 -45.70
CA ILE M 373 -33.46 7.56 -44.76
C ILE M 373 -33.29 6.79 -43.45
N LEU M 374 -33.65 7.44 -42.35
CA LEU M 374 -33.52 6.86 -41.01
C LEU M 374 -34.75 6.02 -40.68
N THR M 375 -34.51 4.75 -40.35
CA THR M 375 -35.56 3.85 -39.88
C THR M 375 -34.98 2.95 -38.82
N THR M 376 -35.88 2.32 -38.05
CA THR M 376 -35.50 1.26 -37.13
C THR M 376 -35.97 -0.11 -37.58
N ASP M 377 -36.64 -0.18 -38.74
CA ASP M 377 -37.26 -1.41 -39.21
C ASP M 377 -38.20 -1.95 -38.13
N HIS M 378 -38.97 -1.03 -37.55
CA HIS M 378 -39.75 -1.31 -36.35
C HIS M 378 -40.62 -2.56 -36.53
N PRO M 379 -40.54 -3.54 -35.61
CA PRO M 379 -39.62 -3.52 -34.46
C PRO M 379 -38.37 -4.39 -34.62
N ASN M 380 -38.20 -5.02 -35.79
CA ASN M 380 -37.08 -5.92 -36.05
C ASN M 380 -35.74 -5.37 -35.55
N GLY M 381 -35.38 -4.17 -36.00
CA GLY M 381 -34.15 -3.57 -35.55
C GLY M 381 -34.30 -2.96 -34.17
N GLY M 382 -35.37 -2.20 -33.98
CA GLY M 382 -35.62 -1.59 -32.68
C GLY M 382 -36.94 -0.86 -32.71
N VAL M 383 -37.35 -0.42 -31.52
CA VAL M 383 -38.61 0.30 -31.33
C VAL M 383 -38.45 1.73 -31.84
N PHE M 384 -39.49 2.22 -32.53
CA PHE M 384 -39.41 3.53 -33.15
C PHE M 384 -39.22 4.66 -32.15
N THR M 385 -39.54 4.46 -30.87
CA THR M 385 -39.34 5.51 -29.89
C THR M 385 -37.88 5.91 -29.71
N GLU M 386 -36.94 5.13 -30.24
CA GLU M 386 -35.52 5.41 -30.13
C GLU M 386 -35.00 6.34 -31.21
N TYR M 387 -35.88 6.86 -32.08
CA TYR M 387 -35.46 7.86 -33.06
C TYR M 387 -34.79 9.06 -32.41
N PRO M 388 -35.33 9.67 -31.35
CA PRO M 388 -34.62 10.79 -30.72
C PRO M 388 -33.22 10.44 -30.22
N ARG M 389 -33.01 9.21 -29.75
CA ARG M 389 -31.67 8.80 -29.32
C ARG M 389 -30.70 8.72 -30.49
N ILE M 390 -31.13 8.11 -31.60
CA ILE M 390 -30.26 7.98 -32.77
C ILE M 390 -29.96 9.34 -33.37
N ILE M 391 -30.95 10.24 -33.39
CA ILE M 391 -30.71 11.62 -33.79
C ILE M 391 -29.69 12.26 -32.85
N HIS M 392 -29.84 12.02 -31.55
CA HIS M 392 -28.89 12.53 -30.57
C HIS M 392 -27.50 11.97 -30.81
N LEU M 393 -27.42 10.69 -31.19
CA LEU M 393 -26.12 10.08 -31.45
C LEU M 393 -25.49 10.59 -32.74
N LEU M 394 -26.31 10.92 -33.75
CA LEU M 394 -25.76 11.45 -34.99
C LEU M 394 -25.30 12.90 -34.85
N MET M 395 -26.09 13.71 -34.15
CA MET M 395 -25.78 15.14 -34.02
C MET M 395 -24.58 15.39 -33.12
N ASP M 396 -24.38 14.56 -32.10
CA ASP M 396 -23.39 14.80 -31.07
C ASP M 396 -22.30 13.72 -31.14
N ALA M 397 -21.07 14.14 -31.44
CA ALA M 397 -19.96 13.20 -31.53
C ALA M 397 -19.47 12.75 -30.16
N GLU M 398 -19.52 13.64 -29.16
CA GLU M 398 -19.03 13.30 -27.83
C GLU M 398 -19.95 12.30 -27.14
N GLU M 399 -21.26 12.33 -27.43
CA GLU M 399 -22.16 11.31 -26.92
C GLU M 399 -22.01 10.00 -27.69
N ARG M 400 -21.56 10.07 -28.93
CA ARG M 400 -21.27 8.84 -29.68
C ARG M 400 -20.05 8.13 -29.11
N ALA M 401 -19.01 8.90 -28.72
CA ALA M 401 -17.85 8.32 -28.06
C ALA M 401 -18.16 7.86 -26.65
N LYS M 402 -19.18 8.43 -26.01
CA LYS M 402 -19.60 7.96 -24.69
C LYS M 402 -20.18 6.56 -24.74
N GLU M 403 -21.01 6.28 -25.74
CA GLU M 403 -21.59 4.95 -25.91
C GLU M 403 -20.55 3.94 -26.36
N ILE M 404 -19.63 4.36 -27.24
CA ILE M 404 -18.60 3.47 -27.74
C ILE M 404 -17.65 3.03 -26.63
N ALA M 405 -17.49 3.87 -25.60
CA ALA M 405 -16.59 3.52 -24.49
C ALA M 405 -17.05 2.27 -23.75
N THR M 406 -18.37 2.02 -23.69
CA THR M 406 -18.89 0.86 -22.98
C THR M 406 -18.86 -0.41 -23.83
N LEU M 407 -18.93 -0.29 -25.15
CA LEU M 407 -18.99 -1.44 -26.02
C LEU M 407 -17.62 -2.12 -26.13
N PRO M 408 -17.60 -3.41 -26.47
CA PRO M 408 -16.33 -4.14 -26.56
C PRO M 408 -15.43 -3.62 -27.67
N ALA M 409 -14.20 -4.15 -27.69
CA ALA M 409 -13.20 -3.70 -28.66
C ALA M 409 -13.60 -4.02 -30.09
N ILE M 410 -14.43 -5.04 -30.31
CA ILE M 410 -14.79 -5.50 -31.65
C ILE M 410 -15.41 -4.38 -32.50
N VAL M 411 -16.08 -3.40 -31.87
CA VAL M 411 -16.72 -2.33 -32.63
C VAL M 411 -15.70 -1.57 -33.47
N GLY M 412 -14.59 -1.15 -32.85
CA GLY M 412 -13.57 -0.43 -33.59
C GLY M 412 -12.76 -1.31 -34.52
N GLU M 413 -12.51 -2.56 -34.11
CA GLU M 413 -11.69 -3.47 -34.88
C GLU M 413 -12.38 -4.03 -36.12
N ARG M 414 -13.71 -3.93 -36.20
CA ARG M 414 -14.44 -4.54 -37.31
C ARG M 414 -15.43 -3.60 -37.98
N SER M 415 -15.43 -2.30 -37.66
CA SER M 415 -16.35 -1.40 -38.33
C SER M 415 -15.68 -0.11 -38.79
N GLY M 416 -15.11 0.65 -37.85
CA GLY M 416 -14.55 1.94 -38.16
C GLY M 416 -15.42 3.12 -37.78
N LEU M 417 -16.49 2.89 -36.99
CA LEU M 417 -17.35 3.94 -36.48
C LEU M 417 -16.63 4.90 -35.51
N PRO M 418 -15.74 4.43 -34.63
CA PRO M 418 -15.00 5.39 -33.78
C PRO M 418 -14.05 6.28 -34.55
N LYS M 419 -13.61 5.87 -35.74
CA LYS M 419 -12.70 6.70 -36.54
C LYS M 419 -13.42 7.83 -37.25
N ILE M 420 -14.67 7.61 -37.67
CA ILE M 420 -15.46 8.65 -38.33
C ILE M 420 -16.16 9.46 -37.25
N GLU M 421 -15.72 10.71 -37.06
CA GLU M 421 -16.15 11.53 -35.94
C GLU M 421 -16.85 12.81 -36.42
N ARG M 422 -17.65 12.70 -37.47
CA ARG M 422 -18.36 13.86 -38.01
C ARG M 422 -19.76 13.94 -37.40
N GLU M 423 -20.21 15.17 -37.15
CA GLU M 423 -21.52 15.43 -36.58
C GLU M 423 -22.54 15.74 -37.68
N TYR M 424 -23.81 15.48 -37.37
CA TYR M 424 -24.92 15.74 -38.27
C TYR M 424 -25.62 17.05 -37.91
N SER M 425 -26.06 17.79 -38.92
CA SER M 425 -26.71 19.08 -38.71
C SER M 425 -28.24 18.93 -38.76
N PHE M 426 -28.93 20.02 -38.40
CA PHE M 426 -30.39 19.99 -38.42
C PHE M 426 -30.92 19.82 -39.83
N SER M 427 -30.31 20.48 -40.81
CA SER M 427 -30.73 20.32 -42.20
C SER M 427 -30.56 18.89 -42.67
N GLU M 428 -29.56 18.18 -42.14
CA GLU M 428 -29.32 16.78 -42.52
C GLU M 428 -30.23 15.81 -41.76
N ILE M 429 -30.66 16.17 -40.54
CA ILE M 429 -31.62 15.32 -39.84
C ILE M 429 -32.99 15.43 -40.47
N ALA M 430 -33.33 16.61 -41.00
CA ALA M 430 -34.61 16.76 -41.69
C ALA M 430 -34.59 16.02 -43.02
N GLN M 431 -33.42 15.90 -43.65
CA GLN M 431 -33.30 15.04 -44.81
C GLN M 431 -33.50 13.58 -44.42
N LEU M 432 -33.13 13.24 -43.18
CA LEU M 432 -33.30 11.87 -42.70
C LEU M 432 -34.76 11.56 -42.39
N THR M 433 -35.48 12.52 -41.82
CA THR M 433 -36.79 12.25 -41.24
C THR M 433 -37.97 12.80 -42.03
N ARG M 434 -37.78 13.84 -42.84
CA ARG M 434 -38.90 14.45 -43.54
C ARG M 434 -38.68 14.58 -45.05
N SER M 435 -37.63 15.32 -45.42
CA SER M 435 -37.36 15.61 -46.83
C SER M 435 -37.18 14.32 -47.65
N GLY M 436 -36.20 13.50 -47.28
CA GLY M 436 -35.91 12.27 -47.98
C GLY M 436 -37.07 11.28 -48.02
N PRO M 437 -37.66 10.94 -46.87
CA PRO M 437 -38.76 9.97 -46.88
C PRO M 437 -39.92 10.36 -47.76
N ALA M 438 -40.34 11.63 -47.71
CA ALA M 438 -41.51 12.05 -48.47
C ALA M 438 -41.22 12.11 -49.96
N LYS M 439 -40.02 12.58 -50.33
CA LYS M 439 -39.63 12.55 -51.73
C LYS M 439 -39.62 11.13 -52.27
N LEU M 440 -39.21 10.18 -51.43
CA LEU M 440 -39.17 8.77 -51.81
C LEU M 440 -40.56 8.19 -52.01
N LEU M 441 -41.46 8.40 -51.05
CA LEU M 441 -42.82 7.89 -51.13
C LEU M 441 -43.68 8.62 -52.17
N GLY M 442 -43.22 9.75 -52.70
CA GLY M 442 -43.97 10.51 -53.66
C GLY M 442 -44.97 11.50 -53.08
N LEU M 443 -45.04 11.65 -51.76
CA LEU M 443 -45.96 12.59 -51.12
C LEU M 443 -45.33 13.98 -51.22
N THR M 444 -45.62 14.67 -52.34
CA THR M 444 -44.99 15.96 -52.62
C THR M 444 -45.32 17.00 -51.56
N ASP M 445 -46.50 16.92 -50.94
CA ASP M 445 -47.02 17.96 -50.06
C ASP M 445 -46.75 17.69 -48.58
N ARG M 446 -45.77 16.85 -48.25
CA ARG M 446 -45.53 16.48 -46.86
C ARG M 446 -44.12 16.74 -46.36
N GLY M 447 -43.10 16.55 -47.21
CA GLY M 447 -41.73 16.60 -46.72
C GLY M 447 -41.22 17.97 -46.35
N HIS M 448 -41.87 19.02 -46.83
CA HIS M 448 -41.34 20.37 -46.71
C HIS M 448 -42.32 21.29 -45.99
N LEU M 449 -41.90 22.54 -45.81
CA LEU M 449 -42.70 23.58 -45.18
C LEU M 449 -42.90 24.78 -46.09
N ARG M 450 -42.48 24.71 -47.35
CA ARG M 450 -42.65 25.82 -48.28
C ARG M 450 -44.13 26.01 -48.59
N GLU M 451 -44.45 27.15 -49.18
CA GLU M 451 -45.84 27.49 -49.47
C GLU M 451 -46.46 26.51 -50.46
N GLY M 452 -47.44 25.74 -49.99
CA GLY M 452 -48.12 24.74 -50.79
C GLY M 452 -48.25 23.42 -50.05
N ALA M 453 -47.47 23.26 -48.99
CA ALA M 453 -47.45 22.01 -48.23
C ALA M 453 -48.67 21.90 -47.32
N LYS M 454 -48.94 20.66 -46.90
CA LYS M 454 -49.93 20.42 -45.86
C LYS M 454 -49.38 20.89 -44.51
N ALA M 455 -50.23 21.48 -43.69
CA ALA M 455 -49.79 22.05 -42.42
C ALA M 455 -49.40 20.98 -41.41
N ASP M 456 -48.36 20.20 -41.71
CA ASP M 456 -47.82 19.19 -40.80
C ASP M 456 -46.51 19.76 -40.26
N VAL M 457 -46.55 20.25 -39.02
CA VAL M 457 -45.44 21.00 -38.43
C VAL M 457 -45.00 20.33 -37.14
N ALA M 458 -43.69 20.28 -36.92
CA ALA M 458 -43.10 19.73 -35.71
C ALA M 458 -42.16 20.76 -35.09
N ILE M 459 -42.48 21.19 -33.87
CA ILE M 459 -41.71 22.21 -33.15
C ILE M 459 -41.06 21.57 -31.93
N TYR M 460 -39.74 21.59 -31.87
CA TYR M 460 -38.97 21.01 -30.77
C TYR M 460 -38.27 22.11 -30.00
N ARG M 461 -38.39 22.09 -28.67
CA ARG M 461 -37.74 23.08 -27.82
C ARG M 461 -36.25 22.78 -27.70
N ASP M 462 -35.41 23.79 -27.98
CA ASP M 462 -33.97 23.60 -28.03
C ASP M 462 -33.43 22.95 -26.75
N ASP M 463 -32.49 22.04 -26.92
CA ASP M 463 -31.82 21.39 -25.80
C ASP M 463 -30.49 20.83 -26.29
N THR M 464 -29.44 20.98 -25.48
CA THR M 464 -28.18 20.33 -25.81
C THR M 464 -28.35 18.81 -25.90
N ASP M 465 -29.15 18.24 -25.01
CA ASP M 465 -29.52 16.83 -25.04
C ASP M 465 -30.62 16.65 -26.07
N ARG M 466 -30.24 16.30 -27.30
CA ARG M 466 -31.22 16.13 -28.37
C ARG M 466 -32.19 14.99 -28.10
N THR M 467 -31.82 14.02 -27.27
CA THR M 467 -32.73 12.93 -26.94
C THR M 467 -34.01 13.47 -26.31
N ALA M 468 -33.89 14.38 -25.34
CA ALA M 468 -35.07 15.01 -24.74
C ALA M 468 -35.73 16.00 -25.70
N MET M 469 -34.93 16.65 -26.56
CA MET M 469 -35.46 17.63 -27.50
C MET M 469 -36.47 17.02 -28.46
N PHE M 470 -36.16 15.83 -28.99
CA PHE M 470 -37.00 15.17 -29.99
C PHE M 470 -37.96 14.14 -29.40
N SER M 471 -37.78 13.75 -28.14
CA SER M 471 -38.72 12.83 -27.50
C SER M 471 -40.05 13.50 -27.20
N ARG M 472 -40.02 14.76 -26.76
CA ARG M 472 -41.21 15.54 -26.48
C ARG M 472 -41.17 16.80 -27.33
N ALA M 473 -42.05 16.87 -28.33
CA ALA M 473 -42.11 18.03 -29.20
C ALA M 473 -42.99 19.11 -28.57
N LYS M 474 -42.49 20.35 -28.62
CA LYS M 474 -43.22 21.46 -28.01
C LYS M 474 -44.61 21.62 -28.62
N LEU M 475 -44.72 21.39 -29.94
CA LEU M 475 -46.01 21.51 -30.62
C LEU M 475 -45.96 20.73 -31.93
N VAL M 476 -46.98 19.91 -32.16
CA VAL M 476 -47.16 19.16 -33.40
C VAL M 476 -48.54 19.48 -33.95
N LEU M 477 -48.59 19.75 -35.27
CA LEU M 477 -49.81 20.15 -35.96
C LEU M 477 -50.13 19.13 -37.06
N LYS M 478 -51.39 18.69 -37.09
CA LYS M 478 -51.88 17.77 -38.11
C LYS M 478 -52.93 18.51 -38.93
N ASP M 479 -52.55 18.91 -40.14
CA ASP M 479 -53.41 19.67 -41.05
C ASP M 479 -53.91 20.95 -40.40
N GLY M 480 -53.01 21.64 -39.70
CA GLY M 480 -53.33 22.89 -39.05
C GLY M 480 -53.86 22.76 -37.65
N GLN M 481 -54.37 21.60 -37.28
CA GLN M 481 -54.92 21.38 -35.95
C GLN M 481 -53.86 20.84 -35.01
N PRO M 482 -53.73 21.37 -33.80
CA PRO M 482 -52.72 20.87 -32.85
C PRO M 482 -53.14 19.53 -32.26
N ILE M 483 -52.24 18.55 -32.33
CA ILE M 483 -52.50 17.22 -31.78
C ILE M 483 -51.75 16.99 -30.47
N VAL M 484 -50.51 17.48 -30.32
CA VAL M 484 -49.78 17.34 -29.06
C VAL M 484 -49.17 18.69 -28.70
N GLU M 485 -49.09 18.95 -27.40
CA GLU M 485 -48.52 20.19 -26.86
C GLU M 485 -47.58 19.86 -25.72
N ASP M 486 -46.34 20.35 -25.82
CA ASP M 486 -45.28 20.10 -24.82
C ASP M 486 -45.10 18.60 -24.58
N GLY M 487 -45.23 17.82 -25.65
CA GLY M 487 -45.01 16.39 -25.59
C GLY M 487 -46.20 15.56 -25.12
N GLU M 488 -47.38 16.16 -24.97
CA GLU M 488 -48.56 15.43 -24.51
C GLU M 488 -49.70 15.62 -25.50
N VAL M 489 -50.39 14.51 -25.82
CA VAL M 489 -51.46 14.53 -26.82
C VAL M 489 -52.68 15.27 -26.29
N VAL M 490 -53.18 16.23 -27.08
CA VAL M 490 -54.34 17.03 -26.70
C VAL M 490 -55.56 16.69 -27.57
N ALA M 491 -55.37 16.48 -28.87
CA ALA M 491 -56.46 16.16 -29.78
C ALA M 491 -56.44 14.68 -30.13
N TRP M 492 -57.63 14.15 -30.47
CA TRP M 492 -57.79 12.71 -30.69
C TRP M 492 -58.80 12.51 -31.83
N PHE M 493 -58.30 12.52 -33.06
CA PHE M 493 -59.11 12.23 -34.23
C PHE M 493 -58.37 11.23 -35.12
N SER M 494 -59.05 10.78 -36.17
CA SER M 494 -58.52 9.80 -37.10
C SER M 494 -58.05 10.47 -38.38
N GLY M 495 -56.96 9.97 -38.94
CA GLY M 495 -56.40 10.46 -40.19
C GLY M 495 -57.00 9.80 -41.42
N LYS M 496 -56.18 9.66 -42.45
CA LYS M 496 -56.60 9.09 -43.73
C LYS M 496 -55.51 8.20 -44.29
N THR M 497 -55.92 7.06 -44.85
CA THR M 497 -55.01 6.12 -45.49
C THR M 497 -54.75 6.52 -46.94
N LEU M 498 -53.48 6.65 -47.31
CA LEU M 498 -53.12 7.03 -48.68
C LEU M 498 -53.10 5.78 -49.56
N SER M 499 -53.91 5.79 -50.62
CA SER M 499 -53.94 4.71 -51.59
C SER M 499 -53.80 5.29 -52.99
N LEU M 500 -52.96 4.66 -53.79
CA LEU M 500 -52.75 5.10 -55.16
C LEU M 500 -54.03 4.90 -55.96
N ASN M 501 -54.50 5.99 -56.59
CA ASN M 501 -55.70 5.93 -57.41
C ASN M 501 -55.35 5.27 -58.74
N VAL M 502 -55.77 4.02 -58.92
CA VAL M 502 -55.59 3.29 -60.17
C VAL M 502 -56.80 2.39 -60.38
N GLU M 503 -57.16 2.16 -61.64
CA GLU M 503 -58.33 1.39 -62.00
C GLU M 503 -57.91 -0.02 -62.45
N ALA M 504 -58.57 -1.03 -61.91
CA ALA M 504 -58.27 -2.40 -62.28
C ALA M 504 -58.81 -2.72 -63.66
N ASP M 505 -57.99 -3.41 -64.46
CA ASP M 505 -58.37 -3.77 -65.81
C ASP M 505 -59.55 -4.73 -65.79
N ALA M 506 -60.62 -4.37 -66.48
CA ALA M 506 -61.85 -5.17 -66.46
C ALA M 506 -61.62 -6.57 -66.99
N GLY M 507 -60.84 -6.70 -68.07
CA GLY M 507 -60.52 -8.01 -68.59
C GLY M 507 -59.62 -8.81 -67.68
N MET M 508 -58.83 -8.13 -66.85
CA MET M 508 -58.02 -8.81 -65.84
C MET M 508 -58.83 -9.19 -64.61
N GLU M 509 -59.85 -8.40 -64.28
CA GLU M 509 -60.70 -8.70 -63.12
C GLU M 509 -61.51 -9.98 -63.34
N LYS M 510 -62.03 -10.18 -64.55
CA LYS M 510 -62.76 -11.41 -64.85
C LYS M 510 -61.81 -12.60 -64.97
N ARG M 511 -60.55 -12.35 -65.34
CA ARG M 511 -59.56 -13.42 -65.42
C ARG M 511 -59.12 -13.89 -64.03
N ALA M 512 -58.93 -12.96 -63.09
CA ALA M 512 -58.54 -13.33 -61.74
C ALA M 512 -59.67 -14.01 -60.98
N GLU M 513 -60.92 -13.65 -61.25
CA GLU M 513 -62.06 -14.24 -60.55
C GLU M 513 -62.11 -15.76 -60.75
N SER M 514 -61.91 -16.23 -61.99
CA SER M 514 -61.91 -17.66 -62.24
C SER M 514 -60.73 -18.36 -61.58
N TYR M 515 -59.61 -17.65 -61.44
CA TYR M 515 -58.44 -18.22 -60.78
C TYR M 515 -58.68 -18.39 -59.28
N LEU M 516 -59.13 -17.32 -58.61
CA LEU M 516 -59.37 -17.37 -57.17
C LEU M 516 -60.46 -18.36 -56.82
N GLN M 517 -61.46 -18.52 -57.69
CA GLN M 517 -62.56 -19.45 -57.40
C GLN M 517 -62.08 -20.90 -57.41
N ASP M 518 -61.07 -21.20 -58.22
CA ASP M 518 -60.56 -22.56 -58.32
C ASP M 518 -59.45 -22.84 -57.30
N ARG M 519 -58.80 -21.81 -56.78
CA ARG M 519 -57.74 -21.99 -55.80
C ARG M 519 -58.22 -21.87 -54.37
N PHE M 520 -59.07 -20.89 -54.07
CA PHE M 520 -59.55 -20.63 -52.72
C PHE M 520 -60.99 -21.09 -52.47
N GLY M 521 -61.85 -21.01 -53.48
CA GLY M 521 -63.27 -21.20 -53.29
C GLY M 521 -64.02 -19.96 -52.88
N ALA M 522 -63.48 -18.77 -53.17
CA ALA M 522 -64.13 -17.51 -52.84
C ALA M 522 -63.79 -16.47 -53.90
N GLY M 523 -64.69 -15.52 -54.10
CA GLY M 523 -64.56 -14.52 -55.13
C GLY M 523 -63.64 -13.38 -54.73
N LEU M 524 -63.70 -12.31 -55.53
CA LEU M 524 -62.88 -11.13 -55.27
C LEU M 524 -63.35 -10.36 -54.04
N ASP M 525 -64.63 -10.49 -53.68
CA ASP M 525 -65.17 -9.73 -52.56
C ASP M 525 -64.48 -10.07 -51.24
N THR M 526 -63.94 -11.28 -51.09
CA THR M 526 -63.22 -11.60 -49.86
C THR M 526 -61.85 -10.94 -49.80
N PHE M 527 -61.27 -10.63 -50.95
CA PHE M 527 -60.01 -9.91 -51.00
C PHE M 527 -60.20 -8.39 -51.01
N ALA M 528 -61.43 -7.94 -51.28
CA ALA M 528 -61.74 -6.52 -51.41
C ALA M 528 -61.69 -5.81 -50.07
N VAL M 529 -61.53 -4.49 -50.14
CA VAL M 529 -61.49 -3.63 -48.96
C VAL M 529 -62.55 -2.55 -49.09
N PRO M 530 -63.83 -2.86 -48.84
CA PRO M 530 -64.90 -1.88 -49.08
C PRO M 530 -64.91 -0.76 -48.06
N ASP M 531 -65.39 0.40 -48.48
CA ASP M 531 -65.48 1.55 -47.59
C ASP M 531 -66.45 1.32 -46.44
N ALA M 532 -67.48 0.51 -46.66
CA ALA M 532 -68.53 0.31 -45.65
C ALA M 532 -68.03 -0.43 -44.42
N ALA M 533 -66.88 -1.09 -44.50
CA ALA M 533 -66.35 -1.82 -43.36
C ALA M 533 -65.70 -0.91 -42.32
N PHE M 534 -65.30 0.30 -42.71
CA PHE M 534 -64.50 1.20 -41.89
C PHE M 534 -65.39 2.09 -41.03
N PRO M 535 -64.86 2.61 -39.92
CA PRO M 535 -65.65 3.54 -39.10
C PRO M 535 -66.03 4.80 -39.86
N GLU M 536 -65.21 5.21 -40.82
CA GLU M 536 -65.45 6.40 -41.63
C GLU M 536 -65.70 5.92 -43.07
N ASN M 537 -66.95 5.91 -43.48
CA ASN M 537 -67.31 5.44 -44.81
C ASN M 537 -66.85 6.45 -45.85
N THR M 538 -65.94 6.02 -46.74
CA THR M 538 -65.37 6.85 -47.80
C THR M 538 -64.60 8.03 -47.21
N GLY M 539 -64.47 8.09 -45.89
CA GLY M 539 -63.70 9.12 -45.23
C GLY M 539 -62.39 8.60 -44.70
N THR M 540 -62.10 7.33 -44.97
CA THR M 540 -60.88 6.70 -44.50
C THR M 540 -59.74 6.77 -45.51
N PHE M 541 -60.04 6.92 -46.80
CA PHE M 541 -59.02 6.87 -47.84
C PHE M 541 -58.91 8.21 -48.55
N GLU M 542 -57.69 8.52 -48.99
CA GLU M 542 -57.37 9.75 -49.72
C GLU M 542 -56.54 9.36 -50.93
N ASP M 543 -57.00 9.76 -52.12
CA ASP M 543 -56.36 9.33 -53.35
C ASP M 543 -54.98 9.96 -53.54
N VAL M 544 -54.07 9.20 -54.16
CA VAL M 544 -52.75 9.68 -54.55
C VAL M 544 -52.57 9.42 -56.04
N ALA M 545 -52.25 10.47 -56.78
CA ALA M 545 -52.04 10.34 -58.21
C ALA M 545 -50.75 9.60 -58.50
N CYS M 546 -50.69 8.95 -59.66
CA CYS M 546 -49.51 8.24 -60.11
C CYS M 546 -48.75 9.10 -61.12
N ARG M 547 -47.47 9.34 -60.86
CA ARG M 547 -46.69 10.25 -61.68
C ARG M 547 -46.35 9.62 -63.04
N ALA M 548 -45.68 10.41 -63.87
CA ALA M 548 -45.25 9.95 -65.20
C ALA M 548 -44.19 8.86 -65.09
N ALA N 1 -87.17 -3.32 -33.52
CA ALA N 1 -87.93 -2.97 -32.32
C ALA N 1 -87.21 -3.47 -31.08
N ALA N 2 -87.24 -2.67 -30.01
CA ALA N 2 -86.58 -3.01 -28.75
C ALA N 2 -87.60 -3.39 -27.70
N TRP N 3 -87.11 -3.92 -26.58
CA TRP N 3 -87.95 -4.28 -25.44
C TRP N 3 -87.21 -3.96 -24.16
N VAL N 4 -87.84 -3.16 -23.31
CA VAL N 4 -87.35 -2.85 -21.97
C VAL N 4 -88.44 -3.23 -20.98
N LYS N 5 -88.09 -4.02 -19.97
CA LYS N 5 -89.07 -4.55 -19.05
C LYS N 5 -90.20 -5.21 -19.83
N GLY N 6 -91.43 -4.71 -19.62
CA GLY N 6 -92.60 -5.16 -20.34
C GLY N 6 -93.15 -4.21 -21.38
N GLY N 7 -93.12 -4.61 -22.65
CA GLY N 7 -93.79 -3.85 -23.69
C GLY N 7 -93.25 -2.47 -24.01
N ALA N 8 -91.99 -2.19 -23.72
CA ALA N 8 -91.33 -0.97 -24.16
C ALA N 8 -90.75 -1.23 -25.55
N ALA N 9 -91.19 -0.47 -26.54
CA ALA N 9 -90.77 -0.66 -27.92
C ALA N 9 -89.82 0.41 -28.42
N ASP N 10 -89.46 1.37 -27.58
CA ASP N 10 -88.70 2.53 -28.04
C ASP N 10 -87.23 2.19 -28.14
N VAL N 11 -86.64 2.45 -29.32
CA VAL N 11 -85.24 2.11 -29.53
C VAL N 11 -84.33 3.08 -28.81
N ASP N 12 -84.67 4.36 -28.83
CA ASP N 12 -83.87 5.36 -28.13
C ASP N 12 -83.97 5.20 -26.62
N ALA N 13 -85.19 4.95 -26.11
CA ALA N 13 -85.35 4.79 -24.66
C ALA N 13 -84.71 3.51 -24.16
N ALA N 14 -84.66 2.47 -25.00
CA ALA N 14 -83.92 1.26 -24.63
C ALA N 14 -82.43 1.55 -24.53
N VAL N 15 -81.92 2.48 -25.33
CA VAL N 15 -80.54 2.91 -25.20
C VAL N 15 -80.34 3.62 -23.86
N GLU N 16 -81.31 4.46 -23.46
CA GLU N 16 -81.21 5.13 -22.17
C GLU N 16 -81.35 4.14 -21.01
N ALA N 17 -82.23 3.14 -21.15
CA ALA N 17 -82.39 2.16 -20.09
C ALA N 17 -81.15 1.29 -19.92
N ALA N 18 -80.46 0.97 -21.02
CA ALA N 18 -79.22 0.20 -20.93
C ALA N 18 -78.11 1.01 -20.30
N ALA N 19 -78.05 2.32 -20.59
CA ALA N 19 -77.03 3.17 -20.01
C ALA N 19 -77.22 3.33 -18.49
N ASP N 20 -78.47 3.46 -18.06
CA ASP N 20 -78.74 3.53 -16.63
C ASP N 20 -78.33 2.24 -15.92
N LEU N 21 -78.55 1.10 -16.57
CA LEU N 21 -78.19 -0.18 -15.98
C LEU N 21 -76.68 -0.31 -15.85
N LEU N 22 -75.94 0.10 -16.88
CA LEU N 22 -74.48 0.00 -16.83
C LEU N 22 -73.89 0.99 -15.84
N ALA N 23 -74.49 2.18 -15.73
CA ALA N 23 -73.95 3.18 -14.82
C ALA N 23 -74.12 2.78 -13.36
N ALA N 24 -75.19 2.06 -13.04
CA ALA N 24 -75.46 1.66 -11.66
C ALA N 24 -74.64 0.45 -11.21
N SER N 25 -74.08 -0.32 -12.13
CA SER N 25 -73.32 -1.51 -11.78
C SER N 25 -71.86 -1.16 -11.54
N ARG N 26 -71.25 -1.89 -10.60
CA ARG N 26 -69.83 -1.69 -10.33
C ARG N 26 -68.95 -2.66 -11.13
N VAL N 27 -69.40 -3.90 -11.34
CA VAL N 27 -68.67 -4.86 -12.17
C VAL N 27 -69.49 -5.20 -13.41
N PRO N 28 -69.26 -4.54 -14.54
CA PRO N 28 -69.96 -4.89 -15.78
C PRO N 28 -69.19 -5.89 -16.63
N VAL N 29 -69.96 -6.63 -17.45
CA VAL N 29 -69.44 -7.72 -18.28
C VAL N 29 -70.04 -7.60 -19.69
N LEU N 30 -69.20 -7.82 -20.70
CA LEU N 30 -69.64 -7.82 -22.10
C LEU N 30 -69.40 -9.21 -22.67
N ALA N 31 -70.40 -10.08 -22.60
CA ALA N 31 -70.26 -11.44 -23.10
C ALA N 31 -70.71 -11.51 -24.56
N GLY N 32 -70.59 -12.70 -25.15
CA GLY N 32 -71.00 -12.94 -26.52
C GLY N 32 -69.96 -12.54 -27.55
N LEU N 33 -70.00 -11.29 -27.99
CA LEU N 33 -69.03 -10.76 -28.95
C LEU N 33 -69.07 -11.52 -30.26
N SER N 34 -70.27 -11.88 -30.73
CA SER N 34 -70.46 -12.56 -32.02
C SER N 34 -71.17 -11.61 -32.98
N ALA N 35 -70.40 -10.73 -33.62
CA ALA N 35 -70.96 -9.77 -34.57
C ALA N 35 -69.83 -9.26 -35.46
N GLU N 36 -70.12 -8.17 -36.18
CA GLU N 36 -69.16 -7.52 -37.06
C GLU N 36 -67.95 -7.00 -36.28
N VAL N 37 -66.89 -6.66 -37.03
CA VAL N 37 -65.75 -6.01 -36.41
C VAL N 37 -66.12 -4.60 -35.96
N SER N 38 -67.07 -3.97 -36.65
CA SER N 38 -67.55 -2.65 -36.22
C SER N 38 -68.22 -2.73 -34.86
N ALA N 39 -68.99 -3.80 -34.61
CA ALA N 39 -69.65 -3.96 -33.32
C ALA N 39 -68.65 -4.36 -32.25
N LEU N 40 -67.72 -5.25 -32.57
CA LEU N 40 -66.67 -5.61 -31.62
C LEU N 40 -65.84 -4.39 -31.25
N ARG N 41 -65.49 -3.56 -32.24
CA ARG N 41 -64.79 -2.31 -31.99
C ARG N 41 -65.60 -1.37 -31.08
N ALA N 42 -66.90 -1.27 -31.34
CA ALA N 42 -67.76 -0.44 -30.49
C ALA N 42 -67.93 -1.04 -29.11
N ALA N 43 -67.91 -2.38 -29.02
CA ALA N 43 -68.04 -3.04 -27.73
C ALA N 43 -66.82 -2.79 -26.85
N TYR N 44 -65.62 -2.83 -27.44
CA TYR N 44 -64.40 -2.58 -26.68
C TYR N 44 -64.24 -1.11 -26.33
N ARG N 45 -64.69 -0.21 -27.20
CA ARG N 45 -64.66 1.22 -26.88
C ARG N 45 -65.60 1.55 -25.73
N LEU N 46 -66.74 0.84 -25.65
CA LEU N 46 -67.66 1.03 -24.54
C LEU N 46 -67.08 0.47 -23.25
N ALA N 47 -66.44 -0.70 -23.30
CA ALA N 47 -65.83 -1.27 -22.09
C ALA N 47 -64.70 -0.39 -21.55
N GLU N 48 -63.97 0.31 -22.42
CA GLU N 48 -62.93 1.21 -21.96
C GLU N 48 -63.52 2.38 -21.18
N THR N 49 -64.62 2.93 -21.66
CA THR N 49 -65.27 4.03 -20.95
C THR N 49 -65.94 3.52 -19.67
N LEU N 50 -66.56 2.34 -19.73
CA LEU N 50 -67.29 1.80 -18.59
C LEU N 50 -66.35 1.26 -17.51
N GLY N 51 -65.24 0.65 -17.90
CA GLY N 51 -64.45 -0.10 -16.96
C GLY N 51 -64.96 -1.51 -16.78
N ALA N 52 -65.35 -2.15 -17.87
CA ALA N 52 -65.93 -3.49 -17.86
C ALA N 52 -64.91 -4.51 -18.36
N SER N 53 -65.29 -5.79 -18.27
CA SER N 53 -64.52 -6.88 -18.85
C SER N 53 -65.27 -7.45 -20.05
N LEU N 54 -64.53 -8.18 -20.88
CA LEU N 54 -65.08 -8.78 -22.08
C LEU N 54 -64.74 -10.26 -22.14
N ASP N 55 -65.59 -11.04 -22.81
CA ASP N 55 -65.36 -12.46 -23.02
C ASP N 55 -66.24 -12.98 -24.16
N PRO N 56 -65.66 -13.34 -25.29
CA PRO N 56 -66.46 -13.90 -26.38
C PRO N 56 -66.90 -15.32 -26.05
N VAL N 57 -68.01 -15.73 -26.68
CA VAL N 57 -68.54 -17.08 -26.45
C VAL N 57 -67.54 -18.13 -26.91
N SER N 58 -66.72 -17.82 -27.91
CA SER N 58 -65.66 -18.72 -28.33
C SER N 58 -64.51 -18.79 -27.32
N GLY N 59 -64.60 -18.03 -26.22
CA GLY N 59 -63.60 -17.98 -25.18
C GLY N 59 -62.82 -19.25 -24.90
N PRO N 60 -63.51 -20.32 -24.50
CA PRO N 60 -62.79 -21.57 -24.21
C PRO N 60 -62.04 -22.13 -25.41
N SER N 61 -62.63 -22.06 -26.60
CA SER N 61 -61.93 -22.52 -27.80
C SER N 61 -60.79 -21.57 -28.16
N VAL N 62 -61.02 -20.27 -28.00
CA VAL N 62 -60.01 -19.28 -28.37
C VAL N 62 -58.77 -19.42 -27.50
N TYR N 63 -58.97 -19.44 -26.18
CA TYR N 63 -57.84 -19.49 -25.25
C TYR N 63 -57.18 -20.85 -25.17
N ALA N 64 -57.82 -21.91 -25.69
CA ALA N 64 -57.13 -23.18 -25.82
C ALA N 64 -56.01 -23.08 -26.85
N GLU N 65 -56.26 -22.35 -27.95
CA GLU N 65 -55.21 -22.11 -28.93
C GLU N 65 -54.24 -21.05 -28.44
N LEU N 66 -54.77 -19.93 -27.93
CA LEU N 66 -53.92 -18.85 -27.45
C LEU N 66 -53.02 -19.30 -26.31
N GLY N 67 -53.53 -20.13 -25.41
CA GLY N 67 -52.74 -20.58 -24.28
C GLY N 67 -51.51 -21.37 -24.69
N ALA N 68 -51.63 -22.14 -25.77
CA ALA N 68 -50.49 -22.93 -26.23
C ALA N 68 -49.51 -22.12 -27.06
N LEU N 69 -49.98 -21.10 -27.78
CA LEU N 69 -49.11 -20.34 -28.66
C LEU N 69 -48.43 -19.17 -27.97
N SER N 70 -49.02 -18.61 -26.91
CA SER N 70 -48.37 -17.52 -26.20
C SER N 70 -47.13 -18.00 -25.46
N ALA N 71 -47.02 -19.29 -25.20
CA ALA N 71 -45.88 -19.86 -24.50
C ALA N 71 -44.99 -20.74 -25.38
N GLY N 72 -45.56 -21.42 -26.37
CA GLY N 72 -44.80 -22.35 -27.18
C GLY N 72 -44.63 -21.98 -28.63
N GLY N 73 -45.40 -21.01 -29.10
CA GLY N 73 -45.34 -20.62 -30.50
C GLY N 73 -46.18 -21.52 -31.39
N ALA N 74 -45.99 -21.35 -32.70
CA ALA N 74 -46.82 -22.08 -33.65
C ALA N 74 -46.09 -22.21 -34.99
N MET N 75 -46.52 -23.21 -35.76
CA MET N 75 -46.03 -23.47 -37.12
C MET N 75 -47.25 -23.82 -37.96
N SER N 76 -47.83 -22.83 -38.63
CA SER N 76 -49.15 -22.95 -39.23
C SER N 76 -49.12 -22.73 -40.74
N THR N 77 -50.23 -23.11 -41.37
CA THR N 77 -50.49 -22.91 -42.79
C THR N 77 -51.93 -22.46 -42.97
N THR N 78 -52.33 -22.23 -44.22
CA THR N 78 -53.71 -21.84 -44.52
C THR N 78 -54.46 -22.99 -45.17
N ARG N 79 -55.78 -22.86 -45.18
CA ARG N 79 -56.64 -23.88 -45.78
C ARG N 79 -56.33 -24.05 -47.26
N ALA N 80 -56.23 -22.93 -48.00
CA ALA N 80 -56.01 -23.00 -49.44
C ALA N 80 -54.68 -23.66 -49.78
N GLU N 81 -53.64 -23.41 -48.99
CA GLU N 81 -52.35 -24.03 -49.23
C GLU N 81 -52.29 -25.48 -48.75
N THR N 82 -53.15 -25.89 -47.82
CA THR N 82 -53.22 -27.30 -47.47
C THR N 82 -53.82 -28.11 -48.61
N ILE N 83 -54.95 -27.64 -49.15
CA ILE N 83 -55.55 -28.29 -50.31
C ILE N 83 -54.63 -28.20 -51.52
N GLY N 84 -53.81 -27.15 -51.61
CA GLY N 84 -52.97 -26.92 -52.76
C GLY N 84 -51.62 -27.59 -52.77
N ARG N 85 -50.98 -27.73 -51.61
CA ARG N 85 -49.61 -28.20 -51.55
C ARG N 85 -49.43 -29.51 -50.78
N ALA N 86 -50.22 -29.75 -49.75
CA ALA N 86 -49.97 -30.85 -48.82
C ALA N 86 -50.15 -32.21 -49.50
N ASP N 87 -49.16 -33.08 -49.34
CA ASP N 87 -49.22 -34.46 -49.82
C ASP N 87 -49.63 -35.45 -48.74
N VAL N 88 -49.38 -35.15 -47.46
CA VAL N 88 -49.78 -35.99 -46.35
C VAL N 88 -50.48 -35.11 -45.31
N ILE N 89 -51.69 -35.52 -44.92
CA ILE N 89 -52.52 -34.75 -44.00
C ILE N 89 -52.92 -35.64 -42.82
N LEU N 90 -52.62 -35.17 -41.62
CA LEU N 90 -53.04 -35.84 -40.39
C LEU N 90 -54.23 -35.09 -39.79
N ILE N 91 -55.34 -35.80 -39.60
CA ILE N 91 -56.58 -35.19 -39.11
C ILE N 91 -56.79 -35.68 -37.68
N VAL N 92 -56.54 -34.80 -36.72
CA VAL N 92 -56.64 -35.12 -35.31
C VAL N 92 -58.03 -34.77 -34.80
N GLY N 93 -58.74 -35.76 -34.26
CA GLY N 93 -60.05 -35.56 -33.68
C GLY N 93 -61.17 -35.82 -34.66
N ASN N 94 -62.38 -35.52 -34.19
CA ASN N 94 -63.60 -35.70 -34.97
C ASN N 94 -64.16 -34.39 -35.51
N ARG N 95 -63.80 -33.26 -34.92
CA ARG N 95 -64.33 -31.97 -35.36
C ARG N 95 -63.94 -31.56 -36.78
N PRO N 96 -62.72 -31.80 -37.29
CA PRO N 96 -62.42 -31.40 -38.67
C PRO N 96 -63.26 -32.11 -39.72
N TRP N 97 -63.86 -33.25 -39.38
CA TRP N 97 -64.65 -33.99 -40.36
C TRP N 97 -66.00 -33.33 -40.67
N ASP N 98 -66.47 -32.42 -39.81
CA ASP N 98 -67.77 -31.78 -40.06
C ASP N 98 -67.74 -30.97 -41.35
N GLY N 99 -66.73 -30.14 -41.52
CA GLY N 99 -66.68 -29.24 -42.65
C GLY N 99 -66.44 -29.95 -43.98
N GLU N 100 -66.59 -29.15 -45.04
CA GLU N 100 -66.24 -29.58 -46.40
C GLU N 100 -64.74 -29.67 -46.61
N LEU N 101 -63.94 -29.13 -45.69
CA LEU N 101 -62.49 -29.14 -45.82
C LEU N 101 -61.95 -30.54 -46.09
N ILE N 102 -62.48 -31.55 -45.39
CA ILE N 102 -61.96 -32.91 -45.51
C ILE N 102 -62.26 -33.50 -46.88
N ALA N 103 -63.40 -33.13 -47.49
CA ALA N 103 -63.73 -33.62 -48.82
C ALA N 103 -63.01 -32.86 -49.91
N GLU N 104 -62.73 -31.57 -49.69
CA GLU N 104 -61.97 -30.80 -50.67
C GLU N 104 -60.55 -31.35 -50.80
N ILE N 105 -59.98 -31.80 -49.69
CA ILE N 105 -58.63 -32.35 -49.69
C ILE N 105 -58.59 -33.67 -50.46
N ALA N 106 -59.52 -34.57 -50.18
CA ALA N 106 -59.53 -35.86 -50.88
C ALA N 106 -59.89 -35.71 -52.36
N ALA N 107 -60.85 -34.85 -52.68
CA ALA N 107 -61.34 -34.72 -54.05
C ALA N 107 -60.26 -34.18 -54.98
N ALA N 108 -59.43 -33.25 -54.51
CA ALA N 108 -58.48 -32.57 -55.36
C ALA N 108 -57.08 -32.84 -54.83
N ALA N 109 -56.22 -33.37 -55.70
CA ALA N 109 -54.83 -33.68 -55.40
C ALA N 109 -54.02 -32.39 -55.34
N PRO N 110 -52.81 -32.43 -54.79
CA PRO N 110 -52.01 -31.20 -54.71
C PRO N 110 -51.74 -30.60 -56.08
N SER N 111 -52.00 -29.30 -56.20
CA SER N 111 -51.85 -28.58 -57.46
C SER N 111 -50.68 -27.60 -57.49
N ARG N 112 -50.09 -27.27 -56.34
CA ARG N 112 -48.98 -26.33 -56.29
C ARG N 112 -47.89 -26.88 -55.39
N GLY N 113 -46.69 -26.31 -55.54
CA GLY N 113 -45.58 -26.67 -54.68
C GLY N 113 -44.79 -27.88 -55.14
N ARG N 114 -43.79 -28.21 -54.34
CA ARG N 114 -42.88 -29.32 -54.66
C ARG N 114 -43.63 -30.64 -54.78
N ALA N 115 -44.62 -30.88 -53.93
CA ALA N 115 -45.35 -32.13 -53.91
C ALA N 115 -46.58 -32.13 -54.81
N ALA N 116 -46.75 -31.09 -55.61
CA ALA N 116 -47.91 -30.99 -56.50
C ALA N 116 -47.91 -32.13 -57.52
N GLY N 117 -49.10 -32.66 -57.78
CA GLY N 117 -49.30 -33.70 -58.75
C GLY N 117 -49.05 -35.11 -58.27
N ALA N 118 -48.70 -35.29 -57.02
CA ALA N 118 -48.45 -36.60 -56.44
C ALA N 118 -49.71 -37.11 -55.73
N GLU N 119 -49.74 -38.41 -55.47
CA GLU N 119 -50.82 -39.01 -54.71
C GLU N 119 -50.85 -38.48 -53.29
N ARG N 120 -52.07 -38.26 -52.78
CA ARG N 120 -52.28 -37.66 -51.48
C ARG N 120 -52.60 -38.73 -50.43
N ALA N 121 -51.89 -38.67 -49.29
CA ALA N 121 -52.10 -39.59 -48.18
C ALA N 121 -52.88 -38.90 -47.07
N LEU N 122 -53.96 -39.55 -46.62
CA LEU N 122 -54.83 -39.00 -45.57
C LEU N 122 -54.79 -39.92 -44.35
N LEU N 123 -54.23 -39.41 -43.25
CA LEU N 123 -54.17 -40.13 -41.98
C LEU N 123 -55.03 -39.44 -40.95
N SER N 124 -55.66 -40.23 -40.07
CA SER N 124 -56.59 -39.70 -39.07
C SER N 124 -56.30 -40.30 -37.71
N LEU N 125 -56.21 -39.45 -36.70
CA LEU N 125 -56.08 -39.85 -35.30
C LEU N 125 -57.33 -39.44 -34.55
N GLY N 126 -58.07 -40.41 -34.03
CA GLY N 126 -59.30 -40.11 -33.32
C GLY N 126 -60.52 -39.94 -34.20
N GLY N 127 -60.38 -40.10 -35.51
CA GLY N 127 -61.52 -40.00 -36.39
C GLY N 127 -62.37 -41.25 -36.35
N PRO N 128 -63.56 -41.16 -36.96
CA PRO N 128 -64.49 -42.30 -36.95
C PRO N 128 -63.90 -43.52 -37.65
N GLN N 129 -64.19 -44.70 -37.10
CA GLN N 129 -63.64 -45.95 -37.63
C GLN N 129 -64.12 -46.16 -39.06
N ASN N 130 -65.37 -45.77 -39.30
CA ASN N 130 -66.00 -45.89 -40.66
C ASN N 130 -66.30 -44.50 -41.20
N GLY N 131 -65.56 -44.09 -42.24
CA GLY N 131 -65.73 -42.78 -42.86
C GLY N 131 -66.03 -42.94 -44.33
N ALA N 132 -66.69 -41.90 -44.88
CA ALA N 132 -67.01 -41.89 -46.30
C ALA N 132 -65.77 -41.79 -47.18
N ILE N 133 -64.82 -40.99 -46.76
CA ILE N 133 -63.57 -40.76 -47.47
C ILE N 133 -62.55 -41.83 -47.13
N ARG N 134 -61.86 -42.31 -48.17
CA ARG N 134 -60.84 -43.34 -47.96
C ARG N 134 -59.62 -42.71 -47.29
N HIS N 135 -59.27 -43.24 -46.12
CA HIS N 135 -58.15 -42.73 -45.33
C HIS N 135 -57.57 -43.87 -44.50
N VAL N 136 -56.40 -43.62 -43.93
CA VAL N 136 -55.74 -44.55 -43.03
C VAL N 136 -56.00 -44.05 -41.61
N ALA N 137 -56.88 -44.73 -40.89
CA ALA N 137 -57.29 -44.30 -39.56
C ALA N 137 -56.42 -44.97 -38.51
N TYR N 138 -55.99 -44.19 -37.52
CA TYR N 138 -55.19 -44.66 -36.40
C TYR N 138 -55.96 -44.51 -35.10
N ALA N 139 -56.02 -45.59 -34.33
CA ALA N 139 -56.83 -45.61 -33.12
C ALA N 139 -56.25 -44.70 -32.04
N ALA N 140 -57.10 -43.88 -31.44
CA ALA N 140 -56.70 -43.06 -30.32
C ALA N 140 -56.53 -43.92 -29.07
N ASP N 141 -55.62 -43.52 -28.20
CA ASP N 141 -55.35 -44.26 -26.97
C ASP N 141 -56.54 -44.15 -26.02
N ALA N 142 -56.50 -45.01 -24.99
CA ALA N 142 -57.57 -45.03 -24.00
C ALA N 142 -57.67 -43.71 -23.26
N GLY N 143 -56.52 -43.09 -22.94
CA GLY N 143 -56.54 -41.85 -22.17
C GLY N 143 -57.31 -40.75 -22.85
N GLY N 144 -57.15 -40.64 -24.16
CA GLY N 144 -57.88 -39.64 -24.94
C GLY N 144 -57.04 -39.17 -26.10
N LEU N 145 -57.63 -38.25 -26.87
CA LEU N 145 -56.93 -37.67 -28.01
C LEU N 145 -55.70 -36.90 -27.55
N THR N 146 -55.85 -36.13 -26.48
CA THR N 146 -54.75 -35.34 -25.95
C THR N 146 -53.62 -36.24 -25.45
N ILE N 147 -53.96 -37.36 -24.80
CA ILE N 147 -52.94 -38.30 -24.33
C ILE N 147 -52.23 -38.95 -25.52
N SER N 148 -52.98 -39.29 -26.57
CA SER N 148 -52.39 -39.96 -27.73
C SER N 148 -51.34 -39.09 -28.41
N LEU N 149 -51.58 -37.78 -28.46
CA LEU N 149 -50.64 -36.89 -29.15
C LEU N 149 -49.25 -36.98 -28.55
N GLY N 150 -49.15 -37.04 -27.23
CA GLY N 150 -47.84 -37.24 -26.62
C GLY N 150 -47.26 -38.59 -26.95
N HIS N 151 -48.10 -39.63 -26.97
CA HIS N 151 -47.65 -40.96 -27.38
C HIS N 151 -47.05 -40.93 -28.78
N LEU N 152 -47.70 -40.23 -29.71
CA LEU N 152 -47.20 -40.14 -31.07
C LEU N 152 -45.87 -39.39 -31.14
N ARG N 153 -45.73 -38.30 -30.38
CA ARG N 153 -44.50 -37.52 -30.41
C ARG N 153 -43.29 -38.33 -29.92
N ALA N 154 -43.51 -39.29 -29.03
CA ALA N 154 -42.39 -40.10 -28.54
C ALA N 154 -41.78 -40.94 -29.66
N PHE N 155 -42.62 -41.48 -30.55
CA PHE N 155 -42.09 -42.23 -31.69
C PHE N 155 -41.40 -41.28 -32.67
N ALA N 156 -41.94 -40.08 -32.85
CA ALA N 156 -41.29 -39.11 -33.74
C ALA N 156 -39.93 -38.67 -33.22
N LYS N 157 -39.79 -38.56 -31.90
CA LYS N 157 -38.50 -38.21 -31.31
C LYS N 157 -37.55 -39.40 -31.25
N GLY N 158 -38.02 -40.60 -31.60
CA GLY N 158 -37.19 -41.78 -31.51
C GLY N 158 -36.97 -42.31 -30.11
N HIS N 159 -37.88 -42.00 -29.18
CA HIS N 159 -37.71 -42.46 -27.81
C HIS N 159 -38.40 -43.80 -27.53
N LEU N 160 -39.35 -44.21 -28.36
CA LEU N 160 -40.09 -45.45 -28.14
C LEU N 160 -39.80 -46.49 -29.22
N ALA N 161 -39.82 -47.75 -28.79
CA ALA N 161 -39.50 -48.87 -29.65
C ALA N 161 -40.43 -48.94 -30.85
N GLY N 162 -40.02 -49.69 -31.86
CA GLY N 162 -40.75 -49.79 -33.11
C GLY N 162 -41.83 -50.84 -33.10
N GLU N 163 -42.38 -51.10 -34.28
CA GLU N 163 -43.40 -52.11 -34.53
C GLU N 163 -44.71 -51.82 -33.81
N ALA N 164 -44.97 -50.55 -33.46
CA ALA N 164 -46.22 -50.14 -32.85
C ALA N 164 -47.07 -49.38 -33.86
N ALA N 165 -48.30 -49.09 -33.46
CA ALA N 165 -49.23 -48.38 -34.34
C ALA N 165 -48.73 -46.98 -34.68
N PHE N 166 -48.42 -46.18 -33.66
CA PHE N 166 -47.92 -44.84 -33.91
C PHE N 166 -46.51 -44.84 -34.49
N ALA N 167 -45.80 -45.97 -34.40
CA ALA N 167 -44.49 -46.06 -35.03
C ALA N 167 -44.60 -46.01 -36.54
N ASP N 168 -45.61 -46.68 -37.09
CA ASP N 168 -45.88 -46.59 -38.52
C ASP N 168 -46.34 -45.18 -38.90
N LEU N 169 -47.16 -44.56 -38.04
CA LEU N 169 -47.60 -43.19 -38.29
C LEU N 169 -46.43 -42.23 -38.35
N ALA N 170 -45.52 -42.33 -37.37
CA ALA N 170 -44.35 -41.47 -37.34
C ALA N 170 -43.52 -41.63 -38.60
N LYS N 171 -43.34 -42.87 -39.06
CA LYS N 171 -42.61 -43.11 -40.28
C LYS N 171 -43.30 -42.44 -41.47
N ARG N 172 -44.64 -42.50 -41.51
CA ARG N 172 -45.37 -41.90 -42.61
C ARG N 172 -45.32 -40.38 -42.60
N LEU N 173 -45.25 -39.77 -41.41
CA LEU N 173 -45.18 -38.31 -41.33
C LEU N 173 -43.82 -37.79 -41.81
N PHE N 174 -42.74 -38.36 -41.28
CA PHE N 174 -41.40 -37.87 -41.64
C PHE N 174 -41.12 -37.96 -43.13
N ALA N 175 -41.73 -38.92 -43.82
CA ALA N 175 -41.54 -39.08 -45.26
C ALA N 175 -42.55 -38.20 -45.97
N ALA N 176 -42.28 -36.91 -45.97
CA ALA N 176 -43.21 -35.92 -46.48
C ALA N 176 -42.47 -34.86 -47.27
N GLN N 177 -43.25 -34.03 -47.95
CA GLN N 177 -42.78 -32.85 -48.66
C GLN N 177 -43.44 -31.58 -48.12
N TYR N 178 -44.74 -31.65 -47.84
CA TYR N 178 -45.53 -30.57 -47.25
C TYR N 178 -46.52 -31.24 -46.30
N GLY N 179 -46.24 -31.22 -45.01
CA GLY N 179 -47.07 -31.90 -44.02
C GLY N 179 -47.97 -30.92 -43.29
N VAL N 180 -49.22 -31.31 -43.11
CA VAL N 180 -50.22 -30.51 -42.41
C VAL N 180 -50.96 -31.40 -41.42
N ILE N 181 -51.02 -30.96 -40.17
CA ILE N 181 -51.79 -31.64 -39.13
C ILE N 181 -52.98 -30.75 -38.80
N VAL N 182 -54.18 -31.21 -39.17
CA VAL N 182 -55.40 -30.45 -38.95
C VAL N 182 -56.01 -30.88 -37.62
N TYR N 183 -56.35 -29.91 -36.78
CA TYR N 183 -56.93 -30.18 -35.47
C TYR N 183 -57.77 -29.00 -35.02
N ASP N 184 -58.68 -29.27 -34.09
CA ASP N 184 -59.52 -28.24 -33.48
C ASP N 184 -59.03 -27.99 -32.06
N PRO N 185 -58.52 -26.79 -31.73
CA PRO N 185 -57.94 -26.58 -30.40
C PRO N 185 -58.92 -26.78 -29.26
N GLU N 186 -60.22 -26.56 -29.50
CA GLU N 186 -61.22 -26.79 -28.47
C GLU N 186 -61.22 -28.23 -28.01
N GLU N 187 -61.36 -29.18 -28.95
CA GLU N 187 -61.44 -30.59 -28.60
C GLU N 187 -60.09 -31.18 -28.22
N VAL N 188 -59.00 -30.57 -28.65
CA VAL N 188 -57.66 -31.09 -28.34
C VAL N 188 -57.16 -30.55 -27.01
N GLY N 189 -57.40 -29.27 -26.71
CA GLY N 189 -57.03 -28.73 -25.43
C GLY N 189 -55.69 -28.01 -25.45
N GLU N 190 -55.46 -27.18 -24.44
CA GLU N 190 -54.25 -26.39 -24.39
C GLU N 190 -53.01 -27.28 -24.32
N LEU N 191 -53.03 -28.28 -23.44
CA LEU N 191 -51.89 -29.17 -23.35
C LEU N 191 -51.70 -29.95 -24.64
N GLY N 192 -52.79 -30.45 -25.21
CA GLY N 192 -52.70 -31.18 -26.47
C GLY N 192 -52.17 -30.32 -27.60
N ALA N 193 -52.58 -29.06 -27.66
CA ALA N 193 -52.14 -28.18 -28.73
C ALA N 193 -50.65 -27.87 -28.62
N GLU N 194 -50.18 -27.55 -27.41
CA GLU N 194 -48.77 -27.26 -27.23
C GLU N 194 -47.93 -28.49 -27.56
N MET N 195 -48.44 -29.67 -27.21
CA MET N 195 -47.78 -30.91 -27.59
C MET N 195 -47.82 -31.10 -29.09
N LEU N 196 -48.98 -30.86 -29.71
CA LEU N 196 -49.11 -30.95 -31.16
C LEU N 196 -48.16 -30.00 -31.87
N GLN N 197 -48.05 -28.77 -31.36
CA GLN N 197 -47.15 -27.79 -31.99
C GLN N 197 -45.68 -28.18 -31.83
N GLY N 198 -45.35 -28.88 -30.75
CA GLY N 198 -43.98 -29.38 -30.62
C GLY N 198 -43.70 -30.50 -31.59
N LEU N 199 -44.67 -31.41 -31.78
CA LEU N 199 -44.51 -32.49 -32.75
C LEU N 199 -44.18 -31.93 -34.13
N ILE N 200 -44.75 -30.78 -34.48
CA ILE N 200 -44.44 -30.14 -35.75
C ILE N 200 -43.01 -29.61 -35.76
N ARG N 201 -42.56 -29.04 -34.65
CA ARG N 201 -41.18 -28.54 -34.56
C ARG N 201 -40.18 -29.68 -34.74
N ASP N 202 -40.48 -30.85 -34.18
CA ASP N 202 -39.60 -32.00 -34.35
C ASP N 202 -39.65 -32.50 -35.79
N LEU N 203 -40.83 -32.45 -36.42
CA LEU N 203 -40.96 -32.91 -37.79
C LEU N 203 -40.24 -31.99 -38.76
N ASN N 204 -40.13 -30.70 -38.43
CA ASN N 204 -39.47 -29.76 -39.33
C ASN N 204 -37.96 -29.90 -39.34
N GLU N 205 -37.38 -30.79 -38.53
CA GLU N 205 -35.95 -31.04 -38.62
C GLU N 205 -35.58 -31.80 -39.89
N SER N 206 -36.55 -32.42 -40.56
CA SER N 206 -36.33 -33.20 -41.78
C SER N 206 -37.09 -32.65 -42.97
N THR N 207 -38.39 -32.41 -42.82
CA THR N 207 -39.24 -31.93 -43.90
C THR N 207 -40.19 -30.87 -43.36
N ARG N 208 -40.82 -30.14 -44.27
CA ARG N 208 -41.67 -29.01 -43.89
C ARG N 208 -43.04 -29.51 -43.43
N PHE N 209 -43.39 -29.20 -42.18
CA PHE N 209 -44.69 -29.55 -41.61
C PHE N 209 -45.36 -28.31 -41.02
N PHE N 210 -46.68 -28.31 -41.03
CA PHE N 210 -47.48 -27.18 -40.56
C PHE N 210 -48.72 -27.66 -39.83
N ALA N 211 -49.40 -26.72 -39.18
CA ALA N 211 -50.64 -26.96 -38.46
C ALA N 211 -51.77 -26.15 -39.07
N LEU N 212 -52.93 -26.77 -39.21
CA LEU N 212 -54.14 -26.08 -39.65
C LEU N 212 -55.04 -25.94 -38.43
N THR N 213 -54.82 -24.87 -37.67
CA THR N 213 -55.65 -24.59 -36.51
C THR N 213 -57.06 -24.19 -36.96
N LEU N 214 -58.06 -24.98 -36.56
CA LEU N 214 -59.44 -24.71 -36.95
C LEU N 214 -59.96 -23.45 -36.28
N ALA N 215 -60.83 -22.74 -37.00
CA ALA N 215 -61.42 -21.51 -36.50
C ALA N 215 -62.75 -21.79 -35.82
N ASP N 216 -63.06 -20.96 -34.83
CA ASP N 216 -64.34 -21.06 -34.12
C ASP N 216 -65.47 -20.52 -34.98
N PRO N 217 -66.70 -21.00 -34.78
CA PRO N 217 -67.81 -20.53 -35.61
C PRO N 217 -68.59 -19.37 -35.00
N PHE N 218 -68.02 -18.66 -34.03
CA PHE N 218 -68.70 -17.55 -33.38
C PHE N 218 -67.82 -16.31 -33.34
N GLN N 219 -67.12 -16.04 -34.44
CA GLN N 219 -66.35 -14.81 -34.64
C GLN N 219 -65.29 -14.57 -33.57
N GLY N 220 -65.00 -15.57 -32.73
CA GLY N 220 -64.00 -15.36 -31.71
C GLY N 220 -62.63 -15.06 -32.28
N ARG N 221 -62.31 -15.66 -33.43
CA ARG N 221 -60.99 -15.45 -34.02
C ARG N 221 -60.84 -14.03 -34.54
N ALA N 222 -61.92 -13.42 -35.03
CA ALA N 222 -61.85 -12.02 -35.40
C ALA N 222 -61.76 -11.13 -34.16
N ALA N 223 -62.43 -11.51 -33.07
CA ALA N 223 -62.34 -10.73 -31.85
C ALA N 223 -60.90 -10.68 -31.34
N VAL N 224 -60.17 -11.78 -31.45
CA VAL N 224 -58.76 -11.78 -31.07
C VAL N 224 -58.00 -10.81 -31.95
N GLN N 225 -58.24 -10.88 -33.26
CA GLN N 225 -57.59 -9.97 -34.19
C GLN N 225 -57.87 -8.52 -33.82
N LEU N 226 -59.14 -8.20 -33.57
CA LEU N 226 -59.51 -6.82 -33.24
C LEU N 226 -58.96 -6.41 -31.88
N SER N 227 -59.17 -7.24 -30.85
CA SER N 227 -58.66 -6.91 -29.53
C SER N 227 -57.15 -6.69 -29.55
N ALA N 228 -56.44 -7.44 -30.39
CA ALA N 228 -54.98 -7.34 -30.41
C ALA N 228 -54.52 -5.95 -30.81
N TRP N 229 -55.13 -5.36 -31.82
CA TRP N 229 -54.71 -4.04 -32.27
C TRP N 229 -55.44 -2.91 -31.56
N THR N 230 -56.49 -3.20 -30.81
CA THR N 230 -57.21 -2.17 -30.07
C THR N 230 -56.67 -1.99 -28.66
N THR N 231 -56.46 -3.09 -27.93
CA THR N 231 -55.98 -3.03 -26.56
C THR N 231 -54.49 -3.33 -26.42
N GLY N 232 -53.88 -3.96 -27.42
CA GLY N 232 -52.54 -4.47 -27.27
C GLY N 232 -52.48 -5.85 -26.68
N GLN N 233 -53.62 -6.43 -26.33
CA GLN N 233 -53.69 -7.76 -25.73
C GLN N 233 -54.87 -8.52 -26.31
N ALA N 234 -54.92 -9.81 -26.02
CA ALA N 234 -55.99 -10.74 -26.40
C ALA N 234 -57.31 -10.28 -25.77
N PRO N 235 -58.44 -10.96 -26.04
CA PRO N 235 -59.67 -10.59 -25.32
C PRO N 235 -59.58 -10.91 -23.84
N ARG N 236 -60.72 -11.11 -23.16
CA ARG N 236 -60.75 -11.34 -21.72
C ARG N 236 -59.90 -10.29 -21.00
N VAL N 237 -60.19 -9.03 -21.32
CA VAL N 237 -59.46 -7.88 -20.80
C VAL N 237 -60.44 -6.99 -20.04
N GLY N 238 -59.96 -6.38 -18.98
CA GLY N 238 -60.79 -5.52 -18.13
C GLY N 238 -60.20 -4.12 -17.99
N PHE N 239 -61.07 -3.12 -17.99
CA PHE N 239 -60.66 -1.72 -17.97
C PHE N 239 -60.98 -1.03 -16.66
N GLY N 240 -61.05 -1.79 -15.56
CA GLY N 240 -61.35 -1.20 -14.26
C GLY N 240 -60.35 -0.14 -13.84
N ARG N 241 -59.08 -0.32 -14.22
CA ARG N 241 -58.02 0.60 -13.86
C ARG N 241 -57.59 1.49 -15.03
N HIS N 242 -58.51 1.79 -15.95
CA HIS N 242 -58.29 2.62 -17.13
C HIS N 242 -57.27 2.04 -18.11
N GLN N 243 -56.51 1.05 -17.68
CA GLN N 243 -55.60 0.36 -18.58
C GLN N 243 -56.10 -1.06 -18.83
N PRO N 244 -55.81 -1.63 -19.99
CA PRO N 244 -56.32 -2.98 -20.27
C PRO N 244 -55.54 -4.05 -19.52
N GLU N 245 -56.19 -4.66 -18.53
CA GLU N 245 -55.61 -5.76 -17.76
C GLU N 245 -56.06 -7.07 -18.40
N HIS N 246 -55.11 -7.91 -18.80
CA HIS N 246 -55.43 -9.21 -19.35
C HIS N 246 -55.35 -10.28 -18.27
N ASP N 247 -56.44 -11.03 -18.11
CA ASP N 247 -56.47 -12.11 -17.13
C ASP N 247 -57.46 -13.14 -17.64
N SER N 248 -56.95 -14.21 -18.25
CA SER N 248 -57.81 -15.22 -18.87
C SER N 248 -58.73 -15.88 -17.86
N TRP N 249 -58.32 -15.96 -16.60
CA TRP N 249 -59.13 -16.57 -15.56
C TRP N 249 -60.12 -15.58 -14.96
N ARG N 250 -59.65 -14.39 -14.59
CA ARG N 250 -60.48 -13.44 -13.87
C ARG N 250 -61.58 -12.88 -14.75
N PHE N 251 -61.26 -12.56 -16.00
CA PHE N 251 -62.24 -11.94 -16.90
C PHE N 251 -62.93 -12.97 -17.78
N ASP N 252 -63.08 -14.20 -17.28
CA ASP N 252 -63.87 -15.23 -17.92
C ASP N 252 -65.31 -15.08 -17.44
N SER N 253 -66.20 -14.65 -18.34
CA SER N 253 -67.58 -14.32 -17.98
C SER N 253 -68.27 -15.49 -17.28
N ALA N 254 -68.01 -16.71 -17.73
CA ALA N 254 -68.61 -17.88 -17.08
C ALA N 254 -68.18 -17.98 -15.63
N ARG N 255 -66.89 -17.73 -15.36
CA ARG N 255 -66.38 -17.77 -13.99
C ARG N 255 -66.98 -16.64 -13.16
N GLN N 256 -66.97 -15.42 -13.70
CA GLN N 256 -67.51 -14.28 -12.98
C GLN N 256 -68.99 -14.48 -12.66
N ILE N 257 -69.74 -15.00 -13.62
CA ILE N 257 -71.18 -15.16 -13.44
C ILE N 257 -71.48 -16.24 -12.40
N ALA N 258 -70.73 -17.34 -12.45
CA ALA N 258 -70.90 -18.37 -11.43
C ALA N 258 -70.56 -17.80 -10.05
N ALA N 259 -69.48 -17.01 -9.96
CA ALA N 259 -69.13 -16.39 -8.68
C ALA N 259 -70.15 -15.34 -8.26
N GLY N 260 -70.73 -14.61 -9.22
CA GLY N 260 -71.67 -13.57 -8.90
C GLY N 260 -71.07 -12.20 -8.68
N GLU N 261 -69.85 -11.96 -9.16
CA GLU N 261 -69.22 -10.68 -8.92
C GLU N 261 -69.79 -9.60 -9.82
N ALA N 262 -70.11 -9.93 -11.06
CA ALA N 262 -70.62 -8.92 -11.99
C ALA N 262 -72.07 -8.60 -11.68
N ASP N 263 -72.38 -7.30 -11.66
CA ASP N 263 -73.75 -6.88 -11.39
C ASP N 263 -74.60 -6.97 -12.64
N ALA N 264 -74.11 -6.41 -13.74
CA ALA N 264 -74.83 -6.41 -15.01
C ALA N 264 -73.95 -7.01 -16.09
N ALA N 265 -74.59 -7.39 -17.20
CA ALA N 265 -73.89 -7.99 -18.33
C ALA N 265 -74.57 -7.59 -19.63
N LEU N 266 -73.76 -7.45 -20.69
CA LEU N 266 -74.24 -7.12 -22.02
C LEU N 266 -73.97 -8.30 -22.95
N TRP N 267 -75.01 -8.74 -23.65
CA TRP N 267 -74.94 -9.88 -24.56
C TRP N 267 -74.95 -9.37 -25.98
N LEU N 268 -73.88 -9.62 -26.72
CA LEU N 268 -73.74 -9.17 -28.11
C LEU N 268 -73.79 -10.41 -28.99
N ALA N 269 -74.88 -10.55 -29.75
CA ALA N 269 -75.05 -11.70 -30.62
C ALA N 269 -75.86 -11.26 -31.84
N SER N 270 -75.23 -10.48 -32.72
CA SER N 270 -75.86 -10.16 -33.99
C SER N 270 -75.97 -11.41 -34.85
N LEU N 271 -75.04 -12.32 -34.73
CA LEU N 271 -75.04 -13.60 -35.39
C LEU N 271 -75.36 -14.71 -34.40
N PRO N 272 -75.94 -15.82 -34.85
CA PRO N 272 -76.34 -16.88 -33.92
C PRO N 272 -75.20 -17.34 -33.02
N ALA N 273 -75.50 -17.39 -31.72
CA ALA N 273 -74.58 -17.85 -30.69
C ALA N 273 -75.38 -18.60 -29.63
N PRO N 274 -74.76 -19.55 -28.93
CA PRO N 274 -75.51 -20.31 -27.92
C PRO N 274 -75.96 -19.41 -26.78
N ARG N 275 -77.23 -19.54 -26.41
CA ARG N 275 -77.76 -18.75 -25.31
C ARG N 275 -77.03 -19.10 -24.02
N PRO N 276 -76.64 -18.10 -23.22
CA PRO N 276 -75.84 -18.38 -22.02
C PRO N 276 -76.64 -18.90 -20.85
N ALA N 277 -77.98 -18.83 -20.92
CA ALA N 277 -78.87 -19.36 -19.89
C ALA N 277 -78.82 -18.58 -18.58
N TRP N 278 -77.91 -17.64 -18.45
CA TRP N 278 -77.83 -16.79 -17.26
C TRP N 278 -78.42 -15.41 -17.47
N LEU N 279 -79.05 -15.15 -18.63
CA LEU N 279 -79.58 -13.81 -18.92
C LEU N 279 -80.63 -13.36 -17.91
N GLY N 280 -81.43 -14.29 -17.38
CA GLY N 280 -82.46 -13.93 -16.43
C GLY N 280 -81.99 -13.69 -15.02
N SER N 281 -80.84 -14.27 -14.63
CA SER N 281 -80.41 -14.22 -13.23
C SER N 281 -79.96 -12.81 -12.85
N LEU N 282 -79.20 -12.15 -13.71
CA LEU N 282 -78.69 -10.82 -13.45
C LEU N 282 -79.20 -9.87 -14.53
N PRO N 283 -79.29 -8.57 -14.24
CA PRO N 283 -79.80 -7.61 -15.23
C PRO N 283 -78.93 -7.58 -16.48
N THR N 284 -79.54 -7.89 -17.63
CA THR N 284 -78.81 -8.04 -18.88
C THR N 284 -79.38 -7.13 -19.97
N ILE N 285 -78.50 -6.72 -20.88
CA ILE N 285 -78.86 -6.00 -22.09
C ILE N 285 -78.51 -6.89 -23.26
N ALA N 286 -79.50 -7.26 -24.06
CA ALA N 286 -79.33 -8.22 -25.13
C ALA N 286 -79.40 -7.48 -26.47
N ILE N 287 -78.27 -7.39 -27.16
CA ILE N 287 -78.22 -6.86 -28.51
C ILE N 287 -78.14 -8.07 -29.44
N VAL N 288 -79.28 -8.42 -30.04
CA VAL N 288 -79.43 -9.65 -30.81
C VAL N 288 -80.13 -9.32 -32.14
N GLY N 289 -80.01 -10.25 -33.09
CA GLY N 289 -80.58 -10.04 -34.40
C GLY N 289 -82.09 -10.21 -34.43
N GLU N 290 -82.69 -9.61 -35.47
CA GLU N 290 -84.15 -9.64 -35.61
C GLU N 290 -84.66 -11.05 -35.88
N GLY N 291 -83.92 -11.84 -36.66
CA GLY N 291 -84.36 -13.18 -36.97
C GLY N 291 -84.23 -14.16 -35.83
N SER N 292 -83.29 -13.91 -34.92
CA SER N 292 -82.95 -14.87 -33.86
C SER N 292 -84.14 -15.13 -32.94
N GLN N 293 -84.03 -16.23 -32.19
CA GLN N 293 -85.08 -16.60 -31.23
C GLN N 293 -85.08 -15.70 -29.99
N GLU N 294 -83.96 -15.07 -29.68
CA GLU N 294 -83.83 -14.18 -28.52
C GLU N 294 -84.48 -12.81 -28.72
N ALA N 295 -85.25 -12.60 -29.79
CA ALA N 295 -85.83 -11.29 -30.05
C ALA N 295 -86.88 -10.88 -29.00
N ALA N 296 -87.60 -11.85 -28.43
CA ALA N 296 -88.67 -11.54 -27.49
C ALA N 296 -88.12 -10.87 -26.24
N GLY N 297 -88.95 -10.01 -25.63
CA GLY N 297 -88.58 -9.24 -24.46
C GLY N 297 -88.43 -10.01 -23.16
N GLU N 298 -88.72 -11.31 -23.16
CA GLU N 298 -88.59 -12.10 -21.94
C GLU N 298 -87.15 -12.51 -21.64
N THR N 299 -86.30 -12.58 -22.66
CA THR N 299 -84.95 -13.11 -22.49
C THR N 299 -84.08 -12.25 -21.57
N ALA N 300 -84.13 -10.93 -21.73
CA ALA N 300 -83.28 -10.04 -20.96
C ALA N 300 -84.07 -8.82 -20.52
N GLU N 301 -83.50 -8.07 -19.58
CA GLU N 301 -84.16 -6.85 -19.11
C GLU N 301 -84.31 -5.84 -20.23
N VAL N 302 -83.23 -5.59 -20.97
CA VAL N 302 -83.23 -4.69 -22.12
C VAL N 302 -82.85 -5.52 -23.35
N VAL N 303 -83.72 -5.52 -24.35
CA VAL N 303 -83.52 -6.27 -25.59
C VAL N 303 -83.66 -5.32 -26.76
N ILE N 304 -82.63 -5.24 -27.60
CA ILE N 304 -82.63 -4.37 -28.78
C ILE N 304 -82.29 -5.21 -30.00
N THR N 305 -83.19 -5.22 -30.98
CA THR N 305 -82.98 -5.99 -32.20
C THR N 305 -82.18 -5.18 -33.21
N VAL N 306 -81.10 -5.77 -33.73
CA VAL N 306 -80.24 -5.11 -34.70
C VAL N 306 -80.25 -5.89 -36.01
N GLY N 307 -79.47 -5.41 -36.99
CA GLY N 307 -79.40 -6.06 -38.29
C GLY N 307 -78.38 -7.19 -38.30
N VAL N 308 -78.79 -8.35 -38.80
CA VAL N 308 -77.91 -9.52 -38.92
C VAL N 308 -76.90 -9.30 -40.04
N PRO N 309 -75.59 -9.33 -39.75
CA PRO N 309 -74.61 -9.04 -40.80
C PRO N 309 -74.45 -10.21 -41.78
N GLY N 310 -74.32 -9.86 -43.06
CA GLY N 310 -74.26 -10.83 -44.11
C GLY N 310 -75.61 -11.29 -44.62
N GLN N 311 -76.69 -10.96 -43.92
CA GLN N 311 -78.05 -11.31 -44.33
C GLN N 311 -78.90 -10.05 -44.51
N SER N 312 -79.11 -9.27 -43.45
CA SER N 312 -79.95 -8.08 -43.53
C SER N 312 -79.16 -6.78 -43.61
N VAL N 313 -77.89 -6.77 -43.16
CA VAL N 313 -77.04 -5.59 -43.23
C VAL N 313 -75.63 -6.04 -43.54
N GLY N 314 -74.82 -5.10 -44.01
CA GLY N 314 -73.44 -5.39 -44.31
C GLY N 314 -72.59 -5.41 -43.06
N GLY N 315 -71.48 -6.13 -43.14
CA GLY N 315 -70.57 -6.23 -42.02
C GLY N 315 -69.34 -7.03 -42.33
N ALA N 316 -68.23 -6.72 -41.64
CA ALA N 316 -66.97 -7.44 -41.82
C ALA N 316 -66.95 -8.64 -40.86
N LEU N 317 -67.01 -9.84 -41.42
CA LEU N 317 -67.09 -11.07 -40.63
C LEU N 317 -65.87 -11.96 -40.91
N TRP N 318 -65.68 -12.94 -40.03
CA TRP N 318 -64.60 -13.90 -40.20
C TRP N 318 -64.99 -14.90 -41.28
N ASN N 319 -64.16 -15.02 -42.31
CA ASN N 319 -64.39 -15.92 -43.43
C ASN N 319 -63.75 -17.27 -43.14
N ASP N 320 -64.58 -18.32 -43.01
CA ASP N 320 -64.07 -19.64 -42.66
C ASP N 320 -63.17 -20.20 -43.74
N ARG N 321 -63.56 -20.04 -45.01
CA ARG N 321 -62.76 -20.56 -46.11
C ARG N 321 -61.44 -19.81 -46.25
N ARG N 322 -61.52 -18.47 -46.25
CA ARG N 322 -60.34 -17.65 -46.48
C ARG N 322 -59.43 -17.62 -45.25
N GLY N 323 -60.01 -17.68 -44.05
CA GLY N 323 -59.24 -17.63 -42.82
C GLY N 323 -58.85 -16.24 -42.41
N VAL N 324 -59.57 -15.21 -42.86
CA VAL N 324 -59.28 -13.81 -42.55
C VAL N 324 -60.60 -13.06 -42.45
N ILE N 325 -60.53 -11.81 -42.03
CA ILE N 325 -61.71 -10.95 -41.96
C ILE N 325 -62.02 -10.43 -43.36
N ALA N 326 -63.28 -10.56 -43.77
CA ALA N 326 -63.72 -10.09 -45.08
C ALA N 326 -65.10 -9.46 -44.92
N TYR N 327 -65.40 -8.51 -45.80
CA TYR N 327 -66.66 -7.78 -45.73
C TYR N 327 -67.72 -8.55 -46.50
N ALA N 328 -68.80 -8.91 -45.81
CA ALA N 328 -69.90 -9.66 -46.39
C ALA N 328 -71.07 -8.71 -46.61
N GLU N 329 -71.44 -8.50 -47.87
CA GLU N 329 -72.58 -7.65 -48.19
C GLU N 329 -73.89 -8.36 -47.87
N ALA N 330 -74.94 -7.57 -47.66
CA ALA N 330 -76.23 -8.11 -47.27
C ALA N 330 -76.81 -8.95 -48.42
N SER N 331 -77.26 -10.16 -48.08
CA SER N 331 -77.81 -11.09 -49.06
C SER N 331 -79.29 -10.78 -49.22
N ASP N 332 -79.59 -9.92 -50.21
CA ASP N 332 -80.95 -9.50 -50.53
C ASP N 332 -81.66 -8.96 -49.29
N PRO N 333 -81.32 -7.75 -48.82
CA PRO N 333 -82.02 -7.17 -47.69
C PRO N 333 -83.40 -6.62 -48.07
N GLU N 339 -85.03 2.64 -41.74
CA GLU N 339 -83.64 2.19 -41.73
C GLU N 339 -83.31 1.35 -40.50
N THR N 340 -82.78 0.16 -40.73
CA THR N 340 -82.48 -0.77 -39.65
C THR N 340 -81.25 -0.32 -38.86
N GLU N 341 -81.22 -0.70 -37.59
CA GLU N 341 -80.14 -0.36 -36.68
C GLU N 341 -79.08 -1.47 -36.68
N THR N 342 -77.83 -1.07 -36.47
CA THR N 342 -76.72 -2.00 -36.37
C THR N 342 -76.24 -2.08 -34.93
N ALA N 343 -75.59 -3.21 -34.61
CA ALA N 343 -75.06 -3.39 -33.26
C ALA N 343 -73.97 -2.36 -32.96
N ALA N 344 -73.19 -1.98 -33.97
CA ALA N 344 -72.20 -0.94 -33.77
C ALA N 344 -72.86 0.41 -33.49
N GLY N 345 -73.99 0.68 -34.15
CA GLY N 345 -74.69 1.93 -33.92
C GLY N 345 -75.35 2.01 -32.56
N VAL N 346 -75.75 0.87 -31.99
CA VAL N 346 -76.34 0.87 -30.66
C VAL N 346 -75.26 1.05 -29.60
N LEU N 347 -74.19 0.27 -29.68
CA LEU N 347 -73.13 0.32 -28.68
C LEU N 347 -72.47 1.69 -28.62
N THR N 348 -72.35 2.38 -29.76
CA THR N 348 -71.79 3.72 -29.74
C THR N 348 -72.76 4.70 -29.09
N ARG N 349 -74.06 4.54 -29.33
CA ARG N 349 -75.04 5.44 -28.73
C ARG N 349 -75.12 5.23 -27.22
N ILE N 350 -74.98 4.00 -26.75
CA ILE N 350 -74.94 3.76 -25.31
C ILE N 350 -73.67 4.35 -24.72
N ARG N 351 -72.56 4.25 -25.45
CA ARG N 351 -71.30 4.85 -25.00
C ARG N 351 -71.42 6.36 -24.92
N ASP N 352 -72.06 6.98 -25.90
CA ASP N 352 -72.25 8.42 -25.89
C ASP N 352 -73.19 8.86 -24.77
N ARG N 353 -74.21 8.05 -24.48
CA ARG N 353 -75.12 8.37 -23.38
C ARG N 353 -74.42 8.20 -22.03
N LEU N 354 -73.49 7.25 -21.93
CA LEU N 354 -72.74 7.09 -20.68
C LEU N 354 -71.77 8.24 -20.49
N ILE N 355 -71.19 8.73 -21.58
CA ILE N 355 -70.29 9.88 -21.50
C ILE N 355 -71.06 11.14 -21.12
N GLU N 356 -72.28 11.29 -21.63
CA GLU N 356 -73.09 12.45 -21.30
C GLU N 356 -73.46 12.50 -19.83
N LYS N 357 -73.74 11.34 -19.23
CA LYS N 357 -74.10 11.31 -17.80
C LYS N 357 -72.92 11.65 -16.91
N GLY N 358 -71.70 11.37 -17.36
CA GLY N 358 -70.51 11.67 -16.55
C GLY N 358 -70.22 13.15 -16.44
N VAL N 359 -70.59 13.93 -17.45
CA VAL N 359 -70.31 15.36 -17.43
C VAL N 359 -71.21 16.07 -16.43
N SER N 360 -72.51 15.81 -16.50
CA SER N 360 -73.47 16.44 -15.59
C SER N 360 -74.29 15.39 -14.85
N SER O 1 -48.28 -5.63 12.67
CA SER O 1 -49.30 -4.99 11.84
C SER O 1 -50.42 -5.99 11.51
N THR O 2 -51.64 -5.64 11.89
CA THR O 2 -52.80 -6.51 11.71
C THR O 2 -53.87 -5.79 10.90
N LEU O 3 -54.44 -6.49 9.91
CA LEU O 3 -55.51 -5.99 9.05
C LEU O 3 -56.76 -6.80 9.33
N ARG O 4 -57.69 -6.22 10.07
CA ARG O 4 -58.90 -6.91 10.47
C ARG O 4 -59.95 -6.70 9.39
N LEU O 5 -60.30 -7.78 8.68
CA LEU O 5 -61.29 -7.71 7.60
C LEU O 5 -62.66 -7.31 8.15
N ARG O 6 -63.17 -6.16 7.68
CA ARG O 6 -64.44 -5.67 8.18
C ARG O 6 -65.59 -6.58 7.77
N GLY O 7 -65.62 -7.04 6.54
CA GLY O 7 -66.73 -7.86 6.10
C GLY O 7 -66.49 -8.51 4.75
N ASP O 8 -67.58 -8.91 4.12
CA ASP O 8 -67.53 -9.60 2.84
C ASP O 8 -67.09 -8.64 1.73
N LEU O 9 -66.32 -9.16 0.79
CA LEU O 9 -65.81 -8.33 -0.29
C LEU O 9 -66.85 -8.19 -1.39
N PRO O 10 -67.16 -6.97 -1.84
CA PRO O 10 -68.14 -6.82 -2.92
C PRO O 10 -67.54 -7.08 -4.30
N GLU O 11 -66.22 -7.00 -4.43
CA GLU O 11 -65.55 -7.22 -5.70
C GLU O 11 -64.19 -7.84 -5.43
N ARG O 12 -63.52 -8.24 -6.49
CA ARG O 12 -62.18 -8.80 -6.37
C ARG O 12 -61.20 -7.71 -5.97
N VAL O 13 -60.15 -8.11 -5.24
CA VAL O 13 -59.20 -7.17 -4.62
C VAL O 13 -57.78 -7.61 -4.94
N ASP O 14 -56.92 -6.63 -5.28
CA ASP O 14 -55.52 -6.87 -5.64
C ASP O 14 -54.63 -6.33 -4.50
N LEU O 15 -54.02 -7.26 -3.75
CA LEU O 15 -53.24 -6.94 -2.56
C LEU O 15 -51.74 -6.85 -2.81
N LEU O 16 -51.32 -6.49 -4.02
CA LEU O 16 -49.90 -6.35 -4.32
C LEU O 16 -49.31 -5.10 -3.66
N ASN O 17 -48.04 -5.22 -3.27
CA ASN O 17 -47.29 -4.14 -2.62
C ASN O 17 -47.91 -3.73 -1.29
N ILE O 18 -48.72 -4.61 -0.70
CA ILE O 18 -49.24 -4.43 0.64
C ILE O 18 -48.43 -5.36 1.55
N THR O 19 -47.12 -5.27 1.43
CA THR O 19 -46.14 -6.02 2.21
C THR O 19 -45.69 -5.20 3.39
N PRO O 20 -45.39 -5.83 4.53
CA PRO O 20 -45.03 -5.04 5.72
C PRO O 20 -43.90 -4.05 5.48
N LEU O 21 -43.01 -4.32 4.53
CA LEU O 21 -41.97 -3.36 4.19
C LEU O 21 -42.58 -2.08 3.63
N ALA O 22 -43.54 -2.23 2.72
CA ALA O 22 -44.19 -1.07 2.12
C ALA O 22 -45.03 -0.30 3.14
N LEU O 23 -45.73 -1.01 4.02
CA LEU O 23 -46.57 -0.34 5.01
C LEU O 23 -45.75 0.48 6.00
N SER O 24 -44.55 -0.02 6.36
CA SER O 24 -43.73 0.69 7.34
C SER O 24 -43.37 2.10 6.87
N GLY O 25 -43.15 2.28 5.57
CA GLY O 25 -42.67 3.55 5.06
C GLY O 25 -43.58 4.73 5.35
N LEU O 26 -44.89 4.54 5.23
CA LEU O 26 -45.82 5.65 5.43
C LEU O 26 -46.71 5.42 6.63
N SER O 27 -47.43 6.47 7.00
CA SER O 27 -48.26 6.48 8.20
C SER O 27 -49.52 5.64 8.01
N GLU O 28 -50.10 5.22 9.13
CA GLU O 28 -51.29 4.38 9.11
C GLU O 28 -52.44 5.08 8.38
N THR O 29 -52.60 6.38 8.60
CA THR O 29 -53.66 7.10 7.90
C THR O 29 -53.38 7.18 6.41
N GLU O 30 -52.11 7.38 6.05
CA GLU O 30 -51.76 7.42 4.63
C GLU O 30 -51.95 6.06 3.98
N ALA O 31 -51.63 4.99 4.72
CA ALA O 31 -51.80 3.65 4.19
C ALA O 31 -53.26 3.29 3.98
N GLY O 32 -54.16 3.86 4.79
CA GLY O 32 -55.57 3.56 4.64
C GLY O 32 -56.14 3.99 3.30
N LYS O 33 -55.61 5.06 2.72
CA LYS O 33 -56.11 5.58 1.46
C LYS O 33 -55.63 4.77 0.26
N LEU O 34 -54.78 3.77 0.45
CA LEU O 34 -54.26 2.97 -0.66
C LEU O 34 -55.38 2.14 -1.29
N ALA O 35 -55.64 2.39 -2.57
CA ALA O 35 -56.69 1.68 -3.29
C ALA O 35 -56.21 0.32 -3.76
N ILE O 36 -57.02 -0.70 -3.51
CA ILE O 36 -56.75 -2.07 -3.91
C ILE O 36 -57.90 -2.67 -4.71
N GLY O 37 -58.97 -1.92 -4.97
CA GLY O 37 -60.12 -2.47 -5.67
C GLY O 37 -59.84 -2.64 -7.15
N THR O 38 -60.44 -3.70 -7.72
CA THR O 38 -60.31 -3.94 -9.16
C THR O 38 -61.18 -2.99 -9.96
N SER O 39 -62.42 -2.78 -9.52
CA SER O 39 -63.42 -2.06 -10.29
C SER O 39 -63.12 -0.57 -10.39
N ARG O 40 -63.89 0.11 -11.23
CA ARG O 40 -63.77 1.56 -11.35
C ARG O 40 -64.14 2.25 -10.05
N ARG O 41 -65.20 1.78 -9.39
CA ARG O 41 -65.55 2.31 -8.07
C ARG O 41 -64.43 2.10 -7.07
N GLY O 42 -63.70 0.99 -7.19
CA GLY O 42 -62.53 0.73 -6.37
C GLY O 42 -62.86 0.53 -4.91
N LEU O 43 -61.81 0.22 -4.16
CA LEU O 43 -61.88 0.00 -2.72
C LEU O 43 -60.51 0.34 -2.14
N THR O 44 -60.51 1.08 -1.04
CA THR O 44 -59.27 1.41 -0.35
C THR O 44 -59.05 0.47 0.83
N LEU O 45 -57.78 0.39 1.27
CA LEU O 45 -57.43 -0.48 2.37
C LEU O 45 -58.25 -0.18 3.62
N GLY O 46 -58.58 1.10 3.84
CA GLY O 46 -59.41 1.47 4.98
C GLY O 46 -60.83 0.98 4.85
N ASP O 47 -61.33 0.89 3.62
CA ASP O 47 -62.68 0.37 3.42
C ASP O 47 -62.76 -1.13 3.70
N VAL O 48 -61.68 -1.86 3.42
CA VAL O 48 -61.73 -3.31 3.52
C VAL O 48 -61.33 -3.79 4.91
N PHE O 49 -60.21 -3.29 5.44
CA PHE O 49 -59.67 -3.78 6.70
C PHE O 49 -59.63 -2.67 7.76
N GLU O 50 -59.57 -3.11 9.01
CA GLU O 50 -59.30 -2.26 10.16
C GLU O 50 -57.79 -2.27 10.35
N ILE O 51 -57.13 -1.19 9.94
CA ILE O 51 -55.67 -1.15 9.88
C ILE O 51 -55.10 -0.77 11.24
N ARG O 52 -54.29 -1.66 11.80
CA ARG O 52 -53.47 -1.38 12.97
C ARG O 52 -52.02 -1.59 12.54
N LEU O 53 -51.21 -0.54 12.61
CA LEU O 53 -49.89 -0.55 11.99
C LEU O 53 -48.79 -0.31 13.02
N ASP O 54 -47.64 -0.96 12.80
CA ASP O 54 -46.45 -0.77 13.61
C ASP O 54 -45.23 -1.08 12.74
N GLY O 55 -44.12 -0.44 13.07
CA GLY O 55 -42.90 -0.60 12.29
C GLY O 55 -42.25 -1.96 12.44
N SER O 56 -42.87 -2.99 11.84
CA SER O 56 -42.39 -4.35 11.96
C SER O 56 -42.46 -5.03 10.60
N ASP O 57 -41.66 -6.10 10.46
CA ASP O 57 -41.63 -6.90 9.24
C ASP O 57 -42.67 -8.00 9.23
N SER O 58 -43.57 -8.04 10.21
CA SER O 58 -44.58 -9.09 10.31
C SER O 58 -45.96 -8.50 10.03
N LEU O 59 -46.72 -9.17 9.16
CA LEU O 59 -48.05 -8.74 8.78
C LEU O 59 -49.03 -9.89 8.98
N VAL O 60 -50.20 -9.59 9.56
CA VAL O 60 -51.22 -10.59 9.84
C VAL O 60 -52.56 -10.06 9.38
N ILE O 61 -53.17 -10.74 8.40
CA ILE O 61 -54.50 -10.39 7.93
C ILE O 61 -55.50 -11.27 8.69
N GLU O 62 -56.27 -10.65 9.57
CA GLU O 62 -57.30 -11.35 10.32
C GLU O 62 -58.57 -11.37 9.49
N GLY O 63 -58.93 -12.54 8.97
CA GLY O 63 -60.09 -12.67 8.11
C GLY O 63 -59.70 -12.69 6.64
N GLY O 64 -60.30 -13.59 5.87
CA GLY O 64 -59.91 -13.75 4.48
C GLY O 64 -61.06 -14.19 3.62
N SER O 65 -61.01 -13.80 2.35
CA SER O 65 -62.00 -14.17 1.35
C SER O 65 -61.32 -14.78 0.14
N ALA O 66 -62.09 -15.52 -0.65
CA ALA O 66 -61.57 -16.05 -1.90
C ALA O 66 -61.41 -14.98 -2.94
N ARG O 67 -61.62 -13.72 -2.55
CA ARG O 67 -61.48 -12.57 -3.43
C ARG O 67 -60.24 -11.73 -3.11
N LEU O 68 -59.21 -12.34 -2.51
CA LEU O 68 -57.96 -11.66 -2.18
C LEU O 68 -56.88 -12.10 -3.15
N ASP O 69 -56.82 -11.43 -4.29
CA ASP O 69 -55.82 -11.73 -5.30
C ASP O 69 -54.47 -11.13 -4.95
N ARG O 70 -53.41 -11.81 -5.42
CA ARG O 70 -52.04 -11.31 -5.35
C ARG O 70 -51.67 -10.90 -3.93
N VAL O 71 -52.13 -11.67 -2.95
CA VAL O 71 -51.80 -11.43 -1.56
C VAL O 71 -50.40 -11.99 -1.31
N GLY O 72 -49.49 -11.12 -0.86
CA GLY O 72 -48.12 -11.53 -0.69
C GLY O 72 -47.29 -11.55 -1.95
N ALA O 73 -47.76 -10.93 -3.03
CA ALA O 73 -47.01 -10.92 -4.28
C ALA O 73 -45.80 -10.02 -4.18
N ALA O 74 -44.68 -10.48 -4.76
CA ALA O 74 -43.41 -9.74 -4.80
C ALA O 74 -42.87 -9.43 -3.41
N LEU O 75 -43.12 -10.33 -2.46
CA LEU O 75 -42.66 -10.16 -1.08
C LEU O 75 -41.17 -10.46 -0.99
N SER O 76 -40.40 -9.50 -0.45
CA SER O 76 -38.96 -9.64 -0.30
C SER O 76 -38.47 -9.62 1.14
N GLN O 77 -39.36 -9.39 2.11
CA GLN O 77 -38.94 -9.15 3.48
C GLN O 77 -40.03 -9.61 4.43
N GLY O 78 -39.63 -9.97 5.65
CA GLY O 78 -40.63 -10.24 6.68
C GLY O 78 -41.54 -11.41 6.40
N SER O 79 -42.76 -11.32 6.92
CA SER O 79 -43.73 -12.41 6.88
C SER O 79 -45.14 -11.86 6.77
N ILE O 80 -46.03 -12.64 6.17
CA ILE O 80 -47.44 -12.29 6.03
C ILE O 80 -48.27 -13.51 6.39
N ARG O 81 -49.17 -13.37 7.35
CA ARG O 81 -50.05 -14.46 7.75
C ARG O 81 -51.50 -14.07 7.48
N VAL O 82 -52.21 -14.91 6.73
CA VAL O 82 -53.62 -14.69 6.41
C VAL O 82 -54.42 -15.73 7.18
N GLU O 83 -55.15 -15.30 8.21
CA GLU O 83 -56.03 -16.19 8.96
C GLU O 83 -57.37 -16.28 8.22
N GLY O 84 -57.39 -17.11 7.19
CA GLY O 84 -58.57 -17.27 6.37
C GLY O 84 -58.21 -17.78 4.99
N ASP O 85 -59.21 -17.75 4.11
CA ASP O 85 -59.04 -18.16 2.72
C ASP O 85 -58.49 -17.00 1.90
N VAL O 86 -57.87 -17.34 0.76
CA VAL O 86 -57.28 -16.33 -0.12
C VAL O 86 -57.66 -16.63 -1.56
N GLY O 87 -57.41 -15.65 -2.43
CA GLY O 87 -57.69 -15.74 -3.84
C GLY O 87 -56.49 -16.20 -4.65
N GLN O 88 -56.54 -15.89 -5.95
CA GLN O 88 -55.54 -16.37 -6.88
C GLN O 88 -54.18 -15.71 -6.66
N ARG O 89 -53.15 -16.35 -7.20
CA ARG O 89 -51.79 -15.82 -7.23
C ARG O 89 -51.27 -15.50 -5.83
N LEU O 90 -51.22 -16.53 -4.98
CA LEU O 90 -50.56 -16.40 -3.69
C LEU O 90 -49.08 -16.21 -3.90
N GLY O 91 -48.56 -15.05 -3.51
CA GLY O 91 -47.14 -14.79 -3.58
C GLY O 91 -46.57 -14.85 -4.98
N GLU O 92 -47.21 -14.18 -5.92
CA GLU O 92 -46.69 -14.12 -7.28
C GLU O 92 -45.38 -13.35 -7.28
N GLY O 93 -44.32 -14.01 -7.73
CA GLY O 93 -43.03 -13.35 -7.79
C GLY O 93 -42.45 -13.06 -6.43
N MET O 94 -42.79 -13.87 -5.44
CA MET O 94 -42.27 -13.66 -4.09
C MET O 94 -40.76 -13.87 -4.10
N ALA O 95 -40.03 -12.85 -3.65
CA ALA O 95 -38.58 -12.92 -3.72
C ALA O 95 -38.02 -13.78 -2.59
N ALA O 96 -38.46 -13.52 -1.36
CA ALA O 96 -38.02 -14.25 -0.18
C ALA O 96 -38.90 -13.84 0.99
N GLY O 97 -38.91 -14.68 2.01
CA GLY O 97 -39.69 -14.47 3.20
C GLY O 97 -40.57 -15.67 3.46
N THR O 98 -41.65 -15.45 4.20
CA THR O 98 -42.56 -16.53 4.56
C THR O 98 -43.98 -16.02 4.46
N LEU O 99 -44.86 -16.88 3.96
CA LEU O 99 -46.23 -16.51 3.65
C LEU O 99 -47.11 -17.69 4.02
N THR O 100 -47.86 -17.56 5.09
CA THR O 100 -48.70 -18.63 5.60
C THR O 100 -50.17 -18.24 5.47
N VAL O 101 -50.98 -19.22 5.06
CA VAL O 101 -52.42 -19.03 4.87
C VAL O 101 -53.16 -20.10 5.66
N THR O 102 -54.05 -19.68 6.56
CA THR O 102 -54.80 -20.62 7.38
C THR O 102 -55.77 -21.43 6.53
N GLY O 103 -56.55 -20.77 5.70
CA GLY O 103 -57.56 -21.40 4.89
C GLY O 103 -57.02 -21.94 3.58
N SER O 104 -57.91 -22.02 2.60
CA SER O 104 -57.56 -22.51 1.28
C SER O 104 -57.12 -21.36 0.38
N ALA O 105 -56.56 -21.71 -0.77
CA ALA O 105 -55.97 -20.73 -1.67
C ALA O 105 -56.59 -20.81 -3.06
N GLY O 106 -56.50 -19.69 -3.78
CA GLY O 106 -57.03 -19.59 -5.12
C GLY O 106 -56.11 -20.20 -6.14
N PRO O 107 -56.56 -20.17 -7.38
CA PRO O 107 -55.77 -20.76 -8.47
C PRO O 107 -54.50 -19.98 -8.76
N TYR O 108 -53.52 -20.69 -9.34
CA TYR O 108 -52.23 -20.13 -9.76
C TYR O 108 -51.40 -19.64 -8.58
N ALA O 109 -51.68 -20.12 -7.37
CA ALA O 109 -50.92 -19.70 -6.20
C ALA O 109 -49.47 -20.18 -6.29
N GLY O 110 -48.53 -19.27 -6.02
CA GLY O 110 -47.12 -19.58 -6.07
C GLY O 110 -46.42 -19.30 -7.38
N THR O 111 -47.12 -18.75 -8.38
CA THR O 111 -46.51 -18.44 -9.68
C THR O 111 -45.27 -17.57 -9.52
N GLY O 112 -44.24 -17.89 -10.31
CA GLY O 112 -43.03 -17.09 -10.38
C GLY O 112 -42.33 -16.80 -9.07
N ALA O 113 -42.68 -17.53 -8.01
CA ALA O 113 -42.05 -17.31 -6.71
C ALA O 113 -40.59 -17.73 -6.76
N THR O 114 -39.68 -16.82 -6.43
CA THR O 114 -38.25 -17.11 -6.51
C THR O 114 -37.74 -17.78 -5.24
N GLY O 115 -37.99 -17.18 -4.08
CA GLY O 115 -37.54 -17.73 -2.82
C GLY O 115 -38.57 -17.51 -1.73
N GLY O 116 -38.25 -18.03 -0.55
CA GLY O 116 -39.17 -17.99 0.57
C GLY O 116 -40.04 -19.24 0.63
N THR O 117 -41.01 -19.20 1.55
CA THR O 117 -41.87 -20.34 1.81
C THR O 117 -43.32 -19.90 1.86
N ILE O 118 -44.13 -20.46 0.96
CA ILE O 118 -45.57 -20.24 0.95
C ILE O 118 -46.24 -21.51 1.48
N THR O 119 -46.95 -21.37 2.59
CA THR O 119 -47.61 -22.50 3.25
C THR O 119 -49.11 -22.27 3.24
N ILE O 120 -49.86 -23.22 2.67
CA ILE O 120 -51.32 -23.17 2.65
C ILE O 120 -51.82 -24.32 3.53
N GLU O 121 -52.30 -23.99 4.72
CA GLU O 121 -52.80 -25.01 5.64
C GLU O 121 -54.09 -25.66 5.15
N GLY O 122 -54.85 -24.98 4.30
CA GLY O 122 -56.04 -25.55 3.71
C GLY O 122 -55.73 -26.28 2.42
N ASP O 123 -56.63 -26.22 1.46
CA ASP O 123 -56.44 -26.83 0.15
C ASP O 123 -56.00 -25.77 -0.85
N ALA O 124 -55.17 -26.19 -1.81
CA ALA O 124 -54.68 -25.27 -2.83
C ALA O 124 -55.60 -25.24 -4.04
N GLY O 125 -55.64 -24.08 -4.71
CA GLY O 125 -56.53 -23.93 -5.83
C GLY O 125 -55.96 -24.58 -7.07
N ASP O 126 -56.72 -24.49 -8.15
CA ASP O 126 -56.31 -25.09 -9.40
C ASP O 126 -55.04 -24.41 -9.90
N HIS O 127 -54.19 -25.18 -10.59
CA HIS O 127 -52.93 -24.64 -11.11
C HIS O 127 -52.02 -24.15 -9.99
N ALA O 128 -52.16 -24.71 -8.80
CA ALA O 128 -51.31 -24.31 -7.70
C ALA O 128 -49.88 -24.73 -8.02
N GLY O 129 -48.96 -23.77 -7.94
CA GLY O 129 -47.62 -24.06 -8.38
C GLY O 129 -47.46 -24.05 -9.87
N GLY O 130 -48.50 -23.64 -10.59
CA GLY O 130 -48.48 -23.59 -12.04
C GLY O 130 -48.26 -22.19 -12.56
N ALA O 131 -47.95 -22.13 -13.85
CA ALA O 131 -47.69 -20.87 -14.52
C ALA O 131 -49.01 -20.24 -14.99
N VAL O 132 -49.05 -18.91 -14.96
CA VAL O 132 -50.22 -18.18 -15.45
C VAL O 132 -50.20 -18.11 -16.97
N TYR O 133 -51.17 -17.41 -17.54
CA TYR O 133 -51.25 -17.26 -18.98
C TYR O 133 -49.98 -16.61 -19.54
N ALA O 134 -49.46 -17.19 -20.62
CA ALA O 134 -48.29 -16.70 -21.34
C ALA O 134 -47.01 -16.71 -20.50
N ALA O 135 -47.05 -17.29 -19.30
CA ALA O 135 -45.91 -17.26 -18.41
C ALA O 135 -44.78 -18.17 -18.89
N LYS O 136 -43.54 -17.70 -18.71
CA LYS O 136 -42.37 -18.52 -19.01
C LYS O 136 -42.30 -19.75 -18.10
N ALA O 137 -42.65 -19.58 -16.83
CA ALA O 137 -42.56 -20.66 -15.85
C ALA O 137 -43.56 -20.43 -14.73
N GLY O 138 -43.80 -21.49 -13.97
CA GLY O 138 -44.62 -21.45 -12.77
C GLY O 138 -43.79 -21.14 -11.54
N LEU O 139 -43.58 -22.15 -10.72
CA LEU O 139 -42.72 -22.04 -9.55
C LEU O 139 -41.28 -21.80 -9.96
N ASP O 140 -40.63 -20.85 -9.29
CA ASP O 140 -39.31 -20.38 -9.70
C ASP O 140 -38.27 -20.46 -8.57
N GLY O 141 -38.31 -21.51 -7.75
CA GLY O 141 -37.27 -21.74 -6.76
C GLY O 141 -37.76 -21.77 -5.33
N ALA O 142 -38.88 -21.11 -5.03
CA ALA O 142 -39.41 -21.01 -3.68
C ALA O 142 -40.11 -22.30 -3.27
N THR O 143 -40.10 -22.57 -1.96
CA THR O 143 -40.73 -23.76 -1.42
C THR O 143 -42.23 -23.53 -1.22
N LEU O 144 -43.05 -24.43 -1.77
CA LEU O 144 -44.51 -24.35 -1.68
C LEU O 144 -45.05 -25.55 -0.91
N VAL O 145 -45.67 -25.29 0.23
CA VAL O 145 -46.18 -26.34 1.11
C VAL O 145 -47.69 -26.23 1.15
N ILE O 146 -48.39 -27.28 0.68
CA ILE O 146 -49.85 -27.36 0.74
C ILE O 146 -50.19 -28.53 1.64
N LYS O 147 -50.60 -28.23 2.88
CA LYS O 147 -50.98 -29.28 3.82
C LYS O 147 -52.23 -30.02 3.35
N GLY O 148 -53.12 -29.35 2.62
CA GLY O 148 -54.33 -29.97 2.13
C GLY O 148 -54.13 -30.69 0.81
N ALA O 149 -55.04 -30.47 -0.14
CA ALA O 149 -55.00 -31.14 -1.44
C ALA O 149 -55.03 -30.11 -2.56
N ALA O 150 -54.10 -30.23 -3.50
CA ALA O 150 -54.02 -29.35 -4.66
C ALA O 150 -54.87 -29.88 -5.81
N GLY O 151 -55.28 -28.99 -6.68
CA GLY O 151 -56.12 -29.32 -7.82
C GLY O 151 -55.34 -29.80 -9.03
N ASP O 152 -55.93 -29.58 -10.20
CA ASP O 152 -55.34 -30.03 -11.45
C ASP O 152 -54.15 -29.15 -11.83
N HIS O 153 -53.19 -29.74 -12.54
CA HIS O 153 -52.03 -29.01 -13.07
C HIS O 153 -51.18 -28.44 -11.93
N LEU O 154 -50.94 -29.26 -10.91
CA LEU O 154 -50.03 -28.87 -9.85
C LEU O 154 -48.62 -28.89 -10.39
N GLY O 155 -47.89 -27.79 -10.22
CA GLY O 155 -46.55 -27.72 -10.77
C GLY O 155 -46.51 -27.58 -12.28
N ASP O 156 -47.48 -26.87 -12.86
CA ASP O 156 -47.57 -26.70 -14.31
C ASP O 156 -46.46 -25.78 -14.81
N ARG O 157 -45.60 -26.31 -15.68
CA ARG O 157 -44.45 -25.56 -16.22
C ARG O 157 -43.58 -25.02 -15.09
N MET O 158 -43.34 -25.87 -14.10
CA MET O 158 -42.49 -25.51 -12.96
C MET O 158 -41.03 -25.50 -13.38
N ARG O 159 -40.32 -24.46 -12.96
CA ARG O 159 -38.93 -24.27 -13.37
C ARG O 159 -37.93 -24.66 -12.28
N ARG O 160 -38.26 -24.42 -11.02
CA ARG O 160 -37.29 -24.56 -9.94
C ARG O 160 -38.05 -24.67 -8.62
N GLY O 161 -37.37 -25.13 -7.59
CA GLY O 161 -37.93 -25.17 -6.26
C GLY O 161 -38.49 -26.51 -5.83
N MET O 162 -39.42 -26.46 -4.89
CA MET O 162 -40.00 -27.65 -4.30
C MET O 162 -41.44 -27.40 -3.89
N ILE O 163 -42.31 -28.39 -4.16
CA ILE O 163 -43.71 -28.35 -3.75
C ILE O 163 -43.99 -29.53 -2.83
N LEU O 164 -44.60 -29.24 -1.69
CA LEU O 164 -44.96 -30.23 -0.67
C LEU O 164 -46.48 -30.19 -0.55
N ALA O 165 -47.16 -31.09 -1.27
CA ALA O 165 -48.60 -31.19 -1.27
C ALA O 165 -49.04 -32.47 -0.57
N GLY O 166 -50.23 -32.43 0.03
CA GLY O 166 -50.81 -33.63 0.60
C GLY O 166 -51.40 -34.57 -0.43
N SER O 167 -52.23 -34.01 -1.30
CA SER O 167 -52.87 -34.75 -2.38
C SER O 167 -52.83 -33.89 -3.64
N ALA O 168 -52.89 -34.54 -4.79
CA ALA O 168 -52.77 -33.84 -6.06
C ALA O 168 -53.82 -34.36 -7.03
N GLY O 169 -54.27 -33.45 -7.89
CA GLY O 169 -55.26 -33.77 -8.90
C GLY O 169 -54.63 -34.23 -10.20
N ALA O 170 -55.45 -34.22 -11.26
CA ALA O 170 -55.02 -34.72 -12.55
C ALA O 170 -54.02 -33.79 -13.22
N PHE O 171 -53.26 -34.37 -14.15
CA PHE O 171 -52.26 -33.65 -14.95
C PHE O 171 -51.25 -32.92 -14.08
N ALA O 172 -50.94 -33.49 -12.93
CA ALA O 172 -49.93 -32.89 -12.06
C ALA O 172 -48.56 -32.95 -12.74
N ALA O 173 -47.75 -31.92 -12.50
CA ALA O 173 -46.38 -31.83 -13.02
C ALA O 173 -46.35 -31.79 -14.55
N SER O 174 -47.37 -31.19 -15.16
CA SER O 174 -47.42 -31.05 -16.60
C SER O 174 -46.51 -29.93 -17.09
N ARG O 175 -45.87 -30.15 -18.24
CA ARG O 175 -44.95 -29.19 -18.87
C ARG O 175 -43.80 -28.79 -17.96
N MET O 176 -43.51 -29.60 -16.95
CA MET O 176 -42.52 -29.28 -15.93
C MET O 176 -41.13 -29.06 -16.54
N ILE O 177 -40.53 -27.90 -16.25
CA ILE O 177 -39.17 -27.64 -16.73
C ILE O 177 -38.13 -28.27 -15.81
N ALA O 178 -38.31 -28.13 -14.49
CA ALA O 178 -37.43 -28.71 -13.49
C ALA O 178 -38.05 -28.41 -12.13
N GLY O 179 -37.56 -29.13 -11.11
CA GLY O 179 -37.99 -28.94 -9.74
C GLY O 179 -38.27 -30.26 -9.06
N THR O 180 -38.93 -30.19 -7.91
CA THR O 180 -39.27 -31.38 -7.13
C THR O 180 -40.67 -31.21 -6.52
N ILE O 181 -41.53 -32.20 -6.75
CA ILE O 181 -42.87 -32.22 -6.18
C ILE O 181 -43.05 -33.54 -5.47
N VAL O 182 -43.31 -33.49 -4.16
CA VAL O 182 -43.55 -34.67 -3.35
C VAL O 182 -44.94 -34.53 -2.75
N VAL O 183 -45.91 -35.27 -3.30
CA VAL O 183 -47.23 -35.35 -2.70
C VAL O 183 -47.30 -36.66 -1.91
N SER O 184 -47.68 -36.54 -0.64
CA SER O 184 -47.67 -37.70 0.24
C SER O 184 -48.73 -38.72 -0.16
N GLY O 185 -49.86 -38.27 -0.69
CA GLY O 185 -50.97 -39.16 -0.97
C GLY O 185 -51.34 -39.38 -2.43
N ALA O 186 -52.63 -39.23 -2.73
CA ALA O 186 -53.17 -39.59 -4.03
C ALA O 186 -52.66 -38.66 -5.13
N LEU O 187 -52.52 -39.22 -6.34
CA LEU O 187 -52.11 -38.46 -7.51
C LEU O 187 -53.08 -38.74 -8.64
N GLY O 188 -53.54 -37.67 -9.31
CA GLY O 188 -54.54 -37.79 -10.35
C GLY O 188 -54.06 -38.51 -11.60
N ASP O 189 -54.96 -38.57 -12.57
CA ASP O 189 -54.68 -39.27 -13.82
C ASP O 189 -53.70 -38.48 -14.67
N HIS O 190 -52.96 -39.19 -15.53
CA HIS O 190 -52.01 -38.62 -16.49
C HIS O 190 -51.06 -37.60 -15.87
N PRO O 191 -50.18 -38.03 -14.96
CA PRO O 191 -49.23 -37.08 -14.36
C PRO O 191 -48.02 -36.86 -15.25
N GLY O 192 -47.53 -35.62 -15.23
CA GLY O 192 -46.30 -35.31 -15.93
C GLY O 192 -46.45 -35.24 -17.43
N TYR O 193 -47.56 -34.68 -17.91
CA TYR O 193 -47.75 -34.54 -19.35
C TYR O 193 -46.87 -33.40 -19.83
N GLY O 194 -45.91 -33.71 -20.67
CA GLY O 194 -45.00 -32.69 -21.16
C GLY O 194 -43.82 -32.43 -20.25
N MET O 195 -43.59 -33.31 -19.27
CA MET O 195 -42.48 -33.13 -18.35
C MET O 195 -41.17 -33.23 -19.08
N ARG O 196 -40.32 -32.22 -18.90
CA ARG O 196 -38.99 -32.19 -19.50
C ARG O 196 -37.94 -32.68 -18.51
N ARG O 197 -37.87 -32.06 -17.35
CA ARG O 197 -36.99 -32.46 -16.25
C ARG O 197 -37.76 -32.26 -14.96
N GLY O 198 -37.26 -32.88 -13.90
CA GLY O 198 -37.88 -32.76 -12.59
C GLY O 198 -38.15 -34.12 -11.97
N THR O 199 -38.58 -34.06 -10.71
CA THR O 199 -38.82 -35.24 -9.90
C THR O 199 -40.21 -35.15 -9.28
N LEU O 200 -41.04 -36.15 -9.56
CA LEU O 200 -42.38 -36.23 -8.99
C LEU O 200 -42.48 -37.47 -8.11
N ILE O 201 -42.89 -37.29 -6.86
CA ILE O 201 -43.04 -38.40 -5.91
C ILE O 201 -44.44 -38.36 -5.30
N ALA O 202 -45.12 -39.51 -5.31
CA ALA O 202 -46.49 -39.62 -4.83
C ALA O 202 -46.70 -40.95 -4.13
N GLY O 203 -47.66 -40.98 -3.21
CA GLY O 203 -48.07 -42.20 -2.56
C GLY O 203 -48.96 -43.09 -3.41
N SER O 204 -50.06 -42.52 -3.88
CA SER O 204 -50.97 -43.17 -4.82
C SER O 204 -50.87 -42.46 -6.17
N HIS O 205 -51.29 -43.15 -7.22
CA HIS O 205 -51.27 -42.54 -8.55
C HIS O 205 -52.35 -43.15 -9.43
N GLY O 206 -52.89 -42.32 -10.32
CA GLY O 206 -53.89 -42.75 -11.28
C GLY O 206 -53.27 -43.43 -12.48
N THR O 207 -53.92 -43.27 -13.63
CA THR O 207 -53.42 -43.85 -14.87
C THR O 207 -52.22 -43.05 -15.36
N LEU O 208 -51.13 -43.75 -15.67
CA LEU O 208 -49.91 -43.12 -16.12
C LEU O 208 -49.90 -42.98 -17.64
N LEU O 209 -49.06 -42.07 -18.14
CA LEU O 209 -48.96 -41.85 -19.56
C LEU O 209 -48.23 -43.01 -20.24
N PRO O 210 -48.60 -43.34 -21.48
CA PRO O 210 -47.86 -44.38 -22.22
C PRO O 210 -46.42 -44.01 -22.48
N THR O 211 -46.10 -42.72 -22.44
CA THR O 211 -44.76 -42.22 -22.64
C THR O 211 -43.94 -42.22 -21.36
N PHE O 212 -44.46 -42.84 -20.29
CA PHE O 212 -43.72 -43.03 -19.05
C PHE O 212 -43.38 -44.51 -18.92
N VAL O 213 -42.09 -44.82 -18.81
CA VAL O 213 -41.62 -46.20 -18.73
C VAL O 213 -40.95 -46.40 -17.38
N GLU O 214 -41.10 -47.61 -16.83
CA GLU O 214 -40.58 -47.87 -15.50
C GLU O 214 -39.11 -48.29 -15.57
N THR O 215 -38.32 -47.66 -14.71
CA THR O 215 -36.90 -47.94 -14.57
C THR O 215 -36.65 -49.11 -13.63
N GLY O 216 -37.52 -49.31 -12.65
CA GLY O 216 -37.33 -50.36 -11.69
C GLY O 216 -37.37 -49.84 -10.28
N THR O 217 -36.63 -50.49 -9.37
CA THR O 217 -36.57 -50.09 -7.97
C THR O 217 -35.10 -49.79 -7.66
N PRO O 218 -34.62 -48.60 -8.05
CA PRO O 218 -33.20 -48.29 -7.84
C PRO O 218 -32.95 -47.51 -6.56
N ASP O 219 -31.94 -47.94 -5.80
CA ASP O 219 -31.52 -47.24 -4.59
C ASP O 219 -30.57 -46.11 -4.96
N LEU O 220 -31.08 -44.89 -4.96
CA LEU O 220 -30.33 -43.74 -5.43
C LEU O 220 -29.86 -42.87 -4.27
N VAL O 221 -28.66 -42.29 -4.44
CA VAL O 221 -28.11 -41.36 -3.44
C VAL O 221 -28.93 -40.09 -3.40
N PHE O 222 -29.41 -39.64 -4.56
CA PHE O 222 -30.27 -38.46 -4.59
C PHE O 222 -31.49 -38.65 -3.70
N VAL O 223 -32.08 -39.85 -3.71
CA VAL O 223 -33.22 -40.13 -2.84
C VAL O 223 -32.84 -39.92 -1.39
N ARG O 224 -31.64 -40.38 -1.00
CA ARG O 224 -31.19 -40.22 0.38
C ARG O 224 -31.08 -38.75 0.75
N LEU O 225 -30.52 -37.94 -0.15
CA LEU O 225 -30.39 -36.52 0.13
C LEU O 225 -31.76 -35.86 0.23
N LEU O 226 -32.64 -36.16 -0.71
CA LEU O 226 -33.97 -35.58 -0.67
C LEU O 226 -34.71 -35.99 0.59
N ALA O 227 -34.46 -37.20 1.08
CA ALA O 227 -35.07 -37.62 2.34
C ALA O 227 -34.57 -36.76 3.50
N GLN O 228 -33.25 -36.57 3.58
CA GLN O 228 -32.67 -35.78 4.66
C GLN O 228 -33.11 -34.32 4.59
N SER O 229 -33.40 -33.81 3.39
CA SER O 229 -33.87 -32.43 3.27
C SER O 229 -35.27 -32.28 3.85
N LEU O 230 -36.15 -33.24 3.58
CA LEU O 230 -37.52 -33.17 4.03
C LEU O 230 -37.61 -33.38 5.54
N LYS O 231 -36.79 -34.30 6.07
CA LYS O 231 -36.75 -34.52 7.51
C LYS O 231 -36.38 -33.23 8.23
N HIS O 232 -35.41 -32.50 7.69
CA HIS O 232 -34.96 -31.29 8.36
C HIS O 232 -36.01 -30.19 8.31
N LEU O 233 -36.86 -30.18 7.28
CA LEU O 233 -37.94 -29.20 7.18
C LEU O 233 -39.20 -29.61 7.94
N GLY O 234 -39.22 -30.80 8.52
CA GLY O 234 -40.41 -31.27 9.21
C GLY O 234 -41.53 -31.68 8.27
N ALA O 235 -41.18 -32.21 7.11
CA ALA O 235 -42.17 -32.57 6.11
C ALA O 235 -42.76 -33.93 6.41
N ALA O 236 -44.09 -34.02 6.31
CA ALA O 236 -44.75 -35.31 6.52
C ALA O 236 -44.42 -36.28 5.40
N GLN O 237 -44.13 -35.76 4.20
CA GLN O 237 -43.78 -36.64 3.10
C GLN O 237 -42.38 -37.22 3.23
N ALA O 238 -41.64 -36.90 4.29
CA ALA O 238 -40.31 -37.48 4.45
C ALA O 238 -40.39 -38.98 4.64
N ASN O 239 -41.43 -39.47 5.33
CA ASN O 239 -41.58 -40.90 5.52
C ASN O 239 -41.90 -41.63 4.22
N LEU O 240 -42.35 -40.91 3.20
CA LEU O 240 -42.66 -41.57 1.93
C LEU O 240 -41.40 -42.13 1.27
N LEU O 241 -40.25 -41.53 1.53
CA LEU O 241 -38.98 -41.96 0.94
C LEU O 241 -38.28 -43.06 1.74
N SER O 242 -38.82 -43.45 2.90
CA SER O 242 -38.15 -44.46 3.72
C SER O 242 -38.07 -45.80 3.03
N GLY O 243 -39.15 -46.22 2.37
CA GLY O 243 -39.18 -47.51 1.71
C GLY O 243 -38.69 -47.46 0.28
N THR O 244 -38.59 -48.63 -0.33
CA THR O 244 -38.11 -48.73 -1.70
C THR O 244 -39.17 -48.23 -2.68
N LEU O 245 -38.72 -47.47 -3.68
CA LEU O 245 -39.62 -46.78 -4.60
C LEU O 245 -39.47 -47.32 -6.02
N ARG O 246 -40.54 -47.17 -6.80
CA ARG O 246 -40.58 -47.55 -8.21
C ARG O 246 -40.42 -46.30 -9.06
N ARG O 247 -39.57 -46.37 -10.07
CA ARG O 247 -39.20 -45.19 -10.85
C ARG O 247 -39.83 -45.22 -12.25
N TYR O 248 -40.20 -44.04 -12.74
CA TYR O 248 -40.76 -43.85 -14.06
C TYR O 248 -40.05 -42.67 -14.72
N SER O 249 -39.74 -42.81 -16.02
CA SER O 249 -39.02 -41.78 -16.77
C SER O 249 -39.95 -40.70 -17.32
N GLY O 250 -39.40 -39.48 -17.40
CA GLY O 250 -40.19 -38.33 -17.82
C GLY O 250 -40.76 -38.50 -19.23
N ASP O 251 -41.80 -37.73 -19.52
CA ASP O 251 -42.56 -37.87 -20.75
C ASP O 251 -41.62 -37.84 -21.95
N LEU O 252 -41.69 -38.87 -22.78
CA LEU O 252 -40.75 -39.02 -23.89
C LEU O 252 -41.09 -38.12 -25.08
N ALA O 253 -42.25 -37.48 -25.07
CA ALA O 253 -42.57 -36.52 -26.13
C ALA O 253 -41.58 -35.35 -26.11
N THR O 254 -41.29 -34.83 -24.92
CA THR O 254 -40.19 -33.90 -24.74
C THR O 254 -38.95 -34.72 -24.39
N LEU O 255 -37.82 -34.06 -24.14
CA LEU O 255 -36.63 -34.80 -23.75
C LEU O 255 -36.87 -35.54 -22.44
N GLY O 256 -36.71 -36.86 -22.48
CA GLY O 256 -37.14 -37.69 -21.38
C GLY O 256 -36.20 -37.70 -20.21
N LYS O 257 -36.04 -36.55 -19.56
CA LYS O 257 -35.13 -36.41 -18.44
C LYS O 257 -35.83 -36.33 -17.08
N GLY O 258 -37.16 -36.24 -17.06
CA GLY O 258 -37.88 -36.22 -15.80
C GLY O 258 -37.99 -37.60 -15.18
N GLU O 259 -38.69 -37.66 -14.04
CA GLU O 259 -38.84 -38.93 -13.35
C GLU O 259 -40.03 -38.89 -12.40
N LEU O 260 -40.53 -40.08 -12.05
CA LEU O 260 -41.65 -40.24 -11.14
C LEU O 260 -41.40 -41.43 -10.22
N PHE O 261 -41.50 -41.21 -8.91
CA PHE O 261 -41.32 -42.26 -7.91
C PHE O 261 -42.62 -42.57 -7.19
N VAL O 262 -42.93 -43.86 -7.07
CA VAL O 262 -44.09 -44.36 -6.34
C VAL O 262 -43.63 -45.55 -5.49
N PRO O 263 -44.16 -45.74 -4.28
CA PRO O 263 -43.75 -46.89 -3.46
C PRO O 263 -43.86 -48.22 -4.19
N ALA O 264 -42.96 -49.15 -3.83
CA ALA O 264 -42.85 -50.44 -4.52
C ALA O 264 -44.18 -51.18 -4.56
N HIS O 265 -44.74 -51.48 -3.39
CA HIS O 265 -46.00 -52.22 -3.31
C HIS O 265 -46.90 -51.66 -2.22
N SER P 1 21.45 -23.34 20.43
CA SER P 1 21.48 -24.32 21.52
C SER P 1 20.59 -25.50 21.17
N ASP P 2 21.20 -26.65 20.92
CA ASP P 2 20.44 -27.83 20.54
C ASP P 2 19.75 -28.44 21.77
N PHE P 3 18.48 -28.76 21.61
CA PHE P 3 17.61 -29.26 22.64
C PHE P 3 17.81 -30.74 22.88
N THR P 4 17.38 -31.19 24.06
CA THR P 4 17.16 -32.61 24.33
C THR P 4 15.72 -32.76 24.76
N LEU P 5 14.97 -33.58 24.03
CA LEU P 5 13.58 -33.86 24.34
C LEU P 5 13.43 -35.37 24.52
N ASN P 6 12.87 -35.77 25.66
CA ASN P 6 12.70 -37.19 26.00
C ASN P 6 14.03 -37.93 25.90
N GLY P 7 15.13 -37.25 26.23
CA GLY P 7 16.46 -37.83 26.21
C GLY P 7 17.12 -37.94 24.85
N ILE P 8 16.49 -37.43 23.81
CA ILE P 8 16.96 -37.57 22.42
C ILE P 8 17.34 -36.20 21.89
N LYS P 9 18.49 -36.12 21.22
CA LYS P 9 18.98 -34.85 20.68
C LYS P 9 18.07 -34.29 19.60
N VAL P 10 17.77 -33.00 19.70
CA VAL P 10 16.89 -32.29 18.75
C VAL P 10 17.60 -31.03 18.31
N GLU P 11 17.84 -30.91 17.00
CA GLU P 11 18.54 -29.75 16.48
C GLU P 11 17.65 -28.53 16.58
N ASP P 12 18.25 -27.37 16.83
CA ASP P 12 17.49 -26.14 16.98
C ASP P 12 17.20 -25.54 15.60
N THR P 13 16.50 -26.30 14.76
CA THR P 13 16.27 -25.85 13.39
C THR P 13 14.80 -25.50 13.22
N PHE P 14 14.41 -25.25 11.96
CA PHE P 14 13.05 -24.93 11.59
C PHE P 14 12.73 -25.66 10.30
N ALA P 15 11.46 -25.98 10.09
CA ALA P 15 10.99 -26.61 8.86
C ALA P 15 10.43 -25.56 7.91
N GLU P 16 10.95 -25.54 6.68
CA GLU P 16 10.52 -24.54 5.69
C GLU P 16 9.34 -25.09 4.89
N ALA P 17 8.15 -24.57 5.20
CA ALA P 17 6.92 -24.91 4.50
C ALA P 17 6.48 -23.75 3.62
N PHE P 18 5.63 -24.04 2.64
CA PHE P 18 5.20 -23.07 1.64
C PHE P 18 3.68 -22.92 1.64
N ASP P 19 3.22 -21.78 1.11
CA ASP P 19 1.80 -21.56 0.87
C ASP P 19 1.38 -22.36 -0.35
N VAL P 20 0.18 -22.97 -0.26
CA VAL P 20 -0.29 -23.93 -1.26
C VAL P 20 -1.81 -23.83 -1.38
N ALA P 21 -2.33 -24.23 -2.54
CA ALA P 21 -3.77 -24.35 -2.73
C ALA P 21 -4.23 -25.74 -2.34
N GLY P 22 -5.26 -25.81 -1.50
CA GLY P 22 -5.75 -27.08 -0.99
C GLY P 22 -7.26 -27.11 -0.97
N THR P 23 -7.79 -28.32 -1.14
CA THR P 23 -9.24 -28.53 -1.09
C THR P 23 -9.51 -29.93 -0.57
N ALA P 24 -10.77 -30.15 -0.17
CA ALA P 24 -11.19 -31.44 0.37
C ALA P 24 -12.51 -31.86 -0.24
N ILE P 25 -12.66 -33.15 -0.45
CA ILE P 25 -13.87 -33.77 -0.97
C ILE P 25 -14.18 -34.96 -0.08
N ILE P 26 -15.48 -35.26 0.06
CA ILE P 26 -15.92 -36.42 0.82
C ILE P 26 -16.50 -37.40 -0.19
N VAL P 27 -15.90 -38.58 -0.28
CA VAL P 27 -16.34 -39.62 -1.20
C VAL P 27 -16.98 -40.73 -0.38
N THR P 28 -18.24 -41.05 -0.69
CA THR P 28 -19.01 -42.02 0.06
C THR P 28 -19.38 -43.21 -0.82
N ASN P 29 -19.59 -44.35 -0.17
CA ASN P 29 -19.95 -45.60 -0.84
C ASN P 29 -20.96 -46.37 0.00
N ASP P 30 -21.46 -47.48 -0.55
CA ASP P 30 -22.39 -48.30 0.21
C ASP P 30 -21.70 -49.04 1.36
N THR P 31 -20.43 -49.37 1.21
CA THR P 31 -19.64 -50.02 2.26
C THR P 31 -18.36 -49.23 2.49
N PRO P 32 -17.77 -49.31 3.68
CA PRO P 32 -16.50 -48.60 3.91
C PRO P 32 -15.35 -49.17 3.11
N LYS P 33 -15.42 -50.44 2.72
CA LYS P 33 -14.36 -51.02 1.91
C LYS P 33 -14.22 -50.29 0.59
N TRP P 34 -15.31 -50.15 -0.16
CA TRP P 34 -15.25 -49.51 -1.47
C TRP P 34 -15.12 -48.00 -1.37
N ALA P 35 -15.48 -47.41 -0.23
CA ALA P 35 -15.14 -46.01 0.00
C ALA P 35 -13.63 -45.85 0.07
N MET P 36 -12.96 -46.80 0.70
CA MET P 36 -11.50 -46.76 0.80
C MET P 36 -10.87 -47.08 -0.55
N ILE P 37 -11.42 -48.07 -1.26
CA ILE P 37 -10.93 -48.40 -2.59
C ILE P 37 -10.95 -47.17 -3.49
N ALA P 38 -12.05 -46.41 -3.44
CA ALA P 38 -12.13 -45.18 -4.21
C ALA P 38 -11.05 -44.18 -3.79
N ALA P 39 -10.85 -44.02 -2.48
CA ALA P 39 -9.85 -43.05 -2.03
C ALA P 39 -8.43 -43.53 -2.33
N THR P 40 -8.15 -44.82 -2.18
CA THR P 40 -6.79 -45.30 -2.40
C THR P 40 -6.37 -45.12 -3.85
N VAL P 41 -7.30 -45.31 -4.80
CA VAL P 41 -6.91 -45.13 -6.19
C VAL P 41 -6.74 -43.64 -6.53
N MET P 42 -7.49 -42.77 -5.85
CA MET P 42 -7.38 -41.34 -6.11
C MET P 42 -6.12 -40.74 -5.47
N THR P 43 -5.75 -41.19 -4.27
CA THR P 43 -4.57 -40.67 -3.59
C THR P 43 -3.25 -41.15 -4.18
N GLY P 44 -3.24 -42.29 -4.88
CA GLY P 44 -2.00 -42.80 -5.44
C GLY P 44 -1.37 -41.85 -6.42
N PHE P 45 -0.05 -41.99 -6.58
CA PHE P 45 0.71 -41.21 -7.56
C PHE P 45 0.54 -39.71 -7.31
N ALA P 46 0.64 -39.31 -6.05
CA ALA P 46 0.45 -37.91 -5.68
C ALA P 46 1.32 -37.57 -4.46
N THR P 47 2.64 -37.75 -4.59
CA THR P 47 3.56 -37.50 -3.48
C THR P 47 4.21 -36.12 -3.51
N SER P 48 4.30 -35.50 -4.68
CA SER P 48 4.83 -34.15 -4.78
C SER P 48 4.05 -33.42 -5.88
N VAL P 49 3.96 -32.09 -5.76
CA VAL P 49 3.29 -31.33 -6.82
C VAL P 49 4.21 -31.07 -8.00
N ILE P 50 5.52 -31.07 -7.79
CA ILE P 50 6.45 -30.72 -8.85
C ILE P 50 6.59 -31.85 -9.87
N GLY P 51 6.60 -33.09 -9.41
CA GLY P 51 6.77 -34.20 -10.32
C GLY P 51 5.47 -34.90 -10.65
N CYS P 52 4.82 -35.41 -9.62
CA CYS P 52 3.43 -35.83 -9.75
C CYS P 52 2.56 -34.58 -9.91
N GLY P 53 1.35 -34.79 -10.40
CA GLY P 53 0.45 -33.65 -10.56
C GLY P 53 0.24 -32.87 -9.27
N ALA P 54 -0.12 -33.57 -8.19
CA ALA P 54 -0.46 -32.89 -6.95
C ALA P 54 0.02 -33.73 -5.78
N GLU P 55 -0.36 -33.30 -4.56
CA GLU P 55 -0.09 -34.00 -3.31
C GLU P 55 -1.44 -34.29 -2.66
N ALA P 56 -1.79 -35.57 -2.55
CA ALA P 56 -3.06 -36.01 -1.99
C ALA P 56 -2.86 -36.97 -0.82
N GLY P 57 -3.92 -37.10 -0.02
CA GLY P 57 -3.91 -38.00 1.11
C GLY P 57 -5.32 -38.14 1.65
N ILE P 58 -5.53 -39.17 2.47
CA ILE P 58 -6.82 -39.42 3.12
C ILE P 58 -6.79 -38.78 4.49
N ASP P 59 -7.67 -37.81 4.73
CA ASP P 59 -7.68 -37.16 6.03
C ASP P 59 -8.25 -38.05 7.09
N ALA P 60 -9.46 -38.56 6.87
CA ALA P 60 -10.11 -39.35 7.90
C ALA P 60 -11.20 -40.21 7.28
N GLU P 61 -11.45 -41.37 7.88
CA GLU P 61 -12.57 -42.19 7.48
C GLU P 61 -13.81 -41.70 8.21
N LEU P 62 -14.92 -41.61 7.50
CA LEU P 62 -16.15 -41.06 8.04
C LEU P 62 -17.18 -42.18 8.25
N SER P 63 -17.90 -42.09 9.35
CA SER P 63 -19.00 -43.00 9.62
C SER P 63 -20.26 -42.49 8.94
N PRO P 64 -21.32 -43.31 8.85
CA PRO P 64 -22.57 -42.84 8.22
C PRO P 64 -23.22 -41.65 8.92
N ASP P 65 -22.76 -41.26 10.10
CA ASP P 65 -23.28 -40.06 10.75
C ASP P 65 -22.55 -38.80 10.30
N GLU P 66 -21.24 -38.91 10.12
CA GLU P 66 -20.37 -37.79 9.76
C GLU P 66 -20.43 -37.38 8.30
N THR P 67 -21.33 -37.97 7.50
CA THR P 67 -21.41 -37.73 6.06
C THR P 67 -22.74 -37.05 5.67
N PRO P 68 -22.76 -36.23 4.61
CA PRO P 68 -24.06 -35.71 4.12
C PRO P 68 -24.88 -36.75 3.42
N ASP P 69 -24.23 -37.80 2.92
CA ASP P 69 -24.88 -38.87 2.18
C ASP P 69 -25.72 -39.76 3.09
N GLY P 70 -25.19 -40.11 4.25
CA GLY P 70 -25.79 -41.13 5.07
C GLY P 70 -25.15 -42.48 4.87
N ARG P 71 -24.16 -42.56 3.99
CA ARG P 71 -23.40 -43.75 3.70
C ARG P 71 -21.96 -43.56 4.19
N PRO P 72 -21.30 -44.63 4.63
CA PRO P 72 -19.92 -44.49 5.11
C PRO P 72 -19.07 -43.84 4.04
N GLY P 73 -18.25 -42.87 4.45
CA GLY P 73 -17.47 -42.14 3.49
C GLY P 73 -16.02 -42.00 3.86
N VAL P 74 -15.30 -41.21 3.07
CA VAL P 74 -13.88 -40.93 3.27
C VAL P 74 -13.67 -39.46 2.94
N ARG P 75 -12.99 -38.74 3.83
CA ARG P 75 -12.57 -37.36 3.58
C ARG P 75 -11.14 -37.40 3.07
N ILE P 76 -10.93 -36.85 1.87
CA ILE P 76 -9.65 -36.98 1.17
C ILE P 76 -9.22 -35.59 0.69
N LEU P 77 -7.99 -35.20 1.04
CA LEU P 77 -7.48 -33.89 0.70
C LEU P 77 -6.59 -33.94 -0.54
N LEU P 78 -6.53 -32.80 -1.24
CA LEU P 78 -5.69 -32.65 -2.41
C LEU P 78 -5.10 -31.23 -2.39
N PHE P 79 -3.80 -31.14 -2.67
CA PHE P 79 -3.05 -29.87 -2.61
C PHE P 79 -2.32 -29.66 -3.91
N GLY P 80 -2.20 -28.38 -4.31
CA GLY P 80 -1.46 -28.04 -5.51
C GLY P 80 -0.83 -26.66 -5.42
N PHE P 81 0.05 -26.38 -6.39
CA PHE P 81 0.72 -25.08 -6.43
C PHE P 81 -0.29 -23.95 -6.60
N GLU P 82 -1.01 -23.94 -7.73
CA GLU P 82 -1.96 -22.95 -8.22
C GLU P 82 -3.39 -23.46 -8.12
N PRO P 83 -4.37 -22.58 -7.85
CA PRO P 83 -5.77 -23.02 -7.89
C PRO P 83 -6.19 -23.61 -9.24
N ASN P 84 -5.54 -23.22 -10.34
CA ASN P 84 -5.85 -23.83 -11.64
C ASN P 84 -5.25 -25.22 -11.74
N GLY P 85 -3.99 -25.37 -11.34
CA GLY P 85 -3.38 -26.68 -11.32
C GLY P 85 -4.07 -27.64 -10.37
N LEU P 86 -4.60 -27.11 -9.27
CA LEU P 86 -5.39 -27.93 -8.36
C LEU P 86 -6.69 -28.38 -9.01
N LYS P 87 -7.42 -27.43 -9.60
CA LYS P 87 -8.67 -27.76 -10.29
C LYS P 87 -8.42 -28.76 -11.41
N ASP P 88 -7.34 -28.60 -12.17
CA ASP P 88 -7.04 -29.54 -13.23
C ASP P 88 -6.77 -30.93 -12.65
N GLN P 89 -6.11 -31.00 -11.49
CA GLN P 89 -5.80 -32.27 -10.86
C GLN P 89 -7.00 -32.91 -10.18
N LEU P 90 -7.86 -32.10 -9.57
CA LEU P 90 -9.06 -32.68 -8.97
C LEU P 90 -9.95 -33.29 -10.02
N LEU P 91 -10.18 -32.56 -11.11
CA LEU P 91 -11.06 -33.01 -12.18
C LEU P 91 -10.56 -34.33 -12.76
N LYS P 92 -9.27 -34.41 -13.05
CA LYS P 92 -8.71 -35.63 -13.63
C LYS P 92 -8.94 -36.82 -12.70
N ARG P 93 -8.67 -36.62 -11.40
CA ARG P 93 -8.68 -37.71 -10.43
C ARG P 93 -10.10 -38.14 -10.07
N VAL P 94 -11.00 -37.18 -9.80
CA VAL P 94 -12.38 -37.53 -9.54
C VAL P 94 -13.02 -38.20 -10.76
N GLY P 95 -12.68 -37.70 -11.95
CA GLY P 95 -13.26 -38.26 -13.16
C GLY P 95 -12.85 -39.69 -13.43
N GLN P 96 -11.63 -40.07 -13.05
CA GLN P 96 -11.15 -41.39 -13.43
C GLN P 96 -10.77 -42.30 -12.26
N CYS P 97 -10.90 -41.82 -11.03
CA CYS P 97 -10.72 -42.68 -9.86
C CYS P 97 -11.96 -42.78 -9.00
N ILE P 98 -12.83 -41.78 -9.01
CA ILE P 98 -14.04 -41.81 -8.22
C ILE P 98 -15.18 -42.29 -9.10
N LEU P 99 -15.44 -41.57 -10.20
CA LEU P 99 -16.53 -41.95 -11.10
C LEU P 99 -16.46 -43.42 -11.50
N THR P 100 -15.26 -43.92 -11.81
CA THR P 100 -15.14 -45.29 -12.26
C THR P 100 -15.45 -46.27 -11.14
N CYS P 101 -15.18 -45.89 -9.90
CA CYS P 101 -15.36 -46.81 -8.78
C CYS P 101 -16.85 -47.02 -8.54
N PRO P 102 -17.30 -48.26 -8.42
CA PRO P 102 -18.75 -48.52 -8.30
C PRO P 102 -19.33 -48.02 -6.99
N GLY P 103 -20.58 -47.57 -7.07
CA GLY P 103 -21.36 -47.15 -5.92
C GLY P 103 -20.86 -45.92 -5.19
N THR P 104 -20.06 -45.09 -5.84
CA THR P 104 -19.50 -43.94 -5.16
C THR P 104 -20.35 -42.68 -5.37
N ALA P 105 -20.03 -41.63 -4.61
CA ALA P 105 -20.75 -40.36 -4.68
C ALA P 105 -19.84 -39.31 -4.07
N CYS P 106 -19.66 -38.20 -4.78
CA CYS P 106 -18.66 -37.19 -4.42
C CYS P 106 -19.34 -35.95 -3.86
N PHE P 107 -18.86 -35.48 -2.69
CA PHE P 107 -19.37 -34.28 -2.02
C PHE P 107 -18.23 -33.36 -1.63
N ALA P 108 -18.59 -32.10 -1.34
CA ALA P 108 -17.61 -31.11 -0.93
C ALA P 108 -17.15 -31.39 0.50
N GLY P 109 -15.83 -31.46 0.71
CA GLY P 109 -15.25 -31.79 1.99
C GLY P 109 -15.07 -30.66 2.97
N VAL P 110 -14.48 -29.55 2.53
CA VAL P 110 -14.16 -28.43 3.39
C VAL P 110 -14.84 -27.18 2.85
N GLU P 111 -14.98 -26.19 3.72
CA GLU P 111 -15.52 -24.88 3.38
C GLU P 111 -14.36 -23.93 3.08
N GLY P 112 -14.55 -23.08 2.08
CA GLY P 112 -13.52 -22.13 1.68
C GLY P 112 -14.08 -20.95 0.91
N PRO P 113 -13.23 -19.95 0.69
CA PRO P 113 -13.69 -18.75 -0.04
C PRO P 113 -13.80 -18.95 -1.54
N THR P 114 -12.83 -19.64 -2.15
CA THR P 114 -12.82 -19.85 -3.59
C THR P 114 -13.62 -21.10 -3.96
N LYS P 115 -14.14 -21.09 -5.18
CA LYS P 115 -14.99 -22.15 -5.71
C LYS P 115 -14.23 -22.94 -6.77
N ILE P 116 -14.44 -24.26 -6.80
CA ILE P 116 -13.86 -25.12 -7.82
C ILE P 116 -14.98 -25.94 -8.45
N LYS P 117 -15.12 -25.84 -9.76
CA LYS P 117 -16.12 -26.64 -10.48
C LYS P 117 -15.70 -28.10 -10.50
N LEU P 118 -16.59 -28.97 -10.06
CA LEU P 118 -16.25 -30.39 -10.01
C LEU P 118 -17.35 -31.21 -10.68
N GLY P 119 -18.54 -31.21 -10.09
CA GLY P 119 -19.66 -31.90 -10.72
C GLY P 119 -20.10 -31.25 -12.01
N GLY P 120 -20.02 -29.92 -12.09
CA GLY P 120 -20.48 -29.22 -13.28
C GLY P 120 -19.70 -29.52 -14.54
N ALA P 121 -18.50 -30.09 -14.40
CA ALA P 121 -17.69 -30.47 -15.55
C ALA P 121 -17.75 -31.97 -15.82
N ILE P 122 -17.81 -32.80 -14.77
CA ILE P 122 -17.96 -34.23 -14.98
C ILE P 122 -19.34 -34.56 -15.54
N ARG P 123 -20.32 -33.67 -15.32
CA ARG P 123 -21.65 -33.86 -15.85
C ARG P 123 -21.66 -34.11 -17.35
N TYR P 124 -20.66 -33.59 -18.08
CA TYR P 124 -20.62 -33.75 -19.53
C TYR P 124 -20.31 -35.17 -19.96
N PHE P 125 -19.90 -36.05 -19.04
CA PHE P 125 -19.80 -37.45 -19.38
C PHE P 125 -21.17 -38.10 -19.54
N GLY P 126 -22.21 -37.48 -18.97
CA GLY P 126 -23.56 -37.99 -19.11
C GLY P 126 -24.11 -37.88 -20.51
N ASP P 127 -23.46 -37.08 -21.37
CA ASP P 127 -23.84 -36.94 -22.77
C ASP P 127 -25.27 -36.40 -22.89
N GLY P 128 -25.59 -35.42 -22.06
CA GLY P 128 -26.89 -34.78 -22.10
C GLY P 128 -27.97 -35.49 -21.30
N PHE P 129 -27.67 -36.65 -20.73
CA PHE P 129 -28.62 -37.37 -19.90
C PHE P 129 -28.51 -36.99 -18.43
N ALA P 130 -27.48 -36.23 -18.06
CA ALA P 130 -27.29 -35.81 -16.68
C ALA P 130 -28.27 -34.70 -16.32
N VAL P 131 -28.76 -34.74 -15.08
CA VAL P 131 -29.69 -33.75 -14.57
C VAL P 131 -29.13 -33.13 -13.30
N ALA P 132 -29.57 -31.90 -12.99
CA ALA P 132 -29.13 -31.20 -11.79
C ALA P 132 -30.29 -31.02 -10.82
N LYS P 133 -29.99 -31.14 -9.52
CA LYS P 133 -30.97 -30.95 -8.45
C LYS P 133 -30.38 -30.05 -7.37
N ARG P 134 -31.24 -29.24 -6.75
CA ARG P 134 -30.86 -28.34 -5.67
C ARG P 134 -31.61 -28.74 -4.41
N LEU P 135 -30.88 -29.01 -3.32
CA LEU P 135 -31.49 -29.48 -2.08
C LEU P 135 -30.82 -28.85 -0.86
N PRO P 136 -31.60 -28.53 0.18
CA PRO P 136 -31.00 -28.02 1.42
C PRO P 136 -30.42 -29.14 2.27
N ASP P 137 -29.24 -28.90 2.83
CA ASP P 137 -28.56 -29.93 3.61
C ASP P 137 -29.05 -29.92 5.06
N HIS P 138 -28.43 -30.78 5.87
CA HIS P 138 -28.80 -30.89 7.28
C HIS P 138 -28.53 -29.59 8.04
N GLU P 139 -27.64 -28.74 7.55
CA GLU P 139 -27.39 -27.45 8.18
C GLU P 139 -28.35 -26.36 7.72
N GLY P 140 -29.02 -26.55 6.60
CA GLY P 140 -29.95 -25.57 6.07
C GLY P 140 -29.46 -24.82 4.85
N LYS P 141 -28.34 -25.20 4.26
CA LYS P 141 -27.76 -24.51 3.10
C LYS P 141 -28.15 -25.22 1.81
N MET P 142 -28.52 -24.44 0.80
CA MET P 142 -28.91 -25.00 -0.49
C MET P 142 -27.68 -25.42 -1.26
N ARG P 143 -27.60 -26.69 -1.61
CA ARG P 143 -26.47 -27.25 -2.35
C ARG P 143 -26.98 -27.82 -3.67
N ARG P 144 -26.15 -27.73 -4.71
CA ARG P 144 -26.49 -28.19 -6.04
C ARG P 144 -25.65 -29.42 -6.39
N TYR P 145 -26.31 -30.48 -6.83
CA TYR P 145 -25.65 -31.73 -7.18
C TYR P 145 -26.01 -32.14 -8.60
N TRP P 146 -25.11 -32.90 -9.24
CA TRP P 146 -25.34 -33.44 -10.57
C TRP P 146 -25.54 -34.94 -10.48
N ARG P 147 -26.40 -35.47 -11.36
CA ARG P 147 -26.73 -36.90 -11.43
C ARG P 147 -26.33 -37.42 -12.80
N ILE P 148 -25.17 -38.06 -12.89
CA ILE P 148 -24.66 -38.60 -14.14
C ILE P 148 -25.09 -40.07 -14.25
N PRO P 149 -25.83 -40.45 -15.30
CA PRO P 149 -26.27 -41.85 -15.43
C PRO P 149 -25.11 -42.75 -15.81
N VAL P 150 -24.95 -43.85 -15.07
CA VAL P 150 -23.88 -44.82 -15.28
C VAL P 150 -24.44 -46.22 -15.17
N MET P 151 -23.59 -47.21 -15.52
CA MET P 151 -24.04 -48.61 -15.59
C MET P 151 -24.60 -49.10 -14.26
N ASP P 152 -23.91 -48.84 -13.16
CA ASP P 152 -24.43 -49.31 -11.88
C ASP P 152 -25.66 -48.53 -11.44
N GLY P 153 -25.79 -47.28 -11.91
CA GLY P 153 -26.91 -46.45 -11.52
C GLY P 153 -26.73 -44.98 -11.89
N GLU P 154 -26.71 -44.14 -10.86
CA GLU P 154 -26.42 -42.71 -11.00
C GLU P 154 -25.20 -42.38 -10.16
N PHE P 155 -24.25 -41.67 -10.75
CA PHE P 155 -23.11 -41.10 -10.05
C PHE P 155 -23.48 -39.70 -9.58
N LEU P 156 -23.75 -39.55 -8.28
CA LEU P 156 -24.11 -38.25 -7.73
C LEU P 156 -22.84 -37.45 -7.43
N CYS P 157 -22.77 -36.23 -7.93
CA CYS P 157 -21.59 -35.41 -7.80
C CYS P 157 -22.00 -33.96 -7.56
N GLU P 158 -21.50 -33.38 -6.48
CA GLU P 158 -21.82 -31.98 -6.17
C GLU P 158 -21.21 -31.06 -7.22
N ASP P 159 -21.99 -30.05 -7.62
CA ASP P 159 -21.55 -29.13 -8.67
C ASP P 159 -20.21 -28.47 -8.34
N SER P 160 -20.09 -27.89 -7.15
CA SER P 160 -18.90 -27.14 -6.77
C SER P 160 -18.33 -27.62 -5.46
N VAL P 161 -17.01 -27.55 -5.37
CA VAL P 161 -16.26 -27.85 -4.15
C VAL P 161 -15.48 -26.60 -3.78
N ARG P 162 -15.39 -26.31 -2.49
CA ARG P 162 -14.70 -25.11 -2.02
C ARG P 162 -13.23 -25.41 -1.70
N ALA P 163 -12.40 -24.40 -1.93
CA ALA P 163 -10.97 -24.47 -1.66
C ALA P 163 -10.61 -23.49 -0.55
N VAL P 164 -9.98 -23.99 0.52
CA VAL P 164 -9.61 -23.17 1.65
C VAL P 164 -8.36 -22.38 1.31
N ASP P 165 -8.33 -21.12 1.75
CA ASP P 165 -7.15 -20.28 1.55
C ASP P 165 -6.19 -20.44 2.72
N GLY P 166 -4.90 -20.40 2.42
CA GLY P 166 -3.90 -20.56 3.46
C GLY P 166 -3.62 -22.00 3.87
N ALA P 167 -3.75 -22.95 2.96
CA ALA P 167 -3.32 -24.31 3.22
C ALA P 167 -1.81 -24.41 3.04
N VAL P 168 -1.15 -25.08 3.97
CA VAL P 168 0.31 -25.11 4.03
C VAL P 168 0.80 -26.52 3.70
N GLY P 169 1.83 -26.59 2.86
CA GLY P 169 2.47 -27.85 2.55
C GLY P 169 3.96 -27.70 2.72
N GLY P 170 4.63 -28.85 2.79
CA GLY P 170 6.08 -28.84 2.89
C GLY P 170 6.65 -28.84 4.29
N GLY P 171 5.80 -28.92 5.33
CA GLY P 171 6.30 -29.01 6.69
C GLY P 171 6.89 -30.39 6.91
N ASN P 172 8.15 -30.47 7.32
CA ASN P 172 8.79 -31.77 7.43
C ASN P 172 9.80 -31.77 8.57
N LEU P 173 9.94 -32.93 9.22
CA LEU P 173 11.05 -33.17 10.16
C LEU P 173 11.60 -34.57 9.96
N LEU P 174 12.93 -34.70 9.92
CA LEU P 174 13.63 -35.94 9.60
C LEU P 174 14.37 -36.51 10.81
N PHE P 175 14.43 -37.85 10.88
CA PHE P 175 15.03 -38.59 11.98
C PHE P 175 16.31 -39.29 11.56
N LEU P 176 17.34 -39.23 12.42
CA LEU P 176 18.61 -39.92 12.20
C LEU P 176 18.75 -41.06 13.21
N GLY P 177 19.07 -42.25 12.73
CA GLY P 177 19.16 -43.42 13.58
C GLY P 177 20.17 -44.41 13.06
N ARG P 178 20.58 -45.35 13.93
CA ARG P 178 21.67 -46.26 13.54
C ARG P 178 21.25 -47.32 12.52
N LYS P 179 20.07 -47.93 12.65
CA LYS P 179 19.73 -49.09 11.82
C LYS P 179 18.40 -48.88 11.11
N HIS P 180 18.36 -49.23 9.82
CA HIS P 180 17.18 -48.94 9.00
C HIS P 180 15.92 -49.60 9.54
N ALA P 181 15.98 -50.90 9.84
CA ALA P 181 14.78 -51.61 10.23
C ALA P 181 14.14 -51.00 11.47
N ASP P 182 14.96 -50.73 12.48
CA ASP P 182 14.45 -50.17 13.73
C ASP P 182 14.04 -48.71 13.57
N THR P 183 14.85 -47.91 12.85
CA THR P 183 14.53 -46.50 12.68
C THR P 183 13.28 -46.28 11.84
N LEU P 184 12.92 -47.26 11.00
CA LEU P 184 11.65 -47.18 10.30
C LEU P 184 10.48 -47.19 11.29
N ILE P 185 10.60 -48.05 12.33
CA ILE P 185 9.55 -48.19 13.35
C ILE P 185 9.33 -46.87 14.08
N VAL P 186 10.41 -46.13 14.35
CA VAL P 186 10.26 -44.80 14.96
C VAL P 186 9.45 -43.90 14.05
N ALA P 187 9.80 -43.89 12.75
CA ALA P 187 9.10 -43.05 11.78
C ALA P 187 7.67 -43.53 11.56
N GLU P 188 7.46 -44.85 11.59
CA GLU P 188 6.12 -45.39 11.43
C GLU P 188 5.21 -44.91 12.56
N ILE P 189 5.69 -45.00 13.81
CA ILE P 189 4.84 -44.53 14.90
C ILE P 189 4.81 -43.01 14.96
N ALA P 190 5.69 -42.34 14.21
CA ALA P 190 5.63 -40.89 14.07
C ALA P 190 4.54 -40.48 13.08
N VAL P 191 4.42 -41.19 11.95
CA VAL P 191 3.39 -40.80 10.99
C VAL P 191 2.02 -41.12 11.58
N GLU P 192 1.90 -42.24 12.29
CA GLU P 192 0.64 -42.56 12.94
C GLU P 192 0.24 -41.45 13.89
N ALA P 193 1.23 -40.82 14.52
CA ALA P 193 0.93 -39.69 15.38
C ALA P 193 0.48 -38.48 14.58
N ALA P 194 1.12 -38.24 13.43
CA ALA P 194 0.81 -37.05 12.63
C ALA P 194 -0.54 -37.18 11.93
N LYS P 195 -0.87 -38.39 11.45
CA LYS P 195 -2.12 -38.60 10.75
C LYS P 195 -3.32 -38.17 11.58
N ALA P 196 -3.19 -38.21 12.91
CA ALA P 196 -4.32 -37.97 13.81
C ALA P 196 -4.86 -36.53 13.76
N ILE P 197 -4.03 -35.57 13.39
CA ILE P 197 -4.47 -34.16 13.38
C ILE P 197 -5.49 -33.93 12.26
N PRO P 198 -6.64 -33.32 12.55
CA PRO P 198 -7.63 -33.10 11.48
C PRO P 198 -7.14 -32.08 10.47
N GLY P 199 -7.36 -32.38 9.19
CA GLY P 199 -6.96 -31.46 8.14
C GLY P 199 -5.52 -31.57 7.69
N ALA P 200 -4.78 -32.57 8.14
CA ALA P 200 -3.39 -32.74 7.77
C ALA P 200 -3.16 -34.14 7.19
N ILE P 201 -2.27 -34.23 6.19
CA ILE P 201 -1.94 -35.50 5.54
C ILE P 201 -0.42 -35.62 5.34
N LEU P 202 -0.01 -36.81 4.91
CA LEU P 202 1.39 -37.09 4.60
C LEU P 202 1.46 -37.80 3.25
N PRO P 203 1.85 -37.08 2.19
CA PRO P 203 1.63 -37.60 0.83
C PRO P 203 2.54 -38.75 0.47
N PHE P 204 3.72 -38.82 1.07
CA PHE P 204 4.74 -39.78 0.65
C PHE P 204 4.35 -41.21 1.04
N PRO P 205 4.97 -42.23 0.40
CA PRO P 205 4.57 -43.62 0.64
C PRO P 205 4.64 -44.01 2.11
N GLY P 206 3.49 -44.36 2.67
CA GLY P 206 3.39 -44.65 4.09
C GLY P 206 3.70 -43.45 4.95
N GLY P 207 3.70 -42.25 4.36
CA GLY P 207 4.08 -41.04 5.04
C GLY P 207 5.56 -40.73 5.06
N ILE P 208 6.42 -41.69 4.71
CA ILE P 208 7.87 -41.54 4.83
C ILE P 208 8.51 -41.33 3.47
N VAL P 209 9.57 -40.51 3.46
CA VAL P 209 10.38 -40.26 2.28
C VAL P 209 11.77 -40.76 2.59
N ARG P 210 12.39 -41.45 1.64
CA ARG P 210 13.76 -41.88 1.80
C ARG P 210 14.74 -41.13 0.92
N SER P 211 14.24 -40.33 -0.02
CA SER P 211 15.08 -39.53 -0.90
C SER P 211 14.97 -38.09 -0.45
N GLY P 212 16.07 -37.54 0.06
CA GLY P 212 16.08 -36.18 0.54
C GLY P 212 16.11 -35.16 -0.57
N SER P 213 14.98 -34.50 -0.80
CA SER P 213 14.87 -33.49 -1.85
C SER P 213 15.69 -32.26 -1.47
N LYS P 214 16.80 -32.03 -2.17
CA LYS P 214 17.66 -30.88 -1.96
C LYS P 214 17.54 -29.89 -3.12
N VAL P 215 17.38 -28.60 -2.77
CA VAL P 215 17.21 -27.60 -3.82
C VAL P 215 18.54 -27.40 -4.53
N GLY P 216 18.47 -27.28 -5.84
CA GLY P 216 19.68 -27.13 -6.60
C GLY P 216 20.34 -28.45 -6.93
N GLY P 217 21.57 -28.34 -7.43
CA GLY P 217 22.35 -29.50 -7.83
C GLY P 217 23.77 -29.07 -8.09
N ARG P 218 24.64 -30.06 -8.21
CA ARG P 218 26.05 -29.76 -8.42
C ARG P 218 26.27 -29.13 -9.80
N THR P 219 25.58 -29.65 -10.82
CA THR P 219 25.82 -29.29 -12.21
C THR P 219 24.55 -28.95 -12.99
N LYS P 220 24.73 -28.14 -14.03
CA LYS P 220 23.74 -27.72 -15.05
C LYS P 220 22.61 -26.91 -14.38
N GLY P 221 21.38 -27.06 -14.86
CA GLY P 221 20.25 -26.35 -14.31
C GLY P 221 19.36 -27.26 -13.51
N MET P 222 19.99 -28.25 -12.87
CA MET P 222 19.27 -29.20 -12.04
C MET P 222 18.57 -28.46 -10.91
N MET P 223 17.27 -28.64 -10.79
CA MET P 223 16.54 -27.97 -9.72
C MET P 223 16.42 -28.79 -8.44
N ALA P 224 16.36 -30.12 -8.53
CA ALA P 224 16.33 -30.95 -7.34
C ALA P 224 17.34 -32.09 -7.49
N SER P 225 18.01 -32.39 -6.39
CA SER P 225 18.98 -33.48 -6.36
C SER P 225 18.96 -34.07 -4.96
N THR P 226 19.63 -35.22 -4.82
CA THR P 226 19.69 -35.90 -3.53
C THR P 226 20.48 -35.07 -2.51
N ASN P 227 20.15 -35.25 -1.23
CA ASN P 227 20.74 -34.48 -0.13
C ASN P 227 21.99 -35.19 0.40
N ASP P 228 23.12 -34.96 -0.28
CA ASP P 228 24.35 -35.69 0.05
C ASP P 228 24.76 -35.50 1.52
N ALA P 229 24.33 -34.43 2.18
CA ALA P 229 24.71 -34.21 3.57
C ALA P 229 24.16 -35.28 4.50
N TYR P 230 22.90 -35.66 4.29
CA TYR P 230 22.24 -36.68 5.10
C TYR P 230 22.24 -38.03 4.40
N CYS P 231 23.20 -38.24 3.51
CA CYS P 231 23.32 -39.52 2.85
C CYS P 231 24.32 -40.37 3.62
N PRO P 232 23.95 -41.58 4.05
CA PRO P 232 24.88 -42.41 4.83
C PRO P 232 26.02 -42.99 4.03
N THR P 233 25.89 -43.13 2.71
CA THR P 233 27.02 -43.58 1.91
C THR P 233 28.07 -42.49 1.69
N LEU P 234 27.70 -41.21 1.80
CA LEU P 234 28.63 -40.10 1.67
C LEU P 234 29.04 -39.56 3.03
N LYS P 235 29.31 -40.47 3.96
CA LYS P 235 29.67 -40.10 5.32
C LYS P 235 31.19 -39.99 5.45
N GLY P 236 31.63 -39.24 6.47
CA GLY P 236 33.05 -39.10 6.74
C GLY P 236 33.76 -37.99 6.00
N ARG P 237 33.29 -37.62 4.81
CA ARG P 237 33.87 -36.55 4.02
C ARG P 237 33.26 -35.20 4.37
N ALA P 238 33.96 -34.14 3.99
CA ALA P 238 33.51 -32.79 4.26
C ALA P 238 32.13 -32.58 3.66
N GLY P 239 31.24 -32.01 4.45
CA GLY P 239 29.89 -31.75 4.01
C GLY P 239 28.86 -32.76 4.44
N SER P 240 29.22 -33.71 5.30
CA SER P 240 28.29 -34.72 5.79
C SER P 240 27.72 -34.24 7.11
N ALA P 241 26.40 -34.02 7.13
CA ALA P 241 25.72 -33.46 8.29
C ALA P 241 25.16 -34.51 9.22
N LEU P 242 25.86 -35.62 9.44
CA LEU P 242 25.35 -36.62 10.37
C LEU P 242 26.49 -37.33 11.08
N PRO P 243 26.28 -37.71 12.34
CA PRO P 243 27.37 -38.22 13.17
C PRO P 243 27.70 -39.66 12.82
N PRO P 244 28.84 -40.17 13.30
CA PRO P 244 29.26 -41.54 12.93
C PRO P 244 28.34 -42.64 13.46
N GLU P 245 27.66 -42.44 14.60
CA GLU P 245 26.75 -43.46 15.09
C GLU P 245 25.60 -43.69 14.13
N CYS P 246 25.19 -42.62 13.42
CA CYS P 246 24.05 -42.67 12.52
C CYS P 246 24.39 -43.39 11.22
N GLY P 247 23.42 -44.13 10.69
CA GLY P 247 23.58 -44.90 9.48
C GLY P 247 22.38 -44.87 8.56
N VAL P 248 21.28 -44.26 9.04
CA VAL P 248 20.02 -44.20 8.30
C VAL P 248 19.30 -42.88 8.64
N VAL P 249 18.72 -42.25 7.63
CA VAL P 249 17.94 -41.02 7.80
C VAL P 249 16.60 -41.22 7.11
N LEU P 250 15.52 -40.73 7.74
CA LEU P 250 14.19 -40.79 7.15
C LEU P 250 13.49 -39.47 7.37
N GLU P 251 12.75 -39.02 6.37
CA GLU P 251 12.05 -37.76 6.41
C GLU P 251 10.54 -37.99 6.47
N ILE P 252 9.86 -37.07 7.14
CA ILE P 252 8.41 -37.06 7.30
C ILE P 252 7.93 -35.71 6.78
N VAL P 253 7.06 -35.72 5.75
CA VAL P 253 6.53 -34.51 5.17
C VAL P 253 5.03 -34.41 5.45
N ILE P 254 4.59 -33.25 5.92
CA ILE P 254 3.21 -33.02 6.33
C ILE P 254 2.61 -31.85 5.56
N ASP P 255 1.41 -32.05 5.01
CA ASP P 255 0.63 -31.02 4.33
C ASP P 255 -0.68 -30.85 5.08
N ALA P 256 -1.19 -29.62 5.12
CA ALA P 256 -2.43 -29.39 5.85
C ALA P 256 -3.23 -28.25 5.26
N LEU P 257 -4.54 -28.29 5.56
CA LEU P 257 -5.45 -27.23 5.14
C LEU P 257 -5.26 -25.95 5.94
N THR P 258 -4.75 -26.05 7.17
CA THR P 258 -4.50 -24.88 8.00
C THR P 258 -3.08 -24.90 8.52
N SER P 259 -2.51 -23.70 8.68
CA SER P 259 -1.13 -23.56 9.12
C SER P 259 -0.92 -24.17 10.50
N ALA P 260 -1.85 -23.92 11.42
CA ALA P 260 -1.71 -24.46 12.77
C ALA P 260 -1.67 -25.98 12.75
N ALA P 261 -2.46 -26.59 11.86
CA ALA P 261 -2.46 -28.05 11.80
C ALA P 261 -1.10 -28.58 11.41
N VAL P 262 -0.38 -27.87 10.54
CA VAL P 262 0.94 -28.33 10.15
C VAL P 262 1.84 -28.39 11.37
N ALA P 263 1.83 -27.33 12.18
CA ALA P 263 2.65 -27.30 13.38
C ALA P 263 2.19 -28.34 14.38
N GLU P 264 0.88 -28.48 14.56
CA GLU P 264 0.39 -29.48 15.49
C GLU P 264 0.73 -30.88 15.04
N SER P 265 0.73 -31.12 13.73
CA SER P 265 1.13 -32.43 13.25
C SER P 265 2.62 -32.65 13.47
N MET P 266 3.43 -31.61 13.27
CA MET P 266 4.86 -31.76 13.50
C MET P 266 5.12 -32.06 14.97
N ARG P 267 4.46 -31.31 15.86
CA ARG P 267 4.64 -31.50 17.30
C ARG P 267 4.33 -32.92 17.71
N ALA P 268 3.20 -33.45 17.25
CA ALA P 268 2.81 -34.80 17.64
C ALA P 268 3.79 -35.82 17.13
N ALA P 269 4.34 -35.58 15.93
CA ALA P 269 5.35 -36.50 15.41
C ALA P 269 6.63 -36.39 16.24
N LEU P 270 7.05 -35.16 16.52
CA LEU P 270 8.28 -34.93 17.28
C LEU P 270 8.23 -35.62 18.63
N HIS P 271 7.10 -35.56 19.33
CA HIS P 271 7.04 -36.15 20.67
C HIS P 271 6.94 -37.67 20.61
N ALA P 272 6.03 -38.19 19.77
CA ALA P 272 5.87 -39.64 19.67
C ALA P 272 7.18 -40.32 19.27
N ALA P 273 7.95 -39.72 18.38
CA ALA P 273 9.19 -40.38 17.98
C ALA P 273 10.19 -40.47 19.14
N THR P 274 10.36 -39.38 19.89
CA THR P 274 11.39 -39.35 20.92
C THR P 274 11.03 -40.23 22.12
N GLU P 275 9.73 -40.30 22.45
CA GLU P 275 9.30 -41.12 23.57
C GLU P 275 9.75 -42.57 23.40
N ILE P 276 9.61 -43.10 22.19
CA ILE P 276 10.01 -44.47 21.85
C ILE P 276 11.37 -44.52 21.17
N GLY P 277 11.99 -43.36 20.93
CA GLY P 277 13.18 -43.31 20.07
C GLY P 277 14.38 -44.02 20.65
N ALA P 278 14.67 -43.80 21.93
CA ALA P 278 15.86 -44.41 22.53
C ALA P 278 15.82 -45.92 22.41
N GLN P 279 14.63 -46.52 22.51
CA GLN P 279 14.52 -47.96 22.41
C GLN P 279 15.03 -48.47 21.06
N HIS P 280 14.77 -47.72 19.98
CA HIS P 280 15.12 -48.16 18.63
C HIS P 280 16.36 -47.48 18.03
N GLY P 281 17.18 -46.81 18.83
CA GLY P 281 18.40 -46.26 18.29
C GLY P 281 18.24 -44.94 17.57
N LEU P 282 17.15 -44.23 17.80
CA LEU P 282 17.00 -42.89 17.25
C LEU P 282 18.09 -41.98 17.80
N VAL P 283 18.95 -41.50 16.91
CA VAL P 283 20.07 -40.66 17.34
C VAL P 283 19.61 -39.21 17.54
N ALA P 284 18.96 -38.62 16.55
CA ALA P 284 18.58 -37.22 16.67
C ALA P 284 17.39 -36.92 15.76
N VAL P 285 16.82 -35.73 15.93
CA VAL P 285 15.72 -35.24 15.10
C VAL P 285 16.04 -33.83 14.63
N THR P 286 15.90 -33.58 13.32
CA THR P 286 16.13 -32.28 12.69
C THR P 286 14.91 -31.93 11.87
N ALA P 287 14.92 -30.74 11.30
CA ALA P 287 13.90 -30.29 10.37
C ALA P 287 14.56 -29.83 9.08
N GLY P 288 13.88 -30.04 7.96
CA GLY P 288 14.44 -29.63 6.68
C GLY P 288 14.11 -28.20 6.33
N ASN P 289 15.13 -27.39 6.09
CA ASN P 289 14.95 -26.00 5.69
C ASN P 289 15.74 -25.73 4.42
N TYR P 290 15.35 -24.66 3.71
CA TYR P 290 15.94 -24.28 2.43
C TYR P 290 16.71 -22.98 2.50
N GLY P 291 16.75 -22.34 3.67
CA GLY P 291 17.49 -21.11 3.84
C GLY P 291 16.68 -20.03 4.52
N GLY P 292 15.35 -20.18 4.51
CA GLY P 292 14.47 -19.23 5.12
C GLY P 292 13.77 -18.31 4.13
N ASN P 293 14.35 -18.09 2.96
CA ASN P 293 13.77 -17.17 1.98
C ASN P 293 12.88 -17.86 0.95
N LEU P 294 12.91 -19.19 0.85
CA LEU P 294 12.05 -19.88 -0.11
C LEU P 294 10.61 -20.00 0.39
N GLY P 295 10.43 -20.45 1.63
CA GLY P 295 9.11 -20.72 2.18
C GLY P 295 8.73 -19.71 3.25
N ARG P 296 7.47 -19.29 3.21
CA ARG P 296 6.97 -18.26 4.12
C ARG P 296 6.87 -18.78 5.55
N HIS P 297 6.36 -19.99 5.73
CA HIS P 297 6.12 -20.56 7.05
C HIS P 297 7.35 -21.28 7.57
N HIS P 298 7.82 -20.87 8.74
CA HIS P 298 8.95 -21.51 9.43
C HIS P 298 8.43 -22.19 10.69
N TYR P 299 8.63 -23.49 10.79
CA TYR P 299 8.20 -24.27 11.95
C TYR P 299 9.44 -24.63 12.75
N HIS P 300 9.78 -23.78 13.72
CA HIS P 300 10.93 -24.03 14.58
C HIS P 300 10.62 -25.15 15.56
N LEU P 301 11.55 -26.09 15.73
CA LEU P 301 11.33 -27.10 16.74
C LEU P 301 11.44 -26.55 18.15
N ARG P 302 11.96 -25.34 18.34
CA ARG P 302 12.02 -24.79 19.67
C ARG P 302 10.64 -24.43 20.18
N ASP P 303 9.70 -24.16 19.28
CA ASP P 303 8.33 -23.84 19.67
C ASP P 303 7.46 -25.07 19.88
N LEU P 304 7.90 -26.24 19.41
CA LEU P 304 7.16 -27.49 19.54
C LEU P 304 7.48 -28.25 20.82
N LEU P 305 8.15 -27.62 21.79
CA LEU P 305 8.58 -28.36 22.97
C LEU P 305 7.40 -28.73 23.87
N GLU P 306 6.38 -27.88 23.92
CA GLU P 306 5.25 -28.13 24.80
C GLU P 306 4.54 -29.42 24.40
N LYS P 307 4.19 -30.22 25.40
CA LYS P 307 3.52 -31.49 25.16
C LYS P 307 2.13 -31.26 24.57
N PRO P 308 1.66 -32.16 23.68
CA PRO P 308 0.33 -32.03 23.06
C PRO P 308 -0.83 -32.30 24.03
#